data_7AR7
#
_entry.id   7AR7
#
_cell.length_a   1.00
_cell.length_b   1.00
_cell.length_c   1.00
_cell.angle_alpha   90.00
_cell.angle_beta   90.00
_cell.angle_gamma   90.00
#
_symmetry.space_group_name_H-M   'P 1'
#
loop_
_entity.id
_entity.type
_entity.pdbx_description
1 polymer 'NADH-ubiquinone oxidoreductase chain 3'
2 polymer 'NADH dehydrogenase [ubiquinone] iron-sulfur protein 7, mitochondrial'
3 polymer 'NADH dehydrogenase [ubiquinone] iron-sulfur protein 3'
4 polymer 'NADH dehydrogenase [ubiquinone] iron-sulfur protein 2'
5 polymer 'NADH dehydrogenase [ubiquinone] flavoprotein 2, mitochondrial'
6 polymer 'NADH dehydrogenase [ubiquinone] flavoprotein 1, mitochondrial'
7 polymer 'NADH dehydrogenase [ubiquinone] iron-sulfur protein 1, mitochondrial'
8 polymer 'NADH-ubiquinone oxidoreductase chain 1'
9 polymer 'NADH dehydrogenase [ubiquinone] iron-sulfur protein 8-A, mitochondrial'
10 polymer 'NADH-ubiquinone oxidoreductase chain 6'
11 polymer 'NADH-ubiquinone oxidoreductase chain 4L'
12 polymer 'NADH-ubiquinone oxidoreductase chain 5'
13 polymer 'NADH-ubiquinone oxidoreductase chain 4'
14 polymer 'NADH-ubiquinone oxidoreductase chain 2'
15 polymer 'NADH dehydrogenase [ubiquinone] 1 alpha subcomplex subunit 9, mitochondrial'
16 polymer 'NADH dehydrogenase [ubiquinone] iron-sulfur protein 4, mitochondrial'
17 polymer 'NADH dehydrogenase [ubiquinone] iron-sulfur protein 6, mitochondrial'
18 polymer 'NADH dehydrogenase [ubiquinone] 1 alpha subcomplex subunit 2'
19 polymer 'Acyl carrier protein 1, mitochondrial'
20 polymer 'Acyl carrier protein 2, mitochondrial'
21 polymer 'Probable NADH dehydrogenase [ubiquinone] 1 alpha subcomplex subunit 5, mitochondrial'
22 polymer 'NADH dehydrogenase [ubiquinone] 1 alpha subcomplex subunit 6'
23 polymer 'NADH dehydrogenase [ubiquinone] 1 alpha subcomplex subunit 8-B'
24 polymer 'NADH dehydrogenase [ubiquinone] 1 alpha subcomplex subunit 13-A'
25 polymer 'NADH dehydrogenase [ubiquinone] 1 alpha subcomplex subunit 1'
26 polymer At2g46540/F11C10.23
27 polymer 'Transmembrane protein'
28 polymer 'Excitatory amino acid transporter'
29 polymer 'NADH dehydrogenase [ubiquinone] iron-sulfur protein 5-A'
30 polymer At4g16450
31 polymer 'ESSS subunit of NADH:ubiquinone oxidoreductase (Complex I) protein'
32 polymer At1g67350
33 polymer 'NADH dehydrogenase [ubiquinone] 1 beta subcomplex subunit 2'
34 polymer 'NADH dehydrogenase [ubiquinone] 1 beta subcomplex subunit 3-A'
35 polymer 'NADH dehydrogenase [ubiquinone] 1 beta subcomplex subunit 8, mitochondrial'
36 polymer 'AT2G31490 protein'
37 polymer 'NADH dehydrogenase [ubiquinone] 1 beta subcomplex subunit 9'
38 polymer 'NADH dehydrogenase [ubiquinone] 1 beta subcomplex subunit 7'
39 polymer 'NADH dehydrogenase [ubiquinone] 1 beta subcomplex subunit 10-B'
40 polymer 'Probable NADH dehydrogenase [ubiquinone] 1 alpha subcomplex subunit 12'
41 polymer B14.5a
42 polymer unknown
43 polymer 'Uncharacterized protein At2g27730, mitochondrial'
44 polymer 'Gamma carbonic anhydrase-like 2, mitochondrial'
45 polymer 'Gamma carbonic anhydrase 2, mitochondrial'
46 polymer 'Gamma carbonic anhydrase 1, mitochondrial'
47 non-polymer 'IRON/SULFUR CLUSTER'
48 non-polymer 'FE2/S2 (INORGANIC) CLUSTER'
49 non-polymer 'FLAVIN MONONUCLEOTIDE'
50 non-polymer Ubiquinone-9
51 non-polymer PHOSPHATIDYLETHANOLAMINE
52 non-polymer '(7S)-4-HYDROXY-N,N,N-TRIMETHYL-9-OXO-7-[(PALMITOYLOXY)METHYL]-3,5,8-TRIOXA-4-PHOSPHAHEXACOSAN-1-AMINIUM 4-OXIDE'
53 non-polymer 'Lauryl Maltose Neopentyl Glycol'
54 non-polymer 'NADPH DIHYDRO-NICOTINAMIDE-ADENINE-DINUCLEOTIDE PHOSPHATE'
55 non-polymer 'ZINC ION'
56 non-polymer 'S-[2-({N-[(2R)-2-hydroxy-3,3-dimethyl-4-(phosphonooxy)butanoyl]-beta-alanyl}amino)ethyl] dodecanethioate'
57 non-polymer '(1S)-2-{[{[(2R)-2,3-DIHYDROXYPROPYL]OXY}(HYDROXY)PHOSPHORYL]OXY}-1-[(PALMITOYLOXY)METHYL]ETHYL STEARATE'
58 non-polymer 1,2-DICAPROYL-SN-PHOSPHATIDYL-L-SERINE
59 non-polymer Phosphatidylinositol
#
loop_
_entity_poly.entity_id
_entity_poly.type
_entity_poly.pdbx_seq_one_letter_code
_entity_poly.pdbx_strand_id
1 'polypeptide(L)'
;MMLEFAPIFIYLVISLLVSLILLGVPFLFASNSSTYPEKLSAYECGFDPFGDARSRFDIRFYLVSILFLIFDLEVTFFFP
WAVSLNKIDLFGFWSMMAFLFILTIGFLYEWKRGALDWE
;
A
2 'polypeptide(L)'
;SKAAEFVISKVDDLMNWARTGSIWPMTFGLACCAVEMMHTGAARYDLDRFGIIFRPSPRQSDCMIVAGTLTNKMAPALRK
VYDQMPEPRWVISMGSCANGGGYYHYSYSVVRGCDRIVPVDIYVPGCPPTAEALLYGLLQLQKKINRRKDFLHWWNK
;
B
3 'polypeptide(L)'
;MDNQFIFKYSWETLPKKWVKKMERSEHGNRFDTNTDYLFQLLCFLKLHTYTRVQVLIDICGVDYPSRKRRFEVVYNLLST
RYNSRIRVQTSADEVTRISSVVSLFPSAGWWEREVWDMFGVSFINHPDLRRILTDYGFEGHPLRKDFPLSGYVQVRYDDP
EKRVVSEPIEMTQEFRYFDFASPWE
;
C
4 'polypeptide(L)'
;NFTLNFGPQHPAAHGVLRLVLEMNGEVVERAEPHIGLLHRGTEKLIEYKTYLQALPYFDRLDYVSMMAQEHAYSLAVEKL
LNCEVPLRAQYIRVLFCEITRILNHLLALTTHAMDVGALTPFLWAFEEREKLLEFYERVSGARMHASFIRPGGVAQDLPL
GLCRDIDSFTQQFASRIDELEEMLTGNRIWKQRLVDIGTVTAQQAKDWGFSGVMLRGSGVCWDLRRAAPYDVYDQLDFDV
PVGTRGDCYDRYCIRIEEMRQSLRIIVQCLNQMPSGMIKADDRKLCPPSRCRMKLSMESLIHHFELYTEGFSVPASSTYT
AVEAPKGEFGVFLVSNGSNRPYRCKIRAPGFAHSQGLDFMSKHHMLADVVTIIGTQDIVFGEVDR
;
D
5 'polypeptide(L)'
;TALNYHLDSPDNKPDLPWEFSEANQSKVKEILSYYPSNYKQSAVIPLLDLAQQQNGGWLPVSAMNAVAKVIEVAPIRVYE
VATFYSMFNRAKVGKYHLLVCGTTPCMIRGSRDIESALLDHLGVKRGEVTKDGLFSVGEMECMGCCVNAPMITVADYSNG
SEGYTYNYFEDVTPEKVVEIVEKLRKGEKPPH
;
E
6 'polypeptide(L)'
;EKTHFGGLKDEDRIFTNLYGLHDPFLKGAMKRGDWHRTKDLVLKGTDWIVNEMKKSGLRGRGGAGFPSGLKWSFMPKVSD
GRPSYLVVNADESEPGTCKDREIMRHDPHKLLEGCLIAGVGMRASAAYIYIRGEYVNERLNLEKARREAYAAGLLGKNAC
GSGYDFEVYIHFGAGAYICGEETALLESLEGKQGKPRLKPPFPANAGLYGCPTTVTNVETVAVSPTILRRGPEWFSSFGR
KNNAGTKLFCISGHVNKPCTVEEEMSIPLKELIERHCGGVRGGWDNLLAIIPGGSSVPLIPKNICEDVLMDFDALKAVQS
GLGTAAVIVMDKSTDVVDAIARLSYFYKHESCGQCTPCREGTGWLWMIMERMKVGNAKLEEIDMLQEVTKQIEGHTICAL
GDAAAWPVQGLIRHFRPELERRIRERAERELLQA
;
F
7 'polypeptide(L)'
;RNPVGGARVHFSNPEDAIEVFVDGYAVKVPKGFTVLQACEVAGVDIPRFCYHSRLSIAGNCRMCLVEVEKSPKPVASCAM
PALPGMKIKTDTPIAKKAREGVMEFLLMNHPLDCPICDQGGECDLQDQSMAFGSDRGRFTEMKRSVVDKNLGPLVKTVMT
RCIQCTRCVRFASEVAGVQDLGILGRGSGEEIGTYVEKLMTSELSGNVIDICPVGALTSKPFAFKARNWELKATETIDVS
DAVGSNIRVDSRGPEVMRIIPRLNEDINEEWISDKTRFCYDGLKRQRLSDPMIRDSDGRFKAVSWRDALAVVGDIIHQVK
PDEIVGVAGQLSDAESMMVLKDFVNRMGSDNVWCEGTAAGVDADLRYSYLMNTSISGLENADLFLLIGTQPRVEAAMVNA
RICKTVRASNAKVGYVGPPAEFNYDCKHLGTGPDTLKEIAEGRHPFCTALKNAKNPAIIVGAGLFNRTDKNAILSSVESI
AQANNVVRPDWNGLNFLLQYAAQAAALDLGLIQQSAKALESAKFVYLMGADDVNVDKIPKDAFVVYQGHHGDKAVYRANV
ILPASAFTEKEGTYENTEGFTQQTVPAVPTVGDARDDWKIVRALSEVSGVKLPYNSIEGVRSRIKSVAPNLVHTDEREPA
AFGPSLKPECKEAMSTTPFQTVVENFYMTNSITRASKIMAQCSAVLLK
;
G
8 'polypeptide(L)'
;YIAVPAEILGIILPLLLGVAFLVLAERKVMAFVQRRKGPDVVGSFGLLQPLADGLKLILKEPISPSSANFFLFRMAPVAT
FMLSLVAWAVVPFDYGMVLSDLNIGLLYLFAISSLGVYGIIIAGRSSNSKYAFLGALRSAAQMVSYEVSIGLILITVLIC
VGSCNLSEIVMAQKQIWFGIPLFPVLVMFFISCLAETNRAPFDLPEAEAELVAGYNVEYSSMGFALFFLGEYANMILMSG
LCTLFFLGGWLPILDLPIFKKIPGSIWFSIKVLFFLFLYIWVRAAFPRYRYDQLMGLGWKVFLPLSLAWVVSVSGLLVTF
QWLP
;
H
9 'polypeptide(L)'
;KEISKDWNTVFERSINTLFLTEMVRGLSLTLKYFFDPKVTINYPFEKGPLSPRFRGEHALRRYPTGEERCIACKLCEAVC
PAQAITIEAEEREDGSRRTTRYDIDMTKCIYCGFCQEACPVDAIVEGPNFEFATETHEELLYDKEKLLENGDRWETEIAE
NLRSESLYR
;
I
10 'polypeptide(L)'
;MILSVLSSLALVSGLMVVRAKNPVHSVLFFILVFCDTSGLLLLLGLDFFAMIFLVVYIGAIAVLFLFVVMMFHIQIAEIH
EEVLRYLPVSGIIGLIFWWEMFFILDNESIPLLPTQRNTTSLRYTVYAGKVRSWTNLETLGNLLYTYYFVWFLVSSLILL
VAMIGAIVLTMHRTTKVKRQDVFRRNAIDFRRTIMRRTTDPLTIY
;
J
11 'polypeptide(L)'
;MDLIKYFTFSMIIFILGIWGILLNRRNILIMLMSIELMLLAVNLNFLVFSVSLDDMMGQVFALLVLTVAAAESAIGLAIF
VITFRVRG
;
K
12 'polypeptide(L)'
;MYLLIVFLPLLGSSVAGFFGRFLGSEGSAIMTTTCVSFSSILSLIAFYEVALGASACYLRIAPWISSEMFDASWGFLFDS
LTVVMLIVVTFISSLVHLYSISYMSEDPHSPRFMCYLSIFTFFMLMLVTGDNFLQLFLGWEGVGLASYLLIHFWFTRLQA
DKAAIKAMLVNRVGDFGLALGILGCFTLFQTVDFSTIFACASVPRNSWIFCNMRLNAISLICILLFIGAVGKSAQIGLHT
WLPDAMEGPTPVSALIHAATMVTAGVFMIARCSPLFEYSPTALIVITFAGAMTSFLAATTGILQNDLKRVIAYSTCSQLG
YMIFACGISNYSVSVFHLMNHAFFKALLFLSAGSVIHAMSDEQDMRKMGGLASSFPLTYAMMLIGSLSLIGFPFLTGFYS
KDVILELAYTKYTISGNFAFWLGSVSVLFTSYYSFRLLFLTFLVPTNSFGRDISRCHDAPIPMAIPLILLALGSLFVGYL
AKDMMIGLGTNFWANSLLVLPKNEILAESEFAAPTIIKLIPILFSTLGAFVAYNVNLVADQFQRAFQTSTFCNRLYSFFN
KRWFFDQVLNDFLVRSFLRFGYEVSFEALDKGAIEILGPYGISYTFRRLAERISQ
;
L
13 'polypeptide(L)'
;YFNLSGLILCPVLGSIILLFIPNSRIRLIRLIGLCASLITFLYSLVLWIQFDSSTAKFQFVESLRWLPYENINFYLGIDG
ISLFFVILTTFLIPICILVGWSGMRSYGKEYIIAFLICEFLMIAVFCMLDLLLFYVFFESVLIPMFIIIGVWGSRQRKIK
AAYQFFLYTLLGSLFMLLAILLILFQTGTTDLQILLTTEFSERRQIFLWIAFFASFAVKVPMVPVHIWLPEAHVEAPTAG
SVILAGILLKFGTYGFLRFSIPMFPEATLCFTPFIYTLSAIAIIYTSLTTLRQIDLKKIIAYSSVAHMNLVTIGMFSLNI
QGIGGSILLMLSHGLVSSALFLCVGVLYDRHKTRLVRYYGGLVSTMPNFSTIFFFFTLANMSLPGTSSFIGEFLILVGAF
QRNSLVATLAALGMILGAAYSLWLYNRVVSGNLKPDFLHKFSDLNGREVFIFIPFLVGLVWMGVYPKVFLDCMHTSVSNL
VQHGKFH
;
M
14 'polypeptide(L)'
;MFNLFLAVFPEIFIINATFILLIHGVVFSTSKKYDYPPLASNVGWLGLLSVLITLLLLAAGAPLLTIAHLFWNNLFRRDN
FTYFCQIFLLLSTAGTISMCFDFFDQERFDAFEFIVLILLSTCGMLFMISAYDLIAMYLAIELQSLCFYVIAASKRKSEF
STEAGLKYLILGAFSSGILLFGCSMIYGSTGATHFDQLAKILTGYEITGARSSGIFMGILFIAVGFLFKITAVPFHMWAP
DIYEGSPTPVTAFLSIAPKISIFANILRVFIYGSYGATLQQIFFFCSIASMILGALAAMAQTKVKRLLAYSSIGHVGYIC
IGFSCGTIEGIQSLLIGIFIYALMTMDAFAIVLALRQTRVKYIADLGALAKTNPILAITFSITMFSYAGIPPLAGFCSKF
YLFFAALGCGAYFLALVGVVTSVIGCFYYIRLVKRMFFDTPRTWILYEPMDRNKSLLLAMTSFFITLFLLYPSPLFSVTH
QMALSLYL
;
N
15 'polypeptide(L)'
;VGHLARKGTGGRSSVSGIVATVFGATGFLGRYLVQQLAKMGSQVLVPFRGSEDSPRHLKLMGDLGQVVPMKFDPRDEDSI
KAVMAKANVVINLIGREYETRNFSFEDANHHIAEKLALVAKEHGGIMRYIQVSCLGASVSSPSRMLRAKAAAEEAVLNAL
PEATIMRPATMIGTEDRILNPWSMFVKKYGFLPLIGGGTTKFQPVYVVDVAAAIVAALKDDGSSMGKTYELGGPDVFTTH
ELAEIMYDMIREWPRYVKLPFPIAKAMAAPRDFMVNKVPFPLPSPQIFNLDQINALTTDTLVSDNALKFQDLDLVPHKLK
GYPVEFLIQYR
;
P
16 'polypeptide(L)'
;KRGEIGKVSGIPEEHLSRKVIIYSPARTATQSGSGKLGKWKINFVSTLKWENPLMGWTSTGDPYANVGDSALAFDSEEAA
KSFAERHGWDYKVKKPNTPLLKVKSYSDNFKWKGNPQPE
;
Q
17 'polypeptide(L)' RSKKSPMELISEVPPIKVDGRIVACEGDTNPALGHPIEFICLDLNEPAICKYCGLRYVQDHH R
18 'polypeptide(L)'
;AWRGSISKSMKELRILLCQSSPASAPTRTFVEKNYKDLKSLNPKLPILIRECSGVQPQMWARYDMGVERCVNLDGLTEPQ
ILKALENLVKSGA
;
S
19 'polypeptide(L)'
;DDHLSREAVVDRVLDVVKSFPKVDPSKVTPEVHFQNDLGLDSLDTVEIVMAIEEEFKLEIPDKEADKIDSCSLAIEYVYN
HPMS
;
T
20 'polypeptide(L)'
;FLDKSEVTDRVLSVVKNFQKVDPSKVTPKANFQNDLGLDSLDSVEVVMALEEEFGFEIPDNEADKIQSIDLAVDFIASHP
QAK
;
U
21 'polypeptide(L)'
;AKVKQTTGIVGLDVVPNARAVLIDLYSKTLKEIQAVPEDEGYRKAVESFTRQRLNVCKEEEDWEMIEKRLGCGQVEELIE
EARDELTLIGKMIEWDPWGVPDDYECEVIENDAPIPKHVPQHRPGPLPEQFYKTLEGLIA
;
V
22 'polypeptide(L)'
;MAAPFALRKIGVPPNSANLTEARRRVFDFFRAACRSIPTIMDIYNLQDVVAPSQLRYAISAQIRNNAHITDPKVIDLLIF
KGMEELTDIVDHAKQRHHIIGQYVVGEGLVQNTGNKDQGKTDFLKNFYTSNYF
;
W
23 'polypeptide(L)'
;NPIPTSAVLTASAKHIGMRCMPENVAFLKCKKNDPNPEKCLDKGRDVTRCVLGLLKDLHQKCQKEMDDYVGCMYYYTNEF
DLCRKEQEAFEKVCPL
;
X
24 'polypeptide(L)'
;PLLQDGPPPGGFAPVRYARRISNTGPSAMAMFLAVSGAFAWGMYQVGQGNKIRRALKEEKYAARRTILPILQAEEDERFV
SEWKKYLEYEADVMKDVPGWKVGENVYNSGRWMPPATGELRPDVW
;
Z
25 'polypeptide(L)' LVWLEAMLPLGIIGGMLCIMGNSQYYIHKAYHGRPKHIGHDEWDVAMERRDKKVVEKA a
26 'polypeptide(L)' PVMEKLRMFVAQEPVVAASCLIGGVGLFLPAVVRPILDSL b
27 'polypeptide(L)' GDFRAKVWSMTGGPNCRPKHWRRNTAIAMFGVFLVCIPIAKLSAKLEQRPHMPVRPIPSQIWCKNFGTKDDYEKEH c
28 'polypeptide(L)' PISATMVGALLGLGTQMYSNALRKLPYMRHPWEHVVGMGLGAVFANQLVKWDVKLKEDLDVMLAKARAANERRYF d
29 'polypeptide(L)' ASGWGITGNKGRCYDFWMDFSECMSHCREPKDCTLLREDYLECLHHSKEFQRRNRIYKEEQRKL e
30 'polypeptide(L)'
;MNTDITALEKAQYPVVDRNPAFTKVVGNFSTLDYLRFSTITGISVTVGYLSGIKPGIKGPSMVTGGLIGLMGGFMYAYQN
SAGRLMGFFPNDGEVASYQK
;
f
31 'polypeptide(L)' WATPGHEERPKGYFMNRTPPAPGQSRKWEDWELPCYITSFLTIVILGVGLNAKPDLSIETWAHQKALERLEM g
32 'polypeptide(L)'
;GFIMEFAENLVLRLMENPEERDRKAREHIYEMHERCKKIKEMWALPIRPYGFWTFERHNAQLRWDPQISQVAGRRDPYDD
LLEDN
;
i
33 'polypeptide(L)' GITYKGVTVHTPKTWHTVTGKGLCAVMWFWILYRAKQDGPVVMGWRHPWDG j
34 'polypeptide(L)' PLGTTGEFFRRRDEWRKHPMLSNQMRHALPGIGIGVGAFCVYLVGEQ k
35 'polypeptide(L)' YEALAWLSGGLGFFVGLGLLAVLNDKASKVPFTPRVYPYDNLRVEL l
36 'polypeptide(L)' METNKNKFIEDWGSARENLEHNFRWTRRNFALIGIFGIALPIIVYKGIVKDFHMQDEDAGRPHRKFL m
37 'polypeptide(L)'
;AAYFARRAAQKERVRILYRRALKDTLNWAVHRHIFYRDASDLREKFNVNQDVEDVDRIDKLIAHGEAEYNKWRHPDPYIV
PWAPGGSKFCRNPTPPAGIEIVYNYGLED
;
n
38 'polypeptide(L)' KKMIATQEEMSAAKIALGSRDMCAHLLIPLNKCRQAEFYLPWKCEDERHVYEKCEYELVMERMLAMKKIREEEALAKQNK o
39 'polypeptide(L)'
;GRKKGLPEFEESAPDGFDPENPYKDPVAMVEMREHIVREKWIQIEKAKILREKVKWCYRVEGVNHYQKCRHLVQQYLDST
RGVGWGKDHRPIS
;
p
40 'polypeptide(L)' GATLVGVDKFGNKYYQKLGDTQYGRHRWVEYASKDRYNASQVPAEWHGWLHFITDHTGDELLS q
41 'polypeptide(L)' PPIRRYVLTK r
42 'polypeptide(L)'
;(UNK)(UNK)(UNK)(UNK)(UNK)(UNK)(UNK)(UNK)(UNK)(UNK)(UNK)(UNK)(UNK)(UNK)(UNK)(UNK)
(UNK)(UNK)(UNK)(UNK)(UNK)(UNK)(UNK)(UNK)(UNK)(UNK)(UNK)(UNK)(UNK)(UNK)
;
u
43 'polypeptide(L)' PKVSEDKNRNYAVVAGVVAIVGSIGWYLKA v
44 'polypeptide(L)'
;PKSQVTPSPDRVKWDYRGQRQIIPLGQWLPKVAVDAYVAPNVVLAGQVTVWDGSSVWNGAVLRGDLNKITVGFCSNVQER
CVVHAAWSSPTGLPAQTLIDRYVTVGAYSLLRSCTIEPECIIGQHSILMEGSLVETRSILEAGSVLPPGRRIPSGELWGG
NPARFIRTLTNEETLEIPKLAVAINHLSGDYFSEFLPYSTIYLEVEKFKKSLGI
;
x
45 'polypeptide(L)'
;GTLGRAIYTVGNWIRGTGQALDRVGSLLQGSHRIEEHLSRHRTLMNVFDKSPLVDKDVFVAPSASVIGDVQIGKGSSIWY
GCVLRGDVNNISVGSGTNIQDNTLVHVAKTNISGKVLPTLIGDNVTVGHSAVIHGCTVEDDAFVGMGATLLDGVVVEKHA
MVAAGSLVKQNTRIPSGEVWGGNPAKFMRKLTDEEIVYISQSAKNYINLAQIHASENSKSFEQIEVERALRKKYARKDED
YDSMLGITRETPPELILPDNVLPGGKPV
;
y
46 'polypeptide(L)'
;GTLGRAFYSVGFWIRETGQALDRLGCRLQGKNYFREQLSRHRTLMNVFDKAPIVDKEAFVAPSASVIGDVHIGRGSSIWY
GCVLRGDVNTVSVGSGTNIQDNSLVHVAKSNLSGKVHPTIIGDNVTIGHSAVLHGCTVEDETFIGMGATLLDGVVVEKHG
MVAAGALVRQNTRIPSGEVWGGNPARFLRKLTDEEIAFISQSATNYSNLAQAHAAENAKPLNVIEFEKVLRKK
;
z
#
loop_
_chem_comp.id
_chem_comp.type
_chem_comp.name
_chem_comp.formula
8Q1 non-polymer 'S-[2-({N-[(2R)-2-hydroxy-3,3-dimethyl-4-(phosphonooxy)butanoyl]-beta-alanyl}amino)ethyl] dodecanethioate' 'C23 H45 N2 O8 P S'
FES non-polymer 'FE2/S2 (INORGANIC) CLUSTER' 'Fe2 S2'
FMN non-polymer 'FLAVIN MONONUCLEOTIDE' 'C17 H21 N4 O9 P'
LMN non-polymer 'Lauryl Maltose Neopentyl Glycol' 'C47 H88 O22'
NDP non-polymer 'NADPH DIHYDRO-NICOTINAMIDE-ADENINE-DINUCLEOTIDE PHOSPHATE' 'C21 H30 N7 O17 P3'
PC7 non-polymer '(7S)-4-HYDROXY-N,N,N-TRIMETHYL-9-OXO-7-[(PALMITOYLOXY)METHYL]-3,5,8-TRIOXA-4-PHOSPHAHEXACOSAN-1-AMINIUM 4-OXIDE' 'C42 H85 N O8 P 1'
PGT non-polymer '(1S)-2-{[{[(2R)-2,3-DIHYDROXYPROPYL]OXY}(HYDROXY)PHOSPHORYL]OXY}-1-[(PALMITOYLOXY)METHYL]ETHYL STEARATE' 'C40 H79 O10 P'
PSF non-polymer 1,2-DICAPROYL-SN-PHOSPHATIDYL-L-SERINE 'C18 H34 N O10 P'
PTY non-polymer PHOSPHATIDYLETHANOLAMINE 'C40 H80 N O8 P'
SF4 non-polymer 'IRON/SULFUR CLUSTER' 'Fe4 S4'
T7X non-polymer Phosphatidylinositol 'C47 H83 O13 P'
UQ9 non-polymer Ubiquinone-9 'C54 H82 O4'
ZN non-polymer 'ZINC ION' 'Zn 2'
#
# COMPACT_ATOMS: atom_id res chain seq x y z
N MET A 1 11.55 20.88 59.97
CA MET A 1 10.39 20.11 59.51
C MET A 1 10.68 19.43 58.18
N MET A 2 11.75 19.87 57.51
CA MET A 2 12.11 19.35 56.20
C MET A 2 13.57 18.90 56.15
N LEU A 3 14.23 18.79 57.31
CA LEU A 3 15.58 18.24 57.35
C LEU A 3 15.61 16.76 57.05
N GLU A 4 14.46 16.09 56.98
CA GLU A 4 14.39 14.65 56.78
C GLU A 4 14.60 14.23 55.34
N PHE A 5 15.05 15.14 54.47
CA PHE A 5 15.37 14.78 53.10
C PHE A 5 16.87 14.62 52.85
N ALA A 6 17.70 15.28 53.66
CA ALA A 6 19.13 14.98 53.64
C ALA A 6 19.43 13.51 53.93
N PRO A 7 18.75 12.83 54.86
CA PRO A 7 18.92 11.37 54.94
C PRO A 7 18.60 10.66 53.63
N ILE A 8 17.58 11.12 52.91
CA ILE A 8 17.27 10.52 51.61
C ILE A 8 18.42 10.74 50.63
N PHE A 9 18.99 11.95 50.63
CA PHE A 9 20.09 12.23 49.71
C PHE A 9 21.31 11.37 50.01
N ILE A 10 21.66 11.26 51.29
CA ILE A 10 22.80 10.43 51.68
C ILE A 10 22.52 8.96 51.38
N TYR A 11 21.27 8.52 51.61
CA TYR A 11 20.90 7.15 51.27
C TYR A 11 21.05 6.90 49.79
N LEU A 12 20.65 7.86 48.96
CA LEU A 12 20.76 7.70 47.52
C LEU A 12 22.23 7.63 47.09
N VAL A 13 23.08 8.48 47.66
CA VAL A 13 24.50 8.44 47.33
C VAL A 13 25.11 7.09 47.74
N ILE A 14 24.77 6.61 48.93
CA ILE A 14 25.32 5.35 49.39
C ILE A 14 24.78 4.18 48.57
N SER A 15 23.52 4.26 48.15
CA SER A 15 22.96 3.22 47.29
C SER A 15 23.66 3.19 45.94
N LEU A 16 23.97 4.36 45.38
CA LEU A 16 24.73 4.40 44.13
C LEU A 16 26.12 3.81 44.32
N LEU A 17 26.76 4.11 45.46
CA LEU A 17 28.06 3.53 45.75
C LEU A 17 27.97 2.01 45.86
N VAL A 18 26.94 1.51 46.52
CA VAL A 18 26.75 0.07 46.65
C VAL A 18 26.51 -0.57 45.29
N SER A 19 25.73 0.09 44.43
CA SER A 19 25.54 -0.44 43.08
C SER A 19 26.84 -0.49 42.31
N LEU A 20 27.68 0.54 42.45
CA LEU A 20 28.97 0.53 41.78
C LEU A 20 29.86 -0.60 42.28
N ILE A 21 29.91 -0.80 43.60
CA ILE A 21 30.78 -1.85 44.15
C ILE A 21 30.23 -3.22 43.81
N LEU A 22 28.91 -3.32 43.61
CA LEU A 22 28.30 -4.57 43.15
C LEU A 22 28.62 -4.87 41.70
N LEU A 23 28.60 -3.87 40.82
CA LEU A 23 28.93 -4.07 39.41
C LEU A 23 30.43 -4.23 39.19
N GLY A 24 31.27 -3.77 40.12
CA GLY A 24 32.69 -3.83 39.93
C GLY A 24 33.38 -5.09 40.41
N VAL A 25 32.64 -6.00 41.05
CA VAL A 25 33.25 -7.22 41.59
C VAL A 25 33.83 -8.10 40.49
N PRO A 26 33.12 -8.43 39.41
CA PRO A 26 33.75 -9.22 38.34
C PRO A 26 34.94 -8.51 37.70
N PHE A 27 34.91 -7.18 37.64
CA PHE A 27 36.02 -6.43 37.04
C PHE A 27 37.31 -6.64 37.82
N LEU A 28 37.21 -6.71 39.16
CA LEU A 28 38.39 -6.95 39.98
C LEU A 28 38.83 -8.40 39.95
N PHE A 29 38.05 -9.29 39.35
CA PHE A 29 38.42 -10.69 39.27
C PHE A 29 39.22 -10.99 38.00
N ARG A 56 7.13 -1.07 12.95
CA ARG A 56 7.88 -0.94 14.19
C ARG A 56 7.07 -0.19 15.25
N PHE A 57 6.35 0.83 14.80
CA PHE A 57 5.64 1.73 15.71
C PHE A 57 4.19 1.30 15.88
N ASP A 58 3.70 1.38 17.12
CA ASP A 58 2.33 1.07 17.46
C ASP A 58 1.69 2.27 18.13
N ILE A 59 0.48 2.61 17.70
CA ILE A 59 -0.24 3.74 18.29
C ILE A 59 -0.72 3.41 19.70
N ARG A 60 -1.06 2.15 19.95
CA ARG A 60 -1.66 1.77 21.24
C ARG A 60 -0.76 2.12 22.41
N PHE A 61 0.56 2.05 22.22
CA PHE A 61 1.50 2.44 23.28
C PHE A 61 1.33 3.92 23.61
N TYR A 62 1.24 4.75 22.57
CA TYR A 62 1.03 6.18 22.80
C TYR A 62 -0.29 6.42 23.51
N LEU A 63 -1.34 5.68 23.12
CA LEU A 63 -2.65 5.86 23.73
C LEU A 63 -2.62 5.49 25.21
N VAL A 64 -2.00 4.37 25.56
CA VAL A 64 -1.96 4.00 26.98
C VAL A 64 -1.14 5.01 27.76
N SER A 65 -0.08 5.56 27.16
CA SER A 65 0.67 6.62 27.83
C SER A 65 -0.19 7.86 28.06
N ILE A 66 -1.00 8.25 27.07
CA ILE A 66 -1.88 9.42 27.24
C ILE A 66 -2.90 9.18 28.34
N LEU A 67 -3.55 8.01 28.34
CA LEU A 67 -4.50 7.72 29.40
C LEU A 67 -3.84 7.72 30.77
N PHE A 68 -2.61 7.20 30.86
CA PHE A 68 -1.91 7.25 32.13
C PHE A 68 -1.65 8.69 32.56
N LEU A 69 -1.23 9.54 31.63
CA LEU A 69 -0.98 10.94 31.98
C LEU A 69 -2.26 11.61 32.49
N ILE A 70 -3.38 11.37 31.79
CA ILE A 70 -4.63 12.02 32.15
C ILE A 70 -5.13 11.53 33.51
N PHE A 71 -5.00 10.23 33.78
CA PHE A 71 -5.49 9.66 35.04
C PHE A 71 -4.44 9.71 36.14
N ASP A 72 -3.27 10.26 35.85
CA ASP A 72 -2.28 10.63 36.86
C ASP A 72 -2.41 12.07 37.30
N LEU A 73 -2.79 12.97 36.39
CA LEU A 73 -3.14 14.32 36.80
C LEU A 73 -4.31 14.32 37.78
N GLU A 74 -5.28 13.43 37.57
CA GLU A 74 -6.40 13.36 38.51
C GLU A 74 -5.94 12.87 39.87
N VAL A 75 -4.93 12.01 39.93
CA VAL A 75 -4.41 11.56 41.22
C VAL A 75 -3.68 12.70 41.92
N THR A 76 -2.88 13.46 41.15
CA THR A 76 -2.22 14.62 41.73
C THR A 76 -3.22 15.65 42.24
N PHE A 77 -4.39 15.72 41.61
CA PHE A 77 -5.46 16.58 42.12
C PHE A 77 -6.17 15.98 43.31
N PHE A 78 -6.29 14.65 43.36
CA PHE A 78 -6.92 13.99 44.50
C PHE A 78 -6.13 14.19 45.77
N PHE A 79 -4.80 14.18 45.66
CA PHE A 79 -3.95 14.23 46.85
C PHE A 79 -4.24 15.40 47.78
N PRO A 80 -4.39 16.65 47.30
CA PRO A 80 -4.79 17.72 48.24
C PRO A 80 -6.23 17.60 48.70
N TRP A 81 -7.09 16.95 47.92
CA TRP A 81 -8.51 16.86 48.28
C TRP A 81 -8.72 15.94 49.47
N ALA A 82 -8.09 14.76 49.45
CA ALA A 82 -8.29 13.78 50.51
C ALA A 82 -7.78 14.31 51.85
N VAL A 83 -6.61 14.94 51.85
CA VAL A 83 -6.00 15.38 53.10
C VAL A 83 -6.83 16.49 53.74
N SER A 84 -7.25 17.47 52.94
CA SER A 84 -8.00 18.62 53.45
C SER A 84 -9.50 18.45 53.30
N LEU A 85 -9.99 17.22 53.20
CA LEU A 85 -11.41 17.01 53.01
C LEU A 85 -12.21 17.33 54.26
N ASN A 86 -11.60 17.22 55.45
CA ASN A 86 -12.32 17.54 56.67
C ASN A 86 -12.68 19.03 56.72
N LYS A 87 -11.75 19.90 56.31
CA LYS A 87 -11.99 21.34 56.43
C LYS A 87 -13.15 21.79 55.56
N ILE A 88 -13.45 21.06 54.49
CA ILE A 88 -14.41 21.49 53.48
C ILE A 88 -15.54 20.47 53.41
N ASP A 89 -16.76 20.92 53.70
CA ASP A 89 -17.91 20.03 53.82
C ASP A 89 -18.96 20.40 52.78
N LEU A 90 -19.35 19.40 51.98
CA LEU A 90 -20.45 19.45 51.03
C LEU A 90 -20.22 20.41 49.87
N PHE A 91 -19.10 21.12 49.83
CA PHE A 91 -18.77 21.98 48.71
C PHE A 91 -17.55 21.48 47.95
N GLY A 92 -16.42 21.31 48.66
CA GLY A 92 -15.27 20.70 48.02
C GLY A 92 -15.56 19.29 47.55
N PHE A 93 -16.33 18.54 48.33
CA PHE A 93 -16.70 17.19 47.93
C PHE A 93 -17.47 17.19 46.62
N TRP A 94 -18.45 18.10 46.48
CA TRP A 94 -19.25 18.11 45.26
C TRP A 94 -18.48 18.70 44.09
N SER A 95 -17.57 19.64 44.33
CA SER A 95 -16.71 20.12 43.25
C SER A 95 -15.81 19.00 42.73
N MET A 96 -15.23 18.22 43.64
CA MET A 96 -14.43 17.07 43.22
C MET A 96 -15.28 16.03 42.53
N MET A 97 -16.54 15.87 42.95
CA MET A 97 -17.44 14.95 42.27
C MET A 97 -17.75 15.42 40.85
N ALA A 98 -17.89 16.73 40.65
CA ALA A 98 -18.09 17.26 39.31
C ALA A 98 -16.85 17.03 38.44
N PHE A 99 -15.67 17.24 39.02
CA PHE A 99 -14.43 16.93 38.31
C PHE A 99 -14.37 15.46 37.91
N LEU A 100 -14.74 14.58 38.84
CA LEU A 100 -14.76 13.16 38.56
C LEU A 100 -15.78 12.81 37.50
N PHE A 101 -16.94 13.47 37.51
CA PHE A 101 -17.96 13.22 36.50
C PHE A 101 -17.47 13.64 35.12
N ILE A 102 -16.76 14.77 35.04
CA ILE A 102 -16.21 15.20 33.76
C ILE A 102 -15.21 14.18 33.24
N LEU A 103 -14.27 13.76 34.09
CA LEU A 103 -13.31 12.76 33.65
C LEU A 103 -13.97 11.41 33.39
N THR A 104 -15.09 11.13 34.04
CA THR A 104 -15.81 9.88 33.79
C THR A 104 -16.49 9.91 32.43
N ILE A 105 -17.04 11.07 32.04
CA ILE A 105 -17.55 11.21 30.68
C ILE A 105 -16.42 11.04 29.67
N GLY A 106 -15.26 11.63 29.96
CA GLY A 106 -14.12 11.42 29.08
C GLY A 106 -13.73 9.96 28.95
N PHE A 107 -13.67 9.26 30.09
CA PHE A 107 -13.28 7.85 30.07
C PHE A 107 -14.36 6.98 29.43
N LEU A 108 -15.63 7.38 29.52
CA LEU A 108 -16.69 6.64 28.85
C LEU A 108 -16.59 6.80 27.34
N TYR A 109 -16.31 8.02 26.88
CA TYR A 109 -16.03 8.20 25.45
C TYR A 109 -14.80 7.39 25.05
N GLU A 110 -13.81 7.31 25.94
CA GLU A 110 -12.64 6.48 25.69
C GLU A 110 -13.01 5.02 25.52
N TRP A 111 -13.90 4.52 26.39
CA TRP A 111 -14.23 3.10 26.41
C TRP A 111 -14.96 2.67 25.14
N LYS A 112 -16.01 3.40 24.77
CA LYS A 112 -16.85 2.98 23.64
C LYS A 112 -16.11 3.11 22.32
N ARG A 113 -15.33 4.18 22.15
CA ARG A 113 -14.62 4.41 20.89
C ARG A 113 -13.61 3.31 20.60
N GLY A 114 -13.19 2.55 21.61
CA GLY A 114 -12.09 1.62 21.44
C GLY A 114 -10.90 2.10 22.24
N ALA A 115 -9.70 2.01 21.67
CA ALA A 115 -8.50 2.60 22.23
C ALA A 115 -8.21 2.15 23.65
N LEU A 116 -8.95 1.15 24.15
CA LEU A 116 -8.84 0.70 25.53
C LEU A 116 -8.63 -0.80 25.62
N ASP A 117 -8.84 -1.53 24.54
CA ASP A 117 -8.56 -2.97 24.47
C ASP A 117 -7.57 -3.24 23.34
N TRP A 118 -7.00 -4.43 23.35
CA TRP A 118 -5.95 -4.77 22.40
C TRP A 118 -6.36 -5.96 21.53
N SER B 1 56.97 -21.75 50.92
CA SER B 1 55.63 -21.34 50.54
C SER B 1 54.59 -22.32 51.09
N LYS B 2 55.00 -23.11 52.07
CA LYS B 2 54.09 -24.08 52.68
C LYS B 2 53.01 -23.40 53.52
N ALA B 3 53.31 -22.22 54.06
CA ALA B 3 52.33 -21.53 54.90
C ALA B 3 51.08 -21.16 54.11
N ALA B 4 51.27 -20.67 52.88
CA ALA B 4 50.12 -20.30 52.05
C ALA B 4 49.41 -21.51 51.46
N GLU B 5 50.10 -22.65 51.35
CA GLU B 5 49.51 -23.83 50.72
C GLU B 5 48.17 -24.18 51.35
N PHE B 6 48.05 -23.98 52.66
CA PHE B 6 46.77 -24.15 53.33
C PHE B 6 45.72 -23.18 52.77
N VAL B 7 46.13 -21.92 52.52
CA VAL B 7 45.19 -20.94 51.99
C VAL B 7 44.73 -21.33 50.59
N ILE B 8 45.65 -21.74 49.73
CA ILE B 8 45.25 -22.18 48.40
C ILE B 8 44.35 -23.41 48.47
N SER B 9 44.66 -24.35 49.37
CA SER B 9 43.81 -25.53 49.50
C SER B 9 42.41 -25.15 49.93
N LYS B 10 42.27 -24.26 50.90
CA LYS B 10 40.95 -23.85 51.37
C LYS B 10 40.19 -23.10 50.28
N VAL B 11 40.89 -22.23 49.54
CA VAL B 11 40.23 -21.49 48.47
C VAL B 11 39.73 -22.45 47.39
N ASP B 12 40.56 -23.44 47.03
CA ASP B 12 40.16 -24.43 46.04
C ASP B 12 38.96 -25.23 46.52
N ASP B 13 38.97 -25.65 47.79
CA ASP B 13 37.84 -26.40 48.32
C ASP B 13 36.57 -25.57 48.31
N LEU B 14 36.67 -24.29 48.68
CA LEU B 14 35.50 -23.42 48.67
C LEU B 14 34.96 -23.25 47.24
N MET B 15 35.86 -23.06 46.28
CA MET B 15 35.42 -22.87 44.90
C MET B 15 34.74 -24.13 44.37
N ASN B 16 35.31 -25.30 44.65
CA ASN B 16 34.70 -26.55 44.21
C ASN B 16 33.36 -26.77 44.89
N TRP B 17 33.26 -26.45 46.18
CA TRP B 17 31.97 -26.56 46.87
C TRP B 17 30.92 -25.65 46.25
N ALA B 18 31.32 -24.41 45.92
CA ALA B 18 30.39 -23.49 45.29
C ALA B 18 29.93 -24.00 43.93
N ARG B 19 30.85 -24.54 43.14
CA ARG B 19 30.49 -25.02 41.81
C ARG B 19 29.71 -26.33 41.86
N THR B 20 29.85 -27.12 42.92
CA THR B 20 29.13 -28.38 43.00
C THR B 20 27.76 -28.25 43.64
N GLY B 21 27.61 -27.40 44.67
CA GLY B 21 26.33 -27.26 45.31
C GLY B 21 25.28 -26.55 44.47
N SER B 22 25.68 -25.90 43.40
CA SER B 22 24.76 -25.17 42.53
C SER B 22 25.17 -25.40 41.08
N ILE B 23 24.54 -26.40 40.45
CA ILE B 23 24.71 -26.68 39.03
C ILE B 23 23.41 -26.33 38.33
N TRP B 24 23.50 -25.56 37.27
CA TRP B 24 22.30 -25.18 36.53
C TRP B 24 22.36 -25.78 35.12
N PRO B 25 21.97 -27.05 34.97
CA PRO B 25 22.04 -27.68 33.66
C PRO B 25 21.08 -27.03 32.68
N MET B 26 21.45 -27.09 31.40
CA MET B 26 20.61 -26.60 30.32
C MET B 26 20.00 -27.80 29.60
N THR B 27 18.68 -27.88 29.60
CA THR B 27 17.97 -28.98 28.98
C THR B 27 18.10 -28.88 27.46
N PHE B 28 18.76 -29.87 26.85
CA PHE B 28 18.78 -30.01 25.40
C PHE B 28 18.09 -31.30 24.95
N GLY B 29 17.19 -31.84 25.77
CA GLY B 29 16.47 -33.05 25.42
C GLY B 29 15.66 -32.90 24.15
N LEU B 30 15.83 -33.84 23.23
CA LEU B 30 15.14 -33.77 21.95
C LEU B 30 14.59 -35.11 21.49
N ALA B 31 14.53 -36.11 22.37
CA ALA B 31 13.95 -37.41 22.02
C ALA B 31 13.37 -38.02 23.29
N CYS B 32 13.12 -39.32 23.26
CA CYS B 32 12.45 -39.98 24.38
C CYS B 32 13.26 -39.93 25.67
N CYS B 33 14.56 -39.69 25.58
CA CYS B 33 15.35 -39.50 26.80
C CYS B 33 14.96 -38.23 27.54
N ALA B 34 14.42 -37.25 26.82
CA ALA B 34 13.94 -36.04 27.47
C ALA B 34 12.80 -36.34 28.42
N VAL B 35 11.97 -37.34 28.12
CA VAL B 35 10.88 -37.68 29.02
C VAL B 35 11.42 -38.25 30.33
N GLU B 36 12.41 -39.14 30.26
CA GLU B 36 13.00 -39.67 31.48
C GLU B 36 13.72 -38.58 32.27
N MET B 37 14.45 -37.71 31.58
CA MET B 37 15.12 -36.61 32.27
C MET B 37 14.11 -35.62 32.84
N MET B 38 12.91 -35.57 32.28
CA MET B 38 11.84 -34.75 32.82
C MET B 38 11.24 -35.39 34.07
N HIS B 39 11.10 -36.72 34.06
CA HIS B 39 10.73 -37.43 35.28
C HIS B 39 11.77 -37.24 36.37
N THR B 40 13.04 -37.13 35.99
CA THR B 40 14.09 -36.91 36.99
C THR B 40 13.89 -35.57 37.69
N GLY B 41 13.52 -34.53 36.95
CA GLY B 41 13.21 -33.25 37.55
C GLY B 41 11.86 -33.17 38.23
N ALA B 42 11.08 -34.25 38.19
CA ALA B 42 9.73 -34.27 38.73
C ALA B 42 9.77 -34.43 40.25
N ALA B 43 8.60 -34.73 40.84
CA ALA B 43 8.48 -34.74 42.29
C ALA B 43 9.25 -35.87 42.95
N ARG B 44 9.39 -37.00 42.27
CA ARG B 44 9.94 -38.19 42.93
C ARG B 44 11.45 -38.06 43.13
N TYR B 45 12.21 -38.02 42.03
CA TYR B 45 13.67 -38.01 42.10
C TYR B 45 14.21 -36.58 42.02
N ASP B 46 13.74 -35.76 42.97
CA ASP B 46 13.91 -34.31 42.90
C ASP B 46 15.36 -33.91 42.61
N LEU B 47 15.55 -33.23 41.47
CA LEU B 47 16.84 -32.63 41.17
C LEU B 47 17.07 -31.34 41.94
N ASP B 48 16.01 -30.58 42.22
CA ASP B 48 16.15 -29.32 42.92
C ASP B 48 16.73 -29.49 44.31
N ARG B 49 16.63 -30.70 44.89
CA ARG B 49 17.23 -30.97 46.18
C ARG B 49 18.75 -30.79 46.13
N PHE B 50 19.38 -31.28 45.07
CA PHE B 50 20.83 -31.22 44.91
C PHE B 50 21.29 -29.89 44.33
N GLY B 51 20.46 -28.85 44.38
CA GLY B 51 20.81 -27.58 43.80
C GLY B 51 20.81 -27.54 42.29
N ILE B 52 20.11 -28.46 41.64
CA ILE B 52 20.08 -28.55 40.18
C ILE B 52 18.75 -28.00 39.70
N ILE B 53 18.81 -26.91 38.93
CA ILE B 53 17.62 -26.32 38.32
C ILE B 53 17.92 -26.09 36.84
N PHE B 54 16.98 -26.48 35.98
CA PHE B 54 17.15 -26.34 34.55
C PHE B 54 17.00 -24.87 34.15
N ARG B 55 17.79 -24.46 33.16
CA ARG B 55 17.73 -23.11 32.63
C ARG B 55 17.22 -23.12 31.20
N PRO B 56 16.45 -22.10 30.80
CA PRO B 56 15.94 -22.05 29.43
C PRO B 56 16.92 -21.47 28.41
N SER B 57 18.03 -20.89 28.86
CA SER B 57 18.99 -20.27 27.97
C SER B 57 20.39 -20.77 28.28
N PRO B 58 21.27 -20.85 27.27
CA PRO B 58 22.64 -21.31 27.52
C PRO B 58 23.55 -20.24 28.11
N ARG B 59 23.15 -18.96 28.08
CA ARG B 59 24.01 -17.90 28.57
C ARG B 59 24.13 -17.88 30.09
N GLN B 60 23.30 -18.63 30.80
CA GLN B 60 23.32 -18.64 32.26
C GLN B 60 23.24 -20.06 32.80
N SER B 61 23.77 -21.03 32.06
CA SER B 61 23.72 -22.43 32.42
C SER B 61 25.11 -22.98 32.64
N ASP B 62 25.26 -23.81 33.68
CA ASP B 62 26.57 -24.37 34.01
C ASP B 62 26.95 -25.49 33.04
N CYS B 63 26.16 -26.54 32.98
CA CYS B 63 26.44 -27.69 32.14
C CYS B 63 25.30 -27.89 31.15
N MET B 64 25.53 -28.82 30.21
CA MET B 64 24.58 -29.11 29.15
C MET B 64 24.31 -30.60 29.14
N ILE B 65 23.03 -30.98 29.11
CA ILE B 65 22.61 -32.37 29.06
C ILE B 65 22.08 -32.65 27.67
N VAL B 66 22.78 -33.49 26.93
CA VAL B 66 22.37 -33.90 25.59
C VAL B 66 21.62 -35.22 25.74
N ALA B 67 20.30 -35.17 25.64
CA ALA B 67 19.44 -36.33 25.84
C ALA B 67 18.62 -36.53 24.58
N GLY B 68 18.97 -37.54 23.78
CA GLY B 68 18.24 -37.87 22.58
C GLY B 68 19.14 -37.99 21.38
N THR B 69 18.55 -38.49 20.29
CA THR B 69 19.30 -38.70 19.06
C THR B 69 19.68 -37.36 18.45
N LEU B 70 20.92 -37.26 17.99
CA LEU B 70 21.45 -36.04 17.40
C LEU B 70 21.59 -36.26 15.90
N THR B 71 20.62 -35.75 15.13
CA THR B 71 20.65 -35.92 13.69
C THR B 71 21.64 -34.96 13.05
N ASN B 72 21.81 -35.09 11.74
CA ASN B 72 22.74 -34.24 11.01
C ASN B 72 22.26 -32.79 10.96
N LYS B 73 20.95 -32.60 10.83
CA LYS B 73 20.38 -31.26 10.73
C LYS B 73 20.47 -30.49 12.04
N MET B 74 20.57 -31.18 13.18
CA MET B 74 20.58 -30.54 14.49
C MET B 74 21.99 -30.34 15.05
N ALA B 75 22.98 -31.08 14.54
CA ALA B 75 24.34 -30.94 15.07
C ALA B 75 24.91 -29.53 14.96
N PRO B 76 24.76 -28.80 13.85
CA PRO B 76 25.23 -27.40 13.87
C PRO B 76 24.56 -26.56 14.94
N ALA B 77 23.27 -26.76 15.18
CA ALA B 77 22.59 -26.02 16.24
C ALA B 77 23.13 -26.40 17.61
N LEU B 78 23.40 -27.68 17.83
CA LEU B 78 23.97 -28.12 19.10
C LEU B 78 25.32 -27.47 19.33
N ARG B 79 26.18 -27.47 18.30
CA ARG B 79 27.49 -26.86 18.45
C ARG B 79 27.38 -25.36 18.70
N LYS B 80 26.49 -24.69 17.97
CA LYS B 80 26.31 -23.26 18.15
C LYS B 80 25.85 -22.92 19.56
N VAL B 81 24.90 -23.69 20.09
CA VAL B 81 24.40 -23.44 21.43
C VAL B 81 25.48 -23.76 22.47
N TYR B 82 26.27 -24.80 22.24
CA TYR B 82 27.38 -25.10 23.14
C TYR B 82 28.41 -24.00 23.16
N ASP B 83 28.62 -23.33 22.02
CA ASP B 83 29.62 -22.27 21.96
C ASP B 83 29.26 -21.09 22.85
N GLN B 84 27.97 -20.82 23.02
CA GLN B 84 27.50 -19.68 23.82
C GLN B 84 27.31 -20.14 25.26
N MET B 85 28.40 -20.52 25.91
CA MET B 85 28.35 -20.99 27.29
C MET B 85 29.59 -20.51 28.01
N PRO B 86 29.53 -20.36 29.33
CA PRO B 86 30.67 -19.83 30.09
C PRO B 86 31.81 -20.83 30.22
N GLU B 87 32.80 -20.45 31.03
CA GLU B 87 34.05 -21.19 31.11
C GLU B 87 33.92 -22.63 31.60
N PRO B 88 33.23 -22.93 32.71
CA PRO B 88 33.21 -24.33 33.18
C PRO B 88 32.71 -25.30 32.12
N ARG B 89 31.49 -25.10 31.63
CA ARG B 89 31.04 -25.72 30.38
C ARG B 89 31.21 -27.23 30.37
N TRP B 90 30.52 -27.90 31.28
CA TRP B 90 30.52 -29.36 31.27
C TRP B 90 29.38 -29.87 30.39
N VAL B 91 29.55 -31.09 29.87
CA VAL B 91 28.56 -31.71 29.00
C VAL B 91 28.30 -33.12 29.50
N ILE B 92 27.02 -33.47 29.61
CA ILE B 92 26.60 -34.82 29.99
C ILE B 92 25.83 -35.41 28.82
N SER B 93 26.19 -36.63 28.43
CA SER B 93 25.57 -37.30 27.30
C SER B 93 24.63 -38.37 27.84
N MET B 94 23.38 -38.00 28.06
CA MET B 94 22.37 -38.92 28.56
C MET B 94 21.79 -39.75 27.43
N GLY B 95 21.61 -41.04 27.69
CA GLY B 95 20.95 -41.92 26.75
C GLY B 95 21.92 -42.58 25.79
N SER B 96 21.47 -43.71 25.23
CA SER B 96 22.33 -44.48 24.34
C SER B 96 22.52 -43.78 22.99
N CYS B 97 21.49 -43.08 22.50
CA CYS B 97 21.63 -42.39 21.22
C CYS B 97 22.61 -41.23 21.30
N ALA B 98 22.63 -40.51 22.42
CA ALA B 98 23.48 -39.34 22.51
C ALA B 98 24.95 -39.72 22.67
N ASN B 99 25.24 -40.73 23.48
CA ASN B 99 26.63 -41.07 23.80
C ASN B 99 27.19 -42.12 22.84
N GLY B 100 27.08 -41.86 21.54
CA GLY B 100 27.64 -42.74 20.55
C GLY B 100 26.60 -43.54 19.79
N GLY B 101 26.25 -43.07 18.59
CA GLY B 101 25.32 -43.80 17.76
C GLY B 101 23.97 -43.99 18.42
N GLY B 102 23.70 -45.20 18.87
CA GLY B 102 22.46 -45.52 19.53
C GLY B 102 21.81 -46.74 18.91
N TYR B 103 20.48 -46.84 19.02
CA TYR B 103 19.79 -47.93 18.35
C TYR B 103 19.93 -47.82 16.84
N TYR B 104 20.20 -46.62 16.32
CA TYR B 104 20.28 -46.46 14.87
C TYR B 104 21.72 -46.63 14.41
N HIS B 105 22.58 -45.65 14.73
CA HIS B 105 24.03 -45.76 14.59
C HIS B 105 24.45 -46.05 13.14
N TYR B 106 23.49 -46.28 12.26
CA TYR B 106 23.74 -46.59 10.85
C TYR B 106 22.65 -45.86 10.09
N SER B 107 22.90 -44.60 9.74
CA SER B 107 21.86 -43.81 9.11
C SER B 107 22.50 -42.66 8.36
N TYR B 108 21.82 -42.24 7.30
CA TYR B 108 22.24 -41.09 6.53
C TYR B 108 22.12 -39.79 7.32
N SER B 109 21.31 -39.77 8.37
CA SER B 109 21.01 -38.54 9.08
C SER B 109 21.05 -38.73 10.58
N VAL B 110 22.06 -39.45 11.08
CA VAL B 110 22.29 -39.60 12.51
C VAL B 110 23.78 -39.40 12.78
N VAL B 111 24.09 -38.49 13.70
CA VAL B 111 25.47 -38.29 14.13
C VAL B 111 25.80 -39.36 15.15
N ARG B 112 26.85 -40.15 14.87
CA ARG B 112 27.19 -41.27 15.74
C ARG B 112 27.86 -40.77 17.01
N GLY B 113 27.09 -40.06 17.84
CA GLY B 113 27.59 -39.59 19.12
C GLY B 113 27.73 -38.09 19.21
N CYS B 114 27.21 -37.51 20.29
CA CYS B 114 27.38 -36.08 20.51
C CYS B 114 28.81 -35.71 20.88
N ASP B 115 29.67 -36.69 21.14
CA ASP B 115 31.07 -36.43 21.40
C ASP B 115 31.86 -36.12 20.13
N ARG B 116 31.25 -36.27 18.96
CA ARG B 116 31.87 -35.81 17.73
C ARG B 116 31.58 -34.36 17.43
N ILE B 117 30.69 -33.73 18.20
CA ILE B 117 30.35 -32.33 18.02
C ILE B 117 30.82 -31.48 19.20
N VAL B 118 30.63 -31.97 20.41
CA VAL B 118 31.05 -31.26 21.62
C VAL B 118 31.84 -32.21 22.51
N PRO B 119 32.80 -31.72 23.30
CA PRO B 119 33.55 -32.61 24.20
C PRO B 119 32.70 -32.99 25.40
N VAL B 120 32.49 -34.29 25.58
CA VAL B 120 31.63 -34.82 26.64
C VAL B 120 32.49 -35.24 27.81
N ASP B 121 32.00 -34.97 29.02
CA ASP B 121 32.71 -35.30 30.25
C ASP B 121 32.17 -36.53 30.95
N ILE B 122 30.85 -36.71 30.96
CA ILE B 122 30.21 -37.85 31.62
C ILE B 122 29.26 -38.51 30.64
N TYR B 123 29.37 -39.83 30.52
CA TYR B 123 28.48 -40.63 29.67
C TYR B 123 27.51 -41.38 30.55
N VAL B 124 26.22 -41.12 30.38
CA VAL B 124 25.18 -41.82 31.12
C VAL B 124 24.47 -42.77 30.15
N PRO B 125 24.75 -44.06 30.21
CA PRO B 125 24.19 -44.99 29.23
C PRO B 125 22.90 -45.65 29.72
N GLY B 126 22.05 -45.95 28.75
CA GLY B 126 20.73 -46.50 28.98
C GLY B 126 19.79 -46.03 27.89
N CYS B 127 18.79 -46.86 27.61
CA CYS B 127 17.83 -46.57 26.54
C CYS B 127 16.42 -46.88 27.01
N PRO B 128 15.79 -45.94 27.74
CA PRO B 128 16.38 -44.71 28.26
C PRO B 128 16.92 -44.90 29.67
N PRO B 129 17.88 -44.08 30.09
CA PRO B 129 18.42 -44.21 31.44
C PRO B 129 17.35 -43.93 32.48
N THR B 130 17.39 -44.69 33.58
CA THR B 130 16.46 -44.45 34.67
C THR B 130 16.78 -43.11 35.33
N ALA B 131 15.77 -42.54 36.00
CA ALA B 131 15.99 -41.30 36.72
C ALA B 131 17.09 -41.46 37.76
N GLU B 132 17.16 -42.63 38.41
CA GLU B 132 18.28 -42.91 39.30
C GLU B 132 19.60 -42.96 38.55
N ALA B 133 19.60 -43.46 37.32
CA ALA B 133 20.82 -43.47 36.52
C ALA B 133 21.29 -42.05 36.22
N LEU B 134 20.35 -41.15 35.87
CA LEU B 134 20.72 -39.76 35.62
C LEU B 134 21.21 -39.09 36.89
N LEU B 135 20.58 -39.39 38.03
CA LEU B 135 21.04 -38.84 39.30
C LEU B 135 22.45 -39.32 39.62
N TYR B 136 22.73 -40.61 39.37
CA TYR B 136 24.07 -41.13 39.59
C TYR B 136 25.07 -40.47 38.65
N GLY B 137 24.68 -40.21 37.40
CA GLY B 137 25.56 -39.51 36.49
C GLY B 137 25.87 -38.10 36.94
N LEU B 138 24.85 -37.40 37.44
CA LEU B 138 25.07 -36.04 37.95
C LEU B 138 25.95 -36.06 39.19
N LEU B 139 25.78 -37.06 40.05
CA LEU B 139 26.67 -37.19 41.20
C LEU B 139 28.10 -37.46 40.76
N GLN B 140 28.27 -38.28 39.71
CA GLN B 140 29.60 -38.51 39.16
C GLN B 140 30.20 -37.21 38.61
N LEU B 141 29.38 -36.40 37.95
CA LEU B 141 29.86 -35.10 37.49
C LEU B 141 30.28 -34.22 38.65
N GLN B 142 29.50 -34.22 39.73
CA GLN B 142 29.87 -33.45 40.92
C GLN B 142 31.20 -33.93 41.48
N LYS B 143 31.39 -35.25 41.53
CA LYS B 143 32.67 -35.79 41.98
C LYS B 143 33.81 -35.37 41.07
N LYS B 144 33.55 -35.32 39.76
CA LYS B 144 34.57 -34.86 38.82
C LYS B 144 34.92 -33.40 39.06
N ILE B 145 33.94 -32.58 39.40
CA ILE B 145 34.20 -31.17 39.66
C ILE B 145 35.08 -31.00 40.90
N ASN B 146 34.88 -31.87 41.90
CA ASN B 146 35.70 -31.81 43.11
C ASN B 146 37.18 -31.97 42.79
N ARG B 147 37.52 -32.77 41.78
CA ARG B 147 38.90 -32.97 41.40
C ARG B 147 39.39 -31.83 40.52
N ARG B 148 39.24 -30.59 40.98
CA ARG B 148 39.66 -29.41 40.22
C ARG B 148 40.46 -28.51 41.15
N LYS B 149 41.78 -28.58 41.05
CA LYS B 149 42.67 -27.67 41.78
C LYS B 149 43.07 -26.53 40.84
N ASP B 150 42.06 -25.76 40.44
CA ASP B 150 42.27 -24.74 39.42
C ASP B 150 43.12 -23.58 39.94
N PHE B 151 42.90 -23.17 41.19
CA PHE B 151 43.74 -22.13 41.76
C PHE B 151 45.16 -22.62 42.00
N LEU B 152 45.31 -23.87 42.43
CA LEU B 152 46.64 -24.43 42.64
C LEU B 152 47.40 -24.54 41.32
N HIS B 153 46.72 -24.95 40.25
CA HIS B 153 47.36 -25.03 38.94
C HIS B 153 47.79 -23.66 38.44
N TRP B 154 46.96 -22.64 38.68
CA TRP B 154 47.34 -21.27 38.32
C TRP B 154 48.55 -20.82 39.12
N TRP B 155 48.59 -21.16 40.41
CA TRP B 155 49.73 -20.81 41.25
C TRP B 155 51.01 -21.48 40.75
N ASN B 156 50.93 -22.77 40.42
CA ASN B 156 52.13 -23.52 40.04
C ASN B 156 52.64 -23.11 38.66
N LYS B 157 51.75 -22.69 37.76
CA LYS B 157 52.17 -22.31 36.42
C LYS B 157 52.81 -20.94 36.40
N MET C 1 -20.04 -48.97 4.65
CA MET C 1 -20.73 -49.96 3.84
C MET C 1 -19.87 -51.22 3.72
N ASP C 2 -20.50 -52.32 3.33
CA ASP C 2 -19.78 -53.59 3.24
C ASP C 2 -18.68 -53.51 2.17
N ASN C 3 -17.59 -54.23 2.43
CA ASN C 3 -16.43 -54.13 1.55
C ASN C 3 -16.75 -54.60 0.14
N GLN C 4 -17.53 -55.67 0.01
CA GLN C 4 -17.91 -56.15 -1.32
C GLN C 4 -18.87 -55.20 -2.01
N PHE C 5 -19.70 -54.48 -1.25
CA PHE C 5 -20.61 -53.51 -1.86
C PHE C 5 -19.82 -52.38 -2.53
N ILE C 6 -18.78 -51.89 -1.87
CA ILE C 6 -17.91 -50.89 -2.50
C ILE C 6 -17.28 -51.46 -3.76
N PHE C 7 -16.77 -52.68 -3.67
CA PHE C 7 -16.24 -53.38 -4.85
C PHE C 7 -17.21 -53.31 -6.01
N LYS C 8 -18.40 -53.86 -5.84
CA LYS C 8 -19.36 -53.96 -6.93
C LYS C 8 -19.77 -52.58 -7.44
N TYR C 9 -20.19 -51.69 -6.54
CA TYR C 9 -20.69 -50.40 -6.97
C TYR C 9 -19.61 -49.58 -7.67
N SER C 10 -18.45 -49.44 -7.04
CA SER C 10 -17.39 -48.65 -7.63
C SER C 10 -16.95 -49.22 -8.97
N TRP C 11 -16.82 -50.54 -9.07
CA TRP C 11 -16.42 -51.11 -10.36
C TRP C 11 -17.48 -50.86 -11.42
N GLU C 12 -18.76 -50.91 -11.04
CA GLU C 12 -19.81 -50.65 -12.02
C GLU C 12 -19.93 -49.16 -12.34
N THR C 13 -19.83 -48.30 -11.31
CA THR C 13 -20.06 -46.87 -11.51
C THR C 13 -18.88 -46.19 -12.19
N LEU C 14 -17.65 -46.60 -11.87
CA LEU C 14 -16.47 -45.93 -12.38
C LEU C 14 -16.39 -46.05 -13.91
N PRO C 15 -15.86 -45.03 -14.58
CA PRO C 15 -15.50 -45.20 -15.99
C PRO C 15 -14.48 -46.32 -16.14
N LYS C 16 -14.62 -47.08 -17.23
CA LYS C 16 -13.85 -48.30 -17.37
C LYS C 16 -12.38 -48.01 -17.69
N LYS C 17 -12.11 -46.90 -18.38
CA LYS C 17 -10.73 -46.63 -18.79
C LYS C 17 -9.86 -46.18 -17.63
N TRP C 18 -10.45 -45.76 -16.52
CA TRP C 18 -9.66 -45.21 -15.43
C TRP C 18 -8.88 -46.31 -14.70
N VAL C 19 -9.54 -47.42 -14.37
CA VAL C 19 -8.94 -48.46 -13.55
C VAL C 19 -8.30 -49.49 -14.47
N LYS C 20 -6.96 -49.54 -14.47
CA LYS C 20 -6.26 -50.59 -15.17
C LYS C 20 -6.35 -51.92 -14.44
N LYS C 21 -6.13 -51.90 -13.13
CA LYS C 21 -6.04 -53.10 -12.33
C LYS C 21 -6.78 -52.87 -11.02
N MET C 22 -7.52 -53.88 -10.56
CA MET C 22 -8.29 -53.73 -9.33
C MET C 22 -8.39 -55.07 -8.64
N GLU C 23 -8.42 -55.03 -7.31
CA GLU C 23 -8.29 -56.21 -6.49
C GLU C 23 -9.26 -56.14 -5.32
N ARG C 24 -9.83 -57.28 -4.95
CA ARG C 24 -10.71 -57.39 -3.80
C ARG C 24 -10.19 -58.48 -2.88
N SER C 25 -10.10 -58.16 -1.60
CA SER C 25 -9.62 -59.11 -0.59
C SER C 25 -10.02 -58.62 0.78
N GLU C 26 -9.69 -59.41 1.81
CA GLU C 26 -9.92 -58.98 3.18
C GLU C 26 -8.92 -57.91 3.61
N HIS C 27 -7.73 -57.92 3.02
CA HIS C 27 -6.71 -56.94 3.37
C HIS C 27 -7.17 -55.52 2.99
N GLY C 28 -7.80 -55.37 1.84
CA GLY C 28 -8.31 -54.07 1.43
C GLY C 28 -8.63 -53.99 -0.05
N ASN C 29 -9.66 -53.22 -0.39
CA ASN C 29 -10.04 -53.00 -1.79
C ASN C 29 -8.98 -52.11 -2.44
N ARG C 30 -8.44 -52.56 -3.57
CA ARG C 30 -7.36 -51.86 -4.25
C ARG C 30 -7.78 -51.49 -5.67
N PHE C 31 -7.48 -50.25 -6.07
CA PHE C 31 -7.73 -49.74 -7.42
C PHE C 31 -6.41 -49.25 -7.99
N ASP C 32 -5.78 -50.08 -8.82
CA ASP C 32 -4.54 -49.71 -9.49
C ASP C 32 -4.90 -49.04 -10.81
N THR C 33 -4.74 -47.72 -10.87
CA THR C 33 -5.10 -46.95 -12.05
C THR C 33 -3.84 -46.39 -12.72
N ASN C 34 -4.04 -45.76 -13.87
CA ASN C 34 -2.93 -45.18 -14.61
C ASN C 34 -2.43 -43.91 -13.92
N THR C 35 -1.27 -43.44 -14.37
CA THR C 35 -0.64 -42.28 -13.74
C THR C 35 -1.34 -40.97 -14.09
N ASP C 36 -2.05 -40.92 -15.21
CA ASP C 36 -2.69 -39.68 -15.63
C ASP C 36 -4.17 -39.58 -15.23
N TYR C 37 -4.82 -40.71 -14.98
CA TYR C 37 -6.22 -40.72 -14.54
C TYR C 37 -6.35 -40.64 -13.03
N LEU C 38 -5.23 -40.51 -12.31
CA LEU C 38 -5.26 -40.53 -10.85
C LEU C 38 -6.05 -39.34 -10.29
N PHE C 39 -5.81 -38.15 -10.82
CA PHE C 39 -6.48 -36.96 -10.34
C PHE C 39 -7.99 -37.08 -10.54
N GLN C 40 -8.41 -37.52 -11.73
CA GLN C 40 -9.83 -37.66 -12.02
C GLN C 40 -10.48 -38.72 -11.14
N LEU C 41 -9.80 -39.85 -10.94
CA LEU C 41 -10.35 -40.91 -10.10
C LEU C 41 -10.50 -40.44 -8.66
N LEU C 42 -9.49 -39.74 -8.15
CA LEU C 42 -9.59 -39.21 -6.78
C LEU C 42 -10.72 -38.19 -6.68
N CYS C 43 -10.88 -37.34 -7.69
CA CYS C 43 -11.97 -36.37 -7.66
C CYS C 43 -13.33 -37.05 -7.67
N PHE C 44 -13.47 -38.11 -8.47
CA PHE C 44 -14.73 -38.85 -8.50
C PHE C 44 -15.00 -39.50 -7.14
N LEU C 45 -13.99 -40.12 -6.55
CA LEU C 45 -14.18 -40.79 -5.27
C LEU C 45 -14.43 -39.80 -4.14
N LYS C 46 -13.98 -38.55 -4.30
CA LYS C 46 -14.19 -37.56 -3.25
C LYS C 46 -15.61 -37.01 -3.24
N LEU C 47 -16.24 -36.87 -4.39
CA LEU C 47 -17.48 -36.12 -4.51
C LEU C 47 -18.73 -36.98 -4.68
N HIS C 48 -18.59 -38.23 -5.12
CA HIS C 48 -19.75 -39.05 -5.39
C HIS C 48 -20.54 -39.32 -4.12
N THR C 49 -21.86 -39.42 -4.25
CA THR C 49 -22.72 -39.51 -3.08
C THR C 49 -22.54 -40.83 -2.34
N TYR C 50 -22.59 -41.96 -3.05
CA TYR C 50 -22.42 -43.24 -2.37
C TYR C 50 -20.99 -43.44 -1.88
N THR C 51 -19.99 -43.00 -2.63
CA THR C 51 -18.60 -43.16 -2.23
C THR C 51 -18.06 -41.78 -1.89
N ARG C 52 -18.25 -41.38 -0.63
CA ARG C 52 -17.79 -40.07 -0.15
C ARG C 52 -16.48 -40.27 0.59
N VAL C 53 -15.38 -40.30 -0.15
CA VAL C 53 -14.04 -40.37 0.42
C VAL C 53 -13.60 -38.94 0.68
N GLN C 54 -13.64 -38.52 1.95
CA GLN C 54 -13.39 -37.14 2.31
C GLN C 54 -12.00 -36.90 2.87
N VAL C 55 -11.37 -37.90 3.47
CA VAL C 55 -10.08 -37.74 4.13
C VAL C 55 -9.07 -38.68 3.48
N LEU C 56 -7.89 -38.14 3.18
CA LEU C 56 -6.77 -38.91 2.66
C LEU C 56 -5.85 -39.27 3.82
N ILE C 57 -5.65 -40.57 4.04
CA ILE C 57 -4.85 -41.02 5.17
C ILE C 57 -3.39 -40.67 4.96
N ASP C 58 -2.78 -41.23 3.92
CA ASP C 58 -1.39 -40.92 3.62
C ASP C 58 -1.08 -41.30 2.16
N ILE C 59 0.03 -40.78 1.67
CA ILE C 59 0.54 -41.12 0.35
C ILE C 59 1.83 -41.91 0.57
N CYS C 60 1.80 -43.18 0.22
CA CYS C 60 2.93 -44.06 0.47
C CYS C 60 3.85 -44.09 -0.75
N GLY C 61 4.81 -44.99 -0.75
CA GLY C 61 5.69 -45.19 -1.88
C GLY C 61 6.52 -46.44 -1.71
N VAL C 62 6.55 -47.29 -2.73
CA VAL C 62 7.29 -48.55 -2.67
C VAL C 62 8.23 -48.60 -3.86
N ASP C 63 9.49 -48.95 -3.61
CA ASP C 63 10.51 -49.01 -4.64
C ASP C 63 10.67 -50.47 -5.06
N TYR C 64 10.43 -50.75 -6.34
CA TYR C 64 10.64 -52.08 -6.92
C TYR C 64 11.73 -51.94 -7.98
N PRO C 65 12.98 -52.21 -7.64
CA PRO C 65 14.05 -52.03 -8.62
C PRO C 65 14.17 -53.23 -9.55
N SER C 66 13.05 -53.71 -10.07
CA SER C 66 13.05 -54.85 -10.98
C SER C 66 12.02 -54.71 -12.09
N ARG C 67 11.39 -53.55 -12.23
CA ARG C 67 10.36 -53.33 -13.24
C ARG C 67 10.57 -51.97 -13.88
N LYS C 68 9.96 -51.77 -15.04
CA LYS C 68 10.17 -50.54 -15.78
C LYS C 68 9.67 -49.32 -15.00
N ARG C 69 8.51 -49.44 -14.39
CA ARG C 69 7.98 -48.38 -13.51
C ARG C 69 8.46 -48.71 -12.10
N ARG C 70 9.64 -48.19 -11.76
CA ARG C 70 10.34 -48.62 -10.55
C ARG C 70 9.52 -48.34 -9.30
N PHE C 71 9.03 -47.13 -9.15
CA PHE C 71 8.33 -46.73 -7.94
C PHE C 71 6.83 -47.00 -8.07
N GLU C 72 6.15 -46.95 -6.92
CA GLU C 72 4.71 -47.16 -6.85
C GLU C 72 4.16 -46.37 -5.68
N VAL C 73 3.47 -45.27 -5.97
CA VAL C 73 2.89 -44.41 -4.94
C VAL C 73 1.52 -44.96 -4.59
N VAL C 74 1.23 -45.05 -3.29
CA VAL C 74 0.00 -45.65 -2.80
C VAL C 74 -0.78 -44.59 -2.03
N TYR C 75 -2.06 -44.43 -2.38
CA TYR C 75 -2.93 -43.45 -1.75
C TYR C 75 -3.93 -44.19 -0.87
N ASN C 76 -3.74 -44.11 0.44
CA ASN C 76 -4.70 -44.67 1.37
C ASN C 76 -5.79 -43.65 1.67
N LEU C 77 -7.04 -44.06 1.53
CA LEU C 77 -8.19 -43.18 1.68
C LEU C 77 -9.15 -43.77 2.69
N LEU C 78 -10.01 -42.90 3.22
CA LEU C 78 -10.99 -43.32 4.22
C LEU C 78 -12.28 -42.56 4.02
N SER C 79 -13.40 -43.26 4.07
CA SER C 79 -14.73 -42.66 3.96
C SER C 79 -15.34 -42.66 5.36
N THR C 80 -15.30 -41.49 6.00
CA THR C 80 -15.79 -41.39 7.38
C THR C 80 -17.28 -41.68 7.47
N ARG C 81 -18.07 -41.16 6.52
CA ARG C 81 -19.51 -41.33 6.58
C ARG C 81 -19.90 -42.81 6.45
N TYR C 82 -19.38 -43.49 5.45
CA TYR C 82 -19.77 -44.86 5.15
C TYR C 82 -18.87 -45.90 5.80
N ASN C 83 -17.84 -45.48 6.54
CA ASN C 83 -16.99 -46.38 7.32
C ASN C 83 -16.33 -47.43 6.42
N SER C 84 -15.70 -46.96 5.36
CA SER C 84 -14.98 -47.83 4.43
C SER C 84 -13.58 -47.28 4.19
N ARG C 85 -12.71 -48.14 3.67
CA ARG C 85 -11.32 -47.77 3.43
C ARG C 85 -10.92 -48.28 2.05
N ILE C 86 -10.63 -47.36 1.14
CA ILE C 86 -10.23 -47.69 -0.22
C ILE C 86 -8.77 -47.29 -0.41
N ARG C 87 -8.08 -48.00 -1.29
CA ARG C 87 -6.66 -47.77 -1.54
C ARG C 87 -6.43 -47.69 -3.03
N VAL C 88 -5.86 -46.57 -3.49
CA VAL C 88 -5.56 -46.33 -4.89
C VAL C 88 -4.06 -46.19 -5.04
N GLN C 89 -3.48 -46.93 -5.98
CA GLN C 89 -2.04 -46.89 -6.21
C GLN C 89 -1.76 -46.81 -7.70
N THR C 90 -0.67 -46.12 -8.04
CA THR C 90 -0.22 -45.97 -9.42
C THR C 90 1.26 -46.28 -9.49
N SER C 91 1.78 -46.30 -10.72
CA SER C 91 3.19 -46.56 -10.97
C SER C 91 3.89 -45.29 -11.44
N ALA C 92 5.12 -45.10 -11.00
CA ALA C 92 5.89 -43.90 -11.30
C ALA C 92 7.24 -44.28 -11.90
N ASP C 93 8.11 -43.28 -12.05
CA ASP C 93 9.42 -43.48 -12.63
C ASP C 93 10.38 -42.43 -12.08
N GLU C 94 11.67 -42.60 -12.38
CA GLU C 94 12.67 -41.65 -11.90
C GLU C 94 12.44 -40.26 -12.49
N VAL C 95 11.95 -40.18 -13.72
CA VAL C 95 11.81 -38.91 -14.42
C VAL C 95 10.36 -38.55 -14.71
N THR C 96 9.43 -39.49 -14.62
CA THR C 96 8.03 -39.20 -14.91
C THR C 96 7.40 -38.41 -13.78
N ARG C 97 6.73 -37.32 -14.13
CA ARG C 97 6.03 -36.49 -13.15
C ARG C 97 4.57 -36.90 -13.08
N ILE C 98 4.05 -37.03 -11.86
CA ILE C 98 2.70 -37.51 -11.61
C ILE C 98 1.90 -36.37 -11.00
N SER C 99 0.65 -36.22 -11.45
CA SER C 99 -0.19 -35.11 -11.02
C SER C 99 -0.43 -35.16 -9.52
N SER C 100 -0.38 -33.99 -8.89
CA SER C 100 -0.59 -33.88 -7.45
C SER C 100 -2.08 -33.88 -7.13
N VAL C 101 -2.39 -34.11 -5.85
CA VAL C 101 -3.76 -34.12 -5.36
C VAL C 101 -3.94 -33.11 -4.23
N VAL C 102 -3.05 -32.12 -4.13
CA VAL C 102 -3.17 -31.11 -3.08
C VAL C 102 -4.45 -30.31 -3.25
N SER C 103 -4.92 -30.15 -4.49
CA SER C 103 -6.15 -29.41 -4.71
C SER C 103 -7.33 -30.08 -4.03
N LEU C 104 -7.40 -31.41 -4.07
CA LEU C 104 -8.48 -32.13 -3.42
C LEU C 104 -8.31 -32.16 -1.92
N PHE C 105 -7.23 -32.77 -1.44
CA PHE C 105 -6.94 -32.87 -0.02
C PHE C 105 -5.75 -31.99 0.30
N PRO C 106 -5.94 -30.87 1.00
CA PRO C 106 -4.80 -29.99 1.28
C PRO C 106 -3.75 -30.63 2.17
N SER C 107 -4.09 -31.69 2.91
CA SER C 107 -3.12 -32.32 3.79
C SER C 107 -2.08 -33.12 3.01
N ALA C 108 -2.31 -33.38 1.72
CA ALA C 108 -1.40 -34.21 0.94
C ALA C 108 -0.10 -33.50 0.59
N GLY C 109 0.01 -32.20 0.86
CA GLY C 109 1.21 -31.47 0.48
C GLY C 109 2.46 -32.01 1.15
N TRP C 110 2.39 -32.22 2.47
CA TRP C 110 3.57 -32.72 3.18
C TRP C 110 3.91 -34.15 2.78
N TRP C 111 2.89 -34.99 2.56
CA TRP C 111 3.16 -36.35 2.11
C TRP C 111 3.81 -36.37 0.73
N GLU C 112 3.35 -35.51 -0.18
CA GLU C 112 3.98 -35.45 -1.49
C GLU C 112 5.41 -34.93 -1.39
N ARG C 113 5.64 -33.94 -0.52
CA ARG C 113 7.00 -33.44 -0.33
C ARG C 113 7.91 -34.52 0.23
N GLU C 114 7.41 -35.33 1.17
CA GLU C 114 8.27 -36.38 1.72
C GLU C 114 8.46 -37.53 0.76
N VAL C 115 7.47 -37.81 -0.11
CA VAL C 115 7.67 -38.80 -1.17
C VAL C 115 8.75 -38.33 -2.13
N TRP C 116 8.72 -37.05 -2.51
CA TRP C 116 9.79 -36.51 -3.34
C TRP C 116 11.13 -36.59 -2.62
N ASP C 117 11.13 -36.31 -1.32
CA ASP C 117 12.37 -36.38 -0.54
C ASP C 117 12.94 -37.79 -0.53
N MET C 118 12.10 -38.81 -0.33
CA MET C 118 12.56 -40.17 -0.12
C MET C 118 12.79 -40.92 -1.42
N PHE C 119 11.91 -40.75 -2.42
CA PHE C 119 12.00 -41.50 -3.66
C PHE C 119 12.31 -40.67 -4.87
N GLY C 120 12.25 -39.35 -4.78
CA GLY C 120 12.52 -38.51 -5.93
C GLY C 120 11.48 -38.58 -7.03
N VAL C 121 10.21 -38.62 -6.66
CA VAL C 121 9.10 -38.62 -7.62
C VAL C 121 8.48 -37.24 -7.59
N SER C 122 8.64 -36.49 -8.68
CA SER C 122 8.11 -35.13 -8.74
C SER C 122 6.59 -35.15 -8.90
N PHE C 123 5.96 -34.05 -8.48
CA PHE C 123 4.52 -33.91 -8.55
C PHE C 123 4.17 -32.66 -9.33
N ILE C 124 3.21 -32.78 -10.26
CA ILE C 124 2.86 -31.67 -11.13
C ILE C 124 2.12 -30.60 -10.33
N ASN C 125 2.39 -29.34 -10.65
CA ASN C 125 1.75 -28.15 -10.07
C ASN C 125 1.54 -28.28 -8.56
N HIS C 126 2.60 -28.73 -7.88
CA HIS C 126 2.59 -28.79 -6.43
C HIS C 126 3.22 -27.52 -5.87
N PRO C 127 2.49 -26.73 -5.08
CA PRO C 127 3.07 -25.49 -4.54
C PRO C 127 4.11 -25.80 -3.47
N ASP C 128 5.30 -25.23 -3.65
CA ASP C 128 6.40 -25.35 -2.69
C ASP C 128 6.78 -26.83 -2.47
N LEU C 129 7.26 -27.45 -3.55
CA LEU C 129 7.74 -28.82 -3.51
C LEU C 129 9.24 -28.81 -3.26
N ARG C 130 9.66 -29.26 -2.09
CA ARG C 130 11.07 -29.29 -1.73
C ARG C 130 11.28 -30.32 -0.63
N ARG C 131 12.54 -30.65 -0.39
CA ARG C 131 12.87 -31.65 0.62
C ARG C 131 12.39 -31.19 2.00
N ILE C 132 11.78 -32.12 2.74
CA ILE C 132 11.17 -31.82 4.02
C ILE C 132 11.87 -32.55 5.17
N LEU C 133 12.31 -33.78 4.95
CA LEU C 133 12.86 -34.61 6.01
C LEU C 133 14.39 -34.56 6.08
N THR C 134 15.07 -34.84 4.97
CA THR C 134 16.51 -34.86 4.97
C THR C 134 17.07 -33.45 5.15
N ASP C 135 18.34 -33.38 5.54
CA ASP C 135 18.94 -32.10 5.88
C ASP C 135 19.17 -31.25 4.63
N TYR C 136 19.72 -30.07 4.85
CA TYR C 136 19.94 -29.12 3.77
C TYR C 136 21.21 -29.46 3.01
N GLY C 137 21.11 -29.52 1.68
CA GLY C 137 22.21 -29.94 0.86
C GLY C 137 22.34 -31.44 0.68
N PHE C 138 21.33 -32.20 1.10
CA PHE C 138 21.39 -33.65 0.97
C PHE C 138 21.41 -34.06 -0.49
N GLU C 139 22.23 -35.07 -0.80
CA GLU C 139 22.35 -35.61 -2.16
C GLU C 139 21.88 -37.05 -2.16
N GLY C 140 20.98 -37.38 -3.08
CA GLY C 140 20.42 -38.70 -3.16
C GLY C 140 19.11 -38.82 -2.42
N HIS C 141 18.35 -39.85 -2.79
CA HIS C 141 17.04 -40.10 -2.19
C HIS C 141 17.11 -41.33 -1.31
N PRO C 142 17.03 -41.18 0.02
CA PRO C 142 17.42 -42.28 0.91
C PRO C 142 16.59 -43.55 0.79
N LEU C 143 15.30 -43.45 0.49
CA LEU C 143 14.46 -44.64 0.56
C LEU C 143 14.53 -45.52 -0.68
N ARG C 144 15.28 -45.12 -1.70
CA ARG C 144 15.51 -46.02 -2.82
C ARG C 144 16.37 -47.20 -2.38
N LYS C 145 16.17 -48.34 -3.04
CA LYS C 145 16.95 -49.53 -2.71
C LYS C 145 18.43 -49.33 -3.04
N ASP C 146 18.77 -48.35 -3.85
CA ASP C 146 20.16 -48.08 -4.18
C ASP C 146 20.91 -47.40 -3.05
N PHE C 147 20.24 -46.55 -2.29
CA PHE C 147 20.91 -45.77 -1.27
C PHE C 147 21.45 -46.67 -0.18
N PRO C 148 22.75 -46.62 0.12
CA PRO C 148 23.28 -47.41 1.23
C PRO C 148 22.68 -46.98 2.56
N LEU C 149 22.58 -47.94 3.47
CA LEU C 149 21.95 -47.67 4.77
C LEU C 149 22.70 -46.58 5.52
N SER C 150 24.03 -46.64 5.52
CA SER C 150 24.84 -45.67 6.25
C SER C 150 24.99 -44.34 5.52
N GLY C 151 24.57 -44.26 4.26
CA GLY C 151 24.69 -43.03 3.51
C GLY C 151 26.07 -42.86 2.89
N TYR C 152 26.26 -41.69 2.28
CA TYR C 152 27.52 -41.37 1.61
C TYR C 152 28.39 -40.39 2.39
N VAL C 153 27.82 -39.56 3.26
CA VAL C 153 28.57 -38.50 3.92
C VAL C 153 28.38 -38.60 5.43
N GLN C 154 29.36 -38.08 6.15
CA GLN C 154 29.37 -38.02 7.60
C GLN C 154 29.25 -36.58 8.07
N VAL C 155 29.23 -36.40 9.38
CA VAL C 155 29.17 -35.08 10.02
C VAL C 155 30.09 -35.09 11.22
N ARG C 156 30.89 -34.04 11.37
CA ARG C 156 31.80 -33.92 12.50
C ARG C 156 32.13 -32.44 12.70
N TYR C 157 32.87 -32.18 13.77
CA TYR C 157 33.35 -30.84 14.07
C TYR C 157 34.84 -30.74 13.73
N ASP C 158 35.20 -29.72 12.96
CA ASP C 158 36.58 -29.47 12.57
C ASP C 158 37.08 -28.23 13.29
N ASP C 159 38.26 -28.32 13.90
CA ASP C 159 38.77 -27.19 14.68
C ASP C 159 39.37 -26.07 13.83
N PRO C 160 40.10 -26.37 12.74
CA PRO C 160 40.63 -25.27 11.92
C PRO C 160 39.58 -24.27 11.44
N GLU C 161 38.40 -24.72 11.06
CA GLU C 161 37.28 -23.83 10.77
C GLU C 161 36.18 -24.08 11.80
N LYS C 162 35.84 -23.04 12.56
CA LYS C 162 34.97 -23.21 13.71
C LYS C 162 33.53 -23.47 13.26
N ARG C 163 33.30 -24.63 12.67
CA ARG C 163 31.97 -25.01 12.19
C ARG C 163 31.92 -26.53 12.06
N VAL C 164 30.71 -27.04 11.89
CA VAL C 164 30.48 -28.46 11.72
C VAL C 164 30.53 -28.77 10.22
N VAL C 165 31.41 -29.70 9.85
CA VAL C 165 31.69 -29.97 8.44
C VAL C 165 31.25 -31.38 8.07
N SER C 166 31.40 -31.73 6.79
CA SER C 166 30.97 -33.01 6.26
C SER C 166 32.10 -33.68 5.48
N GLU C 167 32.22 -34.99 5.63
CA GLU C 167 33.21 -35.80 4.96
C GLU C 167 32.56 -37.05 4.39
N PRO C 168 33.20 -37.71 3.42
CA PRO C 168 32.75 -39.04 3.03
C PRO C 168 32.80 -39.99 4.22
N ILE C 169 31.87 -40.94 4.24
CA ILE C 169 31.66 -41.75 5.43
C ILE C 169 32.86 -42.64 5.69
N GLU C 170 33.16 -42.83 6.98
CA GLU C 170 34.26 -43.68 7.44
C GLU C 170 33.75 -44.41 8.68
N MET C 171 33.19 -45.59 8.48
CA MET C 171 32.55 -46.33 9.56
C MET C 171 33.60 -46.99 10.44
N THR C 172 33.45 -46.82 11.76
CA THR C 172 34.33 -47.52 12.70
C THR C 172 34.09 -49.02 12.67
N GLN C 173 32.82 -49.43 12.57
CA GLN C 173 32.48 -50.84 12.41
C GLN C 173 31.42 -50.94 11.33
N GLU C 174 31.70 -51.74 10.30
CA GLU C 174 30.76 -51.88 9.20
C GLU C 174 29.48 -52.57 9.65
N PHE C 175 28.39 -52.26 8.97
CA PHE C 175 27.10 -52.91 9.24
C PHE C 175 27.20 -54.38 8.83
N ARG C 176 27.16 -55.27 9.82
CA ARG C 176 27.27 -56.70 9.56
C ARG C 176 25.91 -57.22 9.11
N TYR C 177 25.79 -57.56 7.83
CA TYR C 177 24.56 -58.10 7.28
C TYR C 177 24.55 -59.62 7.48
N PHE C 178 23.55 -60.11 8.20
CA PHE C 178 23.43 -61.53 8.49
C PHE C 178 22.41 -62.14 7.52
N ASP C 179 22.86 -63.11 6.72
CA ASP C 179 22.01 -63.73 5.71
C ASP C 179 21.37 -64.96 6.33
N PHE C 180 20.17 -64.77 6.90
CA PHE C 180 19.44 -65.86 7.54
C PHE C 180 18.54 -66.60 6.58
N ALA C 181 18.37 -66.13 5.35
CA ALA C 181 17.47 -66.77 4.41
C ALA C 181 17.94 -68.20 4.13
N SER C 182 16.98 -69.12 4.14
CA SER C 182 17.27 -70.54 3.99
C SER C 182 16.40 -71.14 2.90
N PRO C 183 16.86 -72.22 2.27
CA PRO C 183 16.02 -72.94 1.31
C PRO C 183 14.85 -73.64 1.99
N TRP C 184 14.09 -74.43 1.21
CA TRP C 184 12.86 -75.04 1.68
C TRP C 184 11.83 -73.98 2.10
N GLU C 185 11.85 -72.85 1.41
CA GLU C 185 10.91 -71.76 1.66
C GLU C 185 10.52 -71.06 0.37
N ASN D 1 7.03 -7.20 6.44
CA ASN D 1 6.88 -7.73 7.79
C ASN D 1 8.04 -8.66 8.15
N PHE D 2 8.46 -8.62 9.41
CA PHE D 2 9.57 -9.43 9.85
C PHE D 2 9.14 -10.89 10.01
N THR D 3 10.12 -11.80 9.93
CA THR D 3 9.90 -13.24 10.07
C THR D 3 10.92 -13.77 11.08
N LEU D 4 10.57 -13.71 12.36
CA LEU D 4 11.41 -14.31 13.39
C LEU D 4 11.11 -15.80 13.51
N ASN D 5 12.01 -16.51 14.20
CA ASN D 5 11.94 -17.96 14.28
C ASN D 5 12.00 -18.44 15.73
N PHE D 6 11.38 -19.59 15.96
CA PHE D 6 11.40 -20.30 17.25
C PHE D 6 12.54 -21.30 17.35
N GLY D 7 12.40 -22.23 18.29
CA GLY D 7 13.45 -23.14 18.66
C GLY D 7 13.88 -23.05 20.11
N PRO D 8 12.97 -22.80 21.05
CA PRO D 8 13.38 -22.72 22.45
C PRO D 8 13.86 -24.06 22.96
N GLN D 9 14.83 -24.01 23.88
CA GLN D 9 15.47 -25.22 24.37
C GLN D 9 14.80 -25.82 25.59
N HIS D 10 14.10 -25.01 26.39
CA HIS D 10 13.32 -25.54 27.48
C HIS D 10 12.12 -26.32 26.93
N PRO D 11 11.59 -27.29 27.71
CA PRO D 11 10.64 -28.25 27.12
C PRO D 11 9.25 -27.69 26.86
N ALA D 12 9.11 -26.36 26.87
CA ALA D 12 7.83 -25.74 26.56
C ALA D 12 7.33 -26.18 25.19
N ALA D 13 8.16 -26.06 24.17
CA ALA D 13 7.80 -26.47 22.81
C ALA D 13 8.10 -27.94 22.55
N HIS D 14 8.23 -28.75 23.60
CA HIS D 14 8.57 -30.16 23.51
C HIS D 14 9.93 -30.39 22.85
N GLY D 15 10.75 -29.35 22.76
CA GLY D 15 12.06 -29.46 22.17
C GLY D 15 12.03 -29.78 20.68
N VAL D 16 13.20 -29.77 20.05
CA VAL D 16 13.43 -30.16 18.66
C VAL D 16 12.35 -29.59 17.73
N LEU D 17 11.79 -28.44 18.11
CA LEU D 17 10.77 -27.76 17.31
C LEU D 17 11.35 -26.47 16.77
N ARG D 18 11.40 -26.36 15.44
CA ARG D 18 11.82 -25.15 14.76
C ARG D 18 10.62 -24.59 14.01
N LEU D 19 10.28 -23.33 14.30
CA LEU D 19 9.08 -22.70 13.77
C LEU D 19 9.44 -21.34 13.18
N VAL D 20 9.43 -21.24 11.87
CA VAL D 20 9.66 -19.98 11.17
C VAL D 20 8.29 -19.44 10.76
N LEU D 21 7.89 -18.34 11.36
CA LEU D 21 6.56 -17.78 11.18
C LEU D 21 6.66 -16.29 10.89
N GLU D 22 5.79 -15.81 10.01
CA GLU D 22 5.72 -14.39 9.66
C GLU D 22 4.54 -13.76 10.39
N MET D 23 4.79 -12.64 11.06
CA MET D 23 3.75 -11.92 11.77
C MET D 23 3.57 -10.54 11.15
N ASN D 24 2.45 -9.91 11.51
CA ASN D 24 2.14 -8.56 11.05
C ASN D 24 2.48 -7.55 12.15
N GLY D 25 3.55 -7.80 12.86
CA GLY D 25 3.95 -6.99 14.01
C GLY D 25 3.51 -7.54 15.34
N GLU D 26 2.23 -7.89 15.45
CA GLU D 26 1.70 -8.47 16.68
C GLU D 26 0.90 -9.73 16.37
N VAL D 27 0.36 -9.81 15.15
CA VAL D 27 -0.55 -10.88 14.75
C VAL D 27 0.15 -11.75 13.72
N VAL D 28 0.17 -13.06 13.95
CA VAL D 28 0.84 -13.98 13.05
C VAL D 28 -0.02 -14.20 11.80
N GLU D 29 0.62 -14.18 10.64
CA GLU D 29 -0.06 -14.37 9.37
C GLU D 29 0.20 -15.72 8.72
N ARG D 30 1.35 -16.35 8.98
CA ARG D 30 1.63 -17.66 8.42
C ARG D 30 2.79 -18.28 9.20
N ALA D 31 2.57 -19.50 9.69
CA ALA D 31 3.60 -20.24 10.41
C ALA D 31 4.01 -21.46 9.59
N GLU D 32 5.30 -21.58 9.34
CA GLU D 32 5.84 -22.68 8.53
C GLU D 32 6.80 -23.51 9.37
N PRO D 33 6.35 -24.62 9.95
CA PRO D 33 7.25 -25.45 10.76
C PRO D 33 8.31 -26.11 9.88
N HIS D 34 9.49 -26.31 10.46
CA HIS D 34 10.62 -26.93 9.77
C HIS D 34 10.92 -28.25 10.47
N ILE D 35 10.23 -29.31 10.05
CA ILE D 35 10.44 -30.64 10.61
C ILE D 35 11.64 -31.27 9.93
N GLY D 36 12.10 -32.40 10.48
CA GLY D 36 13.28 -33.08 9.99
C GLY D 36 14.44 -33.07 10.95
N LEU D 37 14.36 -32.31 12.04
CA LEU D 37 15.43 -32.27 13.02
C LEU D 37 15.57 -33.59 13.78
N LEU D 38 14.55 -34.45 13.72
CA LEU D 38 14.59 -35.75 14.40
C LEU D 38 14.32 -36.88 13.43
N HIS D 39 14.79 -36.77 12.19
CA HIS D 39 14.62 -37.82 11.20
C HIS D 39 15.75 -38.84 11.39
N ARG D 40 15.53 -39.77 12.31
CA ARG D 40 16.53 -40.81 12.57
C ARG D 40 16.74 -41.68 11.35
N GLY D 41 15.67 -42.03 10.65
CA GLY D 41 15.77 -42.91 9.50
C GLY D 41 15.25 -44.29 9.79
N THR D 42 14.17 -44.37 10.58
CA THR D 42 13.62 -45.66 10.95
C THR D 42 13.08 -46.41 9.75
N GLU D 43 12.43 -45.71 8.82
CA GLU D 43 11.80 -46.38 7.68
C GLU D 43 12.82 -47.12 6.84
N LYS D 44 14.01 -46.55 6.67
CA LYS D 44 15.07 -47.24 5.95
C LYS D 44 15.68 -48.36 6.79
N LEU D 45 15.70 -48.19 8.11
CA LEU D 45 16.32 -49.20 8.96
C LEU D 45 15.45 -50.43 9.15
N ILE D 46 14.12 -50.26 9.11
CA ILE D 46 13.23 -51.41 9.30
C ILE D 46 13.47 -52.46 8.23
N GLU D 47 13.73 -52.03 7.00
CA GLU D 47 13.90 -52.96 5.89
C GLU D 47 15.10 -53.88 6.08
N TYR D 48 16.04 -53.53 6.94
CA TYR D 48 17.28 -54.27 7.09
C TYR D 48 17.25 -55.25 8.27
N LYS D 49 16.12 -55.37 8.96
CA LYS D 49 16.05 -56.15 10.18
C LYS D 49 14.80 -57.01 10.20
N THR D 50 14.92 -58.17 10.86
CA THR D 50 13.85 -59.15 10.92
C THR D 50 12.58 -58.54 11.54
N TYR D 51 11.45 -59.19 11.29
CA TYR D 51 10.17 -58.71 11.80
C TYR D 51 10.15 -58.60 13.32
N LEU D 52 11.03 -59.32 14.01
CA LEU D 52 11.13 -59.20 15.46
C LEU D 52 12.13 -58.13 15.87
N GLN D 53 13.24 -58.01 15.14
CA GLN D 53 14.23 -56.98 15.42
C GLN D 53 13.69 -55.58 15.19
N ALA D 54 12.64 -55.44 14.38
CA ALA D 54 12.09 -54.14 14.07
C ALA D 54 11.03 -53.68 15.06
N LEU D 55 10.62 -54.54 16.00
CA LEU D 55 9.60 -54.15 16.96
C LEU D 55 10.01 -52.97 17.83
N PRO D 56 11.21 -52.91 18.41
CA PRO D 56 11.55 -51.78 19.28
C PRO D 56 11.66 -50.43 18.58
N TYR D 57 11.84 -50.36 17.25
CA TYR D 57 11.66 -49.08 16.56
C TYR D 57 10.32 -48.45 16.87
N PHE D 58 9.27 -49.25 17.02
CA PHE D 58 7.94 -48.73 17.26
C PHE D 58 7.76 -48.19 18.68
N ASP D 59 8.62 -48.59 19.62
CA ASP D 59 8.62 -47.93 20.92
C ASP D 59 9.18 -46.53 20.82
N ARG D 60 10.12 -46.30 19.91
CA ARG D 60 10.83 -45.03 19.79
C ARG D 60 10.12 -44.02 18.90
N LEU D 61 8.95 -44.35 18.36
CA LEU D 61 8.26 -43.41 17.50
C LEU D 61 7.48 -42.38 18.31
N ASP D 62 6.50 -42.85 19.08
CA ASP D 62 5.63 -41.99 19.89
C ASP D 62 5.90 -42.37 21.34
N TYR D 63 6.88 -41.71 21.95
CA TYR D 63 7.40 -42.15 23.24
C TYR D 63 6.64 -41.55 24.42
N VAL D 64 5.31 -41.61 24.36
CA VAL D 64 4.47 -41.38 25.51
C VAL D 64 3.39 -42.44 25.52
N SER D 65 3.25 -43.12 24.38
CA SER D 65 2.26 -44.17 24.14
C SER D 65 2.94 -45.39 23.57
N MET D 66 4.00 -45.83 24.24
CA MET D 66 4.91 -46.84 23.70
C MET D 66 4.16 -48.12 23.29
N MET D 67 3.23 -48.58 24.13
CA MET D 67 2.52 -49.81 23.82
C MET D 67 1.41 -49.60 22.79
N ALA D 68 1.12 -48.36 22.39
CA ALA D 68 0.12 -48.15 21.35
C ALA D 68 0.67 -48.47 19.96
N GLN D 69 1.94 -48.12 19.70
CA GLN D 69 2.53 -48.41 18.40
C GLN D 69 2.86 -49.89 18.26
N GLU D 70 3.37 -50.51 19.33
CA GLU D 70 3.59 -51.94 19.33
C GLU D 70 2.30 -52.69 19.03
N HIS D 71 1.18 -52.17 19.53
CA HIS D 71 -0.12 -52.77 19.23
C HIS D 71 -0.39 -52.76 17.74
N ALA D 72 -0.15 -51.62 17.08
CA ALA D 72 -0.40 -51.52 15.65
C ALA D 72 0.52 -52.45 14.86
N TYR D 73 1.80 -52.49 15.22
CA TYR D 73 2.72 -53.36 14.50
C TYR D 73 2.36 -54.82 14.67
N SER D 74 2.01 -55.23 15.91
CA SER D 74 1.64 -56.61 16.16
C SER D 74 0.37 -56.97 15.39
N LEU D 75 -0.60 -56.05 15.35
CA LEU D 75 -1.83 -56.33 14.61
C LEU D 75 -1.56 -56.45 13.13
N ALA D 76 -0.67 -55.61 12.59
CA ALA D 76 -0.30 -55.72 11.18
C ALA D 76 0.33 -57.08 10.89
N VAL D 77 1.27 -57.50 11.74
CA VAL D 77 1.93 -58.78 11.52
C VAL D 77 0.93 -59.93 11.62
N GLU D 78 0.03 -59.88 12.60
CA GLU D 78 -0.98 -60.92 12.74
C GLU D 78 -1.91 -60.97 11.54
N LYS D 79 -2.33 -59.80 11.05
CA LYS D 79 -3.20 -59.76 9.88
C LYS D 79 -2.49 -60.34 8.66
N LEU D 80 -1.20 -60.05 8.51
CA LEU D 80 -0.45 -60.65 7.41
C LEU D 80 -0.22 -62.13 7.62
N LEU D 81 -0.06 -62.58 8.86
CA LEU D 81 0.22 -63.98 9.17
C LEU D 81 -1.02 -64.82 9.42
N ASN D 82 -2.18 -64.19 9.65
CA ASN D 82 -3.41 -64.90 10.00
C ASN D 82 -3.18 -65.78 11.23
N CYS D 83 -2.83 -65.13 12.34
CA CYS D 83 -2.54 -65.80 13.59
C CYS D 83 -3.58 -65.40 14.63
N GLU D 84 -4.22 -66.39 15.23
CA GLU D 84 -5.19 -66.15 16.29
C GLU D 84 -4.48 -65.89 17.61
N VAL D 85 -5.13 -65.12 18.48
CA VAL D 85 -4.55 -64.71 19.75
C VAL D 85 -5.48 -65.11 20.89
N PRO D 86 -4.96 -65.70 21.97
CA PRO D 86 -5.83 -66.09 23.08
C PRO D 86 -6.44 -64.87 23.76
N LEU D 87 -7.55 -65.13 24.48
CA LEU D 87 -8.32 -64.05 25.06
C LEU D 87 -7.53 -63.28 26.13
N ARG D 88 -6.74 -63.99 26.93
CA ARG D 88 -5.98 -63.31 27.98
C ARG D 88 -4.99 -62.32 27.39
N ALA D 89 -4.32 -62.70 26.30
CA ALA D 89 -3.39 -61.78 25.65
C ALA D 89 -4.12 -60.55 25.12
N GLN D 90 -5.29 -60.74 24.50
CA GLN D 90 -6.06 -59.61 24.01
C GLN D 90 -6.47 -58.69 25.14
N TYR D 91 -6.90 -59.26 26.26
CA TYR D 91 -7.34 -58.43 27.39
C TYR D 91 -6.19 -57.63 27.98
N ILE D 92 -5.02 -58.26 28.15
CA ILE D 92 -3.90 -57.50 28.71
C ILE D 92 -3.39 -56.46 27.72
N ARG D 93 -3.43 -56.76 26.42
CA ARG D 93 -3.06 -55.76 25.43
C ARG D 93 -3.99 -54.55 25.48
N VAL D 94 -5.30 -54.80 25.62
CA VAL D 94 -6.25 -53.70 25.75
C VAL D 94 -5.98 -52.91 27.02
N LEU D 95 -5.69 -53.61 28.13
CA LEU D 95 -5.41 -52.93 29.39
C LEU D 95 -4.21 -52.00 29.26
N PHE D 96 -3.14 -52.49 28.64
CA PHE D 96 -1.94 -51.66 28.53
C PHE D 96 -2.10 -50.56 27.48
N CYS D 97 -2.92 -50.78 26.46
CA CYS D 97 -3.25 -49.69 25.55
C CYS D 97 -3.99 -48.57 26.27
N GLU D 98 -4.93 -48.94 27.16
CA GLU D 98 -5.62 -47.92 27.93
C GLU D 98 -4.67 -47.22 28.89
N ILE D 99 -3.71 -47.95 29.47
CA ILE D 99 -2.72 -47.30 30.32
C ILE D 99 -1.88 -46.30 29.52
N THR D 100 -1.50 -46.67 28.30
CA THR D 100 -0.81 -45.72 27.43
C THR D 100 -1.67 -44.49 27.16
N ARG D 101 -2.97 -44.70 26.93
CA ARG D 101 -3.85 -43.57 26.70
C ARG D 101 -3.86 -42.63 27.90
N ILE D 102 -3.93 -43.19 29.11
CA ILE D 102 -3.91 -42.37 30.31
C ILE D 102 -2.60 -41.60 30.42
N LEU D 103 -1.48 -42.30 30.20
CA LEU D 103 -0.17 -41.66 30.29
C LEU D 103 -0.05 -40.50 29.31
N ASN D 104 -0.43 -40.75 28.05
CA ASN D 104 -0.29 -39.73 27.02
C ASN D 104 -1.20 -38.54 27.29
N HIS D 105 -2.44 -38.80 27.72
CA HIS D 105 -3.34 -37.69 28.03
C HIS D 105 -2.82 -36.86 29.19
N LEU D 106 -2.32 -37.51 30.24
CA LEU D 106 -1.76 -36.76 31.37
C LEU D 106 -0.60 -35.89 30.92
N LEU D 107 0.35 -36.48 30.17
CA LEU D 107 1.51 -35.73 29.73
C LEU D 107 1.11 -34.56 28.83
N ALA D 108 0.19 -34.81 27.89
CA ALA D 108 -0.26 -33.75 27.00
C ALA D 108 -0.91 -32.62 27.77
N LEU D 109 -1.82 -32.95 28.68
CA LEU D 109 -2.52 -31.93 29.44
C LEU D 109 -1.55 -31.08 30.25
N THR D 110 -0.58 -31.72 30.90
CA THR D 110 0.26 -30.93 31.79
C THR D 110 1.38 -30.19 31.06
N THR D 111 1.87 -30.72 29.92
CA THR D 111 2.76 -29.89 29.12
C THR D 111 2.01 -28.70 28.52
N HIS D 112 0.74 -28.89 28.13
CA HIS D 112 -0.06 -27.78 27.66
C HIS D 112 -0.27 -26.73 28.76
N ALA D 113 -0.52 -27.19 29.99
CA ALA D 113 -0.69 -26.28 31.10
C ALA D 113 0.61 -25.56 31.44
N MET D 114 1.73 -26.26 31.35
CA MET D 114 3.03 -25.63 31.55
C MET D 114 3.30 -24.55 30.50
N ASP D 115 2.90 -24.82 29.25
CA ASP D 115 3.03 -23.81 28.21
C ASP D 115 2.17 -22.59 28.52
N VAL D 116 0.93 -22.81 28.98
CA VAL D 116 0.05 -21.70 29.33
C VAL D 116 0.62 -20.92 30.49
N GLY D 117 1.13 -21.61 31.52
CA GLY D 117 1.71 -20.96 32.67
C GLY D 117 1.46 -21.66 33.99
N ALA D 118 0.50 -22.59 34.00
CA ALA D 118 0.23 -23.35 35.22
C ALA D 118 1.35 -24.35 35.45
N LEU D 119 1.84 -24.41 36.69
CA LEU D 119 2.98 -25.25 37.05
C LEU D 119 2.62 -26.41 37.96
N THR D 120 1.68 -26.22 38.88
CA THR D 120 1.37 -27.28 39.84
C THR D 120 0.83 -28.57 39.21
N PRO D 121 -0.11 -28.57 38.27
CA PRO D 121 -0.63 -29.86 37.77
C PRO D 121 0.43 -30.72 37.10
N PHE D 122 1.51 -30.12 36.63
CA PHE D 122 2.59 -30.87 36.00
C PHE D 122 3.21 -31.87 36.97
N LEU D 123 3.57 -31.40 38.17
CA LEU D 123 4.22 -32.26 39.14
C LEU D 123 3.26 -33.31 39.69
N TRP D 124 2.00 -32.94 39.91
CA TRP D 124 1.02 -33.91 40.36
C TRP D 124 0.79 -35.00 39.31
N ALA D 125 0.71 -34.60 38.04
CA ALA D 125 0.53 -35.60 37.00
C ALA D 125 1.73 -36.51 36.88
N PHE D 126 2.95 -36.00 37.12
CA PHE D 126 4.09 -36.92 37.06
C PHE D 126 4.17 -37.83 38.28
N GLU D 127 3.81 -37.34 39.47
CA GLU D 127 3.76 -38.26 40.60
C GLU D 127 2.66 -39.29 40.43
N GLU D 128 1.66 -39.01 39.60
CA GLU D 128 0.74 -40.04 39.15
C GLU D 128 1.35 -40.94 38.08
N ARG D 129 2.09 -40.36 37.14
CA ARG D 129 2.62 -41.09 35.99
C ARG D 129 3.64 -42.12 36.41
N GLU D 130 4.36 -41.87 37.51
CA GLU D 130 5.32 -42.85 38.00
C GLU D 130 4.62 -44.14 38.44
N LYS D 131 3.40 -44.03 38.96
CA LYS D 131 2.71 -45.21 39.44
C LYS D 131 2.25 -46.12 38.31
N LEU D 132 2.23 -45.63 37.07
CA LEU D 132 1.98 -46.50 35.92
C LEU D 132 3.27 -46.88 35.21
N LEU D 133 4.26 -46.00 35.23
CA LEU D 133 5.57 -46.39 34.71
C LEU D 133 6.14 -47.56 35.50
N GLU D 134 5.84 -47.66 36.80
CA GLU D 134 6.28 -48.83 37.55
C GLU D 134 5.46 -50.07 37.22
N PHE D 135 4.17 -49.91 36.86
CA PHE D 135 3.44 -51.03 36.30
C PHE D 135 4.11 -51.56 35.03
N TYR D 136 4.54 -50.64 34.16
CA TYR D 136 5.30 -51.04 32.98
C TYR D 136 6.60 -51.73 33.37
N GLU D 137 7.30 -51.18 34.36
CA GLU D 137 8.55 -51.76 34.83
C GLU D 137 8.36 -53.09 35.52
N ARG D 138 7.13 -53.47 35.87
CA ARG D 138 6.92 -54.75 36.52
C ARG D 138 6.69 -55.87 35.52
N VAL D 139 5.81 -55.66 34.53
CA VAL D 139 5.53 -56.72 33.57
C VAL D 139 6.73 -57.00 32.69
N SER D 140 7.51 -55.98 32.34
CA SER D 140 8.70 -56.14 31.53
C SER D 140 9.84 -55.37 32.21
N GLY D 141 10.95 -55.24 31.51
CA GLY D 141 12.11 -54.61 32.10
C GLY D 141 12.06 -53.10 32.17
N ALA D 142 12.06 -52.44 31.01
CA ALA D 142 12.17 -50.99 30.97
C ALA D 142 10.86 -50.33 31.38
N ARG D 143 10.99 -49.13 31.97
CA ARG D 143 9.81 -48.37 32.36
C ARG D 143 9.11 -47.76 31.15
N MET D 144 9.87 -47.19 30.22
CA MET D 144 9.30 -46.53 29.06
C MET D 144 9.23 -47.44 27.84
N HIS D 145 10.38 -47.90 27.34
CA HIS D 145 10.42 -48.66 26.09
C HIS D 145 10.32 -50.15 26.42
N ALA D 146 9.09 -50.57 26.69
CA ALA D 146 8.79 -51.95 27.07
C ALA D 146 8.37 -52.71 25.82
N SER D 147 9.20 -53.68 25.41
CA SER D 147 8.85 -54.53 24.27
C SER D 147 7.95 -55.66 24.73
N PHE D 148 6.88 -55.32 25.43
CA PHE D 148 6.01 -56.32 26.04
C PHE D 148 5.10 -56.99 25.03
N ILE D 149 4.63 -56.24 24.03
CA ILE D 149 3.65 -56.74 23.08
C ILE D 149 4.39 -57.29 21.87
N ARG D 150 4.35 -58.61 21.70
CA ARG D 150 4.94 -59.31 20.58
C ARG D 150 3.87 -59.65 19.55
N PRO D 151 4.27 -59.93 18.31
CA PRO D 151 3.27 -60.26 17.28
C PRO D 151 2.36 -61.42 17.65
N GLY D 152 2.89 -62.47 18.28
CA GLY D 152 2.02 -63.59 18.59
C GLY D 152 1.02 -63.28 19.68
N GLY D 153 1.49 -63.19 20.92
CA GLY D 153 0.68 -62.76 22.03
C GLY D 153 1.26 -61.54 22.72
N VAL D 154 1.79 -61.75 23.91
CA VAL D 154 2.63 -60.79 24.61
C VAL D 154 3.95 -61.48 24.94
N ALA D 155 4.88 -60.70 25.49
CA ALA D 155 6.22 -61.24 25.74
C ALA D 155 6.19 -62.32 26.80
N GLN D 156 5.58 -62.05 27.94
CA GLN D 156 5.55 -62.98 29.06
C GLN D 156 4.41 -62.62 29.99
N ASP D 157 4.07 -63.56 30.87
CA ASP D 157 2.86 -63.46 31.67
C ASP D 157 2.99 -62.36 32.72
N LEU D 158 1.84 -61.90 33.18
CA LEU D 158 1.78 -60.89 34.22
C LEU D 158 2.25 -61.46 35.56
N PRO D 159 2.92 -60.65 36.38
CA PRO D 159 3.29 -61.10 37.72
C PRO D 159 2.06 -61.30 38.59
N LEU D 160 2.27 -62.01 39.70
CA LEU D 160 1.14 -62.39 40.56
C LEU D 160 0.47 -61.18 41.18
N GLY D 161 1.24 -60.19 41.63
CA GLY D 161 0.68 -59.09 42.39
C GLY D 161 0.32 -57.85 41.59
N LEU D 162 0.28 -57.97 40.26
CA LEU D 162 0.05 -56.79 39.44
C LEU D 162 -1.40 -56.33 39.47
N CYS D 163 -2.35 -57.27 39.43
CA CYS D 163 -3.76 -56.91 39.33
C CYS D 163 -4.23 -56.17 40.59
N ARG D 164 -3.79 -56.63 41.76
CA ARG D 164 -4.17 -55.95 43.00
C ARG D 164 -3.67 -54.52 43.02
N ASP D 165 -2.42 -54.30 42.60
CA ASP D 165 -1.86 -52.95 42.60
C ASP D 165 -2.54 -52.07 41.57
N ILE D 166 -2.88 -52.62 40.40
CA ILE D 166 -3.59 -51.83 39.39
C ILE D 166 -4.96 -51.41 39.90
N ASP D 167 -5.67 -52.34 40.55
CA ASP D 167 -6.96 -51.99 41.14
C ASP D 167 -6.81 -50.94 42.22
N SER D 168 -5.78 -51.07 43.06
CA SER D 168 -5.56 -50.08 44.11
C SER D 168 -5.30 -48.70 43.52
N PHE D 169 -4.55 -48.64 42.42
CA PHE D 169 -4.33 -47.35 41.76
C PHE D 169 -5.64 -46.79 41.21
N THR D 170 -6.42 -47.63 40.54
CA THR D 170 -7.67 -47.17 39.94
C THR D 170 -8.69 -46.75 41.00
N GLN D 171 -8.51 -47.19 42.25
CA GLN D 171 -9.40 -46.74 43.31
C GLN D 171 -9.32 -45.23 43.51
N GLN D 172 -8.11 -44.66 43.44
CA GLN D 172 -7.91 -43.25 43.73
C GLN D 172 -7.59 -42.41 42.49
N PHE D 173 -7.38 -43.03 41.33
CA PHE D 173 -7.06 -42.25 40.14
C PHE D 173 -8.17 -41.29 39.77
N ALA D 174 -9.44 -41.68 39.98
CA ALA D 174 -10.54 -40.78 39.65
C ALA D 174 -10.52 -39.54 40.52
N SER D 175 -10.28 -39.71 41.83
CA SER D 175 -10.18 -38.55 42.72
C SER D 175 -9.00 -37.68 42.33
N ARG D 176 -7.90 -38.29 41.89
CA ARG D 176 -6.75 -37.51 41.45
C ARG D 176 -7.08 -36.71 40.19
N ILE D 177 -7.82 -37.31 39.25
CA ILE D 177 -8.26 -36.58 38.07
C ILE D 177 -9.15 -35.42 38.46
N ASP D 178 -10.06 -35.63 39.42
CA ASP D 178 -10.92 -34.55 39.89
C ASP D 178 -10.10 -33.43 40.51
N GLU D 179 -9.09 -33.78 41.31
CA GLU D 179 -8.25 -32.77 41.91
C GLU D 179 -7.49 -31.96 40.86
N LEU D 180 -6.97 -32.63 39.83
CA LEU D 180 -6.32 -31.90 38.75
C LEU D 180 -7.30 -31.01 38.01
N GLU D 181 -8.51 -31.51 37.75
CA GLU D 181 -9.51 -30.76 37.01
C GLU D 181 -10.03 -29.56 37.79
N GLU D 182 -9.97 -29.62 39.12
CA GLU D 182 -10.48 -28.53 39.94
C GLU D 182 -9.80 -27.20 39.61
N MET D 183 -8.53 -27.23 39.25
CA MET D 183 -7.76 -26.00 39.03
C MET D 183 -7.79 -25.51 37.59
N LEU D 184 -8.41 -26.26 36.67
CA LEU D 184 -8.35 -25.88 35.26
C LEU D 184 -9.70 -25.58 34.66
N THR D 185 -10.69 -26.46 34.84
CA THR D 185 -12.00 -26.23 34.23
C THR D 185 -12.68 -24.99 34.81
N GLY D 186 -12.76 -24.93 36.15
CA GLY D 186 -13.43 -23.80 36.77
C GLY D 186 -12.64 -22.50 36.71
N ASN D 187 -11.34 -22.58 36.50
CA ASN D 187 -10.50 -21.39 36.50
C ASN D 187 -10.84 -20.50 35.32
N ARG D 188 -10.97 -19.19 35.58
CA ARG D 188 -11.36 -18.26 34.54
C ARG D 188 -10.21 -17.92 33.59
N ILE D 189 -8.97 -17.95 34.08
CA ILE D 189 -7.83 -17.69 33.20
C ILE D 189 -7.72 -18.80 32.16
N TRP D 190 -7.97 -20.04 32.56
CA TRP D 190 -7.88 -21.17 31.64
C TRP D 190 -8.89 -21.02 30.50
N LYS D 191 -10.11 -20.60 30.81
CA LYS D 191 -11.10 -20.38 29.75
C LYS D 191 -10.65 -19.30 28.79
N GLN D 192 -10.19 -18.16 29.31
CA GLN D 192 -9.82 -17.05 28.44
C GLN D 192 -8.56 -17.33 27.64
N ARG D 193 -7.73 -18.26 28.07
CA ARG D 193 -6.55 -18.63 27.29
C ARG D 193 -6.82 -19.76 26.30
N LEU D 194 -8.02 -20.34 26.30
CA LEU D 194 -8.36 -21.44 25.42
C LEU D 194 -9.60 -21.21 24.57
N VAL D 195 -10.60 -20.51 25.09
CA VAL D 195 -11.85 -20.34 24.36
C VAL D 195 -11.61 -19.53 23.09
N ASP D 196 -12.20 -19.97 21.98
CA ASP D 196 -12.15 -19.29 20.69
C ASP D 196 -10.73 -19.23 20.13
N ILE D 197 -9.91 -20.24 20.44
CA ILE D 197 -8.54 -20.34 19.96
C ILE D 197 -8.44 -21.59 19.10
N GLY D 198 -7.90 -21.44 17.90
CA GLY D 198 -7.67 -22.58 17.02
C GLY D 198 -8.91 -23.34 16.62
N THR D 199 -9.96 -22.62 16.21
CA THR D 199 -11.20 -23.27 15.81
C THR D 199 -11.00 -24.04 14.51
N VAL D 200 -11.44 -25.29 14.49
CA VAL D 200 -11.40 -26.12 13.28
C VAL D 200 -12.79 -26.67 13.04
N THR D 201 -13.27 -26.54 11.81
CA THR D 201 -14.57 -27.09 11.44
C THR D 201 -14.42 -28.55 11.02
N ALA D 202 -15.53 -29.29 11.11
CA ALA D 202 -15.49 -30.72 10.84
C ALA D 202 -15.07 -31.01 9.41
N GLN D 203 -15.62 -30.26 8.45
CA GLN D 203 -15.21 -30.41 7.06
C GLN D 203 -13.72 -30.11 6.90
N GLN D 204 -13.24 -29.06 7.55
CA GLN D 204 -11.85 -28.66 7.40
C GLN D 204 -10.91 -29.63 8.09
N ALA D 205 -11.32 -30.16 9.25
CA ALA D 205 -10.55 -31.20 9.91
C ALA D 205 -10.49 -32.46 9.07
N LYS D 206 -11.61 -32.83 8.44
CA LYS D 206 -11.60 -33.98 7.53
C LYS D 206 -10.66 -33.74 6.36
N ASP D 207 -10.69 -32.53 5.79
CA ASP D 207 -9.81 -32.21 4.68
C ASP D 207 -8.34 -32.31 5.08
N TRP D 208 -8.00 -31.80 6.26
CA TRP D 208 -6.60 -31.79 6.70
C TRP D 208 -6.17 -33.07 7.40
N GLY D 209 -7.04 -34.08 7.47
CA GLY D 209 -6.66 -35.35 8.05
C GLY D 209 -6.38 -35.28 9.54
N PHE D 210 -7.32 -34.74 10.30
CA PHE D 210 -7.14 -34.49 11.73
C PHE D 210 -7.73 -35.60 12.59
N SER D 211 -7.63 -36.84 12.14
CA SER D 211 -8.18 -37.97 12.89
C SER D 211 -7.59 -38.01 14.30
N GLY D 212 -8.45 -38.22 15.28
CA GLY D 212 -8.05 -38.25 16.67
C GLY D 212 -8.91 -37.36 17.55
N VAL D 213 -8.32 -36.77 18.58
CA VAL D 213 -9.06 -35.81 19.40
C VAL D 213 -9.39 -34.57 18.59
N MET D 214 -8.49 -34.17 17.69
CA MET D 214 -8.73 -33.00 16.86
C MET D 214 -9.91 -33.20 15.92
N LEU D 215 -10.30 -34.44 15.65
CA LEU D 215 -11.49 -34.69 14.85
C LEU D 215 -12.74 -34.68 15.72
N ARG D 216 -12.71 -35.40 16.85
CA ARG D 216 -13.85 -35.43 17.75
C ARG D 216 -14.10 -34.08 18.40
N GLY D 217 -13.09 -33.22 18.48
CA GLY D 217 -13.31 -31.87 18.96
C GLY D 217 -14.23 -31.07 18.05
N SER D 218 -14.22 -31.39 16.76
CA SER D 218 -15.01 -30.67 15.77
C SER D 218 -16.41 -31.24 15.62
N GLY D 219 -16.81 -32.19 16.46
CA GLY D 219 -18.16 -32.71 16.43
C GLY D 219 -18.34 -33.99 15.63
N VAL D 220 -17.27 -34.63 15.18
CA VAL D 220 -17.34 -35.87 14.43
C VAL D 220 -17.15 -37.03 15.40
N CYS D 221 -18.15 -37.90 15.49
CA CYS D 221 -18.10 -39.06 16.39
C CYS D 221 -17.41 -40.20 15.64
N TRP D 222 -16.10 -40.05 15.45
CA TRP D 222 -15.28 -41.02 14.73
C TRP D 222 -14.24 -41.59 15.70
N ASP D 223 -14.48 -42.81 16.17
CA ASP D 223 -13.54 -43.52 17.03
C ASP D 223 -13.15 -44.83 16.36
N LEU D 224 -11.85 -45.06 16.23
CA LEU D 224 -11.38 -46.24 15.51
C LEU D 224 -11.64 -47.52 16.29
N ARG D 225 -11.74 -47.43 17.61
CA ARG D 225 -12.06 -48.61 18.43
C ARG D 225 -13.55 -48.79 18.61
N ARG D 226 -14.38 -47.94 17.99
CA ARG D 226 -15.80 -48.17 17.85
C ARG D 226 -16.22 -48.46 16.41
N ALA D 227 -15.62 -47.75 15.45
CA ALA D 227 -15.92 -48.02 14.04
C ALA D 227 -15.33 -49.35 13.60
N ALA D 228 -14.06 -49.59 13.94
CA ALA D 228 -13.36 -50.83 13.58
C ALA D 228 -12.72 -51.42 14.82
N PRO D 229 -13.51 -52.02 15.71
CA PRO D 229 -12.95 -52.57 16.95
C PRO D 229 -12.06 -53.77 16.65
N TYR D 230 -10.80 -53.70 17.07
CA TYR D 230 -9.84 -54.73 16.73
C TYR D 230 -9.71 -55.81 17.81
N ASP D 231 -9.23 -55.46 18.99
CA ASP D 231 -9.13 -56.42 20.08
C ASP D 231 -10.45 -56.43 20.85
N VAL D 232 -10.45 -56.97 22.07
CA VAL D 232 -11.70 -57.18 22.77
C VAL D 232 -12.21 -55.82 23.25
N TYR D 233 -13.01 -55.18 22.39
CA TYR D 233 -13.60 -53.89 22.67
C TYR D 233 -15.11 -53.90 22.56
N ASP D 234 -15.69 -54.83 21.80
CA ASP D 234 -17.14 -54.99 21.79
C ASP D 234 -17.66 -55.39 23.16
N GLN D 235 -16.92 -56.27 23.85
CA GLN D 235 -17.32 -56.67 25.20
C GLN D 235 -17.26 -55.50 26.16
N LEU D 236 -16.25 -54.64 26.02
CA LEU D 236 -16.09 -53.51 26.91
C LEU D 236 -17.02 -52.37 26.50
N ASP D 237 -17.65 -51.75 27.49
CA ASP D 237 -18.60 -50.66 27.26
C ASP D 237 -17.95 -49.34 27.68
N PHE D 238 -17.94 -48.38 26.77
CA PHE D 238 -17.41 -47.06 27.06
C PHE D 238 -18.07 -46.06 26.12
N ASP D 239 -18.06 -44.80 26.53
CA ASP D 239 -18.67 -43.72 25.77
C ASP D 239 -17.60 -42.90 25.06
N VAL D 240 -17.96 -42.39 23.88
CA VAL D 240 -17.05 -41.62 23.05
C VAL D 240 -17.43 -40.15 23.19
N PRO D 241 -16.63 -39.32 23.88
CA PRO D 241 -16.98 -37.91 23.99
C PRO D 241 -16.82 -37.18 22.67
N VAL D 242 -17.72 -36.23 22.43
CA VAL D 242 -17.74 -35.45 21.20
C VAL D 242 -17.91 -33.98 21.57
N GLY D 243 -17.05 -33.13 21.02
CA GLY D 243 -17.13 -31.71 21.29
C GLY D 243 -18.25 -31.03 20.52
N THR D 244 -18.61 -29.83 20.99
CA THR D 244 -19.62 -29.01 20.35
C THR D 244 -19.03 -27.98 19.40
N ARG D 245 -18.00 -27.27 19.83
CA ARG D 245 -17.23 -26.40 18.94
C ARG D 245 -15.76 -26.56 19.32
N GLY D 246 -14.95 -27.00 18.36
CA GLY D 246 -13.59 -27.40 18.68
C GLY D 246 -12.61 -26.26 18.68
N ASP D 247 -12.28 -25.73 19.86
CA ASP D 247 -11.27 -24.68 19.94
C ASP D 247 -10.53 -24.78 21.29
N CYS D 248 -9.50 -25.64 21.31
CA CYS D 248 -8.50 -25.66 22.37
C CYS D 248 -9.07 -25.87 23.77
N TYR D 249 -10.38 -25.99 23.88
CA TYR D 249 -11.02 -26.19 25.17
C TYR D 249 -11.95 -27.38 25.18
N ASP D 250 -12.73 -27.56 24.12
CA ASP D 250 -13.48 -28.80 23.98
C ASP D 250 -12.54 -29.98 23.78
N ARG D 251 -11.39 -29.75 23.15
CA ARG D 251 -10.37 -30.80 23.08
C ARG D 251 -9.87 -31.17 24.46
N TYR D 252 -9.65 -30.18 25.32
CA TYR D 252 -9.21 -30.46 26.69
C TYR D 252 -10.28 -31.22 27.47
N CYS D 253 -11.54 -30.80 27.36
CA CYS D 253 -12.62 -31.52 28.04
C CYS D 253 -12.75 -32.94 27.50
N ILE D 254 -12.58 -33.12 26.19
CA ILE D 254 -12.63 -34.44 25.59
C ILE D 254 -11.50 -35.30 26.12
N ARG D 255 -10.32 -34.72 26.31
CA ARG D 255 -9.20 -35.48 26.85
C ARG D 255 -9.47 -35.89 28.30
N ILE D 256 -10.07 -35.01 29.09
CA ILE D 256 -10.48 -35.39 30.45
C ILE D 256 -11.45 -36.57 30.39
N GLU D 257 -12.47 -36.46 29.55
CA GLU D 257 -13.47 -37.53 29.47
C GLU D 257 -12.86 -38.83 28.95
N GLU D 258 -11.88 -38.74 28.05
CA GLU D 258 -11.22 -39.93 27.55
C GLU D 258 -10.34 -40.56 28.62
N MET D 259 -9.73 -39.75 29.49
CA MET D 259 -9.03 -40.31 30.63
C MET D 259 -9.98 -41.10 31.52
N ARG D 260 -11.16 -40.53 31.79
CA ARG D 260 -12.13 -41.24 32.63
C ARG D 260 -12.62 -42.52 31.94
N GLN D 261 -12.85 -42.46 30.63
CA GLN D 261 -13.28 -43.64 29.89
C GLN D 261 -12.19 -44.71 29.89
N SER D 262 -10.92 -44.30 29.79
CA SER D 262 -9.83 -45.26 29.88
C SER D 262 -9.79 -45.91 31.25
N LEU D 263 -10.04 -45.15 32.31
CA LEU D 263 -10.13 -45.73 33.64
C LEU D 263 -11.26 -46.76 33.70
N ARG D 264 -12.42 -46.43 33.14
CA ARG D 264 -13.54 -47.37 33.11
C ARG D 264 -13.18 -48.65 32.36
N ILE D 265 -12.53 -48.51 31.21
CA ILE D 265 -12.15 -49.66 30.41
C ILE D 265 -11.14 -50.52 31.16
N ILE D 266 -10.19 -49.88 31.84
CA ILE D 266 -9.20 -50.63 32.62
C ILE D 266 -9.89 -51.44 33.71
N VAL D 267 -10.88 -50.83 34.38
CA VAL D 267 -11.62 -51.56 35.40
C VAL D 267 -12.35 -52.76 34.79
N GLN D 268 -12.96 -52.56 33.62
CA GLN D 268 -13.66 -53.67 32.97
C GLN D 268 -12.72 -54.81 32.59
N CYS D 269 -11.55 -54.47 32.04
CA CYS D 269 -10.58 -55.51 31.69
C CYS D 269 -10.09 -56.25 32.93
N LEU D 270 -9.86 -55.51 34.03
CA LEU D 270 -9.45 -56.17 35.27
C LEU D 270 -10.51 -57.15 35.75
N ASN D 271 -11.78 -56.74 35.70
CA ASN D 271 -12.84 -57.62 36.20
C ASN D 271 -13.07 -58.81 35.29
N GLN D 272 -12.93 -58.64 33.98
CA GLN D 272 -13.34 -59.65 33.00
C GLN D 272 -12.17 -60.47 32.44
N MET D 273 -10.99 -60.34 33.00
CA MET D 273 -9.82 -60.99 32.41
C MET D 273 -9.87 -62.50 32.66
N PRO D 274 -9.78 -63.32 31.62
CA PRO D 274 -9.81 -64.78 31.83
C PRO D 274 -8.44 -65.37 32.06
N SER D 275 -8.38 -66.69 32.26
CA SER D 275 -7.13 -67.40 32.42
C SER D 275 -6.88 -68.33 31.23
N GLY D 276 -5.62 -68.46 30.88
CA GLY D 276 -5.22 -69.27 29.75
C GLY D 276 -3.86 -68.85 29.25
N MET D 277 -3.48 -69.43 28.11
CA MET D 277 -2.18 -69.12 27.53
C MET D 277 -2.14 -67.70 27.01
N ILE D 278 -0.92 -67.16 26.87
CA ILE D 278 -0.73 -65.80 26.41
C ILE D 278 -0.17 -65.72 25.00
N LYS D 279 0.53 -66.74 24.52
CA LYS D 279 1.09 -66.75 23.18
C LYS D 279 0.43 -67.84 22.36
N ALA D 280 0.25 -67.56 21.08
CA ALA D 280 -0.44 -68.50 20.20
C ALA D 280 0.36 -69.80 20.06
N ASP D 281 -0.37 -70.89 19.83
CA ASP D 281 0.21 -72.22 19.69
C ASP D 281 0.73 -72.50 18.29
N ASP D 282 0.78 -71.49 17.42
CA ASP D 282 1.30 -71.70 16.08
C ASP D 282 2.78 -72.07 16.10
N ARG D 283 3.53 -71.52 17.05
CA ARG D 283 4.95 -71.79 17.27
C ARG D 283 5.81 -71.43 16.07
N LYS D 284 5.25 -70.77 15.06
CA LYS D 284 6.04 -70.21 13.98
C LYS D 284 6.48 -68.78 14.26
N LEU D 285 5.74 -68.06 15.11
CA LEU D 285 6.09 -66.69 15.48
C LEU D 285 6.19 -66.54 17.00
N CYS D 286 6.06 -67.62 17.74
CA CYS D 286 6.14 -67.60 19.20
C CYS D 286 7.20 -68.59 19.66
N PRO D 287 8.06 -68.21 20.61
CA PRO D 287 9.13 -69.09 21.04
C PRO D 287 8.67 -70.08 22.09
N PRO D 288 9.33 -71.22 22.20
CA PRO D 288 8.95 -72.21 23.21
C PRO D 288 9.38 -71.78 24.60
N SER D 289 8.76 -72.40 25.60
CA SER D 289 9.12 -72.11 26.99
C SER D 289 10.54 -72.56 27.27
N ARG D 290 11.19 -71.85 28.20
CA ARG D 290 12.59 -72.14 28.51
C ARG D 290 12.76 -73.54 29.06
N CYS D 291 11.73 -74.09 29.71
CA CYS D 291 11.80 -75.46 30.18
C CYS D 291 11.57 -76.47 29.06
N ARG D 292 10.98 -76.05 27.94
CA ARG D 292 10.74 -76.94 26.81
C ARG D 292 11.88 -76.93 25.80
N MET D 293 12.54 -75.79 25.61
CA MET D 293 13.66 -75.73 24.69
C MET D 293 14.85 -76.54 25.18
N LYS D 294 14.91 -76.84 26.47
CA LYS D 294 15.99 -77.61 27.05
C LYS D 294 15.62 -79.07 27.28
N LEU D 295 14.46 -79.50 26.79
CA LEU D 295 14.03 -80.87 27.00
C LEU D 295 13.59 -81.52 25.69
N SER D 296 13.06 -80.72 24.76
CA SER D 296 12.49 -81.22 23.52
C SER D 296 13.32 -80.75 22.33
N MET D 297 13.58 -81.68 21.41
CA MET D 297 14.40 -81.34 20.24
C MET D 297 13.68 -80.35 19.32
N GLU D 298 12.39 -80.59 19.07
CA GLU D 298 11.64 -79.69 18.19
C GLU D 298 11.56 -78.29 18.76
N SER D 299 11.37 -78.18 20.08
CA SER D 299 11.29 -76.86 20.70
C SER D 299 12.60 -76.11 20.57
N LEU D 300 13.73 -76.79 20.79
CA LEU D 300 15.02 -76.14 20.63
C LEU D 300 15.26 -75.74 19.18
N ILE D 301 14.86 -76.59 18.24
CA ILE D 301 15.01 -76.24 16.83
C ILE D 301 14.22 -74.99 16.50
N HIS D 302 12.98 -74.92 16.99
CA HIS D 302 12.15 -73.74 16.73
C HIS D 302 12.74 -72.49 17.37
N HIS D 303 13.22 -72.61 18.61
CA HIS D 303 13.86 -71.47 19.26
C HIS D 303 15.05 -70.96 18.46
N PHE D 304 15.91 -71.89 18.04
CA PHE D 304 17.09 -71.53 17.25
C PHE D 304 16.68 -70.86 15.94
N GLU D 305 15.67 -71.40 15.27
CA GLU D 305 15.30 -70.91 13.95
C GLU D 305 14.42 -69.67 13.97
N LEU D 306 13.86 -69.29 15.12
CA LEU D 306 13.11 -68.05 15.16
C LEU D 306 13.82 -66.93 15.91
N TYR D 307 14.85 -67.23 16.69
CA TYR D 307 15.62 -66.16 17.31
C TYR D 307 16.80 -65.72 16.46
N THR D 308 17.05 -66.37 15.31
CA THR D 308 17.99 -65.87 14.33
C THR D 308 17.30 -65.50 13.03
N GLU D 309 16.62 -66.46 12.40
CA GLU D 309 15.97 -66.19 11.11
C GLU D 309 14.67 -65.40 11.30
N GLY D 310 13.90 -65.73 12.32
CA GLY D 310 12.59 -65.13 12.50
C GLY D 310 11.55 -65.80 11.62
N PHE D 311 10.31 -65.39 11.81
CA PHE D 311 9.20 -65.92 11.02
C PHE D 311 9.13 -65.19 9.68
N SER D 312 8.71 -65.92 8.65
CA SER D 312 8.61 -65.38 7.31
C SER D 312 7.15 -65.08 7.00
N VAL D 313 6.83 -63.81 6.86
CA VAL D 313 5.46 -63.38 6.57
C VAL D 313 5.18 -63.61 5.09
N PRO D 314 4.07 -64.27 4.73
CA PRO D 314 3.78 -64.52 3.31
C PRO D 314 3.63 -63.22 2.55
N ALA D 315 4.04 -63.25 1.28
CA ALA D 315 4.08 -62.06 0.45
C ALA D 315 2.70 -61.44 0.25
N SER D 316 2.50 -60.26 0.82
CA SER D 316 1.26 -59.50 0.69
C SER D 316 1.55 -58.08 1.17
N SER D 317 0.50 -57.27 1.29
CA SER D 317 0.64 -55.90 1.75
C SER D 317 -0.66 -55.44 2.36
N THR D 318 -0.60 -54.94 3.59
CA THR D 318 -1.79 -54.53 4.33
C THR D 318 -1.57 -53.17 4.97
N TYR D 319 -2.67 -52.49 5.26
CA TYR D 319 -2.66 -51.28 6.07
C TYR D 319 -3.54 -51.51 7.28
N THR D 320 -2.98 -51.33 8.47
CA THR D 320 -3.72 -51.43 9.72
C THR D 320 -3.65 -50.10 10.44
N ALA D 321 -4.69 -49.80 11.21
CA ALA D 321 -4.75 -48.55 11.96
C ALA D 321 -5.40 -48.81 13.31
N VAL D 322 -4.81 -48.25 14.36
CA VAL D 322 -5.33 -48.37 15.71
C VAL D 322 -5.51 -46.98 16.28
N GLU D 323 -6.40 -46.86 17.26
CA GLU D 323 -6.70 -45.58 17.89
C GLU D 323 -5.63 -45.28 18.94
N ALA D 324 -4.51 -44.74 18.46
CA ALA D 324 -3.47 -44.27 19.36
C ALA D 324 -3.97 -43.04 20.11
N PRO D 325 -3.39 -42.74 21.28
CA PRO D 325 -3.86 -41.57 22.04
C PRO D 325 -3.77 -40.28 21.26
N LYS D 326 -2.74 -40.11 20.44
CA LYS D 326 -2.65 -38.93 19.59
C LYS D 326 -3.75 -38.92 18.53
N GLY D 327 -4.03 -40.08 17.93
CA GLY D 327 -5.02 -40.17 16.89
C GLY D 327 -4.96 -41.48 16.14
N GLU D 328 -5.07 -41.41 14.81
CA GLU D 328 -5.03 -42.61 13.98
C GLU D 328 -3.59 -42.93 13.62
N PHE D 329 -3.03 -43.95 14.27
CA PHE D 329 -1.67 -44.42 13.99
C PHE D 329 -1.78 -45.64 13.09
N GLY D 330 -1.18 -45.54 11.90
CA GLY D 330 -1.30 -46.58 10.89
C GLY D 330 0.06 -47.07 10.43
N VAL D 331 0.17 -48.39 10.29
CA VAL D 331 1.38 -49.05 9.82
C VAL D 331 1.04 -49.78 8.53
N PHE D 332 1.75 -49.48 7.47
CA PHE D 332 1.53 -50.07 6.16
C PHE D 332 2.71 -50.98 5.82
N LEU D 333 2.53 -52.28 6.01
CA LEU D 333 3.56 -53.26 5.73
C LEU D 333 3.41 -53.78 4.30
N VAL D 334 4.52 -53.85 3.59
CA VAL D 334 4.62 -54.57 2.32
C VAL D 334 5.57 -55.73 2.55
N SER D 335 5.07 -56.95 2.40
CA SER D 335 5.84 -58.15 2.69
C SER D 335 6.40 -58.75 1.42
N ASN D 336 7.72 -58.93 1.39
CA ASN D 336 8.39 -59.54 0.25
C ASN D 336 8.17 -61.05 0.21
N GLY D 337 7.83 -61.65 1.34
CA GLY D 337 7.79 -63.09 1.46
C GLY D 337 8.95 -63.68 2.23
N SER D 338 9.99 -62.88 2.49
CA SER D 338 11.13 -63.31 3.27
C SER D 338 10.89 -62.97 4.74
N ASN D 339 11.94 -63.06 5.56
CA ASN D 339 11.85 -62.78 6.98
C ASN D 339 12.06 -61.32 7.32
N ARG D 340 12.29 -60.45 6.32
CA ARG D 340 12.46 -59.03 6.55
C ARG D 340 11.38 -58.25 5.81
N PRO D 341 10.83 -57.20 6.43
CA PRO D 341 9.82 -56.40 5.75
C PRO D 341 10.40 -55.66 4.55
N TYR D 342 9.66 -55.69 3.44
CA TYR D 342 10.11 -54.99 2.24
C TYR D 342 9.97 -53.47 2.39
N ARG D 343 8.83 -53.03 2.93
CA ARG D 343 8.60 -51.61 3.18
C ARG D 343 7.63 -51.47 4.34
N CYS D 344 7.94 -50.58 5.27
CA CYS D 344 7.11 -50.33 6.44
C CYS D 344 6.94 -48.82 6.60
N LYS D 345 5.92 -48.26 5.96
CA LYS D 345 5.60 -46.86 6.13
C LYS D 345 4.72 -46.69 7.37
N ILE D 346 5.01 -45.65 8.14
CA ILE D 346 4.36 -45.41 9.42
C ILE D 346 3.57 -44.11 9.31
N ARG D 347 2.25 -44.20 9.48
CA ARG D 347 1.37 -43.04 9.38
C ARG D 347 1.26 -42.40 10.76
N ALA D 348 2.12 -41.45 11.03
CA ALA D 348 2.14 -40.79 12.33
C ALA D 348 0.98 -39.79 12.41
N PRO D 349 0.15 -39.86 13.44
CA PRO D 349 -0.93 -38.86 13.57
C PRO D 349 -0.42 -37.44 13.72
N GLY D 350 0.76 -37.25 14.31
CA GLY D 350 1.30 -35.91 14.50
C GLY D 350 1.69 -35.21 13.22
N PHE D 351 1.92 -35.96 12.15
CA PHE D 351 2.31 -35.34 10.87
C PHE D 351 1.24 -34.39 10.38
N ALA D 352 0.00 -34.87 10.28
CA ALA D 352 -1.08 -34.03 9.78
C ALA D 352 -1.43 -32.91 10.76
N HIS D 353 -1.35 -33.20 12.07
CA HIS D 353 -1.63 -32.17 13.05
C HIS D 353 -0.63 -31.02 12.97
N SER D 354 0.66 -31.35 12.81
CA SER D 354 1.66 -30.30 12.64
C SER D 354 1.51 -29.60 11.29
N GLN D 355 1.05 -30.32 10.26
CA GLN D 355 0.77 -29.68 8.99
C GLN D 355 -0.35 -28.64 9.12
N GLY D 356 -1.37 -28.97 9.90
CA GLY D 356 -2.50 -28.09 10.09
C GLY D 356 -2.27 -26.92 11.02
N LEU D 357 -1.05 -26.75 11.51
CA LEU D 357 -0.74 -25.60 12.37
C LEU D 357 -0.82 -24.28 11.60
N ASP D 358 -0.51 -24.31 10.30
CA ASP D 358 -0.45 -23.08 9.52
C ASP D 358 -1.79 -22.37 9.49
N PHE D 359 -2.86 -23.10 9.21
CA PHE D 359 -4.18 -22.48 9.17
C PHE D 359 -4.76 -22.24 10.55
N MET D 360 -4.43 -23.09 11.53
CA MET D 360 -4.96 -22.91 12.88
C MET D 360 -4.40 -21.66 13.53
N SER D 361 -3.17 -21.30 13.20
CA SER D 361 -2.53 -20.12 13.75
C SER D 361 -2.66 -18.90 12.84
N LYS D 362 -3.78 -18.81 12.12
CA LYS D 362 -4.03 -17.70 11.22
C LYS D 362 -4.70 -16.56 11.97
N HIS D 363 -4.12 -15.36 11.84
CA HIS D 363 -4.69 -14.14 12.42
C HIS D 363 -4.85 -14.26 13.94
N HIS D 364 -3.97 -15.01 14.57
CA HIS D 364 -3.88 -15.10 16.02
C HIS D 364 -2.71 -14.25 16.50
N MET D 365 -2.58 -14.14 17.81
CA MET D 365 -1.43 -13.47 18.41
C MET D 365 -0.35 -14.49 18.73
N LEU D 366 0.83 -13.96 19.07
CA LEU D 366 1.97 -14.83 19.32
C LEU D 366 1.73 -15.74 20.52
N ALA D 367 1.13 -15.21 21.58
CA ALA D 367 0.83 -16.03 22.75
C ALA D 367 -0.23 -17.08 22.47
N ASP D 368 -0.99 -16.94 21.38
CA ASP D 368 -1.94 -17.96 20.95
C ASP D 368 -1.32 -18.91 19.93
N VAL D 369 -0.01 -19.16 20.00
CA VAL D 369 0.65 -20.16 19.19
C VAL D 369 1.19 -21.30 20.04
N VAL D 370 1.72 -21.00 21.22
CA VAL D 370 2.15 -22.05 22.13
C VAL D 370 0.96 -22.87 22.60
N THR D 371 -0.19 -22.23 22.77
CA THR D 371 -1.39 -22.98 23.14
C THR D 371 -1.88 -23.87 22.00
N ILE D 372 -1.71 -23.43 20.75
CA ILE D 372 -2.03 -24.30 19.63
C ILE D 372 -1.08 -25.49 19.58
N ILE D 373 0.20 -25.25 19.82
CA ILE D 373 1.18 -26.35 19.84
C ILE D 373 0.82 -27.35 20.93
N GLY D 374 0.50 -26.86 22.12
CA GLY D 374 0.17 -27.75 23.22
C GLY D 374 -1.12 -28.51 23.00
N THR D 375 -2.14 -27.85 22.46
CA THR D 375 -3.48 -28.44 22.37
C THR D 375 -3.57 -29.58 21.37
N GLN D 376 -2.59 -29.75 20.48
CA GLN D 376 -2.62 -30.85 19.54
C GLN D 376 -1.71 -32.00 19.94
N ASP D 377 -0.85 -31.82 20.94
CA ASP D 377 -0.04 -32.91 21.51
C ASP D 377 0.82 -33.56 20.43
N ILE D 378 1.77 -32.78 19.92
CA ILE D 378 2.69 -33.23 18.89
C ILE D 378 4.01 -33.63 19.53
N VAL D 379 4.50 -34.82 19.19
CA VAL D 379 5.84 -35.26 19.53
C VAL D 379 6.57 -35.58 18.24
N PHE D 380 7.85 -35.21 18.17
CA PHE D 380 8.56 -35.20 16.91
C PHE D 380 9.25 -36.52 16.60
N GLY D 381 9.18 -37.50 17.49
CA GLY D 381 9.63 -38.83 17.13
C GLY D 381 8.79 -39.44 16.02
N GLU D 382 7.47 -39.32 16.15
CA GLU D 382 6.57 -39.86 15.12
C GLU D 382 6.51 -38.95 13.91
N VAL D 383 6.49 -37.63 14.12
CA VAL D 383 6.41 -36.69 13.00
C VAL D 383 7.60 -36.87 12.06
N ASP D 384 8.79 -37.02 12.62
CA ASP D 384 10.01 -37.25 11.86
C ASP D 384 10.45 -38.68 12.12
N ARG D 385 10.03 -39.59 11.26
CA ARG D 385 10.35 -41.00 11.43
C ARG D 385 11.84 -41.26 11.21
N THR E 1 28.70 -107.29 26.53
CA THR E 1 29.62 -106.26 26.03
C THR E 1 29.74 -106.36 24.52
N ALA E 2 28.78 -105.76 23.80
CA ALA E 2 28.75 -105.76 22.34
C ALA E 2 29.10 -104.36 21.86
N LEU E 3 30.29 -104.23 21.26
CA LEU E 3 30.80 -102.95 20.80
C LEU E 3 31.04 -103.00 19.29
N ASN E 4 31.06 -101.82 18.68
CA ASN E 4 31.24 -101.68 17.24
C ASN E 4 32.57 -101.00 16.91
N TYR E 5 33.55 -101.10 17.82
CA TYR E 5 34.88 -100.55 17.59
C TYR E 5 35.89 -101.41 18.33
N HIS E 6 37.14 -101.32 17.89
CA HIS E 6 38.16 -102.30 18.30
C HIS E 6 38.90 -101.89 19.56
N LEU E 7 39.60 -100.74 19.54
CA LEU E 7 40.47 -100.33 20.65
C LEU E 7 41.52 -101.40 20.92
N ASP E 8 42.44 -101.52 19.96
CA ASP E 8 43.39 -102.62 19.84
C ASP E 8 43.87 -103.13 21.18
N SER E 9 43.78 -104.44 21.37
CA SER E 9 44.12 -105.18 22.57
C SER E 9 45.27 -106.13 22.27
N PRO E 10 46.09 -106.48 23.27
CA PRO E 10 47.17 -107.44 23.03
C PRO E 10 46.68 -108.81 22.60
N ASP E 11 45.42 -109.17 22.91
CA ASP E 11 44.90 -110.46 22.47
C ASP E 11 44.61 -110.45 20.97
N ASN E 12 43.99 -109.38 20.47
CA ASN E 12 43.66 -109.27 19.05
C ASN E 12 44.11 -107.92 18.53
N LYS E 13 45.00 -107.93 17.54
CA LYS E 13 45.48 -106.71 16.90
C LYS E 13 45.79 -107.02 15.45
N PRO E 14 45.68 -106.03 14.56
CA PRO E 14 45.84 -106.33 13.12
C PRO E 14 47.20 -106.88 12.74
N ASP E 15 48.26 -106.55 13.48
CA ASP E 15 49.59 -106.99 13.09
C ASP E 15 49.84 -108.48 13.31
N LEU E 16 49.03 -109.13 14.14
CA LEU E 16 49.20 -110.57 14.34
C LEU E 16 48.90 -111.32 13.05
N PRO E 17 49.67 -112.36 12.74
CA PRO E 17 49.41 -113.13 11.52
C PRO E 17 48.41 -114.25 11.75
N TRP E 18 47.37 -114.30 10.93
CA TRP E 18 46.34 -115.33 11.01
C TRP E 18 46.24 -116.01 9.65
N GLU E 19 46.39 -117.33 9.64
CA GLU E 19 46.37 -118.11 8.41
C GLU E 19 45.44 -119.30 8.57
N PHE E 20 44.74 -119.66 7.50
CA PHE E 20 43.87 -120.83 7.52
C PHE E 20 44.71 -122.10 7.63
N SER E 21 44.21 -123.05 8.43
CA SER E 21 44.91 -124.32 8.59
C SER E 21 44.88 -125.13 7.31
N GLU E 22 45.86 -126.03 7.17
CA GLU E 22 45.98 -126.82 5.95
C GLU E 22 44.75 -127.71 5.76
N ALA E 23 44.23 -128.29 6.84
CA ALA E 23 43.00 -129.07 6.75
C ALA E 23 41.83 -128.18 6.35
N ASN E 24 41.77 -126.96 6.88
CA ASN E 24 40.68 -126.04 6.55
C ASN E 24 40.83 -125.46 5.15
N GLN E 25 42.01 -125.52 4.55
CA GLN E 25 42.21 -124.93 3.23
C GLN E 25 41.35 -125.63 2.18
N SER E 26 41.26 -126.96 2.26
CA SER E 26 40.40 -127.69 1.34
C SER E 26 38.94 -127.28 1.51
N LYS E 27 38.51 -127.10 2.77
CA LYS E 27 37.15 -126.62 3.01
C LYS E 27 36.98 -125.21 2.47
N VAL E 28 38.02 -124.37 2.56
CA VAL E 28 37.95 -123.02 2.01
C VAL E 28 37.74 -123.08 0.50
N LYS E 29 38.49 -123.94 -0.18
CA LYS E 29 38.34 -124.08 -1.62
C LYS E 29 36.96 -124.61 -1.99
N GLU E 30 36.46 -125.58 -1.23
CA GLU E 30 35.13 -126.11 -1.49
C GLU E 30 34.06 -125.06 -1.30
N ILE E 31 34.21 -124.21 -0.28
CA ILE E 31 33.26 -123.13 -0.04
C ILE E 31 33.30 -122.13 -1.19
N LEU E 32 34.51 -121.76 -1.62
CA LEU E 32 34.63 -120.79 -2.72
C LEU E 32 34.10 -121.36 -4.02
N SER E 33 34.17 -122.67 -4.21
CA SER E 33 33.73 -123.27 -5.46
C SER E 33 32.23 -123.18 -5.68
N TYR E 34 31.45 -122.95 -4.62
CA TYR E 34 29.99 -122.92 -4.75
C TYR E 34 29.46 -121.66 -5.41
N TYR E 35 30.29 -120.66 -5.66
CA TYR E 35 29.86 -119.38 -6.20
C TYR E 35 30.73 -119.02 -7.39
N PRO E 36 30.21 -118.18 -8.30
CA PRO E 36 31.01 -117.78 -9.46
C PRO E 36 32.27 -117.04 -9.05
N SER E 37 33.28 -117.12 -9.93
CA SER E 37 34.61 -116.60 -9.60
C SER E 37 34.58 -115.09 -9.35
N ASN E 38 33.83 -114.35 -10.17
CA ASN E 38 33.78 -112.90 -9.97
C ASN E 38 33.03 -112.52 -8.70
N TYR E 39 32.04 -113.32 -8.32
CA TYR E 39 31.28 -113.08 -7.09
C TYR E 39 31.85 -113.87 -5.92
N LYS E 40 33.15 -113.70 -5.65
CA LYS E 40 33.77 -114.39 -4.53
C LYS E 40 33.33 -113.84 -3.19
N GLN E 41 32.76 -112.63 -3.16
CA GLN E 41 32.36 -112.03 -1.89
C GLN E 41 31.22 -112.78 -1.22
N SER E 42 30.49 -113.62 -1.96
CA SER E 42 29.36 -114.33 -1.40
C SER E 42 29.76 -115.33 -0.33
N ALA E 43 30.99 -115.84 -0.38
CA ALA E 43 31.44 -116.84 0.59
C ALA E 43 31.83 -116.24 1.93
N VAL E 44 31.48 -114.96 2.19
CA VAL E 44 31.95 -114.30 3.40
C VAL E 44 31.37 -114.96 4.64
N ILE E 45 30.08 -115.31 4.62
CA ILE E 45 29.46 -115.95 5.78
C ILE E 45 30.09 -117.31 6.07
N PRO E 46 30.16 -118.26 5.12
CA PRO E 46 30.80 -119.54 5.45
C PRO E 46 32.26 -119.40 5.84
N LEU E 47 32.99 -118.49 5.19
CA LEU E 47 34.39 -118.32 5.52
C LEU E 47 34.57 -117.76 6.92
N LEU E 48 33.73 -116.80 7.31
CA LEU E 48 33.80 -116.23 8.65
C LEU E 48 33.42 -117.26 9.70
N ASP E 49 32.40 -118.07 9.43
CA ASP E 49 32.03 -119.11 10.39
C ASP E 49 33.15 -120.13 10.54
N LEU E 50 33.77 -120.52 9.43
CA LEU E 50 34.89 -121.47 9.50
C LEU E 50 36.06 -120.87 10.28
N ALA E 51 36.37 -119.59 10.05
CA ALA E 51 37.45 -118.95 10.78
C ALA E 51 37.15 -118.88 12.27
N GLN E 52 35.90 -118.59 12.62
CA GLN E 52 35.51 -118.56 14.03
C GLN E 52 35.64 -119.94 14.66
N GLN E 53 35.23 -120.98 13.92
CA GLN E 53 35.36 -122.34 14.44
C GLN E 53 36.82 -122.71 14.66
N GLN E 54 37.69 -122.36 13.72
CA GLN E 54 39.10 -122.74 13.82
C GLN E 54 39.78 -122.07 15.01
N ASN E 55 39.51 -120.77 15.21
CA ASN E 55 40.23 -120.04 16.25
C ASN E 55 39.88 -120.55 17.64
N GLY E 56 38.62 -120.91 17.87
CA GLY E 56 38.22 -121.35 19.19
C GLY E 56 36.98 -120.67 19.72
N GLY E 57 36.23 -120.02 18.83
CA GLY E 57 34.95 -119.44 19.19
C GLY E 57 34.88 -117.93 19.12
N TRP E 58 35.96 -117.22 18.78
CA TRP E 58 35.92 -115.78 18.67
C TRP E 58 36.67 -115.35 17.42
N LEU E 59 36.29 -114.18 16.91
CA LEU E 59 36.77 -113.70 15.62
C LEU E 59 37.61 -112.43 15.80
N PRO E 60 38.92 -112.53 15.76
CA PRO E 60 39.77 -111.35 15.93
C PRO E 60 39.82 -110.53 14.65
N VAL E 61 40.40 -109.33 14.78
CA VAL E 61 40.49 -108.44 13.64
C VAL E 61 41.41 -108.99 12.55
N SER E 62 42.38 -109.83 12.93
CA SER E 62 43.29 -110.39 11.94
C SER E 62 42.61 -111.44 11.08
N ALA E 63 41.73 -112.25 11.67
CA ALA E 63 40.99 -113.24 10.90
C ALA E 63 40.08 -112.56 9.89
N MET E 64 39.49 -111.42 10.28
CA MET E 64 38.64 -110.67 9.35
C MET E 64 39.45 -110.21 8.13
N ASN E 65 40.66 -109.70 8.37
CA ASN E 65 41.52 -109.29 7.27
C ASN E 65 41.94 -110.49 6.41
N ALA E 66 42.19 -111.64 7.04
CA ALA E 66 42.53 -112.83 6.27
C ALA E 66 41.38 -113.24 5.35
N VAL E 67 40.16 -113.22 5.88
CA VAL E 67 39.00 -113.55 5.06
C VAL E 67 38.84 -112.54 3.92
N ALA E 68 39.06 -111.25 4.23
CA ALA E 68 38.96 -110.21 3.20
C ALA E 68 39.97 -110.46 2.09
N LYS E 69 41.20 -110.83 2.46
CA LYS E 69 42.20 -111.15 1.44
C LYS E 69 41.79 -112.39 0.65
N VAL E 70 41.18 -113.37 1.31
CA VAL E 70 40.76 -114.58 0.62
C VAL E 70 39.73 -114.26 -0.45
N ILE E 71 38.73 -113.43 -0.11
CA ILE E 71 37.70 -113.07 -1.08
C ILE E 71 38.00 -111.78 -1.81
N GLU E 72 39.13 -111.13 -1.51
CA GLU E 72 39.61 -109.95 -2.25
C GLU E 72 38.59 -108.82 -2.24
N VAL E 73 38.27 -108.37 -1.02
CA VAL E 73 37.44 -107.19 -0.81
C VAL E 73 38.10 -106.34 0.26
N ALA E 74 37.62 -105.10 0.39
CA ALA E 74 38.12 -104.23 1.43
C ALA E 74 37.77 -104.79 2.80
N PRO E 75 38.67 -104.69 3.77
CA PRO E 75 38.38 -105.28 5.10
C PRO E 75 37.19 -104.67 5.80
N ILE E 76 36.78 -103.46 5.44
CA ILE E 76 35.60 -102.87 6.05
C ILE E 76 34.34 -103.65 5.67
N ARG E 77 34.29 -104.16 4.44
CA ARG E 77 33.13 -104.92 3.99
C ARG E 77 32.98 -106.23 4.74
N VAL E 78 34.05 -106.71 5.38
CA VAL E 78 33.94 -107.89 6.24
C VAL E 78 33.63 -107.48 7.68
N TYR E 79 34.12 -106.33 8.13
CA TYR E 79 33.74 -105.82 9.44
C TYR E 79 32.24 -105.59 9.53
N GLU E 80 31.66 -105.02 8.47
CA GLU E 80 30.22 -104.79 8.45
C GLU E 80 29.45 -106.10 8.56
N VAL E 81 29.89 -107.12 7.84
CA VAL E 81 29.22 -108.42 7.88
C VAL E 81 29.35 -109.04 9.26
N ALA E 82 30.55 -109.01 9.83
CA ALA E 82 30.77 -109.65 11.13
C ALA E 82 29.98 -108.96 12.23
N THR E 83 29.88 -107.63 12.17
CA THR E 83 29.16 -106.90 13.20
C THR E 83 27.65 -107.07 13.07
N PHE E 84 27.15 -107.26 11.85
CA PHE E 84 25.70 -107.29 11.63
C PHE E 84 25.06 -108.55 12.21
N TYR E 85 25.72 -109.69 12.05
CA TYR E 85 25.11 -110.98 12.38
C TYR E 85 25.43 -111.39 13.81
N SER E 86 24.41 -111.83 14.52
CA SER E 86 24.54 -112.21 15.93
C SER E 86 24.95 -113.68 16.07
N MET E 87 26.02 -114.05 15.39
CA MET E 87 26.62 -115.37 15.55
C MET E 87 28.14 -115.32 15.62
N PHE E 88 28.77 -114.22 15.19
CA PHE E 88 30.20 -114.04 15.28
C PHE E 88 30.51 -113.27 16.54
N ASN E 89 31.30 -113.86 17.43
CA ASN E 89 31.44 -113.31 18.78
C ASN E 89 32.29 -112.05 18.80
N ARG E 90 33.41 -112.03 18.07
CA ARG E 90 34.33 -110.90 18.02
C ARG E 90 34.96 -110.61 19.37
N ALA E 91 34.63 -111.41 20.38
CA ALA E 91 35.19 -111.27 21.72
C ALA E 91 35.53 -112.66 22.24
N LYS E 92 36.67 -112.76 22.93
CA LYS E 92 37.19 -114.07 23.30
C LYS E 92 36.20 -114.82 24.19
N VAL E 93 36.02 -116.10 23.89
CA VAL E 93 35.10 -116.97 24.60
C VAL E 93 35.83 -118.28 24.88
N GLY E 94 35.58 -118.86 26.05
CA GLY E 94 36.21 -120.12 26.42
C GLY E 94 35.87 -121.25 25.48
N LYS E 95 36.42 -122.44 25.75
CA LYS E 95 36.23 -123.58 24.85
C LYS E 95 34.75 -123.90 24.65
N TYR E 96 33.92 -123.63 25.64
CA TYR E 96 32.49 -123.88 25.57
C TYR E 96 31.74 -122.58 25.76
N HIS E 97 30.76 -122.32 24.91
CA HIS E 97 29.96 -121.09 24.95
C HIS E 97 28.52 -121.47 25.29
N LEU E 98 28.17 -121.34 26.58
CA LEU E 98 26.82 -121.64 27.01
C LEU E 98 25.89 -120.50 26.61
N LEU E 99 24.68 -120.86 26.16
CA LEU E 99 23.70 -119.88 25.71
C LEU E 99 22.46 -119.95 26.59
N VAL E 100 21.91 -118.80 26.93
CA VAL E 100 20.92 -118.70 28.00
C VAL E 100 19.54 -118.53 27.36
N CYS E 101 18.51 -118.57 28.20
CA CYS E 101 17.10 -118.65 27.80
C CYS E 101 16.67 -117.63 26.75
N GLY E 102 15.59 -117.92 26.03
CA GLY E 102 15.22 -117.16 24.85
C GLY E 102 14.07 -116.17 24.97
N THR E 103 13.34 -115.99 23.88
CA THR E 103 12.39 -114.89 23.71
C THR E 103 10.98 -115.28 24.14
N THR E 104 10.00 -114.44 23.80
CA THR E 104 8.66 -114.46 24.38
C THR E 104 7.78 -115.67 24.07
N PRO E 105 7.95 -116.40 22.95
CA PRO E 105 7.26 -117.69 22.88
C PRO E 105 7.70 -118.62 23.99
N CYS E 106 8.91 -118.43 24.50
CA CYS E 106 9.45 -119.20 25.60
C CYS E 106 9.28 -118.50 26.95
N MET E 107 9.39 -117.16 26.98
CA MET E 107 9.20 -116.44 28.23
C MET E 107 7.75 -116.46 28.71
N ILE E 108 6.81 -116.82 27.84
CA ILE E 108 5.44 -117.05 28.30
C ILE E 108 5.40 -118.24 29.25
N ARG E 109 6.17 -119.29 28.96
CA ARG E 109 6.23 -120.48 29.79
C ARG E 109 7.19 -120.36 30.96
N GLY E 110 7.90 -119.23 31.09
CA GLY E 110 8.83 -119.04 32.18
C GLY E 110 10.28 -119.21 31.78
N SER E 111 10.67 -118.60 30.67
CA SER E 111 12.04 -118.75 30.17
C SER E 111 13.05 -118.16 31.14
N ARG E 112 12.77 -116.99 31.69
CA ARG E 112 13.75 -116.18 32.39
C ARG E 112 14.01 -116.66 33.81
N ASP E 113 13.63 -117.89 34.16
CA ASP E 113 13.92 -118.40 35.48
C ASP E 113 15.37 -118.89 35.59
N ILE E 114 15.84 -119.63 34.60
CA ILE E 114 17.20 -120.21 34.67
C ILE E 114 18.15 -119.21 34.01
N GLU E 115 18.56 -118.23 34.80
CA GLU E 115 19.62 -117.34 34.37
C GLU E 115 20.70 -117.15 35.42
N SER E 116 20.32 -117.08 36.70
CA SER E 116 21.27 -116.81 37.76
C SER E 116 22.10 -118.01 38.15
N ALA E 117 21.57 -119.23 37.98
CA ALA E 117 22.28 -120.43 38.40
C ALA E 117 23.59 -120.60 37.63
N LEU E 118 23.54 -120.40 36.31
CA LEU E 118 24.75 -120.52 35.51
C LEU E 118 25.78 -119.47 35.92
N LEU E 119 25.32 -118.27 36.29
CA LEU E 119 26.24 -117.21 36.67
C LEU E 119 26.91 -117.53 38.01
N ASP E 120 26.14 -117.92 39.02
CA ASP E 120 26.77 -118.07 40.33
C ASP E 120 27.43 -119.43 40.51
N HIS E 121 27.19 -120.39 39.61
CA HIS E 121 27.94 -121.63 39.68
C HIS E 121 29.39 -121.43 39.22
N LEU E 122 29.63 -120.42 38.39
CA LEU E 122 30.98 -120.09 37.93
C LEU E 122 31.47 -118.74 38.43
N GLY E 123 30.58 -117.89 38.92
CA GLY E 123 30.98 -116.59 39.44
C GLY E 123 31.53 -115.65 38.37
N VAL E 124 30.91 -115.64 37.20
CA VAL E 124 31.32 -114.76 36.11
C VAL E 124 30.08 -114.13 35.49
N LYS E 125 30.16 -112.83 35.21
CA LYS E 125 29.06 -112.12 34.59
C LYS E 125 28.90 -112.55 33.13
N ARG E 126 27.74 -112.25 32.55
CA ARG E 126 27.48 -112.58 31.16
C ARG E 126 28.50 -111.91 30.26
N GLY E 127 28.99 -112.66 29.27
CA GLY E 127 30.03 -112.19 28.39
C GLY E 127 31.43 -112.26 28.97
N GLU E 128 31.59 -112.79 30.17
CA GLU E 128 32.89 -112.90 30.83
C GLU E 128 33.26 -114.37 30.96
N VAL E 129 34.51 -114.68 30.63
CA VAL E 129 34.99 -116.05 30.73
C VAL E 129 35.40 -116.34 32.18
N THR E 130 35.37 -117.63 32.53
CA THR E 130 35.78 -118.05 33.86
C THR E 130 37.30 -117.86 34.03
N LYS E 131 37.81 -118.26 35.19
CA LYS E 131 39.23 -118.11 35.46
C LYS E 131 40.08 -118.82 34.41
N ASP E 132 39.66 -120.02 34.03
CA ASP E 132 40.27 -120.72 32.90
C ASP E 132 39.35 -120.61 31.70
N GLY E 133 39.95 -120.51 30.52
CA GLY E 133 39.17 -120.24 29.31
C GLY E 133 38.38 -121.43 28.80
N LEU E 134 37.35 -121.83 29.55
CA LEU E 134 36.52 -122.97 29.19
C LEU E 134 35.06 -122.60 28.98
N PHE E 135 34.43 -121.90 29.92
CA PHE E 135 33.00 -121.63 29.85
C PHE E 135 32.72 -120.15 29.74
N SER E 136 31.60 -119.82 29.10
CA SER E 136 31.09 -118.47 28.99
C SER E 136 29.58 -118.56 28.77
N VAL E 137 28.88 -117.49 29.11
CA VAL E 137 27.43 -117.44 29.02
C VAL E 137 27.04 -116.34 28.04
N GLY E 138 26.14 -116.66 27.11
CA GLY E 138 25.65 -115.71 26.14
C GLY E 138 24.19 -115.92 25.86
N GLU E 139 23.64 -115.05 25.02
CA GLU E 139 22.22 -115.12 24.67
C GLU E 139 22.01 -115.99 23.44
N MET E 140 20.79 -116.54 23.32
CA MET E 140 20.47 -117.39 22.18
C MET E 140 19.19 -116.95 21.50
N GLU E 141 18.83 -117.64 20.41
CA GLU E 141 17.55 -117.49 19.76
C GLU E 141 16.90 -118.87 19.63
N CYS E 142 15.62 -118.95 19.99
CA CYS E 142 14.92 -120.23 19.94
C CYS E 142 14.85 -120.75 18.52
N MET E 143 14.95 -122.07 18.36
CA MET E 143 14.87 -122.66 17.03
C MET E 143 13.47 -122.62 16.47
N GLY E 144 12.46 -122.64 17.33
CA GLY E 144 11.08 -122.84 16.92
C GLY E 144 10.15 -123.08 18.09
N CYS E 145 9.38 -124.16 18.03
CA CYS E 145 8.41 -124.48 19.07
C CYS E 145 9.17 -124.86 20.33
N CYS E 146 9.26 -123.91 21.26
CA CYS E 146 10.01 -124.10 22.52
C CYS E 146 9.03 -124.50 23.63
N VAL E 147 8.57 -125.74 23.53
CA VAL E 147 7.63 -126.27 24.51
C VAL E 147 8.29 -126.38 25.88
N ASN E 148 9.54 -126.83 25.92
CA ASN E 148 10.29 -126.91 27.17
C ASN E 148 10.92 -125.54 27.41
N ALA E 149 10.36 -124.79 28.35
CA ALA E 149 10.83 -123.42 28.59
C ALA E 149 12.31 -123.36 28.99
N PRO E 150 12.82 -124.17 29.90
CA PRO E 150 14.26 -124.12 30.19
C PRO E 150 15.05 -124.92 29.16
N MET E 151 15.77 -124.21 28.29
CA MET E 151 16.71 -124.85 27.39
C MET E 151 18.09 -124.22 27.54
N ILE E 152 19.11 -125.00 27.19
CA ILE E 152 20.50 -124.57 27.20
C ILE E 152 21.09 -124.89 25.83
N THR E 153 22.16 -124.19 25.48
CA THR E 153 22.81 -124.41 24.19
C THR E 153 24.32 -124.36 24.38
N VAL E 154 25.03 -125.30 23.76
CA VAL E 154 26.47 -125.39 23.87
C VAL E 154 27.08 -125.33 22.47
N ALA E 155 28.33 -124.89 22.42
CA ALA E 155 29.09 -124.82 21.18
C ALA E 155 30.48 -125.40 21.44
N ASP E 156 30.79 -126.50 20.77
CA ASP E 156 32.03 -127.23 21.02
C ASP E 156 33.16 -126.56 20.24
N TYR E 157 33.80 -125.58 20.86
CA TYR E 157 34.97 -124.92 20.29
C TYR E 157 36.28 -125.53 20.76
N SER E 158 36.22 -126.59 21.58
CA SER E 158 37.45 -127.17 22.13
C SER E 158 38.30 -127.80 21.04
N ASN E 159 37.69 -128.65 20.22
CA ASN E 159 38.45 -129.34 19.18
C ASN E 159 38.85 -128.39 18.05
N GLY E 160 37.96 -127.46 17.69
CA GLY E 160 38.25 -126.53 16.60
C GLY E 160 37.31 -126.72 15.43
N SER E 161 37.82 -126.49 14.21
CA SER E 161 36.99 -126.62 13.02
C SER E 161 36.57 -128.05 12.75
N GLU E 162 37.22 -129.03 13.38
CA GLU E 162 36.92 -130.44 13.13
C GLU E 162 35.78 -130.94 14.01
N GLY E 163 35.89 -130.72 15.33
CA GLY E 163 34.89 -131.24 16.25
C GLY E 163 33.83 -130.23 16.63
N TYR E 164 33.70 -129.17 15.83
CA TYR E 164 32.71 -128.14 16.12
C TYR E 164 31.30 -128.75 16.14
N THR E 165 30.53 -128.37 17.16
CA THR E 165 29.21 -128.95 17.36
C THR E 165 28.31 -127.90 18.00
N TYR E 166 27.07 -127.80 17.52
CA TYR E 166 26.10 -126.80 17.97
C TYR E 166 24.80 -127.53 18.28
N ASN E 167 24.63 -127.94 19.53
CA ASN E 167 23.48 -128.73 19.96
C ASN E 167 22.56 -127.89 20.84
N TYR E 168 21.27 -128.24 20.80
CA TYR E 168 20.25 -127.62 21.63
C TYR E 168 19.70 -128.68 22.58
N PHE E 169 19.64 -128.34 23.87
CA PHE E 169 19.14 -129.25 24.89
C PHE E 169 17.81 -128.74 25.43
N GLU E 170 16.89 -129.66 25.67
CA GLU E 170 15.54 -129.32 26.10
C GLU E 170 15.29 -129.81 27.52
N ASP E 171 14.39 -129.13 28.21
CA ASP E 171 13.95 -129.47 29.58
C ASP E 171 15.15 -129.50 30.54
N VAL E 172 15.74 -128.32 30.70
CA VAL E 172 16.90 -128.15 31.56
C VAL E 172 16.43 -127.83 32.97
N THR E 173 17.18 -128.30 33.97
CA THR E 173 16.81 -128.10 35.36
C THR E 173 18.01 -127.52 36.10
N PRO E 174 17.76 -126.66 37.10
CA PRO E 174 18.89 -126.03 37.82
C PRO E 174 19.93 -127.00 38.33
N GLU E 175 19.55 -128.17 38.85
CA GLU E 175 20.58 -129.16 39.17
C GLU E 175 21.04 -129.90 37.92
N LYS E 176 20.14 -130.07 36.94
CA LYS E 176 20.53 -130.72 35.69
C LYS E 176 21.55 -129.89 34.93
N VAL E 177 21.38 -128.56 34.92
CA VAL E 177 22.32 -127.72 34.20
C VAL E 177 23.70 -127.77 34.86
N VAL E 178 23.73 -127.84 36.19
CA VAL E 178 25.00 -128.02 36.89
C VAL E 178 25.60 -129.38 36.54
N GLU E 179 24.76 -130.40 36.40
CA GLU E 179 25.24 -131.71 35.98
C GLU E 179 25.87 -131.65 34.59
N ILE E 180 25.24 -130.95 33.66
CA ILE E 180 25.81 -130.81 32.32
C ILE E 180 27.11 -130.02 32.36
N VAL E 181 27.18 -128.97 33.18
CA VAL E 181 28.40 -128.20 33.30
C VAL E 181 29.54 -129.08 33.80
N GLU E 182 29.27 -129.87 34.85
CA GLU E 182 30.29 -130.78 35.37
C GLU E 182 30.67 -131.84 34.34
N LYS E 183 29.70 -132.35 33.60
CA LYS E 183 29.97 -133.36 32.58
C LYS E 183 30.87 -132.80 31.49
N LEU E 184 30.64 -131.54 31.10
CA LEU E 184 31.48 -130.89 30.12
C LEU E 184 32.83 -130.47 30.71
N ARG E 185 32.92 -130.40 32.04
CA ARG E 185 34.19 -130.03 32.67
C ARG E 185 35.28 -131.06 32.37
N LYS E 186 34.94 -132.35 32.47
CA LYS E 186 35.95 -133.39 32.29
C LYS E 186 36.27 -133.61 30.81
N GLY E 187 35.30 -133.44 29.92
CA GLY E 187 35.57 -133.60 28.50
C GLY E 187 34.48 -134.33 27.74
N GLU E 188 33.75 -135.21 28.42
CA GLU E 188 32.70 -135.96 27.76
C GLU E 188 31.49 -135.08 27.49
N LYS E 189 30.71 -135.47 26.47
CA LYS E 189 29.56 -134.68 26.02
C LYS E 189 28.25 -135.27 26.55
N PRO E 190 27.26 -134.41 26.78
CA PRO E 190 25.96 -134.90 27.26
C PRO E 190 25.10 -135.37 26.11
N PRO E 191 24.04 -136.13 26.38
CA PRO E 191 23.14 -136.55 25.31
C PRO E 191 22.03 -135.54 25.05
N HIS E 192 21.75 -135.34 23.76
CA HIS E 192 20.73 -134.38 23.34
C HIS E 192 19.51 -135.10 22.76
N GLU F 1 -15.78 -132.41 2.08
CA GLU F 1 -17.11 -131.82 2.14
C GLU F 1 -17.03 -130.30 2.14
N LYS F 2 -18.17 -129.65 2.40
CA LYS F 2 -18.23 -128.20 2.46
C LYS F 2 -18.76 -127.76 3.82
N THR F 3 -19.51 -128.64 4.48
CA THR F 3 -20.07 -128.31 5.79
C THR F 3 -18.99 -128.18 6.86
N HIS F 4 -17.91 -128.96 6.75
CA HIS F 4 -16.81 -128.87 7.71
C HIS F 4 -15.54 -129.37 7.03
N PHE F 5 -14.52 -128.51 7.00
CA PHE F 5 -13.22 -128.85 6.42
C PHE F 5 -12.25 -129.28 7.51
N GLY F 6 -12.56 -130.40 8.17
CA GLY F 6 -11.77 -130.83 9.30
C GLY F 6 -11.41 -132.30 9.33
N GLY F 7 -10.12 -132.60 9.37
CA GLY F 7 -9.66 -133.96 9.58
C GLY F 7 -9.17 -134.68 8.34
N LEU F 8 -7.91 -135.12 8.37
CA LEU F 8 -7.37 -135.97 7.31
C LEU F 8 -7.45 -137.44 7.71
N LYS F 9 -7.38 -138.30 6.71
CA LYS F 9 -7.49 -139.74 6.91
C LYS F 9 -6.17 -140.41 7.26
N ASP F 10 -5.09 -139.62 7.36
CA ASP F 10 -3.71 -140.04 7.63
C ASP F 10 -3.07 -140.73 6.43
N GLU F 11 -3.82 -140.99 5.36
CA GLU F 11 -3.25 -141.43 4.10
C GLU F 11 -3.29 -140.36 3.03
N ASP F 12 -4.09 -139.30 3.22
CA ASP F 12 -4.08 -138.16 2.32
C ASP F 12 -3.01 -137.15 2.66
N ARG F 13 -2.33 -137.32 3.80
CA ARG F 13 -1.22 -136.45 4.14
C ARG F 13 -0.05 -136.68 3.20
N ILE F 14 0.67 -135.61 2.89
CA ILE F 14 1.80 -135.68 1.97
C ILE F 14 3.15 -135.60 2.69
N PHE F 15 3.18 -135.11 3.93
CA PHE F 15 4.43 -135.06 4.69
C PHE F 15 4.53 -136.28 5.61
N THR F 16 4.73 -137.43 5.00
CA THR F 16 4.97 -138.65 5.75
C THR F 16 6.33 -138.57 6.44
N ASN F 17 6.51 -139.46 7.43
CA ASN F 17 7.73 -139.50 8.24
C ASN F 17 7.95 -138.19 8.98
N LEU F 18 6.87 -137.42 9.19
CA LEU F 18 6.98 -136.16 9.90
C LEU F 18 7.43 -136.34 11.34
N TYR F 19 7.14 -137.49 11.94
CA TYR F 19 7.53 -137.78 13.31
C TYR F 19 8.88 -138.48 13.41
N GLY F 20 9.56 -138.70 12.30
CA GLY F 20 10.87 -139.35 12.32
C GLY F 20 10.83 -140.81 12.74
N LEU F 21 9.80 -141.55 12.32
CA LEU F 21 9.69 -142.96 12.66
C LEU F 21 10.48 -143.86 11.74
N HIS F 22 11.07 -143.33 10.67
CA HIS F 22 11.80 -144.14 9.71
C HIS F 22 13.02 -143.35 9.22
N ASP F 23 13.83 -144.00 8.40
CA ASP F 23 15.07 -143.41 7.92
C ASP F 23 14.76 -142.21 7.01
N PRO F 24 15.43 -141.08 7.19
CA PRO F 24 15.22 -139.92 6.31
C PRO F 24 16.16 -139.82 5.13
N PHE F 25 17.05 -140.80 4.93
CA PHE F 25 18.02 -140.75 3.85
C PHE F 25 17.39 -141.24 2.54
N LEU F 26 18.24 -141.51 1.55
CA LEU F 26 17.74 -141.79 0.20
C LEU F 26 16.88 -143.04 0.15
N LYS F 27 17.26 -144.09 0.88
CA LYS F 27 16.52 -145.34 0.84
C LYS F 27 15.09 -145.16 1.35
N GLY F 28 14.94 -144.49 2.49
CA GLY F 28 13.61 -144.29 3.06
C GLY F 28 12.73 -143.44 2.17
N ALA F 29 13.28 -142.35 1.63
CA ALA F 29 12.51 -141.48 0.74
C ALA F 29 12.11 -142.22 -0.53
N MET F 30 13.03 -143.01 -1.09
CA MET F 30 12.70 -143.80 -2.27
C MET F 30 11.59 -144.78 -1.99
N LYS F 31 11.63 -145.45 -0.83
CA LYS F 31 10.56 -146.36 -0.46
C LYS F 31 9.27 -145.63 -0.11
N ARG F 32 9.35 -144.33 0.19
CA ARG F 32 8.17 -143.54 0.55
C ARG F 32 7.59 -142.77 -0.63
N GLY F 33 8.13 -142.94 -1.83
CA GLY F 33 7.59 -142.32 -3.02
C GLY F 33 8.35 -141.13 -3.57
N ASP F 34 9.61 -140.93 -3.19
CA ASP F 34 10.42 -139.84 -3.69
C ASP F 34 11.33 -140.32 -4.81
N TRP F 35 11.69 -139.40 -5.70
CA TRP F 35 12.47 -139.72 -6.90
C TRP F 35 11.80 -140.83 -7.71
N HIS F 36 10.48 -140.74 -7.82
CA HIS F 36 9.66 -141.73 -8.53
C HIS F 36 9.47 -141.24 -9.95
N ARG F 37 10.27 -141.80 -10.87
CA ARG F 37 10.28 -141.45 -12.29
C ARG F 37 10.14 -139.95 -12.51
N THR F 38 10.95 -139.18 -11.78
CA THR F 38 10.92 -137.73 -11.90
C THR F 38 11.33 -137.25 -13.29
N LYS F 39 12.10 -138.05 -14.02
CA LYS F 39 12.45 -137.67 -15.39
C LYS F 39 11.22 -137.54 -16.25
N ASP F 40 10.28 -138.48 -16.11
CA ASP F 40 8.99 -138.35 -16.80
C ASP F 40 8.28 -137.08 -16.36
N LEU F 41 8.36 -136.75 -15.07
CA LEU F 41 7.67 -135.57 -14.54
C LEU F 41 8.27 -134.28 -15.10
N VAL F 42 9.59 -134.26 -15.35
CA VAL F 42 10.23 -133.04 -15.84
C VAL F 42 10.31 -132.96 -17.35
N LEU F 43 10.04 -134.06 -18.06
CA LEU F 43 10.15 -134.05 -19.51
C LEU F 43 8.96 -133.39 -20.20
N LYS F 44 7.88 -133.07 -19.49
CA LYS F 44 6.77 -132.35 -20.12
C LYS F 44 7.08 -130.89 -20.37
N GLY F 45 8.17 -130.36 -19.82
CA GLY F 45 8.58 -129.00 -20.07
C GLY F 45 8.15 -128.04 -18.98
N THR F 46 8.62 -126.81 -19.12
CA THR F 46 8.36 -125.78 -18.11
C THR F 46 6.90 -125.36 -18.11
N ASP F 47 6.29 -125.22 -19.29
CA ASP F 47 4.94 -124.67 -19.38
C ASP F 47 3.93 -125.54 -18.64
N TRP F 48 4.05 -126.87 -18.78
CA TRP F 48 3.07 -127.76 -18.16
C TRP F 48 3.09 -127.63 -16.65
N ILE F 49 4.28 -127.53 -16.06
CA ILE F 49 4.39 -127.40 -14.60
C ILE F 49 3.74 -126.11 -14.13
N VAL F 50 4.00 -125.01 -14.83
CA VAL F 50 3.40 -123.73 -14.45
C VAL F 50 1.89 -123.78 -14.55
N ASN F 51 1.37 -124.37 -15.64
CA ASN F 51 -0.07 -124.46 -15.80
C ASN F 51 -0.70 -125.35 -14.73
N GLU F 52 -0.05 -126.46 -14.38
CA GLU F 52 -0.57 -127.32 -13.33
C GLU F 52 -0.56 -126.61 -11.98
N MET F 53 0.50 -125.83 -11.70
CA MET F 53 0.54 -125.08 -10.46
C MET F 53 -0.55 -124.01 -10.41
N LYS F 54 -0.81 -123.35 -11.55
CA LYS F 54 -1.91 -122.41 -11.62
C LYS F 54 -3.25 -123.10 -11.36
N LYS F 55 -3.43 -124.28 -11.94
CA LYS F 55 -4.68 -125.01 -11.75
C LYS F 55 -4.85 -125.44 -10.29
N SER F 56 -3.77 -125.89 -9.65
CA SER F 56 -3.86 -126.40 -8.29
C SER F 56 -4.20 -125.34 -7.27
N GLY F 57 -4.00 -124.06 -7.60
CA GLY F 57 -4.29 -122.99 -6.65
C GLY F 57 -3.44 -123.07 -5.39
N LEU F 58 -2.15 -123.33 -5.54
CA LEU F 58 -1.25 -123.46 -4.40
C LEU F 58 -0.86 -122.06 -3.93
N ARG F 59 -1.53 -121.58 -2.88
CA ARG F 59 -1.17 -120.29 -2.31
C ARG F 59 0.19 -120.38 -1.63
N GLY F 60 1.04 -119.40 -1.88
CA GLY F 60 2.37 -119.39 -1.31
C GLY F 60 2.36 -119.31 0.20
N ARG F 61 3.02 -120.26 0.86
CA ARG F 61 3.09 -120.29 2.31
C ARG F 61 4.18 -119.32 2.77
N GLY F 62 4.52 -119.37 4.07
CA GLY F 62 5.48 -118.45 4.64
C GLY F 62 4.90 -117.12 5.04
N GLY F 63 3.61 -116.90 4.86
CA GLY F 63 2.94 -115.67 5.23
C GLY F 63 2.65 -114.73 4.08
N ALA F 64 3.29 -114.94 2.93
CA ALA F 64 3.07 -114.05 1.79
C ALA F 64 1.65 -114.17 1.26
N GLY F 65 1.20 -115.41 1.02
CA GLY F 65 -0.12 -115.64 0.46
C GLY F 65 -0.22 -115.47 -1.03
N PHE F 66 0.88 -115.12 -1.71
CA PHE F 66 0.83 -114.95 -3.15
C PHE F 66 0.70 -116.30 -3.85
N PRO F 67 -0.13 -116.41 -4.86
CA PRO F 67 -0.27 -117.69 -5.58
C PRO F 67 1.05 -118.12 -6.19
N SER F 68 1.32 -119.42 -6.12
CA SER F 68 2.60 -119.93 -6.61
C SER F 68 2.66 -119.95 -8.13
N GLY F 69 1.53 -120.20 -8.80
CA GLY F 69 1.54 -120.20 -10.25
C GLY F 69 1.87 -118.84 -10.83
N LEU F 70 1.24 -117.79 -10.29
CA LEU F 70 1.52 -116.44 -10.76
C LEU F 70 2.95 -116.03 -10.46
N LYS F 71 3.46 -116.40 -9.28
CA LYS F 71 4.83 -116.08 -8.94
C LYS F 71 5.82 -116.79 -9.85
N TRP F 72 5.55 -118.06 -10.17
CA TRP F 72 6.45 -118.82 -11.03
C TRP F 72 6.41 -118.32 -12.46
N SER F 73 5.23 -117.89 -12.92
CA SER F 73 5.09 -117.40 -14.29
C SER F 73 5.81 -116.08 -14.51
N PHE F 74 6.22 -115.38 -13.44
CA PHE F 74 6.86 -114.08 -13.60
C PHE F 74 8.29 -114.19 -14.13
N MET F 75 8.91 -115.35 -14.02
CA MET F 75 10.28 -115.52 -14.48
C MET F 75 10.32 -115.42 -16.01
N PRO F 76 11.41 -114.88 -16.56
CA PRO F 76 11.48 -114.70 -18.02
C PRO F 76 11.54 -116.05 -18.74
N LYS F 77 11.00 -116.05 -19.96
CA LYS F 77 10.99 -117.26 -20.78
C LYS F 77 12.25 -117.42 -21.62
N VAL F 78 12.97 -116.33 -21.90
CA VAL F 78 14.17 -116.36 -22.72
C VAL F 78 15.33 -115.81 -21.89
N SER F 79 16.49 -116.46 -22.01
CA SER F 79 17.69 -116.08 -21.28
C SER F 79 18.46 -115.04 -22.10
N ASP F 80 18.53 -113.82 -21.58
CA ASP F 80 19.29 -112.74 -22.23
C ASP F 80 20.72 -112.68 -21.71
N GLY F 81 21.41 -113.82 -21.74
CA GLY F 81 22.76 -113.90 -21.22
C GLY F 81 22.81 -114.12 -19.73
N ARG F 82 21.85 -113.53 -19.01
CA ARG F 82 21.82 -113.65 -17.56
C ARG F 82 21.13 -114.94 -17.16
N PRO F 83 21.82 -115.86 -16.50
CA PRO F 83 21.14 -117.06 -16.01
C PRO F 83 20.20 -116.73 -14.86
N SER F 84 19.16 -117.53 -14.73
CA SER F 84 18.17 -117.34 -13.67
C SER F 84 18.48 -118.28 -12.51
N TYR F 85 18.24 -117.79 -11.30
CA TYR F 85 18.53 -118.53 -10.08
C TYR F 85 17.24 -118.86 -9.33
N LEU F 86 17.39 -119.68 -8.30
CA LEU F 86 16.29 -120.06 -7.44
C LEU F 86 16.80 -120.14 -6.01
N VAL F 87 16.14 -119.42 -5.11
CA VAL F 87 16.55 -119.37 -3.70
C VAL F 87 15.40 -119.91 -2.86
N VAL F 88 15.69 -120.90 -2.03
CA VAL F 88 14.71 -121.51 -1.14
C VAL F 88 14.87 -120.90 0.23
N ASN F 89 13.82 -120.23 0.71
CA ASN F 89 13.87 -119.51 1.99
C ASN F 89 13.69 -120.51 3.12
N ALA F 90 14.76 -121.22 3.44
CA ALA F 90 14.78 -122.17 4.54
C ALA F 90 15.11 -121.51 5.88
N ASP F 91 15.31 -120.20 5.90
CA ASP F 91 15.57 -119.47 7.14
C ASP F 91 14.29 -119.46 7.97
N GLU F 92 14.23 -120.34 8.98
CA GLU F 92 13.05 -120.45 9.82
C GLU F 92 13.29 -119.68 11.11
N SER F 93 13.23 -118.37 10.99
CA SER F 93 13.28 -117.46 12.13
C SER F 93 11.84 -117.19 12.59
N GLU F 94 11.65 -116.16 13.41
CA GLU F 94 10.35 -115.85 14.00
C GLU F 94 9.92 -117.03 14.86
N PRO F 95 10.55 -117.22 16.03
CA PRO F 95 10.33 -118.43 16.83
C PRO F 95 8.87 -118.68 17.20
N GLY F 96 8.61 -119.87 17.74
CA GLY F 96 7.27 -120.40 17.82
C GLY F 96 6.87 -121.22 16.61
N THR F 97 7.72 -121.29 15.59
CA THR F 97 7.47 -122.06 14.39
C THR F 97 8.62 -123.04 14.20
N CYS F 98 8.30 -124.33 14.13
CA CYS F 98 9.32 -125.37 13.98
C CYS F 98 8.98 -126.32 12.86
N LYS F 99 8.26 -125.84 11.84
CA LYS F 99 7.85 -126.72 10.75
C LYS F 99 8.98 -126.94 9.74
N ASP F 100 9.76 -125.89 9.47
CA ASP F 100 10.79 -126.00 8.44
C ASP F 100 11.94 -126.89 8.89
N ARG F 101 12.35 -126.75 10.16
CA ARG F 101 13.41 -127.62 10.68
C ARG F 101 12.94 -129.06 10.76
N GLU F 102 11.64 -129.29 10.99
CA GLU F 102 11.13 -130.65 10.97
C GLU F 102 11.07 -131.20 9.55
N ILE F 103 10.76 -130.36 8.57
CA ILE F 103 10.75 -130.80 7.19
C ILE F 103 12.16 -131.18 6.74
N MET F 104 13.15 -130.34 7.05
CA MET F 104 14.50 -130.62 6.60
C MET F 104 15.22 -131.64 7.48
N ARG F 105 14.71 -131.91 8.68
CA ARG F 105 15.30 -132.97 9.51
C ARG F 105 14.89 -134.35 9.03
N HIS F 106 13.64 -134.51 8.59
CA HIS F 106 13.09 -135.82 8.28
C HIS F 106 12.83 -136.05 6.80
N ASP F 107 12.62 -135.00 6.01
CA ASP F 107 12.32 -135.13 4.59
C ASP F 107 13.22 -134.20 3.77
N PRO F 108 14.53 -134.49 3.74
CA PRO F 108 15.43 -133.65 2.95
C PRO F 108 15.32 -133.93 1.47
N HIS F 109 15.17 -135.22 1.12
CA HIS F 109 15.05 -135.59 -0.29
C HIS F 109 13.76 -135.04 -0.89
N LYS F 110 12.71 -134.89 -0.09
CA LYS F 110 11.50 -134.23 -0.58
C LYS F 110 11.81 -132.78 -0.95
N LEU F 111 12.59 -132.08 -0.14
CA LEU F 111 12.98 -130.72 -0.45
C LEU F 111 13.84 -130.67 -1.72
N LEU F 112 14.77 -131.61 -1.87
CA LEU F 112 15.60 -131.62 -3.07
C LEU F 112 14.76 -131.86 -4.32
N GLU F 113 13.81 -132.81 -4.24
CA GLU F 113 12.91 -133.05 -5.36
C GLU F 113 12.08 -131.81 -5.66
N GLY F 114 11.58 -131.13 -4.63
CA GLY F 114 10.80 -129.93 -4.86
C GLY F 114 11.59 -128.83 -5.52
N CYS F 115 12.83 -128.63 -5.08
CA CYS F 115 13.65 -127.59 -5.68
C CYS F 115 14.00 -127.93 -7.12
N LEU F 116 14.27 -129.21 -7.41
CA LEU F 116 14.52 -129.60 -8.79
C LEU F 116 13.29 -129.39 -9.66
N ILE F 117 12.10 -129.74 -9.14
CA ILE F 117 10.87 -129.54 -9.90
C ILE F 117 10.63 -128.05 -10.15
N ALA F 118 10.90 -127.22 -9.15
CA ALA F 118 10.76 -125.78 -9.32
C ALA F 118 11.73 -125.25 -10.36
N GLY F 119 12.98 -125.72 -10.32
CA GLY F 119 13.96 -125.31 -11.32
C GLY F 119 13.71 -125.87 -12.70
N VAL F 120 12.86 -126.88 -12.82
CA VAL F 120 12.38 -127.28 -14.13
C VAL F 120 11.21 -126.40 -14.57
N GLY F 121 10.32 -126.07 -13.64
CA GLY F 121 9.19 -125.20 -13.95
C GLY F 121 9.54 -123.73 -14.03
N MET F 122 10.74 -123.35 -13.62
CA MET F 122 11.28 -122.01 -13.83
C MET F 122 12.70 -122.17 -14.36
N ARG F 123 13.04 -121.42 -15.40
CA ARG F 123 14.28 -121.68 -16.12
C ARG F 123 15.48 -121.29 -15.29
N ALA F 124 15.76 -122.05 -14.23
CA ALA F 124 16.83 -121.76 -13.29
C ALA F 124 18.00 -122.71 -13.53
N SER F 125 19.18 -122.14 -13.74
CA SER F 125 20.37 -122.97 -13.95
C SER F 125 20.81 -123.65 -12.65
N ALA F 126 20.69 -122.95 -11.52
CA ALA F 126 21.11 -123.49 -10.24
C ALA F 126 20.17 -122.99 -9.15
N ALA F 127 20.17 -123.69 -8.02
CA ALA F 127 19.32 -123.35 -6.90
C ALA F 127 20.14 -123.27 -5.61
N TYR F 128 19.78 -122.32 -4.76
CA TYR F 128 20.44 -122.12 -3.47
C TYR F 128 19.43 -122.33 -2.35
N ILE F 129 19.83 -123.07 -1.34
CA ILE F 129 19.01 -123.27 -0.14
C ILE F 129 19.70 -122.53 1.00
N TYR F 130 19.00 -121.58 1.60
CA TYR F 130 19.55 -120.74 2.65
C TYR F 130 19.02 -121.26 3.98
N ILE F 131 19.81 -122.09 4.65
CA ILE F 131 19.41 -122.66 5.92
C ILE F 131 19.73 -121.68 7.04
N ARG F 132 18.87 -121.62 8.05
CA ARG F 132 19.11 -120.75 9.19
C ARG F 132 20.39 -121.14 9.90
N GLY F 133 21.10 -120.12 10.40
CA GLY F 133 22.43 -120.36 10.95
C GLY F 133 22.43 -121.28 12.16
N GLU F 134 21.39 -121.20 13.00
CA GLU F 134 21.33 -122.05 14.19
C GLU F 134 21.15 -123.52 13.85
N TYR F 135 20.64 -123.84 12.67
CA TYR F 135 20.42 -125.23 12.26
C TYR F 135 21.71 -125.80 11.70
N VAL F 136 22.58 -126.23 12.62
CA VAL F 136 23.86 -126.82 12.22
C VAL F 136 23.69 -128.30 11.92
N ASN F 137 23.07 -129.05 12.83
CA ASN F 137 22.82 -130.46 12.58
C ASN F 137 21.89 -130.65 11.39
N GLU F 138 20.86 -129.81 11.27
CA GLU F 138 19.97 -129.87 10.13
C GLU F 138 20.73 -129.60 8.83
N ARG F 139 21.63 -128.62 8.85
CA ARG F 139 22.41 -128.31 7.65
C ARG F 139 23.31 -129.48 7.27
N LEU F 140 23.96 -130.10 8.26
CA LEU F 140 24.83 -131.24 7.96
C LEU F 140 24.03 -132.42 7.42
N ASN F 141 22.88 -132.69 8.00
CA ASN F 141 22.03 -133.78 7.51
C ASN F 141 21.56 -133.52 6.09
N LEU F 142 21.16 -132.28 5.80
CA LEU F 142 20.71 -131.96 4.46
C LEU F 142 21.86 -131.98 3.46
N GLU F 143 23.07 -131.61 3.90
CA GLU F 143 24.24 -131.75 3.03
C GLU F 143 24.51 -133.21 2.70
N LYS F 144 24.39 -134.09 3.71
CA LYS F 144 24.57 -135.52 3.45
C LYS F 144 23.52 -136.02 2.48
N ALA F 145 22.26 -135.59 2.64
CA ALA F 145 21.22 -135.99 1.70
C ALA F 145 21.49 -135.46 0.30
N ARG F 146 21.99 -134.22 0.21
CA ARG F 146 22.29 -133.64 -1.09
C ARG F 146 23.40 -134.40 -1.80
N ARG F 147 24.45 -134.77 -1.07
CA ARG F 147 25.52 -135.53 -1.71
C ARG F 147 25.09 -136.95 -2.02
N GLU F 148 24.17 -137.52 -1.24
CA GLU F 148 23.58 -138.80 -1.59
C GLU F 148 22.81 -138.70 -2.90
N ALA F 149 22.03 -137.63 -3.08
CA ALA F 149 21.30 -137.43 -4.33
C ALA F 149 22.26 -137.20 -5.48
N TYR F 150 23.35 -136.47 -5.24
CA TYR F 150 24.35 -136.25 -6.29
C TYR F 150 24.99 -137.57 -6.72
N ALA F 151 25.31 -138.43 -5.76
CA ALA F 151 25.93 -139.72 -6.09
C ALA F 151 25.00 -140.62 -6.88
N ALA F 152 23.69 -140.41 -6.80
CA ALA F 152 22.71 -141.22 -7.50
C ALA F 152 22.31 -140.64 -8.86
N GLY F 153 22.97 -139.57 -9.29
CA GLY F 153 22.62 -138.95 -10.54
C GLY F 153 21.34 -138.14 -10.51
N LEU F 154 20.79 -137.87 -9.33
CA LEU F 154 19.56 -137.13 -9.19
C LEU F 154 19.75 -135.62 -9.35
N LEU F 155 20.99 -135.13 -9.33
CA LEU F 155 21.27 -133.71 -9.48
C LEU F 155 22.50 -133.56 -10.37
N GLY F 156 23.04 -132.35 -10.42
CA GLY F 156 24.21 -132.11 -11.24
C GLY F 156 23.88 -132.08 -12.72
N LYS F 157 24.92 -132.24 -13.53
CA LYS F 157 24.74 -132.28 -14.98
C LYS F 157 23.91 -133.49 -15.37
N ASN F 158 22.99 -133.29 -16.32
CA ASN F 158 22.09 -134.33 -16.79
C ASN F 158 21.27 -134.90 -15.62
N ALA F 159 20.48 -134.02 -15.02
CA ALA F 159 19.74 -134.37 -13.82
C ALA F 159 18.65 -135.39 -14.14
N CYS F 160 18.58 -136.45 -13.34
CA CYS F 160 17.54 -137.48 -13.44
C CYS F 160 17.50 -138.13 -14.82
N GLY F 161 18.62 -138.13 -15.52
CA GLY F 161 18.70 -138.78 -16.82
C GLY F 161 18.20 -137.98 -17.99
N SER F 162 17.67 -136.78 -17.76
CA SER F 162 17.21 -135.91 -18.84
C SER F 162 18.28 -134.89 -19.20
N GLY F 163 18.01 -134.15 -20.28
CA GLY F 163 18.95 -133.15 -20.74
C GLY F 163 19.03 -131.91 -19.87
N TYR F 164 18.21 -131.83 -18.82
CA TYR F 164 18.21 -130.68 -17.94
C TYR F 164 19.34 -130.79 -16.93
N ASP F 165 19.98 -129.65 -16.64
CA ASP F 165 21.07 -129.58 -15.67
C ASP F 165 20.63 -128.74 -14.48
N PHE F 166 20.99 -129.19 -13.28
CA PHE F 166 20.60 -128.50 -12.05
C PHE F 166 21.69 -128.66 -11.02
N GLU F 167 22.16 -127.53 -10.48
CA GLU F 167 23.15 -127.52 -9.41
C GLU F 167 22.50 -126.96 -8.15
N VAL F 168 22.54 -127.73 -7.07
CA VAL F 168 21.96 -127.34 -5.79
C VAL F 168 23.09 -127.07 -4.81
N TYR F 169 23.21 -125.82 -4.38
CA TYR F 169 24.22 -125.41 -3.42
C TYR F 169 23.58 -125.15 -2.07
N ILE F 170 24.42 -125.08 -1.04
CA ILE F 170 23.96 -124.90 0.33
C ILE F 170 24.61 -123.64 0.89
N HIS F 171 23.78 -122.73 1.38
CA HIS F 171 24.25 -121.53 2.08
C HIS F 171 23.54 -121.44 3.42
N PHE F 172 24.27 -120.98 4.43
CA PHE F 172 23.72 -120.86 5.77
C PHE F 172 23.98 -119.46 6.31
N GLY F 173 22.98 -118.90 6.98
CA GLY F 173 23.10 -117.58 7.56
C GLY F 173 23.88 -117.60 8.85
N ALA F 174 23.82 -116.46 9.56
CA ALA F 174 24.54 -116.30 10.81
C ALA F 174 23.65 -115.63 11.86
N GLY F 175 22.40 -116.08 11.95
CA GLY F 175 21.52 -115.65 13.02
C GLY F 175 20.99 -114.24 12.89
N ALA F 176 20.16 -114.00 11.88
CA ALA F 176 19.48 -112.72 11.71
C ALA F 176 18.05 -112.98 11.28
N TYR F 177 17.10 -112.42 12.02
CA TYR F 177 15.69 -112.60 11.67
C TYR F 177 15.35 -111.92 10.35
N ILE F 178 15.92 -110.74 10.11
CA ILE F 178 15.62 -110.01 8.88
C ILE F 178 16.11 -110.76 7.65
N CYS F 179 17.06 -111.68 7.80
CA CYS F 179 17.52 -112.47 6.66
C CYS F 179 16.41 -113.33 6.06
N GLY F 180 15.35 -113.59 6.81
CA GLY F 180 14.23 -114.34 6.27
C GLY F 180 13.38 -113.59 5.28
N GLU F 181 13.57 -112.28 5.16
CA GLU F 181 12.83 -111.49 4.19
C GLU F 181 13.20 -111.92 2.77
N GLU F 182 12.30 -111.63 1.84
CA GLU F 182 12.51 -112.07 0.46
C GLU F 182 13.78 -111.47 -0.13
N THR F 183 14.01 -110.18 0.12
CA THR F 183 15.11 -109.45 -0.50
C THR F 183 16.38 -109.41 0.35
N ALA F 184 16.24 -109.22 1.65
CA ALA F 184 17.42 -109.31 2.52
C ALA F 184 18.07 -110.68 2.40
N LEU F 185 17.29 -111.70 2.06
CA LEU F 185 17.84 -113.01 1.74
C LEU F 185 18.85 -112.91 0.61
N LEU F 186 18.47 -112.25 -0.49
CA LEU F 186 19.39 -112.11 -1.62
C LEU F 186 20.57 -111.23 -1.27
N GLU F 187 20.34 -110.19 -0.47
CA GLU F 187 21.45 -109.32 -0.06
C GLU F 187 22.47 -110.09 0.75
N SER F 188 22.02 -110.91 1.69
CA SER F 188 22.94 -111.72 2.49
C SER F 188 23.63 -112.76 1.63
N LEU F 189 22.89 -113.40 0.72
CA LEU F 189 23.48 -114.42 -0.14
C LEU F 189 24.46 -113.83 -1.15
N GLU F 190 24.37 -112.53 -1.42
CA GLU F 190 25.31 -111.85 -2.30
C GLU F 190 26.63 -111.50 -1.62
N GLY F 191 26.74 -111.73 -0.31
CA GLY F 191 27.97 -111.49 0.41
C GLY F 191 28.03 -110.20 1.20
N LYS F 192 26.90 -109.54 1.44
CA LYS F 192 26.91 -108.31 2.22
C LYS F 192 25.88 -108.37 3.34
N GLN F 193 25.64 -107.25 4.01
CA GLN F 193 24.69 -107.21 5.11
C GLN F 193 23.28 -107.51 4.60
N GLY F 194 22.51 -108.22 5.42
CA GLY F 194 21.16 -108.57 5.05
C GLY F 194 20.17 -107.46 5.30
N LYS F 195 20.20 -106.43 4.46
CA LYS F 195 19.26 -105.31 4.56
C LYS F 195 18.40 -105.27 3.30
N PRO F 196 17.07 -105.30 3.44
CA PRO F 196 16.21 -105.37 2.25
C PRO F 196 16.39 -104.18 1.32
N ARG F 197 16.20 -104.43 0.04
CA ARG F 197 16.23 -103.41 -1.00
C ARG F 197 14.80 -102.98 -1.34
N LEU F 198 14.70 -101.89 -2.09
CA LEU F 198 13.40 -101.36 -2.48
C LEU F 198 12.70 -102.32 -3.43
N LYS F 199 11.38 -102.23 -3.46
CA LYS F 199 10.53 -103.20 -4.15
C LYS F 199 10.46 -103.06 -5.66
N PRO F 200 10.39 -101.85 -6.23
CA PRO F 200 10.19 -101.74 -7.70
C PRO F 200 11.25 -102.49 -8.50
N PRO F 201 12.51 -102.58 -8.02
CA PRO F 201 13.37 -103.59 -8.70
C PRO F 201 13.05 -105.00 -8.24
N PHE F 202 12.02 -105.58 -8.84
CA PHE F 202 11.53 -106.88 -8.42
C PHE F 202 12.56 -107.97 -8.69
N PRO F 203 12.59 -109.02 -7.86
CA PRO F 203 13.57 -110.09 -8.08
C PRO F 203 13.38 -110.82 -9.41
N ALA F 204 12.20 -110.72 -10.02
CA ALA F 204 12.00 -111.33 -11.33
C ALA F 204 12.78 -110.61 -12.43
N ASN F 205 13.29 -109.41 -12.15
CA ASN F 205 14.11 -108.66 -13.10
C ASN F 205 15.54 -108.47 -12.65
N ALA F 206 15.76 -108.24 -11.35
CA ALA F 206 17.11 -108.06 -10.82
C ALA F 206 17.12 -108.60 -9.40
N GLY F 207 17.53 -109.85 -9.25
CA GLY F 207 17.57 -110.49 -7.95
C GLY F 207 18.95 -110.89 -7.51
N LEU F 208 19.17 -112.20 -7.33
CA LEU F 208 20.48 -112.69 -6.91
C LEU F 208 21.53 -112.38 -7.97
N TYR F 209 22.65 -111.82 -7.53
CA TYR F 209 23.77 -111.45 -8.40
C TYR F 209 23.35 -110.52 -9.53
N GLY F 210 22.24 -109.80 -9.36
CA GLY F 210 21.72 -108.95 -10.42
C GLY F 210 20.95 -109.68 -11.50
N CYS F 211 20.76 -110.99 -11.36
CA CYS F 211 20.07 -111.90 -12.26
C CYS F 211 18.65 -112.17 -11.76
N PRO F 212 17.71 -112.44 -12.67
CA PRO F 212 16.34 -112.75 -12.23
C PRO F 212 16.30 -114.01 -11.37
N THR F 213 15.44 -113.98 -10.35
CA THR F 213 15.34 -115.09 -9.43
C THR F 213 13.97 -115.04 -8.75
N THR F 214 13.60 -116.16 -8.14
CA THR F 214 12.35 -116.28 -7.40
C THR F 214 12.62 -116.93 -6.06
N VAL F 215 12.07 -116.34 -5.00
CA VAL F 215 12.23 -116.84 -3.64
C VAL F 215 10.93 -117.49 -3.21
N THR F 216 11.00 -118.74 -2.79
CA THR F 216 9.84 -119.49 -2.35
C THR F 216 10.15 -120.20 -1.03
N ASN F 217 9.12 -120.39 -0.22
CA ASN F 217 9.29 -121.05 1.06
C ASN F 217 9.67 -122.51 0.86
N VAL F 218 10.40 -123.06 1.83
CA VAL F 218 10.78 -124.47 1.78
C VAL F 218 9.54 -125.36 1.86
N GLU F 219 8.54 -124.93 2.63
CA GLU F 219 7.28 -125.68 2.70
C GLU F 219 6.54 -125.63 1.38
N THR F 220 6.60 -124.50 0.67
CA THR F 220 5.87 -124.38 -0.59
C THR F 220 6.50 -125.23 -1.69
N VAL F 221 7.83 -125.35 -1.70
CA VAL F 221 8.47 -126.18 -2.70
C VAL F 221 8.45 -127.66 -2.33
N ALA F 222 8.37 -127.98 -1.03
CA ALA F 222 8.31 -129.38 -0.63
C ALA F 222 7.03 -130.05 -1.11
N VAL F 223 5.94 -129.30 -1.23
CA VAL F 223 4.69 -129.87 -1.73
C VAL F 223 4.61 -129.86 -3.25
N SER F 224 5.59 -129.25 -3.92
CA SER F 224 5.57 -129.21 -5.38
C SER F 224 5.61 -130.61 -6.02
N PRO F 225 6.50 -131.52 -5.64
CA PRO F 225 6.54 -132.82 -6.34
C PRO F 225 5.31 -133.66 -6.10
N THR F 226 4.81 -133.71 -4.87
CA THR F 226 3.64 -134.54 -4.58
C THR F 226 2.38 -134.00 -5.25
N ILE F 227 2.30 -132.68 -5.45
CA ILE F 227 1.14 -132.11 -6.13
C ILE F 227 1.07 -132.57 -7.57
N LEU F 228 2.21 -132.54 -8.27
CA LEU F 228 2.23 -132.97 -9.67
C LEU F 228 1.96 -134.47 -9.79
N ARG F 229 2.58 -135.27 -8.92
CA ARG F 229 2.40 -136.72 -9.01
C ARG F 229 0.98 -137.12 -8.64
N ARG F 230 0.46 -136.61 -7.53
CA ARG F 230 -0.89 -136.96 -7.10
C ARG F 230 -1.96 -136.23 -7.90
N GLY F 231 -1.60 -135.18 -8.64
CA GLY F 231 -2.55 -134.47 -9.45
C GLY F 231 -2.99 -133.17 -8.81
N PRO F 232 -2.98 -132.09 -9.58
CA PRO F 232 -3.43 -130.80 -9.05
C PRO F 232 -4.88 -130.80 -8.60
N GLU F 233 -5.75 -131.59 -9.25
CA GLU F 233 -7.16 -131.60 -8.89
C GLU F 233 -7.37 -132.17 -7.49
N TRP F 234 -6.58 -133.18 -7.11
CA TRP F 234 -6.71 -133.75 -5.77
C TRP F 234 -6.36 -132.71 -4.71
N PHE F 235 -5.31 -131.92 -4.94
CA PHE F 235 -4.90 -130.92 -3.98
C PHE F 235 -5.96 -129.84 -3.78
N SER F 236 -6.64 -129.45 -4.85
CA SER F 236 -7.64 -128.39 -4.76
C SER F 236 -8.89 -128.80 -3.98
N SER F 237 -9.05 -130.09 -3.68
CA SER F 237 -10.23 -130.54 -2.95
C SER F 237 -10.19 -130.18 -1.46
N PHE F 238 -9.01 -130.03 -0.89
CA PHE F 238 -8.86 -129.78 0.55
C PHE F 238 -8.87 -128.28 0.79
N GLY F 239 -9.99 -127.77 1.29
CA GLY F 239 -10.13 -126.37 1.61
C GLY F 239 -11.36 -125.80 0.93
N ARG F 240 -11.31 -124.48 0.69
CA ARG F 240 -12.40 -123.80 0.01
C ARG F 240 -11.87 -123.01 -1.19
N LYS F 241 -12.72 -122.15 -1.76
CA LYS F 241 -12.43 -121.53 -3.05
C LYS F 241 -11.13 -120.73 -3.02
N ASN F 242 -10.30 -120.94 -4.04
CA ASN F 242 -9.10 -120.19 -4.40
C ASN F 242 -8.02 -120.18 -3.33
N ASN F 243 -8.24 -120.88 -2.21
CA ASN F 243 -7.23 -120.97 -1.15
C ASN F 243 -7.19 -122.37 -0.57
N ALA F 244 -7.23 -123.38 -1.44
CA ALA F 244 -7.31 -124.76 -0.99
C ALA F 244 -5.92 -125.38 -0.87
N GLY F 245 -5.83 -126.41 -0.04
CA GLY F 245 -4.60 -127.14 0.15
C GLY F 245 -4.53 -127.75 1.53
N THR F 246 -3.31 -128.10 1.94
CA THR F 246 -3.03 -128.61 3.28
C THR F 246 -1.94 -127.75 3.91
N LYS F 247 -2.16 -127.34 5.15
CA LYS F 247 -1.26 -126.43 5.85
C LYS F 247 -0.74 -127.09 7.12
N LEU F 248 0.55 -126.90 7.39
CA LEU F 248 1.14 -127.38 8.63
C LEU F 248 0.88 -126.38 9.75
N PHE F 249 0.44 -126.88 10.89
CA PHE F 249 0.12 -126.05 12.05
C PHE F 249 1.03 -126.45 13.21
N CYS F 250 1.83 -125.51 13.68
CA CYS F 250 2.72 -125.73 14.82
C CYS F 250 2.04 -125.15 16.07
N ILE F 251 1.14 -125.94 16.65
CA ILE F 251 0.39 -125.49 17.81
C ILE F 251 1.30 -125.44 19.03
N SER F 252 1.14 -124.39 19.83
CA SER F 252 1.91 -124.23 21.05
C SER F 252 1.17 -123.25 21.96
N GLY F 253 1.69 -123.09 23.17
CA GLY F 253 1.08 -122.20 24.14
C GLY F 253 0.58 -122.93 25.37
N HIS F 254 -0.50 -122.42 25.98
CA HIS F 254 -1.09 -123.05 27.16
C HIS F 254 -2.06 -124.16 26.76
N VAL F 255 -1.52 -125.20 26.15
CA VAL F 255 -2.27 -126.39 25.78
C VAL F 255 -1.54 -127.62 26.28
N ASN F 256 -2.26 -128.72 26.37
CA ASN F 256 -1.68 -129.99 26.79
C ASN F 256 -1.28 -130.82 25.57
N LYS F 257 -0.03 -131.27 25.55
CA LYS F 257 0.55 -132.03 24.45
C LYS F 257 0.33 -131.31 23.12
N PRO F 258 1.03 -130.20 22.88
CA PRO F 258 0.86 -129.49 21.60
C PRO F 258 1.47 -130.29 20.46
N CYS F 259 0.70 -130.43 19.39
CA CYS F 259 1.13 -131.19 18.22
C CYS F 259 1.54 -130.25 17.09
N THR F 260 2.15 -130.84 16.06
CA THR F 260 2.57 -130.14 14.85
C THR F 260 2.03 -130.85 13.61
N VAL F 261 0.79 -131.33 13.70
CA VAL F 261 0.23 -132.17 12.65
C VAL F 261 -0.12 -131.33 11.43
N GLU F 262 -0.16 -131.99 10.27
CA GLU F 262 -0.62 -131.39 9.03
C GLU F 262 -2.08 -131.77 8.80
N GLU F 263 -2.92 -130.77 8.53
CA GLU F 263 -4.33 -130.99 8.30
C GLU F 263 -4.79 -130.16 7.12
N GLU F 264 -6.11 -130.09 6.94
CA GLU F 264 -6.70 -129.38 5.82
C GLU F 264 -6.41 -127.89 5.94
N MET F 265 -6.82 -127.13 4.92
CA MET F 265 -6.52 -125.71 4.89
C MET F 265 -7.50 -124.92 5.75
N SER F 266 -8.79 -125.07 5.49
CA SER F 266 -9.82 -124.31 6.21
C SER F 266 -10.28 -125.09 7.45
N ILE F 267 -9.32 -125.39 8.31
CA ILE F 267 -9.60 -126.11 9.55
C ILE F 267 -10.23 -125.14 10.55
N PRO F 268 -11.38 -125.47 11.15
CA PRO F 268 -11.90 -124.63 12.22
C PRO F 268 -10.94 -124.58 13.39
N LEU F 269 -10.84 -123.40 14.01
CA LEU F 269 -9.88 -123.22 15.11
C LEU F 269 -10.27 -124.08 16.32
N LYS F 270 -11.56 -124.14 16.65
CA LYS F 270 -12.00 -124.93 17.79
C LYS F 270 -11.67 -126.40 17.59
N GLU F 271 -11.97 -126.93 16.40
CA GLU F 271 -11.68 -128.33 16.11
C GLU F 271 -10.19 -128.62 16.18
N LEU F 272 -9.37 -127.73 15.60
CA LEU F 272 -7.92 -127.94 15.62
C LEU F 272 -7.38 -127.93 17.03
N ILE F 273 -7.85 -127.00 17.87
CA ILE F 273 -7.34 -126.90 19.22
C ILE F 273 -7.79 -128.09 20.07
N GLU F 274 -9.06 -128.45 19.98
CA GLU F 274 -9.64 -129.44 20.88
C GLU F 274 -9.53 -130.87 20.37
N ARG F 275 -9.05 -131.09 19.14
CA ARG F 275 -8.97 -132.44 18.59
C ARG F 275 -7.56 -133.01 18.67
N HIS F 276 -6.56 -132.27 18.18
CA HIS F 276 -5.20 -132.81 18.13
C HIS F 276 -4.45 -132.54 19.43
N CYS F 277 -4.35 -131.28 19.82
CA CYS F 277 -3.53 -130.90 20.97
C CYS F 277 -4.35 -130.87 22.26
N GLY F 278 -5.09 -131.94 22.53
CA GLY F 278 -5.88 -132.02 23.74
C GLY F 278 -6.85 -130.88 23.86
N GLY F 279 -6.56 -129.95 24.77
CA GLY F 279 -7.35 -128.74 24.94
C GLY F 279 -6.51 -127.67 25.59
N VAL F 280 -7.00 -126.43 25.47
CA VAL F 280 -6.31 -125.31 26.10
C VAL F 280 -6.27 -125.53 27.61
N ARG F 281 -5.13 -125.20 28.22
CA ARG F 281 -4.94 -125.44 29.64
C ARG F 281 -5.99 -124.71 30.46
N GLY F 282 -6.58 -125.40 31.43
CA GLY F 282 -7.66 -124.85 32.22
C GLY F 282 -9.01 -124.91 31.55
N GLY F 283 -9.11 -125.49 30.36
CA GLY F 283 -10.37 -125.55 29.64
C GLY F 283 -10.59 -124.35 28.74
N TRP F 284 -11.57 -124.49 27.84
CA TRP F 284 -11.91 -123.43 26.91
C TRP F 284 -12.54 -122.22 27.61
N ASP F 285 -12.91 -122.34 28.88
CA ASP F 285 -13.55 -121.24 29.57
C ASP F 285 -12.64 -120.02 29.72
N ASN F 286 -11.32 -120.24 29.86
CA ASN F 286 -10.43 -119.11 30.07
C ASN F 286 -10.11 -118.42 28.75
N LEU F 287 -9.35 -119.11 27.90
CA LEU F 287 -9.08 -118.71 26.51
C LEU F 287 -8.93 -117.19 26.38
N LEU F 288 -7.93 -116.66 27.08
CA LEU F 288 -7.75 -115.21 27.11
C LEU F 288 -7.55 -114.64 25.71
N ALA F 289 -6.63 -115.22 24.95
CA ALA F 289 -6.35 -114.74 23.60
C ALA F 289 -5.60 -115.83 22.85
N ILE F 290 -5.44 -115.60 21.54
CA ILE F 290 -4.75 -116.55 20.68
C ILE F 290 -4.25 -115.80 19.44
N ILE F 291 -3.02 -116.10 19.05
CA ILE F 291 -2.41 -115.54 17.84
C ILE F 291 -2.55 -116.59 16.75
N PRO F 292 -3.38 -116.37 15.73
CA PRO F 292 -3.43 -117.32 14.62
C PRO F 292 -2.19 -117.19 13.74
N GLY F 293 -1.52 -118.31 13.53
CA GLY F 293 -0.27 -118.23 12.81
C GLY F 293 0.83 -117.60 13.65
N GLY F 294 1.86 -117.13 12.97
CA GLY F 294 3.02 -116.58 13.64
C GLY F 294 2.69 -115.29 14.36
N SER F 295 3.69 -114.81 15.11
CA SER F 295 3.51 -113.64 15.96
C SER F 295 3.48 -112.33 15.19
N SER F 296 3.70 -112.36 13.88
CA SER F 296 3.72 -111.16 13.05
C SER F 296 2.32 -110.71 12.63
N VAL F 297 1.27 -111.17 13.31
CA VAL F 297 -0.09 -110.85 12.94
C VAL F 297 -0.81 -110.34 14.19
N PRO F 298 -1.86 -109.55 14.03
CA PRO F 298 -2.60 -109.04 15.19
C PRO F 298 -3.30 -110.16 15.96
N LEU F 299 -3.55 -109.87 17.24
CA LEU F 299 -4.14 -110.82 18.15
C LEU F 299 -5.64 -110.93 17.96
N ILE F 300 -6.19 -112.09 18.32
CA ILE F 300 -7.63 -112.35 18.26
C ILE F 300 -8.12 -112.66 19.67
N PRO F 301 -9.12 -111.95 20.18
CA PRO F 301 -9.59 -112.17 21.55
C PRO F 301 -10.51 -113.39 21.61
N LYS F 302 -11.07 -113.61 22.81
CA LYS F 302 -11.90 -114.79 23.05
C LYS F 302 -13.18 -114.75 22.24
N ASN F 303 -13.79 -113.57 22.08
CA ASN F 303 -15.10 -113.47 21.47
C ASN F 303 -15.08 -113.95 20.01
N ILE F 304 -14.05 -113.58 19.26
CA ILE F 304 -14.06 -113.77 17.81
C ILE F 304 -13.08 -114.86 17.36
N CYS F 305 -12.57 -115.68 18.28
CA CYS F 305 -11.84 -116.87 17.86
C CYS F 305 -12.75 -118.08 17.74
N GLU F 306 -14.03 -117.94 18.10
CA GLU F 306 -14.99 -119.02 17.91
C GLU F 306 -15.60 -118.93 16.53
N ASP F 307 -15.84 -120.10 15.92
CA ASP F 307 -16.44 -120.20 14.59
C ASP F 307 -15.62 -119.43 13.55
N VAL F 308 -14.29 -119.50 13.69
CA VAL F 308 -13.37 -118.88 12.77
C VAL F 308 -12.63 -119.97 12.01
N LEU F 309 -12.44 -119.77 10.71
CA LEU F 309 -11.81 -120.75 9.85
C LEU F 309 -10.38 -120.34 9.54
N MET F 310 -9.47 -121.30 9.66
CA MET F 310 -8.03 -121.01 9.54
C MET F 310 -7.60 -120.90 8.07
N ASP F 311 -8.23 -119.97 7.37
CA ASP F 311 -7.91 -119.68 5.98
C ASP F 311 -7.29 -118.30 5.87
N PHE F 312 -6.59 -118.07 4.75
CA PHE F 312 -5.97 -116.78 4.51
C PHE F 312 -7.01 -115.67 4.50
N ASP F 313 -8.05 -115.81 3.69
CA ASP F 313 -9.04 -114.75 3.55
C ASP F 313 -9.96 -114.68 4.76
N ALA F 314 -10.32 -115.84 5.32
CA ALA F 314 -11.21 -115.85 6.49
C ALA F 314 -10.55 -115.14 7.67
N LEU F 315 -9.25 -115.37 7.88
CA LEU F 315 -8.54 -114.68 8.95
C LEU F 315 -8.27 -113.22 8.57
N LYS F 316 -7.98 -112.96 7.30
CA LYS F 316 -7.68 -111.60 6.87
C LYS F 316 -8.89 -110.68 7.06
N ALA F 317 -10.09 -111.20 6.86
CA ALA F 317 -11.30 -110.41 7.10
C ALA F 317 -11.47 -110.05 8.57
N VAL F 318 -10.75 -110.71 9.47
CA VAL F 318 -10.84 -110.42 10.91
C VAL F 318 -9.72 -109.46 11.32
N GLN F 319 -9.04 -108.85 10.35
CA GLN F 319 -7.91 -107.95 10.60
C GLN F 319 -6.76 -108.65 11.32
N SER F 320 -6.63 -109.96 11.10
CA SER F 320 -5.52 -110.74 11.65
C SER F 320 -5.23 -111.88 10.68
N GLY F 321 -4.28 -111.66 9.78
CA GLY F 321 -4.00 -112.63 8.75
C GLY F 321 -3.30 -113.87 9.29
N LEU F 322 -3.13 -114.84 8.40
CA LEU F 322 -2.43 -116.08 8.72
C LEU F 322 -1.03 -116.02 8.13
N GLY F 323 -0.03 -116.19 8.98
CA GLY F 323 1.35 -116.15 8.54
C GLY F 323 1.97 -117.51 8.37
N THR F 324 2.79 -117.91 9.33
CA THR F 324 3.46 -119.20 9.30
C THR F 324 2.60 -120.34 9.84
N ALA F 325 1.38 -120.05 10.29
CA ALA F 325 0.44 -121.05 10.78
C ALA F 325 1.02 -121.83 11.96
N ALA F 326 1.34 -121.10 13.02
CA ALA F 326 1.81 -121.68 14.29
C ALA F 326 1.15 -120.90 15.43
N VAL F 327 -0.01 -121.36 15.87
CA VAL F 327 -0.79 -120.60 16.84
C VAL F 327 -0.11 -120.63 18.20
N ILE F 328 -0.29 -119.54 18.95
CA ILE F 328 0.17 -119.43 20.33
C ILE F 328 -1.03 -118.99 21.16
N VAL F 329 -1.59 -119.90 21.93
CA VAL F 329 -2.75 -119.59 22.75
C VAL F 329 -2.29 -119.02 24.09
N MET F 330 -3.15 -118.21 24.71
CA MET F 330 -2.88 -117.63 26.02
C MET F 330 -4.06 -117.91 26.92
N ASP F 331 -3.79 -118.52 28.07
CA ASP F 331 -4.82 -118.73 29.07
C ASP F 331 -5.06 -117.44 29.85
N LYS F 332 -6.17 -117.42 30.60
CA LYS F 332 -6.49 -116.25 31.41
C LYS F 332 -5.56 -116.12 32.61
N SER F 333 -4.81 -117.17 32.95
CA SER F 333 -3.91 -117.12 34.09
C SER F 333 -2.72 -116.19 33.85
N THR F 334 -2.43 -115.83 32.60
CA THR F 334 -1.32 -114.97 32.28
C THR F 334 -1.82 -113.64 31.70
N ASP F 335 -1.02 -112.60 31.87
CA ASP F 335 -1.36 -111.30 31.32
C ASP F 335 -0.95 -111.19 29.86
N VAL F 336 -1.69 -110.37 29.11
CA VAL F 336 -1.42 -110.21 27.69
C VAL F 336 -0.47 -109.04 27.42
N VAL F 337 -0.44 -108.04 28.30
CA VAL F 337 0.42 -106.88 28.07
C VAL F 337 1.89 -107.28 28.12
N ASP F 338 2.27 -108.16 29.05
CA ASP F 338 3.66 -108.56 29.17
C ASP F 338 4.14 -109.31 27.93
N ALA F 339 3.31 -110.23 27.41
CA ALA F 339 3.69 -111.00 26.24
C ALA F 339 3.89 -110.10 25.02
N ILE F 340 2.97 -109.14 24.83
CA ILE F 340 3.10 -108.23 23.69
C ILE F 340 4.28 -107.29 23.89
N ALA F 341 4.58 -106.89 25.13
CA ALA F 341 5.76 -106.07 25.38
C ALA F 341 7.04 -106.82 25.03
N ARG F 342 7.11 -108.10 25.40
CA ARG F 342 8.27 -108.90 25.06
C ARG F 342 8.38 -109.11 23.55
N LEU F 343 7.23 -109.28 22.88
CA LEU F 343 7.22 -109.37 21.43
C LEU F 343 7.74 -108.08 20.78
N SER F 344 7.32 -106.93 21.31
CA SER F 344 7.80 -105.66 20.79
C SER F 344 9.30 -105.51 21.02
N TYR F 345 9.80 -105.98 22.16
CA TYR F 345 11.23 -105.98 22.39
C TYR F 345 11.95 -106.85 21.38
N PHE F 346 11.37 -108.01 21.07
CA PHE F 346 11.98 -108.89 20.05
C PHE F 346 12.03 -108.19 18.70
N TYR F 347 10.95 -107.50 18.32
CA TYR F 347 10.94 -106.79 17.04
C TYR F 347 11.95 -105.65 17.04
N LYS F 348 12.11 -104.98 18.18
CA LYS F 348 13.15 -103.95 18.29
C LYS F 348 14.53 -104.55 18.13
N HIS F 349 14.74 -105.76 18.66
CA HIS F 349 16.05 -106.38 18.63
C HIS F 349 16.47 -106.73 17.21
N GLU F 350 15.53 -107.20 16.38
CA GLU F 350 15.82 -107.68 15.04
C GLU F 350 15.13 -106.76 14.04
N SER F 351 15.81 -105.68 13.66
CA SER F 351 15.23 -104.73 12.72
C SER F 351 16.19 -104.21 11.66
N CYS F 352 17.48 -104.56 11.72
CA CYS F 352 18.50 -104.23 10.74
C CYS F 352 18.67 -102.72 10.55
N GLY F 353 17.90 -101.93 11.28
CA GLY F 353 18.02 -100.49 11.32
C GLY F 353 18.37 -99.77 10.03
N GLN F 354 17.63 -100.04 8.96
CA GLN F 354 17.96 -99.38 7.68
C GLN F 354 17.13 -98.12 7.49
N CYS F 355 15.81 -98.24 7.44
CA CYS F 355 14.95 -97.09 7.23
C CYS F 355 14.53 -96.46 8.56
N THR F 356 14.25 -95.16 8.52
CA THR F 356 13.99 -94.41 9.74
C THR F 356 12.79 -94.92 10.53
N PRO F 357 11.60 -95.11 9.94
CA PRO F 357 10.45 -95.49 10.77
C PRO F 357 10.64 -96.79 11.54
N CYS F 358 11.27 -97.80 10.95
CA CYS F 358 11.48 -99.04 11.69
C CYS F 358 12.63 -98.92 12.68
N ARG F 359 13.67 -98.18 12.34
CA ARG F 359 14.84 -98.09 13.22
C ARG F 359 14.50 -97.39 14.52
N GLU F 360 13.70 -96.33 14.45
CA GLU F 360 13.33 -95.57 15.65
C GLU F 360 11.95 -95.93 16.19
N GLY F 361 11.01 -96.26 15.29
CA GLY F 361 9.65 -96.51 15.73
C GLY F 361 9.53 -97.76 16.59
N THR F 362 10.27 -98.82 16.25
CA THR F 362 10.21 -100.03 17.06
C THR F 362 10.75 -99.79 18.46
N GLY F 363 11.85 -99.05 18.57
CA GLY F 363 12.35 -98.69 19.89
C GLY F 363 11.36 -97.84 20.67
N TRP F 364 10.71 -96.90 20.00
CA TRP F 364 9.71 -96.09 20.69
C TRP F 364 8.54 -96.93 21.16
N LEU F 365 8.09 -97.88 20.33
CA LEU F 365 7.01 -98.78 20.72
C LEU F 365 7.42 -99.58 21.95
N TRP F 366 8.64 -100.11 21.95
CA TRP F 366 9.10 -100.88 23.09
C TRP F 366 9.13 -100.03 24.35
N MET F 367 9.62 -98.80 24.24
CA MET F 367 9.69 -97.93 25.42
C MET F 367 8.31 -97.62 25.95
N ILE F 368 7.38 -97.25 25.06
CA ILE F 368 6.04 -96.88 25.50
C ILE F 368 5.33 -98.06 26.15
N MET F 369 5.43 -99.24 25.55
CA MET F 369 4.72 -100.38 26.12
C MET F 369 5.41 -100.95 27.35
N GLU F 370 6.72 -100.79 27.49
CA GLU F 370 7.36 -101.08 28.76
C GLU F 370 6.87 -100.12 29.84
N ARG F 371 6.68 -98.85 29.50
CA ARG F 371 6.15 -97.90 30.47
C ARG F 371 4.74 -98.28 30.90
N MET F 372 3.88 -98.65 29.95
CA MET F 372 2.51 -99.00 30.30
C MET F 372 2.36 -100.43 30.83
N LYS F 373 3.41 -101.25 30.75
CA LYS F 373 3.33 -102.58 31.33
C LYS F 373 3.09 -102.51 32.83
N VAL F 374 3.73 -101.57 33.51
CA VAL F 374 3.49 -101.32 34.92
C VAL F 374 2.45 -100.23 35.07
N GLY F 375 1.90 -99.77 33.95
CA GLY F 375 0.88 -98.74 33.95
C GLY F 375 1.39 -97.33 34.20
N ASN F 376 2.71 -97.11 34.14
CA ASN F 376 3.29 -95.80 34.44
C ASN F 376 3.16 -94.89 33.22
N ALA F 377 1.92 -94.52 32.93
CA ALA F 377 1.65 -93.63 31.81
C ALA F 377 0.27 -93.00 32.00
N LYS F 378 0.03 -91.92 31.26
CA LYS F 378 -1.26 -91.26 31.27
C LYS F 378 -2.27 -92.06 30.45
N LEU F 379 -3.55 -91.72 30.62
CA LEU F 379 -4.60 -92.42 29.90
C LEU F 379 -4.54 -92.13 28.40
N GLU F 380 -4.11 -90.93 28.02
CA GLU F 380 -4.07 -90.55 26.61
C GLU F 380 -2.95 -91.23 25.84
N GLU F 381 -2.06 -91.95 26.52
CA GLU F 381 -0.96 -92.61 25.83
C GLU F 381 -1.43 -93.71 24.89
N ILE F 382 -2.66 -94.19 25.03
CA ILE F 382 -3.16 -95.23 24.13
C ILE F 382 -3.38 -94.65 22.74
N ASP F 383 -3.99 -93.46 22.65
CA ASP F 383 -4.15 -92.80 21.35
C ASP F 383 -2.80 -92.42 20.77
N MET F 384 -1.85 -92.04 21.63
CA MET F 384 -0.49 -91.78 21.17
C MET F 384 0.13 -93.03 20.57
N LEU F 385 -0.08 -94.18 21.22
CA LEU F 385 0.44 -95.43 20.70
C LEU F 385 -0.21 -95.78 19.36
N GLN F 386 -1.52 -95.56 19.25
CA GLN F 386 -2.21 -95.80 17.98
C GLN F 386 -1.63 -94.93 16.88
N GLU F 387 -1.40 -93.65 17.16
CA GLU F 387 -0.85 -92.75 16.15
C GLU F 387 0.57 -93.15 15.77
N VAL F 388 1.37 -93.57 16.75
CA VAL F 388 2.74 -93.99 16.46
C VAL F 388 2.74 -95.24 15.57
N THR F 389 1.87 -96.20 15.87
CA THR F 389 1.77 -97.40 15.05
C THR F 389 1.31 -97.05 13.64
N LYS F 390 0.36 -96.11 13.51
CA LYS F 390 -0.07 -95.68 12.19
C LYS F 390 1.07 -95.02 11.42
N GLN F 391 1.89 -94.23 12.12
CA GLN F 391 3.03 -93.59 11.47
C GLN F 391 4.04 -94.63 11.00
N ILE F 392 4.30 -95.65 11.81
CA ILE F 392 5.25 -96.69 11.42
C ILE F 392 4.72 -97.49 10.24
N GLU F 393 3.45 -97.86 10.28
CA GLU F 393 2.90 -98.75 9.26
C GLU F 393 2.80 -98.04 7.91
N GLY F 394 3.25 -98.74 6.86
CA GLY F 394 3.12 -98.24 5.51
C GLY F 394 4.23 -97.35 5.02
N HIS F 395 5.11 -96.87 5.91
CA HIS F 395 6.17 -95.96 5.53
C HIS F 395 7.54 -96.62 5.56
N THR F 396 7.61 -97.94 5.71
CA THR F 396 8.87 -98.64 5.85
C THR F 396 9.31 -99.21 4.50
N ILE F 397 10.46 -99.88 4.50
CA ILE F 397 10.98 -100.48 3.28
C ILE F 397 10.41 -101.89 3.09
N CYS F 398 10.54 -102.74 4.10
CA CYS F 398 10.02 -104.09 4.08
C CYS F 398 8.80 -104.18 5.01
N ALA F 399 8.30 -105.39 5.19
CA ALA F 399 7.08 -105.61 5.98
C ALA F 399 7.36 -105.85 7.46
N LEU F 400 8.62 -105.78 7.90
CA LEU F 400 8.89 -105.96 9.32
C LEU F 400 8.32 -104.80 10.14
N GLY F 401 8.34 -103.60 9.57
CA GLY F 401 7.74 -102.47 10.27
C GLY F 401 6.26 -102.67 10.53
N ASP F 402 5.53 -103.12 9.51
CA ASP F 402 4.13 -103.49 9.72
C ASP F 402 4.01 -104.67 10.66
N ALA F 403 4.95 -105.62 10.57
CA ALA F 403 4.96 -106.77 11.46
C ALA F 403 5.22 -106.37 12.91
N ALA F 404 5.82 -105.20 13.13
CA ALA F 404 6.01 -104.72 14.50
C ALA F 404 4.89 -103.80 14.95
N ALA F 405 4.23 -103.12 14.01
CA ALA F 405 3.10 -102.27 14.38
C ALA F 405 1.83 -103.08 14.63
N TRP F 406 1.66 -104.21 13.94
CA TRP F 406 0.41 -104.97 14.02
C TRP F 406 0.11 -105.51 15.42
N PRO F 407 1.04 -106.15 16.13
CA PRO F 407 0.68 -106.67 17.47
C PRO F 407 0.21 -105.60 18.42
N VAL F 408 0.81 -104.41 18.37
CA VAL F 408 0.39 -103.33 19.25
C VAL F 408 -1.03 -102.89 18.93
N GLN F 409 -1.34 -102.74 17.64
CA GLN F 409 -2.70 -102.38 17.24
C GLN F 409 -3.69 -103.45 17.65
N GLY F 410 -3.32 -104.73 17.51
CA GLY F 410 -4.20 -105.80 17.93
C GLY F 410 -4.47 -105.77 19.43
N LEU F 411 -3.44 -105.53 20.23
CA LEU F 411 -3.64 -105.42 21.67
C LEU F 411 -4.53 -104.24 22.01
N ILE F 412 -4.31 -103.10 21.36
CA ILE F 412 -5.11 -101.91 21.67
C ILE F 412 -6.56 -102.11 21.29
N ARG F 413 -6.82 -102.69 20.12
CA ARG F 413 -8.19 -102.78 19.62
C ARG F 413 -9.05 -103.71 20.48
N HIS F 414 -8.50 -104.85 20.88
CA HIS F 414 -9.31 -105.87 21.55
C HIS F 414 -9.14 -105.89 23.07
N PHE F 415 -8.00 -105.45 23.59
CA PHE F 415 -7.72 -105.54 25.01
C PHE F 415 -7.39 -104.17 25.58
N ARG F 416 -8.05 -103.13 25.08
CA ARG F 416 -7.87 -101.79 25.62
C ARG F 416 -8.22 -101.68 27.10
N PRO F 417 -9.38 -102.17 27.58
CA PRO F 417 -9.77 -101.87 28.97
C PRO F 417 -8.76 -102.32 30.00
N GLU F 418 -7.94 -103.33 29.70
CA GLU F 418 -6.87 -103.72 30.63
C GLU F 418 -5.90 -102.57 30.83
N LEU F 419 -5.60 -101.82 29.77
CA LEU F 419 -4.67 -100.70 29.89
C LEU F 419 -5.22 -99.60 30.78
N GLU F 420 -6.49 -99.22 30.58
CA GLU F 420 -7.09 -98.24 31.48
C GLU F 420 -7.17 -98.76 32.90
N ARG F 421 -7.43 -100.05 33.07
CA ARG F 421 -7.48 -100.62 34.42
C ARG F 421 -6.13 -100.47 35.12
N ARG F 422 -5.05 -100.83 34.43
CA ARG F 422 -3.71 -100.72 35.02
C ARG F 422 -3.37 -99.27 35.31
N ILE F 423 -3.64 -98.37 34.37
CA ILE F 423 -3.30 -96.96 34.56
C ILE F 423 -4.07 -96.38 35.73
N ARG F 424 -5.38 -96.65 35.79
CA ARG F 424 -6.21 -96.13 36.87
C ARG F 424 -5.78 -96.68 38.22
N GLU F 425 -5.49 -97.99 38.30
CA GLU F 425 -5.11 -98.55 39.59
C GLU F 425 -3.75 -98.00 40.04
N ARG F 426 -2.83 -97.79 39.11
CA ARG F 426 -1.56 -97.17 39.50
C ARG F 426 -1.75 -95.73 39.95
N ALA F 427 -2.68 -95.00 39.30
CA ALA F 427 -2.98 -93.65 39.74
C ALA F 427 -3.57 -93.64 41.15
N GLU F 428 -4.47 -94.58 41.44
CA GLU F 428 -5.02 -94.67 42.78
C GLU F 428 -3.94 -95.00 43.80
N ARG F 429 -3.03 -95.92 43.47
CA ARG F 429 -1.93 -96.20 44.39
C ARG F 429 -1.06 -94.96 44.62
N GLU F 430 -0.75 -94.23 43.54
CA GLU F 430 0.09 -93.05 43.67
C GLU F 430 -0.56 -91.99 44.54
N LEU F 431 -1.87 -91.76 44.37
CA LEU F 431 -2.54 -90.79 45.22
C LEU F 431 -2.73 -91.28 46.64
N LEU F 432 -2.85 -92.61 46.84
CA LEU F 432 -3.01 -93.14 48.19
C LEU F 432 -1.72 -93.01 48.99
N GLN F 433 -0.59 -93.40 48.40
CA GLN F 433 0.71 -93.24 49.06
C GLN F 433 1.30 -91.87 48.71
N ALA F 434 0.94 -90.88 49.52
CA ALA F 434 1.41 -89.51 49.39
C ALA F 434 1.12 -88.94 48.01
N ARG G 1 5.61 -74.23 -15.99
CA ARG G 1 6.59 -73.96 -14.93
C ARG G 1 8.01 -74.10 -15.44
N ASN G 2 8.97 -73.62 -14.65
CA ASN G 2 10.38 -73.78 -14.95
C ASN G 2 11.02 -74.74 -13.95
N PRO G 3 12.01 -75.51 -14.37
CA PRO G 3 12.66 -76.46 -13.45
C PRO G 3 13.29 -75.73 -12.27
N VAL G 4 13.19 -76.34 -11.10
CA VAL G 4 13.74 -75.74 -9.89
C VAL G 4 15.25 -75.81 -9.93
N GLY G 5 15.90 -74.69 -9.58
CA GLY G 5 17.34 -74.61 -9.64
C GLY G 5 17.91 -74.47 -11.04
N GLY G 6 17.06 -74.22 -12.04
CA GLY G 6 17.54 -74.11 -13.40
C GLY G 6 18.08 -75.39 -13.98
N ALA G 7 17.67 -76.54 -13.45
CA ALA G 7 18.20 -77.81 -13.91
C ALA G 7 17.86 -78.05 -15.37
N ARG G 8 18.84 -78.53 -16.13
CA ARG G 8 18.67 -78.79 -17.56
C ARG G 8 18.40 -80.26 -17.78
N VAL G 9 17.35 -80.55 -18.54
CA VAL G 9 16.95 -81.92 -18.86
C VAL G 9 17.49 -82.25 -20.24
N HIS G 10 18.33 -83.28 -20.32
CA HIS G 10 18.95 -83.70 -21.57
C HIS G 10 18.15 -84.86 -22.14
N PHE G 11 17.45 -84.62 -23.24
CA PHE G 11 16.65 -85.65 -23.91
C PHE G 11 17.55 -86.37 -24.91
N SER G 12 18.15 -87.47 -24.46
CA SER G 12 18.96 -88.29 -25.35
C SER G 12 18.10 -89.05 -26.36
N ASN G 13 16.79 -89.11 -26.15
CA ASN G 13 15.86 -89.72 -27.10
C ASN G 13 14.62 -88.84 -27.18
N PRO G 14 14.48 -88.03 -28.24
CA PRO G 14 13.30 -87.17 -28.36
C PRO G 14 12.00 -87.95 -28.42
N GLU G 15 12.01 -89.16 -28.98
CA GLU G 15 10.78 -89.93 -29.11
C GLU G 15 10.29 -90.43 -27.75
N ASP G 16 11.21 -90.83 -26.87
CA ASP G 16 10.84 -91.38 -25.57
C ASP G 16 10.79 -90.23 -24.55
N ALA G 17 9.58 -89.77 -24.26
CA ALA G 17 9.37 -88.76 -23.21
C ALA G 17 7.99 -89.02 -22.61
N ILE G 18 7.96 -89.77 -21.51
CA ILE G 18 6.70 -90.11 -20.87
C ILE G 18 6.15 -88.88 -20.18
N GLU G 19 4.84 -88.68 -20.27
CA GLU G 19 4.18 -87.52 -19.70
C GLU G 19 3.50 -87.90 -18.39
N VAL G 20 3.80 -87.16 -17.33
CA VAL G 20 3.32 -87.46 -15.99
C VAL G 20 2.66 -86.22 -15.41
N PHE G 21 1.78 -86.46 -14.44
CA PHE G 21 1.06 -85.39 -13.74
C PHE G 21 1.61 -85.31 -12.33
N VAL G 22 2.51 -84.35 -12.10
CA VAL G 22 3.15 -84.24 -10.79
C VAL G 22 2.14 -83.81 -9.72
N ASP G 23 1.36 -82.75 -10.02
CA ASP G 23 0.29 -82.32 -9.14
C ASP G 23 -0.92 -81.83 -9.93
N GLY G 24 -1.13 -82.40 -11.11
CA GLY G 24 -2.12 -81.89 -12.05
C GLY G 24 -1.53 -81.10 -13.19
N TYR G 25 -0.26 -80.73 -13.11
CA TYR G 25 0.44 -80.03 -14.19
C TYR G 25 1.30 -81.04 -14.93
N ALA G 26 0.91 -81.38 -16.15
CA ALA G 26 1.60 -82.41 -16.91
C ALA G 26 2.96 -81.92 -17.39
N VAL G 27 3.97 -82.78 -17.24
CA VAL G 27 5.32 -82.51 -17.72
C VAL G 27 5.85 -83.74 -18.43
N LYS G 28 6.85 -83.53 -19.27
CA LYS G 28 7.44 -84.60 -20.07
C LYS G 28 8.86 -84.88 -19.60
N VAL G 29 9.15 -86.14 -19.28
CA VAL G 29 10.49 -86.55 -18.86
C VAL G 29 10.87 -87.82 -19.57
N PRO G 30 12.17 -88.01 -19.82
CA PRO G 30 12.61 -89.21 -20.54
C PRO G 30 12.48 -90.48 -19.73
N LYS G 31 12.91 -91.60 -20.29
CA LYS G 31 12.90 -92.86 -19.56
C LYS G 31 13.82 -92.77 -18.35
N GLY G 32 13.43 -93.43 -17.26
CA GLY G 32 14.11 -93.24 -16.00
C GLY G 32 13.51 -92.08 -15.25
N PHE G 33 14.34 -91.21 -14.69
CA PHE G 33 13.89 -90.00 -14.00
C PHE G 33 12.86 -90.33 -12.92
N THR G 34 13.35 -91.00 -11.89
CA THR G 34 12.52 -91.39 -10.76
C THR G 34 11.64 -90.24 -10.27
N VAL G 35 10.51 -90.60 -9.67
CA VAL G 35 9.44 -89.65 -9.35
C VAL G 35 9.97 -88.36 -8.73
N LEU G 36 11.05 -88.45 -7.95
CA LEU G 36 11.65 -87.24 -7.40
C LEU G 36 12.14 -86.32 -8.50
N GLN G 37 12.84 -86.88 -9.49
CA GLN G 37 13.36 -86.06 -10.58
C GLN G 37 12.25 -85.48 -11.44
N ALA G 38 11.17 -86.23 -11.63
CA ALA G 38 10.03 -85.70 -12.38
C ALA G 38 9.45 -84.48 -11.68
N CYS G 39 9.32 -84.54 -10.36
CA CYS G 39 8.86 -83.37 -9.61
C CYS G 39 9.88 -82.24 -9.65
N GLU G 40 11.17 -82.57 -9.69
CA GLU G 40 12.19 -81.54 -9.81
C GLU G 40 12.07 -80.80 -11.13
N VAL G 41 11.74 -81.53 -12.20
CA VAL G 41 11.56 -80.90 -13.51
C VAL G 41 10.39 -79.92 -13.47
N ALA G 42 9.30 -80.30 -12.82
CA ALA G 42 8.08 -79.51 -12.79
C ALA G 42 8.11 -78.41 -11.74
N GLY G 43 9.28 -78.07 -11.20
CA GLY G 43 9.38 -76.98 -10.26
C GLY G 43 8.87 -77.28 -8.86
N VAL G 44 8.75 -78.55 -8.50
CA VAL G 44 8.35 -78.95 -7.16
C VAL G 44 9.58 -79.47 -6.43
N ASP G 45 9.83 -78.94 -5.23
CA ASP G 45 10.99 -79.30 -4.44
C ASP G 45 10.57 -80.22 -3.31
N ILE G 46 11.15 -81.41 -3.26
CA ILE G 46 10.73 -82.46 -2.33
C ILE G 46 11.80 -82.64 -1.27
N PRO G 47 11.42 -82.81 0.01
CA PRO G 47 12.41 -83.06 1.05
C PRO G 47 13.20 -84.32 0.80
N ARG G 48 14.47 -84.31 1.19
CA ARG G 48 15.36 -85.43 0.96
C ARG G 48 16.46 -85.42 2.01
N PHE G 49 16.82 -86.59 2.48
CA PHE G 49 17.94 -86.74 3.40
C PHE G 49 18.99 -87.73 2.92
N CYS G 50 18.57 -88.85 2.32
CA CYS G 50 19.50 -89.86 1.85
C CYS G 50 19.85 -89.72 0.37
N TYR G 51 19.07 -88.96 -0.39
CA TYR G 51 19.25 -88.88 -1.83
C TYR G 51 20.22 -87.75 -2.17
N HIS G 52 21.36 -88.11 -2.74
CA HIS G 52 22.29 -87.16 -3.33
C HIS G 52 22.36 -87.43 -4.82
N SER G 53 22.25 -86.37 -5.63
CA SER G 53 22.21 -86.53 -7.06
C SER G 53 23.52 -87.05 -7.64
N ARG G 54 24.60 -87.07 -6.85
CA ARG G 54 25.90 -87.53 -7.32
C ARG G 54 26.21 -88.96 -6.90
N LEU G 55 25.42 -89.56 -6.01
CA LEU G 55 25.68 -90.90 -5.51
C LEU G 55 24.56 -91.84 -5.90
N SER G 56 24.78 -93.11 -5.58
CA SER G 56 23.78 -94.15 -5.84
C SER G 56 22.53 -93.91 -5.00
N ILE G 57 21.40 -94.35 -5.54
CA ILE G 57 20.11 -94.14 -4.89
C ILE G 57 19.95 -95.14 -3.76
N ALA G 58 19.60 -94.65 -2.57
CA ALA G 58 19.26 -95.48 -1.43
C ALA G 58 17.88 -95.07 -0.94
N GLY G 59 17.17 -96.03 -0.35
CA GLY G 59 15.79 -95.83 0.03
C GLY G 59 15.51 -95.52 1.47
N ASN G 60 16.53 -95.49 2.33
CA ASN G 60 16.29 -95.24 3.75
C ASN G 60 15.83 -93.80 3.98
N CYS G 61 15.54 -93.50 5.24
CA CYS G 61 15.14 -92.21 5.82
C CYS G 61 13.73 -91.81 5.39
N ARG G 62 13.17 -92.53 4.41
CA ARG G 62 11.75 -92.45 4.02
C ARG G 62 11.17 -91.04 4.08
N MET G 63 11.92 -90.04 3.65
CA MET G 63 11.47 -88.66 3.80
C MET G 63 10.83 -88.10 2.54
N CYS G 64 11.21 -88.61 1.37
CA CYS G 64 10.68 -88.11 0.09
C CYS G 64 9.40 -88.83 -0.32
N LEU G 65 8.65 -89.36 0.64
CA LEU G 65 7.44 -90.09 0.33
C LEU G 65 6.40 -89.19 -0.32
N VAL G 66 5.76 -89.70 -1.37
CA VAL G 66 4.67 -89.01 -2.05
C VAL G 66 3.53 -90.02 -2.23
N GLU G 67 2.40 -89.52 -2.72
CA GLU G 67 1.22 -90.34 -2.94
C GLU G 67 0.95 -90.48 -4.43
N VAL G 68 0.81 -91.71 -4.90
CA VAL G 68 0.46 -92.02 -6.27
C VAL G 68 -0.94 -92.64 -6.26
N GLU G 69 -1.79 -92.20 -7.20
CA GLU G 69 -3.19 -92.59 -7.19
C GLU G 69 -3.35 -94.11 -7.26
N LYS G 70 -2.49 -94.78 -8.00
CA LYS G 70 -2.57 -96.23 -8.17
C LYS G 70 -1.61 -96.98 -7.23
N SER G 71 -1.38 -96.44 -6.05
CA SER G 71 -0.47 -97.06 -5.09
C SER G 71 -1.16 -97.10 -3.72
N PRO G 72 -1.20 -98.27 -3.07
CA PRO G 72 -1.79 -98.34 -1.73
C PRO G 72 -0.98 -97.59 -0.68
N LYS G 73 0.32 -97.85 -0.66
CA LYS G 73 1.30 -97.26 0.24
C LYS G 73 1.96 -96.04 -0.39
N PRO G 74 2.40 -95.07 0.41
CA PRO G 74 3.20 -93.98 -0.15
C PRO G 74 4.53 -94.50 -0.66
N VAL G 75 4.93 -94.01 -1.83
CA VAL G 75 6.10 -94.52 -2.52
C VAL G 75 7.29 -93.60 -2.27
N ALA G 76 8.48 -94.18 -2.30
CA ALA G 76 9.71 -93.40 -2.16
C ALA G 76 10.03 -92.75 -3.49
N SER G 77 9.75 -91.45 -3.60
CA SER G 77 9.90 -90.76 -4.88
C SER G 77 11.35 -90.75 -5.34
N CYS G 78 12.31 -90.86 -4.42
CA CYS G 78 13.72 -90.82 -4.79
C CYS G 78 14.19 -92.13 -5.41
N ALA G 79 13.38 -93.17 -5.40
CA ALA G 79 13.78 -94.48 -5.92
C ALA G 79 12.83 -95.06 -6.95
N MET G 80 11.55 -94.74 -6.89
CA MET G 80 10.59 -95.36 -7.80
C MET G 80 10.72 -94.74 -9.19
N PRO G 81 11.02 -95.51 -10.22
CA PRO G 81 11.19 -94.93 -11.56
C PRO G 81 9.87 -94.40 -12.11
N ALA G 82 9.99 -93.39 -12.96
CA ALA G 82 8.81 -92.79 -13.57
C ALA G 82 8.16 -93.75 -14.56
N LEU G 83 6.83 -93.72 -14.61
CA LEU G 83 6.03 -94.46 -15.54
C LEU G 83 5.08 -93.52 -16.27
N PRO G 84 4.71 -93.82 -17.51
CA PRO G 84 3.82 -92.93 -18.25
C PRO G 84 2.46 -92.83 -17.57
N GLY G 85 1.92 -91.61 -17.57
CA GLY G 85 0.58 -91.37 -17.06
C GLY G 85 0.39 -91.64 -15.58
N MET G 86 1.29 -91.14 -14.73
CA MET G 86 1.11 -91.21 -13.28
C MET G 86 0.41 -89.96 -12.80
N LYS G 87 -0.45 -90.10 -11.80
CA LYS G 87 -1.04 -88.96 -11.12
C LYS G 87 -0.40 -88.87 -9.73
N ILE G 88 0.70 -88.15 -9.64
CA ILE G 88 1.43 -87.99 -8.40
C ILE G 88 0.72 -86.95 -7.54
N LYS G 89 0.83 -87.09 -6.22
CA LYS G 89 0.23 -86.14 -5.29
C LYS G 89 1.24 -85.84 -4.20
N THR G 90 1.63 -84.56 -4.09
CA THR G 90 2.60 -84.12 -3.11
C THR G 90 1.96 -83.39 -1.93
N ASP G 91 1.10 -82.41 -2.21
CA ASP G 91 0.42 -81.66 -1.16
C ASP G 91 -0.90 -82.36 -0.84
N THR G 92 -0.77 -83.51 -0.20
CA THR G 92 -1.89 -84.37 0.17
C THR G 92 -1.73 -84.77 1.63
N PRO G 93 -2.84 -84.91 2.37
CA PRO G 93 -2.73 -85.31 3.78
C PRO G 93 -1.93 -86.59 4.00
N ILE G 94 -2.04 -87.57 3.11
CA ILE G 94 -1.23 -88.77 3.24
C ILE G 94 0.25 -88.43 3.11
N ALA G 95 0.61 -87.72 2.04
CA ALA G 95 2.00 -87.40 1.76
C ALA G 95 2.56 -86.39 2.75
N LYS G 96 1.71 -85.69 3.50
CA LYS G 96 2.17 -84.77 4.53
C LYS G 96 2.38 -85.51 5.85
N LYS G 97 1.31 -86.16 6.35
CA LYS G 97 1.41 -86.89 7.61
C LYS G 97 2.54 -87.92 7.54
N ALA G 98 2.82 -88.44 6.35
CA ALA G 98 4.03 -89.25 6.16
C ALA G 98 5.28 -88.47 6.57
N ARG G 99 5.39 -87.22 6.11
CA ARG G 99 6.61 -86.45 6.38
C ARG G 99 6.75 -86.08 7.84
N GLU G 100 5.67 -85.59 8.47
CA GLU G 100 5.77 -85.32 9.91
C GLU G 100 6.03 -86.59 10.70
N GLY G 101 5.40 -87.71 10.34
CA GLY G 101 5.65 -88.95 11.05
C GLY G 101 7.09 -89.41 10.95
N VAL G 102 7.68 -89.28 9.76
CA VAL G 102 9.06 -89.68 9.57
C VAL G 102 10.00 -88.75 10.32
N MET G 103 9.74 -87.44 10.27
CA MET G 103 10.67 -86.50 10.88
C MET G 103 10.57 -86.52 12.40
N GLU G 104 9.41 -86.89 12.95
CA GLU G 104 9.33 -87.12 14.38
C GLU G 104 10.26 -88.23 14.81
N PHE G 105 10.32 -89.32 14.03
CA PHE G 105 11.24 -90.41 14.31
C PHE G 105 12.68 -89.95 14.14
N LEU G 106 12.96 -89.11 13.14
CA LEU G 106 14.31 -88.59 12.97
C LEU G 106 14.75 -87.78 14.18
N LEU G 107 13.86 -86.94 14.70
CA LEU G 107 14.19 -86.03 15.79
C LEU G 107 14.05 -86.64 17.18
N MET G 108 13.47 -87.84 17.30
CA MET G 108 13.26 -88.39 18.64
C MET G 108 14.57 -88.75 19.33
N ASN G 109 15.58 -89.18 18.58
CA ASN G 109 16.86 -89.55 19.17
C ASN G 109 17.97 -88.56 18.84
N HIS G 110 17.67 -87.46 18.16
CA HIS G 110 18.68 -86.46 17.89
C HIS G 110 19.05 -85.73 19.17
N PRO G 111 20.33 -85.42 19.37
CA PRO G 111 20.73 -84.69 20.58
C PRO G 111 20.34 -83.23 20.51
N LEU G 112 20.27 -82.61 21.69
CA LEU G 112 19.84 -81.22 21.82
C LEU G 112 20.97 -80.22 21.68
N ASP G 113 22.04 -80.59 20.97
CA ASP G 113 23.21 -79.72 20.86
C ASP G 113 23.19 -78.91 19.56
N CYS G 114 22.17 -78.06 19.43
CA CYS G 114 22.13 -77.12 18.32
C CYS G 114 23.01 -75.90 18.57
N PRO G 115 22.98 -75.28 19.76
CA PRO G 115 23.84 -74.10 19.97
C PRO G 115 25.33 -74.38 19.79
N ILE G 116 25.77 -75.63 19.97
CA ILE G 116 27.17 -75.97 19.81
C ILE G 116 27.45 -76.76 18.55
N CYS G 117 26.42 -77.07 17.76
CA CYS G 117 26.65 -77.72 16.48
C CYS G 117 27.26 -76.74 15.50
N ASP G 118 28.34 -77.18 14.84
CA ASP G 118 29.00 -76.30 13.87
C ASP G 118 28.16 -76.08 12.62
N GLN G 119 27.11 -76.86 12.42
CA GLN G 119 26.20 -76.73 11.29
C GLN G 119 24.84 -76.22 11.74
N GLY G 120 24.84 -75.31 12.71
CA GLY G 120 23.58 -74.85 13.27
C GLY G 120 22.75 -74.06 12.29
N GLY G 121 23.36 -73.15 11.56
CA GLY G 121 22.62 -72.27 10.68
C GLY G 121 22.30 -72.80 9.31
N GLU G 122 22.81 -73.97 8.95
CA GLU G 122 22.66 -74.51 7.60
C GLU G 122 22.33 -75.99 7.64
N CYS G 123 21.75 -76.45 8.74
CA CYS G 123 21.38 -77.86 8.89
C CYS G 123 20.10 -78.14 8.13
N ASP G 124 20.13 -79.17 7.29
CA ASP G 124 18.92 -79.58 6.59
C ASP G 124 17.87 -80.14 7.54
N LEU G 125 18.31 -80.76 8.64
CA LEU G 125 17.36 -81.37 9.56
C LEU G 125 16.45 -80.31 10.19
N GLN G 126 17.03 -79.22 10.70
CA GLN G 126 16.21 -78.20 11.33
C GLN G 126 15.50 -77.32 10.30
N ASP G 127 16.15 -77.04 9.17
CA ASP G 127 15.50 -76.23 8.14
C ASP G 127 14.28 -76.93 7.58
N GLN G 128 14.37 -78.24 7.37
CA GLN G 128 13.20 -79.01 6.94
C GLN G 128 12.22 -79.23 8.08
N SER G 129 12.70 -79.31 9.33
CA SER G 129 11.80 -79.48 10.45
C SER G 129 10.91 -78.26 10.63
N MET G 130 11.45 -77.07 10.38
CA MET G 130 10.63 -75.87 10.46
C MET G 130 9.52 -75.89 9.41
N ALA G 131 9.84 -76.31 8.19
CA ALA G 131 8.85 -76.32 7.11
C ALA G 131 7.99 -77.57 7.14
N PHE G 132 8.61 -78.74 6.95
CA PHE G 132 7.89 -80.01 6.85
C PHE G 132 7.97 -80.77 8.18
N GLY G 133 7.31 -80.22 9.20
CA GLY G 133 7.34 -80.88 10.49
C GLY G 133 6.28 -80.35 11.42
N SER G 134 6.02 -81.13 12.47
CA SER G 134 5.09 -80.78 13.52
C SER G 134 5.86 -80.15 14.68
N ASP G 135 5.31 -79.06 15.22
CA ASP G 135 6.04 -78.26 16.20
C ASP G 135 6.00 -78.85 17.60
N ARG G 136 5.02 -79.71 17.89
CA ARG G 136 4.78 -80.13 19.26
C ARG G 136 5.94 -80.92 19.85
N GLY G 137 6.24 -82.09 19.30
CA GLY G 137 7.23 -82.95 19.90
C GLY G 137 6.63 -83.83 20.97
N ARG G 138 6.72 -85.15 20.80
CA ARG G 138 6.05 -86.08 21.69
C ARG G 138 6.99 -86.94 22.53
N PHE G 139 8.19 -87.21 22.03
CA PHE G 139 9.10 -88.11 22.74
C PHE G 139 9.53 -87.52 24.07
N THR G 140 9.54 -88.35 25.11
CA THR G 140 9.89 -87.93 26.45
C THR G 140 10.90 -88.83 27.15
N GLU G 141 11.14 -90.04 26.66
CA GLU G 141 12.00 -91.00 27.35
C GLU G 141 13.46 -90.68 27.09
N MET G 142 14.35 -91.59 27.51
CA MET G 142 15.79 -91.37 27.38
C MET G 142 16.24 -91.67 25.95
N LYS G 143 17.04 -90.76 25.40
CA LYS G 143 17.60 -90.95 24.08
C LYS G 143 18.80 -91.87 24.13
N ARG G 144 19.32 -92.23 22.95
CA ARG G 144 20.53 -93.00 22.85
C ARG G 144 21.74 -92.07 22.70
N SER G 145 22.93 -92.67 22.66
CA SER G 145 24.15 -91.90 22.46
C SER G 145 25.21 -92.80 21.86
N VAL G 146 26.13 -92.18 21.12
CA VAL G 146 27.23 -92.88 20.47
C VAL G 146 28.51 -92.13 20.76
N VAL G 147 29.58 -92.86 21.08
CA VAL G 147 30.84 -92.22 21.38
C VAL G 147 31.51 -91.77 20.09
N ASP G 148 32.37 -90.75 20.21
CA ASP G 148 33.01 -90.12 19.07
C ASP G 148 34.40 -90.72 18.87
N LYS G 149 34.68 -91.18 17.66
CA LYS G 149 35.95 -91.83 17.34
C LYS G 149 36.73 -90.96 16.35
N ASN G 150 37.96 -90.64 16.70
CA ASN G 150 38.77 -89.76 15.87
C ASN G 150 39.08 -90.41 14.53
N LEU G 151 38.97 -89.61 13.46
CA LEU G 151 39.41 -90.03 12.14
C LEU G 151 39.81 -88.79 11.35
N GLY G 152 41.07 -88.73 10.95
CA GLY G 152 41.59 -87.62 10.18
C GLY G 152 41.83 -86.39 11.03
N PRO G 153 42.87 -85.63 10.70
CA PRO G 153 43.13 -84.35 11.37
C PRO G 153 42.21 -83.22 10.93
N LEU G 154 41.38 -83.44 9.91
CA LEU G 154 40.59 -82.37 9.32
C LEU G 154 39.11 -82.72 9.19
N VAL G 155 38.65 -83.78 9.84
CA VAL G 155 37.23 -84.16 9.85
C VAL G 155 36.85 -84.37 11.31
N LYS G 156 36.24 -83.36 11.91
CA LYS G 156 35.75 -83.49 13.28
C LYS G 156 34.38 -84.17 13.26
N THR G 157 34.27 -85.26 14.02
CA THR G 157 33.09 -86.10 14.00
C THR G 157 32.41 -86.12 15.37
N VAL G 158 31.09 -85.94 15.37
CA VAL G 158 30.26 -86.15 16.55
C VAL G 158 29.13 -87.06 16.10
N MET G 159 29.30 -88.37 16.27
CA MET G 159 28.35 -89.33 15.74
C MET G 159 27.08 -89.44 16.57
N THR G 160 26.97 -88.70 17.68
CA THR G 160 25.71 -88.64 18.39
C THR G 160 24.62 -88.02 17.52
N ARG G 161 24.97 -86.96 16.79
CA ARG G 161 24.02 -86.25 15.93
C ARG G 161 24.13 -86.75 14.49
N CYS G 162 23.96 -88.06 14.31
CA CYS G 162 24.10 -88.68 12.99
C CYS G 162 22.84 -89.47 12.67
N ILE G 163 22.04 -88.96 11.74
CA ILE G 163 20.99 -89.77 11.14
C ILE G 163 21.64 -90.73 10.15
N GLN G 164 21.28 -92.02 10.24
CA GLN G 164 21.94 -93.05 9.45
C GLN G 164 21.40 -93.01 8.02
N CYS G 165 21.82 -91.97 7.29
CA CYS G 165 21.46 -91.82 5.89
C CYS G 165 22.46 -92.48 4.95
N THR G 166 23.56 -93.00 5.47
CA THR G 166 24.57 -93.75 4.71
C THR G 166 25.12 -92.96 3.53
N ARG G 167 24.92 -91.64 3.51
CA ARG G 167 25.41 -90.85 2.38
C ARG G 167 26.94 -90.83 2.35
N CYS G 168 27.57 -90.70 3.52
CA CYS G 168 29.02 -90.72 3.60
C CYS G 168 29.59 -92.06 3.16
N VAL G 169 28.91 -93.15 3.53
CA VAL G 169 29.38 -94.48 3.14
C VAL G 169 29.37 -94.64 1.63
N ARG G 170 28.27 -94.23 0.99
CA ARG G 170 28.17 -94.33 -0.46
C ARG G 170 29.20 -93.43 -1.13
N PHE G 171 29.41 -92.23 -0.60
CA PHE G 171 30.43 -91.34 -1.17
C PHE G 171 31.81 -91.98 -1.10
N ALA G 172 32.18 -92.50 0.07
CA ALA G 172 33.50 -93.11 0.23
C ALA G 172 33.65 -94.33 -0.67
N SER G 173 32.58 -95.09 -0.85
CA SER G 173 32.64 -96.29 -1.67
C SER G 173 32.68 -96.00 -3.16
N GLU G 174 32.08 -94.90 -3.62
CA GLU G 174 31.92 -94.65 -5.04
C GLU G 174 32.79 -93.51 -5.56
N VAL G 175 32.68 -92.32 -4.96
CA VAL G 175 33.38 -91.15 -5.49
C VAL G 175 34.81 -91.09 -4.99
N ALA G 176 35.02 -91.24 -3.69
CA ALA G 176 36.36 -91.15 -3.13
C ALA G 176 37.26 -92.25 -3.67
N GLY G 177 36.72 -93.46 -3.81
CA GLY G 177 37.47 -94.58 -4.35
C GLY G 177 38.22 -95.40 -3.32
N VAL G 178 38.28 -94.95 -2.07
CA VAL G 178 38.89 -95.69 -0.99
C VAL G 178 37.80 -96.13 -0.02
N GLN G 179 37.77 -97.41 0.30
CA GLN G 179 36.72 -97.98 1.14
C GLN G 179 37.26 -98.11 2.56
N ASP G 180 37.06 -97.05 3.35
CA ASP G 180 37.42 -97.05 4.75
C ASP G 180 36.26 -96.79 5.68
N LEU G 181 35.20 -96.15 5.22
CA LEU G 181 34.03 -95.83 6.03
C LEU G 181 32.91 -96.81 5.70
N GLY G 182 32.28 -97.36 6.75
CA GLY G 182 31.19 -98.29 6.56
C GLY G 182 30.22 -98.19 7.72
N ILE G 183 29.10 -98.88 7.57
CA ILE G 183 28.04 -98.88 8.57
C ILE G 183 28.11 -100.18 9.35
N LEU G 184 28.16 -100.08 10.68
CA LEU G 184 28.38 -101.22 11.56
C LEU G 184 27.24 -101.34 12.55
N GLY G 185 26.82 -102.57 12.81
CA GLY G 185 25.77 -102.83 13.78
C GLY G 185 24.45 -103.16 13.11
N ARG G 186 23.45 -103.36 13.97
CA ARG G 186 22.12 -103.78 13.54
C ARG G 186 21.07 -103.14 14.42
N GLY G 187 19.98 -102.70 13.80
CA GLY G 187 18.88 -102.14 14.56
C GLY G 187 19.20 -100.76 15.12
N SER G 188 18.41 -100.37 16.11
CA SER G 188 18.60 -99.09 16.79
C SER G 188 19.90 -99.16 17.58
N GLY G 189 20.93 -98.48 17.09
CA GLY G 189 22.22 -98.52 17.74
C GLY G 189 23.34 -98.89 16.79
N GLU G 190 23.05 -98.87 15.50
CA GLU G 190 24.07 -99.11 14.49
C GLU G 190 24.96 -97.88 14.37
N GLU G 191 26.27 -98.11 14.32
CA GLU G 191 27.25 -97.04 14.23
C GLU G 191 27.86 -97.01 12.84
N ILE G 192 28.51 -95.89 12.52
CA ILE G 192 29.23 -95.73 11.27
C ILE G 192 30.66 -95.33 11.62
N GLY G 193 31.61 -96.10 11.12
CA GLY G 193 33.00 -95.83 11.41
C GLY G 193 33.90 -96.81 10.69
N THR G 194 35.19 -96.67 10.93
CA THR G 194 36.18 -97.54 10.28
C THR G 194 36.41 -98.84 11.03
N TYR G 195 35.89 -98.97 12.25
CA TYR G 195 36.02 -100.16 13.10
C TYR G 195 37.46 -100.36 13.57
N VAL G 196 38.38 -99.52 13.09
CA VAL G 196 39.78 -99.60 13.49
C VAL G 196 40.31 -98.19 13.70
N GLU G 197 41.61 -98.08 13.97
CA GLU G 197 42.23 -96.79 14.26
C GLU G 197 42.53 -95.98 13.00
N LYS G 198 42.31 -96.54 11.80
CA LYS G 198 42.70 -95.85 10.58
C LYS G 198 41.92 -94.55 10.41
N LEU G 199 42.54 -93.63 9.68
CA LEU G 199 41.93 -92.34 9.34
C LEU G 199 41.65 -92.32 7.85
N MET G 200 40.77 -91.41 7.43
CA MET G 200 40.45 -91.25 6.02
C MET G 200 41.65 -90.62 5.32
N THR G 201 42.42 -91.43 4.60
CA THR G 201 43.59 -90.98 3.86
C THR G 201 43.22 -91.01 2.38
N SER G 202 42.61 -89.93 1.91
CA SER G 202 42.24 -89.78 0.51
C SER G 202 42.42 -88.34 0.11
N GLU G 203 42.73 -88.12 -1.18
CA GLU G 203 42.96 -86.77 -1.66
C GLU G 203 41.68 -85.93 -1.58
N LEU G 204 40.57 -86.46 -2.11
CA LEU G 204 39.27 -85.80 -1.99
C LEU G 204 38.46 -86.41 -0.85
N SER G 205 39.06 -86.40 0.34
CA SER G 205 38.42 -86.95 1.54
C SER G 205 37.70 -85.89 2.36
N GLY G 206 37.93 -84.60 2.09
CA GLY G 206 37.26 -83.55 2.81
C GLY G 206 35.88 -83.22 2.32
N ASN G 207 35.40 -83.89 1.27
CA ASN G 207 34.06 -83.64 0.76
C ASN G 207 32.98 -84.28 1.61
N VAL G 208 33.35 -85.18 2.54
CA VAL G 208 32.35 -85.73 3.46
C VAL G 208 31.83 -84.65 4.40
N ILE G 209 32.54 -83.53 4.52
CA ILE G 209 32.08 -82.44 5.38
C ILE G 209 30.79 -81.84 4.83
N ASP G 210 30.74 -81.56 3.53
CA ASP G 210 29.56 -80.92 2.95
C ASP G 210 28.45 -81.92 2.67
N ILE G 211 28.81 -83.14 2.27
CA ILE G 211 27.81 -84.07 1.77
C ILE G 211 26.93 -84.56 2.91
N CYS G 212 27.45 -84.63 4.12
CA CYS G 212 26.66 -85.05 5.27
C CYS G 212 25.70 -83.94 5.66
N PRO G 213 24.38 -84.19 5.65
CA PRO G 213 23.42 -83.10 5.90
C PRO G 213 23.47 -82.54 7.31
N VAL G 214 23.41 -83.41 8.31
CA VAL G 214 23.43 -82.98 9.71
C VAL G 214 24.87 -82.72 10.14
N GLY G 215 25.04 -82.12 11.30
CA GLY G 215 26.37 -81.74 11.76
C GLY G 215 27.18 -82.86 12.36
N ALA G 216 27.00 -84.08 11.85
CA ALA G 216 27.77 -85.21 12.36
C ALA G 216 29.22 -85.13 11.91
N LEU G 217 29.45 -84.83 10.64
CA LEU G 217 30.79 -84.68 10.08
C LEU G 217 30.99 -83.21 9.74
N THR G 218 31.92 -82.56 10.44
CA THR G 218 32.24 -81.16 10.20
C THR G 218 33.76 -80.99 10.18
N SER G 219 34.22 -79.97 9.48
CA SER G 219 35.65 -79.73 9.35
C SER G 219 36.26 -79.35 10.68
N LYS G 220 37.42 -79.93 10.99
CA LYS G 220 38.11 -79.69 12.24
C LYS G 220 38.85 -78.34 12.26
N PRO G 221 39.53 -77.94 11.19
CA PRO G 221 40.13 -76.59 11.19
C PRO G 221 39.12 -75.48 11.37
N PHE G 222 37.91 -75.63 10.85
CA PHE G 222 36.85 -74.64 11.01
C PHE G 222 35.99 -74.89 12.24
N ALA G 223 36.53 -75.57 13.25
CA ALA G 223 35.76 -75.93 14.44
C ALA G 223 35.38 -74.67 15.20
N PHE G 224 34.09 -74.35 15.20
CA PHE G 224 33.50 -73.29 16.02
C PHE G 224 34.06 -71.91 15.68
N LYS G 225 34.62 -71.73 14.48
CA LYS G 225 35.21 -70.44 14.15
C LYS G 225 34.15 -69.38 13.86
N ALA G 226 33.11 -69.75 13.13
CA ALA G 226 32.09 -68.77 12.76
C ALA G 226 30.82 -69.50 12.36
N ARG G 227 29.73 -68.74 12.32
CA ARG G 227 28.44 -69.23 11.84
C ARG G 227 28.26 -68.85 10.37
N ASN G 228 27.37 -69.57 9.69
CA ASN G 228 27.22 -69.37 8.25
C ASN G 228 26.66 -67.99 7.92
N TRP G 229 25.78 -67.45 8.77
CA TRP G 229 25.13 -66.19 8.43
C TRP G 229 26.12 -65.02 8.46
N GLU G 230 27.16 -65.10 9.28
CA GLU G 230 28.18 -64.06 9.31
C GLU G 230 29.37 -64.40 8.40
N LEU G 231 29.07 -64.74 7.15
CA LEU G 231 30.09 -65.09 6.18
C LEU G 231 29.69 -64.55 4.83
N LYS G 232 30.51 -63.68 4.26
CA LYS G 232 30.26 -63.14 2.92
C LYS G 232 30.71 -64.16 1.89
N ALA G 233 29.80 -64.56 1.01
CA ALA G 233 30.06 -65.59 0.02
C ALA G 233 30.57 -64.96 -1.27
N THR G 234 31.78 -65.35 -1.69
CA THR G 234 32.39 -64.86 -2.91
C THR G 234 32.71 -66.05 -3.80
N GLU G 235 32.36 -65.94 -5.08
CA GLU G 235 32.51 -67.04 -6.03
C GLU G 235 33.77 -66.79 -6.87
N THR G 236 34.83 -67.54 -6.56
CA THR G 236 36.09 -67.46 -7.28
C THR G 236 36.44 -68.83 -7.86
N ILE G 237 37.66 -68.95 -8.38
CA ILE G 237 38.17 -70.22 -8.88
C ILE G 237 39.37 -70.60 -8.04
N ASP G 238 39.96 -71.77 -8.31
CA ASP G 238 41.09 -72.26 -7.55
C ASP G 238 42.37 -72.20 -8.37
N VAL G 239 43.49 -72.03 -7.68
CA VAL G 239 44.80 -71.97 -8.30
C VAL G 239 45.77 -72.99 -7.75
N SER G 240 45.34 -73.84 -6.80
CA SER G 240 46.25 -74.82 -6.22
C SER G 240 46.75 -75.81 -7.27
N ASP G 241 45.86 -76.26 -8.15
CA ASP G 241 46.25 -77.16 -9.22
C ASP G 241 45.78 -76.59 -10.56
N ALA G 242 45.92 -77.39 -11.62
CA ALA G 242 45.56 -76.95 -12.97
C ALA G 242 44.14 -77.31 -13.35
N VAL G 243 43.38 -77.93 -12.44
CA VAL G 243 41.99 -78.28 -12.75
C VAL G 243 41.08 -77.06 -12.68
N GLY G 244 41.46 -76.02 -11.93
CA GLY G 244 40.67 -74.81 -11.88
C GLY G 244 39.27 -75.04 -11.35
N SER G 245 39.13 -75.80 -10.27
CA SER G 245 37.82 -76.11 -9.72
C SER G 245 37.16 -74.85 -9.17
N ASN G 246 35.86 -74.72 -9.42
CA ASN G 246 35.12 -73.59 -8.89
C ASN G 246 34.91 -73.75 -7.40
N ILE G 247 35.13 -72.67 -6.64
CA ILE G 247 34.99 -72.68 -5.20
C ILE G 247 34.09 -71.52 -4.79
N ARG G 248 33.89 -71.39 -3.48
CA ARG G 248 33.07 -70.31 -2.92
C ARG G 248 33.76 -69.84 -1.64
N VAL G 249 34.58 -68.80 -1.75
CA VAL G 249 35.32 -68.31 -0.59
C VAL G 249 34.36 -67.59 0.35
N ASP G 250 34.37 -67.99 1.62
CA ASP G 250 33.55 -67.38 2.66
C ASP G 250 34.47 -66.60 3.59
N SER G 251 34.21 -65.30 3.74
CA SER G 251 35.07 -64.42 4.50
C SER G 251 34.25 -63.60 5.47
N ARG G 252 34.78 -63.43 6.68
CA ARG G 252 34.18 -62.57 7.71
C ARG G 252 35.18 -61.44 7.98
N GLY G 253 35.04 -60.35 7.26
CA GLY G 253 35.94 -59.22 7.37
C GLY G 253 37.10 -59.34 6.40
N PRO G 254 38.29 -58.99 6.87
CA PRO G 254 39.49 -59.05 6.01
C PRO G 254 40.21 -60.39 5.97
N GLU G 255 39.61 -61.48 6.45
CA GLU G 255 40.25 -62.78 6.41
C GLU G 255 39.28 -63.82 5.84
N VAL G 256 39.85 -64.88 5.31
CA VAL G 256 39.08 -65.97 4.71
C VAL G 256 38.83 -67.04 5.77
N MET G 257 37.57 -67.41 5.95
CA MET G 257 37.19 -68.39 6.96
C MET G 257 37.15 -69.81 6.42
N ARG G 258 36.51 -70.02 5.28
CA ARG G 258 36.40 -71.37 4.73
C ARG G 258 36.20 -71.30 3.23
N ILE G 259 36.47 -72.42 2.57
CA ILE G 259 36.29 -72.57 1.12
C ILE G 259 35.30 -73.70 0.88
N ILE G 260 34.26 -73.41 0.11
CA ILE G 260 33.16 -74.35 -0.13
C ILE G 260 33.11 -74.61 -1.63
N PRO G 261 33.00 -75.87 -2.06
CA PRO G 261 32.93 -76.15 -3.50
C PRO G 261 31.69 -75.54 -4.13
N ARG G 262 31.82 -75.15 -5.39
CA ARG G 262 30.73 -74.58 -6.18
C ARG G 262 30.43 -75.51 -7.34
N LEU G 263 29.15 -75.65 -7.67
CA LEU G 263 28.74 -76.60 -8.70
C LEU G 263 29.25 -76.14 -10.06
N ASN G 264 29.86 -77.07 -10.79
CA ASN G 264 30.30 -76.80 -12.16
C ASN G 264 30.37 -78.16 -12.86
N GLU G 265 29.39 -78.43 -13.71
CA GLU G 265 29.20 -79.76 -14.28
C GLU G 265 30.34 -80.17 -15.22
N ASP G 266 31.19 -79.24 -15.64
CA ASP G 266 32.21 -79.52 -16.63
C ASP G 266 33.63 -79.51 -16.09
N ILE G 267 33.85 -79.08 -14.84
CA ILE G 267 35.21 -78.96 -14.34
C ILE G 267 35.42 -79.87 -13.13
N ASN G 268 34.67 -79.63 -12.05
CA ASN G 268 34.86 -80.38 -10.82
C ASN G 268 33.62 -81.12 -10.34
N GLU G 269 32.42 -80.68 -10.73
CA GLU G 269 31.18 -81.39 -10.43
C GLU G 269 30.96 -81.53 -8.93
N GLU G 270 30.87 -80.37 -8.26
CA GLU G 270 30.46 -80.20 -6.87
C GLU G 270 31.52 -80.66 -5.87
N TRP G 271 32.65 -81.20 -6.30
CA TRP G 271 33.70 -81.64 -5.40
C TRP G 271 34.92 -80.74 -5.52
N ILE G 272 35.72 -80.70 -4.45
CA ILE G 272 37.03 -80.06 -4.46
C ILE G 272 37.99 -80.93 -3.66
N SER G 273 39.28 -80.76 -3.95
CA SER G 273 40.32 -81.53 -3.27
C SER G 273 40.61 -80.93 -1.90
N ASP G 274 41.24 -81.74 -1.04
CA ASP G 274 41.60 -81.26 0.29
C ASP G 274 42.62 -80.14 0.22
N LYS G 275 43.57 -80.23 -0.71
CA LYS G 275 44.57 -79.17 -0.86
C LYS G 275 43.91 -77.85 -1.22
N THR G 276 42.93 -77.88 -2.13
CA THR G 276 42.17 -76.68 -2.45
C THR G 276 41.36 -76.20 -1.25
N ARG G 277 40.75 -77.14 -0.52
CA ARG G 277 39.80 -76.77 0.53
C ARG G 277 40.48 -76.16 1.75
N PHE G 278 41.67 -76.66 2.11
CA PHE G 278 42.31 -76.26 3.36
C PHE G 278 43.57 -75.43 3.13
N CYS G 279 43.70 -74.80 1.97
CA CYS G 279 44.80 -73.89 1.71
C CYS G 279 44.50 -72.47 2.17
N TYR G 280 43.29 -72.20 2.64
CA TYR G 280 42.95 -70.86 3.09
C TYR G 280 43.74 -70.43 4.30
N ASP G 281 44.30 -71.37 5.07
CA ASP G 281 45.05 -71.01 6.27
C ASP G 281 46.35 -70.30 5.92
N GLY G 282 46.99 -70.70 4.83
CA GLY G 282 48.25 -70.10 4.45
C GLY G 282 48.17 -68.63 4.13
N LEU G 283 46.99 -68.15 3.73
CA LEU G 283 46.84 -66.75 3.35
C LEU G 283 46.97 -65.79 4.52
N LYS G 284 46.96 -66.28 5.75
CA LYS G 284 47.19 -65.45 6.93
C LYS G 284 48.48 -65.81 7.67
N ARG G 285 49.23 -66.78 7.19
CA ARG G 285 50.52 -67.14 7.78
C ARG G 285 51.57 -66.16 7.29
N GLN G 286 52.85 -66.51 7.48
CA GLN G 286 53.95 -65.62 7.13
C GLN G 286 53.84 -65.14 5.69
N ARG G 287 53.63 -63.84 5.53
CA ARG G 287 53.44 -63.24 4.22
C ARG G 287 54.30 -61.98 4.12
N LEU G 288 54.67 -61.64 2.89
CA LEU G 288 55.44 -60.43 2.65
C LEU G 288 54.50 -59.23 2.59
N SER G 289 54.74 -58.26 3.47
CA SER G 289 53.87 -57.10 3.59
C SER G 289 54.50 -55.80 3.11
N ASP G 290 55.81 -55.63 3.28
CA ASP G 290 56.48 -54.41 2.90
C ASP G 290 57.67 -54.73 2.01
N PRO G 291 58.02 -53.83 1.09
CA PRO G 291 59.26 -54.03 0.31
C PRO G 291 60.48 -54.01 1.24
N MET G 292 61.45 -54.85 0.91
CA MET G 292 62.64 -55.00 1.74
C MET G 292 63.88 -54.87 0.89
N ILE G 293 64.98 -54.48 1.55
CA ILE G 293 66.28 -54.29 0.90
C ILE G 293 67.29 -55.16 1.63
N ARG G 294 68.08 -55.92 0.88
CA ARG G 294 69.19 -56.64 1.45
C ARG G 294 70.28 -55.66 1.89
N ASP G 295 70.74 -55.80 3.13
CA ASP G 295 71.73 -54.89 3.67
C ASP G 295 73.14 -55.39 3.38
N SER G 296 74.13 -54.59 3.81
CA SER G 296 75.52 -54.99 3.64
C SER G 296 75.85 -56.23 4.47
N ASP G 297 75.30 -56.32 5.68
CA ASP G 297 75.55 -57.44 6.57
C ASP G 297 74.55 -58.57 6.40
N GLY G 298 73.62 -58.46 5.47
CA GLY G 298 72.61 -59.48 5.26
C GLY G 298 71.29 -59.26 5.94
N ARG G 299 71.11 -58.14 6.63
CA ARG G 299 69.86 -57.83 7.30
C ARG G 299 68.83 -57.34 6.29
N PHE G 300 67.56 -57.56 6.61
CA PHE G 300 66.45 -57.08 5.79
C PHE G 300 65.82 -55.88 6.46
N LYS G 301 65.77 -54.76 5.75
CA LYS G 301 65.17 -53.53 6.25
C LYS G 301 64.10 -53.06 5.28
N ALA G 302 62.89 -52.84 5.80
CA ALA G 302 61.78 -52.41 4.97
C ALA G 302 61.98 -50.97 4.51
N VAL G 303 61.62 -50.69 3.25
CA VAL G 303 61.70 -49.36 2.68
C VAL G 303 60.39 -49.06 1.97
N SER G 304 60.28 -47.83 1.49
CA SER G 304 59.11 -47.44 0.72
C SER G 304 59.15 -48.08 -0.67
N TRP G 305 58.02 -48.01 -1.37
CA TRP G 305 57.95 -48.54 -2.72
C TRP G 305 58.85 -47.77 -3.67
N ARG G 306 58.95 -46.45 -3.48
CA ARG G 306 59.81 -45.63 -4.34
C ARG G 306 61.27 -46.04 -4.21
N ASP G 307 61.73 -46.30 -2.99
CA ASP G 307 63.14 -46.63 -2.78
C ASP G 307 63.50 -47.97 -3.43
N ALA G 308 62.71 -49.02 -3.17
CA ALA G 308 63.01 -50.32 -3.73
C ALA G 308 62.92 -50.31 -5.25
N LEU G 309 61.90 -49.66 -5.79
CA LEU G 309 61.77 -49.59 -7.24
C LEU G 309 62.92 -48.79 -7.85
N ALA G 310 63.37 -47.74 -7.18
CA ALA G 310 64.52 -47.00 -7.66
C ALA G 310 65.77 -47.89 -7.67
N VAL G 311 65.94 -48.70 -6.63
CA VAL G 311 67.09 -49.60 -6.58
C VAL G 311 67.03 -50.59 -7.74
N VAL G 312 65.86 -51.19 -7.97
CA VAL G 312 65.75 -52.18 -9.05
C VAL G 312 65.99 -51.53 -10.40
N GLY G 313 65.43 -50.34 -10.62
CA GLY G 313 65.62 -49.65 -11.89
C GLY G 313 67.04 -49.19 -12.10
N ASP G 314 67.77 -48.93 -11.03
CA ASP G 314 69.18 -48.59 -11.16
C ASP G 314 70.01 -49.83 -11.49
N ILE G 315 69.73 -50.95 -10.83
CA ILE G 315 70.52 -52.15 -11.08
C ILE G 315 70.23 -52.75 -12.46
N ILE G 316 69.00 -52.61 -12.95
CA ILE G 316 68.66 -53.26 -14.22
C ILE G 316 69.42 -52.62 -15.38
N HIS G 317 69.75 -51.33 -15.27
CA HIS G 317 70.47 -50.67 -16.36
C HIS G 317 71.91 -51.17 -16.46
N GLN G 318 72.51 -51.55 -15.33
CA GLN G 318 73.93 -51.90 -15.33
C GLN G 318 74.21 -53.20 -16.08
N VAL G 319 73.24 -54.10 -16.16
CA VAL G 319 73.45 -55.41 -16.77
C VAL G 319 73.36 -55.30 -18.28
N LYS G 320 73.76 -56.36 -18.98
CA LYS G 320 73.72 -56.41 -20.43
C LYS G 320 72.27 -56.47 -20.91
N PRO G 321 72.02 -56.20 -22.20
CA PRO G 321 70.68 -56.45 -22.75
C PRO G 321 70.22 -57.89 -22.58
N ASP G 322 71.14 -58.84 -22.55
CA ASP G 322 70.83 -60.22 -22.21
C ASP G 322 71.04 -60.39 -20.70
N GLU G 323 70.91 -61.63 -20.21
CA GLU G 323 71.10 -61.94 -18.80
C GLU G 323 70.14 -61.15 -17.91
N ILE G 324 68.90 -60.98 -18.38
CA ILE G 324 67.86 -60.29 -17.63
C ILE G 324 66.71 -61.28 -17.43
N VAL G 325 67.06 -62.55 -17.26
CA VAL G 325 66.06 -63.61 -17.18
C VAL G 325 65.00 -63.29 -16.13
N GLY G 326 63.74 -63.55 -16.49
CA GLY G 326 62.64 -63.39 -15.57
C GLY G 326 61.73 -64.60 -15.59
N VAL G 327 61.48 -65.19 -14.42
CA VAL G 327 60.72 -66.43 -14.31
C VAL G 327 59.39 -66.12 -13.65
N ALA G 328 58.30 -66.51 -14.31
CA ALA G 328 56.98 -66.39 -13.71
C ALA G 328 56.77 -67.50 -12.69
N GLY G 329 55.64 -67.44 -11.99
CA GLY G 329 55.29 -68.39 -10.96
C GLY G 329 54.10 -69.25 -11.35
N GLN G 330 53.88 -70.30 -10.56
CA GLN G 330 52.73 -71.17 -10.78
C GLN G 330 51.44 -70.51 -10.32
N LEU G 331 51.52 -69.46 -9.51
CA LEU G 331 50.36 -68.70 -9.06
C LEU G 331 50.51 -67.28 -9.60
N SER G 332 50.06 -67.08 -10.83
CA SER G 332 50.20 -65.78 -11.48
C SER G 332 49.21 -65.70 -12.63
N ASP G 333 48.27 -64.76 -12.54
CA ASP G 333 47.25 -64.61 -13.56
C ASP G 333 47.86 -64.26 -14.91
N ALA G 334 47.04 -64.39 -15.95
CA ALA G 334 47.53 -64.21 -17.32
C ALA G 334 48.01 -62.78 -17.55
N GLU G 335 47.33 -61.79 -16.96
CA GLU G 335 47.72 -60.40 -17.15
C GLU G 335 49.13 -60.15 -16.65
N SER G 336 49.45 -60.68 -15.46
CA SER G 336 50.77 -60.44 -14.89
C SER G 336 51.87 -61.07 -15.73
N MET G 337 51.64 -62.28 -16.23
CA MET G 337 52.64 -62.91 -17.09
C MET G 337 52.83 -62.13 -18.38
N MET G 338 51.75 -61.62 -18.95
CA MET G 338 51.89 -60.80 -20.15
C MET G 338 52.68 -59.52 -19.88
N VAL G 339 52.41 -58.87 -18.75
CA VAL G 339 53.14 -57.65 -18.42
C VAL G 339 54.62 -57.96 -18.21
N LEU G 340 54.92 -59.07 -17.52
CA LEU G 340 56.30 -59.48 -17.34
C LEU G 340 56.98 -59.76 -18.67
N LYS G 341 56.29 -60.47 -19.57
CA LYS G 341 56.88 -60.81 -20.86
C LYS G 341 57.17 -59.54 -21.66
N ASP G 342 56.22 -58.61 -21.69
CA ASP G 342 56.44 -57.36 -22.42
C ASP G 342 57.59 -56.57 -21.81
N PHE G 343 57.65 -56.51 -20.47
CA PHE G 343 58.71 -55.76 -19.80
C PHE G 343 60.08 -56.35 -20.11
N VAL G 344 60.20 -57.67 -20.09
CA VAL G 344 61.50 -58.29 -20.37
C VAL G 344 61.87 -58.13 -21.84
N ASN G 345 60.89 -58.29 -22.74
CA ASN G 345 61.18 -58.16 -24.16
C ASN G 345 61.63 -56.75 -24.51
N ARG G 346 61.00 -55.74 -23.93
CA ARG G 346 61.41 -54.37 -24.21
C ARG G 346 62.79 -54.04 -23.66
N MET G 347 63.35 -54.89 -22.80
CA MET G 347 64.71 -54.71 -22.31
C MET G 347 65.75 -55.44 -23.17
N GLY G 348 65.34 -56.02 -24.30
CA GLY G 348 66.26 -56.67 -25.20
C GLY G 348 66.58 -58.10 -24.89
N SER G 349 65.93 -58.70 -23.89
CA SER G 349 66.15 -60.09 -23.54
C SER G 349 64.86 -60.89 -23.75
N ASP G 350 65.03 -62.18 -24.02
CA ASP G 350 63.90 -63.07 -24.25
C ASP G 350 63.99 -64.33 -23.38
N ASN G 351 64.55 -64.20 -22.18
CA ASN G 351 64.70 -65.34 -21.27
C ASN G 351 63.56 -65.29 -20.26
N VAL G 352 62.38 -65.69 -20.71
CA VAL G 352 61.18 -65.76 -19.86
C VAL G 352 60.53 -67.12 -20.08
N TRP G 353 60.22 -67.80 -18.98
CA TRP G 353 59.49 -69.06 -19.05
C TRP G 353 58.60 -69.18 -17.82
N CYS G 354 57.98 -70.35 -17.67
CA CYS G 354 57.06 -70.60 -16.58
C CYS G 354 57.69 -71.52 -15.54
N GLU G 355 57.43 -71.23 -14.27
CA GLU G 355 57.90 -72.05 -13.16
C GLU G 355 57.37 -73.47 -13.27
N GLY G 356 58.27 -74.43 -13.48
CA GLY G 356 57.89 -75.83 -13.46
C GLY G 356 57.66 -76.45 -14.82
N THR G 357 58.64 -77.20 -15.29
CA THR G 357 58.56 -77.98 -16.53
C THR G 357 58.15 -77.09 -17.71
N ALA G 358 59.05 -76.18 -18.07
CA ALA G 358 58.87 -75.34 -19.25
C ALA G 358 60.18 -75.18 -20.00
N ALA G 359 61.05 -76.19 -19.95
CA ALA G 359 62.38 -76.06 -20.53
C ALA G 359 62.31 -75.88 -22.05
N GLY G 360 61.58 -76.75 -22.73
CA GLY G 360 61.49 -76.66 -24.18
C GLY G 360 60.13 -77.01 -24.74
N VAL G 361 59.10 -77.02 -23.88
CA VAL G 361 57.76 -77.34 -24.34
C VAL G 361 57.40 -76.44 -25.51
N ASP G 362 56.92 -77.04 -26.59
CA ASP G 362 56.71 -76.28 -27.82
C ASP G 362 55.70 -75.16 -27.63
N ALA G 363 54.58 -75.45 -26.95
CA ALA G 363 53.51 -74.49 -26.75
C ALA G 363 53.11 -73.86 -28.08
N ASP G 364 53.03 -74.69 -29.11
CA ASP G 364 53.09 -74.24 -30.49
C ASP G 364 51.76 -74.32 -31.22
N LEU G 365 50.96 -75.35 -30.96
CA LEU G 365 49.72 -75.55 -31.72
C LEU G 365 48.49 -75.73 -30.84
N ARG G 366 48.61 -75.50 -29.53
CA ARG G 366 47.53 -75.43 -28.55
C ARG G 366 46.90 -76.79 -28.26
N TYR G 367 47.29 -77.86 -28.96
CA TYR G 367 46.86 -79.19 -28.56
C TYR G 367 47.98 -80.06 -28.02
N SER G 368 49.24 -79.64 -28.19
CA SER G 368 50.36 -80.43 -27.68
C SER G 368 50.56 -80.25 -26.19
N TYR G 369 49.84 -79.32 -25.56
CA TYR G 369 49.95 -79.09 -24.12
C TYR G 369 48.59 -78.94 -23.46
N LEU G 370 47.52 -79.38 -24.09
CA LEU G 370 46.17 -79.11 -23.63
C LEU G 370 45.41 -80.42 -23.47
N MET G 371 44.38 -80.40 -22.62
CA MET G 371 43.49 -81.54 -22.46
C MET G 371 42.42 -81.44 -23.54
N ASN G 372 42.72 -82.00 -24.71
CA ASN G 372 41.85 -81.84 -25.87
C ASN G 372 40.47 -82.42 -25.62
N THR G 373 40.39 -83.61 -25.03
CA THR G 373 39.11 -84.14 -24.59
C THR G 373 38.63 -83.37 -23.37
N SER G 374 37.36 -82.98 -23.39
CA SER G 374 36.82 -82.25 -22.24
C SER G 374 36.85 -83.13 -21.00
N ILE G 375 36.98 -82.49 -19.83
CA ILE G 375 36.99 -83.23 -18.58
C ILE G 375 35.68 -83.99 -18.42
N SER G 376 34.55 -83.36 -18.74
CA SER G 376 33.29 -84.06 -18.76
C SER G 376 33.23 -85.10 -19.86
N GLY G 377 34.03 -84.94 -20.91
CA GLY G 377 34.05 -85.90 -22.00
C GLY G 377 34.81 -87.17 -21.72
N LEU G 378 35.53 -87.23 -20.59
CA LEU G 378 36.25 -88.45 -20.23
C LEU G 378 35.30 -89.58 -19.85
N GLU G 379 34.03 -89.28 -19.58
CA GLU G 379 33.08 -90.31 -19.21
C GLU G 379 32.68 -91.20 -20.39
N ASN G 380 32.90 -90.73 -21.62
CA ASN G 380 32.59 -91.52 -22.79
C ASN G 380 33.77 -92.38 -23.25
N ALA G 381 34.93 -92.24 -22.61
CA ALA G 381 36.08 -93.05 -22.97
C ALA G 381 35.90 -94.49 -22.51
N ASP G 382 36.39 -95.43 -23.32
CA ASP G 382 36.32 -96.84 -23.01
C ASP G 382 37.66 -97.43 -22.58
N LEU G 383 38.73 -96.65 -22.62
CA LEU G 383 40.04 -97.13 -22.20
C LEU G 383 40.95 -95.94 -21.94
N PHE G 384 41.71 -96.00 -20.86
CA PHE G 384 42.65 -94.96 -20.49
C PHE G 384 44.06 -95.51 -20.56
N LEU G 385 44.99 -94.71 -21.06
CA LEU G 385 46.38 -95.11 -21.26
C LEU G 385 47.30 -94.10 -20.56
N LEU G 386 47.03 -93.87 -19.28
CA LEU G 386 47.82 -92.98 -18.43
C LEU G 386 49.31 -93.22 -18.61
N ILE G 387 50.02 -92.20 -19.08
CA ILE G 387 51.43 -92.33 -19.44
C ILE G 387 52.20 -91.38 -18.53
N GLY G 388 52.86 -91.94 -17.53
CA GLY G 388 53.72 -91.16 -16.65
C GLY G 388 53.04 -89.98 -15.98
N THR G 389 51.74 -90.06 -15.77
CA THR G 389 50.97 -88.93 -15.25
C THR G 389 50.61 -89.06 -13.77
N GLN G 390 50.21 -90.23 -13.32
CA GLN G 390 49.82 -90.45 -11.93
C GLN G 390 48.78 -89.43 -11.47
N PRO G 391 47.64 -89.33 -12.16
CA PRO G 391 46.75 -88.19 -11.95
C PRO G 391 45.91 -88.31 -10.69
N ARG G 392 46.53 -88.73 -9.60
CA ARG G 392 45.90 -88.73 -8.28
C ARG G 392 46.49 -87.67 -7.37
N VAL G 393 47.71 -87.20 -7.68
CA VAL G 393 48.39 -86.19 -6.88
C VAL G 393 48.65 -84.90 -7.66
N GLU G 394 48.67 -84.94 -8.99
CA GLU G 394 48.82 -83.72 -9.78
C GLU G 394 47.47 -83.07 -10.05
N ALA G 395 46.48 -83.87 -10.49
CA ALA G 395 45.13 -83.37 -10.76
C ALA G 395 44.15 -84.26 -10.00
N ALA G 396 43.75 -83.82 -8.81
CA ALA G 396 42.90 -84.64 -7.97
C ALA G 396 41.49 -84.77 -8.53
N MET G 397 41.02 -83.77 -9.26
CA MET G 397 39.65 -83.78 -9.77
C MET G 397 39.54 -84.41 -11.15
N VAL G 398 40.64 -84.86 -11.74
CA VAL G 398 40.58 -85.68 -12.94
C VAL G 398 40.55 -87.16 -12.59
N ASN G 399 41.24 -87.56 -11.52
CA ASN G 399 41.11 -88.93 -11.03
C ASN G 399 39.68 -89.24 -10.63
N ALA G 400 38.92 -88.23 -10.17
CA ALA G 400 37.52 -88.44 -9.85
C ALA G 400 36.74 -88.85 -11.09
N ARG G 401 36.95 -88.12 -12.20
CA ARG G 401 36.28 -88.49 -13.45
C ARG G 401 36.74 -89.86 -13.94
N ILE G 402 38.03 -90.15 -13.81
CA ILE G 402 38.55 -91.44 -14.28
C ILE G 402 37.92 -92.58 -13.50
N CYS G 403 37.85 -92.45 -12.17
CA CYS G 403 37.25 -93.49 -11.35
C CYS G 403 35.75 -93.60 -11.60
N LYS G 404 35.08 -92.47 -11.81
CA LYS G 404 33.65 -92.50 -12.12
C LYS G 404 33.39 -93.23 -13.43
N THR G 405 34.23 -93.00 -14.44
CA THR G 405 34.10 -93.71 -15.69
C THR G 405 34.40 -95.20 -15.53
N VAL G 406 35.43 -95.53 -14.74
CA VAL G 406 35.83 -96.91 -14.56
C VAL G 406 34.73 -97.71 -13.87
N ARG G 407 34.15 -97.14 -12.81
CA ARG G 407 33.14 -97.87 -12.06
C ARG G 407 31.80 -97.91 -12.80
N ALA G 408 31.49 -96.90 -13.59
CA ALA G 408 30.21 -96.87 -14.30
C ALA G 408 30.27 -97.67 -15.60
N SER G 409 31.15 -97.27 -16.52
CA SER G 409 31.23 -97.87 -17.84
C SER G 409 32.14 -99.10 -17.89
N ASN G 410 32.87 -99.40 -16.81
CA ASN G 410 33.76 -100.56 -16.75
C ASN G 410 34.80 -100.52 -17.85
N ALA G 411 35.62 -99.46 -17.82
CA ALA G 411 36.67 -99.27 -18.80
C ALA G 411 37.95 -99.95 -18.33
N LYS G 412 39.04 -99.75 -19.07
CA LYS G 412 40.33 -100.32 -18.73
C LYS G 412 41.39 -99.22 -18.70
N VAL G 413 42.35 -99.36 -17.80
CA VAL G 413 43.39 -98.36 -17.61
C VAL G 413 44.75 -99.03 -17.69
N GLY G 414 45.67 -98.43 -18.43
CA GLY G 414 46.97 -99.02 -18.69
C GLY G 414 48.15 -98.22 -18.16
N TYR G 415 48.05 -97.77 -16.91
CA TYR G 415 49.04 -96.85 -16.34
C TYR G 415 50.48 -97.31 -16.58
N VAL G 416 51.31 -96.40 -17.06
CA VAL G 416 52.72 -96.65 -17.33
C VAL G 416 53.53 -95.59 -16.60
N GLY G 417 54.40 -96.01 -15.68
CA GLY G 417 55.23 -95.09 -14.95
C GLY G 417 55.70 -95.66 -13.63
N PRO G 418 56.13 -94.78 -12.72
CA PRO G 418 56.62 -95.23 -11.41
C PRO G 418 55.51 -95.84 -10.60
N PRO G 419 55.83 -96.71 -9.64
CA PRO G 419 54.78 -97.35 -8.84
C PRO G 419 53.95 -96.33 -8.09
N ALA G 420 52.65 -96.60 -7.99
CA ALA G 420 51.71 -95.68 -7.37
C ALA G 420 50.51 -96.45 -6.88
N GLU G 421 49.75 -95.81 -5.97
CA GLU G 421 48.50 -96.36 -5.48
C GLU G 421 47.33 -95.71 -6.22
N PHE G 422 46.38 -96.53 -6.63
CA PHE G 422 45.25 -96.05 -7.41
C PHE G 422 43.95 -96.44 -6.73
N ASN G 423 42.93 -95.60 -6.92
CA ASN G 423 41.60 -95.84 -6.38
C ASN G 423 40.85 -96.90 -7.15
N TYR G 424 41.46 -97.48 -8.18
CA TYR G 424 40.78 -98.35 -9.12
C TYR G 424 41.77 -99.32 -9.73
N ASP G 425 41.24 -100.41 -10.30
CA ASP G 425 42.08 -101.43 -10.89
C ASP G 425 42.80 -100.89 -12.11
N CYS G 426 44.12 -100.79 -12.02
CA CYS G 426 44.97 -100.34 -13.11
C CYS G 426 46.00 -101.40 -13.44
N LYS G 427 46.25 -101.59 -14.73
CA LYS G 427 47.20 -102.58 -15.21
C LYS G 427 48.54 -101.90 -15.45
N HIS G 428 49.50 -102.14 -14.56
CA HIS G 428 50.82 -101.53 -14.68
C HIS G 428 51.58 -102.18 -15.83
N LEU G 429 51.57 -101.52 -16.99
CA LEU G 429 52.27 -102.07 -18.15
C LEU G 429 53.78 -101.99 -17.97
N GLY G 430 54.28 -100.84 -17.55
CA GLY G 430 55.70 -100.67 -17.39
C GLY G 430 56.02 -99.39 -16.67
N THR G 431 57.33 -99.10 -16.59
CA THR G 431 57.81 -97.95 -15.82
C THR G 431 58.57 -96.93 -16.67
N GLY G 432 58.82 -97.22 -17.95
CA GLY G 432 59.63 -96.33 -18.75
C GLY G 432 59.26 -96.31 -20.22
N PRO G 433 60.02 -95.54 -21.01
CA PRO G 433 59.72 -95.43 -22.45
C PRO G 433 59.89 -96.73 -23.20
N ASP G 434 60.63 -97.71 -22.66
CA ASP G 434 60.68 -99.02 -23.30
C ASP G 434 59.28 -99.63 -23.38
N THR G 435 58.45 -99.37 -22.37
CA THR G 435 57.07 -99.81 -22.44
C THR G 435 56.31 -99.10 -23.55
N LEU G 436 56.61 -97.81 -23.77
CA LEU G 436 56.00 -97.10 -24.90
C LEU G 436 56.40 -97.72 -26.22
N LYS G 437 57.68 -98.08 -26.36
CA LYS G 437 58.15 -98.73 -27.58
C LYS G 437 57.46 -100.08 -27.77
N GLU G 438 57.26 -100.82 -26.67
CA GLU G 438 56.52 -102.06 -26.74
C GLU G 438 55.08 -101.83 -27.18
N ILE G 439 54.45 -100.76 -26.67
CA ILE G 439 53.08 -100.45 -27.02
C ILE G 439 52.96 -100.12 -28.50
N ALA G 440 53.93 -99.36 -29.03
CA ALA G 440 53.95 -99.07 -30.46
C ALA G 440 54.18 -100.33 -31.29
N GLU G 441 54.64 -101.41 -30.68
CA GLU G 441 54.87 -102.68 -31.36
C GLU G 441 53.72 -103.66 -31.14
N GLY G 442 53.40 -103.95 -29.88
CA GLY G 442 52.30 -104.84 -29.58
C GLY G 442 52.71 -106.13 -28.87
N ARG G 443 53.76 -106.06 -28.05
CA ARG G 443 54.23 -107.23 -27.32
C ARG G 443 53.51 -107.41 -25.99
N HIS G 444 52.17 -107.37 -26.03
CA HIS G 444 51.34 -107.48 -24.83
C HIS G 444 49.86 -107.53 -25.23
N PRO G 445 48.99 -108.11 -24.40
CA PRO G 445 47.56 -108.10 -24.70
C PRO G 445 46.93 -106.71 -24.67
N PHE G 446 47.56 -105.75 -23.99
CA PHE G 446 46.96 -104.41 -23.91
C PHE G 446 46.92 -103.74 -25.27
N CYS G 447 47.83 -104.08 -26.19
CA CYS G 447 47.75 -103.54 -27.53
C CYS G 447 46.47 -103.98 -28.22
N THR G 448 46.12 -105.26 -28.10
CA THR G 448 44.86 -105.74 -28.64
C THR G 448 43.68 -105.09 -27.93
N ALA G 449 43.77 -104.94 -26.60
CA ALA G 449 42.68 -104.31 -25.86
C ALA G 449 42.45 -102.88 -26.33
N LEU G 450 43.52 -102.14 -26.58
CA LEU G 450 43.42 -100.78 -27.09
C LEU G 450 42.91 -100.73 -28.53
N LYS G 451 43.31 -101.70 -29.36
CA LYS G 451 42.86 -101.70 -30.75
C LYS G 451 41.38 -102.04 -30.85
N ASN G 452 40.89 -102.92 -29.98
CA ASN G 452 39.50 -103.35 -30.03
C ASN G 452 38.57 -102.45 -29.22
N ALA G 453 39.07 -101.38 -28.62
CA ALA G 453 38.26 -100.49 -27.80
C ALA G 453 38.05 -99.17 -28.53
N LYS G 454 36.80 -98.82 -28.80
CA LYS G 454 36.48 -97.55 -29.40
C LYS G 454 36.46 -96.45 -28.33
N ASN G 455 36.63 -95.22 -28.80
CA ASN G 455 36.73 -94.05 -27.92
C ASN G 455 37.77 -94.23 -26.81
N PRO G 456 39.03 -94.44 -27.15
CA PRO G 456 40.07 -94.51 -26.12
C PRO G 456 40.71 -93.15 -25.88
N ALA G 457 41.22 -92.99 -24.66
CA ALA G 457 41.84 -91.75 -24.21
C ALA G 457 43.27 -92.03 -23.77
N ILE G 458 44.20 -91.22 -24.24
CA ILE G 458 45.61 -91.33 -23.87
C ILE G 458 45.98 -90.05 -23.13
N ILE G 459 46.22 -90.17 -21.82
CA ILE G 459 46.55 -89.04 -20.98
C ILE G 459 48.05 -89.06 -20.73
N VAL G 460 48.72 -87.97 -21.09
CA VAL G 460 50.16 -87.82 -20.92
C VAL G 460 50.40 -86.70 -19.93
N GLY G 461 51.12 -87.00 -18.85
CA GLY G 461 51.36 -86.03 -17.82
C GLY G 461 52.40 -84.99 -18.21
N ALA G 462 52.36 -83.87 -17.50
CA ALA G 462 53.32 -82.79 -17.75
C ALA G 462 54.72 -83.16 -17.33
N GLY G 463 54.90 -84.20 -16.51
CA GLY G 463 56.23 -84.58 -16.07
C GLY G 463 57.13 -85.03 -17.19
N LEU G 464 56.56 -85.62 -18.24
CA LEU G 464 57.35 -86.12 -19.36
C LEU G 464 58.01 -84.99 -20.13
N PHE G 465 57.50 -83.77 -20.03
CA PHE G 465 58.09 -82.65 -20.77
C PHE G 465 59.42 -82.20 -20.19
N ASN G 466 59.71 -82.56 -18.94
CA ASN G 466 60.99 -82.21 -18.34
C ASN G 466 62.12 -83.07 -18.90
N ARG G 467 61.81 -84.26 -19.38
CA ARG G 467 62.82 -85.15 -19.92
C ARG G 467 63.47 -84.55 -21.17
N THR G 468 64.76 -84.85 -21.35
CA THR G 468 65.48 -84.32 -22.51
C THR G 468 64.90 -84.85 -23.82
N ASP G 469 64.34 -86.05 -23.81
CA ASP G 469 63.69 -86.60 -25.00
C ASP G 469 62.20 -86.31 -25.01
N LYS G 470 61.84 -85.04 -24.80
CA LYS G 470 60.45 -84.65 -24.87
C LYS G 470 59.88 -84.86 -26.28
N ASN G 471 60.66 -84.51 -27.30
CA ASN G 471 60.19 -84.66 -28.67
C ASN G 471 60.08 -86.14 -29.05
N ALA G 472 61.06 -86.95 -28.65
CA ALA G 472 61.02 -88.37 -28.99
C ALA G 472 59.82 -89.06 -28.34
N ILE G 473 59.57 -88.78 -27.06
CA ILE G 473 58.44 -89.40 -26.37
C ILE G 473 57.13 -88.89 -26.95
N LEU G 474 57.05 -87.59 -27.25
CA LEU G 474 55.83 -87.06 -27.84
C LEU G 474 55.56 -87.68 -29.20
N SER G 475 56.62 -87.88 -30.00
CA SER G 475 56.46 -88.53 -31.29
C SER G 475 56.01 -89.98 -31.12
N SER G 476 56.55 -90.67 -30.12
CA SER G 476 56.15 -92.06 -29.88
C SER G 476 54.68 -92.14 -29.50
N VAL G 477 54.23 -91.29 -28.58
CA VAL G 477 52.83 -91.33 -28.18
C VAL G 477 51.93 -90.87 -29.33
N GLU G 478 52.42 -89.97 -30.18
CA GLU G 478 51.63 -89.55 -31.34
C GLU G 478 51.50 -90.68 -32.35
N SER G 479 52.57 -91.46 -32.55
CA SER G 479 52.49 -92.63 -33.42
C SER G 479 51.54 -93.66 -32.85
N ILE G 480 51.55 -93.85 -31.54
CA ILE G 480 50.60 -94.75 -30.90
C ILE G 480 49.17 -94.25 -31.12
N ALA G 481 48.96 -92.93 -31.00
CA ALA G 481 47.64 -92.37 -31.22
C ALA G 481 47.17 -92.56 -32.65
N GLN G 482 48.05 -92.34 -33.62
CA GLN G 482 47.66 -92.44 -35.02
C GLN G 482 47.42 -93.90 -35.43
N ALA G 483 48.29 -94.81 -34.99
CA ALA G 483 48.14 -96.22 -35.37
C ALA G 483 46.86 -96.81 -34.80
N ASN G 484 46.54 -96.50 -33.55
CA ASN G 484 45.35 -97.03 -32.89
C ASN G 484 44.10 -96.22 -33.18
N ASN G 485 44.23 -95.07 -33.85
CA ASN G 485 43.11 -94.23 -34.25
C ASN G 485 42.28 -93.80 -33.02
N VAL G 486 42.93 -93.06 -32.14
CA VAL G 486 42.25 -92.51 -30.97
C VAL G 486 41.75 -91.09 -31.22
N VAL G 487 42.26 -90.41 -32.24
CA VAL G 487 41.84 -89.05 -32.57
C VAL G 487 40.99 -89.10 -33.83
N ARG G 488 39.79 -88.54 -33.75
CA ARG G 488 38.82 -88.56 -34.82
C ARG G 488 38.13 -87.21 -34.87
N PRO G 489 37.55 -86.84 -36.02
CA PRO G 489 36.80 -85.57 -36.08
C PRO G 489 35.65 -85.52 -35.08
N ASP G 490 35.00 -86.65 -34.80
CA ASP G 490 33.91 -86.69 -33.85
C ASP G 490 34.37 -86.98 -32.43
N TRP G 491 35.65 -87.30 -32.22
CA TRP G 491 36.14 -87.64 -30.90
C TRP G 491 37.65 -87.46 -30.87
N ASN G 492 38.14 -86.53 -30.06
CA ASN G 492 39.56 -86.32 -29.87
C ASN G 492 40.00 -87.07 -28.63
N GLY G 493 40.88 -88.05 -28.81
CA GLY G 493 41.31 -88.89 -27.70
C GLY G 493 42.55 -88.42 -27.00
N LEU G 494 43.60 -88.12 -27.77
CA LEU G 494 44.87 -87.70 -27.18
C LEU G 494 44.70 -86.39 -26.44
N ASN G 495 45.25 -86.33 -25.22
CA ASN G 495 45.19 -85.11 -24.43
C ASN G 495 46.32 -85.12 -23.42
N PHE G 496 46.73 -83.93 -22.99
CA PHE G 496 47.81 -83.75 -22.04
C PHE G 496 47.27 -83.10 -20.77
N LEU G 497 47.91 -83.41 -19.65
CA LEU G 497 47.46 -82.96 -18.33
C LEU G 497 48.53 -82.06 -17.73
N LEU G 498 48.22 -80.78 -17.58
CA LEU G 498 49.11 -79.85 -16.92
C LEU G 498 48.96 -79.95 -15.40
N GLN G 499 49.93 -79.36 -14.69
CA GLN G 499 49.99 -79.49 -13.24
C GLN G 499 49.95 -78.16 -12.50
N TYR G 500 50.09 -77.03 -13.17
CA TYR G 500 50.10 -75.73 -12.53
C TYR G 500 48.99 -74.87 -13.09
N ALA G 501 48.41 -74.03 -12.23
CA ALA G 501 47.33 -73.14 -12.66
C ALA G 501 47.82 -72.15 -13.70
N ALA G 502 48.98 -71.55 -13.45
CA ALA G 502 49.56 -70.57 -14.38
C ALA G 502 50.52 -71.23 -15.36
N GLN G 503 50.08 -72.29 -16.01
CA GLN G 503 50.89 -72.99 -17.00
C GLN G 503 50.25 -72.98 -18.38
N ALA G 504 48.95 -73.29 -18.47
CA ALA G 504 48.26 -73.19 -19.75
C ALA G 504 48.25 -71.74 -20.24
N ALA G 505 47.98 -70.80 -19.34
CA ALA G 505 48.01 -69.39 -19.74
C ALA G 505 49.42 -68.93 -20.06
N ALA G 506 50.42 -69.49 -19.36
CA ALA G 506 51.81 -69.16 -19.67
C ALA G 506 52.19 -69.61 -21.07
N LEU G 507 51.77 -70.82 -21.45
CA LEU G 507 52.07 -71.32 -22.78
C LEU G 507 51.25 -70.62 -23.85
N ASP G 508 50.02 -70.22 -23.53
CA ASP G 508 49.21 -69.48 -24.49
C ASP G 508 49.84 -68.14 -24.83
N LEU G 509 50.38 -67.45 -23.83
CA LEU G 509 51.03 -66.16 -24.05
C LEU G 509 52.34 -66.29 -24.82
N GLY G 510 52.83 -67.50 -25.02
CA GLY G 510 54.03 -67.69 -25.82
C GLY G 510 55.33 -67.48 -25.10
N LEU G 511 55.33 -67.46 -23.77
CA LEU G 511 56.56 -67.34 -23.00
C LEU G 511 57.09 -68.76 -22.73
N ILE G 512 58.19 -69.10 -23.40
CA ILE G 512 58.80 -70.42 -23.30
C ILE G 512 60.31 -70.25 -23.21
N GLN G 513 60.93 -71.09 -22.38
CA GLN G 513 62.39 -71.12 -22.28
C GLN G 513 62.97 -71.58 -23.62
N GLN G 514 63.97 -70.86 -24.11
CA GLN G 514 64.64 -71.21 -25.36
C GLN G 514 65.96 -71.93 -25.15
N SER G 515 66.65 -71.67 -24.03
CA SER G 515 67.97 -72.23 -23.82
C SER G 515 68.04 -72.86 -22.44
N ALA G 516 68.64 -74.05 -22.35
CA ALA G 516 68.86 -74.70 -21.07
C ALA G 516 69.98 -74.05 -20.27
N LYS G 517 70.73 -73.13 -20.87
CA LYS G 517 71.82 -72.44 -20.20
C LYS G 517 71.36 -71.21 -19.42
N ALA G 518 70.09 -70.84 -19.52
CA ALA G 518 69.58 -69.72 -18.76
C ALA G 518 69.56 -70.04 -17.28
N LEU G 519 69.43 -68.99 -16.47
CA LEU G 519 69.48 -69.07 -15.00
C LEU G 519 70.83 -69.57 -14.50
N GLU G 520 71.85 -69.61 -15.37
CA GLU G 520 73.18 -70.06 -15.00
C GLU G 520 74.20 -68.93 -15.09
N SER G 521 74.31 -68.28 -16.26
CA SER G 521 75.21 -67.16 -16.46
C SER G 521 74.47 -65.82 -16.50
N ALA G 522 73.17 -65.84 -16.24
CA ALA G 522 72.35 -64.63 -16.29
C ALA G 522 72.31 -63.99 -14.91
N LYS G 523 72.64 -62.69 -14.85
CA LYS G 523 72.70 -62.00 -13.57
C LYS G 523 71.29 -61.65 -13.08
N PHE G 524 70.61 -60.76 -13.80
CA PHE G 524 69.34 -60.23 -13.33
C PHE G 524 68.26 -61.31 -13.43
N VAL G 525 67.83 -61.82 -12.28
CA VAL G 525 66.80 -62.85 -12.21
C VAL G 525 65.59 -62.23 -11.53
N TYR G 526 64.47 -62.18 -12.24
CA TYR G 526 63.23 -61.60 -11.73
C TYR G 526 62.28 -62.73 -11.35
N LEU G 527 62.45 -63.25 -10.15
CA LEU G 527 61.61 -64.34 -9.64
C LEU G 527 60.23 -63.78 -9.33
N MET G 528 59.30 -64.00 -10.25
CA MET G 528 57.93 -63.51 -10.09
C MET G 528 57.06 -64.65 -9.55
N GLY G 529 57.21 -64.90 -8.27
CA GLY G 529 56.47 -65.94 -7.59
C GLY G 529 57.03 -67.34 -7.75
N ALA G 530 58.15 -67.49 -8.45
CA ALA G 530 58.78 -68.81 -8.64
C ALA G 530 59.46 -69.19 -7.33
N ASP G 531 58.74 -69.93 -6.49
CA ASP G 531 59.19 -70.24 -5.15
C ASP G 531 59.94 -71.57 -5.06
N ASP G 532 59.86 -72.41 -6.10
CA ASP G 532 60.47 -73.73 -6.03
C ASP G 532 61.61 -73.96 -7.02
N VAL G 533 61.85 -73.03 -7.95
CA VAL G 533 62.96 -73.20 -8.89
C VAL G 533 64.26 -73.30 -8.11
N ASN G 534 65.12 -74.23 -8.52
CA ASN G 534 66.37 -74.49 -7.81
C ASN G 534 67.24 -73.25 -7.76
N VAL G 535 67.42 -72.70 -6.55
CA VAL G 535 68.17 -71.46 -6.40
C VAL G 535 69.68 -71.69 -6.47
N ASP G 536 70.13 -72.95 -6.40
CA ASP G 536 71.55 -73.22 -6.49
C ASP G 536 72.09 -72.92 -7.88
N LYS G 537 71.24 -72.95 -8.91
CA LYS G 537 71.69 -72.70 -10.26
C LYS G 537 71.98 -71.22 -10.51
N ILE G 538 71.29 -70.33 -9.82
CA ILE G 538 71.54 -68.89 -9.96
C ILE G 538 72.94 -68.58 -9.43
N PRO G 539 73.75 -67.80 -10.17
CA PRO G 539 75.09 -67.46 -9.68
C PRO G 539 75.02 -66.59 -8.44
N LYS G 540 76.15 -66.55 -7.72
CA LYS G 540 76.21 -65.81 -6.47
C LYS G 540 75.98 -64.32 -6.67
N ASP G 541 76.56 -63.75 -7.72
CA ASP G 541 76.42 -62.32 -8.01
C ASP G 541 75.37 -62.16 -9.09
N ALA G 542 74.11 -62.04 -8.66
CA ALA G 542 73.01 -62.00 -9.63
C ALA G 542 72.04 -60.87 -9.37
N PHE G 543 71.90 -60.43 -8.11
CA PHE G 543 70.86 -59.47 -7.73
C PHE G 543 69.49 -60.00 -8.10
N VAL G 544 69.10 -61.10 -7.45
CA VAL G 544 67.78 -61.69 -7.68
C VAL G 544 66.74 -60.87 -6.93
N VAL G 545 65.69 -60.47 -7.62
CA VAL G 545 64.59 -59.70 -7.05
C VAL G 545 63.37 -60.60 -7.02
N TYR G 546 62.78 -60.76 -5.84
CA TYR G 546 61.68 -61.69 -5.63
C TYR G 546 60.36 -60.94 -5.53
N GLN G 547 59.38 -61.35 -6.32
CA GLN G 547 58.03 -60.80 -6.26
C GLN G 547 57.09 -61.93 -5.90
N GLY G 548 56.58 -61.92 -4.68
CA GLY G 548 55.68 -62.97 -4.25
C GLY G 548 54.94 -62.55 -3.00
N HIS G 549 53.93 -63.36 -2.67
CA HIS G 549 53.10 -63.14 -1.49
C HIS G 549 53.47 -64.05 -0.32
N HIS G 550 54.08 -65.20 -0.58
CA HIS G 550 54.63 -66.05 0.46
C HIS G 550 56.11 -66.29 0.17
N GLY G 551 56.95 -66.10 1.18
CA GLY G 551 58.37 -66.35 1.03
C GLY G 551 58.84 -67.54 1.86
N ASP G 552 59.22 -68.62 1.20
CA ASP G 552 59.64 -69.84 1.90
C ASP G 552 61.12 -70.13 1.69
N LYS G 553 61.56 -70.28 0.44
CA LYS G 553 62.95 -70.58 0.15
C LYS G 553 63.65 -69.51 -0.66
N ALA G 554 63.03 -69.01 -1.73
CA ALA G 554 63.65 -67.97 -2.53
C ALA G 554 63.83 -66.67 -1.76
N VAL G 555 63.09 -66.49 -0.66
CA VAL G 555 63.22 -65.27 0.14
C VAL G 555 64.60 -65.19 0.79
N TYR G 556 65.18 -66.33 1.18
CA TYR G 556 66.46 -66.31 1.89
C TYR G 556 67.59 -65.79 1.00
N ARG G 557 67.68 -66.29 -0.22
CA ARG G 557 68.74 -65.88 -1.12
C ARG G 557 68.39 -64.65 -1.94
N ALA G 558 67.21 -64.08 -1.71
CA ALA G 558 66.77 -62.95 -2.51
C ALA G 558 67.42 -61.65 -2.06
N ASN G 559 67.74 -60.81 -3.03
CA ASN G 559 67.96 -59.38 -2.83
C ASN G 559 66.60 -58.72 -2.75
N VAL G 560 66.52 -57.42 -3.04
CA VAL G 560 65.32 -56.61 -2.84
C VAL G 560 64.04 -57.37 -3.18
N ILE G 561 63.06 -57.28 -2.29
CA ILE G 561 61.86 -58.11 -2.32
C ILE G 561 60.64 -57.21 -2.43
N LEU G 562 59.77 -57.51 -3.39
CA LEU G 562 58.55 -56.74 -3.59
C LEU G 562 57.36 -57.59 -3.19
N PRO G 563 56.62 -57.20 -2.16
CA PRO G 563 55.44 -58.00 -1.76
C PRO G 563 54.37 -57.96 -2.82
N ALA G 564 53.64 -59.07 -2.92
CA ALA G 564 52.61 -59.26 -3.93
C ALA G 564 51.27 -59.57 -3.26
N SER G 565 50.27 -59.86 -4.08
CA SER G 565 48.93 -60.19 -3.63
C SER G 565 48.59 -61.60 -4.05
N ALA G 566 47.89 -62.33 -3.19
CA ALA G 566 47.50 -63.71 -3.45
C ALA G 566 46.34 -63.72 -4.44
N PHE G 567 45.79 -64.91 -4.70
CA PHE G 567 44.72 -65.05 -5.67
C PHE G 567 43.35 -64.63 -5.13
N THR G 568 43.20 -64.52 -3.81
CA THR G 568 41.91 -64.16 -3.25
C THR G 568 41.63 -62.67 -3.27
N GLU G 569 42.63 -61.83 -3.55
CA GLU G 569 42.47 -60.38 -3.58
C GLU G 569 42.90 -59.78 -4.92
N LYS G 570 42.82 -60.55 -5.99
CA LYS G 570 43.09 -60.04 -7.33
C LYS G 570 41.93 -60.42 -8.25
N GLU G 571 42.11 -60.16 -9.55
CA GLU G 571 41.04 -60.31 -10.53
C GLU G 571 41.45 -61.06 -11.79
N GLY G 572 42.74 -61.25 -12.03
CA GLY G 572 43.21 -61.72 -13.32
C GLY G 572 42.74 -63.13 -13.64
N THR G 573 42.92 -63.49 -14.91
CA THR G 573 42.39 -64.71 -15.48
C THR G 573 43.37 -65.88 -15.31
N TYR G 574 42.80 -67.07 -15.13
CA TYR G 574 43.55 -68.31 -15.11
C TYR G 574 42.94 -69.27 -16.11
N GLU G 575 43.77 -70.16 -16.66
CA GLU G 575 43.32 -71.08 -17.69
C GLU G 575 43.36 -72.52 -17.18
N ASN G 576 42.50 -73.34 -17.77
CA ASN G 576 42.33 -74.73 -17.39
C ASN G 576 43.22 -75.64 -18.21
N THR G 577 43.25 -76.93 -17.84
CA THR G 577 43.95 -77.92 -18.64
C THR G 577 43.27 -78.12 -19.99
N GLU G 578 41.95 -77.87 -20.06
CA GLU G 578 41.18 -78.07 -21.27
C GLU G 578 40.94 -76.76 -22.02
N GLY G 579 41.69 -75.72 -21.72
CA GLY G 579 41.59 -74.46 -22.43
C GLY G 579 40.46 -73.56 -22.00
N PHE G 580 39.81 -73.85 -20.86
CA PHE G 580 38.76 -73.01 -20.35
C PHE G 580 39.36 -71.84 -19.57
N THR G 581 38.93 -70.63 -19.90
CA THR G 581 39.43 -69.42 -19.26
C THR G 581 38.37 -68.88 -18.32
N GLN G 582 38.77 -68.59 -17.09
CA GLN G 582 37.84 -68.12 -16.06
C GLN G 582 38.58 -67.19 -15.11
N GLN G 583 37.83 -66.28 -14.50
CA GLN G 583 38.39 -65.18 -13.74
C GLN G 583 38.25 -65.42 -12.25
N THR G 584 38.80 -64.48 -11.47
CA THR G 584 38.81 -64.53 -10.02
C THR G 584 38.23 -63.23 -9.47
N VAL G 585 37.63 -63.30 -8.28
CA VAL G 585 36.97 -62.15 -7.68
C VAL G 585 37.75 -61.73 -6.42
N PRO G 586 37.94 -60.42 -6.19
CA PRO G 586 38.68 -59.98 -5.01
C PRO G 586 37.88 -60.10 -3.72
N ALA G 587 37.89 -61.27 -3.10
CA ALA G 587 37.07 -61.52 -1.92
C ALA G 587 37.50 -60.64 -0.73
N VAL G 588 38.79 -60.59 -0.45
CA VAL G 588 39.28 -59.97 0.79
C VAL G 588 40.31 -58.90 0.42
N PRO G 589 40.54 -57.94 1.32
CA PRO G 589 41.56 -56.92 1.05
C PRO G 589 42.97 -57.50 1.15
N THR G 590 43.88 -56.84 0.45
CA THR G 590 45.29 -57.23 0.47
C THR G 590 45.89 -56.91 1.84
N VAL G 591 46.74 -57.82 2.32
CA VAL G 591 47.39 -57.65 3.61
C VAL G 591 48.65 -56.82 3.44
N GLY G 592 48.89 -55.92 4.38
CA GLY G 592 50.09 -55.10 4.34
C GLY G 592 50.08 -54.12 3.17
N ASP G 593 51.28 -53.65 2.82
CA ASP G 593 51.46 -52.73 1.71
C ASP G 593 51.94 -53.53 0.50
N ALA G 594 50.98 -54.15 -0.18
CA ALA G 594 51.26 -54.95 -1.36
C ALA G 594 50.32 -54.54 -2.48
N ARG G 595 50.78 -54.75 -3.72
CA ARG G 595 50.02 -54.40 -4.91
C ARG G 595 49.87 -55.63 -5.80
N ASP G 596 49.12 -55.46 -6.89
CA ASP G 596 48.97 -56.53 -7.86
C ASP G 596 50.29 -56.81 -8.56
N ASP G 597 50.44 -58.04 -9.07
CA ASP G 597 51.67 -58.40 -9.77
C ASP G 597 51.87 -57.52 -11.00
N TRP G 598 50.84 -57.39 -11.83
CA TRP G 598 50.99 -56.63 -13.06
C TRP G 598 51.24 -55.14 -12.77
N LYS G 599 50.60 -54.61 -11.73
CA LYS G 599 50.84 -53.22 -11.36
C LYS G 599 52.29 -53.01 -10.95
N ILE G 600 52.83 -53.93 -10.16
CA ILE G 600 54.23 -53.81 -9.71
C ILE G 600 55.18 -53.91 -10.90
N VAL G 601 54.92 -54.86 -11.80
CA VAL G 601 55.79 -55.01 -12.97
C VAL G 601 55.73 -53.78 -13.86
N ARG G 602 54.54 -53.21 -14.05
CA ARG G 602 54.42 -52.01 -14.88
C ARG G 602 55.10 -50.81 -14.21
N ALA G 603 54.99 -50.69 -12.89
CA ALA G 603 55.70 -49.63 -12.19
C ALA G 603 57.20 -49.77 -12.35
N LEU G 604 57.70 -51.00 -12.23
CA LEU G 604 59.12 -51.24 -12.46
C LEU G 604 59.52 -50.89 -13.89
N SER G 605 58.67 -51.25 -14.86
CA SER G 605 58.96 -50.95 -16.25
C SER G 605 59.04 -49.44 -16.48
N GLU G 606 58.09 -48.70 -15.91
CA GLU G 606 58.11 -47.24 -16.07
C GLU G 606 59.31 -46.61 -15.37
N VAL G 607 59.69 -47.14 -14.21
CA VAL G 607 60.85 -46.61 -13.49
C VAL G 607 62.13 -46.88 -14.28
N SER G 608 62.23 -48.07 -14.88
CA SER G 608 63.44 -48.47 -15.59
C SER G 608 63.72 -47.63 -16.83
N GLY G 609 62.76 -46.85 -17.30
CA GLY G 609 62.96 -45.99 -18.45
C GLY G 609 62.36 -46.47 -19.75
N VAL G 610 61.43 -47.42 -19.71
CA VAL G 610 60.74 -47.91 -20.90
C VAL G 610 59.23 -47.75 -20.68
N LYS G 611 58.53 -47.37 -21.75
CA LYS G 611 57.11 -47.06 -21.68
C LYS G 611 56.29 -48.16 -22.32
N LEU G 612 55.20 -48.55 -21.64
CA LEU G 612 54.26 -49.55 -22.12
C LEU G 612 52.94 -48.89 -22.52
N PRO G 613 52.28 -49.43 -23.55
CA PRO G 613 51.03 -48.79 -24.03
C PRO G 613 49.89 -48.80 -23.03
N TYR G 614 49.94 -49.66 -22.02
CA TYR G 614 48.81 -49.84 -21.11
C TYR G 614 49.16 -49.38 -19.70
N ASN G 615 48.15 -48.87 -19.00
CA ASN G 615 48.32 -48.43 -17.62
C ASN G 615 47.15 -48.85 -16.73
N SER G 616 46.26 -49.70 -17.22
CA SER G 616 45.13 -50.19 -16.45
C SER G 616 44.92 -51.67 -16.77
N ILE G 617 44.14 -52.34 -15.92
CA ILE G 617 43.87 -53.75 -16.12
C ILE G 617 43.12 -53.99 -17.42
N GLU G 618 42.30 -53.02 -17.85
CA GLU G 618 41.62 -53.15 -19.13
C GLU G 618 42.60 -53.05 -20.29
N GLY G 619 43.62 -52.21 -20.16
CA GLY G 619 44.59 -52.07 -21.23
C GLY G 619 45.41 -53.34 -21.44
N VAL G 620 45.73 -54.03 -20.35
CA VAL G 620 46.49 -55.28 -20.47
C VAL G 620 45.67 -56.34 -21.20
N ARG G 621 44.38 -56.41 -20.90
CA ARG G 621 43.52 -57.41 -21.55
C ARG G 621 43.44 -57.16 -23.06
N SER G 622 43.36 -55.89 -23.46
CA SER G 622 43.39 -55.58 -24.89
C SER G 622 44.72 -56.00 -25.52
N ARG G 623 45.82 -55.81 -24.80
CA ARG G 623 47.12 -56.26 -25.30
C ARG G 623 47.15 -57.77 -25.46
N ILE G 624 46.53 -58.49 -24.53
CA ILE G 624 46.51 -59.95 -24.59
C ILE G 624 45.79 -60.42 -25.84
N LYS G 625 44.80 -59.65 -26.32
CA LYS G 625 44.06 -60.03 -27.51
C LYS G 625 44.95 -60.16 -28.74
N SER G 626 46.11 -59.52 -28.74
CA SER G 626 47.04 -59.58 -29.86
C SER G 626 48.09 -60.67 -29.72
N VAL G 627 48.12 -61.38 -28.58
CA VAL G 627 49.10 -62.44 -28.36
C VAL G 627 48.42 -63.78 -28.10
N ALA G 628 47.35 -63.81 -27.31
CA ALA G 628 46.59 -65.02 -27.04
C ALA G 628 45.15 -64.60 -26.83
N PRO G 629 44.42 -64.36 -27.93
CA PRO G 629 43.07 -63.78 -27.79
C PRO G 629 42.08 -64.65 -27.06
N ASN G 630 42.31 -65.96 -26.99
CA ASN G 630 41.39 -66.84 -26.28
C ASN G 630 41.36 -66.59 -24.78
N LEU G 631 42.35 -65.86 -24.24
CA LEU G 631 42.40 -65.58 -22.82
C LEU G 631 41.45 -64.47 -22.39
N VAL G 632 40.81 -63.78 -23.33
CA VAL G 632 39.84 -62.73 -23.01
C VAL G 632 38.41 -63.16 -23.27
N HIS G 633 38.19 -64.41 -23.66
CA HIS G 633 36.84 -64.97 -23.81
C HIS G 633 36.61 -65.93 -22.65
N THR G 634 35.73 -65.54 -21.73
CA THR G 634 35.54 -66.31 -20.50
C THR G 634 34.64 -67.51 -20.72
N ASP G 635 33.39 -67.28 -21.12
CA ASP G 635 32.40 -68.34 -21.25
C ASP G 635 32.35 -68.81 -22.71
N GLU G 636 33.38 -69.56 -23.10
CA GLU G 636 33.46 -70.13 -24.43
C GLU G 636 34.18 -71.47 -24.34
N ARG G 637 33.49 -72.52 -24.79
CA ARG G 637 34.06 -73.87 -24.83
C ARG G 637 34.62 -74.17 -26.22
N GLU G 638 35.64 -73.41 -26.61
CA GLU G 638 36.22 -73.55 -27.93
C GLU G 638 37.06 -74.82 -28.00
N PRO G 639 36.79 -75.73 -28.94
CA PRO G 639 37.59 -76.94 -29.05
C PRO G 639 38.87 -76.69 -29.84
N ALA G 640 39.72 -77.71 -29.87
CA ALA G 640 40.95 -77.64 -30.65
C ALA G 640 40.64 -77.57 -32.14
N ALA G 641 41.42 -76.78 -32.87
CA ALA G 641 41.16 -76.58 -34.28
C ALA G 641 41.83 -77.64 -35.14
N PHE G 642 43.14 -77.81 -34.99
CA PHE G 642 43.93 -78.65 -35.88
C PHE G 642 44.21 -80.00 -35.22
N GLY G 643 44.51 -80.98 -36.07
CA GLY G 643 44.90 -82.30 -35.61
C GLY G 643 46.39 -82.36 -35.35
N PRO G 644 46.90 -83.55 -35.04
CA PRO G 644 48.33 -83.71 -34.75
C PRO G 644 49.19 -84.07 -35.96
N SER G 645 48.65 -84.01 -37.18
CA SER G 645 49.44 -84.32 -38.37
C SER G 645 50.43 -83.22 -38.74
N LEU G 646 50.35 -82.06 -38.09
CA LEU G 646 51.21 -80.93 -38.45
C LEU G 646 52.58 -81.00 -37.77
N LYS G 647 52.80 -81.96 -36.89
CA LYS G 647 54.08 -82.03 -36.19
C LYS G 647 55.16 -82.59 -37.10
N PRO G 648 56.34 -81.98 -37.12
CA PRO G 648 57.46 -82.53 -37.90
C PRO G 648 58.01 -83.81 -37.26
N GLU G 649 58.75 -84.57 -38.07
CA GLU G 649 59.27 -85.85 -37.64
C GLU G 649 60.33 -85.69 -36.56
N CYS G 650 60.35 -86.65 -35.63
CA CYS G 650 61.36 -86.72 -34.57
C CYS G 650 62.01 -88.10 -34.65
N LYS G 651 63.17 -88.17 -35.31
CA LYS G 651 63.84 -89.44 -35.59
C LYS G 651 64.79 -89.88 -34.49
N GLU G 652 65.04 -89.05 -33.49
CA GLU G 652 66.02 -89.38 -32.47
C GLU G 652 65.52 -90.50 -31.56
N ALA G 653 66.46 -91.32 -31.09
CA ALA G 653 66.15 -92.39 -30.17
C ALA G 653 65.63 -91.83 -28.85
N MET G 654 64.83 -92.63 -28.14
CA MET G 654 64.03 -92.06 -27.06
C MET G 654 64.85 -91.89 -25.78
N SER G 655 65.16 -92.99 -25.09
CA SER G 655 65.89 -92.90 -23.82
C SER G 655 66.20 -94.27 -23.24
N THR G 656 66.77 -94.28 -22.03
CA THR G 656 66.96 -95.49 -21.26
C THR G 656 66.53 -95.35 -19.80
N THR G 657 66.06 -94.17 -19.36
CA THR G 657 65.71 -93.91 -17.96
C THR G 657 64.19 -93.98 -17.78
N PRO G 658 63.71 -94.70 -16.79
CA PRO G 658 62.25 -94.75 -16.55
C PRO G 658 61.73 -93.42 -16.04
N PHE G 659 60.41 -93.26 -16.14
CA PHE G 659 59.76 -92.02 -15.75
C PHE G 659 59.94 -91.74 -14.26
N GLN G 660 59.90 -90.46 -13.91
CA GLN G 660 60.09 -90.01 -12.53
C GLN G 660 58.93 -89.12 -12.11
N THR G 661 58.47 -89.30 -10.88
CA THR G 661 57.40 -88.47 -10.35
C THR G 661 57.86 -87.03 -10.18
N VAL G 662 56.90 -86.11 -10.25
CA VAL G 662 57.21 -84.69 -10.22
C VAL G 662 56.83 -84.07 -8.87
N VAL G 663 55.78 -84.58 -8.25
CA VAL G 663 55.33 -84.11 -6.94
C VAL G 663 55.39 -85.27 -5.97
N GLU G 664 56.08 -85.06 -4.84
CA GLU G 664 56.25 -86.06 -3.81
C GLU G 664 55.23 -85.92 -2.69
N ASN G 665 55.07 -84.71 -2.15
CA ASN G 665 54.08 -84.43 -1.13
C ASN G 665 52.89 -83.76 -1.77
N PHE G 666 51.73 -84.43 -1.73
CA PHE G 666 50.53 -83.87 -2.33
C PHE G 666 50.04 -82.65 -1.57
N TYR G 667 50.32 -82.56 -0.27
CA TYR G 667 49.83 -81.48 0.57
C TYR G 667 50.77 -80.28 0.60
N MET G 668 51.92 -80.35 -0.04
CA MET G 668 52.86 -79.22 -0.13
C MET G 668 53.32 -79.09 -1.58
N THR G 669 52.58 -78.31 -2.36
CA THR G 669 52.92 -78.05 -3.75
C THR G 669 53.29 -76.58 -3.98
N ASN G 670 52.40 -75.66 -3.62
CA ASN G 670 52.65 -74.23 -3.77
C ASN G 670 53.00 -73.62 -2.42
N SER G 671 53.39 -72.34 -2.46
CA SER G 671 53.77 -71.64 -1.24
C SER G 671 52.61 -71.45 -0.29
N ILE G 672 51.38 -71.45 -0.79
CA ILE G 672 50.21 -71.28 0.08
C ILE G 672 50.05 -72.49 0.98
N THR G 673 50.12 -73.69 0.42
CA THR G 673 50.01 -74.91 1.21
C THR G 673 51.30 -75.19 1.98
N ARG G 674 52.44 -74.82 1.43
CA ARG G 674 53.71 -75.03 2.12
C ARG G 674 53.83 -74.19 3.38
N ALA G 675 53.10 -73.08 3.46
CA ALA G 675 53.12 -72.21 4.63
C ALA G 675 51.90 -72.41 5.52
N SER G 676 51.04 -73.37 5.21
CA SER G 676 49.83 -73.58 5.99
C SER G 676 50.11 -74.45 7.21
N LYS G 677 49.37 -74.19 8.29
CA LYS G 677 49.51 -74.96 9.51
C LYS G 677 48.69 -76.24 9.48
N ILE G 678 47.46 -76.17 8.95
CA ILE G 678 46.63 -77.35 8.83
C ILE G 678 47.23 -78.33 7.84
N MET G 679 47.73 -77.83 6.71
CA MET G 679 48.31 -78.70 5.70
C MET G 679 49.57 -79.40 6.20
N ALA G 680 50.35 -78.73 7.05
CA ALA G 680 51.58 -79.33 7.57
C ALA G 680 51.27 -80.53 8.45
N GLN G 681 50.31 -80.39 9.37
CA GLN G 681 49.92 -81.51 10.22
C GLN G 681 49.10 -82.54 9.47
N CYS G 682 48.46 -82.16 8.36
CA CYS G 682 47.81 -83.15 7.51
C CYS G 682 48.83 -83.99 6.76
N SER G 683 49.94 -83.40 6.34
CA SER G 683 51.00 -84.09 5.63
C SER G 683 51.98 -84.77 6.58
N ALA G 684 51.58 -85.03 7.82
CA ALA G 684 52.42 -85.73 8.78
C ALA G 684 51.89 -87.12 9.11
N VAL G 685 50.57 -87.25 9.25
CA VAL G 685 49.98 -88.55 9.58
C VAL G 685 49.21 -89.15 8.40
N LEU G 686 48.80 -88.32 7.43
CA LEU G 686 48.04 -88.79 6.27
C LEU G 686 48.92 -89.03 5.06
N LEU G 687 50.24 -89.05 5.22
CA LEU G 687 51.13 -89.28 4.09
C LEU G 687 50.92 -90.66 3.49
N LYS G 688 50.79 -91.68 4.34
CA LYS G 688 50.63 -93.05 3.87
C LYS G 688 49.29 -93.62 4.30
N TYR H 1 26.01 14.32 63.11
CA TYR H 1 25.30 14.10 61.86
C TYR H 1 25.99 13.04 61.02
N ILE H 2 26.99 12.37 61.61
CA ILE H 2 27.75 11.34 60.93
C ILE H 2 27.19 9.94 61.16
N ALA H 3 26.04 9.84 61.83
CA ALA H 3 25.41 8.56 62.14
C ALA H 3 24.62 7.99 60.97
N VAL H 4 24.33 8.80 59.95
CA VAL H 4 23.44 8.36 58.87
C VAL H 4 24.00 7.15 58.11
N PRO H 5 25.26 7.14 57.66
CA PRO H 5 25.73 6.01 56.84
C PRO H 5 25.62 4.66 57.53
N ALA H 6 25.79 4.61 58.85
CA ALA H 6 25.58 3.36 59.56
C ALA H 6 24.16 2.86 59.39
N GLU H 7 23.18 3.77 59.51
CA GLU H 7 21.79 3.40 59.29
C GLU H 7 21.57 2.96 57.84
N ILE H 8 22.20 3.64 56.89
CA ILE H 8 22.01 3.30 55.48
C ILE H 8 22.49 1.87 55.22
N LEU H 9 23.69 1.54 55.70
CA LEU H 9 24.20 0.18 55.51
C LEU H 9 23.34 -0.85 56.26
N GLY H 10 22.88 -0.50 57.46
CA GLY H 10 22.01 -1.39 58.20
C GLY H 10 20.67 -1.62 57.54
N ILE H 11 20.24 -0.70 56.68
CA ILE H 11 19.04 -0.93 55.89
C ILE H 11 19.35 -1.69 54.59
N ILE H 12 20.53 -1.46 54.01
CA ILE H 12 20.83 -2.04 52.70
C ILE H 12 21.19 -3.52 52.81
N LEU H 13 22.20 -3.85 53.63
CA LEU H 13 22.72 -5.21 53.63
C LEU H 13 21.68 -6.25 54.01
N PRO H 14 20.90 -6.09 55.09
CA PRO H 14 19.83 -7.06 55.36
C PRO H 14 18.84 -7.16 54.22
N LEU H 15 18.60 -6.08 53.47
CA LEU H 15 17.70 -6.17 52.33
C LEU H 15 18.24 -7.12 51.26
N LEU H 16 19.54 -7.03 50.97
CA LEU H 16 20.13 -7.90 49.95
C LEU H 16 20.08 -9.36 50.40
N LEU H 17 20.47 -9.62 51.65
CA LEU H 17 20.41 -11.02 52.10
C LEU H 17 18.98 -11.52 52.20
N GLY H 18 18.03 -10.64 52.55
CA GLY H 18 16.63 -11.02 52.54
C GLY H 18 16.12 -11.32 51.15
N VAL H 19 16.60 -10.60 50.15
CA VAL H 19 16.25 -10.92 48.77
C VAL H 19 16.76 -12.32 48.40
N ALA H 20 18.00 -12.62 48.77
CA ALA H 20 18.54 -13.95 48.50
C ALA H 20 17.70 -15.03 49.17
N PHE H 21 17.42 -14.87 50.46
CA PHE H 21 16.62 -15.87 51.16
C PHE H 21 15.17 -15.87 50.71
N LEU H 22 14.69 -14.78 50.10
CA LEU H 22 13.35 -14.79 49.51
C LEU H 22 13.32 -15.61 48.24
N VAL H 23 14.40 -15.57 47.45
CA VAL H 23 14.51 -16.48 46.32
C VAL H 23 14.51 -17.92 46.81
N LEU H 24 15.28 -18.19 47.87
CA LEU H 24 15.29 -19.52 48.45
C LEU H 24 13.90 -19.94 48.92
N ALA H 25 13.18 -19.03 49.57
CA ALA H 25 11.83 -19.31 50.04
C ALA H 25 10.89 -19.58 48.88
N GLU H 26 11.02 -18.82 47.80
CA GLU H 26 10.24 -19.08 46.60
C GLU H 26 10.43 -20.51 46.11
N ARG H 27 11.69 -20.91 45.94
CA ARG H 27 11.96 -22.26 45.47
C ARG H 27 11.39 -23.31 46.44
N LYS H 28 11.63 -23.10 47.73
CA LYS H 28 11.22 -24.08 48.73
C LYS H 28 9.71 -24.22 48.82
N VAL H 29 8.99 -23.09 48.78
CA VAL H 29 7.54 -23.13 48.90
C VAL H 29 6.91 -23.71 47.65
N MET H 30 7.42 -23.36 46.46
CA MET H 30 6.91 -23.99 45.25
C MET H 30 7.17 -25.49 45.27
N ALA H 31 8.31 -25.91 45.83
CA ALA H 31 8.57 -27.34 45.98
C ALA H 31 7.55 -27.99 46.90
N PHE H 32 7.28 -27.37 48.04
CA PHE H 32 6.34 -27.98 48.99
C PHE H 32 4.92 -28.03 48.45
N VAL H 33 4.51 -27.03 47.66
CA VAL H 33 3.17 -27.07 47.08
C VAL H 33 3.03 -28.24 46.12
N GLN H 34 4.10 -28.55 45.39
CA GLN H 34 4.09 -29.63 44.42
C GLN H 34 4.58 -30.95 45.00
N ARG H 35 4.45 -31.14 46.32
CA ARG H 35 4.86 -32.37 47.00
C ARG H 35 6.33 -32.70 46.74
N ARG H 36 7.20 -31.73 47.00
CA ARG H 36 8.63 -31.90 46.81
C ARG H 36 9.38 -31.43 48.05
N LYS H 37 10.71 -31.37 47.98
CA LYS H 37 11.53 -30.82 49.05
C LYS H 37 12.26 -29.54 48.67
N GLY H 38 12.65 -29.40 47.40
CA GLY H 38 13.43 -28.26 47.00
C GLY H 38 14.85 -28.37 47.52
N PRO H 39 15.63 -27.29 47.39
CA PRO H 39 17.03 -27.33 47.83
C PRO H 39 17.17 -27.78 49.28
N ASP H 40 17.75 -28.97 49.47
CA ASP H 40 17.85 -29.56 50.80
C ASP H 40 19.29 -30.02 51.06
N VAL H 41 19.98 -30.44 50.00
CA VAL H 41 21.30 -31.04 50.16
C VAL H 41 22.31 -30.01 50.67
N VAL H 42 22.34 -28.84 50.03
CA VAL H 42 23.31 -27.81 50.42
C VAL H 42 22.90 -27.24 51.77
N GLY H 43 23.88 -27.02 52.64
CA GLY H 43 23.57 -26.52 53.96
C GLY H 43 22.83 -27.55 54.79
N SER H 44 21.96 -27.05 55.68
CA SER H 44 21.15 -27.92 56.52
C SER H 44 19.76 -28.14 55.92
N PHE H 45 19.02 -27.07 55.68
CA PHE H 45 17.71 -27.13 55.04
C PHE H 45 17.71 -26.36 53.73
N GLY H 46 18.85 -26.32 53.05
CA GLY H 46 19.02 -25.46 51.90
C GLY H 46 19.40 -24.04 52.24
N LEU H 47 19.75 -23.77 53.49
CA LEU H 47 19.99 -22.39 53.92
C LEU H 47 21.27 -21.82 53.31
N LEU H 48 22.23 -22.67 52.94
CA LEU H 48 23.44 -22.20 52.28
C LEU H 48 23.32 -22.16 50.76
N GLN H 49 22.17 -22.54 50.21
CA GLN H 49 22.02 -22.57 48.76
C GLN H 49 22.20 -21.21 48.10
N PRO H 50 21.60 -20.11 48.59
CA PRO H 50 21.85 -18.81 47.95
C PRO H 50 23.31 -18.40 47.98
N LEU H 51 24.05 -18.75 49.03
CA LEU H 51 25.48 -18.44 49.07
C LEU H 51 26.23 -19.17 47.97
N ALA H 52 25.92 -20.45 47.77
CA ALA H 52 26.54 -21.21 46.69
C ALA H 52 26.17 -20.62 45.34
N ASP H 53 24.91 -20.20 45.18
CA ASP H 53 24.49 -19.57 43.93
C ASP H 53 25.28 -18.30 43.66
N GLY H 54 25.46 -17.46 44.69
CA GLY H 54 26.21 -16.24 44.51
C GLY H 54 27.67 -16.49 44.15
N LEU H 55 28.32 -17.39 44.89
CA LEU H 55 29.71 -17.71 44.58
C LEU H 55 29.86 -18.35 43.21
N LYS H 56 28.85 -19.10 42.75
CA LYS H 56 28.92 -19.65 41.41
C LYS H 56 28.78 -18.56 40.35
N LEU H 57 27.84 -17.63 40.56
CA LEU H 57 27.67 -16.54 39.60
C LEU H 57 28.91 -15.66 39.51
N ILE H 58 29.58 -15.41 40.64
CA ILE H 58 30.79 -14.59 40.60
C ILE H 58 31.92 -15.31 39.85
N LEU H 59 32.01 -16.63 40.00
CA LEU H 59 33.13 -17.39 39.44
C LEU H 59 32.79 -17.90 38.04
N LYS H 60 32.45 -16.94 37.17
CA LYS H 60 32.13 -17.24 35.79
C LYS H 60 32.60 -16.09 34.92
N GLU H 61 32.92 -16.39 33.67
CA GLU H 61 33.38 -15.35 32.76
C GLU H 61 32.24 -14.38 32.45
N PRO H 62 32.49 -13.09 32.49
CA PRO H 62 31.42 -12.12 32.17
C PRO H 62 31.32 -11.85 30.69
N ILE H 63 30.13 -12.06 30.12
CA ILE H 63 29.87 -11.74 28.72
C ILE H 63 29.48 -10.28 28.63
N SER H 64 30.45 -9.40 28.49
CA SER H 64 30.15 -7.97 28.51
C SER H 64 30.77 -7.21 27.34
N PRO H 65 30.36 -7.49 26.09
CA PRO H 65 30.75 -6.61 24.98
C PRO H 65 29.85 -5.38 24.92
N SER H 66 28.56 -5.61 25.23
CA SER H 66 27.52 -4.61 25.37
C SER H 66 27.08 -4.03 24.02
N SER H 67 27.85 -4.30 22.97
CA SER H 67 27.50 -4.00 21.58
C SER H 67 26.83 -2.65 21.38
N ALA H 68 27.20 -1.65 22.18
CA ALA H 68 26.47 -0.38 22.17
C ALA H 68 27.35 0.71 22.75
N ASN H 69 26.74 1.84 23.11
CA ASN H 69 27.42 3.02 23.62
C ASN H 69 28.10 2.81 24.97
N PHE H 70 28.01 1.61 25.55
CA PHE H 70 28.83 1.21 26.71
C PHE H 70 28.39 1.90 27.99
N PHE H 71 27.46 2.84 27.91
CA PHE H 71 27.04 3.62 29.06
C PHE H 71 25.61 3.34 29.51
N LEU H 72 24.64 3.44 28.59
CA LEU H 72 23.25 3.28 28.97
C LEU H 72 22.93 1.88 29.48
N PHE H 73 23.66 0.86 29.04
CA PHE H 73 23.39 -0.49 29.50
C PHE H 73 23.86 -0.74 30.92
N ARG H 74 24.91 -0.04 31.36
CA ARG H 74 25.40 -0.18 32.72
C ARG H 74 24.75 0.75 33.71
N MET H 75 23.93 1.70 33.24
CA MET H 75 23.24 2.61 34.14
C MET H 75 21.81 2.19 34.46
N ALA H 76 21.18 1.40 33.59
CA ALA H 76 19.84 0.91 33.87
C ALA H 76 19.78 0.06 35.13
N PRO H 77 20.63 -0.96 35.32
CA PRO H 77 20.60 -1.67 36.61
C PRO H 77 20.87 -0.76 37.79
N VAL H 78 21.79 0.19 37.64
CA VAL H 78 22.08 1.11 38.73
C VAL H 78 20.83 1.92 39.07
N ALA H 79 20.13 2.43 38.05
CA ALA H 79 18.96 3.26 38.28
C ALA H 79 17.85 2.46 38.95
N THR H 80 17.53 1.27 38.42
CA THR H 80 16.44 0.50 39.02
C THR H 80 16.79 0.06 40.43
N PHE H 81 18.06 -0.27 40.69
CA PHE H 81 18.46 -0.73 42.01
C PHE H 81 18.44 0.40 43.02
N MET H 82 18.94 1.58 42.64
CA MET H 82 18.92 2.73 43.55
C MET H 82 17.48 3.16 43.83
N LEU H 83 16.59 3.07 42.83
CA LEU H 83 15.20 3.43 43.08
C LEU H 83 14.52 2.44 44.01
N SER H 84 14.69 1.14 43.74
CA SER H 84 14.08 0.13 44.59
C SER H 84 14.66 0.14 46.00
N LEU H 85 15.84 0.72 46.20
CA LEU H 85 16.33 0.91 47.56
C LEU H 85 15.83 2.19 48.20
N VAL H 86 15.84 3.31 47.48
CA VAL H 86 15.44 4.58 48.06
C VAL H 86 13.96 4.56 48.41
N ALA H 87 13.18 3.67 47.79
CA ALA H 87 11.80 3.52 48.22
C ALA H 87 11.68 2.96 49.64
N TRP H 88 12.76 2.44 50.21
CA TRP H 88 12.76 1.86 51.56
C TRP H 88 13.15 2.86 52.64
N ALA H 89 13.42 4.11 52.30
CA ALA H 89 13.91 5.09 53.26
C ALA H 89 12.79 5.75 54.05
N VAL H 90 11.54 5.37 53.81
CA VAL H 90 10.39 6.02 54.44
C VAL H 90 9.50 5.04 55.20
N VAL H 91 9.84 3.75 55.20
CA VAL H 91 8.99 2.74 55.83
C VAL H 91 9.09 2.82 57.35
N PRO H 92 7.98 3.06 58.05
CA PRO H 92 8.00 3.10 59.51
C PRO H 92 7.90 1.72 60.15
N PHE H 93 9.03 1.05 60.36
CA PHE H 93 8.99 -0.33 60.85
C PHE H 93 8.20 -0.47 62.14
N ASP H 94 8.66 0.10 63.27
CA ASP H 94 7.84 0.06 64.47
C ASP H 94 7.46 1.45 64.98
N TYR H 95 8.39 2.23 65.54
CA TYR H 95 7.99 3.58 65.94
C TYR H 95 9.04 4.64 65.62
N GLY H 96 10.30 4.32 65.90
CA GLY H 96 11.41 5.20 65.59
C GLY H 96 12.27 4.46 64.61
N MET H 97 11.84 3.24 64.29
CA MET H 97 12.50 2.39 63.32
C MET H 97 12.13 2.83 61.90
N VAL H 98 12.42 4.10 61.63
CA VAL H 98 12.23 4.68 60.31
C VAL H 98 13.41 5.59 60.02
N LEU H 99 13.93 5.52 58.80
CA LEU H 99 15.10 6.29 58.44
C LEU H 99 14.77 7.76 58.22
N SER H 100 13.79 8.03 57.37
CA SER H 100 13.35 9.39 57.08
C SER H 100 11.89 9.54 57.47
N ASP H 101 11.54 10.74 57.90
CA ASP H 101 10.22 10.98 58.50
C ASP H 101 9.45 11.99 57.67
N LEU H 102 9.36 11.75 56.36
CA LEU H 102 8.70 12.66 55.45
C LEU H 102 7.29 12.98 55.93
N ASN H 103 6.95 14.26 55.92
CA ASN H 103 5.59 14.65 56.27
C ASN H 103 4.59 14.27 55.20
N ILE H 104 5.05 13.86 54.01
CA ILE H 104 4.15 13.31 53.01
C ILE H 104 4.36 11.81 52.89
N GLY H 105 5.56 11.39 52.50
CA GLY H 105 5.96 9.99 52.54
C GLY H 105 5.04 8.98 51.87
N LEU H 106 3.98 9.44 51.22
CA LEU H 106 3.09 8.57 50.47
C LEU H 106 3.00 8.98 49.01
N LEU H 107 2.77 10.26 48.73
CA LEU H 107 2.97 10.74 47.37
C LEU H 107 4.41 10.55 46.96
N TYR H 108 5.34 10.58 47.92
CA TYR H 108 6.73 10.23 47.66
C TYR H 108 6.85 8.79 47.19
N LEU H 109 6.16 7.86 47.87
CA LEU H 109 6.20 6.47 47.45
C LEU H 109 5.61 6.30 46.06
N PHE H 110 4.50 7.00 45.79
CA PHE H 110 3.89 6.94 44.46
C PHE H 110 4.85 7.45 43.39
N ALA H 111 5.54 8.55 43.67
CA ALA H 111 6.51 9.09 42.71
C ALA H 111 7.67 8.13 42.48
N ILE H 112 8.20 7.54 43.56
CA ILE H 112 9.31 6.62 43.41
C ILE H 112 8.89 5.38 42.60
N SER H 113 7.68 4.87 42.88
CA SER H 113 7.19 3.73 42.11
C SER H 113 7.02 4.08 40.64
N SER H 114 6.47 5.27 40.36
CA SER H 114 6.28 5.67 38.97
C SER H 114 7.60 5.86 38.24
N LEU H 115 8.63 6.37 38.93
CA LEU H 115 9.92 6.57 38.29
C LEU H 115 10.62 5.26 37.97
N GLY H 116 10.19 4.15 38.55
CA GLY H 116 10.81 2.87 38.29
C GLY H 116 10.35 2.22 37.00
N VAL H 117 10.26 3.01 35.92
CA VAL H 117 9.82 2.50 34.63
C VAL H 117 10.92 2.71 33.60
N TYR H 118 11.73 3.77 33.79
CA TYR H 118 12.79 4.05 32.83
C TYR H 118 13.86 2.98 32.82
N GLY H 119 14.10 2.32 33.95
CA GLY H 119 15.16 1.32 34.00
C GLY H 119 14.96 0.22 32.98
N ILE H 120 13.77 -0.39 32.97
CA ILE H 120 13.52 -1.48 32.03
C ILE H 120 13.43 -0.95 30.60
N ILE H 121 12.93 0.28 30.41
CA ILE H 121 12.81 0.82 29.05
C ILE H 121 14.20 1.00 28.44
N ILE H 122 15.11 1.65 29.16
CA ILE H 122 16.44 1.85 28.62
C ILE H 122 17.25 0.55 28.62
N ALA H 123 16.90 -0.42 29.47
CA ALA H 123 17.51 -1.74 29.35
C ALA H 123 17.12 -2.39 28.03
N GLY H 124 15.83 -2.33 27.69
CA GLY H 124 15.39 -2.90 26.42
C GLY H 124 15.98 -2.18 25.22
N ARG H 125 16.00 -0.85 25.26
CA ARG H 125 16.52 -0.09 24.13
C ARG H 125 18.02 -0.29 23.97
N SER H 126 18.78 -0.21 25.07
CA SER H 126 20.21 -0.39 25.01
C SER H 126 20.57 -1.79 24.54
N SER H 127 19.81 -2.79 24.99
CA SER H 127 19.98 -4.15 24.50
C SER H 127 19.49 -4.21 23.07
N ASN H 128 20.42 -4.17 22.12
CA ASN H 128 20.06 -4.06 20.71
C ASN H 128 19.45 -5.37 20.24
N SER H 129 18.13 -5.45 20.32
CA SER H 129 17.37 -6.60 19.84
C SER H 129 16.01 -6.10 19.40
N LYS H 130 15.45 -6.77 18.39
CA LYS H 130 14.18 -6.35 17.82
C LYS H 130 12.97 -6.90 18.56
N TYR H 131 13.18 -7.72 19.59
CA TYR H 131 12.05 -8.22 20.36
C TYR H 131 12.24 -8.01 21.86
N ALA H 132 13.48 -8.01 22.33
CA ALA H 132 13.73 -7.75 23.76
C ALA H 132 13.29 -6.35 24.13
N PHE H 133 13.62 -5.36 23.30
CA PHE H 133 13.19 -3.99 23.53
C PHE H 133 11.67 -3.89 23.52
N LEU H 134 11.02 -4.56 22.57
CA LEU H 134 9.57 -4.51 22.49
C LEU H 134 8.93 -5.13 23.73
N GLY H 135 9.46 -6.26 24.20
CA GLY H 135 8.93 -6.89 25.41
C GLY H 135 9.12 -6.02 26.64
N ALA H 136 10.29 -5.39 26.76
CA ALA H 136 10.52 -4.46 27.85
C ALA H 136 9.52 -3.31 27.79
N LEU H 137 9.22 -2.84 26.57
CA LEU H 137 8.27 -1.74 26.44
C LEU H 137 6.86 -2.17 26.84
N ARG H 138 6.44 -3.38 26.48
CA ARG H 138 5.14 -3.86 26.94
C ARG H 138 5.09 -3.98 28.45
N SER H 139 6.16 -4.49 29.06
CA SER H 139 6.21 -4.56 30.52
C SER H 139 6.11 -3.17 31.14
N ALA H 140 6.81 -2.20 30.56
CA ALA H 140 6.71 -0.83 31.07
C ALA H 140 5.30 -0.30 30.95
N ALA H 141 4.63 -0.57 29.82
CA ALA H 141 3.26 -0.12 29.65
C ALA H 141 2.35 -0.76 30.69
N GLN H 142 2.58 -2.04 31.01
CA GLN H 142 1.79 -2.71 32.04
C GLN H 142 1.96 -2.07 33.40
N MET H 143 3.20 -1.82 33.81
CA MET H 143 3.45 -1.17 35.09
C MET H 143 2.81 0.23 35.13
N VAL H 144 2.98 0.99 34.04
CA VAL H 144 2.39 2.31 33.94
C VAL H 144 0.88 2.25 34.08
N SER H 145 0.25 1.26 33.44
CA SER H 145 -1.20 1.15 33.51
C SER H 145 -1.68 0.83 34.92
N TYR H 146 -0.99 -0.07 35.61
CA TYR H 146 -1.46 -0.41 36.96
C TYR H 146 -1.07 0.63 38.00
N GLU H 147 -0.18 1.57 37.65
CA GLU H 147 0.16 2.64 38.56
C GLU H 147 -1.06 3.47 38.94
N VAL H 148 -1.98 3.69 38.01
CA VAL H 148 -3.15 4.53 38.31
C VAL H 148 -4.06 3.83 39.32
N SER H 149 -4.24 2.52 39.19
CA SER H 149 -5.01 1.78 40.18
C SER H 149 -4.33 1.83 41.54
N ILE H 150 -3.01 1.69 41.57
CA ILE H 150 -2.27 1.82 42.82
C ILE H 150 -2.52 3.18 43.45
N GLY H 151 -2.47 4.24 42.63
CA GLY H 151 -2.67 5.58 43.15
C GLY H 151 -4.08 5.82 43.68
N LEU H 152 -5.09 5.31 42.97
CA LEU H 152 -6.47 5.46 43.45
C LEU H 152 -6.68 4.72 44.76
N ILE H 153 -6.08 3.54 44.90
CA ILE H 153 -6.20 2.82 46.16
C ILE H 153 -5.47 3.55 47.28
N LEU H 154 -4.33 4.17 46.95
CA LEU H 154 -3.65 5.00 47.94
C LEU H 154 -4.52 6.17 48.38
N ILE H 155 -5.23 6.79 47.45
CA ILE H 155 -6.15 7.87 47.80
C ILE H 155 -7.26 7.35 48.70
N THR H 156 -7.77 6.15 48.41
CA THR H 156 -8.79 5.54 49.25
C THR H 156 -8.28 5.39 50.69
N VAL H 157 -7.06 4.90 50.84
CA VAL H 157 -6.47 4.77 52.17
C VAL H 157 -6.30 6.15 52.81
N LEU H 158 -5.81 7.12 52.04
CA LEU H 158 -5.46 8.43 52.59
C LEU H 158 -6.69 9.21 53.05
N ILE H 159 -7.85 8.94 52.44
CA ILE H 159 -9.07 9.62 52.86
C ILE H 159 -9.39 9.30 54.32
N CYS H 160 -9.26 8.02 54.70
CA CYS H 160 -9.63 7.62 56.05
C CYS H 160 -8.68 8.17 57.10
N VAL H 161 -7.37 8.05 56.87
CA VAL H 161 -6.40 8.51 57.86
C VAL H 161 -6.37 10.02 57.94
N GLY H 162 -6.39 10.70 56.78
CA GLY H 162 -6.42 12.14 56.73
C GLY H 162 -5.07 12.82 56.61
N SER H 163 -3.97 12.08 56.77
CA SER H 163 -2.64 12.63 56.62
C SER H 163 -1.77 11.68 55.82
N CYS H 164 -0.81 12.24 55.10
CA CYS H 164 0.02 11.44 54.20
C CYS H 164 1.09 10.66 54.95
N ASN H 165 1.49 11.11 56.14
CA ASN H 165 2.60 10.49 56.85
C ASN H 165 2.35 9.01 57.09
N LEU H 166 3.34 8.18 56.76
CA LEU H 166 3.17 6.73 56.88
C LEU H 166 3.03 6.29 58.33
N SER H 167 3.81 6.91 59.24
CA SER H 167 3.72 6.54 60.64
C SER H 167 2.34 6.85 61.21
N GLU H 168 1.76 7.97 60.80
CA GLU H 168 0.42 8.32 61.27
C GLU H 168 -0.64 7.39 60.70
N ILE H 169 -0.39 6.82 59.52
CA ILE H 169 -1.35 5.89 58.93
C ILE H 169 -1.50 4.66 59.82
N VAL H 170 -0.38 4.10 60.28
CA VAL H 170 -0.46 2.97 61.20
C VAL H 170 -1.01 3.41 62.55
N MET H 171 -0.66 4.62 62.99
CA MET H 171 -1.17 5.14 64.25
C MET H 171 -2.70 5.24 64.23
N ALA H 172 -3.27 5.51 63.06
CA ALA H 172 -4.72 5.67 62.93
C ALA H 172 -5.45 4.34 62.95
N GLN H 173 -4.75 3.21 62.92
CA GLN H 173 -5.36 1.90 62.86
C GLN H 173 -5.43 1.21 64.22
N LYS H 174 -5.43 1.99 65.31
CA LYS H 174 -5.60 1.41 66.63
C LYS H 174 -6.94 0.70 66.77
N GLN H 175 -8.01 1.31 66.26
CA GLN H 175 -9.34 0.69 66.37
C GLN H 175 -9.42 -0.56 65.49
N ILE H 176 -9.27 -0.38 64.18
CA ILE H 176 -9.31 -1.48 63.22
C ILE H 176 -8.27 -1.24 62.14
N TRP H 177 -7.96 -2.29 61.39
CA TRP H 177 -6.83 -2.31 60.48
C TRP H 177 -6.99 -1.43 59.25
N PHE H 178 -8.21 -1.11 58.85
CA PHE H 178 -8.62 -0.61 57.51
C PHE H 178 -8.70 -1.76 56.52
N GLY H 179 -8.35 -2.98 56.91
CA GLY H 179 -8.47 -4.12 56.01
C GLY H 179 -9.84 -4.77 56.12
N ILE H 180 -10.43 -4.70 57.32
CA ILE H 180 -11.78 -5.22 57.50
C ILE H 180 -12.81 -4.49 56.65
N PRO H 181 -12.86 -3.14 56.64
CA PRO H 181 -13.87 -2.48 55.80
C PRO H 181 -13.50 -2.48 54.33
N LEU H 182 -12.21 -2.30 54.06
CA LEU H 182 -11.70 -2.13 52.70
C LEU H 182 -11.13 -3.43 52.17
N PHE H 183 -11.74 -4.55 52.54
CA PHE H 183 -11.27 -5.85 52.06
C PHE H 183 -11.29 -5.95 50.54
N PRO H 184 -12.36 -5.54 49.83
CA PRO H 184 -12.25 -5.48 48.37
C PRO H 184 -11.13 -4.56 47.91
N VAL H 185 -10.93 -3.44 48.60
CA VAL H 185 -9.85 -2.54 48.26
C VAL H 185 -8.51 -3.19 48.54
N LEU H 186 -8.42 -3.98 49.61
CA LEU H 186 -7.19 -4.72 49.90
C LEU H 186 -6.88 -5.74 48.80
N VAL H 187 -7.91 -6.45 48.33
CA VAL H 187 -7.70 -7.40 47.25
C VAL H 187 -7.25 -6.68 45.99
N MET H 188 -7.88 -5.55 45.68
CA MET H 188 -7.49 -4.77 44.52
C MET H 188 -6.04 -4.30 44.61
N PHE H 189 -5.63 -3.83 45.80
CA PHE H 189 -4.26 -3.35 45.97
C PHE H 189 -3.27 -4.49 45.85
N PHE H 190 -3.60 -5.66 46.41
CA PHE H 190 -2.74 -6.82 46.27
C PHE H 190 -2.58 -7.21 44.81
N ILE H 191 -3.68 -7.24 44.07
CA ILE H 191 -3.62 -7.62 42.65
C ILE H 191 -2.83 -6.59 41.86
N SER H 192 -2.99 -5.31 42.18
CA SER H 192 -2.26 -4.27 41.45
C SER H 192 -0.77 -4.33 41.75
N CYS H 193 -0.38 -4.52 43.01
CA CYS H 193 1.03 -4.71 43.32
C CYS H 193 1.57 -5.98 42.68
N LEU H 194 0.73 -6.99 42.53
CA LEU H 194 1.14 -8.24 41.93
C LEU H 194 1.36 -8.09 40.43
N ALA H 195 0.53 -7.29 39.77
CA ALA H 195 0.61 -7.08 38.33
C ALA H 195 1.59 -5.98 37.93
N GLU H 196 2.03 -5.16 38.87
CA GLU H 196 2.93 -4.06 38.55
C GLU H 196 4.40 -4.45 38.67
N THR H 197 4.69 -5.65 39.15
CA THR H 197 6.07 -6.11 39.27
C THR H 197 6.37 -7.32 38.38
N ASN H 198 5.45 -7.68 37.48
CA ASN H 198 5.63 -8.80 36.55
C ASN H 198 5.95 -10.09 37.30
N ARG H 199 5.23 -10.28 38.41
CA ARG H 199 5.49 -11.30 39.42
C ARG H 199 4.19 -12.00 39.80
N ALA H 200 3.48 -12.48 38.78
CA ALA H 200 2.08 -12.85 38.95
C ALA H 200 1.63 -13.75 37.81
N PRO H 201 0.36 -14.17 37.78
CA PRO H 201 -0.23 -14.52 36.48
C PRO H 201 -0.11 -13.40 35.47
N PHE H 202 -0.05 -12.15 35.93
CA PHE H 202 0.22 -11.00 35.09
C PHE H 202 1.72 -10.95 34.78
N ASP H 203 2.19 -11.85 33.92
CA ASP H 203 3.62 -12.05 33.70
C ASP H 203 3.99 -12.16 32.24
N LEU H 204 3.05 -12.49 31.36
CA LEU H 204 3.37 -12.92 30.00
C LEU H 204 4.30 -12.00 29.21
N PRO H 205 4.21 -10.65 29.31
CA PRO H 205 5.13 -9.79 28.56
C PRO H 205 6.57 -10.26 28.51
N GLU H 206 7.20 -10.46 29.66
CA GLU H 206 8.58 -10.93 29.68
C GLU H 206 8.69 -12.42 29.37
N ALA H 207 7.64 -13.20 29.64
CA ALA H 207 7.71 -14.65 29.43
C ALA H 207 7.93 -14.98 27.97
N GLU H 208 7.19 -14.32 27.06
CA GLU H 208 7.42 -14.53 25.64
C GLU H 208 8.67 -13.84 25.14
N ALA H 209 9.16 -12.82 25.85
CA ALA H 209 10.38 -12.13 25.43
C ALA H 209 11.59 -13.04 25.41
N GLU H 210 11.62 -14.07 26.26
CA GLU H 210 12.70 -15.05 26.25
C GLU H 210 12.37 -16.28 25.42
N LEU H 211 11.09 -16.63 25.27
CA LEU H 211 10.71 -17.82 24.54
C LEU H 211 11.06 -17.70 23.06
N VAL H 212 10.81 -16.53 22.46
CA VAL H 212 11.05 -16.36 21.03
C VAL H 212 12.45 -15.87 20.71
N ALA H 213 13.21 -15.44 21.71
CA ALA H 213 14.55 -14.92 21.50
C ALA H 213 15.64 -15.72 22.20
N GLY H 214 15.36 -16.26 23.38
CA GLY H 214 16.41 -16.93 24.14
C GLY H 214 17.40 -16.01 24.80
N TYR H 215 17.10 -14.71 24.86
CA TYR H 215 18.00 -13.71 25.40
C TYR H 215 19.37 -13.75 24.72
N ASN H 216 19.35 -13.81 23.39
CA ASN H 216 20.57 -13.77 22.59
C ASN H 216 21.02 -12.31 22.40
N VAL H 217 21.27 -11.67 23.53
CA VAL H 217 21.69 -10.27 23.57
C VAL H 217 22.95 -10.18 24.41
N GLU H 218 23.44 -8.96 24.66
CA GLU H 218 24.58 -8.81 25.55
C GLU H 218 24.15 -9.09 27.00
N TYR H 219 24.26 -10.35 27.39
CA TYR H 219 23.85 -10.82 28.71
C TYR H 219 25.08 -10.81 29.61
N SER H 220 25.20 -9.79 30.45
CA SER H 220 26.28 -9.76 31.43
C SER H 220 26.10 -10.88 32.44
N SER H 221 27.21 -11.34 32.99
CA SER H 221 27.21 -12.47 33.91
C SER H 221 26.32 -12.21 35.12
N MET H 222 26.68 -11.22 35.92
CA MET H 222 25.87 -10.82 37.06
C MET H 222 25.50 -9.34 37.04
N GLY H 223 25.89 -8.60 36.00
CA GLY H 223 25.36 -7.26 35.82
C GLY H 223 23.87 -7.27 35.53
N PHE H 224 23.41 -8.28 34.80
CA PHE H 224 21.98 -8.48 34.60
C PHE H 224 21.26 -8.79 35.91
N ALA H 225 21.96 -9.41 36.85
CA ALA H 225 21.32 -9.85 38.10
C ALA H 225 20.84 -8.69 38.95
N LEU H 226 21.26 -7.47 38.64
CA LEU H 226 20.77 -6.33 39.41
C LEU H 226 19.30 -6.06 39.11
N PHE H 227 18.86 -6.32 37.88
CA PHE H 227 17.42 -6.28 37.60
C PHE H 227 16.66 -7.25 38.48
N PHE H 228 17.16 -8.48 38.59
CA PHE H 228 16.49 -9.50 39.41
C PHE H 228 16.47 -9.10 40.87
N LEU H 229 17.59 -8.58 41.37
CA LEU H 229 17.65 -8.12 42.76
C LEU H 229 16.67 -6.97 43.01
N GLY H 230 16.62 -6.01 42.07
CA GLY H 230 15.69 -4.90 42.23
C GLY H 230 14.24 -5.33 42.16
N GLU H 231 13.93 -6.29 41.28
CA GLU H 231 12.57 -6.81 41.19
C GLU H 231 12.17 -7.51 42.48
N TYR H 232 13.07 -8.28 43.09
CA TYR H 232 12.70 -8.94 44.34
C TYR H 232 12.65 -7.96 45.51
N ALA H 233 13.49 -6.93 45.50
CA ALA H 233 13.36 -5.87 46.50
C ALA H 233 12.03 -5.15 46.36
N ASN H 234 11.60 -4.90 45.13
CA ASN H 234 10.28 -4.32 44.90
C ASN H 234 9.17 -5.26 45.38
N MET H 235 9.36 -6.57 45.18
CA MET H 235 8.46 -7.55 45.75
C MET H 235 8.30 -7.36 47.25
N ILE H 236 9.43 -7.29 47.96
CA ILE H 236 9.39 -7.14 49.41
C ILE H 236 8.74 -5.82 49.80
N LEU H 237 9.08 -4.75 49.09
CA LEU H 237 8.52 -3.43 49.39
C LEU H 237 7.01 -3.41 49.23
N MET H 238 6.50 -3.94 48.12
CA MET H 238 5.07 -3.91 47.88
C MET H 238 4.34 -4.97 48.68
N SER H 239 5.08 -5.93 49.23
CA SER H 239 4.52 -6.81 50.25
C SER H 239 4.34 -6.08 51.57
N GLY H 240 5.31 -5.24 51.93
CA GLY H 240 5.21 -4.45 53.15
C GLY H 240 4.24 -3.29 53.08
N LEU H 241 3.99 -2.76 51.88
CA LEU H 241 3.02 -1.69 51.75
C LEU H 241 1.61 -2.14 52.14
N CYS H 242 1.24 -3.37 51.76
CA CYS H 242 -0.09 -3.87 52.10
C CYS H 242 -0.29 -3.99 53.60
N THR H 243 0.73 -4.42 54.33
CA THR H 243 0.63 -4.50 55.78
C THR H 243 0.86 -3.16 56.48
N LEU H 244 1.42 -2.17 55.78
CA LEU H 244 1.38 -0.81 56.31
C LEU H 244 -0.02 -0.20 56.20
N PHE H 245 -0.67 -0.36 55.06
CA PHE H 245 -1.91 0.36 54.82
C PHE H 245 -3.12 -0.40 55.35
N PHE H 246 -3.34 -1.61 54.86
CA PHE H 246 -4.60 -2.32 55.13
C PHE H 246 -4.52 -3.17 56.38
N LEU H 247 -3.38 -3.79 56.64
CA LEU H 247 -3.17 -4.42 57.93
C LEU H 247 -2.51 -3.44 58.89
N GLY H 248 -2.57 -3.75 60.17
CA GLY H 248 -1.84 -2.96 61.14
C GLY H 248 -0.36 -3.01 60.85
N GLY H 249 0.29 -1.84 60.76
CA GLY H 249 1.69 -1.82 60.41
C GLY H 249 2.56 -2.56 61.41
N TRP H 250 2.34 -2.31 62.70
CA TRP H 250 3.07 -3.00 63.74
C TRP H 250 2.18 -3.34 64.93
N LEU H 251 0.90 -3.03 64.87
CA LEU H 251 0.00 -3.27 65.99
C LEU H 251 -0.33 -4.75 66.09
N PRO H 252 -0.57 -5.26 67.29
CA PRO H 252 -0.95 -6.67 67.45
C PRO H 252 -2.25 -6.96 66.72
N ILE H 253 -2.37 -8.17 66.18
CA ILE H 253 -3.46 -8.48 65.28
C ILE H 253 -4.78 -8.64 66.04
N LEU H 254 -4.86 -9.65 66.90
CA LEU H 254 -6.01 -9.86 67.77
C LEU H 254 -5.45 -10.25 69.13
N ASP H 255 -5.34 -9.27 70.03
CA ASP H 255 -4.49 -9.50 71.19
C ASP H 255 -5.07 -8.80 72.40
N LEU H 256 -5.10 -9.54 73.51
CA LEU H 256 -5.37 -9.05 74.84
C LEU H 256 -4.04 -8.67 75.48
N PRO H 257 -4.04 -7.82 76.51
CA PRO H 257 -2.77 -7.46 77.15
C PRO H 257 -2.13 -8.65 77.86
N ILE H 258 -1.85 -9.70 77.11
CA ILE H 258 -1.17 -10.89 77.60
C ILE H 258 0.08 -11.21 76.80
N PHE H 259 -0.01 -11.16 75.47
CA PHE H 259 1.12 -11.44 74.59
C PHE H 259 1.88 -10.15 74.25
N LYS H 260 2.25 -9.43 75.31
CA LYS H 260 2.96 -8.18 75.18
C LYS H 260 4.47 -8.34 75.28
N LYS H 261 4.96 -9.57 75.47
CA LYS H 261 6.40 -9.79 75.53
C LYS H 261 7.06 -9.44 74.21
N ILE H 262 6.45 -9.83 73.10
CA ILE H 262 7.04 -9.64 71.77
C ILE H 262 6.92 -8.17 71.37
N PRO H 263 7.89 -7.64 70.62
CA PRO H 263 7.82 -6.24 70.22
C PRO H 263 7.03 -6.06 68.93
N GLY H 264 6.78 -4.80 68.60
CA GLY H 264 6.07 -4.49 67.36
C GLY H 264 6.89 -4.64 66.11
N SER H 265 8.22 -4.77 66.24
CA SER H 265 9.07 -4.92 65.07
C SER H 265 8.82 -6.25 64.36
N ILE H 266 8.36 -7.27 65.09
CA ILE H 266 8.09 -8.56 64.47
C ILE H 266 6.64 -8.72 64.07
N TRP H 267 5.72 -7.96 64.67
CA TRP H 267 4.35 -7.93 64.16
C TRP H 267 4.31 -7.45 62.72
N PHE H 268 5.23 -6.57 62.35
CA PHE H 268 5.34 -6.13 60.97
C PHE H 268 5.94 -7.22 60.08
N SER H 269 7.00 -7.87 60.57
CA SER H 269 7.69 -8.86 59.75
C SER H 269 6.84 -10.09 59.49
N ILE H 270 6.03 -10.49 60.48
CA ILE H 270 5.19 -11.68 60.28
C ILE H 270 4.16 -11.42 59.19
N LYS H 271 3.55 -10.23 59.18
CA LYS H 271 2.60 -9.90 58.12
C LYS H 271 3.31 -9.77 56.78
N VAL H 272 4.52 -9.21 56.76
CA VAL H 272 5.25 -9.10 55.50
C VAL H 272 5.53 -10.48 54.92
N LEU H 273 5.99 -11.41 55.76
CA LEU H 273 6.28 -12.75 55.25
C LEU H 273 5.00 -13.50 54.91
N PHE H 274 3.89 -13.21 55.58
CA PHE H 274 2.61 -13.78 55.18
C PHE H 274 2.23 -13.33 53.78
N PHE H 275 2.40 -12.04 53.49
CA PHE H 275 2.08 -11.55 52.16
C PHE H 275 3.06 -12.09 51.11
N LEU H 276 4.33 -12.28 51.47
CA LEU H 276 5.26 -12.93 50.54
C LEU H 276 4.85 -14.37 50.26
N PHE H 277 4.44 -15.10 51.30
CA PHE H 277 3.92 -16.45 51.09
C PHE H 277 2.71 -16.43 50.18
N LEU H 278 1.85 -15.42 50.33
CA LEU H 278 0.70 -15.30 49.45
C LEU H 278 1.14 -15.03 48.01
N TYR H 279 2.18 -14.22 47.83
CA TYR H 279 2.75 -14.00 46.49
C TYR H 279 3.15 -15.32 45.85
N ILE H 280 3.94 -16.12 46.58
CA ILE H 280 4.42 -17.39 46.03
C ILE H 280 3.26 -18.34 45.78
N TRP H 281 2.28 -18.35 46.69
CA TRP H 281 1.08 -19.18 46.54
C TRP H 281 0.33 -18.82 45.26
N VAL H 282 0.11 -17.53 45.03
CA VAL H 282 -0.61 -17.09 43.85
C VAL H 282 0.15 -17.45 42.59
N ARG H 283 1.48 -17.29 42.61
CA ARG H 283 2.25 -17.68 41.43
C ARG H 283 2.11 -19.17 41.15
N ALA H 284 2.33 -20.00 42.16
CA ALA H 284 2.14 -21.44 41.96
C ALA H 284 0.75 -21.90 42.35
N ALA H 285 -0.27 -21.16 41.90
CA ALA H 285 -1.63 -21.68 41.91
C ALA H 285 -2.46 -21.29 40.70
N PHE H 286 -1.94 -20.45 39.79
CA PHE H 286 -2.73 -19.91 38.70
C PHE H 286 -1.93 -19.93 37.41
N PRO H 287 -2.60 -20.05 36.27
CA PRO H 287 -1.90 -19.95 34.99
C PRO H 287 -1.66 -18.51 34.57
N ARG H 288 -0.71 -18.34 33.66
CA ARG H 288 -0.29 -17.04 33.18
C ARG H 288 -1.43 -16.36 32.42
N TYR H 289 -1.34 -15.03 32.32
CA TYR H 289 -2.42 -14.21 31.78
C TYR H 289 -1.91 -13.48 30.54
N ARG H 290 -2.64 -13.58 29.45
CA ARG H 290 -2.18 -13.00 28.19
C ARG H 290 -2.15 -11.47 28.26
N TYR H 291 -1.24 -10.89 27.47
CA TYR H 291 -1.11 -9.43 27.40
C TYR H 291 -2.29 -8.78 26.69
N ASP H 292 -2.91 -9.47 25.73
CA ASP H 292 -4.11 -8.94 25.10
C ASP H 292 -5.18 -8.63 26.14
N GLN H 293 -5.45 -9.59 27.03
CA GLN H 293 -6.44 -9.39 28.07
C GLN H 293 -5.85 -8.77 29.34
N LEU H 294 -4.53 -8.74 29.45
CA LEU H 294 -3.89 -8.05 30.57
C LEU H 294 -4.24 -6.56 30.58
N MET H 295 -4.02 -5.90 29.44
CA MET H 295 -4.30 -4.46 29.35
C MET H 295 -5.78 -4.18 29.53
N GLY H 296 -6.62 -4.96 28.86
CA GLY H 296 -8.06 -4.76 28.99
C GLY H 296 -8.54 -4.93 30.41
N LEU H 297 -8.07 -5.97 31.09
CA LEU H 297 -8.41 -6.14 32.49
C LEU H 297 -7.94 -4.95 33.33
N GLY H 298 -6.66 -4.59 33.22
CA GLY H 298 -6.11 -3.55 34.07
C GLY H 298 -6.75 -2.19 33.83
N TRP H 299 -7.33 -1.99 32.65
CA TRP H 299 -7.99 -0.72 32.36
C TRP H 299 -9.49 -0.73 32.57
N LYS H 300 -10.14 -1.90 32.53
CA LYS H 300 -11.60 -1.93 32.54
C LYS H 300 -12.21 -2.61 33.76
N VAL H 301 -11.43 -3.21 34.65
CA VAL H 301 -11.98 -3.76 35.88
C VAL H 301 -11.37 -3.15 37.13
N PHE H 302 -10.33 -2.34 37.02
CA PHE H 302 -9.66 -1.80 38.19
C PHE H 302 -9.77 -0.28 38.31
N LEU H 303 -9.57 0.45 37.21
CA LEU H 303 -9.73 1.90 37.28
C LEU H 303 -11.16 2.31 37.62
N PRO H 304 -12.21 1.87 36.90
CA PRO H 304 -13.57 2.27 37.31
C PRO H 304 -13.95 1.79 38.68
N LEU H 305 -13.55 0.58 39.05
CA LEU H 305 -13.94 0.03 40.34
C LEU H 305 -13.22 0.73 41.48
N SER H 306 -11.92 1.01 41.33
CA SER H 306 -11.21 1.75 42.36
C SER H 306 -11.72 3.19 42.47
N LEU H 307 -12.08 3.81 41.34
CA LEU H 307 -12.67 5.13 41.39
C LEU H 307 -14.00 5.10 42.14
N ALA H 308 -14.81 4.07 41.88
CA ALA H 308 -16.07 3.92 42.61
C ALA H 308 -15.83 3.73 44.10
N TRP H 309 -14.79 2.99 44.47
CA TRP H 309 -14.48 2.80 45.88
C TRP H 309 -14.06 4.12 46.52
N VAL H 310 -13.26 4.91 45.81
CA VAL H 310 -12.90 6.25 46.30
C VAL H 310 -14.16 7.07 46.56
N VAL H 311 -15.06 7.08 45.58
CA VAL H 311 -16.29 7.87 45.68
C VAL H 311 -17.12 7.40 46.86
N SER H 312 -17.28 6.08 47.02
CA SER H 312 -18.13 5.55 48.08
C SER H 312 -17.54 5.85 49.46
N VAL H 313 -16.24 5.65 49.63
CA VAL H 313 -15.62 5.94 50.92
C VAL H 313 -15.77 7.42 51.26
N SER H 314 -15.49 8.29 50.28
CA SER H 314 -15.62 9.72 50.54
C SER H 314 -17.05 10.11 50.87
N GLY H 315 -18.02 9.57 50.14
CA GLY H 315 -19.41 9.91 50.38
C GLY H 315 -19.91 9.42 51.72
N LEU H 316 -19.54 8.19 52.09
CA LEU H 316 -19.99 7.65 53.38
C LEU H 316 -19.35 8.39 54.54
N LEU H 317 -18.06 8.73 54.44
CA LEU H 317 -17.43 9.47 55.53
C LEU H 317 -18.04 10.86 55.69
N VAL H 318 -18.30 11.56 54.58
CA VAL H 318 -18.84 12.90 54.64
C VAL H 318 -20.24 12.90 55.23
N THR H 319 -21.07 11.92 54.85
CA THR H 319 -22.47 11.93 55.24
C THR H 319 -22.63 11.91 56.76
N PHE H 320 -21.87 11.05 57.43
CA PHE H 320 -22.00 10.87 58.86
C PHE H 320 -20.97 11.66 59.67
N GLN H 321 -20.23 12.55 59.02
CA GLN H 321 -19.24 13.41 59.70
C GLN H 321 -18.20 12.58 60.44
N TRP H 322 -17.65 11.57 59.76
CA TRP H 322 -16.67 10.67 60.35
C TRP H 322 -15.24 10.98 59.92
N LEU H 323 -15.02 12.16 59.36
CA LEU H 323 -13.70 12.50 58.85
C LEU H 323 -12.71 12.68 60.01
N PRO H 324 -11.40 12.50 59.76
CA PRO H 324 -10.35 12.69 60.77
C PRO H 324 -10.44 14.02 61.52
N LYS I 1 -28.80 -17.53 21.01
CA LYS I 1 -28.82 -16.50 22.04
C LYS I 1 -28.73 -17.11 23.43
N GLU I 2 -27.49 -17.36 23.88
CA GLU I 2 -27.26 -17.87 25.23
C GLU I 2 -27.74 -16.84 26.24
N ILE I 3 -28.73 -17.21 27.05
CA ILE I 3 -29.36 -16.28 27.98
C ILE I 3 -29.32 -16.87 29.38
N SER I 4 -28.95 -16.04 30.37
CA SER I 4 -29.09 -16.35 31.77
C SER I 4 -29.83 -15.23 32.50
N LYS I 5 -30.87 -14.70 31.88
CA LYS I 5 -31.54 -13.48 32.34
C LYS I 5 -32.64 -13.92 33.31
N ASP I 6 -32.30 -13.95 34.59
CA ASP I 6 -33.21 -14.14 35.71
C ASP I 6 -32.69 -13.30 36.87
N TRP I 7 -33.61 -12.68 37.61
CA TRP I 7 -33.22 -11.72 38.63
C TRP I 7 -32.33 -12.35 39.69
N ASN I 8 -32.69 -13.55 40.14
CA ASN I 8 -31.92 -14.21 41.20
C ASN I 8 -30.59 -14.75 40.68
N THR I 9 -30.59 -15.36 39.49
CA THR I 9 -29.37 -16.02 39.03
C THR I 9 -28.34 -15.02 38.53
N VAL I 10 -28.79 -13.84 38.07
CA VAL I 10 -27.82 -12.81 37.66
C VAL I 10 -27.01 -12.35 38.86
N PHE I 11 -27.66 -12.19 40.01
CA PHE I 11 -26.93 -11.84 41.23
C PHE I 11 -25.95 -12.95 41.62
N GLU I 12 -26.37 -14.21 41.51
CA GLU I 12 -25.50 -15.32 41.90
C GLU I 12 -24.28 -15.41 41.00
N ARG I 13 -24.47 -15.24 39.68
CA ARG I 13 -23.32 -15.28 38.78
C ARG I 13 -22.43 -14.06 38.89
N SER I 14 -23.01 -12.87 39.05
CA SER I 14 -22.24 -11.64 39.12
C SER I 14 -21.44 -11.53 40.41
N ILE I 15 -21.72 -12.35 41.41
CA ILE I 15 -20.91 -12.38 42.63
C ILE I 15 -19.74 -13.34 42.46
N ASN I 16 -19.98 -14.51 41.85
CA ASN I 16 -18.90 -15.46 41.65
C ASN I 16 -17.81 -14.91 40.74
N THR I 17 -18.19 -14.13 39.73
CA THR I 17 -17.23 -13.52 38.83
C THR I 17 -16.66 -12.21 39.37
N LEU I 18 -17.03 -11.81 40.58
CA LEU I 18 -16.57 -10.57 41.17
C LEU I 18 -15.76 -10.76 42.44
N PHE I 19 -16.04 -11.82 43.21
CA PHE I 19 -15.30 -12.13 44.42
C PHE I 19 -14.33 -13.29 44.23
N LEU I 20 -14.09 -13.69 42.98
CA LEU I 20 -13.06 -14.68 42.65
C LEU I 20 -13.30 -16.02 43.35
N THR I 21 -14.54 -16.50 43.33
CA THR I 21 -14.86 -17.75 44.00
C THR I 21 -14.11 -18.92 43.36
N GLU I 22 -14.05 -18.96 42.03
CA GLU I 22 -13.31 -20.01 41.35
C GLU I 22 -11.82 -19.92 41.69
N MET I 23 -11.27 -18.71 41.70
CA MET I 23 -9.86 -18.54 42.05
C MET I 23 -9.59 -18.97 43.48
N VAL I 24 -10.48 -18.63 44.42
CA VAL I 24 -10.29 -19.02 45.81
C VAL I 24 -10.38 -20.54 45.95
N ARG I 25 -11.33 -21.16 45.25
CA ARG I 25 -11.48 -22.61 45.33
C ARG I 25 -10.29 -23.35 44.73
N GLY I 26 -9.70 -22.81 43.65
CA GLY I 26 -8.51 -23.42 43.10
C GLY I 26 -7.26 -23.08 43.87
N LEU I 27 -7.33 -22.03 44.68
CA LEU I 27 -6.19 -21.62 45.50
C LEU I 27 -6.10 -22.44 46.78
N SER I 28 -7.25 -22.72 47.40
CA SER I 28 -7.26 -23.51 48.62
C SER I 28 -6.89 -24.97 48.41
N LEU I 29 -6.89 -25.43 47.15
CA LEU I 29 -6.50 -26.81 46.88
C LEU I 29 -5.00 -27.01 47.02
N THR I 30 -4.21 -26.04 46.57
CA THR I 30 -2.76 -26.15 46.70
C THR I 30 -2.33 -26.14 48.16
N LEU I 31 -2.99 -25.33 48.98
CA LEU I 31 -2.68 -25.29 50.40
C LEU I 31 -2.92 -26.64 51.06
N LYS I 32 -3.87 -27.42 50.55
CA LYS I 32 -4.09 -28.76 51.06
C LYS I 32 -2.86 -29.63 50.86
N TYR I 33 -2.24 -29.54 49.68
CA TYR I 33 -1.02 -30.30 49.40
C TYR I 33 0.22 -29.68 50.02
N PHE I 34 0.15 -28.43 50.46
CA PHE I 34 1.30 -27.82 51.12
C PHE I 34 1.66 -28.54 52.40
N PHE I 35 0.66 -28.93 53.19
CA PHE I 35 0.89 -29.61 54.46
C PHE I 35 0.93 -31.13 54.33
N ASP I 36 0.66 -31.66 53.14
CA ASP I 36 0.66 -33.11 52.96
C ASP I 36 2.09 -33.64 52.89
N PRO I 37 2.30 -34.90 53.28
CA PRO I 37 3.65 -35.48 53.17
C PRO I 37 4.11 -35.55 51.72
N LYS I 38 5.41 -35.36 51.54
CA LYS I 38 5.99 -35.34 50.21
C LYS I 38 6.16 -36.76 49.67
N VAL I 39 6.39 -36.86 48.36
CA VAL I 39 6.48 -38.14 47.67
C VAL I 39 7.90 -38.42 47.21
N THR I 40 8.83 -37.50 47.43
CA THR I 40 10.20 -37.65 46.97
C THR I 40 10.97 -38.63 47.86
N ILE I 41 12.09 -39.11 47.33
CA ILE I 41 13.00 -39.98 48.06
C ILE I 41 14.42 -39.43 47.89
N ASN I 42 15.17 -39.39 48.99
CA ASN I 42 16.58 -39.05 48.93
C ASN I 42 17.33 -40.17 48.21
N TYR I 43 17.76 -39.91 46.98
CA TYR I 43 18.26 -40.99 46.12
C TYR I 43 19.47 -41.70 46.70
N PRO I 44 20.55 -41.03 47.13
CA PRO I 44 21.76 -41.80 47.49
C PRO I 44 21.55 -42.78 48.62
N PHE I 45 20.67 -42.48 49.56
CA PHE I 45 20.40 -43.37 50.69
C PHE I 45 19.19 -44.28 50.46
N GLU I 46 18.14 -43.76 49.82
CA GLU I 46 16.94 -44.54 49.53
C GLU I 46 16.77 -44.66 48.02
N LYS I 47 16.61 -45.89 47.54
CA LYS I 47 16.45 -46.16 46.13
C LYS I 47 14.99 -46.43 45.79
N GLY I 48 14.62 -46.09 44.56
CA GLY I 48 13.27 -46.34 44.09
C GLY I 48 13.02 -47.81 43.85
N PRO I 49 11.77 -48.23 43.92
CA PRO I 49 11.44 -49.65 43.76
C PRO I 49 11.77 -50.15 42.36
N LEU I 50 12.17 -51.42 42.29
CA LEU I 50 12.44 -52.07 41.01
C LEU I 50 11.66 -53.37 40.90
N SER I 51 11.97 -54.16 39.89
CA SER I 51 11.30 -55.42 39.61
C SER I 51 12.33 -56.50 39.36
N PRO I 52 11.99 -57.77 39.61
CA PRO I 52 12.91 -58.85 39.26
C PRO I 52 13.22 -58.94 37.78
N ARG I 53 12.41 -58.30 36.93
CA ARG I 53 12.59 -58.34 35.49
C ARG I 53 13.37 -57.14 34.96
N PHE I 54 13.98 -56.35 35.84
CA PHE I 54 14.61 -55.10 35.41
C PHE I 54 15.76 -55.37 34.45
N ARG I 55 15.98 -54.43 33.54
CA ARG I 55 16.96 -54.55 32.47
C ARG I 55 18.07 -53.52 32.71
N GLY I 56 19.21 -53.98 33.21
CA GLY I 56 20.32 -53.09 33.52
C GLY I 56 21.65 -53.54 32.97
N GLU I 57 22.61 -53.78 33.86
CA GLU I 57 23.97 -54.13 33.45
C GLU I 57 24.01 -55.52 32.84
N HIS I 58 24.76 -55.65 31.74
CA HIS I 58 25.03 -56.96 31.18
C HIS I 58 26.05 -57.70 32.03
N ALA I 59 25.85 -59.01 32.18
CA ALA I 59 26.75 -59.85 32.95
C ALA I 59 26.89 -61.19 32.25
N LEU I 60 28.05 -61.81 32.40
CA LEU I 60 28.33 -63.11 31.82
C LEU I 60 28.43 -64.12 32.96
N ARG I 61 27.37 -64.89 33.15
CA ARG I 61 27.32 -65.87 34.22
C ARG I 61 28.28 -67.02 33.95
N ARG I 62 28.51 -67.83 34.98
CA ARG I 62 29.33 -69.03 34.86
C ARG I 62 28.77 -70.10 35.78
N TYR I 63 29.13 -71.35 35.47
CA TYR I 63 28.63 -72.47 36.23
C TYR I 63 29.20 -72.44 37.66
N PRO I 64 28.48 -73.03 38.62
CA PRO I 64 29.02 -73.05 40.00
C PRO I 64 30.36 -73.74 40.10
N THR I 65 30.65 -74.69 39.20
CA THR I 65 31.96 -75.31 39.18
C THR I 65 33.05 -74.29 38.87
N GLY I 66 32.79 -73.41 37.90
CA GLY I 66 33.75 -72.38 37.54
C GLY I 66 33.93 -72.20 36.05
N GLU I 67 33.28 -73.05 35.26
CA GLU I 67 33.34 -72.96 33.81
C GLU I 67 32.29 -71.97 33.32
N GLU I 68 32.69 -71.10 32.41
CA GLU I 68 31.78 -70.07 31.90
C GLU I 68 30.67 -70.71 31.08
N ARG I 69 29.47 -70.12 31.18
CA ARG I 69 28.30 -70.68 30.52
C ARG I 69 28.31 -70.43 29.02
N CYS I 70 28.98 -69.38 28.55
CA CYS I 70 28.93 -69.03 27.15
C CYS I 70 29.60 -70.10 26.29
N ILE I 71 28.89 -70.58 25.29
CA ILE I 71 29.37 -71.63 24.40
C ILE I 71 29.52 -71.13 22.97
N ALA I 72 29.60 -69.80 22.79
CA ALA I 72 29.79 -69.20 21.47
C ALA I 72 28.74 -69.66 20.47
N CYS I 73 27.49 -69.79 20.94
CA CYS I 73 26.41 -70.17 20.04
C CYS I 73 26.01 -69.03 19.11
N LYS I 74 26.34 -67.79 19.47
CA LYS I 74 26.13 -66.61 18.63
C LYS I 74 24.66 -66.36 18.31
N LEU I 75 23.76 -66.83 19.17
CA LEU I 75 22.36 -66.44 19.02
C LEU I 75 22.15 -65.01 19.50
N CYS I 76 22.84 -64.61 20.56
CA CYS I 76 22.70 -63.25 21.07
C CYS I 76 23.19 -62.23 20.04
N GLU I 77 24.29 -62.53 19.35
CA GLU I 77 24.79 -61.63 18.33
C GLU I 77 23.83 -61.52 17.15
N ALA I 78 23.17 -62.62 16.80
CA ALA I 78 22.26 -62.62 15.67
C ALA I 78 20.93 -61.96 16.00
N VAL I 79 20.47 -62.06 17.24
CA VAL I 79 19.16 -61.49 17.60
C VAL I 79 19.25 -60.03 17.99
N CYS I 80 20.43 -59.56 18.39
CA CYS I 80 20.63 -58.19 18.87
C CYS I 80 20.18 -57.18 17.82
N PRO I 81 19.07 -56.48 18.05
CA PRO I 81 18.59 -55.52 17.04
C PRO I 81 19.55 -54.37 16.79
N ALA I 82 20.30 -53.95 17.81
CA ALA I 82 21.21 -52.83 17.66
C ALA I 82 22.56 -53.21 17.08
N GLN I 83 22.84 -54.51 16.94
CA GLN I 83 24.11 -55.02 16.45
C GLN I 83 25.28 -54.52 17.31
N ALA I 84 25.10 -54.65 18.63
CA ALA I 84 26.11 -54.20 19.57
C ALA I 84 27.07 -55.30 20.01
N ILE I 85 26.70 -56.57 19.84
CA ILE I 85 27.49 -57.69 20.32
C ILE I 85 28.38 -58.19 19.20
N THR I 86 29.68 -58.32 19.50
CA THR I 86 30.64 -58.92 18.59
C THR I 86 31.26 -60.12 19.27
N ILE I 87 31.31 -61.26 18.58
CA ILE I 87 31.77 -62.51 19.16
C ILE I 87 32.84 -63.11 18.26
N GLU I 88 33.90 -63.64 18.88
CA GLU I 88 34.90 -64.43 18.20
C GLU I 88 35.12 -65.71 18.99
N ALA I 89 35.25 -66.84 18.29
CA ALA I 89 35.31 -68.13 18.95
C ALA I 89 36.39 -69.00 18.32
N GLU I 90 36.88 -69.95 19.11
CA GLU I 90 37.75 -70.99 18.61
C GLU I 90 37.72 -72.14 19.60
N GLU I 91 38.15 -73.31 19.14
CA GLU I 91 38.14 -74.52 19.95
C GLU I 91 39.41 -74.60 20.78
N ARG I 92 39.26 -74.55 22.10
CA ARG I 92 40.40 -74.71 22.98
C ARG I 92 40.97 -76.13 22.86
N GLU I 93 42.20 -76.29 23.33
CA GLU I 93 42.83 -77.62 23.27
C GLU I 93 42.07 -78.64 24.10
N ASP I 94 41.23 -78.20 25.04
CA ASP I 94 40.32 -79.10 25.72
C ASP I 94 39.21 -79.60 24.80
N GLY I 95 39.05 -79.01 23.63
CA GLY I 95 37.98 -79.36 22.71
C GLY I 95 36.66 -78.68 22.98
N SER I 96 36.58 -77.83 24.00
CA SER I 96 35.34 -77.14 24.33
C SER I 96 35.16 -75.91 23.47
N ARG I 97 33.91 -75.67 23.05
CA ARG I 97 33.58 -74.51 22.25
C ARG I 97 33.41 -73.31 23.18
N ARG I 98 34.35 -72.35 23.10
CA ARG I 98 34.35 -71.21 24.00
C ARG I 98 34.68 -69.95 23.21
N THR I 99 34.51 -68.81 23.86
CA THR I 99 34.72 -67.50 23.25
C THR I 99 36.09 -66.95 23.64
N THR I 100 36.72 -66.24 22.71
CA THR I 100 37.94 -65.50 22.98
C THR I 100 37.72 -64.00 23.01
N ARG I 101 36.85 -63.48 22.16
CA ARG I 101 36.45 -62.08 22.17
C ARG I 101 34.94 -62.03 22.21
N TYR I 102 34.39 -61.47 23.28
CA TYR I 102 32.95 -61.28 23.42
C TYR I 102 32.75 -59.89 24.01
N ASP I 103 32.67 -58.89 23.14
CA ASP I 103 32.60 -57.50 23.56
C ASP I 103 31.27 -56.89 23.13
N ILE I 104 30.66 -56.15 24.05
CA ILE I 104 29.39 -55.48 23.83
C ILE I 104 29.63 -53.98 23.84
N ASP I 105 29.19 -53.29 22.80
CA ASP I 105 29.25 -51.84 22.75
C ASP I 105 28.03 -51.31 23.49
N MET I 106 28.23 -50.89 24.74
CA MET I 106 27.11 -50.44 25.55
C MET I 106 26.59 -49.08 25.12
N THR I 107 27.22 -48.44 24.14
CA THR I 107 26.70 -47.22 23.54
C THR I 107 25.76 -47.50 22.38
N LYS I 108 25.92 -48.64 21.71
CA LYS I 108 24.94 -49.09 20.73
C LYS I 108 23.79 -49.84 21.38
N CYS I 109 24.01 -50.44 22.55
CA CYS I 109 23.00 -51.27 23.18
C CYS I 109 21.76 -50.47 23.51
N ILE I 110 20.60 -51.11 23.36
CA ILE I 110 19.31 -50.47 23.62
C ILE I 110 18.61 -51.06 24.83
N TYR I 111 19.20 -52.06 25.48
CA TYR I 111 18.68 -52.65 26.70
C TYR I 111 17.25 -53.15 26.48
N CYS I 112 17.13 -54.10 25.54
CA CYS I 112 15.85 -54.68 25.19
C CYS I 112 15.64 -56.08 25.74
N GLY I 113 16.70 -56.75 26.16
CA GLY I 113 16.59 -58.09 26.69
C GLY I 113 16.47 -59.19 25.67
N PHE I 114 16.57 -58.87 24.38
CA PHE I 114 16.51 -59.91 23.35
C PHE I 114 17.70 -60.85 23.47
N CYS I 115 18.89 -60.31 23.77
CA CYS I 115 20.06 -61.15 23.95
C CYS I 115 19.91 -62.07 25.16
N GLN I 116 19.33 -61.55 26.24
CA GLN I 116 19.18 -62.34 27.46
C GLN I 116 18.25 -63.53 27.25
N GLU I 117 17.16 -63.32 26.52
CA GLU I 117 16.15 -64.35 26.32
C GLU I 117 16.45 -65.26 25.14
N ALA I 118 17.56 -65.06 24.45
CA ALA I 118 17.96 -65.92 23.35
C ALA I 118 18.99 -66.98 23.75
N CYS I 119 19.65 -66.81 24.89
CA CYS I 119 20.65 -67.78 25.31
C CYS I 119 20.00 -69.12 25.63
N PRO I 120 20.47 -70.21 25.05
CA PRO I 120 20.01 -71.54 25.48
C PRO I 120 20.66 -72.05 26.74
N VAL I 121 21.60 -71.32 27.33
CA VAL I 121 22.32 -71.77 28.52
C VAL I 121 22.31 -70.71 29.60
N ASP I 122 21.55 -69.63 29.37
CA ASP I 122 21.48 -68.51 30.32
C ASP I 122 22.86 -67.90 30.58
N ALA I 123 23.67 -67.83 29.53
CA ALA I 123 25.04 -67.35 29.70
C ALA I 123 25.09 -65.86 30.01
N ILE I 124 24.36 -65.05 29.24
CA ILE I 124 24.32 -63.62 29.43
C ILE I 124 23.01 -63.24 30.07
N VAL I 125 23.06 -62.28 31.00
CA VAL I 125 21.89 -61.76 31.68
C VAL I 125 22.04 -60.26 31.81
N GLU I 126 20.94 -59.61 32.18
CA GLU I 126 20.94 -58.18 32.45
C GLU I 126 20.69 -57.99 33.94
N GLY I 127 21.76 -57.68 34.68
CA GLY I 127 21.68 -57.53 36.10
C GLY I 127 20.93 -56.29 36.51
N PRO I 128 20.68 -56.13 37.81
CA PRO I 128 19.90 -54.98 38.29
C PRO I 128 20.70 -53.69 38.40
N ASN I 129 21.97 -53.69 38.02
CA ASN I 129 22.78 -52.49 38.11
C ASN I 129 22.43 -51.50 37.01
N PHE I 130 22.32 -50.22 37.37
CA PHE I 130 21.95 -49.17 36.45
C PHE I 130 22.77 -47.90 36.70
N GLU I 131 24.02 -48.07 37.15
CA GLU I 131 24.84 -46.98 37.67
C GLU I 131 26.22 -46.99 37.01
N PHE I 132 26.22 -46.98 35.68
CA PHE I 132 27.46 -47.03 34.91
C PHE I 132 28.21 -45.72 35.01
N ALA I 133 27.63 -44.66 34.46
CA ALA I 133 28.14 -43.29 34.51
C ALA I 133 29.65 -43.23 34.43
N THR I 134 30.20 -43.78 33.35
CA THR I 134 31.63 -43.71 33.12
C THR I 134 32.00 -42.35 32.56
N GLU I 135 33.23 -41.92 32.88
CA GLU I 135 33.72 -40.63 32.42
C GLU I 135 34.37 -40.68 31.04
N THR I 136 34.57 -41.88 30.49
CA THR I 136 35.26 -42.04 29.22
C THR I 136 34.44 -42.93 28.31
N HIS I 137 34.47 -42.64 27.00
CA HIS I 137 33.65 -43.38 26.06
C HIS I 137 34.13 -44.82 25.93
N GLU I 138 35.45 -45.03 25.76
CA GLU I 138 35.94 -46.38 25.54
C GLU I 138 35.84 -47.25 26.78
N GLU I 139 35.52 -46.68 27.95
CA GLU I 139 35.20 -47.49 29.11
C GLU I 139 33.85 -48.18 28.94
N LEU I 140 33.00 -47.69 28.06
CA LEU I 140 31.68 -48.26 27.81
C LEU I 140 31.72 -49.38 26.79
N LEU I 141 32.90 -49.76 26.29
CA LEU I 141 33.03 -50.90 25.38
C LEU I 141 33.47 -52.10 26.21
N TYR I 142 32.49 -52.75 26.83
CA TYR I 142 32.76 -53.92 27.65
C TYR I 142 33.34 -55.04 26.79
N ASP I 143 34.32 -55.76 27.33
CA ASP I 143 35.19 -56.61 26.53
C ASP I 143 35.44 -57.98 27.15
N LYS I 144 34.37 -58.61 27.66
CA LYS I 144 34.36 -60.00 28.09
C LYS I 144 35.14 -60.23 29.38
N GLU I 145 35.86 -59.23 29.84
CA GLU I 145 36.42 -59.24 31.19
C GLU I 145 35.59 -58.38 32.13
N LYS I 146 35.12 -57.24 31.65
CA LYS I 146 34.12 -56.49 32.39
C LYS I 146 32.83 -57.30 32.54
N LEU I 147 32.46 -58.05 31.50
CA LEU I 147 31.28 -58.91 31.61
C LEU I 147 31.44 -59.94 32.71
N LEU I 148 32.60 -60.60 32.75
CA LEU I 148 32.81 -61.64 33.75
C LEU I 148 32.95 -61.05 35.14
N GLU I 149 33.54 -59.86 35.26
CA GLU I 149 33.60 -59.20 36.56
C GLU I 149 32.21 -58.83 37.05
N ASN I 150 31.35 -58.34 36.16
CA ASN I 150 29.97 -58.06 36.55
C ASN I 150 29.25 -59.34 36.95
N GLY I 151 29.48 -60.42 36.22
CA GLY I 151 28.85 -61.70 36.57
C GLY I 151 29.28 -62.20 37.93
N ASP I 152 30.57 -62.08 38.24
CA ASP I 152 31.05 -62.48 39.56
C ASP I 152 30.48 -61.58 40.65
N ARG I 153 30.40 -60.27 40.39
CA ARG I 153 29.94 -59.34 41.42
C ARG I 153 28.47 -59.55 41.74
N TRP I 154 27.63 -59.74 40.73
CA TRP I 154 26.19 -59.79 40.90
C TRP I 154 25.62 -61.21 40.89
N GLU I 155 26.48 -62.23 40.97
CA GLU I 155 26.00 -63.60 40.80
C GLU I 155 24.99 -63.97 41.88
N THR I 156 25.27 -63.60 43.14
CA THR I 156 24.40 -63.98 44.25
C THR I 156 23.01 -63.35 44.12
N GLU I 157 22.86 -62.31 43.32
CA GLU I 157 21.56 -61.68 43.10
C GLU I 157 20.97 -62.00 41.73
N ILE I 158 21.81 -62.16 40.70
CA ILE I 158 21.32 -62.60 39.41
C ILE I 158 20.72 -64.00 39.52
N ALA I 159 21.36 -64.88 40.29
CA ALA I 159 20.82 -66.23 40.46
C ALA I 159 19.46 -66.17 41.15
N GLU I 160 19.32 -65.33 42.17
CA GLU I 160 18.03 -65.19 42.85
C GLU I 160 16.97 -64.66 41.91
N ASN I 161 17.31 -63.65 41.10
CA ASN I 161 16.35 -63.10 40.16
C ASN I 161 15.92 -64.14 39.14
N LEU I 162 16.87 -64.90 38.61
CA LEU I 162 16.54 -65.92 37.61
C LEU I 162 15.69 -67.02 38.21
N ARG I 163 16.02 -67.49 39.41
CA ARG I 163 15.23 -68.55 40.03
C ARG I 163 13.87 -68.07 40.50
N SER I 164 13.72 -66.76 40.75
CA SER I 164 12.42 -66.24 41.17
C SER I 164 11.44 -66.16 40.01
N GLU I 165 11.92 -65.81 38.82
CA GLU I 165 11.09 -65.65 37.65
C GLU I 165 11.21 -66.80 36.66
N SER I 166 11.90 -67.88 37.04
CA SER I 166 12.03 -69.03 36.15
C SER I 166 10.69 -69.68 35.89
N LEU I 167 9.73 -69.55 36.82
CA LEU I 167 8.40 -70.07 36.57
C LEU I 167 7.71 -69.35 35.43
N TYR I 168 7.94 -68.05 35.30
CA TYR I 168 7.54 -67.35 34.09
C TYR I 168 8.42 -67.77 32.92
N ARG I 169 7.85 -67.71 31.71
CA ARG I 169 8.54 -68.03 30.46
C ARG I 169 9.48 -69.24 30.55
N MET J 1 25.56 26.72 49.36
CA MET J 1 26.35 26.21 48.24
C MET J 1 25.63 25.08 47.54
N ILE J 2 24.64 24.49 48.23
CA ILE J 2 23.85 23.43 47.62
C ILE J 2 23.01 23.96 46.48
N LEU J 3 22.52 25.19 46.61
CA LEU J 3 21.71 25.78 45.55
C LEU J 3 22.54 26.05 44.30
N SER J 4 23.78 26.52 44.47
CA SER J 4 24.59 26.94 43.34
C SER J 4 24.93 25.75 42.43
N VAL J 5 25.43 24.66 43.02
CA VAL J 5 25.83 23.51 42.20
C VAL J 5 24.62 22.88 41.53
N LEU J 6 23.51 22.78 42.25
CA LEU J 6 22.29 22.21 41.68
C LEU J 6 21.78 23.05 40.52
N SER J 7 21.75 24.38 40.70
CA SER J 7 21.31 25.25 39.61
C SER J 7 22.24 25.16 38.42
N SER J 8 23.55 25.10 38.67
CA SER J 8 24.50 24.99 37.56
C SER J 8 24.33 23.69 36.79
N LEU J 9 24.14 22.58 37.51
CA LEU J 9 23.95 21.29 36.84
C LEU J 9 22.64 21.29 36.05
N ALA J 10 21.58 21.88 36.62
CA ALA J 10 20.33 22.00 35.88
C ALA J 10 20.51 22.84 34.62
N LEU J 11 21.25 23.94 34.72
CA LEU J 11 21.49 24.79 33.56
C LEU J 11 22.26 24.05 32.48
N VAL J 12 23.27 23.27 32.88
CA VAL J 12 24.04 22.51 31.91
C VAL J 12 23.16 21.46 31.22
N SER J 13 22.32 20.76 32.00
CA SER J 13 21.43 19.79 31.40
C SER J 13 20.44 20.44 30.44
N GLY J 14 19.88 21.59 30.82
CA GLY J 14 18.98 22.31 29.94
C GLY J 14 19.66 22.76 28.66
N LEU J 15 20.90 23.23 28.76
CA LEU J 15 21.66 23.61 27.58
C LEU J 15 21.89 22.41 26.66
N MET J 16 22.26 21.27 27.23
CA MET J 16 22.51 20.08 26.42
C MET J 16 21.23 19.49 25.85
N VAL J 17 20.07 19.83 26.43
CA VAL J 17 18.81 19.35 25.88
C VAL J 17 18.62 19.86 24.45
N VAL J 18 18.87 21.16 24.23
CA VAL J 18 18.58 21.77 22.94
C VAL J 18 19.67 21.54 21.90
N ARG J 19 20.90 21.25 22.31
CA ARG J 19 21.98 20.97 21.37
C ARG J 19 22.36 19.50 21.36
N ALA J 20 21.41 18.62 21.67
CA ALA J 20 21.70 17.19 21.74
C ALA J 20 21.93 16.63 20.34
N LYS J 21 22.59 15.47 20.29
CA LYS J 21 22.90 14.80 19.04
C LYS J 21 21.79 13.87 18.58
N ASN J 22 21.14 13.17 19.51
CA ASN J 22 20.03 12.28 19.19
C ASN J 22 18.89 12.52 20.16
N PRO J 23 17.65 12.27 19.74
CA PRO J 23 16.51 12.54 20.62
C PRO J 23 16.53 11.76 21.92
N VAL J 24 17.11 10.57 21.94
CA VAL J 24 17.11 9.76 23.17
C VAL J 24 17.88 10.48 24.27
N HIS J 25 19.09 10.94 23.95
CA HIS J 25 19.87 11.66 24.96
C HIS J 25 19.24 13.01 25.29
N SER J 26 18.54 13.62 24.33
CA SER J 26 17.82 14.85 24.61
C SER J 26 16.77 14.63 25.68
N VAL J 27 15.99 13.55 25.54
CA VAL J 27 14.98 13.22 26.55
C VAL J 27 15.63 12.85 27.87
N LEU J 28 16.78 12.16 27.82
CA LEU J 28 17.46 11.78 29.04
C LEU J 28 17.92 13.01 29.83
N PHE J 29 18.46 14.02 29.14
CA PHE J 29 18.82 15.25 29.83
C PHE J 29 17.59 16.04 30.24
N PHE J 30 16.51 15.94 29.45
CA PHE J 30 15.25 16.58 29.79
C PHE J 30 14.72 16.07 31.12
N ILE J 31 14.91 14.78 31.39
CA ILE J 31 14.53 14.21 32.68
C ILE J 31 15.38 14.80 33.81
N LEU J 32 16.70 14.92 33.58
CA LEU J 32 17.58 15.44 34.62
C LEU J 32 17.27 16.89 34.94
N VAL J 33 16.82 17.66 33.96
CA VAL J 33 16.43 19.04 34.21
C VAL J 33 15.33 19.10 35.26
N PHE J 34 14.30 18.28 35.10
CA PHE J 34 13.21 18.25 36.08
C PHE J 34 13.65 17.64 37.40
N CYS J 35 14.58 16.67 37.38
CA CYS J 35 15.10 16.15 38.64
C CYS J 35 15.74 17.26 39.46
N ASP J 36 16.62 18.03 38.82
CA ASP J 36 17.27 19.14 39.50
C ASP J 36 16.26 20.20 39.92
N THR J 37 15.27 20.46 39.06
CA THR J 37 14.24 21.44 39.40
C THR J 37 13.43 21.02 40.62
N SER J 38 13.08 19.74 40.71
CA SER J 38 12.37 19.25 41.87
C SER J 38 13.24 19.34 43.12
N GLY J 39 14.52 19.03 43.00
CA GLY J 39 15.42 19.24 44.13
C GLY J 39 15.46 20.69 44.57
N LEU J 40 15.49 21.61 43.61
CA LEU J 40 15.49 23.04 43.92
C LEU J 40 14.21 23.46 44.63
N LEU J 41 13.06 22.97 44.16
CA LEU J 41 11.81 23.25 44.84
C LEU J 41 11.80 22.67 46.24
N LEU J 42 12.37 21.48 46.41
CA LEU J 42 12.48 20.87 47.73
C LEU J 42 13.29 21.76 48.66
N LEU J 43 14.38 22.34 48.14
CA LEU J 43 15.14 23.29 48.94
C LEU J 43 14.31 24.52 49.27
N LEU J 44 13.42 24.93 48.36
CA LEU J 44 12.61 26.12 48.57
C LEU J 44 11.61 25.97 49.72
N GLY J 45 11.25 24.73 50.07
CA GLY J 45 10.31 24.49 51.15
C GLY J 45 8.96 23.98 50.71
N LEU J 46 8.76 23.69 49.43
CA LEU J 46 7.50 23.19 48.91
C LEU J 46 7.70 21.73 48.53
N ASP J 47 7.48 20.84 49.50
CA ASP J 47 7.69 19.41 49.26
C ASP J 47 6.63 18.84 48.31
N PHE J 48 5.40 19.34 48.38
CA PHE J 48 4.33 18.78 47.56
C PHE J 48 4.61 18.97 46.07
N PHE J 49 4.91 20.20 45.66
CA PHE J 49 5.21 20.47 44.25
C PHE J 49 6.48 19.76 43.82
N ALA J 50 7.47 19.68 44.73
CA ALA J 50 8.72 19.02 44.40
C ALA J 50 8.50 17.56 44.03
N MET J 51 7.46 16.93 44.56
CA MET J 51 7.19 15.54 44.23
C MET J 51 6.15 15.39 43.13
N ILE J 52 5.26 16.36 42.97
CA ILE J 52 4.39 16.38 41.79
C ILE J 52 5.24 16.51 40.53
N PHE J 53 6.37 17.21 40.62
CA PHE J 53 7.25 17.32 39.47
C PHE J 53 7.80 15.95 39.05
N LEU J 54 8.08 15.08 40.03
CA LEU J 54 8.39 13.70 39.68
C LEU J 54 7.17 12.97 39.13
N VAL J 55 6.01 13.14 39.76
CA VAL J 55 4.84 12.36 39.38
C VAL J 55 4.37 12.71 37.97
N VAL J 56 4.43 14.00 37.61
CA VAL J 56 3.86 14.45 36.34
C VAL J 56 4.94 14.60 35.28
N TYR J 57 5.95 15.43 35.55
CA TYR J 57 6.91 15.78 34.52
C TYR J 57 7.79 14.59 34.13
N ILE J 58 8.52 14.03 35.09
CA ILE J 58 9.34 12.85 34.84
C ILE J 58 8.62 11.57 35.27
N GLY J 59 7.31 11.63 35.45
CA GLY J 59 6.55 10.43 35.72
C GLY J 59 5.66 10.04 34.55
N ALA J 60 5.07 11.04 33.89
CA ALA J 60 4.17 10.78 32.78
C ALA J 60 4.58 11.49 31.49
N ILE J 61 5.00 12.76 31.58
CA ILE J 61 5.38 13.49 30.38
C ILE J 61 6.70 12.96 29.82
N ALA J 62 7.67 12.72 30.70
CA ALA J 62 8.94 12.17 30.24
C ALA J 62 8.77 10.77 29.67
N VAL J 63 7.92 9.96 30.31
CA VAL J 63 7.65 8.62 29.78
C VAL J 63 6.98 8.70 28.43
N LEU J 64 6.05 9.64 28.27
CA LEU J 64 5.39 9.84 26.98
C LEU J 64 6.39 10.24 25.90
N PHE J 65 7.26 11.21 26.20
CA PHE J 65 8.26 11.64 25.23
C PHE J 65 9.20 10.50 24.87
N LEU J 66 9.62 9.72 25.87
CA LEU J 66 10.52 8.61 25.64
C LEU J 66 9.86 7.53 24.80
N PHE J 67 8.57 7.25 25.05
CA PHE J 67 7.83 6.31 24.23
C PHE J 67 7.78 6.77 22.79
N VAL J 68 7.51 8.05 22.56
CA VAL J 68 7.44 8.58 21.20
C VAL J 68 8.80 8.51 20.53
N VAL J 69 9.87 8.79 21.28
CA VAL J 69 11.21 8.79 20.71
C VAL J 69 11.65 7.37 20.36
N MET J 70 11.30 6.39 21.19
CA MET J 70 11.68 5.00 20.92
C MET J 70 11.21 4.57 19.53
N MET J 71 9.91 4.59 19.30
CA MET J 71 9.38 4.38 17.97
C MET J 71 9.58 5.65 17.13
N PHE J 72 9.08 5.63 15.90
CA PHE J 72 9.14 6.79 15.02
C PHE J 72 10.56 7.33 14.90
N HIS J 73 11.54 6.44 14.80
CA HIS J 73 12.93 6.85 14.74
C HIS J 73 13.41 6.96 13.30
N ILE J 110 16.29 45.24 45.86
CA ILE J 110 17.75 45.22 45.92
C ILE J 110 18.24 44.04 46.78
N PRO J 111 19.21 43.29 46.27
CA PRO J 111 19.77 42.18 47.04
C PRO J 111 20.47 42.67 48.30
N LEU J 112 20.40 41.86 49.35
CA LEU J 112 21.11 42.14 50.58
C LEU J 112 22.53 41.62 50.47
N LEU J 113 23.50 42.45 50.85
CA LEU J 113 24.90 42.12 50.64
C LEU J 113 25.32 40.95 51.54
N PRO J 114 26.23 40.10 51.06
CA PRO J 114 26.55 38.85 51.79
C PRO J 114 27.05 39.05 53.20
N THR J 115 27.25 40.29 53.67
CA THR J 115 27.67 40.50 55.05
C THR J 115 26.54 40.11 55.99
N GLN J 116 26.79 39.13 56.86
CA GLN J 116 25.77 38.57 57.74
C GLN J 116 26.30 38.42 59.15
N ARG J 117 27.16 39.35 59.57
CA ARG J 117 27.73 39.28 60.91
C ARG J 117 26.67 39.45 61.99
N ASN J 118 25.74 40.38 61.79
CA ASN J 118 24.73 40.72 62.79
C ASN J 118 23.32 40.58 62.23
N THR J 119 23.07 39.50 61.48
CA THR J 119 21.73 39.20 60.99
C THR J 119 21.26 37.79 61.29
N THR J 120 22.16 36.83 61.48
CA THR J 120 21.76 35.50 61.90
C THR J 120 21.31 35.45 63.36
N SER J 121 21.55 36.53 64.11
CA SER J 121 21.10 36.64 65.50
C SER J 121 19.94 37.61 65.67
N LEU J 122 19.50 38.25 64.59
CA LEU J 122 18.37 39.17 64.64
C LEU J 122 17.09 38.55 64.07
N ARG J 123 16.93 37.23 64.23
CA ARG J 123 15.76 36.54 63.75
C ARG J 123 14.70 36.51 64.85
N TYR J 124 13.59 37.19 64.62
CA TYR J 124 12.48 37.22 65.56
C TYR J 124 11.45 36.18 65.14
N THR J 125 11.24 35.19 65.99
CA THR J 125 10.32 34.09 65.71
C THR J 125 9.03 34.30 66.49
N VAL J 126 7.92 34.41 65.78
CA VAL J 126 6.60 34.55 66.41
C VAL J 126 6.07 33.15 66.67
N TYR J 127 6.10 32.73 67.94
CA TYR J 127 5.70 31.38 68.27
C TYR J 127 4.22 31.14 68.01
N ALA J 128 3.40 32.18 68.20
CA ALA J 128 2.01 32.10 67.79
C ALA J 128 1.93 31.87 66.29
N GLY J 129 1.12 30.90 65.89
CA GLY J 129 1.06 30.46 64.52
C GLY J 129 1.88 29.22 64.22
N LYS J 130 2.85 28.90 65.08
CA LYS J 130 3.54 27.62 64.96
C LYS J 130 2.67 26.49 65.48
N VAL J 131 1.85 26.75 66.51
CA VAL J 131 0.87 25.78 66.94
C VAL J 131 -0.22 25.66 65.89
N ARG J 132 -0.60 24.43 65.56
CA ARG J 132 -1.53 24.14 64.47
C ARG J 132 -1.04 24.77 63.17
N SER J 133 0.14 24.33 62.74
CA SER J 133 0.76 24.81 61.52
C SER J 133 0.48 23.80 60.40
N TRP J 134 -0.19 24.26 59.35
CA TRP J 134 -0.54 23.39 58.25
C TRP J 134 0.65 23.15 57.34
N THR J 135 0.56 22.10 56.53
CA THR J 135 1.59 21.77 55.58
C THR J 135 1.30 22.44 54.24
N ASN J 136 2.09 22.12 53.22
CA ASN J 136 1.85 22.65 51.87
C ASN J 136 0.65 22.02 51.20
N LEU J 137 0.15 20.90 51.73
CA LEU J 137 -0.96 20.16 51.14
C LEU J 137 -2.31 20.58 51.72
N GLU J 138 -2.40 20.65 53.04
CA GLU J 138 -3.65 21.07 53.67
C GLU J 138 -4.03 22.49 53.26
N THR J 139 -3.04 23.39 53.26
CA THR J 139 -3.31 24.78 52.88
C THR J 139 -3.80 24.87 51.45
N LEU J 140 -3.16 24.14 50.52
CA LEU J 140 -3.56 24.18 49.13
C LEU J 140 -4.98 23.63 48.94
N GLY J 141 -5.25 22.46 49.53
CA GLY J 141 -6.56 21.86 49.39
C GLY J 141 -7.66 22.61 50.10
N ASN J 142 -7.29 23.46 51.07
CA ASN J 142 -8.31 24.25 51.77
C ASN J 142 -9.05 25.18 50.83
N LEU J 143 -8.34 25.75 49.84
CA LEU J 143 -8.91 26.76 48.98
C LEU J 143 -8.88 26.40 47.50
N LEU J 144 -8.35 25.22 47.13
CA LEU J 144 -8.38 24.86 45.73
C LEU J 144 -9.77 24.40 45.28
N TYR J 145 -10.46 23.64 46.12
CA TYR J 145 -11.74 23.04 45.75
C TYR J 145 -12.95 23.80 46.28
N THR J 146 -12.74 24.88 47.01
CA THR J 146 -13.83 25.55 47.72
C THR J 146 -14.05 26.98 47.27
N TYR J 147 -12.99 27.79 47.21
CA TYR J 147 -13.11 29.19 46.81
C TYR J 147 -12.82 29.37 45.34
N TYR J 148 -11.66 28.89 44.89
CA TYR J 148 -11.29 28.95 43.48
C TYR J 148 -11.58 27.61 42.80
N PHE J 149 -12.86 27.24 42.78
CA PHE J 149 -13.26 25.95 42.24
C PHE J 149 -13.65 26.00 40.77
N VAL J 150 -13.85 27.20 40.21
CA VAL J 150 -14.15 27.29 38.79
C VAL J 150 -12.91 26.95 37.96
N TRP J 151 -11.75 27.47 38.37
CA TRP J 151 -10.51 27.17 37.63
C TRP J 151 -10.17 25.69 37.68
N PHE J 152 -10.50 25.03 38.79
CA PHE J 152 -10.32 23.59 38.88
C PHE J 152 -11.14 22.85 37.83
N LEU J 153 -12.40 23.25 37.64
CA LEU J 153 -13.22 22.65 36.61
C LEU J 153 -12.73 23.01 35.21
N VAL J 154 -12.15 24.21 35.05
CA VAL J 154 -11.56 24.56 33.77
C VAL J 154 -10.39 23.65 33.45
N SER J 155 -9.56 23.35 34.44
CA SER J 155 -8.47 22.40 34.24
C SER J 155 -9.00 21.01 33.90
N SER J 156 -10.11 20.62 34.52
CA SER J 156 -10.74 19.35 34.15
C SER J 156 -11.17 19.35 32.70
N LEU J 157 -11.75 20.46 32.24
CA LEU J 157 -12.15 20.57 30.83
C LEU J 157 -10.93 20.52 29.92
N ILE J 158 -9.83 21.12 30.32
CA ILE J 158 -8.58 21.03 29.57
C ILE J 158 -8.13 19.58 29.44
N LEU J 159 -8.18 18.84 30.55
CA LEU J 159 -7.80 17.43 30.50
C LEU J 159 -8.72 16.65 29.58
N LEU J 160 -10.02 16.95 29.61
CA LEU J 160 -10.95 16.27 28.70
C LEU J 160 -10.65 16.60 27.25
N VAL J 161 -10.30 17.85 26.96
CA VAL J 161 -9.92 18.23 25.60
C VAL J 161 -8.71 17.41 25.15
N ALA J 162 -7.71 17.30 26.02
CA ALA J 162 -6.52 16.52 25.67
C ALA J 162 -6.88 15.06 25.42
N MET J 163 -7.72 14.49 26.27
CA MET J 163 -8.10 13.08 26.13
C MET J 163 -8.83 12.84 24.83
N ILE J 164 -9.77 13.73 24.48
CA ILE J 164 -10.51 13.59 23.22
C ILE J 164 -9.59 13.78 22.03
N GLY J 165 -8.71 14.79 22.09
CA GLY J 165 -7.85 15.07 20.96
C GLY J 165 -6.86 13.96 20.67
N ALA J 166 -6.34 13.32 21.72
CA ALA J 166 -5.40 12.23 21.51
C ALA J 166 -6.05 11.03 20.82
N ILE J 167 -7.38 10.94 20.88
CA ILE J 167 -8.10 9.82 20.28
C ILE J 167 -8.54 10.13 18.86
N VAL J 168 -9.13 11.30 18.63
CA VAL J 168 -9.65 11.62 17.30
C VAL J 168 -8.55 11.57 16.26
N LEU J 169 -7.35 12.06 16.62
CA LEU J 169 -6.27 12.14 15.65
C LEU J 169 -5.69 10.76 15.34
N THR J 170 -5.46 9.94 16.36
CA THR J 170 -4.55 8.81 16.25
C THR J 170 -5.23 7.45 16.18
N MET J 171 -6.57 7.40 16.16
CA MET J 171 -7.26 6.11 15.99
C MET J 171 -7.28 5.71 14.52
N HIS J 172 -6.26 4.92 14.15
CA HIS J 172 -6.29 4.24 12.86
C HIS J 172 -7.15 2.99 12.94
N ARG J 173 -6.83 2.10 13.88
CA ARG J 173 -7.64 0.91 14.17
C ARG J 173 -7.91 0.12 12.89
N THR J 174 -6.84 -0.22 12.19
CA THR J 174 -6.94 -0.93 10.92
C THR J 174 -6.72 -2.43 11.11
N MET K 1 21.11 36.96 49.45
CA MET K 1 20.38 37.18 48.20
C MET K 1 20.13 35.87 47.46
N ASP K 2 18.94 35.30 47.66
CA ASP K 2 18.54 34.08 46.99
C ASP K 2 17.37 34.26 46.04
N LEU K 3 16.50 35.24 46.27
CA LEU K 3 15.45 35.55 45.32
C LEU K 3 16.04 35.95 43.97
N ILE K 4 17.13 36.73 43.98
CA ILE K 4 17.78 37.12 42.75
C ILE K 4 18.32 35.89 42.02
N LYS K 5 18.97 34.99 42.75
CA LYS K 5 19.50 33.77 42.11
C LYS K 5 18.39 32.94 41.52
N TYR K 6 17.28 32.77 42.25
CA TYR K 6 16.16 31.99 41.75
C TYR K 6 15.60 32.60 40.47
N PHE K 7 15.36 33.92 40.49
CA PHE K 7 14.77 34.58 39.33
C PHE K 7 15.71 34.51 38.13
N THR K 8 17.01 34.72 38.35
CA THR K 8 17.95 34.64 37.24
C THR K 8 18.03 33.24 36.66
N PHE K 9 18.04 32.21 37.52
CA PHE K 9 18.06 30.85 37.01
C PHE K 9 16.83 30.55 36.18
N SER K 10 15.66 30.95 36.68
CA SER K 10 14.42 30.72 35.92
C SER K 10 14.43 31.48 34.59
N MET K 11 14.92 32.72 34.62
CA MET K 11 14.98 33.52 33.39
C MET K 11 15.93 32.90 32.38
N ILE K 12 17.06 32.35 32.85
CA ILE K 12 17.99 31.73 31.92
C ILE K 12 17.38 30.45 31.34
N ILE K 13 16.64 29.69 32.15
CA ILE K 13 15.91 28.55 31.60
C ILE K 13 14.91 29.01 30.54
N PHE K 14 14.23 30.12 30.80
CA PHE K 14 13.24 30.64 29.86
C PHE K 14 13.90 31.02 28.53
N ILE K 15 14.97 31.80 28.60
CA ILE K 15 15.64 32.23 27.37
C ILE K 15 16.30 31.06 26.67
N LEU K 16 16.72 30.04 27.42
CA LEU K 16 17.31 28.86 26.81
C LEU K 16 16.24 28.06 26.06
N GLY K 17 15.03 27.98 26.62
CA GLY K 17 13.94 27.35 25.89
C GLY K 17 13.58 28.11 24.63
N ILE K 18 13.58 29.44 24.71
CA ILE K 18 13.36 30.25 23.50
C ILE K 18 14.46 29.98 22.48
N TRP K 19 15.71 29.94 22.94
CA TRP K 19 16.84 29.61 22.08
C TRP K 19 16.64 28.27 21.39
N GLY K 20 16.23 27.26 22.15
CA GLY K 20 16.03 25.94 21.57
C GLY K 20 14.91 25.91 20.55
N ILE K 21 13.79 26.56 20.84
CA ILE K 21 12.68 26.56 19.89
C ILE K 21 12.97 27.39 18.66
N LEU K 22 13.82 28.41 18.76
CA LEU K 22 14.08 29.30 17.63
C LEU K 22 15.02 28.69 16.59
N LEU K 23 16.05 27.96 17.02
CA LEU K 23 17.12 27.56 16.11
C LEU K 23 16.65 26.54 15.09
N ASN K 24 16.21 25.38 15.56
CA ASN K 24 15.92 24.23 14.68
C ASN K 24 14.47 24.27 14.23
N ARG K 25 14.26 24.70 12.99
CA ARG K 25 12.92 24.81 12.42
C ARG K 25 12.33 23.46 12.02
N ARG K 26 13.12 22.39 12.03
CA ARG K 26 12.70 21.12 11.47
C ARG K 26 12.61 19.98 12.48
N ASN K 27 13.31 20.07 13.62
CA ASN K 27 13.36 18.93 14.55
C ASN K 27 11.97 18.56 15.05
N ILE K 28 11.17 19.55 15.42
CA ILE K 28 9.78 19.40 15.85
C ILE K 28 9.70 18.60 17.16
N LEU K 29 10.80 17.97 17.56
CA LEU K 29 10.88 17.31 18.85
C LEU K 29 11.57 18.15 19.90
N ILE K 30 12.68 18.80 19.57
CA ILE K 30 13.32 19.73 20.48
C ILE K 30 12.41 20.92 20.79
N MET K 31 11.52 21.28 19.86
CA MET K 31 10.59 22.37 20.10
C MET K 31 9.68 22.08 21.28
N LEU K 32 9.17 20.85 21.37
CA LEU K 32 8.27 20.49 22.46
C LEU K 32 9.00 20.49 23.81
N MET K 33 10.24 19.97 23.82
CA MET K 33 11.03 20.02 25.05
C MET K 33 11.33 21.46 25.46
N SER K 34 11.61 22.33 24.48
CA SER K 34 11.84 23.73 24.80
C SER K 34 10.59 24.41 25.35
N ILE K 35 9.42 24.06 24.80
CA ILE K 35 8.16 24.58 25.33
C ILE K 35 7.96 24.13 26.77
N GLU K 36 8.24 22.85 27.03
CA GLU K 36 8.16 22.36 28.40
C GLU K 36 9.13 23.09 29.32
N LEU K 37 10.33 23.40 28.82
CA LEU K 37 11.29 24.16 29.62
C LEU K 37 10.77 25.56 29.93
N MET K 38 10.12 26.20 28.96
CA MET K 38 9.52 27.51 29.20
C MET K 38 8.44 27.43 30.27
N LEU K 39 7.57 26.43 30.17
CA LEU K 39 6.52 26.26 31.18
C LEU K 39 7.12 25.98 32.55
N LEU K 40 8.19 25.19 32.59
CA LEU K 40 8.87 24.90 33.85
C LEU K 40 9.43 26.17 34.47
N ALA K 41 10.09 27.00 33.65
CA ALA K 41 10.66 28.24 34.17
C ALA K 41 9.59 29.15 34.72
N VAL K 42 8.45 29.24 34.03
CA VAL K 42 7.37 30.10 34.52
C VAL K 42 6.78 29.54 35.81
N ASN K 43 6.67 28.20 35.90
CA ASN K 43 6.17 27.60 37.14
C ASN K 43 7.08 27.91 38.32
N LEU K 44 8.39 27.83 38.10
CA LEU K 44 9.32 28.20 39.17
C LEU K 44 9.21 29.67 39.52
N ASN K 45 9.04 30.54 38.52
CA ASN K 45 8.79 31.94 38.81
C ASN K 45 7.60 32.10 39.75
N PHE K 46 6.48 31.45 39.42
CA PHE K 46 5.27 31.61 40.21
C PHE K 46 5.46 31.07 41.63
N LEU K 47 6.07 29.89 41.75
CA LEU K 47 6.24 29.30 43.08
C LEU K 47 7.19 30.13 43.93
N VAL K 48 8.30 30.59 43.36
CA VAL K 48 9.25 31.42 44.11
C VAL K 48 8.60 32.71 44.54
N PHE K 49 7.83 33.34 43.65
CA PHE K 49 7.12 34.56 44.04
C PHE K 49 6.11 34.30 45.14
N SER K 50 5.42 33.16 45.08
CA SER K 50 4.46 32.83 46.13
C SER K 50 5.14 32.65 47.47
N VAL K 51 6.30 31.99 47.49
CA VAL K 51 7.03 31.80 48.75
C VAL K 51 7.49 33.14 49.31
N SER K 52 8.02 34.01 48.45
CA SER K 52 8.58 35.27 48.92
C SER K 52 7.52 36.17 49.52
N LEU K 53 6.36 36.28 48.88
CA LEU K 53 5.31 37.18 49.34
C LEU K 53 4.40 36.55 50.39
N ASP K 54 4.59 35.27 50.71
CA ASP K 54 3.69 34.53 51.60
C ASP K 54 2.25 34.64 51.13
N ASP K 55 2.07 34.53 49.81
CA ASP K 55 0.76 34.59 49.18
C ASP K 55 0.51 33.28 48.46
N MET K 56 -0.74 32.83 48.47
CA MET K 56 -1.08 31.51 47.99
C MET K 56 -1.53 31.48 46.53
N MET K 57 -1.81 32.64 45.93
CA MET K 57 -2.24 32.66 44.55
C MET K 57 -1.17 32.21 43.57
N GLY K 58 0.08 32.11 44.03
CA GLY K 58 1.15 31.65 43.18
C GLY K 58 1.20 30.15 43.03
N GLN K 59 0.96 29.43 44.14
CA GLN K 59 1.04 27.97 44.08
C GLN K 59 -0.20 27.35 43.45
N VAL K 60 -1.37 27.96 43.66
CA VAL K 60 -2.58 27.45 43.03
C VAL K 60 -2.46 27.51 41.52
N PHE K 61 -2.03 28.67 41.00
CA PHE K 61 -1.94 28.84 39.57
C PHE K 61 -0.79 28.01 39.00
N ALA K 62 0.30 27.87 39.76
CA ALA K 62 1.39 27.00 39.33
C ALA K 62 0.92 25.56 39.20
N LEU K 63 0.10 25.10 40.15
CA LEU K 63 -0.43 23.74 40.06
C LEU K 63 -1.37 23.60 38.86
N LEU K 64 -2.17 24.62 38.60
CA LEU K 64 -3.08 24.56 37.46
C LEU K 64 -2.33 24.59 36.13
N VAL K 65 -1.15 25.21 36.09
CA VAL K 65 -0.37 25.27 34.87
C VAL K 65 0.07 23.89 34.40
N LEU K 66 0.22 22.94 35.34
CA LEU K 66 0.66 21.60 34.98
C LEU K 66 -0.35 20.91 34.08
N THR K 67 -1.65 21.14 34.31
CA THR K 67 -2.66 20.55 33.44
C THR K 67 -2.49 21.03 32.01
N VAL K 68 -2.26 22.33 31.83
CA VAL K 68 -2.03 22.88 30.50
C VAL K 68 -0.78 22.28 29.89
N ALA K 69 0.30 22.16 30.67
CA ALA K 69 1.54 21.61 30.14
C ALA K 69 1.34 20.19 29.66
N ALA K 70 0.67 19.37 30.47
CA ALA K 70 0.43 17.98 30.09
C ALA K 70 -0.46 17.87 28.87
N ALA K 71 -1.52 18.67 28.81
CA ALA K 71 -2.42 18.63 27.65
C ALA K 71 -1.69 19.07 26.39
N GLU K 72 -0.88 20.13 26.48
CA GLU K 72 -0.14 20.58 25.31
C GLU K 72 0.85 19.53 24.85
N SER K 73 1.54 18.86 25.79
CA SER K 73 2.47 17.80 25.40
C SER K 73 1.75 16.64 24.73
N ALA K 74 0.60 16.24 25.29
CA ALA K 74 -0.16 15.13 24.71
C ALA K 74 -0.61 15.44 23.30
N ILE K 75 -1.20 16.63 23.10
CA ILE K 75 -1.66 17.01 21.77
C ILE K 75 -0.48 17.18 20.82
N GLY K 76 0.64 17.69 21.32
CA GLY K 76 1.82 17.86 20.49
C GLY K 76 2.35 16.54 19.96
N LEU K 77 2.45 15.55 20.84
CA LEU K 77 2.92 14.25 20.37
C LEU K 77 1.88 13.52 19.53
N ALA K 78 0.59 13.76 19.77
CA ALA K 78 -0.42 13.22 18.86
C ALA K 78 -0.22 13.77 17.45
N ILE K 79 -0.10 15.08 17.32
CA ILE K 79 0.10 15.68 16.02
C ILE K 79 1.44 15.25 15.42
N PHE K 80 2.46 15.06 16.26
CA PHE K 80 3.76 14.62 15.77
C PHE K 80 3.68 13.22 15.17
N VAL K 81 3.01 12.29 15.85
CA VAL K 81 2.90 10.95 15.31
C VAL K 81 1.99 10.93 14.08
N ILE K 82 1.01 11.82 14.00
CA ILE K 82 0.23 11.94 12.77
C ILE K 82 1.10 12.42 11.62
N THR K 83 1.94 13.43 11.87
CA THR K 83 2.80 13.96 10.82
C THR K 83 3.81 12.92 10.36
N PHE K 84 4.40 12.18 11.31
CA PHE K 84 5.42 11.19 10.95
C PHE K 84 4.85 10.03 10.14
N ARG K 85 3.54 9.78 10.25
CA ARG K 85 2.97 8.67 9.48
C ARG K 85 3.02 8.94 7.99
N VAL K 86 3.03 10.21 7.58
CA VAL K 86 3.06 10.54 6.16
C VAL K 86 4.39 10.15 5.54
N ARG K 87 5.50 10.53 6.17
CA ARG K 87 6.83 10.34 5.61
C ARG K 87 7.56 9.26 6.38
N GLY K 88 8.12 8.29 5.65
CA GLY K 88 8.83 7.19 6.25
C GLY K 88 7.90 6.20 6.93
N MET L 1 -47.38 96.37 -37.06
CA MET L 1 -46.84 96.99 -38.27
C MET L 1 -45.32 97.02 -38.23
N TYR L 2 -44.77 97.52 -37.13
CA TYR L 2 -43.32 97.65 -36.98
C TYR L 2 -42.65 96.36 -36.53
N LEU L 3 -43.35 95.49 -35.79
CA LEU L 3 -42.80 94.18 -35.49
C LEU L 3 -42.73 93.30 -36.73
N LEU L 4 -43.54 93.57 -37.74
CA LEU L 4 -43.63 92.68 -38.89
C LEU L 4 -42.33 92.65 -39.67
N ILE L 5 -41.68 93.81 -39.84
CA ILE L 5 -40.56 93.94 -40.77
C ILE L 5 -39.47 92.92 -40.46
N VAL L 6 -39.23 92.65 -39.18
CA VAL L 6 -38.13 91.77 -38.81
C VAL L 6 -38.53 90.30 -38.78
N PHE L 7 -39.83 89.98 -38.69
CA PHE L 7 -40.26 88.60 -38.58
C PHE L 7 -40.81 87.98 -39.86
N LEU L 8 -41.19 88.77 -40.87
CA LEU L 8 -41.60 88.16 -42.13
C LEU L 8 -40.48 87.33 -42.76
N PRO L 9 -39.26 87.84 -42.93
CA PRO L 9 -38.21 86.96 -43.48
C PRO L 9 -37.95 85.74 -42.63
N LEU L 10 -37.97 85.87 -41.31
CA LEU L 10 -37.69 84.74 -40.44
C LEU L 10 -38.77 83.67 -40.58
N LEU L 11 -40.04 84.07 -40.51
CA LEU L 11 -41.13 83.10 -40.63
C LEU L 11 -41.17 82.47 -42.01
N GLY L 12 -40.97 83.28 -43.06
CA GLY L 12 -40.97 82.73 -44.40
C GLY L 12 -39.85 81.71 -44.61
N SER L 13 -38.65 82.03 -44.13
CA SER L 13 -37.56 81.08 -44.23
C SER L 13 -37.82 79.83 -43.40
N SER L 14 -38.39 80.00 -42.20
CA SER L 14 -38.65 78.84 -41.35
C SER L 14 -39.61 77.88 -42.03
N VAL L 15 -40.71 78.40 -42.59
CA VAL L 15 -41.66 77.52 -43.24
C VAL L 15 -41.09 76.96 -44.54
N ALA L 16 -40.36 77.77 -45.30
CA ALA L 16 -39.80 77.29 -46.57
C ALA L 16 -38.63 76.33 -46.37
N GLY L 17 -38.06 76.25 -45.17
CA GLY L 17 -37.00 75.32 -44.91
C GLY L 17 -37.48 74.07 -44.20
N PHE L 18 -38.50 74.21 -43.35
CA PHE L 18 -39.07 73.05 -42.71
C PHE L 18 -39.95 72.26 -43.67
N PHE L 19 -40.68 72.96 -44.54
CA PHE L 19 -41.58 72.34 -45.50
C PHE L 19 -41.21 72.74 -46.93
N GLY L 20 -39.91 72.71 -47.24
CA GLY L 20 -39.47 73.00 -48.60
C GLY L 20 -39.91 71.97 -49.61
N ARG L 21 -40.19 70.74 -49.16
CA ARG L 21 -40.73 69.72 -50.05
C ARG L 21 -42.11 70.12 -50.57
N PHE L 22 -42.94 70.67 -49.70
CA PHE L 22 -44.30 71.04 -50.10
C PHE L 22 -44.30 72.11 -51.18
N LEU L 23 -43.48 73.15 -51.00
CA LEU L 23 -43.52 74.30 -51.91
C LEU L 23 -42.60 74.13 -53.11
N GLY L 24 -41.76 73.11 -53.12
CA GLY L 24 -40.92 72.84 -54.28
C GLY L 24 -39.76 73.80 -54.43
N SER L 25 -39.11 73.71 -55.59
CA SER L 25 -37.94 74.51 -55.90
C SER L 25 -38.27 75.91 -56.37
N GLU L 26 -39.52 76.20 -56.71
CA GLU L 26 -39.92 77.52 -57.16
C GLU L 26 -40.89 78.21 -56.23
N GLY L 27 -41.80 77.46 -55.61
CA GLY L 27 -42.72 78.07 -54.66
C GLY L 27 -42.01 78.68 -53.46
N SER L 28 -40.99 77.99 -52.95
CA SER L 28 -40.22 78.53 -51.84
C SER L 28 -39.54 79.84 -52.24
N ALA L 29 -38.94 79.88 -53.42
CA ALA L 29 -38.26 81.09 -53.87
C ALA L 29 -39.24 82.24 -54.03
N ILE L 30 -40.37 82.00 -54.68
CA ILE L 30 -41.31 83.09 -54.93
C ILE L 30 -41.92 83.57 -53.61
N MET L 31 -42.17 82.65 -52.66
CA MET L 31 -42.76 83.08 -51.40
C MET L 31 -41.76 83.83 -50.54
N THR L 32 -40.49 83.42 -50.55
CA THR L 32 -39.47 84.19 -49.84
C THR L 32 -39.34 85.59 -50.42
N THR L 33 -39.35 85.69 -51.75
CA THR L 33 -39.31 87.01 -52.39
C THR L 33 -40.52 87.83 -52.02
N THR L 34 -41.70 87.21 -51.98
CA THR L 34 -42.92 87.91 -51.59
C THR L 34 -42.81 88.46 -50.18
N CYS L 35 -42.34 87.62 -49.24
CA CYS L 35 -42.24 88.04 -47.85
C CYS L 35 -41.25 89.18 -47.69
N VAL L 36 -40.08 89.07 -48.32
CA VAL L 36 -39.10 90.15 -48.19
C VAL L 36 -39.57 91.41 -48.91
N SER L 37 -40.34 91.27 -49.98
CA SER L 37 -40.86 92.45 -50.68
C SER L 37 -41.86 93.21 -49.81
N PHE L 38 -42.79 92.49 -49.16
CA PHE L 38 -43.68 93.18 -48.23
C PHE L 38 -42.92 93.71 -47.01
N SER L 39 -41.86 93.03 -46.58
CA SER L 39 -41.03 93.58 -45.52
C SER L 39 -40.42 94.92 -45.95
N SER L 40 -39.97 95.00 -47.20
CA SER L 40 -39.43 96.26 -47.70
C SER L 40 -40.51 97.32 -47.84
N ILE L 41 -41.72 96.91 -48.18
CA ILE L 41 -42.82 97.86 -48.30
C ILE L 41 -43.15 98.48 -46.93
N LEU L 42 -43.27 97.63 -45.91
CA LEU L 42 -43.44 98.17 -44.55
C LEU L 42 -42.21 98.94 -44.09
N SER L 43 -41.03 98.61 -44.59
CA SER L 43 -39.85 99.41 -44.28
C SER L 43 -39.98 100.82 -44.87
N LEU L 44 -40.48 100.93 -46.09
CA LEU L 44 -40.74 102.24 -46.67
C LEU L 44 -41.81 103.00 -45.89
N ILE L 45 -42.85 102.29 -45.45
CA ILE L 45 -43.88 102.90 -44.62
C ILE L 45 -43.26 103.44 -43.33
N ALA L 46 -42.41 102.65 -42.69
CA ALA L 46 -41.73 103.09 -41.48
C ALA L 46 -40.80 104.27 -41.76
N PHE L 47 -40.15 104.27 -42.92
CA PHE L 47 -39.31 105.40 -43.28
C PHE L 47 -40.11 106.68 -43.40
N TYR L 48 -41.29 106.60 -44.02
CA TYR L 48 -42.15 107.78 -44.10
C TYR L 48 -42.65 108.19 -42.72
N GLU L 49 -42.98 107.22 -41.87
CA GLU L 49 -43.53 107.52 -40.55
C GLU L 49 -42.48 107.98 -39.55
N VAL L 50 -41.20 107.78 -39.84
CA VAL L 50 -40.12 108.07 -38.90
C VAL L 50 -39.18 109.15 -39.42
N ALA L 51 -38.76 109.04 -40.68
CA ALA L 51 -37.78 109.99 -41.21
C ALA L 51 -38.44 111.33 -41.51
N LEU L 52 -39.37 111.35 -42.48
CA LEU L 52 -40.07 112.58 -42.80
C LEU L 52 -40.91 113.06 -41.62
N GLY L 53 -41.75 112.18 -41.09
CA GLY L 53 -42.49 112.43 -39.88
C GLY L 53 -41.63 112.15 -38.67
N ALA L 54 -40.77 113.09 -38.30
CA ALA L 54 -39.70 112.78 -37.35
C ALA L 54 -40.26 112.48 -35.97
N SER L 55 -40.44 111.20 -35.67
CA SER L 55 -40.88 110.74 -34.36
C SER L 55 -40.45 109.29 -34.23
N ALA L 56 -39.41 109.05 -33.43
CA ALA L 56 -38.90 107.71 -33.25
C ALA L 56 -39.87 106.87 -32.43
N CYS L 57 -40.12 105.65 -32.89
CA CYS L 57 -40.98 104.71 -32.16
C CYS L 57 -40.11 103.70 -31.44
N TYR L 58 -40.49 103.37 -30.21
CA TYR L 58 -39.74 102.45 -29.38
C TYR L 58 -40.72 101.45 -28.78
N LEU L 59 -40.43 100.17 -28.93
CA LEU L 59 -41.29 99.10 -28.41
C LEU L 59 -40.43 98.02 -27.78
N ARG L 60 -40.90 97.49 -26.65
CA ARG L 60 -40.16 96.52 -25.86
C ARG L 60 -41.02 95.26 -25.68
N ILE L 61 -40.47 94.12 -26.09
CA ILE L 61 -41.25 92.88 -26.07
C ILE L 61 -41.20 92.24 -24.68
N ALA L 62 -40.02 91.84 -24.24
CA ALA L 62 -39.86 91.17 -22.96
C ALA L 62 -38.38 91.17 -22.60
N PRO L 63 -38.05 91.30 -21.31
CA PRO L 63 -36.66 91.24 -20.90
C PRO L 63 -35.99 89.95 -21.38
N TRP L 64 -34.74 90.08 -21.82
CA TRP L 64 -33.96 88.92 -22.24
C TRP L 64 -33.18 88.32 -21.07
N ILE L 65 -32.35 89.13 -20.42
CA ILE L 65 -31.56 88.70 -19.27
C ILE L 65 -31.91 89.64 -18.12
N SER L 66 -32.78 89.18 -17.21
CA SER L 66 -33.24 90.00 -16.09
C SER L 66 -32.43 89.64 -14.86
N SER L 67 -31.16 90.03 -14.87
CA SER L 67 -30.26 89.86 -13.74
C SER L 67 -30.00 91.22 -13.08
N GLU L 68 -29.03 91.27 -12.18
CA GLU L 68 -28.70 92.49 -11.48
C GLU L 68 -28.29 93.58 -12.46
N MET L 69 -29.19 94.54 -12.68
CA MET L 69 -29.07 95.65 -13.61
C MET L 69 -28.28 95.30 -14.88
N PHE L 70 -28.62 94.16 -15.47
CA PHE L 70 -28.17 93.75 -16.79
C PHE L 70 -29.38 93.55 -17.69
N ASP L 71 -30.37 94.44 -17.56
CA ASP L 71 -31.67 94.22 -18.16
C ASP L 71 -31.63 94.39 -19.67
N ALA L 72 -30.96 93.47 -20.35
CA ALA L 72 -31.07 93.40 -21.81
C ALA L 72 -32.47 92.92 -22.16
N SER L 73 -33.13 93.64 -23.06
CA SER L 73 -34.50 93.34 -23.43
C SER L 73 -34.60 93.15 -24.93
N TRP L 74 -35.76 92.67 -25.36
CA TRP L 74 -36.05 92.52 -26.77
C TRP L 74 -36.59 93.80 -27.39
N GLY L 75 -36.32 94.95 -26.76
CA GLY L 75 -36.78 96.21 -27.29
C GLY L 75 -36.11 96.57 -28.60
N PHE L 76 -36.80 97.43 -29.36
CA PHE L 76 -36.35 97.83 -30.68
C PHE L 76 -36.15 99.33 -30.73
N LEU L 77 -35.14 99.76 -31.48
CA LEU L 77 -34.78 101.16 -31.64
C LEU L 77 -35.03 101.55 -33.09
N PHE L 78 -36.01 102.43 -33.31
CA PHE L 78 -36.38 102.90 -34.64
C PHE L 78 -36.13 104.40 -34.71
N ASP L 79 -34.92 104.80 -35.04
CA ASP L 79 -34.58 106.19 -35.24
C ASP L 79 -34.32 106.45 -36.73
N SER L 80 -33.88 107.66 -37.04
CA SER L 80 -33.59 108.00 -38.43
C SER L 80 -32.47 107.15 -39.00
N LEU L 81 -31.44 106.88 -38.20
CA LEU L 81 -30.35 106.02 -38.67
C LEU L 81 -30.83 104.59 -38.91
N THR L 82 -31.75 104.10 -38.09
CA THR L 82 -32.25 102.75 -38.28
C THR L 82 -33.02 102.64 -39.59
N VAL L 83 -33.94 103.57 -39.85
CA VAL L 83 -34.83 103.44 -41.01
C VAL L 83 -34.05 103.59 -42.32
N VAL L 84 -33.04 104.47 -42.35
CA VAL L 84 -32.27 104.64 -43.56
C VAL L 84 -31.44 103.39 -43.85
N MET L 85 -31.04 102.66 -42.80
CA MET L 85 -30.37 101.39 -43.00
C MET L 85 -31.34 100.30 -43.42
N LEU L 86 -32.58 100.33 -42.90
CA LEU L 86 -33.56 99.32 -43.27
C LEU L 86 -33.95 99.45 -44.74
N ILE L 87 -34.31 100.66 -45.17
CA ILE L 87 -34.70 100.89 -46.55
C ILE L 87 -33.59 100.54 -47.53
N VAL L 88 -32.38 100.28 -47.03
CA VAL L 88 -31.31 99.75 -47.85
C VAL L 88 -31.31 98.22 -47.76
N VAL L 89 -31.22 97.69 -46.54
CA VAL L 89 -30.97 96.26 -46.38
C VAL L 89 -32.14 95.44 -46.94
N THR L 90 -33.37 95.78 -46.55
CA THR L 90 -34.51 94.97 -47.00
C THR L 90 -34.80 95.18 -48.48
N PHE L 91 -34.59 96.39 -49.00
CA PHE L 91 -34.80 96.65 -50.41
C PHE L 91 -33.82 95.85 -51.26
N ILE L 92 -32.53 95.90 -50.90
CA ILE L 92 -31.53 95.14 -51.65
C ILE L 92 -31.76 93.65 -51.48
N SER L 93 -32.19 93.20 -50.29
CA SER L 93 -32.46 91.78 -50.10
C SER L 93 -33.61 91.32 -50.97
N SER L 94 -34.68 92.11 -51.06
CA SER L 94 -35.81 91.75 -51.90
C SER L 94 -35.40 91.69 -53.37
N LEU L 95 -34.63 92.68 -53.82
CA LEU L 95 -34.23 92.67 -55.23
C LEU L 95 -33.24 91.54 -55.53
N VAL L 96 -32.39 91.19 -54.57
CA VAL L 96 -31.49 90.05 -54.76
C VAL L 96 -32.28 88.75 -54.78
N HIS L 97 -33.33 88.65 -53.97
CA HIS L 97 -34.20 87.46 -54.03
C HIS L 97 -34.88 87.36 -55.40
N LEU L 98 -35.34 88.49 -55.93
CA LEU L 98 -35.88 88.50 -57.29
C LEU L 98 -34.82 88.07 -58.30
N TYR L 99 -33.60 88.57 -58.13
CA TYR L 99 -32.50 88.24 -59.04
C TYR L 99 -32.12 86.77 -58.98
N SER L 100 -32.27 86.14 -57.80
CA SER L 100 -31.81 84.78 -57.60
C SER L 100 -32.84 83.73 -57.99
N ILE L 101 -34.08 84.13 -58.26
CA ILE L 101 -35.07 83.17 -58.75
C ILE L 101 -34.64 82.61 -60.10
N SER L 102 -34.19 83.49 -60.99
CA SER L 102 -33.72 83.09 -62.31
C SER L 102 -32.26 82.67 -62.31
N TYR L 103 -31.41 83.36 -61.55
CA TYR L 103 -30.01 82.97 -61.47
C TYR L 103 -29.86 81.61 -60.83
N MET L 104 -30.53 81.39 -59.70
CA MET L 104 -30.54 80.08 -59.05
C MET L 104 -31.80 79.32 -59.45
N SER L 105 -31.92 79.07 -60.74
CA SER L 105 -33.01 78.26 -61.30
C SER L 105 -32.54 76.92 -61.85
N GLU L 106 -31.33 76.86 -62.40
CA GLU L 106 -30.78 75.59 -62.86
C GLU L 106 -30.14 74.79 -61.72
N ASP L 107 -29.91 75.42 -60.57
CA ASP L 107 -29.27 74.72 -59.46
C ASP L 107 -30.26 73.80 -58.76
N PRO L 108 -29.78 72.69 -58.19
CA PRO L 108 -30.68 71.80 -57.44
C PRO L 108 -31.19 72.43 -56.15
N HIS L 109 -30.26 72.94 -55.33
CA HIS L 109 -30.59 73.40 -53.98
C HIS L 109 -31.07 74.86 -54.03
N SER L 110 -32.28 75.02 -54.55
CA SER L 110 -32.90 76.34 -54.61
C SER L 110 -33.52 76.75 -53.28
N PRO L 111 -34.37 75.92 -52.66
CA PRO L 111 -35.01 76.38 -51.40
C PRO L 111 -34.03 76.66 -50.27
N ARG L 112 -32.97 75.87 -50.18
CA ARG L 112 -31.99 76.08 -49.10
C ARG L 112 -31.32 77.43 -49.22
N PHE L 113 -31.00 77.85 -50.45
CA PHE L 113 -30.44 79.17 -50.67
C PHE L 113 -31.40 80.27 -50.18
N MET L 114 -32.67 80.15 -50.56
CA MET L 114 -33.65 81.16 -50.17
C MET L 114 -33.80 81.23 -48.66
N CYS L 115 -33.89 80.07 -48.00
CA CYS L 115 -34.05 80.07 -46.54
C CYS L 115 -32.81 80.63 -45.85
N TYR L 116 -31.62 80.31 -46.37
CA TYR L 116 -30.39 80.86 -45.81
C TYR L 116 -30.39 82.38 -45.87
N LEU L 117 -30.64 82.95 -47.06
CA LEU L 117 -30.63 84.39 -47.16
C LEU L 117 -31.76 85.03 -46.34
N SER L 118 -32.89 84.35 -46.19
CA SER L 118 -33.99 84.96 -45.45
C SER L 118 -33.72 84.97 -43.94
N ILE L 119 -33.19 83.89 -43.38
CA ILE L 119 -32.77 83.94 -41.98
C ILE L 119 -31.67 84.96 -41.80
N PHE L 120 -30.77 85.09 -42.79
CA PHE L 120 -29.73 86.10 -42.67
C PHE L 120 -30.32 87.51 -42.64
N THR L 121 -31.31 87.77 -43.49
CA THR L 121 -31.96 89.07 -43.50
C THR L 121 -32.65 89.34 -42.17
N PHE L 122 -33.29 88.31 -41.59
CA PHE L 122 -33.85 88.47 -40.26
C PHE L 122 -32.78 88.85 -39.24
N PHE L 123 -31.64 88.16 -39.29
CA PHE L 123 -30.56 88.45 -38.35
C PHE L 123 -30.08 89.90 -38.49
N MET L 124 -29.92 90.37 -39.72
CA MET L 124 -29.41 91.74 -39.89
C MET L 124 -30.46 92.78 -39.56
N LEU L 125 -31.74 92.48 -39.78
CA LEU L 125 -32.78 93.37 -39.30
C LEU L 125 -32.76 93.47 -37.77
N MET L 126 -32.54 92.33 -37.10
CA MET L 126 -32.37 92.35 -35.65
C MET L 126 -31.16 93.18 -35.25
N LEU L 127 -30.07 93.05 -36.00
CA LEU L 127 -28.88 93.87 -35.75
C LEU L 127 -29.20 95.36 -35.84
N VAL L 128 -29.81 95.78 -36.95
CA VAL L 128 -30.02 97.20 -37.20
C VAL L 128 -31.00 97.79 -36.20
N THR L 129 -32.08 97.06 -35.93
CA THR L 129 -33.13 97.59 -35.07
C THR L 129 -32.83 97.41 -33.59
N GLY L 130 -31.78 96.67 -33.24
CA GLY L 130 -31.44 96.39 -31.87
C GLY L 130 -31.22 97.61 -31.00
N ASP L 131 -31.81 97.61 -29.80
CA ASP L 131 -31.74 98.74 -28.89
C ASP L 131 -30.53 98.71 -27.96
N ASN L 132 -29.92 97.54 -27.76
CA ASN L 132 -28.80 97.40 -26.85
C ASN L 132 -27.72 96.54 -27.49
N PHE L 133 -26.59 96.45 -26.80
CA PHE L 133 -25.44 95.71 -27.34
C PHE L 133 -25.76 94.24 -27.55
N LEU L 134 -26.42 93.61 -26.58
CA LEU L 134 -26.64 92.17 -26.65
C LEU L 134 -27.50 91.79 -27.86
N GLN L 135 -28.58 92.54 -28.09
CA GLN L 135 -29.38 92.32 -29.29
C GLN L 135 -28.56 92.62 -30.54
N LEU L 136 -27.80 93.72 -30.52
CA LEU L 136 -26.90 94.02 -31.62
C LEU L 136 -25.85 92.93 -31.79
N PHE L 137 -25.29 92.44 -30.69
CA PHE L 137 -24.35 91.33 -30.77
C PHE L 137 -25.04 90.08 -31.30
N LEU L 138 -26.30 89.87 -30.93
CA LEU L 138 -27.04 88.72 -31.45
C LEU L 138 -27.15 88.78 -32.96
N GLY L 139 -27.63 89.91 -33.48
CA GLY L 139 -27.73 90.05 -34.92
C GLY L 139 -26.39 89.98 -35.61
N TRP L 140 -25.35 90.50 -34.97
CA TRP L 140 -24.01 90.55 -35.56
C TRP L 140 -23.44 89.14 -35.69
N GLU L 141 -23.53 88.34 -34.64
CA GLU L 141 -23.04 86.97 -34.72
C GLU L 141 -23.93 86.14 -35.64
N GLY L 142 -25.23 86.43 -35.68
CA GLY L 142 -26.10 85.73 -36.62
C GLY L 142 -25.73 85.99 -38.07
N VAL L 143 -25.44 87.25 -38.41
CA VAL L 143 -25.08 87.56 -39.79
C VAL L 143 -23.71 86.98 -40.12
N GLY L 144 -22.79 86.97 -39.15
CA GLY L 144 -21.52 86.27 -39.38
C GLY L 144 -21.72 84.79 -39.68
N LEU L 145 -22.55 84.14 -38.88
CA LEU L 145 -22.86 82.73 -39.10
C LEU L 145 -23.48 82.50 -40.47
N ALA L 146 -24.43 83.35 -40.85
CA ALA L 146 -25.10 83.17 -42.13
C ALA L 146 -24.15 83.42 -43.30
N SER L 147 -23.24 84.38 -43.16
CA SER L 147 -22.22 84.57 -44.18
C SER L 147 -21.37 83.32 -44.32
N TYR L 148 -20.97 82.72 -43.19
CA TYR L 148 -20.23 81.46 -43.23
C TYR L 148 -21.03 80.39 -43.95
N LEU L 149 -22.33 80.30 -43.65
CA LEU L 149 -23.17 79.28 -44.25
C LEU L 149 -23.26 79.45 -45.77
N LEU L 150 -23.44 80.70 -46.23
CA LEU L 150 -23.55 80.93 -47.67
C LEU L 150 -22.22 80.69 -48.38
N ILE L 151 -21.10 81.00 -47.72
CA ILE L 151 -19.82 80.60 -48.30
C ILE L 151 -19.75 79.08 -48.41
N HIS L 152 -20.31 78.38 -47.43
CA HIS L 152 -20.34 76.93 -47.42
C HIS L 152 -21.55 76.35 -48.14
N PHE L 153 -22.14 77.08 -49.08
CA PHE L 153 -23.34 76.60 -49.75
C PHE L 153 -23.07 75.31 -50.53
N TRP L 154 -22.01 75.30 -51.34
CA TRP L 154 -21.55 74.06 -51.97
C TRP L 154 -20.58 73.39 -51.02
N PHE L 155 -21.10 72.47 -50.20
CA PHE L 155 -20.28 71.78 -49.21
C PHE L 155 -19.18 70.94 -49.85
N THR L 156 -19.44 70.39 -51.05
CA THR L 156 -18.48 69.51 -51.70
C THR L 156 -17.24 70.23 -52.20
N ARG L 157 -17.26 71.57 -52.26
CA ARG L 157 -16.09 72.33 -52.69
C ARG L 157 -15.07 72.40 -51.56
N LEU L 158 -13.93 71.75 -51.74
CA LEU L 158 -12.90 71.74 -50.70
C LEU L 158 -12.37 73.15 -50.44
N GLN L 159 -12.18 73.95 -51.51
CA GLN L 159 -11.70 75.31 -51.33
C GLN L 159 -12.72 76.16 -50.59
N ALA L 160 -14.01 76.00 -50.91
CA ALA L 160 -15.04 76.80 -50.26
C ALA L 160 -15.11 76.51 -48.76
N ASP L 161 -14.90 75.25 -48.37
CA ASP L 161 -14.91 74.91 -46.94
C ASP L 161 -13.80 75.66 -46.21
N LYS L 162 -12.59 75.65 -46.78
CA LYS L 162 -11.48 76.37 -46.14
C LYS L 162 -11.73 77.87 -46.11
N ALA L 163 -12.29 78.41 -47.19
CA ALA L 163 -12.59 79.85 -47.22
C ALA L 163 -13.60 80.22 -46.14
N ALA L 164 -14.65 79.41 -46.00
CA ALA L 164 -15.66 79.67 -44.98
C ALA L 164 -15.07 79.55 -43.58
N ILE L 165 -14.19 78.57 -43.37
CA ILE L 165 -13.57 78.38 -42.08
C ILE L 165 -12.67 79.56 -41.73
N LYS L 166 -11.90 80.05 -42.69
CA LYS L 166 -11.06 81.22 -42.44
C LYS L 166 -11.90 82.47 -42.18
N ALA L 167 -13.00 82.62 -42.91
CA ALA L 167 -13.93 83.71 -42.64
C ALA L 167 -14.49 83.62 -41.23
N MET L 168 -14.81 82.41 -40.79
CA MET L 168 -15.25 82.23 -39.41
C MET L 168 -14.16 82.58 -38.42
N LEU L 169 -12.90 82.25 -38.75
CA LEU L 169 -11.78 82.59 -37.87
C LEU L 169 -11.69 84.10 -37.67
N VAL L 170 -11.68 84.86 -38.78
CA VAL L 170 -11.53 86.31 -38.66
C VAL L 170 -12.77 86.92 -38.02
N ASN L 171 -13.96 86.41 -38.37
CA ASN L 171 -15.17 86.88 -37.71
C ASN L 171 -15.14 86.61 -36.23
N ARG L 172 -14.56 85.49 -35.80
CA ARG L 172 -14.48 85.17 -34.38
C ARG L 172 -13.47 86.07 -33.67
N VAL L 173 -12.39 86.47 -34.36
CA VAL L 173 -11.50 87.48 -33.78
C VAL L 173 -12.27 88.78 -33.56
N GLY L 174 -13.06 89.18 -34.55
CA GLY L 174 -13.94 90.31 -34.37
C GLY L 174 -14.92 90.12 -33.23
N ASP L 175 -15.42 88.89 -33.05
CA ASP L 175 -16.31 88.59 -31.94
C ASP L 175 -15.62 88.83 -30.62
N PHE L 176 -14.37 88.39 -30.51
CA PHE L 176 -13.57 88.66 -29.31
C PHE L 176 -13.51 90.15 -29.03
N GLY L 177 -13.13 90.93 -30.04
CA GLY L 177 -13.01 92.36 -29.85
C GLY L 177 -14.32 93.00 -29.41
N LEU L 178 -15.41 92.67 -30.12
CA LEU L 178 -16.67 93.36 -29.85
C LEU L 178 -17.29 92.89 -28.55
N ALA L 179 -17.15 91.61 -28.19
CA ALA L 179 -17.63 91.14 -26.90
C ALA L 179 -16.90 91.82 -25.76
N LEU L 180 -15.58 91.94 -25.87
CA LEU L 180 -14.84 92.67 -24.84
C LEU L 180 -15.27 94.12 -24.74
N GLY L 181 -15.50 94.77 -25.88
CA GLY L 181 -16.01 96.14 -25.84
C GLY L 181 -17.36 96.24 -25.16
N ILE L 182 -18.28 95.33 -25.53
CA ILE L 182 -19.64 95.36 -25.01
C ILE L 182 -19.64 95.17 -23.50
N LEU L 183 -18.92 94.15 -23.03
CA LEU L 183 -18.82 93.94 -21.58
C LEU L 183 -18.11 95.10 -20.88
N GLY L 184 -17.11 95.70 -21.52
CA GLY L 184 -16.45 96.84 -20.91
C GLY L 184 -17.38 98.01 -20.73
N CYS L 185 -18.35 98.16 -21.62
CA CYS L 185 -19.38 99.17 -21.42
C CYS L 185 -20.14 98.95 -20.12
N PHE L 186 -20.48 97.69 -19.82
CA PHE L 186 -21.27 97.41 -18.64
C PHE L 186 -20.49 97.69 -17.36
N THR L 187 -19.21 97.34 -17.34
CA THR L 187 -18.41 97.58 -16.14
C THR L 187 -18.22 99.06 -15.84
N LEU L 188 -18.51 99.94 -16.78
CA LEU L 188 -18.41 101.38 -16.58
C LEU L 188 -19.75 102.03 -16.30
N PHE L 189 -20.71 101.88 -17.20
CA PHE L 189 -22.00 102.56 -17.09
C PHE L 189 -23.08 101.69 -16.45
N GLN L 190 -22.76 100.44 -16.11
CA GLN L 190 -23.73 99.51 -15.51
C GLN L 190 -24.98 99.36 -16.38
N THR L 191 -24.78 99.33 -17.70
CA THR L 191 -25.87 99.19 -18.65
C THR L 191 -25.27 98.80 -20.00
N VAL L 192 -26.15 98.37 -20.90
CA VAL L 192 -25.74 98.02 -22.26
C VAL L 192 -26.68 98.70 -23.25
N ASP L 193 -27.74 99.32 -22.73
CA ASP L 193 -28.71 99.99 -23.58
C ASP L 193 -28.10 101.22 -24.24
N PHE L 194 -28.56 101.50 -25.47
CA PHE L 194 -28.05 102.65 -26.20
C PHE L 194 -28.42 103.96 -25.53
N SER L 195 -29.67 104.07 -25.03
CA SER L 195 -30.17 105.35 -24.54
C SER L 195 -29.58 105.75 -23.19
N THR L 196 -28.88 104.85 -22.50
CA THR L 196 -28.29 105.20 -21.22
C THR L 196 -26.84 105.64 -21.36
N ILE L 197 -26.05 104.90 -22.15
CA ILE L 197 -24.66 105.29 -22.40
C ILE L 197 -24.62 106.65 -23.10
N PHE L 198 -25.48 106.86 -24.10
CA PHE L 198 -25.49 108.13 -24.82
C PHE L 198 -25.89 109.27 -23.88
N ALA L 199 -26.89 109.04 -23.03
CA ALA L 199 -27.32 110.08 -22.11
C ALA L 199 -26.23 110.42 -21.11
N CYS L 200 -25.54 109.40 -20.57
CA CYS L 200 -24.45 109.61 -19.63
C CYS L 200 -23.22 108.80 -20.09
N ALA L 201 -22.47 109.41 -21.01
CA ALA L 201 -21.16 108.90 -21.40
C ALA L 201 -20.03 109.91 -21.21
N SER L 202 -20.35 111.15 -20.82
CA SER L 202 -19.34 112.18 -20.64
C SER L 202 -18.90 112.34 -19.19
N VAL L 203 -19.71 111.92 -18.23
CA VAL L 203 -19.39 112.14 -16.82
C VAL L 203 -18.10 111.44 -16.40
N PRO L 204 -17.89 110.15 -16.65
CA PRO L 204 -16.67 109.51 -16.16
C PRO L 204 -15.44 109.94 -16.94
N ARG L 205 -14.33 110.10 -16.21
CA ARG L 205 -13.03 110.34 -16.83
C ARG L 205 -11.93 109.55 -16.14
N ASN L 206 -12.28 108.42 -15.52
CA ASN L 206 -11.34 107.62 -14.75
C ASN L 206 -10.53 106.70 -15.66
N SER L 207 -9.42 106.20 -15.12
CA SER L 207 -8.56 105.24 -15.82
C SER L 207 -8.66 103.88 -15.15
N TRP L 208 -8.62 102.84 -15.97
CA TRP L 208 -8.79 101.47 -15.48
C TRP L 208 -7.44 100.79 -15.30
N ILE L 209 -7.49 99.49 -15.01
CA ILE L 209 -6.33 98.70 -14.65
C ILE L 209 -6.20 97.54 -15.64
N PHE L 210 -6.51 97.82 -16.91
CA PHE L 210 -6.80 96.75 -17.88
C PHE L 210 -5.52 95.98 -18.19
N CYS L 211 -5.09 95.20 -17.19
CA CYS L 211 -4.26 94.00 -17.31
C CYS L 211 -2.82 94.24 -17.74
N ASN L 212 -2.50 95.46 -18.17
CA ASN L 212 -1.10 95.79 -18.44
C ASN L 212 -0.63 97.11 -17.86
N MET L 213 -1.48 98.13 -17.81
CA MET L 213 -1.16 99.50 -17.38
C MET L 213 -2.46 100.17 -16.96
N ARG L 214 -2.41 101.49 -16.78
CA ARG L 214 -3.58 102.30 -16.52
C ARG L 214 -3.99 103.03 -17.78
N LEU L 215 -5.19 102.73 -18.27
CA LEU L 215 -5.72 103.32 -19.49
C LEU L 215 -7.09 103.94 -19.21
N ASN L 216 -7.39 105.02 -19.93
CA ASN L 216 -8.71 105.63 -19.82
C ASN L 216 -9.77 104.66 -20.33
N ALA L 217 -10.92 104.64 -19.65
CA ALA L 217 -11.97 103.69 -20.00
C ALA L 217 -12.50 103.95 -21.40
N ILE L 218 -12.93 105.19 -21.66
CA ILE L 218 -13.61 105.50 -22.93
C ILE L 218 -12.70 105.18 -24.12
N SER L 219 -11.43 105.59 -24.04
CA SER L 219 -10.48 105.26 -25.10
C SER L 219 -10.33 103.75 -25.23
N LEU L 220 -10.22 103.05 -24.10
CA LEU L 220 -10.07 101.59 -24.14
C LEU L 220 -11.30 100.92 -24.73
N ILE L 221 -12.49 101.39 -24.35
CA ILE L 221 -13.72 100.79 -24.87
C ILE L 221 -13.83 101.04 -26.37
N CYS L 222 -13.51 102.26 -26.83
CA CYS L 222 -13.56 102.54 -28.25
C CYS L 222 -12.55 101.71 -29.03
N ILE L 223 -11.35 101.54 -28.48
CA ILE L 223 -10.34 100.71 -29.14
C ILE L 223 -10.82 99.27 -29.23
N LEU L 224 -11.43 98.77 -28.15
CA LEU L 224 -11.95 97.40 -28.14
C LEU L 224 -13.08 97.23 -29.15
N LEU L 225 -13.96 98.23 -29.26
CA LEU L 225 -15.02 98.17 -30.26
C LEU L 225 -14.45 98.18 -31.67
N PHE L 226 -13.37 98.94 -31.89
CA PHE L 226 -12.73 98.94 -33.20
C PHE L 226 -12.12 97.58 -33.50
N ILE L 227 -11.48 96.96 -32.49
CA ILE L 227 -10.93 95.63 -32.66
C ILE L 227 -12.05 94.63 -32.93
N GLY L 228 -13.23 94.88 -32.38
CA GLY L 228 -14.37 94.03 -32.71
C GLY L 228 -14.85 94.23 -34.14
N ALA L 229 -14.87 95.47 -34.62
CA ALA L 229 -15.43 95.77 -35.92
C ALA L 229 -14.44 95.62 -37.07
N VAL L 230 -13.15 95.40 -36.77
CA VAL L 230 -12.17 95.27 -37.85
C VAL L 230 -12.50 94.07 -38.73
N GLY L 231 -12.89 92.95 -38.12
CA GLY L 231 -13.25 91.79 -38.90
C GLY L 231 -14.50 92.00 -39.73
N LYS L 232 -15.52 92.61 -39.14
CA LYS L 232 -16.78 92.81 -39.86
C LYS L 232 -16.66 93.91 -40.91
N SER L 233 -15.99 95.02 -40.57
CA SER L 233 -15.81 96.12 -41.50
C SER L 233 -14.66 95.89 -42.47
N ALA L 234 -13.93 94.79 -42.33
CA ALA L 234 -12.82 94.44 -43.23
C ALA L 234 -11.76 95.54 -43.23
N GLN L 235 -11.13 95.72 -42.08
CA GLN L 235 -10.09 96.72 -41.91
C GLN L 235 -8.72 96.03 -41.85
N ILE L 236 -7.69 96.83 -41.56
CA ILE L 236 -6.30 96.38 -41.75
C ILE L 236 -5.99 95.18 -40.87
N GLY L 237 -6.63 95.07 -39.71
CA GLY L 237 -6.32 93.98 -38.80
C GLY L 237 -6.60 92.62 -39.40
N LEU L 238 -7.82 92.43 -39.92
CA LEU L 238 -8.21 91.13 -40.48
C LEU L 238 -9.23 91.40 -41.59
N HIS L 239 -8.76 91.44 -42.84
CA HIS L 239 -9.67 91.57 -43.98
C HIS L 239 -9.23 90.71 -45.16
N THR L 240 -8.62 89.55 -44.87
CA THR L 240 -8.18 88.63 -45.91
C THR L 240 -9.27 87.67 -46.35
N TRP L 241 -10.48 87.76 -45.79
CA TRP L 241 -11.52 86.81 -46.09
C TRP L 241 -12.42 87.23 -47.24
N LEU L 242 -12.44 88.53 -47.60
CA LEU L 242 -13.28 88.96 -48.71
C LEU L 242 -12.85 88.36 -50.05
N PRO L 243 -11.61 88.55 -50.53
CA PRO L 243 -11.26 87.99 -51.84
C PRO L 243 -11.35 86.47 -51.89
N ASP L 244 -11.04 85.79 -50.79
CA ASP L 244 -11.12 84.33 -50.75
C ASP L 244 -12.53 83.82 -50.52
N ALA L 245 -13.45 84.69 -50.12
CA ALA L 245 -14.84 84.31 -49.89
C ALA L 245 -15.72 84.48 -51.11
N MET L 246 -15.13 84.82 -52.26
CA MET L 246 -15.88 84.92 -53.50
C MET L 246 -16.16 83.56 -54.13
N GLU L 247 -15.66 82.48 -53.52
CA GLU L 247 -15.95 81.14 -54.02
C GLU L 247 -17.41 80.76 -53.88
N GLY L 248 -18.18 81.50 -53.08
CA GLY L 248 -19.59 81.25 -52.94
C GLY L 248 -20.37 81.76 -54.13
N PRO L 249 -21.69 81.66 -54.04
CA PRO L 249 -22.54 82.10 -55.15
C PRO L 249 -22.43 83.59 -55.37
N THR L 250 -22.61 84.00 -56.62
CA THR L 250 -22.53 85.42 -56.95
C THR L 250 -23.56 86.27 -56.24
N PRO L 251 -24.85 85.90 -56.18
CA PRO L 251 -25.83 86.82 -55.56
C PRO L 251 -25.51 87.18 -54.12
N VAL L 252 -24.99 86.25 -53.32
CA VAL L 252 -24.63 86.59 -51.95
C VAL L 252 -23.42 87.50 -51.94
N SER L 253 -22.44 87.24 -52.81
CA SER L 253 -21.36 88.19 -53.00
C SER L 253 -21.89 89.51 -53.54
N ALA L 254 -22.96 89.43 -54.36
CA ALA L 254 -23.62 90.64 -54.83
C ALA L 254 -24.43 91.31 -53.73
N LEU L 255 -25.23 90.52 -53.00
CA LEU L 255 -26.15 91.11 -52.02
C LEU L 255 -25.40 91.70 -50.84
N ILE L 256 -24.51 90.91 -50.24
CA ILE L 256 -24.10 91.13 -48.86
C ILE L 256 -22.61 91.43 -48.74
N HIS L 257 -21.78 90.78 -49.53
CA HIS L 257 -20.35 91.12 -49.48
C HIS L 257 -20.04 92.49 -50.06
N ALA L 258 -21.08 93.27 -50.37
CA ALA L 258 -20.88 94.58 -50.96
C ALA L 258 -21.77 95.68 -50.38
N ALA L 259 -22.82 95.36 -49.64
CA ALA L 259 -23.80 96.39 -49.27
C ALA L 259 -23.81 96.71 -47.79
N THR L 260 -24.12 95.74 -46.92
CA THR L 260 -24.45 96.09 -45.54
C THR L 260 -23.58 95.41 -44.50
N MET L 261 -23.26 94.12 -44.62
CA MET L 261 -22.49 93.50 -43.54
C MET L 261 -21.07 94.01 -43.54
N VAL L 262 -20.51 94.27 -44.73
CA VAL L 262 -19.21 94.91 -44.81
C VAL L 262 -19.25 96.28 -44.17
N THR L 263 -20.41 96.94 -44.22
CA THR L 263 -20.65 98.19 -43.53
C THR L 263 -21.42 98.00 -42.24
N ALA L 264 -21.57 96.76 -41.77
CA ALA L 264 -22.25 96.54 -40.49
C ALA L 264 -21.48 97.17 -39.35
N GLY L 265 -20.15 97.03 -39.34
CA GLY L 265 -19.34 97.73 -38.37
C GLY L 265 -19.40 99.24 -38.51
N VAL L 266 -19.51 99.72 -39.75
CA VAL L 266 -19.68 101.15 -39.99
C VAL L 266 -20.97 101.64 -39.35
N PHE L 267 -22.06 100.90 -39.56
CA PHE L 267 -23.34 101.26 -38.95
C PHE L 267 -23.28 101.16 -37.44
N MET L 268 -22.54 100.18 -36.92
CA MET L 268 -22.39 100.02 -35.48
C MET L 268 -21.67 101.20 -34.86
N ILE L 269 -20.56 101.62 -35.46
CA ILE L 269 -19.81 102.75 -34.92
C ILE L 269 -20.56 104.06 -35.12
N ALA L 270 -21.36 104.17 -36.19
CA ALA L 270 -22.20 105.35 -36.36
C ALA L 270 -23.32 105.38 -35.33
N ARG L 271 -23.87 104.21 -34.99
CA ARG L 271 -24.95 104.15 -34.00
C ARG L 271 -24.47 104.63 -32.64
N CYS L 272 -23.27 104.20 -32.23
CA CYS L 272 -22.66 104.69 -31.00
C CYS L 272 -21.79 105.91 -31.27
N SER L 273 -22.36 106.89 -31.96
CA SER L 273 -21.65 108.13 -32.23
C SER L 273 -21.26 108.87 -30.94
N PRO L 274 -22.15 109.06 -29.95
CA PRO L 274 -21.71 109.75 -28.73
C PRO L 274 -21.01 108.83 -27.75
N LEU L 275 -20.18 107.94 -28.25
CA LEU L 275 -19.20 107.22 -27.45
C LEU L 275 -17.81 107.29 -28.04
N PHE L 276 -17.68 107.24 -29.37
CA PHE L 276 -16.40 107.48 -30.02
C PHE L 276 -16.04 108.96 -30.00
N GLU L 277 -17.03 109.84 -29.83
CA GLU L 277 -16.78 111.27 -29.90
C GLU L 277 -15.96 111.78 -28.73
N TYR L 278 -16.13 111.18 -27.55
CA TYR L 278 -15.45 111.64 -26.35
C TYR L 278 -14.03 111.07 -26.22
N SER L 279 -13.60 110.25 -27.17
CA SER L 279 -12.24 109.68 -27.17
C SER L 279 -11.54 110.14 -28.44
N PRO L 280 -10.88 111.29 -28.41
CA PRO L 280 -10.11 111.73 -29.60
C PRO L 280 -9.00 110.77 -29.98
N THR L 281 -8.50 109.99 -29.02
CA THR L 281 -7.46 109.01 -29.35
C THR L 281 -7.97 107.96 -30.32
N ALA L 282 -9.21 107.51 -30.12
CA ALA L 282 -9.77 106.47 -30.99
C ALA L 282 -9.89 106.96 -32.44
N LEU L 283 -10.44 108.15 -32.64
CA LEU L 283 -10.66 108.65 -34.00
C LEU L 283 -9.37 108.68 -34.80
N ILE L 284 -8.23 108.87 -34.12
CA ILE L 284 -6.93 108.82 -34.80
C ILE L 284 -6.72 107.46 -35.46
N VAL L 285 -6.94 106.38 -34.69
CA VAL L 285 -6.70 105.05 -35.25
C VAL L 285 -7.80 104.70 -36.25
N ILE L 286 -9.02 105.22 -36.07
CA ILE L 286 -10.06 105.01 -37.07
C ILE L 286 -9.63 105.57 -38.42
N THR L 287 -9.18 106.83 -38.43
CA THR L 287 -8.74 107.45 -39.68
C THR L 287 -7.51 106.75 -40.24
N PHE L 288 -6.57 106.37 -39.36
CA PHE L 288 -5.36 105.69 -39.81
C PHE L 288 -5.70 104.39 -40.52
N ALA L 289 -6.54 103.56 -39.90
CA ALA L 289 -6.91 102.28 -40.51
C ALA L 289 -7.73 102.48 -41.77
N GLY L 290 -8.62 103.49 -41.79
CA GLY L 290 -9.39 103.74 -42.99
C GLY L 290 -8.50 104.09 -44.17
N ALA L 291 -7.54 104.99 -43.96
CA ALA L 291 -6.60 105.31 -45.04
C ALA L 291 -5.76 104.10 -45.42
N MET L 292 -5.30 103.34 -44.41
CA MET L 292 -4.49 102.16 -44.66
C MET L 292 -5.21 101.17 -45.57
N THR L 293 -6.48 100.89 -45.28
CA THR L 293 -7.22 99.92 -46.07
C THR L 293 -7.60 100.49 -47.44
N SER L 294 -7.99 101.77 -47.49
CA SER L 294 -8.33 102.38 -48.77
C SER L 294 -7.13 102.39 -49.71
N PHE L 295 -5.92 102.42 -49.16
CA PHE L 295 -4.73 102.30 -50.01
C PHE L 295 -4.38 100.86 -50.34
N LEU L 296 -4.47 99.95 -49.34
CA LEU L 296 -4.11 98.56 -49.57
C LEU L 296 -4.99 97.94 -50.65
N ALA L 297 -6.31 98.08 -50.51
CA ALA L 297 -7.21 97.45 -51.47
C ALA L 297 -7.03 98.02 -52.88
N ALA L 298 -6.89 99.35 -52.97
CA ALA L 298 -6.70 99.97 -54.28
C ALA L 298 -5.41 99.51 -54.93
N THR L 299 -4.32 99.41 -54.16
CA THR L 299 -3.06 98.95 -54.73
C THR L 299 -3.11 97.48 -55.13
N THR L 300 -3.75 96.64 -54.31
CA THR L 300 -3.76 95.20 -54.60
C THR L 300 -4.71 94.86 -55.74
N GLY L 301 -5.73 95.69 -55.96
CA GLY L 301 -6.73 95.37 -56.95
C GLY L 301 -6.43 95.77 -58.38
N ILE L 302 -5.24 96.30 -58.66
CA ILE L 302 -4.95 96.79 -60.01
C ILE L 302 -4.43 95.69 -60.94
N LEU L 303 -3.83 94.63 -60.40
CA LEU L 303 -3.27 93.56 -61.23
C LEU L 303 -4.10 92.29 -61.21
N GLN L 304 -5.28 92.30 -60.60
CA GLN L 304 -6.11 91.12 -60.57
C GLN L 304 -6.77 90.89 -61.93
N ASN L 305 -6.93 89.62 -62.30
CA ASN L 305 -7.51 89.25 -63.58
C ASN L 305 -8.71 88.32 -63.41
N ASP L 306 -9.40 88.41 -62.28
CA ASP L 306 -10.58 87.62 -62.00
C ASP L 306 -11.80 88.53 -61.88
N LEU L 307 -12.91 88.11 -62.50
CA LEU L 307 -14.10 88.96 -62.57
C LEU L 307 -14.68 89.22 -61.18
N LYS L 308 -14.94 88.16 -60.42
CA LYS L 308 -15.57 88.32 -59.12
C LYS L 308 -14.58 88.65 -58.00
N ARG L 309 -13.28 88.51 -58.23
CA ARG L 309 -12.29 88.83 -57.21
C ARG L 309 -11.83 90.27 -57.28
N VAL L 310 -11.72 90.85 -58.48
CA VAL L 310 -11.19 92.20 -58.61
C VAL L 310 -12.13 93.22 -57.98
N ILE L 311 -13.44 92.93 -57.94
CA ILE L 311 -14.39 93.91 -57.43
C ILE L 311 -14.47 93.84 -55.91
N ALA L 312 -14.09 92.71 -55.31
CA ALA L 312 -14.03 92.62 -53.86
C ALA L 312 -13.02 93.60 -53.27
N TYR L 313 -11.89 93.77 -53.95
CA TYR L 313 -10.92 94.77 -53.52
C TYR L 313 -11.49 96.18 -53.64
N SER L 314 -12.32 96.42 -54.67
CA SER L 314 -13.01 97.70 -54.77
C SER L 314 -13.93 97.92 -53.59
N THR L 315 -14.66 96.87 -53.19
CA THR L 315 -15.52 96.97 -52.01
C THR L 315 -14.72 97.25 -50.75
N CYS L 316 -13.54 96.63 -50.63
CA CYS L 316 -12.67 96.89 -49.49
C CYS L 316 -12.19 98.34 -49.49
N SER L 317 -11.88 98.88 -50.68
CA SER L 317 -11.51 100.29 -50.78
C SER L 317 -12.65 101.19 -50.32
N GLN L 318 -13.88 100.86 -50.74
CA GLN L 318 -15.03 101.63 -50.30
C GLN L 318 -15.19 101.56 -48.79
N LEU L 319 -14.98 100.38 -48.21
CA LEU L 319 -15.02 100.26 -46.75
C LEU L 319 -13.96 101.15 -46.11
N GLY L 320 -12.78 101.22 -46.72
CA GLY L 320 -11.75 102.11 -46.20
C GLY L 320 -12.19 103.57 -46.18
N TYR L 321 -12.77 104.04 -47.28
CA TYR L 321 -13.26 105.42 -47.28
C TYR L 321 -14.40 105.60 -46.27
N MET L 322 -15.25 104.59 -46.10
CA MET L 322 -16.33 104.71 -45.12
C MET L 322 -15.79 104.84 -43.71
N ILE L 323 -14.77 104.04 -43.38
CA ILE L 323 -14.16 104.11 -42.05
C ILE L 323 -13.49 105.48 -41.87
N PHE L 324 -12.82 105.98 -42.91
CA PHE L 324 -12.21 107.29 -42.83
C PHE L 324 -13.26 108.37 -42.57
N ALA L 325 -14.37 108.32 -43.32
CA ALA L 325 -15.45 109.27 -43.11
C ALA L 325 -16.10 109.12 -41.73
N CYS L 326 -16.03 107.93 -41.14
CA CYS L 326 -16.48 107.77 -39.76
C CYS L 326 -15.52 108.44 -38.78
N GLY L 327 -14.21 108.28 -39.01
CA GLY L 327 -13.23 108.85 -38.10
C GLY L 327 -13.13 110.35 -38.09
N ILE L 328 -13.84 111.04 -38.98
CA ILE L 328 -13.80 112.49 -39.07
C ILE L 328 -14.98 113.13 -38.33
N SER L 329 -15.70 112.34 -37.51
CA SER L 329 -16.86 112.82 -36.77
C SER L 329 -17.94 113.37 -37.71
N ASN L 330 -17.98 112.86 -38.93
CA ASN L 330 -18.95 113.26 -39.95
C ASN L 330 -19.66 112.02 -40.48
N TYR L 331 -20.16 111.21 -39.55
CA TYR L 331 -20.79 109.94 -39.92
C TYR L 331 -21.95 110.13 -40.88
N SER L 332 -22.57 111.31 -40.89
CA SER L 332 -23.62 111.60 -41.87
C SER L 332 -23.09 111.47 -43.29
N VAL L 333 -21.87 111.97 -43.53
CA VAL L 333 -21.24 111.78 -44.83
C VAL L 333 -20.92 110.30 -45.04
N SER L 334 -20.53 109.60 -43.97
CA SER L 334 -20.23 108.17 -44.08
C SER L 334 -21.47 107.38 -44.44
N VAL L 335 -22.61 107.65 -43.80
CA VAL L 335 -23.83 106.92 -44.14
C VAL L 335 -24.34 107.36 -45.51
N PHE L 336 -24.08 108.60 -45.91
CA PHE L 336 -24.41 109.03 -47.26
C PHE L 336 -23.64 108.22 -48.30
N HIS L 337 -22.33 108.05 -48.07
CA HIS L 337 -21.55 107.15 -48.91
C HIS L 337 -22.08 105.73 -48.85
N LEU L 338 -22.54 105.29 -47.67
CA LEU L 338 -23.08 103.95 -47.53
C LEU L 338 -24.28 103.74 -48.44
N MET L 339 -25.25 104.66 -48.38
CA MET L 339 -26.45 104.51 -49.20
C MET L 339 -26.14 104.69 -50.69
N ASN L 340 -25.20 105.56 -51.04
CA ASN L 340 -24.81 105.68 -52.44
C ASN L 340 -24.16 104.40 -52.94
N HIS L 341 -23.31 103.79 -52.11
CA HIS L 341 -22.54 102.62 -52.53
C HIS L 341 -23.41 101.38 -52.63
N ALA L 342 -24.36 101.23 -51.69
CA ALA L 342 -25.20 100.04 -51.69
C ALA L 342 -25.99 99.88 -52.97
N PHE L 343 -26.20 100.96 -53.72
CA PHE L 343 -26.88 100.86 -55.01
C PHE L 343 -25.92 100.41 -56.10
N PHE L 344 -24.87 101.19 -56.37
CA PHE L 344 -24.07 100.92 -57.55
C PHE L 344 -23.14 99.74 -57.39
N LYS L 345 -22.62 99.46 -56.19
CA LYS L 345 -21.75 98.30 -56.06
C LYS L 345 -22.55 97.00 -56.23
N ALA L 346 -23.75 96.95 -55.62
CA ALA L 346 -24.63 95.82 -55.84
C ALA L 346 -25.03 95.73 -57.31
N LEU L 347 -25.22 96.87 -57.97
CA LEU L 347 -25.51 96.87 -59.41
C LEU L 347 -24.36 96.26 -60.20
N LEU L 348 -23.12 96.60 -59.84
CA LEU L 348 -21.96 96.07 -60.54
C LEU L 348 -21.86 94.56 -60.38
N PHE L 349 -22.00 94.06 -59.14
CA PHE L 349 -22.02 92.61 -58.95
C PHE L 349 -23.18 91.93 -59.67
N LEU L 350 -24.37 92.52 -59.65
CA LEU L 350 -25.50 91.87 -60.32
C LEU L 350 -25.29 91.83 -61.83
N SER L 351 -24.76 92.91 -62.41
CA SER L 351 -24.45 92.88 -63.84
C SER L 351 -23.36 91.86 -64.16
N ALA L 352 -22.33 91.77 -63.30
CA ALA L 352 -21.28 90.78 -63.52
C ALA L 352 -21.84 89.37 -63.41
N GLY L 353 -22.74 89.14 -62.46
CA GLY L 353 -23.36 87.82 -62.35
C GLY L 353 -24.24 87.49 -63.53
N SER L 354 -24.96 88.49 -64.05
CA SER L 354 -25.74 88.27 -65.27
C SER L 354 -24.84 87.90 -66.44
N VAL L 355 -23.70 88.57 -66.57
CA VAL L 355 -22.76 88.25 -67.63
C VAL L 355 -22.19 86.85 -67.44
N ILE L 356 -21.79 86.52 -66.21
CA ILE L 356 -21.13 85.25 -65.94
C ILE L 356 -22.11 84.09 -66.10
N HIS L 357 -23.40 84.33 -65.83
CA HIS L 357 -24.40 83.28 -66.03
C HIS L 357 -24.55 82.93 -67.50
N ALA L 358 -24.51 83.93 -68.37
CA ALA L 358 -24.68 83.71 -69.80
C ALA L 358 -23.45 83.14 -70.47
N MET L 359 -22.25 83.43 -69.95
CA MET L 359 -21.02 82.95 -70.55
C MET L 359 -20.50 81.66 -69.90
N SER L 360 -21.38 80.94 -69.18
CA SER L 360 -21.04 79.65 -68.59
C SER L 360 -19.87 79.76 -67.61
N ASP L 361 -19.88 80.82 -66.80
CA ASP L 361 -19.04 80.94 -65.62
C ASP L 361 -17.55 80.84 -65.98
N GLU L 362 -17.09 81.87 -66.67
CA GLU L 362 -15.73 81.98 -67.19
C GLU L 362 -15.04 83.23 -66.66
N GLN L 363 -15.06 83.39 -65.33
CA GLN L 363 -14.63 84.64 -64.68
C GLN L 363 -13.11 84.80 -64.78
N ASP L 364 -12.67 85.12 -66.00
CA ASP L 364 -11.25 85.37 -66.28
C ASP L 364 -11.19 86.41 -67.38
N MET L 365 -10.80 87.64 -67.03
CA MET L 365 -10.79 88.73 -68.01
C MET L 365 -9.79 88.48 -69.13
N ARG L 366 -8.89 87.50 -68.97
CA ARG L 366 -8.04 87.07 -70.07
C ARG L 366 -8.85 86.48 -71.22
N LYS L 367 -10.09 86.08 -70.97
CA LYS L 367 -10.91 85.39 -71.98
C LYS L 367 -11.90 86.31 -72.68
N MET L 368 -12.79 86.96 -71.92
CA MET L 368 -13.83 87.76 -72.55
C MET L 368 -13.25 88.90 -73.37
N GLY L 369 -13.76 89.07 -74.58
CA GLY L 369 -13.36 90.16 -75.44
C GLY L 369 -14.54 91.00 -75.87
N GLY L 370 -14.52 91.48 -77.11
CA GLY L 370 -15.52 92.43 -77.55
C GLY L 370 -16.81 91.82 -78.04
N LEU L 371 -17.80 91.71 -77.14
CA LEU L 371 -19.17 91.35 -77.48
C LEU L 371 -20.13 92.23 -76.69
N ALA L 372 -19.80 93.53 -76.61
CA ALA L 372 -20.64 94.46 -75.85
C ALA L 372 -22.03 94.59 -76.46
N SER L 373 -22.11 94.65 -77.80
CA SER L 373 -23.42 94.75 -78.45
C SER L 373 -24.25 93.49 -78.25
N SER L 374 -23.61 92.37 -77.90
CA SER L 374 -24.36 91.18 -77.54
C SER L 374 -25.12 91.39 -76.23
N PHE L 375 -24.51 92.11 -75.28
CA PHE L 375 -25.08 92.31 -73.95
C PHE L 375 -25.17 93.83 -73.68
N PRO L 376 -26.07 94.52 -74.37
CA PRO L 376 -26.12 95.98 -74.19
C PRO L 376 -26.74 96.42 -72.88
N LEU L 377 -27.80 95.74 -72.43
CA LEU L 377 -28.47 96.13 -71.20
C LEU L 377 -27.53 96.00 -70.00
N THR L 378 -26.88 94.85 -69.87
CA THR L 378 -25.93 94.66 -68.78
C THR L 378 -24.75 95.61 -68.91
N TYR L 379 -24.34 95.93 -70.13
CA TYR L 379 -23.28 96.91 -70.32
C TYR L 379 -23.69 98.27 -69.76
N ALA L 380 -24.91 98.71 -70.06
CA ALA L 380 -25.38 99.98 -69.50
C ALA L 380 -25.47 99.90 -67.99
N MET L 381 -25.93 98.77 -67.46
CA MET L 381 -26.07 98.63 -66.01
C MET L 381 -24.71 98.78 -65.32
N MET L 382 -23.71 98.02 -65.77
CA MET L 382 -22.41 98.11 -65.13
C MET L 382 -21.68 99.40 -65.48
N LEU L 383 -22.01 100.03 -66.60
CA LEU L 383 -21.46 101.35 -66.88
C LEU L 383 -21.95 102.37 -65.86
N ILE L 384 -23.25 102.34 -65.55
CA ILE L 384 -23.77 103.21 -64.51
C ILE L 384 -23.11 102.90 -63.18
N GLY L 385 -23.00 101.61 -62.84
CA GLY L 385 -22.37 101.23 -61.59
C GLY L 385 -20.94 101.71 -61.48
N SER L 386 -20.15 101.52 -62.54
CA SER L 386 -18.75 101.90 -62.53
C SER L 386 -18.58 103.41 -62.53
N LEU L 387 -19.46 104.13 -63.25
CA LEU L 387 -19.37 105.59 -63.25
C LEU L 387 -19.71 106.16 -61.88
N SER L 388 -20.69 105.56 -61.18
CA SER L 388 -20.94 105.95 -59.80
C SER L 388 -19.78 105.57 -58.89
N LEU L 389 -19.11 104.45 -59.20
CA LEU L 389 -17.92 104.07 -58.44
C LEU L 389 -16.81 105.10 -58.59
N ILE L 390 -16.61 105.60 -59.81
CA ILE L 390 -15.61 106.64 -60.08
C ILE L 390 -15.92 107.90 -59.29
N GLY L 391 -17.19 108.16 -59.00
CA GLY L 391 -17.58 109.48 -58.56
C GLY L 391 -17.74 110.41 -59.74
N PHE L 392 -18.43 109.95 -60.79
CA PHE L 392 -18.61 110.76 -61.98
C PHE L 392 -19.32 112.06 -61.62
N PRO L 393 -18.87 113.20 -62.14
CA PRO L 393 -19.42 114.48 -61.69
C PRO L 393 -20.92 114.56 -61.93
N PHE L 394 -21.62 115.11 -60.94
CA PHE L 394 -23.08 115.27 -61.00
C PHE L 394 -23.79 113.93 -61.17
N LEU L 395 -23.27 112.90 -60.51
CA LEU L 395 -23.91 111.60 -60.36
C LEU L 395 -23.87 111.23 -58.88
N THR L 396 -24.53 110.11 -58.54
CA THR L 396 -24.64 109.70 -57.14
C THR L 396 -23.28 109.44 -56.51
N GLY L 397 -22.26 109.15 -57.30
CA GLY L 397 -20.93 108.92 -56.76
C GLY L 397 -20.19 110.18 -56.39
N PHE L 398 -20.41 111.26 -57.16
CA PHE L 398 -19.69 112.51 -56.91
C PHE L 398 -20.12 113.17 -55.61
N TYR L 399 -21.38 113.02 -55.22
CA TYR L 399 -21.90 113.72 -54.05
C TYR L 399 -21.28 113.26 -52.74
N SER L 400 -20.58 112.13 -52.74
CA SER L 400 -19.89 111.64 -51.54
C SER L 400 -18.40 111.45 -51.76
N LYS L 401 -18.00 110.92 -52.91
CA LYS L 401 -16.60 110.56 -53.14
C LYS L 401 -15.68 111.77 -53.23
N ASP L 402 -16.21 112.92 -53.64
CA ASP L 402 -15.42 114.16 -53.63
C ASP L 402 -15.54 114.89 -52.30
N VAL L 403 -16.72 114.87 -51.70
CA VAL L 403 -16.94 115.56 -50.44
C VAL L 403 -16.10 114.95 -49.33
N ILE L 404 -15.90 113.62 -49.37
CA ILE L 404 -15.11 112.98 -48.32
C ILE L 404 -13.66 113.48 -48.36
N LEU L 405 -13.07 113.56 -49.56
CA LEU L 405 -11.72 114.08 -49.67
C LEU L 405 -11.66 115.56 -49.30
N GLU L 406 -12.69 116.31 -49.71
CA GLU L 406 -12.74 117.74 -49.37
C GLU L 406 -12.76 117.94 -47.86
N LEU L 407 -13.54 117.14 -47.14
CA LEU L 407 -13.53 117.19 -45.68
C LEU L 407 -12.20 116.69 -45.12
N ALA L 408 -11.58 115.73 -45.79
CA ALA L 408 -10.29 115.21 -45.33
C ALA L 408 -9.23 116.30 -45.30
N TYR L 409 -9.16 117.12 -46.36
CA TYR L 409 -8.17 118.19 -46.38
C TYR L 409 -8.44 119.23 -45.31
N THR L 410 -9.71 119.57 -45.08
CA THR L 410 -10.06 120.71 -44.23
C THR L 410 -9.72 120.50 -42.77
N LYS L 411 -9.39 119.28 -42.33
CA LYS L 411 -8.96 119.03 -40.97
C LYS L 411 -7.43 118.97 -40.95
N TYR L 412 -6.82 119.64 -39.99
CA TYR L 412 -5.38 119.83 -39.94
C TYR L 412 -4.82 119.09 -38.73
N THR L 413 -4.40 117.84 -38.95
CA THR L 413 -3.62 117.10 -37.97
C THR L 413 -2.54 116.31 -38.69
N ILE L 414 -1.73 115.59 -37.92
CA ILE L 414 -0.65 114.79 -38.51
C ILE L 414 -1.23 113.68 -39.37
N SER L 415 -2.18 112.92 -38.82
CA SER L 415 -2.78 111.82 -39.59
C SER L 415 -3.74 112.33 -40.64
N GLY L 416 -4.23 113.57 -40.48
CA GLY L 416 -5.16 114.11 -41.46
C GLY L 416 -4.54 114.26 -42.84
N ASN L 417 -3.33 114.83 -42.89
CA ASN L 417 -2.64 114.96 -44.17
C ASN L 417 -2.28 113.61 -44.75
N PHE L 418 -1.85 112.68 -43.90
CA PHE L 418 -1.55 111.31 -44.33
C PHE L 418 -2.79 110.65 -44.95
N ALA L 419 -3.92 110.71 -44.25
CA ALA L 419 -5.14 110.08 -44.74
C ALA L 419 -5.64 110.76 -46.00
N PHE L 420 -5.54 112.09 -46.07
CA PHE L 420 -5.92 112.81 -47.28
C PHE L 420 -5.05 112.41 -48.46
N TRP L 421 -3.74 112.26 -48.23
CA TRP L 421 -2.84 111.81 -49.28
C TRP L 421 -3.24 110.44 -49.80
N LEU L 422 -3.49 109.50 -48.87
CA LEU L 422 -3.86 108.15 -49.30
C LEU L 422 -5.20 108.15 -50.03
N GLY L 423 -6.17 108.92 -49.56
CA GLY L 423 -7.45 108.97 -50.24
C GLY L 423 -7.36 109.56 -51.63
N SER L 424 -6.54 110.60 -51.78
CA SER L 424 -6.33 111.19 -53.10
C SER L 424 -5.62 110.22 -54.03
N VAL L 425 -4.62 109.49 -53.52
CA VAL L 425 -3.85 108.58 -54.37
C VAL L 425 -4.71 107.38 -54.78
N SER L 426 -5.52 106.85 -53.86
CA SER L 426 -6.31 105.65 -54.15
C SER L 426 -7.28 105.85 -55.30
N VAL L 427 -7.65 107.10 -55.60
CA VAL L 427 -8.55 107.38 -56.72
C VAL L 427 -7.95 106.85 -58.02
N LEU L 428 -6.65 107.07 -58.21
CA LEU L 428 -6.00 106.66 -59.45
C LEU L 428 -6.10 105.15 -59.64
N PHE L 429 -5.71 104.38 -58.62
CA PHE L 429 -5.75 102.92 -58.73
C PHE L 429 -7.18 102.40 -58.87
N THR L 430 -8.11 102.97 -58.11
CA THR L 430 -9.50 102.53 -58.17
C THR L 430 -10.08 102.74 -59.56
N SER L 431 -9.89 103.93 -60.11
CA SER L 431 -10.35 104.20 -61.47
C SER L 431 -9.64 103.30 -62.47
N TYR L 432 -8.34 103.08 -62.28
CA TYR L 432 -7.58 102.25 -63.20
C TYR L 432 -8.17 100.85 -63.30
N TYR L 433 -8.41 100.20 -62.17
CA TYR L 433 -8.92 98.83 -62.27
C TYR L 433 -10.41 98.80 -62.63
N SER L 434 -11.20 99.77 -62.18
CA SER L 434 -12.61 99.79 -62.55
C SER L 434 -12.80 100.07 -64.03
N PHE L 435 -11.83 100.72 -64.68
CA PHE L 435 -11.89 100.90 -66.13
C PHE L 435 -11.21 99.78 -66.88
N ARG L 436 -10.20 99.14 -66.30
CA ARG L 436 -9.62 97.94 -66.91
C ARG L 436 -10.64 96.82 -66.97
N LEU L 437 -11.55 96.75 -66.00
CA LEU L 437 -12.62 95.75 -66.07
C LEU L 437 -13.50 95.97 -67.30
N LEU L 438 -13.83 97.23 -67.61
CA LEU L 438 -14.62 97.53 -68.80
C LEU L 438 -13.80 97.49 -70.07
N PHE L 439 -12.48 97.58 -69.99
CA PHE L 439 -11.64 97.55 -71.18
C PHE L 439 -11.30 96.12 -71.61
N LEU L 440 -10.69 95.34 -70.72
CA LEU L 440 -10.32 93.98 -71.05
C LEU L 440 -11.54 93.10 -71.34
N THR L 441 -12.73 93.53 -70.91
CA THR L 441 -13.97 92.82 -71.19
C THR L 441 -14.90 93.74 -71.97
N PHE L 442 -15.38 93.26 -73.12
CA PHE L 442 -16.37 93.91 -73.97
C PHE L 442 -15.81 95.09 -74.76
N LEU L 443 -14.50 95.36 -74.69
CA LEU L 443 -13.95 96.49 -75.43
C LEU L 443 -12.62 96.17 -76.11
N VAL L 444 -12.25 94.89 -76.18
CA VAL L 444 -11.03 94.48 -76.88
C VAL L 444 -11.40 93.36 -77.84
N PRO L 445 -10.57 93.12 -78.85
CA PRO L 445 -10.85 92.00 -79.77
C PRO L 445 -11.02 90.70 -78.99
N THR L 446 -12.03 89.93 -79.38
CA THR L 446 -12.51 88.85 -78.54
C THR L 446 -11.49 87.72 -78.44
N ASN L 447 -11.39 87.14 -77.24
CA ASN L 447 -10.56 85.98 -76.99
C ASN L 447 -11.32 84.81 -76.38
N SER L 448 -12.61 84.99 -76.08
CA SER L 448 -13.41 83.93 -75.49
C SER L 448 -13.64 82.80 -76.49
N PHE L 449 -13.82 81.60 -75.97
CA PHE L 449 -13.97 80.42 -76.81
C PHE L 449 -15.33 80.45 -77.52
N GLY L 450 -15.39 79.73 -78.65
CA GLY L 450 -16.61 79.67 -79.41
C GLY L 450 -17.76 78.99 -78.68
N ARG L 451 -17.43 78.02 -77.82
CA ARG L 451 -18.47 77.31 -77.07
C ARG L 451 -19.23 78.23 -76.13
N ASP L 452 -18.61 79.30 -75.65
CA ASP L 452 -19.29 80.27 -74.79
C ASP L 452 -19.99 81.35 -75.60
N ILE L 453 -19.41 81.74 -76.74
CA ILE L 453 -20.04 82.75 -77.59
C ILE L 453 -21.38 82.25 -78.12
N SER L 454 -21.44 80.98 -78.53
CA SER L 454 -22.65 80.44 -79.14
C SER L 454 -23.81 80.40 -78.16
N ARG L 455 -23.53 80.39 -76.85
CA ARG L 455 -24.61 80.27 -75.88
C ARG L 455 -25.49 81.51 -75.87
N CYS L 456 -24.89 82.70 -75.79
CA CYS L 456 -25.59 83.98 -75.80
C CYS L 456 -26.60 83.96 -74.66
N HIS L 457 -27.91 83.91 -74.91
CA HIS L 457 -28.93 83.80 -73.88
C HIS L 457 -28.87 84.98 -72.92
N ASP L 458 -29.24 86.15 -73.46
CA ASP L 458 -29.34 87.37 -72.68
C ASP L 458 -30.13 87.13 -71.39
N ALA L 459 -29.83 87.94 -70.37
CA ALA L 459 -30.46 87.80 -69.06
C ALA L 459 -31.98 87.89 -69.16
N PRO L 460 -32.70 86.90 -68.64
CA PRO L 460 -34.18 86.93 -68.71
C PRO L 460 -34.80 88.01 -67.84
N ILE L 461 -36.12 87.99 -67.78
CA ILE L 461 -36.90 88.99 -67.03
C ILE L 461 -36.67 89.09 -65.52
N PRO L 462 -36.51 87.93 -64.85
CA PRO L 462 -36.35 87.88 -63.39
C PRO L 462 -35.11 88.59 -62.85
N MET L 463 -33.99 88.47 -63.53
CA MET L 463 -32.73 89.08 -63.10
C MET L 463 -32.39 90.34 -63.89
N ALA L 464 -33.37 90.94 -64.57
CA ALA L 464 -33.20 92.23 -65.24
C ALA L 464 -33.97 93.36 -64.57
N ILE L 465 -35.13 93.06 -63.99
CA ILE L 465 -35.88 94.09 -63.26
C ILE L 465 -35.10 94.63 -62.07
N PRO L 466 -34.50 93.79 -61.20
CA PRO L 466 -33.68 94.38 -60.12
C PRO L 466 -32.52 95.19 -60.65
N LEU L 467 -31.92 94.78 -61.77
CA LEU L 467 -30.86 95.56 -62.38
C LEU L 467 -31.37 96.93 -62.81
N ILE L 468 -32.56 96.97 -63.39
CA ILE L 468 -33.16 98.24 -63.80
C ILE L 468 -33.43 99.12 -62.59
N LEU L 469 -33.95 98.54 -61.52
CA LEU L 469 -34.22 99.31 -60.31
C LEU L 469 -32.94 99.87 -59.70
N LEU L 470 -31.87 99.08 -59.64
CA LEU L 470 -30.62 99.59 -59.11
C LEU L 470 -30.00 100.64 -60.04
N ALA L 471 -30.19 100.50 -61.35
CA ALA L 471 -29.71 101.53 -62.27
C ALA L 471 -30.43 102.85 -62.06
N LEU L 472 -31.76 102.81 -61.95
CA LEU L 472 -32.51 104.04 -61.72
C LEU L 472 -32.24 104.61 -60.34
N GLY L 473 -31.84 103.76 -59.38
CA GLY L 473 -31.41 104.23 -58.09
C GLY L 473 -30.09 104.98 -58.17
N SER L 474 -29.03 104.29 -58.60
CA SER L 474 -27.71 104.90 -58.62
C SER L 474 -27.57 105.81 -59.84
N LEU L 475 -28.59 106.65 -60.06
CA LEU L 475 -28.52 107.80 -60.93
C LEU L 475 -29.21 109.03 -60.34
N PHE L 476 -30.12 108.85 -59.39
CA PHE L 476 -30.85 109.94 -58.77
C PHE L 476 -30.89 109.88 -57.25
N VAL L 477 -30.54 108.75 -56.64
CA VAL L 477 -30.58 108.64 -55.18
C VAL L 477 -29.60 109.62 -54.54
N GLY L 478 -28.40 109.74 -55.11
CA GLY L 478 -27.43 110.67 -54.58
C GLY L 478 -27.92 112.11 -54.59
N TYR L 479 -28.53 112.53 -55.70
CA TYR L 479 -29.04 113.89 -55.79
C TYR L 479 -30.22 114.10 -54.84
N LEU L 480 -31.13 113.12 -54.77
CA LEU L 480 -32.30 113.27 -53.91
C LEU L 480 -31.96 113.14 -52.44
N ALA L 481 -30.78 112.62 -52.10
CA ALA L 481 -30.39 112.43 -50.72
C ALA L 481 -29.31 113.40 -50.26
N LYS L 482 -28.64 114.10 -51.18
CA LYS L 482 -27.57 115.02 -50.77
C LYS L 482 -28.12 116.15 -49.90
N ASP L 483 -29.25 116.72 -50.28
CA ASP L 483 -29.83 117.80 -49.49
C ASP L 483 -30.44 117.31 -48.19
N MET L 484 -31.06 116.12 -48.21
CA MET L 484 -31.90 115.68 -47.11
C MET L 484 -31.17 114.86 -46.06
N MET L 485 -29.92 114.48 -46.30
CA MET L 485 -29.11 113.90 -45.23
C MET L 485 -28.01 114.84 -44.75
N ILE L 486 -27.31 115.50 -45.67
CA ILE L 486 -26.27 116.47 -45.32
C ILE L 486 -26.65 117.79 -46.00
N GLY L 487 -27.44 118.60 -45.31
CA GLY L 487 -27.89 119.86 -45.85
C GLY L 487 -27.39 121.05 -45.07
N LEU L 488 -26.18 120.93 -44.51
CA LEU L 488 -25.56 121.98 -43.69
C LEU L 488 -26.48 122.41 -42.55
N GLY L 489 -26.92 121.42 -41.78
CA GLY L 489 -27.79 121.65 -40.65
C GLY L 489 -29.20 121.11 -40.79
N THR L 490 -29.38 120.00 -41.51
CA THR L 490 -30.71 119.43 -41.67
C THR L 490 -31.18 118.77 -40.38
N ASN L 491 -32.50 118.70 -40.23
CA ASN L 491 -33.12 118.07 -39.07
C ASN L 491 -33.42 116.59 -39.32
N PHE L 492 -32.38 115.84 -39.72
CA PHE L 492 -32.52 114.43 -40.04
C PHE L 492 -31.81 113.50 -39.06
N TRP L 493 -31.09 114.04 -38.10
CA TRP L 493 -30.31 113.25 -37.15
C TRP L 493 -30.49 113.78 -35.74
N ALA L 494 -31.74 113.97 -35.33
CA ALA L 494 -32.03 114.56 -34.02
C ALA L 494 -31.45 113.70 -32.89
N ASN L 495 -31.61 112.39 -32.98
CA ASN L 495 -31.04 111.48 -32.00
C ASN L 495 -30.16 110.40 -32.60
N SER L 496 -30.14 110.27 -33.93
CA SER L 496 -29.36 109.21 -34.56
C SER L 496 -27.86 109.47 -34.45
N LEU L 497 -27.45 110.74 -34.60
CA LEU L 497 -26.04 111.09 -34.56
C LEU L 497 -25.82 112.25 -33.59
N LEU L 498 -24.64 112.27 -32.97
CA LEU L 498 -24.21 113.37 -32.12
C LEU L 498 -23.00 114.02 -32.77
N VAL L 499 -23.17 115.25 -33.23
CA VAL L 499 -22.11 115.99 -33.91
C VAL L 499 -21.42 116.90 -32.90
N LEU L 500 -20.13 116.66 -32.67
CA LEU L 500 -19.40 117.46 -31.69
C LEU L 500 -19.22 118.89 -32.22
N PRO L 501 -19.47 119.91 -31.40
CA PRO L 501 -19.27 121.29 -31.87
C PRO L 501 -17.85 121.58 -32.32
N LYS L 502 -16.85 120.97 -31.68
CA LYS L 502 -15.46 121.25 -32.04
C LYS L 502 -15.06 120.52 -33.32
N ASN L 503 -15.33 119.22 -33.39
CA ASN L 503 -15.01 118.42 -34.58
C ASN L 503 -16.22 118.43 -35.51
N GLU L 504 -16.45 119.59 -36.11
CA GLU L 504 -17.64 119.87 -36.90
C GLU L 504 -17.26 120.57 -38.20
N ILE L 505 -16.34 119.98 -38.94
CA ILE L 505 -15.85 120.64 -40.15
C ILE L 505 -16.81 120.36 -41.30
N LEU L 506 -17.90 121.11 -41.35
CA LEU L 506 -18.86 121.05 -42.43
C LEU L 506 -19.08 122.42 -43.07
N ALA L 507 -19.35 123.45 -42.26
CA ALA L 507 -19.60 124.78 -42.80
C ALA L 507 -18.33 125.38 -43.38
N GLU L 508 -17.22 125.35 -42.63
CA GLU L 508 -15.98 125.95 -43.09
C GLU L 508 -15.40 125.21 -44.29
N SER L 509 -15.73 123.93 -44.46
CA SER L 509 -15.14 123.14 -45.53
C SER L 509 -15.57 123.65 -46.90
N GLU L 510 -16.88 123.81 -47.10
CA GLU L 510 -17.39 124.13 -48.44
C GLU L 510 -16.91 125.49 -48.92
N PHE L 511 -16.64 126.43 -48.01
CA PHE L 511 -16.31 127.79 -48.39
C PHE L 511 -14.81 128.09 -48.35
N ALA L 512 -14.07 127.52 -47.41
CA ALA L 512 -12.64 127.80 -47.29
C ALA L 512 -11.78 126.87 -48.12
N ALA L 513 -12.36 125.84 -48.74
CA ALA L 513 -11.57 124.94 -49.56
C ALA L 513 -11.24 125.61 -50.90
N PRO L 514 -10.03 125.40 -51.43
CA PRO L 514 -9.71 125.94 -52.75
C PRO L 514 -10.49 125.22 -53.84
N THR L 515 -10.70 125.93 -54.95
CA THR L 515 -11.43 125.35 -56.07
C THR L 515 -10.62 124.23 -56.72
N ILE L 516 -9.29 124.31 -56.63
CA ILE L 516 -8.44 123.34 -57.33
C ILE L 516 -8.62 121.93 -56.76
N ILE L 517 -8.77 121.82 -55.44
CA ILE L 517 -8.93 120.49 -54.84
C ILE L 517 -10.30 119.93 -55.14
N LYS L 518 -11.30 120.80 -55.34
CA LYS L 518 -12.65 120.33 -55.60
C LYS L 518 -12.77 119.69 -56.98
N LEU L 519 -11.73 119.81 -57.82
CA LEU L 519 -11.73 119.22 -59.15
C LEU L 519 -10.61 118.20 -59.37
N ILE L 520 -9.65 118.10 -58.46
CA ILE L 520 -8.51 117.21 -58.66
C ILE L 520 -8.89 115.73 -58.61
N PRO L 521 -9.92 115.29 -57.86
CA PRO L 521 -10.34 113.88 -58.03
C PRO L 521 -10.80 113.58 -59.43
N ILE L 522 -11.46 114.54 -60.09
CA ILE L 522 -11.89 114.33 -61.47
C ILE L 522 -10.68 114.18 -62.38
N LEU L 523 -9.65 115.01 -62.18
CA LEU L 523 -8.43 114.90 -62.99
C LEU L 523 -7.74 113.57 -62.74
N PHE L 524 -7.70 113.11 -61.49
CA PHE L 524 -7.10 111.82 -61.20
C PHE L 524 -7.87 110.68 -61.86
N SER L 525 -9.20 110.76 -61.83
CA SER L 525 -10.01 109.73 -62.49
C SER L 525 -9.79 109.73 -64.00
N THR L 526 -9.72 110.92 -64.61
CA THR L 526 -9.46 110.99 -66.05
C THR L 526 -8.07 110.46 -66.38
N LEU L 527 -7.07 110.77 -65.53
CA LEU L 527 -5.74 110.24 -65.74
C LEU L 527 -5.72 108.72 -65.64
N GLY L 528 -6.45 108.17 -64.67
CA GLY L 528 -6.55 106.72 -64.56
C GLY L 528 -7.22 106.09 -65.76
N ALA L 529 -8.28 106.74 -66.26
CA ALA L 529 -8.96 106.25 -67.46
C ALA L 529 -8.03 106.27 -68.66
N PHE L 530 -7.26 107.35 -68.83
CA PHE L 530 -6.34 107.44 -69.96
C PHE L 530 -5.23 106.41 -69.84
N VAL L 531 -4.72 106.18 -68.62
CA VAL L 531 -3.69 105.17 -68.41
C VAL L 531 -4.25 103.79 -68.74
N ALA L 532 -5.46 103.49 -68.29
CA ALA L 532 -6.08 102.20 -68.60
C ALA L 532 -6.26 102.04 -70.10
N TYR L 533 -6.71 103.09 -70.79
CA TYR L 533 -6.86 103.03 -72.24
C TYR L 533 -5.52 102.76 -72.91
N ASN L 534 -4.46 103.44 -72.46
CA ASN L 534 -3.14 103.26 -73.06
C ASN L 534 -2.63 101.84 -72.86
N VAL L 535 -2.77 101.30 -71.64
CA VAL L 535 -2.21 99.98 -71.35
C VAL L 535 -3.11 98.83 -71.81
N ASN L 536 -4.37 99.10 -72.15
CA ASN L 536 -5.27 98.04 -72.54
C ASN L 536 -5.73 98.09 -73.99
N LEU L 537 -5.49 99.18 -74.71
CA LEU L 537 -5.95 99.29 -76.08
C LEU L 537 -4.91 99.82 -77.08
N VAL L 538 -3.89 100.53 -76.63
CA VAL L 538 -2.90 101.06 -77.56
C VAL L 538 -1.50 100.56 -77.22
N ALA L 539 -1.01 100.90 -76.03
CA ALA L 539 0.34 100.53 -75.60
C ALA L 539 0.23 99.37 -74.62
N ASP L 540 0.10 98.15 -75.17
CA ASP L 540 0.00 96.95 -74.36
C ASP L 540 1.07 95.92 -74.69
N GLN L 541 2.02 96.27 -75.55
CA GLN L 541 3.12 95.36 -75.88
C GLN L 541 4.16 95.30 -74.78
N PHE L 542 4.36 96.39 -74.05
CA PHE L 542 5.35 96.42 -72.97
C PHE L 542 4.75 96.91 -71.67
N GLN L 543 3.73 97.78 -71.75
CA GLN L 543 3.08 98.26 -70.54
C GLN L 543 2.15 97.21 -69.93
N ARG L 544 1.71 96.24 -70.72
CA ARG L 544 0.83 95.17 -70.22
C ARG L 544 1.56 93.86 -70.03
N ALA L 545 2.50 93.51 -70.92
CA ALA L 545 3.28 92.29 -70.83
C ALA L 545 4.75 92.66 -70.90
N PHE L 546 5.41 92.68 -69.76
CA PHE L 546 6.83 93.01 -69.66
C PHE L 546 7.62 91.73 -69.40
N GLN L 547 8.59 91.43 -70.26
CA GLN L 547 9.43 90.25 -70.12
C GLN L 547 10.69 90.57 -69.31
N THR L 548 10.51 91.14 -68.14
CA THR L 548 11.63 91.52 -67.29
C THR L 548 12.11 90.32 -66.48
N SER L 549 13.39 90.34 -66.13
CA SER L 549 14.00 89.24 -65.39
C SER L 549 13.73 89.34 -63.89
N THR L 550 14.24 90.40 -63.26
CA THR L 550 14.13 90.55 -61.81
C THR L 550 13.84 92.01 -61.48
N PHE L 551 13.36 92.22 -60.26
CA PHE L 551 13.04 93.51 -59.64
C PHE L 551 11.81 94.15 -60.29
N CYS L 552 11.27 93.57 -61.36
CA CYS L 552 10.07 94.13 -61.98
C CYS L 552 8.95 93.10 -62.00
N ASN L 553 9.29 91.84 -62.26
CA ASN L 553 8.29 90.77 -62.19
C ASN L 553 7.91 90.46 -60.75
N ARG L 554 8.86 90.63 -59.82
CA ARG L 554 8.53 90.51 -58.41
C ARG L 554 7.53 91.58 -57.98
N LEU L 555 7.56 92.75 -58.62
CA LEU L 555 6.51 93.73 -58.38
C LEU L 555 5.17 93.23 -58.87
N TYR L 556 5.15 92.53 -60.02
CA TYR L 556 3.92 91.92 -60.51
C TYR L 556 3.39 90.90 -59.51
N SER L 557 4.28 90.10 -58.93
CA SER L 557 3.85 89.13 -57.92
C SER L 557 3.42 89.82 -56.63
N PHE L 558 3.97 91.00 -56.33
CA PHE L 558 3.69 91.66 -55.07
C PHE L 558 2.23 92.14 -55.01
N PHE L 559 1.77 92.84 -56.04
CA PHE L 559 0.40 93.32 -56.04
C PHE L 559 -0.60 92.20 -56.29
N ASN L 560 -0.20 91.19 -57.07
CA ASN L 560 -1.12 90.10 -57.41
C ASN L 560 -1.41 89.23 -56.21
N LYS L 561 -0.38 88.89 -55.42
CA LYS L 561 -0.53 88.05 -54.24
C LYS L 561 -0.94 88.85 -53.01
N ARG L 562 -1.35 90.11 -53.19
CA ARG L 562 -1.78 90.97 -52.10
C ARG L 562 -0.66 91.09 -51.05
N TRP L 563 0.48 91.61 -51.50
CA TRP L 563 1.64 91.86 -50.65
C TRP L 563 2.11 90.61 -49.93
N PHE L 564 1.73 89.44 -50.44
CA PHE L 564 2.04 88.14 -49.85
C PHE L 564 1.49 88.00 -48.43
N PHE L 565 0.55 88.88 -48.06
CA PHE L 565 0.04 88.88 -46.69
C PHE L 565 -0.87 87.69 -46.43
N ASP L 566 -1.53 87.18 -47.49
CA ASP L 566 -2.32 85.97 -47.35
C ASP L 566 -1.47 84.74 -47.05
N GLN L 567 -0.16 84.82 -47.29
CA GLN L 567 0.76 83.73 -46.98
C GLN L 567 1.52 83.97 -45.69
N VAL L 568 1.94 85.20 -45.42
CA VAL L 568 2.66 85.50 -44.19
C VAL L 568 1.78 85.25 -42.98
N LEU L 569 0.54 85.76 -43.02
CA LEU L 569 -0.37 85.58 -41.89
C LEU L 569 -0.65 84.11 -41.62
N ASN L 570 -0.90 83.33 -42.68
CA ASN L 570 -1.14 81.91 -42.51
C ASN L 570 0.04 81.23 -41.82
N ASP L 571 1.21 81.24 -42.48
CA ASP L 571 2.37 80.53 -41.97
C ASP L 571 2.80 81.03 -40.59
N PHE L 572 2.55 82.30 -40.27
CA PHE L 572 3.06 82.87 -39.04
C PHE L 572 2.09 82.77 -37.87
N LEU L 573 0.79 82.65 -38.12
CA LEU L 573 -0.16 82.47 -37.02
C LEU L 573 -0.91 81.16 -37.12
N VAL L 574 -1.58 80.90 -38.24
CA VAL L 574 -2.45 79.72 -38.31
C VAL L 574 -1.62 78.45 -38.34
N ARG L 575 -0.56 78.42 -39.17
CA ARG L 575 0.33 77.27 -39.21
C ARG L 575 1.02 77.05 -37.88
N SER L 576 1.49 78.14 -37.25
CA SER L 576 2.17 78.01 -35.97
C SER L 576 1.24 77.43 -34.91
N PHE L 577 0.02 77.95 -34.82
CA PHE L 577 -0.93 77.44 -33.83
C PHE L 577 -1.36 76.02 -34.15
N LEU L 578 -1.51 75.68 -35.43
CA LEU L 578 -1.85 74.31 -35.80
C LEU L 578 -0.76 73.34 -35.37
N ARG L 579 0.50 73.71 -35.58
CA ARG L 579 1.60 72.84 -35.18
C ARG L 579 1.69 72.73 -33.66
N PHE L 580 1.70 73.87 -32.96
CA PHE L 580 1.90 73.88 -31.52
C PHE L 580 0.65 73.53 -30.73
N GLY L 581 -0.49 73.33 -31.39
CA GLY L 581 -1.65 72.80 -30.69
C GLY L 581 -1.43 71.37 -30.24
N TYR L 582 -0.75 70.57 -31.05
CA TYR L 582 -0.40 69.22 -30.67
C TYR L 582 1.03 69.09 -30.18
N GLU L 583 2.00 69.72 -30.87
CA GLU L 583 3.41 69.44 -30.66
C GLU L 583 3.81 69.54 -29.19
N VAL L 584 3.34 70.56 -28.49
CA VAL L 584 3.69 70.71 -27.08
C VAL L 584 2.73 69.95 -26.18
N SER L 585 1.42 70.19 -26.33
CA SER L 585 0.46 69.66 -25.37
C SER L 585 0.34 68.14 -25.47
N PHE L 586 -0.03 67.63 -26.66
CA PHE L 586 -0.31 66.21 -26.77
C PHE L 586 0.92 65.35 -26.57
N GLU L 587 2.11 65.94 -26.71
CA GLU L 587 3.35 65.19 -26.52
C GLU L 587 3.84 65.27 -25.08
N ALA L 588 4.11 66.49 -24.59
CA ALA L 588 4.69 66.69 -23.27
C ALA L 588 3.67 67.16 -22.24
N LEU L 589 2.42 66.72 -22.36
CA LEU L 589 1.40 67.01 -21.37
C LEU L 589 0.25 66.03 -21.57
N ASP L 590 -0.78 66.17 -20.74
CA ASP L 590 -1.94 65.27 -20.74
C ASP L 590 -1.40 63.87 -20.52
N LYS L 591 -1.68 62.90 -21.39
CA LYS L 591 -1.00 61.62 -21.32
C LYS L 591 0.49 61.82 -21.57
N GLY L 592 1.32 61.38 -20.63
CA GLY L 592 2.73 61.70 -20.67
C GLY L 592 3.34 61.85 -19.29
N ALA L 593 3.94 63.01 -19.02
CA ALA L 593 4.58 63.23 -17.73
C ALA L 593 3.60 63.07 -16.57
N ILE L 594 2.33 63.41 -16.78
CA ILE L 594 1.34 63.30 -15.72
C ILE L 594 0.90 61.84 -15.63
N GLU L 595 1.35 61.03 -16.59
CA GLU L 595 1.04 59.61 -16.64
C GLU L 595 2.21 58.74 -16.26
N ILE L 596 3.44 59.11 -16.65
CA ILE L 596 4.60 58.28 -16.34
C ILE L 596 4.90 58.29 -14.84
N LEU L 597 4.74 59.45 -14.20
CA LEU L 597 4.84 59.54 -12.75
C LEU L 597 3.47 59.61 -12.08
N GLY L 598 2.41 59.32 -12.83
CA GLY L 598 1.07 59.38 -12.30
C GLY L 598 0.48 58.01 -12.04
N PRO L 599 -0.63 57.69 -12.70
CA PRO L 599 -1.34 56.43 -12.39
C PRO L 599 -0.49 55.18 -12.59
N TYR L 600 -0.07 54.91 -13.82
CA TYR L 600 0.49 53.61 -14.17
C TYR L 600 1.81 53.69 -14.93
N GLY L 601 2.44 54.86 -15.05
CA GLY L 601 3.69 54.94 -15.76
C GLY L 601 4.83 54.27 -15.01
N ILE L 602 5.23 54.87 -13.89
CA ILE L 602 6.26 54.28 -13.03
C ILE L 602 5.84 54.21 -11.57
N SER L 603 4.74 54.85 -11.17
CA SER L 603 4.25 54.74 -9.80
C SER L 603 3.64 53.37 -9.51
N TYR L 604 3.48 52.52 -10.53
CA TYR L 604 2.99 51.16 -10.33
C TYR L 604 4.14 50.30 -9.83
N THR L 605 4.78 50.74 -8.74
CA THR L 605 5.89 50.00 -8.16
C THR L 605 5.42 48.70 -7.48
N PHE L 606 4.13 48.62 -7.15
CA PHE L 606 3.62 47.47 -6.42
C PHE L 606 3.83 46.18 -7.19
N ARG L 607 3.74 46.23 -8.52
CA ARG L 607 4.01 45.03 -9.32
C ARG L 607 5.45 44.57 -9.15
N ARG L 608 6.39 45.51 -9.15
CA ARG L 608 7.77 45.21 -8.81
C ARG L 608 7.97 45.00 -7.31
N LEU L 609 7.06 45.50 -6.49
CA LEU L 609 7.11 45.34 -5.05
C LEU L 609 6.32 44.13 -4.56
N ALA L 610 5.66 43.39 -5.46
CA ALA L 610 4.84 42.26 -5.04
C ALA L 610 5.70 41.14 -4.48
N GLU L 611 6.74 40.73 -5.21
CA GLU L 611 7.57 39.59 -4.79
C GLU L 611 8.78 40.03 -3.99
N ARG L 612 8.53 40.79 -2.91
CA ARG L 612 9.57 41.08 -1.94
C ARG L 612 9.11 40.96 -0.50
N ILE L 613 7.82 40.85 -0.23
CA ILE L 613 7.30 40.78 1.13
C ILE L 613 6.88 39.37 1.53
N SER L 614 6.91 38.42 0.61
CA SER L 614 6.58 37.03 0.93
C SER L 614 7.80 36.23 1.38
N GLN L 615 8.94 36.89 1.54
CA GLN L 615 10.17 36.21 1.97
C GLN L 615 10.00 35.57 3.34
N TYR M 1 -49.92 67.20 -2.02
CA TYR M 1 -48.70 67.59 -1.32
C TYR M 1 -47.56 66.64 -1.67
N PHE M 2 -46.76 67.03 -2.66
CA PHE M 2 -45.63 66.22 -3.10
C PHE M 2 -44.35 66.74 -2.45
N ASN M 3 -43.71 65.90 -1.66
CA ASN M 3 -42.53 66.26 -0.90
C ASN M 3 -41.27 65.84 -1.64
N LEU M 4 -40.12 66.09 -1.01
CA LEU M 4 -38.84 65.73 -1.63
C LEU M 4 -38.57 64.24 -1.51
N SER M 5 -39.11 63.58 -0.47
CA SER M 5 -38.81 62.18 -0.23
C SER M 5 -39.40 61.27 -1.30
N GLY M 6 -40.61 61.59 -1.79
CA GLY M 6 -41.20 60.76 -2.83
C GLY M 6 -40.38 60.72 -4.09
N LEU M 7 -39.76 61.85 -4.45
CA LEU M 7 -38.89 61.90 -5.62
C LEU M 7 -37.72 60.94 -5.45
N ILE M 8 -37.15 60.89 -4.25
CA ILE M 8 -36.04 59.98 -3.98
C ILE M 8 -36.52 58.54 -4.02
N LEU M 9 -37.72 58.27 -3.49
CA LEU M 9 -38.21 56.91 -3.39
C LEU M 9 -38.65 56.33 -4.73
N CYS M 10 -39.08 57.17 -5.67
CA CYS M 10 -39.60 56.65 -6.94
C CYS M 10 -38.59 55.77 -7.69
N PRO M 11 -37.34 56.18 -7.90
CA PRO M 11 -36.38 55.24 -8.52
C PRO M 11 -36.14 54.00 -7.69
N VAL M 12 -36.19 54.12 -6.36
CA VAL M 12 -36.01 52.94 -5.51
C VAL M 12 -37.14 51.94 -5.74
N LEU M 13 -38.38 52.44 -5.79
CA LEU M 13 -39.51 51.56 -6.07
C LEU M 13 -39.40 50.94 -7.46
N GLY M 14 -38.99 51.74 -8.45
CA GLY M 14 -38.83 51.22 -9.79
C GLY M 14 -37.78 50.14 -9.87
N SER M 15 -36.69 50.28 -9.10
CA SER M 15 -35.64 49.26 -9.11
C SER M 15 -36.07 48.00 -8.38
N ILE M 16 -36.72 48.15 -7.21
CA ILE M 16 -37.14 46.98 -6.44
C ILE M 16 -38.19 46.19 -7.21
N ILE M 17 -39.15 46.88 -7.83
CA ILE M 17 -40.16 46.19 -8.64
C ILE M 17 -39.50 45.46 -9.80
N LEU M 18 -38.48 46.06 -10.40
CA LEU M 18 -37.86 45.47 -11.58
C LEU M 18 -37.10 44.19 -11.23
N LEU M 19 -36.59 44.07 -10.01
CA LEU M 19 -35.90 42.85 -9.61
C LEU M 19 -36.87 41.69 -9.39
N PHE M 20 -38.11 42.00 -9.02
CA PHE M 20 -39.10 40.94 -8.76
C PHE M 20 -39.38 40.14 -10.02
N ILE M 21 -39.56 40.82 -11.15
CA ILE M 21 -39.94 40.16 -12.40
C ILE M 21 -38.73 39.46 -13.01
N PRO M 22 -38.92 38.41 -13.79
CA PRO M 22 -37.79 37.70 -14.38
C PRO M 22 -37.25 38.44 -15.60
N ASN M 23 -36.26 37.83 -16.25
CA ASN M 23 -35.59 38.42 -17.40
C ASN M 23 -36.17 37.97 -18.73
N SER M 24 -36.99 36.91 -18.74
CA SER M 24 -37.57 36.43 -19.99
C SER M 24 -38.49 37.48 -20.62
N ARG M 25 -39.32 38.12 -19.79
CA ARG M 25 -40.25 39.14 -20.26
C ARG M 25 -39.51 40.49 -20.33
N ILE M 26 -38.71 40.62 -21.39
CA ILE M 26 -37.86 41.80 -21.56
C ILE M 26 -38.70 43.05 -21.78
N ARG M 27 -39.82 42.93 -22.48
CA ARG M 27 -40.66 44.10 -22.76
C ARG M 27 -41.17 44.72 -21.47
N LEU M 28 -41.55 43.89 -20.49
CA LEU M 28 -42.01 44.42 -19.21
C LEU M 28 -40.90 45.20 -18.51
N ILE M 29 -39.66 44.69 -18.58
CA ILE M 29 -38.56 45.35 -17.87
C ILE M 29 -38.32 46.74 -18.43
N ARG M 30 -38.19 46.85 -19.76
CA ARG M 30 -37.93 48.15 -20.37
C ARG M 30 -39.12 49.08 -20.16
N LEU M 31 -40.34 48.57 -20.29
CA LEU M 31 -41.52 49.42 -20.12
C LEU M 31 -41.58 49.97 -18.71
N ILE M 32 -41.36 49.13 -17.70
CA ILE M 32 -41.47 49.57 -16.32
C ILE M 32 -40.32 50.53 -15.97
N GLY M 33 -39.12 50.28 -16.50
CA GLY M 33 -38.02 51.20 -16.26
C GLY M 33 -38.28 52.58 -16.85
N LEU M 34 -38.74 52.61 -18.10
CA LEU M 34 -39.06 53.89 -18.72
C LEU M 34 -40.20 54.59 -17.99
N CYS M 35 -41.22 53.84 -17.57
CA CYS M 35 -42.33 54.45 -16.85
C CYS M 35 -41.88 55.05 -15.53
N ALA M 36 -41.03 54.33 -14.78
CA ALA M 36 -40.53 54.86 -13.52
C ALA M 36 -39.70 56.11 -13.74
N SER M 37 -38.83 56.10 -14.75
CA SER M 37 -38.02 57.27 -15.04
C SER M 37 -38.90 58.47 -15.40
N LEU M 38 -39.93 58.24 -16.21
CA LEU M 38 -40.77 59.34 -16.66
C LEU M 38 -41.62 59.89 -15.52
N ILE M 39 -42.13 59.03 -14.62
CA ILE M 39 -42.90 59.55 -13.51
C ILE M 39 -42.00 60.30 -12.54
N THR M 40 -40.75 59.85 -12.37
CA THR M 40 -39.80 60.63 -11.58
C THR M 40 -39.56 62.00 -12.20
N PHE M 41 -39.43 62.04 -13.53
CA PHE M 41 -39.25 63.31 -14.22
C PHE M 41 -40.44 64.24 -14.01
N LEU M 42 -41.66 63.72 -14.12
CA LEU M 42 -42.85 64.52 -13.88
C LEU M 42 -42.91 65.02 -12.45
N TYR M 43 -42.53 64.17 -11.49
CA TYR M 43 -42.51 64.58 -10.09
C TYR M 43 -41.52 65.71 -9.88
N SER M 44 -40.36 65.63 -10.55
CA SER M 44 -39.37 66.70 -10.45
C SER M 44 -39.90 68.01 -11.01
N LEU M 45 -40.62 67.95 -12.14
CA LEU M 45 -41.25 69.16 -12.67
C LEU M 45 -42.31 69.71 -11.72
N VAL M 46 -43.07 68.82 -11.08
CA VAL M 46 -44.08 69.29 -10.13
C VAL M 46 -43.42 70.02 -8.97
N LEU M 47 -42.30 69.49 -8.49
CA LEU M 47 -41.57 70.16 -7.41
C LEU M 47 -41.11 71.56 -7.82
N TRP M 48 -40.89 71.78 -9.13
CA TRP M 48 -40.48 73.09 -9.60
C TRP M 48 -41.57 74.13 -9.38
N ILE M 49 -42.83 73.77 -9.68
CA ILE M 49 -43.92 74.73 -9.62
C ILE M 49 -44.09 75.26 -8.20
N GLN M 50 -44.06 74.37 -7.21
CA GLN M 50 -44.24 74.76 -5.82
C GLN M 50 -42.92 75.07 -5.14
N PHE M 51 -42.16 75.99 -5.73
CA PHE M 51 -40.85 76.40 -5.22
C PHE M 51 -40.88 77.89 -4.94
N ASP M 52 -40.73 78.27 -3.68
CA ASP M 52 -40.73 79.68 -3.28
C ASP M 52 -39.36 80.28 -3.60
N SER M 53 -39.32 81.21 -4.54
CA SER M 53 -38.08 81.88 -4.92
C SER M 53 -37.84 83.16 -4.12
N SER M 54 -38.79 83.56 -3.27
CA SER M 54 -38.63 84.79 -2.51
C SER M 54 -37.76 84.58 -1.28
N THR M 55 -38.03 83.52 -0.52
CA THR M 55 -37.31 83.28 0.71
C THR M 55 -35.90 82.78 0.43
N ALA M 56 -35.01 82.99 1.41
CA ALA M 56 -33.64 82.53 1.31
C ALA M 56 -33.42 81.17 1.98
N LYS M 57 -34.30 80.79 2.91
CA LYS M 57 -34.15 79.52 3.58
C LYS M 57 -34.51 78.36 2.66
N PHE M 58 -34.06 77.16 3.04
CA PHE M 58 -34.22 75.99 2.20
C PHE M 58 -35.67 75.53 2.14
N GLN M 59 -36.01 74.87 1.04
CA GLN M 59 -37.33 74.30 0.80
C GLN M 59 -37.46 72.98 1.55
N PHE M 60 -38.42 72.15 1.16
CA PHE M 60 -38.79 70.92 1.86
C PHE M 60 -37.59 70.22 2.48
N VAL M 61 -37.65 70.01 3.79
CA VAL M 61 -36.61 69.32 4.52
C VAL M 61 -37.21 68.08 5.17
N GLU M 62 -36.57 66.94 4.92
CA GLU M 62 -36.94 65.68 5.55
C GLU M 62 -35.76 65.18 6.35
N SER M 63 -35.93 65.06 7.66
CA SER M 63 -34.86 64.70 8.57
C SER M 63 -35.07 63.27 9.05
N LEU M 64 -34.12 62.39 8.75
CA LEU M 64 -34.13 61.02 9.24
C LEU M 64 -32.88 60.83 10.08
N ARG M 65 -33.08 60.52 11.37
CA ARG M 65 -31.96 60.41 12.29
C ARG M 65 -30.99 59.32 11.86
N TRP M 66 -29.69 59.63 11.93
CA TRP M 66 -28.64 58.70 11.54
C TRP M 66 -27.83 58.23 12.74
N LEU M 67 -27.23 59.17 13.48
CA LEU M 67 -26.57 58.77 14.71
C LEU M 67 -27.56 58.77 15.87
N PRO M 68 -27.33 57.98 16.91
CA PRO M 68 -28.30 57.92 18.02
C PRO M 68 -28.51 59.26 18.71
N TYR M 69 -27.55 60.17 18.61
CA TYR M 69 -27.62 61.46 19.28
C TYR M 69 -28.24 62.54 18.42
N GLU M 70 -28.72 62.21 17.22
CA GLU M 70 -29.16 63.19 16.22
C GLU M 70 -28.06 64.20 15.93
N ASN M 71 -26.80 63.80 16.16
CA ASN M 71 -25.66 64.66 15.86
C ASN M 71 -25.60 64.96 14.37
N ILE M 72 -25.73 63.92 13.55
CA ILE M 72 -25.75 64.05 12.10
C ILE M 72 -26.88 63.17 11.58
N ASN M 73 -27.58 63.67 10.56
CA ASN M 73 -28.74 62.94 10.04
C ASN M 73 -28.98 63.37 8.61
N PHE M 74 -29.73 62.54 7.89
CA PHE M 74 -30.14 62.89 6.54
C PHE M 74 -31.00 64.13 6.57
N TYR M 75 -30.44 65.25 6.10
CA TYR M 75 -31.15 66.53 6.07
C TYR M 75 -31.33 66.90 4.60
N LEU M 76 -32.43 66.42 4.02
CA LEU M 76 -32.71 66.71 2.61
C LEU M 76 -33.23 68.13 2.48
N GLY M 77 -33.11 68.67 1.27
CA GLY M 77 -33.57 70.02 1.03
C GLY M 77 -33.01 70.65 -0.24
N ILE M 78 -33.84 71.43 -0.93
CA ILE M 78 -33.46 72.08 -2.17
C ILE M 78 -33.46 73.59 -1.96
N ASP M 79 -32.74 74.29 -2.83
CA ASP M 79 -32.72 75.74 -2.87
C ASP M 79 -32.70 76.15 -4.33
N GLY M 80 -32.39 77.43 -4.58
CA GLY M 80 -32.32 77.91 -5.95
C GLY M 80 -31.25 77.21 -6.76
N ILE M 81 -30.15 76.84 -6.12
CA ILE M 81 -29.04 76.18 -6.82
C ILE M 81 -29.33 74.71 -7.07
N SER M 82 -29.80 73.98 -6.05
CA SER M 82 -29.94 72.54 -6.16
C SER M 82 -31.16 72.10 -6.96
N LEU M 83 -32.13 72.99 -7.17
CA LEU M 83 -33.37 72.59 -7.82
C LEU M 83 -33.13 72.21 -9.28
N PHE M 84 -32.41 73.06 -10.02
CA PHE M 84 -32.22 72.83 -11.44
C PHE M 84 -31.34 71.61 -11.69
N PHE M 85 -30.39 71.32 -10.81
CA PHE M 85 -29.60 70.10 -10.95
C PHE M 85 -30.48 68.87 -10.77
N VAL M 86 -31.42 68.93 -9.82
CA VAL M 86 -32.36 67.84 -9.63
C VAL M 86 -33.22 67.65 -10.87
N ILE M 87 -33.70 68.75 -11.44
CA ILE M 87 -34.52 68.65 -12.66
C ILE M 87 -33.71 68.05 -13.79
N LEU M 88 -32.46 68.49 -13.96
CA LEU M 88 -31.63 67.99 -15.04
C LEU M 88 -31.31 66.50 -14.88
N THR M 89 -31.00 66.07 -13.65
CA THR M 89 -30.68 64.66 -13.44
C THR M 89 -31.92 63.78 -13.52
N THR M 90 -33.11 64.32 -13.25
CA THR M 90 -34.31 63.56 -13.51
C THR M 90 -34.64 63.52 -15.00
N PHE M 91 -34.26 64.55 -15.74
CA PHE M 91 -34.54 64.61 -17.17
C PHE M 91 -33.61 63.73 -17.99
N LEU M 92 -32.36 63.59 -17.57
CA LEU M 92 -31.39 62.86 -18.38
C LEU M 92 -31.60 61.35 -18.35
N ILE M 93 -32.09 60.82 -17.23
CA ILE M 93 -32.19 59.37 -17.07
C ILE M 93 -33.13 58.72 -18.08
N PRO M 94 -34.36 59.22 -18.32
CA PRO M 94 -35.20 58.59 -19.34
C PRO M 94 -34.55 58.61 -20.71
N ILE M 95 -33.81 59.66 -21.03
CA ILE M 95 -33.03 59.69 -22.26
C ILE M 95 -32.02 58.55 -22.27
N CYS M 96 -31.37 58.30 -21.13
CA CYS M 96 -30.40 57.22 -21.04
C CYS M 96 -31.06 55.88 -21.30
N ILE M 97 -32.25 55.66 -20.74
CA ILE M 97 -32.97 54.43 -21.00
C ILE M 97 -33.37 54.33 -22.47
N LEU M 98 -33.72 55.47 -23.07
CA LEU M 98 -34.28 55.47 -24.41
C LEU M 98 -33.21 55.26 -25.50
N VAL M 99 -31.98 55.70 -25.26
CA VAL M 99 -30.96 55.58 -26.31
C VAL M 99 -30.63 54.12 -26.58
N GLY M 100 -30.53 53.30 -25.54
CA GLY M 100 -30.16 51.91 -25.70
C GLY M 100 -31.37 50.99 -25.73
N TRP M 101 -32.52 51.56 -26.12
CA TRP M 101 -33.78 50.83 -26.12
C TRP M 101 -33.76 49.64 -27.08
N SER M 102 -33.04 49.76 -28.20
CA SER M 102 -32.99 48.66 -29.16
C SER M 102 -32.18 47.48 -28.62
N GLY M 103 -31.11 47.77 -27.89
CA GLY M 103 -30.22 46.73 -27.43
C GLY M 103 -30.53 46.18 -26.06
N MET M 104 -31.71 46.52 -25.53
CA MET M 104 -32.09 46.09 -24.18
C MET M 104 -32.04 44.58 -24.03
N ARG M 105 -32.38 43.84 -25.08
CA ARG M 105 -32.28 42.38 -25.02
C ARG M 105 -30.85 41.90 -24.88
N SER M 106 -29.87 42.71 -25.29
CA SER M 106 -28.47 42.34 -25.14
C SER M 106 -27.93 42.73 -23.77
N TYR M 107 -28.34 43.90 -23.26
CA TYR M 107 -27.88 44.35 -21.95
C TYR M 107 -28.52 43.52 -20.84
N GLY M 108 -29.84 43.60 -20.72
CA GLY M 108 -30.57 42.89 -19.69
C GLY M 108 -31.15 43.84 -18.65
N LYS M 109 -31.58 43.25 -17.53
CA LYS M 109 -32.18 44.03 -16.47
C LYS M 109 -31.14 44.70 -15.58
N GLU M 110 -29.88 44.29 -15.64
CA GLU M 110 -28.84 44.95 -14.86
C GLU M 110 -28.61 46.37 -15.35
N TYR M 111 -28.84 46.61 -16.63
CA TYR M 111 -28.60 47.93 -17.23
C TYR M 111 -29.56 48.96 -16.67
N ILE M 112 -30.86 48.67 -16.71
CA ILE M 112 -31.86 49.59 -16.19
C ILE M 112 -31.75 49.69 -14.68
N ILE M 113 -31.44 48.59 -14.00
CA ILE M 113 -31.24 48.63 -12.54
C ILE M 113 -30.11 49.58 -12.20
N ALA M 114 -28.99 49.47 -12.92
CA ALA M 114 -27.86 50.36 -12.68
C ALA M 114 -28.23 51.81 -12.94
N PHE M 115 -28.97 52.08 -14.03
CA PHE M 115 -29.30 53.46 -14.35
C PHE M 115 -30.27 54.06 -13.35
N LEU M 116 -31.24 53.28 -12.88
CA LEU M 116 -32.18 53.80 -11.88
C LEU M 116 -31.49 53.99 -10.53
N ILE M 117 -30.56 53.10 -10.19
CA ILE M 117 -29.75 53.31 -8.98
C ILE M 117 -28.96 54.61 -9.11
N CYS M 118 -28.39 54.85 -10.28
CA CYS M 118 -27.68 56.11 -10.52
C CYS M 118 -28.61 57.30 -10.35
N GLU M 119 -29.83 57.21 -10.89
CA GLU M 119 -30.77 58.33 -10.76
C GLU M 119 -31.09 58.61 -9.30
N PHE M 120 -31.43 57.56 -8.54
CA PHE M 120 -31.67 57.70 -7.10
C PHE M 120 -30.49 58.36 -6.40
N LEU M 121 -29.29 57.83 -6.62
CA LEU M 121 -28.12 58.31 -5.90
C LEU M 121 -27.78 59.73 -6.28
N MET M 122 -27.91 60.08 -7.56
CA MET M 122 -27.58 61.42 -8.02
C MET M 122 -28.59 62.44 -7.53
N ILE M 123 -29.87 62.06 -7.44
CA ILE M 123 -30.86 62.94 -6.83
C ILE M 123 -30.53 63.16 -5.36
N ALA M 124 -30.16 62.08 -4.65
CA ALA M 124 -29.85 62.22 -3.24
C ALA M 124 -28.66 63.14 -2.99
N VAL M 125 -27.74 63.21 -3.95
CA VAL M 125 -26.55 64.05 -3.76
C VAL M 125 -26.92 65.53 -3.76
N PHE M 126 -27.72 65.95 -4.74
CA PHE M 126 -27.92 67.37 -4.98
C PHE M 126 -28.82 68.02 -3.93
N CYS M 127 -29.78 67.30 -3.38
CA CYS M 127 -30.84 67.89 -2.58
C CYS M 127 -30.70 67.57 -1.09
N MET M 128 -29.47 67.52 -0.59
CA MET M 128 -29.27 67.19 0.82
C MET M 128 -28.33 68.21 1.46
N LEU M 129 -28.49 68.39 2.77
CA LEU M 129 -27.85 69.48 3.50
C LEU M 129 -26.95 69.00 4.63
N ASP M 130 -26.56 67.73 4.61
CA ASP M 130 -25.62 67.19 5.60
C ASP M 130 -24.28 67.03 4.92
N LEU M 131 -23.26 67.72 5.45
CA LEU M 131 -21.97 67.76 4.77
C LEU M 131 -21.31 66.39 4.71
N LEU M 132 -21.38 65.63 5.80
CA LEU M 132 -20.73 64.33 5.81
C LEU M 132 -21.45 63.33 4.91
N LEU M 133 -22.78 63.22 5.05
CA LEU M 133 -23.51 62.25 4.26
C LEU M 133 -23.52 62.63 2.79
N PHE M 134 -23.46 63.93 2.49
CA PHE M 134 -23.25 64.36 1.11
C PHE M 134 -21.93 63.81 0.57
N TYR M 135 -20.90 63.72 1.41
CA TYR M 135 -19.67 63.08 0.97
C TYR M 135 -19.90 61.60 0.71
N VAL M 136 -20.71 60.95 1.54
CA VAL M 136 -20.97 59.52 1.35
C VAL M 136 -21.62 59.27 0.00
N PHE M 137 -22.68 60.01 -0.31
CA PHE M 137 -23.32 59.87 -1.61
C PHE M 137 -22.50 60.47 -2.74
N PHE M 138 -21.54 61.35 -2.42
CA PHE M 138 -20.75 62.06 -3.42
C PHE M 138 -19.84 61.11 -4.20
N GLU M 139 -19.23 60.13 -3.51
CA GLU M 139 -18.45 59.10 -4.19
C GLU M 139 -19.13 57.75 -4.11
N SER M 140 -20.39 57.71 -3.66
CA SER M 140 -21.17 56.48 -3.75
C SER M 140 -21.45 56.09 -5.19
N VAL M 141 -21.38 57.05 -6.13
CA VAL M 141 -21.58 56.76 -7.55
C VAL M 141 -20.44 55.94 -8.14
N LEU M 142 -19.42 55.62 -7.35
CA LEU M 142 -18.31 54.83 -7.86
C LEU M 142 -18.77 53.47 -8.35
N ILE M 143 -19.51 52.74 -7.50
CA ILE M 143 -19.93 51.37 -7.80
C ILE M 143 -20.80 51.29 -9.06
N PRO M 144 -21.91 52.04 -9.16
CA PRO M 144 -22.79 51.84 -10.32
C PRO M 144 -22.15 52.25 -11.63
N MET M 145 -21.42 53.37 -11.64
CA MET M 145 -20.75 53.77 -12.88
C MET M 145 -19.58 52.85 -13.20
N PHE M 146 -18.90 52.31 -12.18
CA PHE M 146 -17.88 51.32 -12.44
C PHE M 146 -18.48 50.10 -13.14
N ILE M 147 -19.63 49.64 -12.65
CA ILE M 147 -20.30 48.52 -13.30
C ILE M 147 -20.69 48.88 -14.73
N ILE M 148 -21.27 50.08 -14.92
CA ILE M 148 -21.75 50.47 -16.23
C ILE M 148 -20.59 50.55 -17.23
N ILE M 149 -19.47 51.15 -16.82
CA ILE M 149 -18.34 51.29 -17.73
C ILE M 149 -17.72 49.93 -18.01
N GLY M 150 -17.47 49.13 -16.98
CA GLY M 150 -16.79 47.87 -17.15
C GLY M 150 -17.56 46.80 -17.89
N VAL M 151 -18.82 46.56 -17.50
CA VAL M 151 -19.56 45.44 -18.06
C VAL M 151 -19.87 45.68 -19.53
N TRP M 152 -20.29 46.90 -19.89
CA TRP M 152 -20.60 47.23 -21.27
C TRP M 152 -19.75 48.42 -21.66
N GLY M 153 -18.53 48.15 -22.16
CA GLY M 153 -17.62 49.23 -22.49
C GLY M 153 -16.88 49.04 -23.79
N SER M 154 -15.56 49.17 -23.75
CA SER M 154 -14.72 49.02 -24.93
C SER M 154 -14.52 47.54 -25.23
N ARG M 155 -13.59 47.23 -26.13
CA ARG M 155 -13.34 45.84 -26.50
C ARG M 155 -12.50 45.12 -25.43
N GLN M 156 -11.29 45.61 -25.20
CA GLN M 156 -10.38 45.00 -24.24
C GLN M 156 -9.72 45.99 -23.30
N ARG M 157 -9.77 47.29 -23.57
CA ARG M 157 -9.22 48.30 -22.69
C ARG M 157 -10.24 48.82 -21.69
N LYS M 158 -11.43 48.20 -21.63
CA LYS M 158 -12.44 48.59 -20.66
C LYS M 158 -11.93 48.44 -19.24
N ILE M 159 -11.03 47.49 -19.00
CA ILE M 159 -10.49 47.28 -17.65
C ILE M 159 -9.67 48.50 -17.21
N LYS M 160 -8.85 49.03 -18.11
CA LYS M 160 -7.98 50.16 -17.74
C LYS M 160 -8.78 51.43 -17.50
N ALA M 161 -9.83 51.68 -18.29
CA ALA M 161 -10.65 52.87 -18.06
C ALA M 161 -11.32 52.81 -16.69
N ALA M 162 -11.84 51.65 -16.32
CA ALA M 162 -12.46 51.51 -15.01
C ALA M 162 -11.45 51.78 -13.90
N TYR M 163 -10.22 51.28 -14.05
CA TYR M 163 -9.21 51.48 -13.02
C TYR M 163 -8.76 52.94 -12.93
N GLN M 164 -8.58 53.62 -14.06
CA GLN M 164 -8.19 55.03 -13.97
C GLN M 164 -9.30 55.86 -13.35
N PHE M 165 -10.56 55.60 -13.74
CA PHE M 165 -11.69 56.31 -13.17
C PHE M 165 -11.81 56.06 -11.68
N PHE M 166 -11.60 54.82 -11.26
CA PHE M 166 -11.74 54.46 -9.84
C PHE M 166 -10.55 54.95 -9.02
N LEU M 167 -9.37 55.03 -9.63
CA LEU M 167 -8.17 55.46 -8.93
C LEU M 167 -8.14 56.96 -8.72
N TYR M 168 -8.59 57.73 -9.71
CA TYR M 168 -8.56 59.18 -9.54
C TYR M 168 -9.50 59.67 -8.44
N THR M 169 -10.50 58.88 -8.05
CA THR M 169 -11.45 59.28 -7.02
C THR M 169 -11.21 58.57 -5.69
N LEU M 170 -9.96 58.25 -5.38
CA LEU M 170 -9.63 57.62 -4.10
C LEU M 170 -8.76 58.52 -3.23
N LEU M 171 -7.59 58.93 -3.72
CA LEU M 171 -6.67 59.69 -2.87
C LEU M 171 -7.26 61.06 -2.52
N GLY M 172 -7.78 61.78 -3.52
CA GLY M 172 -8.40 63.06 -3.26
C GLY M 172 -9.66 62.94 -2.44
N SER M 173 -10.45 61.89 -2.69
CA SER M 173 -11.69 61.69 -1.94
C SER M 173 -11.40 61.48 -0.46
N LEU M 174 -10.44 60.61 -0.14
CA LEU M 174 -10.15 60.37 1.27
C LEU M 174 -9.38 61.53 1.90
N PHE M 175 -8.60 62.27 1.11
CA PHE M 175 -7.95 63.46 1.64
C PHE M 175 -8.98 64.53 1.97
N MET M 176 -10.08 64.59 1.20
CA MET M 176 -11.24 65.37 1.60
C MET M 176 -11.87 64.82 2.87
N LEU M 177 -12.00 63.49 2.96
CA LEU M 177 -12.63 62.88 4.13
C LEU M 177 -11.90 63.25 5.41
N LEU M 178 -10.58 63.37 5.35
CA LEU M 178 -9.83 63.81 6.53
C LEU M 178 -10.31 65.18 6.99
N ALA M 179 -10.47 66.11 6.05
CA ALA M 179 -11.00 67.42 6.39
C ALA M 179 -12.43 67.32 6.93
N ILE M 180 -13.22 66.41 6.38
CA ILE M 180 -14.57 66.19 6.89
C ILE M 180 -14.52 65.84 8.37
N LEU M 181 -13.60 64.93 8.73
CA LEU M 181 -13.48 64.51 10.12
C LEU M 181 -12.98 65.64 11.01
N LEU M 182 -12.01 66.43 10.53
CA LEU M 182 -11.56 67.57 11.33
C LEU M 182 -12.68 68.57 11.55
N ILE M 183 -13.50 68.82 10.53
CA ILE M 183 -14.64 69.73 10.71
C ILE M 183 -15.62 69.15 11.72
N LEU M 184 -15.90 67.84 11.63
CA LEU M 184 -16.85 67.23 12.55
C LEU M 184 -16.35 67.31 14.00
N PHE M 185 -15.07 67.04 14.21
CA PHE M 185 -14.53 67.06 15.57
C PHE M 185 -14.41 68.48 16.10
N GLN M 186 -14.08 69.43 15.23
CA GLN M 186 -13.91 70.82 15.68
C GLN M 186 -15.23 71.44 16.07
N THR M 187 -16.18 71.50 15.14
CA THR M 187 -17.48 72.09 15.44
C THR M 187 -18.30 71.17 16.32
N GLY M 188 -18.64 69.98 15.81
CA GLY M 188 -19.44 69.03 16.54
C GLY M 188 -20.52 68.39 15.70
N THR M 189 -21.06 69.14 14.75
CA THR M 189 -22.07 68.65 13.81
C THR M 189 -21.61 68.90 12.39
N THR M 190 -22.24 68.19 11.46
CA THR M 190 -22.00 68.41 10.03
C THR M 190 -23.20 69.05 9.33
N ASP M 191 -24.17 69.54 10.09
CA ASP M 191 -25.30 70.25 9.50
C ASP M 191 -24.80 71.49 8.76
N LEU M 192 -25.27 71.69 7.53
CA LEU M 192 -24.75 72.77 6.71
C LEU M 192 -25.03 74.13 7.33
N GLN M 193 -26.26 74.34 7.83
CA GLN M 193 -26.60 75.63 8.40
C GLN M 193 -25.73 75.94 9.62
N ILE M 194 -25.48 74.93 10.46
CA ILE M 194 -24.62 75.14 11.62
C ILE M 194 -23.19 75.45 11.18
N LEU M 195 -22.69 74.72 10.19
CA LEU M 195 -21.31 74.92 9.75
C LEU M 195 -21.10 76.27 9.10
N LEU M 196 -22.14 76.83 8.46
CA LEU M 196 -22.00 78.16 7.87
C LEU M 196 -21.75 79.21 8.94
N THR M 197 -22.43 79.09 10.08
CA THR M 197 -22.31 80.06 11.17
C THR M 197 -21.30 79.58 12.21
N THR M 198 -20.05 79.45 11.78
CA THR M 198 -18.97 79.03 12.66
C THR M 198 -17.73 79.86 12.38
N GLU M 199 -17.00 80.22 13.44
CA GLU M 199 -15.74 80.95 13.30
C GLU M 199 -14.62 79.94 13.14
N PHE M 200 -14.13 79.77 11.91
CA PHE M 200 -12.99 78.91 11.67
C PHE M 200 -11.70 79.70 11.83
N SER M 201 -10.66 79.02 12.31
CA SER M 201 -9.37 79.66 12.47
C SER M 201 -8.83 80.12 11.12
N GLU M 202 -8.15 81.26 11.13
CA GLU M 202 -7.66 81.85 9.89
C GLU M 202 -6.70 80.91 9.18
N ARG M 203 -5.79 80.29 9.94
CA ARG M 203 -4.88 79.32 9.35
C ARG M 203 -5.57 77.99 9.03
N ARG M 204 -6.67 77.69 9.72
CA ARG M 204 -7.34 76.42 9.51
C ARG M 204 -8.07 76.36 8.18
N GLN M 205 -8.65 77.47 7.73
CA GLN M 205 -9.45 77.46 6.52
C GLN M 205 -8.60 77.11 5.29
N ILE M 206 -7.31 77.43 5.33
CA ILE M 206 -6.44 77.14 4.20
C ILE M 206 -6.36 75.62 3.98
N PHE M 207 -6.08 74.88 5.06
CA PHE M 207 -5.93 73.43 4.96
C PHE M 207 -7.24 72.78 4.54
N LEU M 208 -8.34 73.16 5.19
CA LEU M 208 -9.64 72.57 4.87
C LEU M 208 -10.05 72.88 3.44
N TRP M 209 -9.83 74.12 3.00
CA TRP M 209 -10.15 74.48 1.62
C TRP M 209 -9.31 73.71 0.62
N ILE M 210 -8.02 73.54 0.92
CA ILE M 210 -7.16 72.76 0.03
C ILE M 210 -7.65 71.33 -0.06
N ALA M 211 -8.02 70.75 1.09
CA ALA M 211 -8.52 69.37 1.09
C ALA M 211 -9.82 69.25 0.29
N PHE M 212 -10.72 70.22 0.43
CA PHE M 212 -11.95 70.20 -0.37
C PHE M 212 -11.64 70.32 -1.86
N PHE M 213 -10.75 71.24 -2.22
CA PHE M 213 -10.44 71.46 -3.62
C PHE M 213 -9.75 70.25 -4.24
N ALA M 214 -8.97 69.52 -3.44
CA ALA M 214 -8.26 68.35 -3.97
C ALA M 214 -9.24 67.29 -4.48
N SER M 215 -10.36 67.10 -3.79
CA SER M 215 -11.36 66.12 -4.22
C SER M 215 -12.34 66.68 -5.23
N PHE M 216 -12.37 67.99 -5.42
CA PHE M 216 -13.21 68.61 -6.45
C PHE M 216 -12.44 68.93 -7.72
N ALA M 217 -11.11 69.02 -7.64
CA ALA M 217 -10.29 69.21 -8.83
C ALA M 217 -10.17 67.96 -9.67
N VAL M 218 -10.64 66.82 -9.19
CA VAL M 218 -10.69 65.60 -9.98
C VAL M 218 -12.04 65.42 -10.67
N LYS M 219 -13.13 65.76 -9.99
CA LYS M 219 -14.44 65.72 -10.64
C LYS M 219 -14.56 66.81 -11.70
N VAL M 220 -14.21 68.04 -11.33
CA VAL M 220 -14.06 69.10 -12.33
C VAL M 220 -12.71 68.92 -13.03
N PRO M 221 -12.68 68.84 -14.35
CA PRO M 221 -11.43 68.50 -15.04
C PRO M 221 -10.40 69.62 -14.99
N MET M 222 -9.69 69.72 -13.87
CA MET M 222 -8.65 70.72 -13.70
C MET M 222 -7.38 70.32 -14.45
N VAL M 223 -6.38 71.20 -14.41
CA VAL M 223 -5.15 70.97 -15.17
C VAL M 223 -4.43 69.70 -14.76
N PRO M 224 -4.16 69.44 -13.46
CA PRO M 224 -3.36 68.24 -13.14
C PRO M 224 -4.05 66.94 -13.52
N VAL M 225 -5.30 66.75 -13.13
CA VAL M 225 -6.01 65.50 -13.35
C VAL M 225 -7.26 65.81 -14.19
N HIS M 226 -7.13 65.70 -15.51
CA HIS M 226 -8.29 65.73 -16.40
C HIS M 226 -8.17 64.74 -17.54
N ILE M 227 -7.11 63.92 -17.57
CA ILE M 227 -6.92 62.97 -18.66
C ILE M 227 -7.83 61.76 -18.56
N TRP M 228 -8.47 61.56 -17.40
CA TRP M 228 -9.41 60.45 -17.27
C TRP M 228 -10.62 60.65 -18.17
N LEU M 229 -11.13 61.88 -18.23
CA LEU M 229 -12.37 62.13 -18.97
C LEU M 229 -12.29 61.71 -20.42
N PRO M 230 -11.26 62.07 -21.20
CA PRO M 230 -11.23 61.60 -22.60
C PRO M 230 -11.15 60.08 -22.74
N GLU M 231 -10.19 59.44 -22.08
CA GLU M 231 -10.01 58.00 -22.25
C GLU M 231 -11.15 57.21 -21.63
N ALA M 232 -11.49 57.51 -20.37
CA ALA M 232 -12.59 56.80 -19.72
C ALA M 232 -13.94 57.19 -20.29
N HIS M 233 -14.01 58.21 -21.13
CA HIS M 233 -15.25 58.61 -21.75
C HIS M 233 -15.42 58.02 -23.14
N VAL M 234 -14.33 57.87 -23.91
CA VAL M 234 -14.41 57.10 -25.14
C VAL M 234 -14.62 55.62 -24.83
N GLU M 235 -14.00 55.13 -23.77
CA GLU M 235 -14.14 53.72 -23.39
C GLU M 235 -15.33 53.55 -22.45
N ALA M 236 -16.48 54.04 -22.90
CA ALA M 236 -17.70 54.07 -22.12
C ALA M 236 -18.89 53.88 -23.04
N PRO M 237 -19.99 53.32 -22.55
CA PRO M 237 -21.19 53.20 -23.39
C PRO M 237 -21.85 54.54 -23.59
N THR M 238 -22.68 54.62 -24.64
CA THR M 238 -23.26 55.91 -25.03
C THR M 238 -24.19 56.47 -23.95
N ALA M 239 -24.95 55.62 -23.28
CA ALA M 239 -25.79 56.10 -22.19
C ALA M 239 -24.97 56.35 -20.92
N GLY M 240 -23.87 55.63 -20.75
CA GLY M 240 -22.94 55.97 -19.68
C GLY M 240 -22.07 57.16 -20.00
N SER M 241 -21.96 57.51 -21.28
CA SER M 241 -21.21 58.68 -21.72
C SER M 241 -22.04 59.95 -21.74
N VAL M 242 -23.35 59.86 -21.52
CA VAL M 242 -24.21 61.03 -21.56
C VAL M 242 -24.53 61.54 -20.15
N ILE M 243 -24.38 60.72 -19.12
CA ILE M 243 -24.45 61.20 -17.75
C ILE M 243 -23.08 61.49 -17.15
N LEU M 244 -22.02 60.83 -17.63
CA LEU M 244 -20.69 61.14 -17.14
C LEU M 244 -20.31 62.58 -17.43
N ALA M 245 -20.65 63.08 -18.61
CA ALA M 245 -20.45 64.47 -18.97
C ALA M 245 -21.68 65.33 -18.68
N GLY M 246 -22.73 64.75 -18.12
CA GLY M 246 -23.95 65.50 -17.87
C GLY M 246 -24.21 65.80 -16.41
N ILE M 247 -23.75 64.92 -15.52
CA ILE M 247 -24.02 65.09 -14.09
C ILE M 247 -22.72 65.10 -13.29
N LEU M 248 -21.86 64.10 -13.53
CA LEU M 248 -20.67 63.93 -12.71
C LEU M 248 -19.78 65.16 -12.73
N LEU M 249 -19.68 65.83 -13.87
CA LEU M 249 -18.89 67.04 -13.96
C LEU M 249 -19.50 68.19 -13.19
N LYS M 250 -20.76 68.05 -12.74
CA LYS M 250 -21.41 69.06 -11.93
C LYS M 250 -21.17 68.88 -10.45
N PHE M 251 -20.73 67.69 -10.02
CA PHE M 251 -20.52 67.45 -8.59
C PHE M 251 -19.43 68.36 -8.03
N GLY M 252 -18.33 68.50 -8.77
CA GLY M 252 -17.26 69.36 -8.31
C GLY M 252 -17.68 70.82 -8.21
N THR M 253 -18.36 71.32 -9.25
CA THR M 253 -18.80 72.71 -9.24
C THR M 253 -19.88 72.94 -8.18
N TYR M 254 -20.85 72.02 -8.09
CA TYR M 254 -21.89 72.15 -7.07
C TYR M 254 -21.29 72.05 -5.67
N GLY M 255 -20.34 71.13 -5.49
CA GLY M 255 -19.66 71.06 -4.21
C GLY M 255 -18.89 72.32 -3.87
N PHE M 256 -18.31 72.97 -4.88
CA PHE M 256 -17.68 74.27 -4.65
C PHE M 256 -18.72 75.31 -4.24
N LEU M 257 -19.87 75.30 -4.88
CA LEU M 257 -20.93 76.27 -4.61
C LEU M 257 -21.67 76.01 -3.30
N ARG M 258 -21.42 74.89 -2.65
CA ARG M 258 -22.16 74.54 -1.43
C ARG M 258 -21.27 74.53 -0.19
N PHE M 259 -20.15 73.82 -0.22
CA PHE M 259 -19.34 73.58 0.97
C PHE M 259 -17.98 74.23 0.89
N SER M 260 -17.68 74.99 -0.15
CA SER M 260 -16.40 75.67 -0.28
C SER M 260 -16.53 77.19 -0.27
N ILE M 261 -17.40 77.75 -1.11
CA ILE M 261 -17.58 79.20 -1.14
C ILE M 261 -18.09 79.75 0.19
N PRO M 262 -19.18 79.23 0.79
CA PRO M 262 -19.69 79.84 2.02
C PRO M 262 -18.77 79.67 3.22
N MET M 263 -18.36 78.43 3.48
CA MET M 263 -17.70 78.11 4.75
C MET M 263 -16.33 78.77 4.86
N PHE M 264 -15.65 78.99 3.74
CA PHE M 264 -14.29 79.55 3.74
C PHE M 264 -14.27 80.77 2.83
N PRO M 265 -14.83 81.89 3.29
CA PRO M 265 -14.89 83.07 2.41
C PRO M 265 -13.54 83.73 2.19
N GLU M 266 -12.77 84.00 3.25
CA GLU M 266 -11.48 84.68 3.04
C GLU M 266 -10.45 83.73 2.46
N ALA M 267 -10.58 82.42 2.73
CA ALA M 267 -9.74 81.45 2.04
C ALA M 267 -10.01 81.47 0.55
N THR M 268 -11.27 81.63 0.16
CA THR M 268 -11.61 81.76 -1.26
C THR M 268 -10.93 82.97 -1.88
N LEU M 269 -10.94 84.11 -1.16
CA LEU M 269 -10.26 85.30 -1.67
C LEU M 269 -8.76 85.07 -1.79
N CYS M 270 -8.15 84.44 -0.78
CA CYS M 270 -6.71 84.22 -0.80
C CYS M 270 -6.29 83.23 -1.89
N PHE M 271 -7.16 82.28 -2.25
CA PHE M 271 -6.84 81.30 -3.29
C PHE M 271 -7.41 81.68 -4.64
N THR M 272 -7.98 82.88 -4.78
CA THR M 272 -8.61 83.28 -6.03
C THR M 272 -7.64 83.34 -7.21
N PRO M 273 -6.47 83.99 -7.12
CA PRO M 273 -5.60 84.06 -8.31
C PRO M 273 -5.15 82.70 -8.81
N PHE M 274 -4.90 81.76 -7.90
CA PHE M 274 -4.40 80.44 -8.29
C PHE M 274 -5.42 79.70 -9.15
N ILE M 275 -6.70 79.76 -8.74
CA ILE M 275 -7.76 79.11 -9.52
C ILE M 275 -7.90 79.77 -10.88
N TYR M 276 -7.76 81.10 -10.93
CA TYR M 276 -7.84 81.80 -12.20
C TYR M 276 -6.77 81.30 -13.17
N THR M 277 -5.52 81.20 -12.70
CA THR M 277 -4.45 80.73 -13.56
C THR M 277 -4.70 79.29 -14.00
N LEU M 278 -5.12 78.43 -13.09
CA LEU M 278 -5.38 77.04 -13.46
C LEU M 278 -6.47 76.96 -14.53
N SER M 279 -7.57 77.69 -14.34
CA SER M 279 -8.68 77.63 -15.28
C SER M 279 -8.27 78.20 -16.64
N ALA M 280 -7.53 79.30 -16.66
CA ALA M 280 -7.12 79.90 -17.92
C ALA M 280 -6.18 78.97 -18.69
N ILE M 281 -5.19 78.41 -18.00
CA ILE M 281 -4.26 77.51 -18.71
C ILE M 281 -4.98 76.25 -19.15
N ALA M 282 -5.95 75.76 -18.35
CA ALA M 282 -6.73 74.61 -18.78
C ALA M 282 -7.50 74.92 -20.06
N ILE M 283 -8.16 76.08 -20.09
CA ILE M 283 -8.93 76.46 -21.28
C ILE M 283 -8.02 76.50 -22.49
N ILE M 284 -6.89 77.21 -22.38
CA ILE M 284 -6.02 77.39 -23.53
C ILE M 284 -5.43 76.05 -23.98
N TYR M 285 -4.90 75.27 -23.04
CA TYR M 285 -4.25 74.02 -23.38
C TYR M 285 -5.24 73.03 -23.98
N THR M 286 -6.44 72.92 -23.40
CA THR M 286 -7.44 72.01 -23.95
C THR M 286 -7.90 72.46 -25.32
N SER M 287 -8.07 73.77 -25.53
CA SER M 287 -8.47 74.27 -26.84
C SER M 287 -7.41 73.93 -27.89
N LEU M 288 -6.13 74.14 -27.57
CA LEU M 288 -5.09 73.80 -28.54
C LEU M 288 -4.95 72.30 -28.74
N THR M 289 -5.23 71.50 -27.71
CA THR M 289 -5.09 70.05 -27.84
C THR M 289 -6.21 69.42 -28.64
N THR M 290 -7.43 69.94 -28.49
CA THR M 290 -8.61 69.30 -29.09
C THR M 290 -8.70 69.49 -30.60
N LEU M 291 -7.91 70.39 -31.18
CA LEU M 291 -8.01 70.68 -32.61
C LEU M 291 -7.14 69.76 -33.47
N ARG M 292 -6.44 68.80 -32.87
CA ARG M 292 -5.67 67.79 -33.58
C ARG M 292 -6.03 66.40 -33.07
N GLN M 293 -7.33 66.14 -32.95
CA GLN M 293 -7.83 64.87 -32.45
C GLN M 293 -8.54 64.11 -33.57
N ILE M 294 -8.36 62.79 -33.56
CA ILE M 294 -9.01 61.92 -34.54
C ILE M 294 -10.02 60.98 -33.90
N ASP M 295 -10.06 60.88 -32.58
CA ASP M 295 -11.04 60.05 -31.90
C ASP M 295 -12.39 60.74 -31.93
N LEU M 296 -13.43 59.98 -32.31
CA LEU M 296 -14.77 60.57 -32.47
C LEU M 296 -15.38 60.99 -31.14
N LYS M 297 -14.84 60.52 -30.01
CA LYS M 297 -15.41 60.84 -28.72
C LYS M 297 -14.67 61.94 -27.98
N LYS M 298 -13.32 61.88 -27.96
CA LYS M 298 -12.53 62.87 -27.22
C LYS M 298 -12.71 64.29 -27.79
N ILE M 299 -13.07 64.40 -29.07
CA ILE M 299 -13.15 65.70 -29.72
C ILE M 299 -14.11 66.63 -28.99
N ILE M 300 -15.19 66.09 -28.44
CA ILE M 300 -16.10 66.90 -27.63
C ILE M 300 -15.90 66.68 -26.14
N ALA M 301 -15.23 65.60 -25.74
CA ALA M 301 -14.88 65.44 -24.33
C ALA M 301 -13.97 66.58 -23.88
N TYR M 302 -13.06 67.01 -24.75
CA TYR M 302 -12.22 68.16 -24.42
C TYR M 302 -13.02 69.45 -24.42
N SER M 303 -14.03 69.57 -25.28
CA SER M 303 -14.92 70.72 -25.22
C SER M 303 -15.62 70.79 -23.86
N SER M 304 -16.02 69.63 -23.35
CA SER M 304 -16.62 69.57 -22.03
C SER M 304 -15.66 70.05 -20.95
N VAL M 305 -14.39 69.65 -21.05
CA VAL M 305 -13.38 70.09 -20.09
C VAL M 305 -13.22 71.61 -20.17
N ALA M 306 -13.17 72.15 -21.38
CA ALA M 306 -13.01 73.60 -21.54
C ALA M 306 -14.18 74.35 -20.93
N HIS M 307 -15.41 73.88 -21.19
CA HIS M 307 -16.58 74.54 -20.62
C HIS M 307 -16.59 74.46 -19.10
N MET M 308 -16.28 73.28 -18.54
CA MET M 308 -16.27 73.13 -17.09
C MET M 308 -15.21 74.02 -16.45
N ASN M 309 -14.04 74.12 -17.08
CA ASN M 309 -13.00 75.00 -16.55
C ASN M 309 -13.43 76.46 -16.62
N LEU M 310 -14.09 76.86 -17.72
CA LEU M 310 -14.58 78.23 -17.83
C LEU M 310 -15.63 78.52 -16.78
N VAL M 311 -16.38 77.50 -16.35
CA VAL M 311 -17.38 77.67 -15.31
C VAL M 311 -16.75 78.20 -14.02
N THR M 312 -15.60 77.63 -13.62
CA THR M 312 -15.01 77.97 -12.34
C THR M 312 -14.52 79.42 -12.28
N ILE M 313 -14.22 80.02 -13.44
CA ILE M 313 -13.72 81.39 -13.46
C ILE M 313 -14.74 82.34 -12.86
N GLY M 314 -16.00 82.22 -13.29
CA GLY M 314 -17.06 83.01 -12.70
C GLY M 314 -17.68 82.42 -11.47
N MET M 315 -17.51 81.11 -11.26
CA MET M 315 -18.00 80.50 -10.03
C MET M 315 -17.18 80.97 -8.83
N PHE M 316 -15.88 81.17 -9.02
CA PHE M 316 -15.03 81.64 -7.94
C PHE M 316 -14.88 83.16 -7.93
N SER M 317 -15.42 83.86 -8.92
CA SER M 317 -15.50 85.31 -8.89
C SER M 317 -16.77 85.68 -8.15
N LEU M 318 -16.64 86.00 -6.86
CA LEU M 318 -17.81 86.23 -6.03
C LEU M 318 -18.62 87.40 -6.56
N ASN M 319 -19.77 87.11 -7.15
CA ASN M 319 -20.58 88.09 -7.85
C ASN M 319 -21.90 87.44 -8.23
N ILE M 320 -22.95 88.26 -8.28
CA ILE M 320 -24.26 87.76 -8.69
C ILE M 320 -24.26 87.40 -10.17
N GLN M 321 -23.57 88.19 -11.00
CA GLN M 321 -23.41 87.83 -12.41
C GLN M 321 -22.61 86.54 -12.56
N GLY M 322 -21.48 86.45 -11.85
CA GLY M 322 -20.59 85.32 -12.05
C GLY M 322 -21.22 83.99 -11.68
N ILE M 323 -21.82 83.91 -10.51
CA ILE M 323 -22.39 82.65 -10.05
C ILE M 323 -23.63 82.28 -10.86
N GLY M 324 -24.50 83.27 -11.12
CA GLY M 324 -25.67 83.00 -11.94
C GLY M 324 -25.30 82.48 -13.32
N GLY M 325 -24.35 83.14 -13.97
CA GLY M 325 -23.85 82.63 -15.23
C GLY M 325 -23.19 81.28 -15.10
N SER M 326 -22.59 81.00 -13.94
CA SER M 326 -21.97 79.70 -13.71
C SER M 326 -23.03 78.60 -13.79
N ILE M 327 -24.11 78.72 -13.03
CA ILE M 327 -25.14 77.67 -13.08
C ILE M 327 -25.84 77.65 -14.43
N LEU M 328 -26.09 78.81 -15.04
CA LEU M 328 -26.73 78.79 -16.36
C LEU M 328 -25.86 78.08 -17.39
N LEU M 329 -24.56 78.36 -17.43
CA LEU M 329 -23.68 77.64 -18.35
C LEU M 329 -23.57 76.17 -17.95
N MET M 330 -23.70 75.87 -16.66
CA MET M 330 -23.64 74.47 -16.23
C MET M 330 -24.82 73.68 -16.78
N LEU M 331 -26.04 74.22 -16.66
CA LEU M 331 -27.20 73.58 -17.26
C LEU M 331 -27.08 73.53 -18.77
N SER M 332 -26.61 74.62 -19.37
CA SER M 332 -26.46 74.67 -20.82
C SER M 332 -25.51 73.59 -21.31
N HIS M 333 -24.39 73.40 -20.61
CA HIS M 333 -23.46 72.35 -20.96
C HIS M 333 -24.07 70.96 -20.71
N GLY M 334 -24.78 70.80 -19.60
CA GLY M 334 -25.43 69.53 -19.33
C GLY M 334 -26.39 69.13 -20.44
N LEU M 335 -26.97 70.11 -21.12
CA LEU M 335 -27.81 69.79 -22.27
C LEU M 335 -26.98 69.58 -23.54
N VAL M 336 -26.07 70.52 -23.86
CA VAL M 336 -25.41 70.49 -25.16
C VAL M 336 -24.43 69.33 -25.25
N SER M 337 -23.65 69.08 -24.20
CA SER M 337 -22.73 67.95 -24.22
C SER M 337 -23.49 66.64 -24.31
N SER M 338 -24.60 66.53 -23.59
CA SER M 338 -25.44 65.33 -23.70
C SER M 338 -25.91 65.14 -25.14
N ALA M 339 -26.35 66.21 -25.79
CA ALA M 339 -26.81 66.11 -27.16
C ALA M 339 -25.69 65.70 -28.11
N LEU M 340 -24.50 66.30 -27.93
CA LEU M 340 -23.37 65.96 -28.78
C LEU M 340 -22.97 64.50 -28.60
N PHE M 341 -22.96 64.02 -27.37
CA PHE M 341 -22.56 62.63 -27.14
C PHE M 341 -23.62 61.66 -27.61
N LEU M 342 -24.90 62.05 -27.60
CA LEU M 342 -25.92 61.23 -28.23
C LEU M 342 -25.73 61.17 -29.74
N CYS M 343 -25.37 62.30 -30.36
CA CYS M 343 -25.08 62.29 -31.79
C CYS M 343 -23.89 61.39 -32.11
N VAL M 344 -22.84 61.46 -31.30
CA VAL M 344 -21.70 60.58 -31.52
C VAL M 344 -22.10 59.13 -31.31
N GLY M 345 -22.97 58.86 -30.33
CA GLY M 345 -23.42 57.50 -30.09
C GLY M 345 -24.22 56.92 -31.24
N VAL M 346 -25.13 57.71 -31.81
CA VAL M 346 -25.91 57.22 -32.94
C VAL M 346 -25.01 57.05 -34.16
N LEU M 347 -24.04 57.95 -34.35
CA LEU M 347 -23.09 57.76 -35.45
C LEU M 347 -22.28 56.48 -35.27
N TYR M 348 -21.89 56.16 -34.04
CA TYR M 348 -21.07 54.98 -33.79
C TYR M 348 -21.87 53.69 -33.85
N ASP M 349 -23.14 53.72 -33.44
CA ASP M 349 -23.92 52.48 -33.38
C ASP M 349 -24.34 51.97 -34.75
N ARG M 350 -24.20 52.78 -35.79
CA ARG M 350 -24.42 52.30 -37.16
C ARG M 350 -23.13 51.77 -37.77
N HIS M 351 -22.08 52.60 -37.79
CA HIS M 351 -20.86 52.27 -38.53
C HIS M 351 -19.82 51.57 -37.67
N LYS M 352 -19.77 51.86 -36.36
CA LYS M 352 -18.81 51.25 -35.44
C LYS M 352 -17.38 51.53 -35.89
N THR M 353 -17.01 52.81 -35.91
CA THR M 353 -15.70 53.26 -36.32
C THR M 353 -14.91 53.88 -35.20
N ARG M 354 -15.50 54.83 -34.48
CA ARG M 354 -14.81 55.59 -33.41
C ARG M 354 -13.63 56.38 -33.97
N LEU M 355 -13.76 56.81 -35.23
CA LEU M 355 -12.80 57.68 -35.89
C LEU M 355 -13.53 58.89 -36.44
N VAL M 356 -12.77 59.82 -37.03
CA VAL M 356 -13.35 61.05 -37.58
C VAL M 356 -13.15 61.08 -39.08
N ARG M 357 -12.05 60.49 -39.56
CA ARG M 357 -11.73 60.57 -40.98
C ARG M 357 -12.61 59.67 -41.82
N TYR M 358 -13.17 58.60 -41.25
CA TYR M 358 -14.03 57.70 -42.02
C TYR M 358 -15.28 58.42 -42.52
N TYR M 359 -15.96 59.15 -41.64
CA TYR M 359 -17.17 59.86 -42.03
C TYR M 359 -16.81 61.07 -42.88
N GLY M 360 -17.63 61.34 -43.90
CA GLY M 360 -17.43 62.50 -44.73
C GLY M 360 -18.50 62.69 -45.79
N GLY M 361 -19.03 63.91 -45.88
CA GLY M 361 -19.99 64.23 -46.92
C GLY M 361 -21.26 63.41 -46.88
N LEU M 362 -21.83 63.21 -45.70
CA LEU M 362 -23.04 62.41 -45.54
C LEU M 362 -24.29 63.27 -45.45
N VAL M 363 -24.17 64.59 -45.73
CA VAL M 363 -25.33 65.47 -45.69
C VAL M 363 -26.36 65.08 -46.75
N SER M 364 -25.90 64.60 -47.90
CA SER M 364 -26.81 64.16 -48.95
C SER M 364 -27.55 62.88 -48.59
N THR M 365 -27.14 62.20 -47.51
CA THR M 365 -27.73 60.93 -47.13
C THR M 365 -28.51 60.97 -45.82
N MET M 366 -28.06 61.77 -44.85
CA MET M 366 -28.77 61.94 -43.58
C MET M 366 -28.96 63.42 -43.34
N PRO M 367 -29.99 64.03 -43.93
CA PRO M 367 -30.18 65.47 -43.80
C PRO M 367 -30.74 65.87 -42.44
N ASN M 368 -31.64 65.05 -41.88
CA ASN M 368 -32.21 65.36 -40.57
C ASN M 368 -31.12 65.37 -39.50
N PHE M 369 -30.32 64.29 -39.45
CA PHE M 369 -29.20 64.26 -38.51
C PHE M 369 -28.24 65.40 -38.78
N SER M 370 -28.06 65.79 -40.05
CA SER M 370 -27.19 66.92 -40.36
C SER M 370 -27.69 68.19 -39.71
N THR M 371 -29.00 68.47 -39.83
CA THR M 371 -29.56 69.67 -39.22
C THR M 371 -29.46 69.62 -37.71
N ILE M 372 -29.76 68.47 -37.11
CA ILE M 372 -29.72 68.34 -35.65
C ILE M 372 -28.29 68.54 -35.14
N PHE M 373 -27.32 67.90 -35.81
CA PHE M 373 -25.92 68.07 -35.42
C PHE M 373 -25.48 69.51 -35.59
N PHE M 374 -25.92 70.16 -36.68
CA PHE M 374 -25.58 71.57 -36.86
C PHE M 374 -26.11 72.41 -35.73
N PHE M 375 -27.37 72.17 -35.31
CA PHE M 375 -27.93 72.96 -34.22
C PHE M 375 -27.18 72.72 -32.92
N PHE M 376 -26.81 71.47 -32.65
CA PHE M 376 -26.11 71.17 -31.40
C PHE M 376 -24.71 71.80 -31.38
N THR M 377 -23.92 71.58 -32.43
CA THR M 377 -22.61 72.21 -32.50
C THR M 377 -22.72 73.72 -32.66
N LEU M 378 -23.89 74.21 -33.03
CA LEU M 378 -24.16 75.64 -33.09
C LEU M 378 -24.39 76.20 -31.70
N ALA M 379 -25.09 75.45 -30.86
CA ALA M 379 -25.23 75.81 -29.45
C ALA M 379 -23.90 75.75 -28.73
N ASN M 380 -23.06 74.76 -29.07
CA ASN M 380 -21.73 74.68 -28.48
C ASN M 380 -20.90 75.91 -28.77
N MET M 381 -21.18 76.59 -29.89
CA MET M 381 -20.52 77.83 -30.25
C MET M 381 -20.81 78.96 -29.27
N SER M 382 -21.90 78.87 -28.51
CA SER M 382 -22.40 79.95 -27.65
C SER M 382 -22.91 81.13 -28.47
N LEU M 383 -23.79 80.84 -29.43
CA LEU M 383 -24.58 81.89 -30.08
C LEU M 383 -25.58 82.50 -29.11
N PRO M 384 -25.73 83.81 -29.10
CA PRO M 384 -26.92 84.41 -28.48
C PRO M 384 -28.19 83.85 -29.12
N GLY M 385 -29.19 83.59 -28.30
CA GLY M 385 -30.32 82.80 -28.71
C GLY M 385 -30.16 81.31 -28.48
N THR M 386 -28.97 80.86 -28.09
CA THR M 386 -28.73 79.49 -27.67
C THR M 386 -28.43 79.47 -26.18
N SER M 387 -28.34 78.24 -25.64
CA SER M 387 -28.23 78.09 -24.19
C SER M 387 -26.91 78.64 -23.65
N SER M 388 -25.80 78.33 -24.32
CA SER M 388 -24.49 78.58 -23.73
C SER M 388 -24.17 80.06 -23.63
N PHE M 389 -24.69 80.88 -24.55
CA PHE M 389 -24.24 82.26 -24.63
C PHE M 389 -24.60 83.06 -23.39
N ILE M 390 -25.85 82.98 -22.94
CA ILE M 390 -26.28 83.80 -21.82
C ILE M 390 -25.43 83.50 -20.58
N GLY M 391 -25.33 82.23 -20.23
CA GLY M 391 -24.54 81.87 -19.07
C GLY M 391 -23.08 82.24 -19.21
N GLU M 392 -22.50 81.94 -20.38
CA GLU M 392 -21.06 82.12 -20.56
C GLU M 392 -20.68 83.60 -20.59
N PHE M 393 -21.49 84.42 -21.25
CA PHE M 393 -21.28 85.86 -21.23
C PHE M 393 -21.50 86.43 -19.84
N LEU M 394 -22.44 85.86 -19.07
CA LEU M 394 -22.61 86.31 -17.69
C LEU M 394 -21.38 85.99 -16.86
N ILE M 395 -20.77 84.83 -17.08
CA ILE M 395 -19.50 84.50 -16.42
C ILE M 395 -18.42 85.51 -16.80
N LEU M 396 -18.30 85.83 -18.09
CA LEU M 396 -17.30 86.80 -18.50
C LEU M 396 -17.54 88.16 -17.84
N VAL M 397 -18.79 88.60 -17.81
CA VAL M 397 -19.13 89.88 -17.19
C VAL M 397 -18.78 89.87 -15.71
N GLY M 398 -19.14 88.79 -15.00
CA GLY M 398 -18.89 88.72 -13.58
C GLY M 398 -17.41 88.71 -13.25
N ALA M 399 -16.62 87.96 -14.03
CA ALA M 399 -15.18 87.91 -13.77
C ALA M 399 -14.52 89.25 -14.07
N PHE M 400 -14.93 89.90 -15.16
CA PHE M 400 -14.45 91.25 -15.47
C PHE M 400 -14.92 92.30 -14.47
N GLN M 401 -15.89 92.00 -13.62
CA GLN M 401 -16.13 92.88 -12.48
C GLN M 401 -14.98 92.79 -11.49
N ARG M 402 -14.42 91.60 -11.29
CA ARG M 402 -13.32 91.42 -10.34
C ARG M 402 -11.97 91.66 -10.99
N ASN M 403 -11.63 90.89 -12.03
CA ASN M 403 -10.31 90.92 -12.63
C ASN M 403 -10.40 91.16 -14.12
N SER M 404 -9.32 91.71 -14.69
CA SER M 404 -9.31 92.12 -16.08
C SER M 404 -8.36 91.30 -16.95
N LEU M 405 -7.57 90.40 -16.37
CA LEU M 405 -6.60 89.65 -17.18
C LEU M 405 -7.08 88.23 -17.50
N VAL M 406 -7.38 87.44 -16.46
CA VAL M 406 -7.56 86.00 -16.65
C VAL M 406 -8.78 85.71 -17.52
N ALA M 407 -9.90 86.38 -17.26
CA ALA M 407 -11.09 86.07 -18.03
C ALA M 407 -11.02 86.64 -19.44
N THR M 408 -10.09 87.55 -19.72
CA THR M 408 -9.80 87.86 -21.11
C THR M 408 -9.20 86.65 -21.81
N LEU M 409 -8.37 85.88 -21.11
CA LEU M 409 -7.94 84.59 -21.63
C LEU M 409 -9.11 83.63 -21.74
N ALA M 410 -10.07 83.71 -20.81
CA ALA M 410 -11.27 82.89 -20.94
C ALA M 410 -12.02 83.21 -22.22
N ALA M 411 -12.20 84.49 -22.52
CA ALA M 411 -12.83 84.92 -23.76
C ALA M 411 -12.01 84.52 -24.98
N LEU M 412 -10.68 84.58 -24.88
CA LEU M 412 -9.81 84.04 -25.92
C LEU M 412 -10.00 82.55 -26.10
N GLY M 413 -10.49 81.86 -25.06
CA GLY M 413 -10.83 80.46 -25.24
C GLY M 413 -11.84 80.24 -26.34
N MET M 414 -12.85 81.12 -26.44
CA MET M 414 -13.88 80.95 -27.45
C MET M 414 -13.43 81.45 -28.82
N ILE M 415 -12.31 82.15 -28.92
CA ILE M 415 -11.82 82.54 -30.24
C ILE M 415 -11.36 81.31 -31.01
N LEU M 416 -11.03 80.24 -30.29
CA LEU M 416 -10.67 78.96 -30.89
C LEU M 416 -11.74 77.90 -30.68
N GLY M 417 -12.56 78.02 -29.63
CA GLY M 417 -13.63 77.05 -29.44
C GLY M 417 -14.58 76.99 -30.62
N ALA M 418 -15.09 78.15 -31.03
CA ALA M 418 -15.98 78.20 -32.19
C ALA M 418 -15.28 77.73 -33.46
N ALA M 419 -14.01 78.12 -33.62
CA ALA M 419 -13.24 77.74 -34.79
C ALA M 419 -13.17 76.23 -34.93
N TYR M 420 -12.70 75.54 -33.89
CA TYR M 420 -12.53 74.10 -34.03
C TYR M 420 -13.88 73.39 -33.99
N SER M 421 -14.90 74.00 -33.38
CA SER M 421 -16.23 73.39 -33.42
C SER M 421 -16.76 73.35 -34.86
N LEU M 422 -16.71 74.47 -35.57
CA LEU M 422 -17.14 74.43 -36.97
C LEU M 422 -16.19 73.61 -37.84
N TRP M 423 -14.90 73.60 -37.54
CA TRP M 423 -13.98 72.77 -38.32
C TRP M 423 -14.34 71.29 -38.16
N LEU M 424 -14.63 70.90 -36.92
CA LEU M 424 -15.06 69.54 -36.62
C LEU M 424 -16.38 69.21 -37.31
N TYR M 425 -17.30 70.16 -37.32
CA TYR M 425 -18.55 69.98 -38.05
C TYR M 425 -18.28 69.73 -39.52
N ASN M 426 -17.31 70.46 -40.11
CA ASN M 426 -17.00 70.34 -41.52
C ASN M 426 -16.15 69.13 -41.88
N ARG M 427 -15.52 68.46 -40.92
CA ARG M 427 -14.92 67.15 -41.24
C ARG M 427 -15.95 66.18 -41.79
N VAL M 428 -17.12 66.13 -41.16
CA VAL M 428 -18.06 65.03 -41.32
C VAL M 428 -19.17 65.33 -42.31
N VAL M 429 -19.85 66.46 -42.16
CA VAL M 429 -21.10 66.72 -42.87
C VAL M 429 -20.86 67.38 -44.22
N SER M 430 -19.60 67.68 -44.54
CA SER M 430 -19.27 68.43 -45.74
C SER M 430 -18.35 67.62 -46.64
N GLY M 431 -18.26 68.05 -47.89
CA GLY M 431 -17.42 67.39 -48.86
C GLY M 431 -18.15 66.32 -49.65
N ASN M 432 -17.41 65.69 -50.55
CA ASN M 432 -17.95 64.61 -51.35
C ASN M 432 -17.92 63.30 -50.56
N LEU M 433 -18.90 62.44 -50.85
CA LEU M 433 -19.00 61.15 -50.18
C LEU M 433 -17.87 60.23 -50.63
N LYS M 434 -17.56 59.24 -49.78
CA LYS M 434 -16.52 58.24 -50.06
C LYS M 434 -17.14 56.85 -49.93
N PRO M 435 -17.90 56.39 -50.93
CA PRO M 435 -18.54 55.08 -50.82
C PRO M 435 -17.58 53.91 -51.03
N ASP M 436 -16.40 53.97 -50.41
CA ASP M 436 -15.49 52.84 -50.38
C ASP M 436 -15.63 52.04 -49.09
N PHE M 437 -16.08 52.68 -48.00
CA PHE M 437 -16.32 52.00 -46.74
C PHE M 437 -17.62 52.47 -46.08
N LEU M 438 -18.50 53.12 -46.85
CA LEU M 438 -19.80 53.59 -46.39
C LEU M 438 -20.91 53.07 -47.30
N HIS M 439 -20.91 51.76 -47.51
CA HIS M 439 -21.84 51.14 -48.44
C HIS M 439 -23.29 51.45 -48.08
N LYS M 440 -23.74 50.98 -46.92
CA LYS M 440 -25.12 51.17 -46.49
C LYS M 440 -25.17 51.79 -45.11
N PHE M 441 -26.09 52.74 -44.93
CA PHE M 441 -26.27 53.46 -43.68
C PHE M 441 -27.56 54.26 -43.77
N SER M 442 -28.27 54.34 -42.65
CA SER M 442 -29.58 54.96 -42.60
C SER M 442 -29.56 56.23 -41.75
N ASP M 443 -30.72 56.87 -41.65
CA ASP M 443 -30.92 58.07 -40.87
C ASP M 443 -31.68 57.73 -39.58
N LEU M 444 -31.86 58.74 -38.73
CA LEU M 444 -32.53 58.55 -37.45
C LEU M 444 -33.96 58.06 -37.65
N ASN M 445 -34.33 57.04 -36.90
CA ASN M 445 -35.69 56.52 -36.91
C ASN M 445 -36.55 57.36 -35.96
N GLY M 446 -37.76 56.88 -35.67
CA GLY M 446 -38.69 57.66 -34.88
C GLY M 446 -38.22 57.92 -33.46
N ARG M 447 -37.46 56.98 -32.88
CA ARG M 447 -37.00 57.13 -31.51
C ARG M 447 -36.02 58.29 -31.38
N GLU M 448 -34.93 58.23 -32.12
CA GLU M 448 -33.84 59.18 -31.93
C GLU M 448 -34.05 60.50 -32.66
N VAL M 449 -35.14 60.65 -33.41
CA VAL M 449 -35.50 61.97 -33.88
C VAL M 449 -36.38 62.68 -32.85
N PHE M 450 -37.19 61.93 -32.12
CA PHE M 450 -37.97 62.50 -31.03
C PHE M 450 -37.14 62.73 -29.78
N ILE M 451 -36.06 61.98 -29.59
CA ILE M 451 -35.28 62.12 -28.36
C ILE M 451 -34.62 63.50 -28.30
N PHE M 452 -34.28 64.06 -29.46
CA PHE M 452 -33.66 65.37 -29.50
C PHE M 452 -34.65 66.51 -29.32
N ILE M 453 -35.94 66.26 -29.54
CA ILE M 453 -36.93 67.33 -29.45
C ILE M 453 -36.92 68.00 -28.06
N PRO M 454 -36.90 67.27 -26.94
CA PRO M 454 -36.71 67.94 -25.65
C PRO M 454 -35.43 68.76 -25.60
N PHE M 455 -34.34 68.25 -26.19
CA PHE M 455 -33.09 69.01 -26.21
C PHE M 455 -33.27 70.30 -27.00
N LEU M 456 -33.89 70.23 -28.18
CA LEU M 456 -34.11 71.43 -28.98
C LEU M 456 -34.95 72.46 -28.23
N VAL M 457 -36.07 72.03 -27.65
CA VAL M 457 -36.96 72.98 -27.01
C VAL M 457 -36.31 73.58 -25.75
N GLY M 458 -35.58 72.75 -24.99
CA GLY M 458 -34.88 73.27 -23.83
C GLY M 458 -33.78 74.25 -24.22
N LEU M 459 -33.08 73.95 -25.32
CA LEU M 459 -32.02 74.84 -25.79
C LEU M 459 -32.58 76.19 -26.19
N VAL M 460 -33.64 76.20 -26.99
CA VAL M 460 -34.21 77.47 -27.43
C VAL M 460 -34.82 78.21 -26.26
N TRP M 461 -35.43 77.48 -25.31
CA TRP M 461 -36.02 78.12 -24.14
C TRP M 461 -34.96 78.75 -23.25
N MET M 462 -33.80 78.10 -23.10
CA MET M 462 -32.65 78.75 -22.48
C MET M 462 -32.26 80.00 -23.25
N GLY M 463 -32.14 79.90 -24.57
CA GLY M 463 -31.59 80.99 -25.35
C GLY M 463 -32.43 82.24 -25.40
N VAL M 464 -33.74 82.11 -25.59
CA VAL M 464 -34.56 83.28 -25.91
C VAL M 464 -35.17 83.91 -24.67
N TYR M 465 -35.36 83.11 -23.61
CA TYR M 465 -36.04 83.58 -22.40
C TYR M 465 -35.50 82.85 -21.19
N PRO M 466 -34.30 83.19 -20.73
CA PRO M 466 -33.77 82.62 -19.48
C PRO M 466 -34.19 83.35 -18.21
N LYS M 467 -35.20 84.23 -18.28
CA LYS M 467 -35.61 84.98 -17.09
C LYS M 467 -36.22 84.06 -16.04
N VAL M 468 -36.99 83.06 -16.46
CA VAL M 468 -37.65 82.18 -15.50
C VAL M 468 -36.62 81.41 -14.69
N PHE M 469 -35.51 81.03 -15.31
CA PHE M 469 -34.46 80.32 -14.57
C PHE M 469 -33.72 81.27 -13.65
N LEU M 470 -33.38 82.47 -14.13
CA LEU M 470 -32.73 83.47 -13.27
C LEU M 470 -33.65 83.93 -12.16
N ASP M 471 -34.96 83.85 -12.36
CA ASP M 471 -35.92 84.33 -11.37
C ASP M 471 -35.81 83.54 -10.08
N CYS M 472 -35.71 82.22 -10.18
CA CYS M 472 -35.76 81.36 -9.01
C CYS M 472 -34.44 81.31 -8.23
N MET M 473 -33.35 81.86 -8.77
CA MET M 473 -32.04 81.69 -8.17
C MET M 473 -31.43 82.97 -7.62
N HIS M 474 -31.95 84.14 -7.99
CA HIS M 474 -31.29 85.38 -7.61
C HIS M 474 -31.27 85.58 -6.10
N THR M 475 -32.25 85.02 -5.39
CA THR M 475 -32.20 85.06 -3.93
C THR M 475 -31.08 84.18 -3.40
N SER M 476 -31.00 82.94 -3.87
CA SER M 476 -29.99 82.01 -3.38
C SER M 476 -28.57 82.46 -3.76
N VAL M 477 -28.38 82.93 -4.99
CA VAL M 477 -27.05 83.36 -5.41
C VAL M 477 -26.60 84.58 -4.60
N SER M 478 -27.50 85.54 -4.41
CA SER M 478 -27.15 86.73 -3.65
C SER M 478 -26.87 86.39 -2.18
N ASN M 479 -27.64 85.46 -1.61
CA ASN M 479 -27.34 85.00 -0.26
C ASN M 479 -25.99 84.30 -0.20
N LEU M 480 -25.66 83.52 -1.22
CA LEU M 480 -24.38 82.83 -1.27
C LEU M 480 -23.21 83.82 -1.32
N VAL M 481 -23.31 84.85 -2.15
CA VAL M 481 -22.18 85.74 -2.35
C VAL M 481 -21.94 86.64 -1.15
N GLN M 482 -22.99 86.93 -0.36
CA GLN M 482 -22.88 87.85 0.75
C GLN M 482 -22.62 87.17 2.08
N HIS M 483 -22.54 85.85 2.11
CA HIS M 483 -22.33 85.15 3.38
C HIS M 483 -20.95 85.46 3.95
N GLY M 484 -20.91 85.73 5.25
CA GLY M 484 -19.66 86.07 5.90
C GLY M 484 -18.99 87.30 5.33
N LYS M 485 -19.80 88.30 4.95
CA LYS M 485 -19.31 89.52 4.31
C LYS M 485 -19.95 90.74 4.96
N PHE M 486 -19.99 90.74 6.30
CA PHE M 486 -20.58 91.85 7.02
C PHE M 486 -19.69 93.09 6.90
N HIS M 487 -20.34 94.25 6.85
CA HIS M 487 -19.65 95.50 6.57
C HIS M 487 -20.51 96.70 6.94
N MET N 1 -28.23 28.94 48.24
CA MET N 1 -27.19 28.01 47.79
C MET N 1 -27.26 27.80 46.29
N PHE N 2 -28.35 27.18 45.82
CA PHE N 2 -28.50 26.92 44.39
C PHE N 2 -28.73 28.21 43.60
N ASN N 3 -29.39 29.19 44.20
CA ASN N 3 -29.69 30.42 43.48
C ASN N 3 -28.43 31.26 43.24
N LEU N 4 -27.33 30.94 43.89
CA LEU N 4 -26.07 31.63 43.61
C LEU N 4 -25.49 31.23 42.25
N PHE N 5 -26.06 30.21 41.61
CA PHE N 5 -25.63 29.77 40.29
C PHE N 5 -26.50 30.31 39.18
N LEU N 6 -27.39 31.26 39.47
CA LEU N 6 -28.20 31.88 38.42
C LEU N 6 -27.34 32.68 37.44
N ALA N 7 -26.11 33.01 37.81
CA ALA N 7 -25.22 33.77 36.97
C ALA N 7 -24.34 32.90 36.08
N VAL N 8 -24.53 31.58 36.11
CA VAL N 8 -23.64 30.68 35.37
C VAL N 8 -24.46 29.68 34.55
N PHE N 9 -25.79 29.84 34.55
CA PHE N 9 -26.62 28.99 33.71
C PHE N 9 -26.29 29.04 32.22
N PRO N 10 -26.05 30.20 31.59
CA PRO N 10 -25.69 30.18 30.16
C PRO N 10 -24.45 29.36 29.84
N GLU N 11 -23.68 28.98 30.85
CA GLU N 11 -22.48 28.15 30.68
C GLU N 11 -22.65 26.73 31.19
N ILE N 12 -23.31 26.54 32.34
CA ILE N 12 -23.59 25.20 32.82
C ILE N 12 -24.44 24.44 31.81
N PHE N 13 -25.44 25.10 31.22
CA PHE N 13 -26.27 24.44 30.24
C PHE N 13 -25.47 24.02 29.02
N ILE N 14 -24.57 24.88 28.54
CA ILE N 14 -23.81 24.52 27.35
C ILE N 14 -22.85 23.38 27.65
N ILE N 15 -22.28 23.34 28.86
CA ILE N 15 -21.43 22.22 29.23
C ILE N 15 -22.24 20.93 29.29
N ASN N 16 -23.42 20.97 29.91
CA ASN N 16 -24.24 19.77 30.01
C ASN N 16 -24.69 19.28 28.63
N ALA N 17 -25.07 20.21 27.75
CA ALA N 17 -25.46 19.82 26.40
C ALA N 17 -24.27 19.26 25.63
N THR N 18 -23.08 19.82 25.84
CA THR N 18 -21.88 19.28 25.23
C THR N 18 -21.64 17.84 25.67
N PHE N 19 -21.79 17.58 26.98
CA PHE N 19 -21.62 16.23 27.48
C PHE N 19 -22.66 15.28 26.91
N ILE N 20 -23.91 15.73 26.83
CA ILE N 20 -24.97 14.89 26.29
C ILE N 20 -24.71 14.57 24.83
N LEU N 21 -24.27 15.56 24.05
CA LEU N 21 -23.97 15.34 22.65
C LEU N 21 -22.81 14.36 22.50
N LEU N 22 -21.76 14.52 23.30
CA LEU N 22 -20.64 13.60 23.23
C LEU N 22 -21.07 12.18 23.55
N ILE N 23 -21.89 12.01 24.59
CA ILE N 23 -22.35 10.68 24.97
C ILE N 23 -23.19 10.07 23.85
N HIS N 24 -24.13 10.86 23.31
CA HIS N 24 -25.01 10.34 22.27
C HIS N 24 -24.22 9.95 21.03
N GLY N 25 -23.27 10.80 20.62
CA GLY N 25 -22.46 10.48 19.45
C GLY N 25 -21.62 9.25 19.64
N VAL N 26 -20.95 9.13 20.79
CA VAL N 26 -20.07 7.99 20.99
C VAL N 26 -20.89 6.71 21.15
N VAL N 27 -22.09 6.80 21.72
CA VAL N 27 -22.92 5.61 21.89
C VAL N 27 -23.45 5.13 20.55
N PHE N 28 -23.94 6.05 19.72
CA PHE N 28 -24.66 5.67 18.51
C PHE N 28 -23.81 5.73 17.25
N SER N 29 -22.50 5.98 17.38
CA SER N 29 -21.60 5.85 16.25
C SER N 29 -20.98 4.46 16.15
N THR N 30 -21.14 3.63 17.17
CA THR N 30 -20.59 2.28 17.18
C THR N 30 -21.67 1.22 17.35
N SER N 31 -22.93 1.57 17.10
CA SER N 31 -24.02 0.62 17.23
C SER N 31 -24.12 -0.23 15.97
N LYS N 32 -24.11 -1.55 16.16
CA LYS N 32 -24.23 -2.46 15.02
C LYS N 32 -25.66 -2.53 14.50
N LYS N 33 -26.64 -2.14 15.32
CA LYS N 33 -28.03 -2.15 14.87
C LYS N 33 -28.24 -1.19 13.70
N TYR N 34 -27.68 0.00 13.78
CA TYR N 34 -27.85 1.02 12.76
C TYR N 34 -26.70 1.04 11.75
N ASP N 35 -25.73 0.14 11.89
CA ASP N 35 -24.60 -0.01 10.99
C ASP N 35 -23.83 1.32 10.92
N TYR N 36 -23.23 1.65 12.07
CA TYR N 36 -22.29 2.75 12.24
C TYR N 36 -22.76 4.01 11.51
N PRO N 37 -23.85 4.63 11.94
CA PRO N 37 -24.45 5.70 11.15
C PRO N 37 -23.55 6.93 11.14
N PRO N 38 -23.64 7.75 10.10
CA PRO N 38 -22.88 9.02 10.02
C PRO N 38 -23.59 10.19 10.70
N LEU N 39 -23.53 10.20 12.03
CA LEU N 39 -24.28 11.17 12.82
C LEU N 39 -23.45 12.41 13.14
N ALA N 40 -22.89 13.01 12.09
CA ALA N 40 -22.25 14.31 12.24
C ALA N 40 -23.23 15.45 12.04
N SER N 41 -24.10 15.34 11.03
CA SER N 41 -25.11 16.37 10.83
C SER N 41 -26.13 16.37 11.95
N ASN N 42 -26.45 15.19 12.49
CA ASN N 42 -27.37 15.11 13.62
C ASN N 42 -26.80 15.82 14.84
N VAL N 43 -25.54 15.51 15.18
CA VAL N 43 -24.88 16.16 16.31
C VAL N 43 -24.73 17.65 16.05
N GLY N 44 -24.47 18.04 14.79
CA GLY N 44 -24.37 19.45 14.47
C GLY N 44 -25.68 20.20 14.67
N TRP N 45 -26.79 19.61 14.24
CA TRP N 45 -28.08 20.25 14.44
C TRP N 45 -28.44 20.33 15.91
N LEU N 46 -28.15 19.27 16.68
CA LEU N 46 -28.39 19.32 18.12
C LEU N 46 -27.51 20.38 18.79
N GLY N 47 -26.27 20.53 18.32
CA GLY N 47 -25.40 21.55 18.87
C GLY N 47 -25.86 22.96 18.54
N LEU N 48 -26.36 23.16 17.32
CA LEU N 48 -26.92 24.45 16.95
C LEU N 48 -28.14 24.77 17.81
N LEU N 49 -28.99 23.76 18.06
CA LEU N 49 -30.13 23.97 18.94
C LEU N 49 -29.67 24.31 20.35
N SER N 50 -28.63 23.63 20.85
CA SER N 50 -28.11 23.93 22.18
C SER N 50 -27.56 25.35 22.25
N VAL N 51 -26.85 25.79 21.21
CA VAL N 51 -26.32 27.15 21.17
C VAL N 51 -27.46 28.15 21.18
N LEU N 52 -28.52 27.88 20.41
CA LEU N 52 -29.67 28.77 20.41
C LEU N 52 -30.32 28.83 21.79
N ILE N 53 -30.43 27.68 22.47
CA ILE N 53 -31.08 27.66 23.77
C ILE N 53 -30.24 28.41 24.80
N THR N 54 -28.92 28.24 24.78
CA THR N 54 -28.10 28.97 25.74
C THR N 54 -28.02 30.46 25.39
N LEU N 55 -28.19 30.80 24.11
CA LEU N 55 -28.33 32.21 23.74
C LEU N 55 -29.62 32.79 24.31
N LEU N 56 -30.70 32.03 24.24
CA LEU N 56 -31.95 32.47 24.85
C LEU N 56 -31.82 32.62 26.35
N LEU N 57 -31.10 31.69 27.00
CA LEU N 57 -30.85 31.79 28.43
C LEU N 57 -30.05 33.04 28.76
N LEU N 58 -29.01 33.32 27.96
CA LEU N 58 -28.16 34.48 28.21
C LEU N 58 -28.90 35.80 27.96
N ALA N 59 -29.75 35.85 26.94
CA ALA N 59 -30.44 37.09 26.60
C ALA N 59 -31.46 37.49 27.64
N ALA N 60 -32.19 36.52 28.18
CA ALA N 60 -33.27 36.80 29.12
C ALA N 60 -32.79 36.99 30.55
N GLY N 61 -31.50 36.84 30.81
CA GLY N 61 -30.98 37.03 32.14
C GLY N 61 -30.23 38.33 32.32
N ALA N 62 -30.65 39.38 31.60
CA ALA N 62 -30.00 40.67 31.73
C ALA N 62 -30.13 41.25 33.13
N PRO N 63 -31.30 41.31 33.76
CA PRO N 63 -31.33 41.71 35.18
C PRO N 63 -30.59 40.75 36.07
N LEU N 64 -30.55 39.46 35.73
CA LEU N 64 -29.78 38.47 36.45
C LEU N 64 -28.31 38.55 36.02
N LEU N 65 -27.53 37.53 36.37
CA LEU N 65 -26.14 37.40 35.97
C LEU N 65 -25.26 38.44 36.65
N THR N 66 -25.87 39.31 37.46
CA THR N 66 -25.12 40.24 38.29
C THR N 66 -25.40 40.01 39.78
N ILE N 67 -26.05 38.90 40.12
CA ILE N 67 -26.36 38.57 41.50
C ILE N 67 -25.23 37.74 42.08
N ALA N 68 -25.11 37.79 43.41
CA ALA N 68 -24.03 37.10 44.11
C ALA N 68 -22.67 37.52 43.56
N HIS N 69 -22.55 38.81 43.21
CA HIS N 69 -21.32 39.31 42.60
C HIS N 69 -20.15 39.31 43.57
N LEU N 70 -20.43 39.30 44.88
CA LEU N 70 -19.35 39.18 45.86
C LEU N 70 -18.82 37.75 45.92
N PHE N 71 -19.72 36.76 45.85
CA PHE N 71 -19.29 35.36 45.92
C PHE N 71 -18.42 35.00 44.72
N TRP N 72 -18.79 35.46 43.53
CA TRP N 72 -18.07 35.14 42.30
C TRP N 72 -16.93 36.10 42.02
N ASN N 73 -16.67 37.05 42.93
CA ASN N 73 -15.72 38.13 42.64
C ASN N 73 -14.33 37.59 42.32
N ASN N 74 -13.86 36.62 43.11
CA ASN N 74 -12.52 36.10 42.90
C ASN N 74 -12.39 35.34 41.59
N LEU N 75 -13.51 34.83 41.07
CA LEU N 75 -13.48 33.98 39.88
C LEU N 75 -13.70 34.77 38.60
N PHE N 76 -14.81 35.51 38.52
CA PHE N 76 -15.10 36.30 37.33
C PHE N 76 -16.00 37.47 37.70
N ARG N 77 -16.03 38.47 36.83
CA ARG N 77 -16.89 39.64 37.01
C ARG N 77 -17.55 39.95 35.68
N ARG N 78 -18.83 39.64 35.56
CA ARG N 78 -19.58 39.87 34.33
C ARG N 78 -20.48 41.08 34.50
N ASP N 79 -20.58 41.88 33.45
CA ASP N 79 -21.31 43.14 33.49
C ASP N 79 -21.94 43.39 32.11
N ASN N 80 -22.35 44.63 31.85
CA ASN N 80 -23.01 44.94 30.60
C ASN N 80 -22.10 44.70 29.40
N PHE N 81 -20.83 45.07 29.53
CA PHE N 81 -19.87 44.81 28.45
C PHE N 81 -19.74 43.31 28.20
N THR N 82 -19.56 42.53 29.26
CA THR N 82 -19.45 41.09 29.13
C THR N 82 -20.72 40.48 28.57
N TYR N 83 -21.88 40.98 29.01
CA TYR N 83 -23.15 40.45 28.55
C TYR N 83 -23.28 40.56 27.04
N PHE N 84 -23.07 41.77 26.50
CA PHE N 84 -23.19 41.96 25.06
C PHE N 84 -22.10 41.22 24.30
N CYS N 85 -20.87 41.21 24.82
CA CYS N 85 -19.79 40.50 24.14
C CYS N 85 -20.10 39.01 24.02
N GLN N 86 -20.60 38.40 25.10
CA GLN N 86 -20.97 36.99 25.05
C GLN N 86 -22.16 36.76 24.13
N ILE N 87 -23.16 37.65 24.18
CA ILE N 87 -24.35 37.46 23.35
C ILE N 87 -24.02 37.63 21.87
N PHE N 88 -22.94 38.32 21.53
CA PHE N 88 -22.54 38.42 20.13
C PHE N 88 -21.61 37.27 19.72
N LEU N 89 -20.69 36.86 20.60
CA LEU N 89 -19.84 35.73 20.29
C LEU N 89 -20.64 34.46 20.09
N LEU N 90 -21.68 34.26 20.90
CA LEU N 90 -22.49 33.06 20.77
C LEU N 90 -23.29 33.07 19.47
N LEU N 91 -23.77 34.24 19.04
CA LEU N 91 -24.41 34.35 17.74
C LEU N 91 -23.44 34.04 16.61
N SER N 92 -22.21 34.54 16.71
CA SER N 92 -21.22 34.24 15.68
C SER N 92 -20.93 32.75 15.61
N THR N 93 -20.82 32.10 16.78
CA THR N 93 -20.60 30.66 16.81
C THR N 93 -21.77 29.91 16.19
N ALA N 94 -23.00 30.34 16.50
CA ALA N 94 -24.18 29.70 15.91
C ALA N 94 -24.16 29.83 14.39
N GLY N 95 -23.85 31.02 13.88
CA GLY N 95 -23.79 31.19 12.43
C GLY N 95 -22.72 30.33 11.79
N THR N 96 -21.53 30.27 12.40
CA THR N 96 -20.45 29.46 11.85
C THR N 96 -20.83 27.98 11.83
N ILE N 97 -21.38 27.49 12.94
CA ILE N 97 -21.75 26.07 13.00
C ILE N 97 -22.92 25.78 12.07
N SER N 98 -23.75 26.79 11.78
CA SER N 98 -24.88 26.58 10.88
C SER N 98 -24.44 26.55 9.41
N MET N 99 -23.46 27.36 9.03
CA MET N 99 -23.07 27.43 7.63
C MET N 99 -22.09 26.34 7.23
N CYS N 100 -21.77 25.40 8.13
CA CYS N 100 -20.84 24.33 7.83
C CYS N 100 -21.51 22.96 7.79
N PHE N 101 -22.84 22.90 7.81
CA PHE N 101 -23.52 21.62 7.82
C PHE N 101 -23.30 20.84 6.54
N ASP N 102 -23.35 21.52 5.39
CA ASP N 102 -23.19 20.84 4.11
C ASP N 102 -21.78 20.29 3.97
N PHE N 103 -20.81 20.92 4.62
CA PHE N 103 -19.43 20.43 4.58
C PHE N 103 -19.34 19.02 5.15
N PHE N 104 -20.26 18.63 6.02
CA PHE N 104 -20.19 17.32 6.66
C PHE N 104 -20.58 16.20 5.69
N ASP N 105 -21.58 16.44 4.85
CA ASP N 105 -22.08 15.40 3.96
C ASP N 105 -21.62 15.56 2.51
N GLN N 106 -21.24 16.76 2.09
CA GLN N 106 -20.76 16.93 0.72
C GLN N 106 -19.46 16.18 0.49
N GLU N 107 -18.53 16.25 1.44
CA GLU N 107 -17.25 15.56 1.32
C GLU N 107 -17.10 14.46 2.36
N ARG N 108 -18.20 14.08 3.03
CA ARG N 108 -18.27 12.84 3.80
C ARG N 108 -17.25 12.86 4.95
N PHE N 109 -17.46 13.84 5.84
CA PHE N 109 -16.56 14.11 6.95
C PHE N 109 -17.28 13.91 8.27
N ASP N 110 -17.96 12.76 8.43
CA ASP N 110 -18.82 12.53 9.59
C ASP N 110 -18.06 12.28 10.88
N ALA N 111 -17.38 13.31 11.39
CA ALA N 111 -16.72 13.25 12.69
C ALA N 111 -17.45 14.21 13.62
N PHE N 112 -18.28 13.68 14.51
CA PHE N 112 -19.06 14.54 15.40
C PHE N 112 -18.20 15.21 16.46
N GLU N 113 -16.98 14.73 16.68
CA GLU N 113 -16.10 15.36 17.65
C GLU N 113 -15.79 16.80 17.24
N PHE N 114 -15.86 17.10 15.94
CA PHE N 114 -15.72 18.46 15.47
C PHE N 114 -16.73 19.39 16.16
N ILE N 115 -18.01 18.98 16.16
CA ILE N 115 -19.06 19.83 16.72
C ILE N 115 -18.89 19.99 18.24
N VAL N 116 -18.58 18.89 18.93
CA VAL N 116 -18.44 18.97 20.38
C VAL N 116 -17.24 19.84 20.74
N LEU N 117 -16.18 19.80 19.94
CA LEU N 117 -15.03 20.67 20.21
C LEU N 117 -15.36 22.13 19.91
N ILE N 118 -16.15 22.40 18.87
CA ILE N 118 -16.65 23.77 18.65
C ILE N 118 -17.40 24.25 19.88
N LEU N 119 -18.32 23.42 20.38
CA LEU N 119 -19.12 23.81 21.54
C LEU N 119 -18.25 24.07 22.77
N LEU N 120 -17.27 23.20 23.00
CA LEU N 120 -16.46 23.33 24.21
C LEU N 120 -15.50 24.52 24.12
N SER N 121 -14.97 24.79 22.92
CA SER N 121 -14.19 26.01 22.73
C SER N 121 -15.04 27.25 22.90
N THR N 122 -16.31 27.19 22.48
CA THR N 122 -17.22 28.30 22.70
C THR N 122 -17.45 28.52 24.19
N CYS N 123 -17.57 27.44 24.95
CA CYS N 123 -17.65 27.57 26.40
C CYS N 123 -16.40 28.22 26.98
N GLY N 124 -15.22 27.82 26.47
CA GLY N 124 -14.00 28.47 26.91
C GLY N 124 -13.99 29.96 26.61
N MET N 125 -14.49 30.34 25.44
CA MET N 125 -14.58 31.75 25.08
C MET N 125 -15.54 32.49 26.01
N LEU N 126 -16.67 31.87 26.34
CA LEU N 126 -17.60 32.46 27.30
C LEU N 126 -16.95 32.65 28.66
N PHE N 127 -16.09 31.73 29.07
CA PHE N 127 -15.28 31.95 30.26
C PHE N 127 -14.35 33.14 30.09
N MET N 128 -13.74 33.29 28.91
CA MET N 128 -12.74 34.33 28.72
C MET N 128 -13.33 35.74 28.88
N ILE N 129 -14.51 35.97 28.30
CA ILE N 129 -15.11 37.30 28.38
C ILE N 129 -15.42 37.67 29.82
N SER N 130 -15.96 36.73 30.58
CA SER N 130 -16.25 36.96 32.00
C SER N 130 -15.00 36.97 32.86
N ALA N 131 -13.89 36.43 32.37
CA ALA N 131 -12.69 36.29 33.18
C ALA N 131 -12.21 37.66 33.69
N TYR N 132 -11.91 37.73 34.97
CA TYR N 132 -11.55 38.98 35.64
C TYR N 132 -10.31 38.78 36.51
N ASP N 133 -9.46 37.82 36.12
CA ASP N 133 -8.25 37.50 36.85
C ASP N 133 -7.26 36.89 35.88
N LEU N 134 -5.97 36.97 36.23
CA LEU N 134 -4.93 36.46 35.34
C LEU N 134 -5.05 34.94 35.18
N ILE N 135 -5.34 34.23 36.26
CA ILE N 135 -5.43 32.77 36.20
C ILE N 135 -6.57 32.33 35.29
N ALA N 136 -7.77 32.89 35.52
CA ALA N 136 -8.92 32.56 34.68
C ALA N 136 -8.70 33.00 33.24
N MET N 137 -8.07 34.16 33.06
CA MET N 137 -7.69 34.62 31.72
C MET N 137 -6.87 33.57 30.99
N TYR N 138 -5.80 33.11 31.62
CA TYR N 138 -4.91 32.14 30.98
C TYR N 138 -5.60 30.82 30.72
N LEU N 139 -6.39 30.34 31.69
CA LEU N 139 -7.07 29.06 31.51
C LEU N 139 -8.10 29.12 30.39
N ALA N 140 -8.86 30.21 30.31
CA ALA N 140 -9.83 30.37 29.24
C ALA N 140 -9.15 30.52 27.89
N ILE N 141 -7.99 31.17 27.84
CA ILE N 141 -7.21 31.19 26.61
C ILE N 141 -6.84 29.76 26.22
N GLU N 142 -6.38 28.97 27.19
CA GLU N 142 -5.86 27.65 26.88
C GLU N 142 -6.95 26.69 26.43
N LEU N 143 -8.17 26.84 26.96
CA LEU N 143 -9.28 26.01 26.48
C LEU N 143 -9.44 26.12 24.97
N GLN N 144 -9.65 27.34 24.46
CA GLN N 144 -9.84 27.49 23.03
C GLN N 144 -8.58 27.13 22.27
N SER N 145 -7.40 27.43 22.84
CA SER N 145 -6.17 27.13 22.15
C SER N 145 -6.05 25.63 21.89
N LEU N 146 -6.29 24.81 22.92
CA LEU N 146 -6.18 23.37 22.74
C LEU N 146 -7.28 22.83 21.85
N CYS N 147 -8.49 23.36 21.97
CA CYS N 147 -9.55 22.93 21.07
C CYS N 147 -9.18 23.18 19.62
N PHE N 148 -8.61 24.36 19.33
CA PHE N 148 -8.23 24.67 17.96
C PHE N 148 -7.02 23.87 17.48
N TYR N 149 -6.08 23.58 18.38
CA TYR N 149 -4.97 22.72 18.00
C TYR N 149 -5.47 21.34 17.59
N VAL N 150 -6.45 20.81 18.33
CA VAL N 150 -7.02 19.52 17.97
C VAL N 150 -7.77 19.62 16.65
N ILE N 151 -8.59 20.67 16.49
CA ILE N 151 -9.49 20.76 15.34
C ILE N 151 -8.72 21.01 14.05
N ALA N 152 -7.65 21.81 14.09
CA ALA N 152 -6.95 22.20 12.86
C ALA N 152 -6.40 20.98 12.14
N ALA N 153 -5.87 20.01 12.88
CA ALA N 153 -5.32 18.79 12.30
C ALA N 153 -6.33 17.66 12.22
N SER N 154 -7.63 17.99 12.19
CA SER N 154 -8.66 16.95 12.15
C SER N 154 -8.60 16.17 10.85
N LYS N 155 -8.56 16.86 9.72
CA LYS N 155 -8.51 16.19 8.42
C LYS N 155 -7.14 15.59 8.20
N ARG N 156 -6.97 14.32 8.54
CA ARG N 156 -5.66 13.67 8.54
C ARG N 156 -5.39 12.93 7.23
N LYS N 157 -5.53 13.62 6.11
CA LYS N 157 -5.13 13.07 4.82
C LYS N 157 -4.32 14.08 4.01
N SER N 158 -4.55 15.37 4.27
CA SER N 158 -3.88 16.43 3.53
C SER N 158 -2.68 16.92 4.32
N GLU N 159 -1.54 17.05 3.63
CA GLU N 159 -0.33 17.55 4.27
C GLU N 159 -0.50 18.98 4.75
N PHE N 160 -1.42 19.74 4.16
CA PHE N 160 -1.66 21.11 4.59
C PHE N 160 -2.28 21.14 5.98
N SER N 161 -3.32 20.32 6.20
CA SER N 161 -4.03 20.35 7.47
C SER N 161 -3.12 19.96 8.63
N THR N 162 -2.33 18.91 8.46
CA THR N 162 -1.47 18.44 9.54
C THR N 162 -0.35 19.44 9.83
N GLU N 163 0.32 19.93 8.80
CA GLU N 163 1.41 20.87 9.00
C GLU N 163 0.90 22.19 9.55
N ALA N 164 -0.24 22.67 9.05
CA ALA N 164 -0.82 23.89 9.60
C ALA N 164 -1.21 23.71 11.05
N GLY N 165 -1.78 22.55 11.39
CA GLY N 165 -2.11 22.27 12.77
C GLY N 165 -0.88 22.27 13.67
N LEU N 166 0.21 21.66 13.20
CA LEU N 166 1.43 21.64 13.99
C LEU N 166 2.03 23.03 14.16
N LYS N 167 2.03 23.83 13.09
CA LYS N 167 2.54 25.20 13.19
C LYS N 167 1.69 26.02 14.15
N TYR N 168 0.37 25.88 14.07
CA TYR N 168 -0.52 26.56 14.99
C TYR N 168 -0.24 26.13 16.43
N LEU N 169 -0.04 24.84 16.64
CA LEU N 169 0.30 24.32 17.96
C LEU N 169 1.55 24.98 18.50
N ILE N 170 2.64 24.98 17.72
CA ILE N 170 3.91 25.49 18.22
C ILE N 170 3.81 26.99 18.48
N LEU N 171 3.22 27.73 17.55
CA LEU N 171 3.10 29.17 17.72
C LEU N 171 2.24 29.52 18.92
N GLY N 172 1.11 28.82 19.10
CA GLY N 172 0.25 29.10 20.23
C GLY N 172 0.89 28.74 21.55
N ALA N 173 1.64 27.63 21.58
CA ALA N 173 2.35 27.26 22.81
C ALA N 173 3.40 28.30 23.17
N PHE N 174 4.15 28.78 22.17
CA PHE N 174 5.15 29.82 22.44
C PHE N 174 4.48 31.10 22.92
N SER N 175 3.38 31.49 22.29
CA SER N 175 2.66 32.70 22.71
C SER N 175 2.12 32.56 24.12
N SER N 176 1.57 31.39 24.45
CA SER N 176 1.05 31.16 25.79
C SER N 176 2.16 31.20 26.82
N GLY N 177 3.31 30.60 26.52
CA GLY N 177 4.45 30.70 27.43
C GLY N 177 4.90 32.13 27.64
N ILE N 178 4.95 32.91 26.56
CA ILE N 178 5.35 34.32 26.67
C ILE N 178 4.36 35.08 27.55
N LEU N 179 3.06 34.90 27.30
CA LEU N 179 2.05 35.60 28.09
C LEU N 179 2.11 35.20 29.55
N LEU N 180 2.32 33.91 29.82
CA LEU N 180 2.34 33.43 31.18
C LEU N 180 3.58 33.93 31.93
N PHE N 181 4.72 33.96 31.25
CA PHE N 181 5.91 34.57 31.83
C PHE N 181 5.67 36.05 32.12
N GLY N 182 4.93 36.73 31.25
CA GLY N 182 4.59 38.13 31.52
C GLY N 182 3.74 38.28 32.76
N CYS N 183 2.72 37.44 32.91
CA CYS N 183 1.87 37.51 34.09
C CYS N 183 2.61 37.14 35.37
N SER N 184 3.61 36.25 35.27
CA SER N 184 4.31 35.78 36.46
C SER N 184 5.00 36.94 37.19
N MET N 185 5.64 37.83 36.44
CA MET N 185 6.35 38.93 37.09
C MET N 185 5.41 40.02 37.59
N ILE N 186 4.32 40.28 36.88
CA ILE N 186 3.33 41.23 37.38
C ILE N 186 2.74 40.72 38.69
N TYR N 187 2.57 39.41 38.81
CA TYR N 187 2.23 38.84 40.12
C TYR N 187 3.38 39.02 41.10
N GLY N 188 4.62 38.80 40.65
CA GLY N 188 5.75 38.85 41.56
C GLY N 188 6.01 40.23 42.14
N SER N 189 5.92 41.26 41.30
CA SER N 189 6.26 42.61 41.73
C SER N 189 5.15 43.30 42.51
N THR N 190 3.93 42.79 42.46
CA THR N 190 2.82 43.42 43.18
C THR N 190 1.92 42.45 43.93
N GLY N 191 2.05 41.14 43.74
CA GLY N 191 0.97 40.28 44.17
C GLY N 191 -0.26 40.59 43.33
N ALA N 192 -1.44 40.39 43.92
CA ALA N 192 -2.68 40.93 43.39
C ALA N 192 -2.93 40.48 41.95
N THR N 193 -3.14 39.17 41.81
CA THR N 193 -3.50 38.63 40.50
C THR N 193 -4.83 39.19 40.01
N HIS N 194 -5.74 39.48 40.93
CA HIS N 194 -7.07 39.95 40.55
C HIS N 194 -6.98 41.27 39.80
N PHE N 195 -7.83 41.44 38.79
CA PHE N 195 -7.81 42.65 37.98
C PHE N 195 -8.25 43.86 38.79
N ASP N 196 -9.23 43.69 39.68
CA ASP N 196 -9.74 44.82 40.45
C ASP N 196 -8.65 45.43 41.32
N GLN N 197 -7.86 44.59 41.97
CA GLN N 197 -6.75 45.07 42.79
C GLN N 197 -5.48 45.32 42.01
N LEU N 198 -5.39 44.82 40.77
CA LEU N 198 -4.28 45.18 39.91
C LEU N 198 -4.45 46.58 39.32
N ALA N 199 -5.69 47.00 39.10
CA ALA N 199 -5.98 48.34 38.59
C ALA N 199 -5.91 49.40 39.67
N LYS N 200 -5.74 48.99 40.94
CA LYS N 200 -5.68 49.92 42.06
C LYS N 200 -4.27 50.12 42.60
N ILE N 201 -3.40 49.13 42.48
CA ILE N 201 -2.01 49.29 42.90
C ILE N 201 -1.17 50.00 41.85
N LEU N 202 -1.57 49.95 40.58
CA LEU N 202 -0.81 50.61 39.51
C LEU N 202 -1.28 52.03 39.25
N THR N 203 -2.53 52.35 39.58
CA THR N 203 -3.02 53.71 39.39
C THR N 203 -2.42 54.69 40.38
N GLY N 204 -1.85 54.20 41.48
CA GLY N 204 -1.37 55.10 42.52
C GLY N 204 -0.20 55.95 42.07
N TYR N 205 0.76 55.35 41.35
CA TYR N 205 1.98 56.04 40.98
C TYR N 205 2.25 55.82 39.50
N GLU N 206 2.56 56.90 38.78
CA GLU N 206 2.84 56.82 37.36
C GLU N 206 4.22 56.21 37.11
N ILE N 207 4.37 55.62 35.92
CA ILE N 207 5.65 55.00 35.56
C ILE N 207 6.72 56.07 35.32
N THR N 208 6.31 57.29 35.01
CA THR N 208 7.29 58.34 34.71
C THR N 208 7.98 58.85 35.98
N GLY N 209 7.24 58.93 37.08
CA GLY N 209 7.84 59.42 38.32
C GLY N 209 8.94 58.52 38.83
N ALA N 210 8.68 57.22 38.85
CA ALA N 210 9.69 56.24 39.23
C ALA N 210 9.52 55.00 38.34
N ARG N 211 10.63 54.34 38.07
CA ARG N 211 10.67 53.24 37.11
C ARG N 211 10.70 51.91 37.84
N SER N 212 9.72 51.06 37.54
CA SER N 212 9.67 49.68 38.03
C SER N 212 9.95 48.76 36.86
N SER N 213 11.11 48.12 36.86
CA SER N 213 11.52 47.30 35.73
C SER N 213 10.78 45.98 35.64
N GLY N 214 10.00 45.63 36.67
CA GLY N 214 9.25 44.38 36.65
C GLY N 214 7.87 44.53 36.04
N ILE N 215 7.09 45.50 36.54
CA ILE N 215 5.72 45.67 36.08
C ILE N 215 5.70 46.06 34.60
N PHE N 216 6.59 46.96 34.20
CA PHE N 216 6.63 47.41 32.81
C PHE N 216 6.91 46.25 31.87
N MET N 217 7.92 45.44 32.19
CA MET N 217 8.31 44.38 31.29
C MET N 217 7.33 43.21 31.33
N GLY N 218 6.66 42.99 32.47
CA GLY N 218 5.57 42.03 32.49
C GLY N 218 4.40 42.46 31.63
N ILE N 219 4.04 43.74 31.70
CA ILE N 219 2.98 44.26 30.84
C ILE N 219 3.37 44.13 29.37
N LEU N 220 4.63 44.41 29.06
CA LEU N 220 5.12 44.27 27.69
C LEU N 220 5.00 42.84 27.20
N PHE N 221 5.38 41.87 28.05
CA PHE N 221 5.28 40.47 27.64
C PHE N 221 3.83 40.02 27.50
N ILE N 222 2.94 40.50 28.37
CA ILE N 222 1.52 40.18 28.21
C ILE N 222 1.00 40.72 26.88
N ALA N 223 1.36 41.96 26.55
CA ALA N 223 0.94 42.54 25.28
C ALA N 223 1.50 41.76 24.10
N VAL N 224 2.76 41.34 24.19
CA VAL N 224 3.36 40.58 23.10
C VAL N 224 2.64 39.25 22.91
N GLY N 225 2.33 38.56 24.02
CA GLY N 225 1.58 37.33 23.92
C GLY N 225 0.22 37.52 23.30
N PHE N 226 -0.48 38.58 23.70
CA PHE N 226 -1.80 38.83 23.13
C PHE N 226 -1.71 39.16 21.64
N LEU N 227 -0.69 39.92 21.24
CA LEU N 227 -0.53 40.21 19.81
C LEU N 227 -0.19 38.96 19.02
N PHE N 228 0.55 38.02 19.63
CA PHE N 228 0.69 36.70 19.01
C PHE N 228 -0.66 36.01 18.88
N LYS N 229 -1.51 36.14 19.90
CA LYS N 229 -2.79 35.44 19.88
C LYS N 229 -3.67 35.91 18.74
N ILE N 230 -3.72 37.21 18.48
CA ILE N 230 -4.53 37.75 17.39
C ILE N 230 -3.78 37.81 16.08
N THR N 231 -2.52 37.36 16.05
CA THR N 231 -1.69 37.36 14.85
C THR N 231 -1.57 38.77 14.25
N ALA N 232 -1.00 39.67 15.03
CA ALA N 232 -0.79 41.05 14.63
C ALA N 232 0.67 41.26 14.25
N VAL N 233 0.88 41.92 13.11
CA VAL N 233 2.23 42.15 12.58
C VAL N 233 3.03 42.97 13.59
N PRO N 234 4.31 42.64 13.87
CA PRO N 234 5.14 41.63 13.20
C PRO N 234 4.99 40.22 13.73
N PHE N 235 4.04 40.00 14.63
CA PHE N 235 3.84 38.68 15.21
C PHE N 235 2.83 37.88 14.39
N HIS N 236 3.19 37.67 13.13
CA HIS N 236 2.38 36.96 12.13
C HIS N 236 3.22 35.89 11.44
N MET N 237 3.93 35.09 12.25
CA MET N 237 4.94 34.19 11.72
C MET N 237 4.37 33.19 10.73
N TRP N 238 3.20 32.62 11.05
CA TRP N 238 2.65 31.55 10.21
C TRP N 238 1.16 31.69 9.95
N ALA N 239 0.53 32.81 10.31
CA ALA N 239 -0.92 32.93 10.23
C ALA N 239 -1.49 32.64 8.85
N PRO N 240 -0.93 33.18 7.74
CA PRO N 240 -1.47 32.79 6.43
C PRO N 240 -1.40 31.30 6.16
N ASP N 241 -0.31 30.64 6.59
CA ASP N 241 -0.22 29.19 6.41
C ASP N 241 -1.23 28.46 7.27
N ILE N 242 -1.48 28.96 8.49
CA ILE N 242 -2.50 28.35 9.34
C ILE N 242 -3.87 28.43 8.67
N TYR N 243 -4.19 29.60 8.11
CA TYR N 243 -5.51 29.78 7.54
C TYR N 243 -5.65 29.03 6.22
N GLU N 244 -4.57 28.90 5.46
CA GLU N 244 -4.65 28.15 4.20
C GLU N 244 -4.74 26.65 4.46
N GLY N 245 -3.88 26.12 5.34
CA GLY N 245 -3.86 24.69 5.55
C GLY N 245 -5.10 24.15 6.25
N SER N 246 -5.62 24.90 7.21
CA SER N 246 -6.72 24.43 8.05
C SER N 246 -7.98 24.25 7.21
N PRO N 247 -8.85 23.32 7.59
CA PRO N 247 -10.10 23.12 6.84
C PRO N 247 -10.96 24.37 6.83
N THR N 248 -11.72 24.53 5.74
CA THR N 248 -12.51 25.75 5.55
C THR N 248 -13.46 26.06 6.70
N PRO N 249 -14.25 25.11 7.22
CA PRO N 249 -15.09 25.45 8.38
C PRO N 249 -14.29 25.86 9.61
N VAL N 250 -13.10 25.29 9.78
CA VAL N 250 -12.27 25.67 10.93
C VAL N 250 -11.81 27.11 10.79
N THR N 251 -11.32 27.48 9.61
CA THR N 251 -10.92 28.87 9.37
C THR N 251 -12.11 29.80 9.47
N ALA N 252 -13.31 29.32 9.13
CA ALA N 252 -14.51 30.12 9.31
C ALA N 252 -14.75 30.40 10.80
N PHE N 253 -14.58 29.39 11.64
CA PHE N 253 -14.72 29.61 13.08
C PHE N 253 -13.60 30.48 13.61
N LEU N 254 -12.38 30.25 13.14
CA LEU N 254 -11.27 31.13 13.49
C LEU N 254 -11.49 32.52 12.89
N SER N 255 -10.72 33.49 13.40
CA SER N 255 -10.70 34.85 12.90
C SER N 255 -12.02 35.58 13.12
N ILE N 256 -13.01 34.90 13.71
CA ILE N 256 -14.24 35.56 14.14
C ILE N 256 -14.45 35.28 15.63
N ALA N 257 -14.66 34.01 15.96
CA ALA N 257 -14.93 33.60 17.33
C ALA N 257 -13.74 33.83 18.26
N PRO N 258 -12.51 33.44 17.90
CA PRO N 258 -11.39 33.70 18.82
C PRO N 258 -11.06 35.17 18.95
N LYS N 259 -11.08 35.92 17.85
CA LYS N 259 -10.62 37.30 17.88
C LYS N 259 -11.54 38.17 18.73
N ILE N 260 -12.84 37.91 18.70
CA ILE N 260 -13.78 38.71 19.50
C ILE N 260 -13.47 38.54 20.98
N SER N 261 -13.34 37.29 21.44
CA SER N 261 -13.07 37.03 22.84
C SER N 261 -11.71 37.56 23.25
N ILE N 262 -10.69 37.37 22.40
CA ILE N 262 -9.37 37.86 22.75
C ILE N 262 -9.35 39.38 22.79
N PHE N 263 -10.11 40.05 21.92
CA PHE N 263 -10.16 41.50 21.95
C PHE N 263 -10.89 42.02 23.18
N ALA N 264 -11.95 41.33 23.60
CA ALA N 264 -12.58 41.69 24.86
C ALA N 264 -11.63 41.50 26.04
N ASN N 265 -10.87 40.42 26.01
CA ASN N 265 -9.86 40.15 27.03
C ASN N 265 -8.80 41.25 27.06
N ILE N 266 -8.33 41.66 25.87
CA ILE N 266 -7.34 42.72 25.78
C ILE N 266 -7.93 44.04 26.25
N LEU N 267 -9.21 44.28 25.99
CA LEU N 267 -9.84 45.48 26.52
C LEU N 267 -9.83 45.48 28.04
N ARG N 268 -10.22 44.35 28.65
CA ARG N 268 -10.22 44.27 30.10
C ARG N 268 -8.83 44.47 30.68
N VAL N 269 -7.81 43.88 30.06
CA VAL N 269 -6.45 44.02 30.56
C VAL N 269 -5.95 45.45 30.38
N PHE N 270 -6.15 46.00 29.17
CA PHE N 270 -5.65 47.32 28.81
C PHE N 270 -6.26 48.42 29.68
N ILE N 271 -7.58 48.36 29.89
CA ILE N 271 -8.25 49.43 30.61
C ILE N 271 -7.81 49.46 32.07
N TYR N 272 -7.71 48.30 32.70
CA TYR N 272 -7.41 48.22 34.13
C TYR N 272 -5.92 48.09 34.41
N GLY N 273 -5.29 47.06 33.86
CA GLY N 273 -3.92 46.74 34.23
C GLY N 273 -2.87 47.64 33.62
N SER N 274 -3.26 48.56 32.73
CA SER N 274 -2.32 49.43 32.05
C SER N 274 -2.61 50.88 32.40
N TYR N 275 -1.78 51.45 33.28
CA TYR N 275 -1.86 52.87 33.58
C TYR N 275 -0.58 53.63 33.27
N GLY N 276 0.50 52.95 32.88
CA GLY N 276 1.72 53.63 32.53
C GLY N 276 1.71 54.25 31.15
N ALA N 277 0.64 54.07 30.39
CA ALA N 277 0.50 54.56 29.02
C ALA N 277 1.61 54.06 28.11
N THR N 278 2.18 52.90 28.44
CA THR N 278 3.23 52.30 27.64
C THR N 278 2.69 51.33 26.60
N LEU N 279 1.42 50.95 26.68
CA LEU N 279 0.86 50.08 25.65
C LEU N 279 0.39 50.88 24.43
N GLN N 280 0.31 52.20 24.55
CA GLN N 280 0.03 53.01 23.37
C GLN N 280 1.13 52.83 22.33
N GLN N 281 2.38 52.82 22.78
CA GLN N 281 3.50 52.68 21.85
C GLN N 281 3.53 51.31 21.19
N ILE N 282 3.31 50.24 21.96
CA ILE N 282 3.39 48.90 21.39
C ILE N 282 2.22 48.64 20.45
N PHE N 283 1.05 49.21 20.72
CA PHE N 283 -0.08 49.04 19.80
C PHE N 283 0.10 49.92 18.56
N PHE N 284 0.68 51.11 18.74
CA PHE N 284 0.86 52.06 17.64
C PHE N 284 1.66 51.45 16.51
N PHE N 285 2.92 51.09 16.78
CA PHE N 285 3.81 50.61 15.74
C PHE N 285 3.33 49.29 15.15
N CYS N 286 2.84 48.39 16.01
CA CYS N 286 2.39 47.10 15.53
C CYS N 286 1.15 47.21 14.65
N SER N 287 0.20 48.09 15.01
CA SER N 287 -0.97 48.29 14.17
C SER N 287 -0.59 48.94 12.84
N ILE N 288 0.34 49.90 12.88
CA ILE N 288 0.80 50.51 11.63
C ILE N 288 1.44 49.45 10.72
N ALA N 289 2.29 48.61 11.30
CA ALA N 289 2.93 47.56 10.52
C ALA N 289 1.91 46.57 9.97
N SER N 290 0.91 46.23 10.78
CA SER N 290 -0.15 45.33 10.32
C SER N 290 -0.88 45.93 9.13
N MET N 291 -1.29 47.19 9.25
CA MET N 291 -1.95 47.89 8.14
C MET N 291 -1.10 47.83 6.88
N ILE N 292 0.14 48.31 6.97
CA ILE N 292 0.98 48.43 5.78
C ILE N 292 1.23 47.07 5.15
N LEU N 293 1.61 46.09 5.96
CA LEU N 293 2.03 44.81 5.42
C LEU N 293 0.85 43.99 4.91
N GLY N 294 -0.29 44.05 5.59
CA GLY N 294 -1.47 43.41 5.05
C GLY N 294 -1.87 44.00 3.70
N ALA N 295 -1.89 45.33 3.61
CA ALA N 295 -2.26 45.96 2.34
C ALA N 295 -1.26 45.62 1.24
N LEU N 296 0.03 45.60 1.55
CA LEU N 296 1.05 45.35 0.55
C LEU N 296 1.24 43.87 0.23
N ALA N 297 0.74 42.97 1.07
CA ALA N 297 0.93 41.54 0.85
C ALA N 297 -0.30 40.85 0.27
N ALA N 298 -1.50 41.31 0.61
CA ALA N 298 -2.69 40.69 0.05
C ALA N 298 -2.82 40.92 -1.45
N MET N 299 -2.15 41.94 -1.99
CA MET N 299 -2.23 42.20 -3.42
C MET N 299 -1.40 41.22 -4.24
N ALA N 300 -0.46 40.52 -3.62
CA ALA N 300 0.42 39.60 -4.33
C ALA N 300 -0.03 38.15 -4.24
N GLN N 301 -1.18 37.87 -3.63
CA GLN N 301 -1.63 36.50 -3.44
C GLN N 301 -2.60 36.09 -4.54
N THR N 302 -2.50 34.83 -4.97
CA THR N 302 -3.31 34.31 -6.04
C THR N 302 -4.37 33.32 -5.57
N LYS N 303 -4.24 32.76 -4.38
CA LYS N 303 -5.27 31.89 -3.83
C LYS N 303 -6.31 32.75 -3.11
N VAL N 304 -7.37 32.10 -2.61
CA VAL N 304 -8.44 32.80 -1.92
C VAL N 304 -8.22 32.84 -0.42
N LYS N 305 -7.88 31.70 0.18
CA LYS N 305 -7.74 31.63 1.64
C LYS N 305 -6.60 32.52 2.12
N ARG N 306 -5.50 32.59 1.37
CA ARG N 306 -4.41 33.48 1.73
C ARG N 306 -4.86 34.94 1.67
N LEU N 307 -5.67 35.28 0.66
CA LEU N 307 -6.18 36.64 0.57
C LEU N 307 -7.07 36.99 1.76
N LEU N 308 -7.94 36.05 2.17
CA LEU N 308 -8.76 36.28 3.34
C LEU N 308 -7.91 36.39 4.60
N ALA N 309 -6.83 35.61 4.70
CA ALA N 309 -5.93 35.71 5.83
C ALA N 309 -5.31 37.09 5.93
N TYR N 310 -4.81 37.60 4.81
CA TYR N 310 -4.16 38.91 4.84
C TYR N 310 -5.16 40.04 5.01
N SER N 311 -6.39 39.87 4.48
CA SER N 311 -7.44 40.83 4.76
C SER N 311 -7.79 40.84 6.25
N SER N 312 -7.80 39.66 6.88
CA SER N 312 -8.03 39.59 8.32
C SER N 312 -6.92 40.30 9.08
N ILE N 313 -5.67 40.14 8.65
CA ILE N 313 -4.56 40.84 9.32
C ILE N 313 -4.72 42.34 9.18
N GLY N 314 -5.08 42.80 7.97
CA GLY N 314 -5.28 44.23 7.77
C GLY N 314 -6.41 44.78 8.63
N HIS N 315 -7.52 44.06 8.71
CA HIS N 315 -8.62 44.51 9.55
C HIS N 315 -8.27 44.45 11.02
N VAL N 316 -7.40 43.51 11.42
CA VAL N 316 -6.91 43.50 12.79
C VAL N 316 -6.12 44.77 13.08
N GLY N 317 -5.29 45.20 12.12
CA GLY N 317 -4.60 46.47 12.29
C GLY N 317 -5.56 47.65 12.39
N TYR N 318 -6.58 47.66 11.51
CA TYR N 318 -7.58 48.72 11.55
C TYR N 318 -8.28 48.78 12.90
N ILE N 319 -8.63 47.62 13.45
CA ILE N 319 -9.27 47.58 14.77
C ILE N 319 -8.30 48.00 15.86
N CYS N 320 -7.05 47.55 15.78
CA CYS N 320 -6.04 47.90 16.78
C CYS N 320 -5.74 49.38 16.79
N ILE N 321 -6.06 50.10 15.71
CA ILE N 321 -6.01 51.57 15.75
C ILE N 321 -6.74 52.12 16.97
N GLY N 322 -7.82 51.46 17.40
CA GLY N 322 -8.59 51.96 18.53
C GLY N 322 -7.89 51.87 19.87
N PHE N 323 -6.95 50.94 20.02
CA PHE N 323 -6.21 50.82 21.27
C PHE N 323 -5.28 52.01 21.48
N SER N 324 -4.65 52.50 20.41
CA SER N 324 -3.68 53.58 20.55
C SER N 324 -4.34 54.84 21.09
N CYS N 325 -5.51 55.19 20.58
CA CYS N 325 -6.27 56.32 21.09
C CYS N 325 -7.20 55.82 22.20
N GLY N 326 -6.79 56.00 23.44
CA GLY N 326 -7.62 55.53 24.53
C GLY N 326 -8.63 56.58 24.97
N THR N 327 -9.82 56.49 24.38
CA THR N 327 -10.96 57.32 24.75
C THR N 327 -12.22 56.49 24.55
N ILE N 328 -13.36 57.05 24.94
CA ILE N 328 -14.63 56.35 24.75
C ILE N 328 -14.87 56.13 23.27
N GLU N 329 -14.61 57.14 22.45
CA GLU N 329 -14.80 57.02 21.01
C GLU N 329 -13.84 56.00 20.40
N GLY N 330 -12.62 55.90 20.93
CA GLY N 330 -11.70 54.91 20.41
C GLY N 330 -12.18 53.49 20.63
N ILE N 331 -12.62 53.19 21.84
CA ILE N 331 -13.16 51.86 22.12
C ILE N 331 -14.44 51.63 21.34
N GLN N 332 -15.27 52.67 21.18
CA GLN N 332 -16.49 52.51 20.38
C GLN N 332 -16.16 52.15 18.95
N SER N 333 -15.21 52.85 18.34
CA SER N 333 -14.79 52.54 16.98
C SER N 333 -14.23 51.14 16.90
N LEU N 334 -13.43 50.74 17.89
CA LEU N 334 -12.85 49.40 17.91
C LEU N 334 -13.93 48.32 17.92
N LEU N 335 -14.93 48.48 18.80
CA LEU N 335 -15.98 47.47 18.89
C LEU N 335 -16.84 47.44 17.64
N ILE N 336 -17.16 48.62 17.08
CA ILE N 336 -17.95 48.66 15.85
C ILE N 336 -17.19 47.99 14.72
N GLY N 337 -15.88 48.26 14.62
CA GLY N 337 -15.07 47.60 13.61
C GLY N 337 -15.05 46.10 13.78
N ILE N 338 -14.95 45.63 15.03
CA ILE N 338 -14.97 44.19 15.28
C ILE N 338 -16.29 43.59 14.81
N PHE N 339 -17.40 44.25 15.13
CA PHE N 339 -18.72 43.73 14.74
C PHE N 339 -18.84 43.66 13.22
N ILE N 340 -18.51 44.75 12.54
CA ILE N 340 -18.65 44.78 11.08
C ILE N 340 -17.72 43.77 10.43
N TYR N 341 -16.48 43.67 10.92
CA TYR N 341 -15.53 42.72 10.37
C TYR N 341 -16.00 41.29 10.59
N ALA N 342 -16.63 41.02 11.73
CA ALA N 342 -17.16 39.68 11.98
C ALA N 342 -18.26 39.34 10.98
N LEU N 343 -19.19 40.27 10.76
CA LEU N 343 -20.25 40.01 9.78
C LEU N 343 -19.68 39.80 8.38
N MET N 344 -18.74 40.65 7.97
CA MET N 344 -18.18 40.52 6.63
C MET N 344 -17.37 39.24 6.48
N THR N 345 -16.67 38.83 7.53
CA THR N 345 -15.91 37.58 7.48
C THR N 345 -16.83 36.39 7.39
N MET N 346 -17.94 36.41 8.14
CA MET N 346 -18.92 35.33 8.01
C MET N 346 -19.45 35.25 6.59
N ASP N 347 -19.78 36.41 6.00
CA ASP N 347 -20.31 36.40 4.63
C ASP N 347 -19.28 35.88 3.64
N ALA N 348 -18.02 36.34 3.77
CA ALA N 348 -16.98 35.92 2.85
C ALA N 348 -16.70 34.43 2.96
N PHE N 349 -16.70 33.90 4.18
CA PHE N 349 -16.46 32.47 4.33
C PHE N 349 -17.66 31.65 3.90
N ALA N 350 -18.87 32.21 3.99
CA ALA N 350 -20.02 31.56 3.38
C ALA N 350 -19.86 31.47 1.87
N ILE N 351 -19.35 32.54 1.25
CA ILE N 351 -19.03 32.50 -0.17
C ILE N 351 -18.02 31.40 -0.47
N VAL N 352 -16.94 31.35 0.32
CA VAL N 352 -15.88 30.39 0.05
C VAL N 352 -16.39 28.96 0.22
N LEU N 353 -17.18 28.71 1.27
CA LEU N 353 -17.75 27.38 1.47
C LEU N 353 -18.73 27.03 0.35
N ALA N 354 -19.43 28.03 -0.21
CA ALA N 354 -20.35 27.76 -1.31
C ALA N 354 -19.61 27.19 -2.52
N LEU N 355 -18.48 27.80 -2.88
CA LEU N 355 -17.70 27.32 -4.01
C LEU N 355 -16.80 26.15 -3.64
N ARG N 356 -16.69 25.81 -2.35
CA ARG N 356 -15.94 24.65 -1.93
C ARG N 356 -16.57 23.34 -2.37
N GLN N 357 -17.84 23.37 -2.78
CA GLN N 357 -18.50 22.15 -3.24
C GLN N 357 -17.81 21.55 -4.45
N THR N 358 -17.16 22.39 -5.27
CA THR N 358 -16.42 21.94 -6.44
C THR N 358 -14.92 22.18 -6.30
N ARG N 359 -14.44 22.37 -5.06
CA ARG N 359 -13.01 22.51 -4.77
C ARG N 359 -12.39 23.71 -5.51
N VAL N 360 -12.87 24.90 -5.13
CA VAL N 360 -12.23 26.12 -5.57
C VAL N 360 -10.91 26.29 -4.84
N LYS N 361 -9.85 26.59 -5.58
CA LYS N 361 -8.52 26.74 -4.98
C LYS N 361 -7.92 28.12 -5.21
N TYR N 362 -7.91 28.60 -6.44
CA TYR N 362 -7.25 29.85 -6.78
C TYR N 362 -8.29 30.96 -6.94
N ILE N 363 -7.83 32.13 -7.38
CA ILE N 363 -8.73 33.23 -7.66
C ILE N 363 -9.23 33.22 -9.10
N ALA N 364 -8.51 32.55 -10.01
CA ALA N 364 -8.90 32.50 -11.41
C ALA N 364 -10.01 31.49 -11.68
N ASP N 365 -10.24 30.54 -10.77
CA ASP N 365 -11.32 29.58 -10.98
C ASP N 365 -12.68 30.24 -10.96
N LEU N 366 -12.84 31.29 -10.15
CA LEU N 366 -14.09 32.04 -10.12
C LEU N 366 -14.13 33.06 -11.25
N GLY N 367 -13.85 32.60 -12.47
CA GLY N 367 -13.93 33.44 -13.65
C GLY N 367 -15.27 33.28 -14.34
N ALA N 368 -15.80 34.40 -14.84
CA ALA N 368 -17.11 34.44 -15.49
C ALA N 368 -18.21 33.90 -14.58
N LEU N 369 -18.09 34.15 -13.28
CA LEU N 369 -19.10 33.69 -12.33
C LEU N 369 -20.39 34.49 -12.43
N ALA N 370 -20.35 35.65 -13.09
CA ALA N 370 -21.56 36.44 -13.31
C ALA N 370 -22.49 35.81 -14.33
N LYS N 371 -22.03 34.81 -15.08
CA LYS N 371 -22.88 34.14 -16.07
C LYS N 371 -23.54 32.91 -15.48
N THR N 372 -22.76 32.02 -14.84
CA THR N 372 -23.33 30.81 -14.28
C THR N 372 -24.29 31.12 -13.12
N ASN N 373 -23.83 31.92 -12.16
CA ASN N 373 -24.64 32.33 -11.01
C ASN N 373 -24.49 33.82 -10.81
N PRO N 374 -25.27 34.62 -11.54
CA PRO N 374 -25.12 36.09 -11.42
C PRO N 374 -25.38 36.63 -10.02
N ILE N 375 -26.35 36.08 -9.31
CA ILE N 375 -26.74 36.65 -8.01
C ILE N 375 -25.65 36.39 -6.96
N LEU N 376 -25.05 35.20 -6.98
CA LEU N 376 -23.92 34.93 -6.11
C LEU N 376 -22.74 35.83 -6.45
N ALA N 377 -22.55 36.11 -7.74
CA ALA N 377 -21.51 37.04 -8.16
C ALA N 377 -21.75 38.43 -7.58
N ILE N 378 -23.00 38.89 -7.63
CA ILE N 378 -23.33 40.19 -7.07
C ILE N 378 -23.08 40.20 -5.56
N THR N 379 -23.47 39.13 -4.88
CA THR N 379 -23.26 39.06 -3.43
C THR N 379 -21.78 39.11 -3.09
N PHE N 380 -20.96 38.35 -3.82
CA PHE N 380 -19.52 38.36 -3.56
C PHE N 380 -18.91 39.72 -3.86
N SER N 381 -19.34 40.37 -4.94
CA SER N 381 -18.84 41.71 -5.24
C SER N 381 -19.21 42.71 -4.15
N ILE N 382 -20.43 42.63 -3.65
CA ILE N 382 -20.86 43.52 -2.57
C ILE N 382 -20.03 43.28 -1.31
N THR N 383 -19.80 42.02 -0.96
CA THR N 383 -18.99 41.72 0.23
C THR N 383 -17.55 42.21 0.04
N MET N 384 -17.01 42.06 -1.16
CA MET N 384 -15.65 42.51 -1.41
C MET N 384 -15.56 44.02 -1.31
N PHE N 385 -16.56 44.74 -1.84
CA PHE N 385 -16.59 46.20 -1.69
C PHE N 385 -16.71 46.60 -0.23
N SER N 386 -17.51 45.87 0.54
CA SER N 386 -17.62 46.14 1.97
C SER N 386 -16.28 45.99 2.66
N TYR N 387 -15.52 44.95 2.29
CA TYR N 387 -14.14 44.86 2.74
C TYR N 387 -13.33 46.08 2.32
N ALA N 388 -13.53 46.54 1.09
CA ALA N 388 -12.75 47.68 0.58
C ALA N 388 -13.03 48.96 1.36
N GLY N 389 -14.23 49.13 1.88
CA GLY N 389 -14.61 50.35 2.53
C GLY N 389 -15.35 51.34 1.65
N ILE N 390 -15.96 50.89 0.56
CA ILE N 390 -16.70 51.79 -0.32
C ILE N 390 -17.86 52.41 0.46
N PRO N 391 -18.14 53.70 0.29
CA PRO N 391 -19.12 54.38 1.16
C PRO N 391 -20.46 53.67 1.26
N PRO N 392 -21.14 53.35 0.14
CA PRO N 392 -22.55 52.96 0.27
C PRO N 392 -22.73 51.55 0.79
N LEU N 393 -21.97 51.18 1.82
CA LEU N 393 -22.00 49.83 2.35
C LEU N 393 -21.50 49.86 3.79
N ALA N 394 -21.79 48.80 4.53
CA ALA N 394 -21.16 48.60 5.82
C ALA N 394 -19.68 48.30 5.61
N GLY N 395 -18.88 48.57 6.62
CA GLY N 395 -17.45 48.45 6.50
C GLY N 395 -16.81 49.80 6.24
N PHE N 396 -17.50 50.64 5.48
CA PHE N 396 -17.09 52.03 5.37
C PHE N 396 -17.36 52.79 6.66
N CYS N 397 -18.47 52.48 7.33
CA CYS N 397 -18.79 53.14 8.58
C CYS N 397 -17.77 52.81 9.67
N SER N 398 -17.33 51.55 9.73
CA SER N 398 -16.33 51.16 10.72
C SER N 398 -15.02 51.89 10.51
N LYS N 399 -14.53 51.91 9.26
CA LYS N 399 -13.30 52.62 8.94
C LYS N 399 -13.45 54.11 9.21
N PHE N 400 -14.61 54.67 8.85
CA PHE N 400 -14.91 56.07 9.13
C PHE N 400 -14.76 56.39 10.61
N TYR N 401 -15.41 55.61 11.47
CA TYR N 401 -15.41 55.97 12.88
C TYR N 401 -14.08 55.63 13.52
N LEU N 402 -13.36 54.63 13.00
CA LEU N 402 -11.99 54.41 13.45
C LEU N 402 -11.10 55.59 13.14
N PHE N 403 -11.24 56.16 11.93
CA PHE N 403 -10.49 57.35 11.58
C PHE N 403 -10.88 58.54 12.47
N PHE N 404 -12.17 58.64 12.78
CA PHE N 404 -12.63 59.71 13.68
C PHE N 404 -11.98 59.58 15.05
N ALA N 405 -11.93 58.36 15.58
CA ALA N 405 -11.29 58.13 16.87
C ALA N 405 -9.80 58.44 16.80
N ALA N 406 -9.14 58.04 15.72
CA ALA N 406 -7.71 58.31 15.58
C ALA N 406 -7.43 59.81 15.54
N LEU N 407 -8.27 60.56 14.82
CA LEU N 407 -8.09 62.00 14.77
C LEU N 407 -8.49 62.69 16.07
N GLY N 408 -9.36 62.07 16.87
CA GLY N 408 -9.75 62.67 18.14
C GLY N 408 -8.59 62.78 19.12
N CYS N 409 -7.72 61.78 19.14
CA CYS N 409 -6.58 61.76 20.04
C CYS N 409 -5.37 62.51 19.50
N GLY N 410 -5.47 63.08 18.30
CA GLY N 410 -4.35 63.79 17.72
C GLY N 410 -3.29 62.91 17.09
N ALA N 411 -3.57 61.62 16.91
CA ALA N 411 -2.65 60.73 16.21
C ALA N 411 -2.81 60.92 14.71
N TYR N 412 -2.34 62.07 14.24
CA TYR N 412 -2.54 62.43 12.83
C TYR N 412 -1.82 61.47 11.89
N PHE N 413 -0.72 60.87 12.34
CA PHE N 413 -0.04 59.89 11.50
C PHE N 413 -0.88 58.63 11.32
N LEU N 414 -1.65 58.26 12.33
CA LEU N 414 -2.52 57.09 12.21
C LEU N 414 -3.56 57.29 11.13
N ALA N 415 -4.14 58.49 11.05
CA ALA N 415 -5.15 58.75 10.03
C ALA N 415 -4.55 58.67 8.63
N LEU N 416 -3.37 59.25 8.44
CA LEU N 416 -2.74 59.24 7.12
C LEU N 416 -2.37 57.83 6.69
N VAL N 417 -1.80 57.05 7.59
CA VAL N 417 -1.43 55.68 7.24
C VAL N 417 -2.69 54.84 7.00
N GLY N 418 -3.76 55.10 7.77
CA GLY N 418 -5.01 54.43 7.50
C GLY N 418 -5.55 54.73 6.11
N VAL N 419 -5.51 55.99 5.72
CA VAL N 419 -5.99 56.39 4.40
C VAL N 419 -5.18 55.72 3.31
N VAL N 420 -3.84 55.76 3.42
CA VAL N 420 -3.03 55.21 2.34
C VAL N 420 -3.19 53.69 2.26
N THR N 421 -3.19 53.01 3.42
CA THR N 421 -3.40 51.57 3.40
C THR N 421 -4.77 51.21 2.85
N SER N 422 -5.80 52.03 3.11
CA SER N 422 -7.10 51.79 2.51
C SER N 422 -7.03 51.94 0.99
N VAL N 423 -6.27 52.93 0.52
CA VAL N 423 -6.16 53.17 -0.92
C VAL N 423 -5.55 51.97 -1.62
N ILE N 424 -4.43 51.46 -1.09
CA ILE N 424 -3.85 50.24 -1.68
C ILE N 424 -4.76 49.04 -1.46
N GLY N 425 -5.42 48.96 -0.30
CA GLY N 425 -6.25 47.80 -0.01
C GLY N 425 -7.40 47.62 -0.99
N CYS N 426 -8.04 48.74 -1.36
CA CYS N 426 -9.13 48.65 -2.33
C CYS N 426 -8.66 48.19 -3.70
N PHE N 427 -7.39 48.40 -4.03
CA PHE N 427 -6.91 48.11 -5.38
C PHE N 427 -7.01 46.63 -5.71
N TYR N 428 -6.45 45.77 -4.85
CA TYR N 428 -6.50 44.34 -5.16
C TYR N 428 -7.89 43.76 -4.93
N TYR N 429 -8.72 44.41 -4.14
CA TYR N 429 -10.13 44.00 -4.07
C TYR N 429 -10.82 44.21 -5.42
N ILE N 430 -10.60 45.38 -6.02
CA ILE N 430 -11.15 45.62 -7.36
C ILE N 430 -10.50 44.68 -8.37
N ARG N 431 -9.23 44.32 -8.16
CA ARG N 431 -8.58 43.32 -9.01
C ARG N 431 -9.29 41.98 -8.92
N LEU N 432 -9.70 41.59 -7.72
CA LEU N 432 -10.55 40.42 -7.57
C LEU N 432 -11.84 40.61 -8.35
N VAL N 433 -12.37 41.83 -8.35
CA VAL N 433 -13.63 42.09 -9.05
C VAL N 433 -13.49 41.89 -10.55
N LYS N 434 -12.37 42.33 -11.15
CA LYS N 434 -12.28 42.31 -12.61
C LYS N 434 -12.35 40.89 -13.15
N ARG N 435 -11.66 39.95 -12.50
CA ARG N 435 -11.58 38.57 -12.96
C ARG N 435 -12.90 37.84 -12.78
N MET N 436 -13.84 38.44 -12.07
CA MET N 436 -15.09 37.80 -11.70
C MET N 436 -16.31 38.42 -12.37
N PHE N 437 -16.15 39.57 -13.02
CA PHE N 437 -17.17 40.17 -13.89
C PHE N 437 -16.71 40.33 -15.33
N PHE N 438 -15.53 40.93 -15.55
CA PHE N 438 -15.25 41.53 -16.84
C PHE N 438 -14.61 40.54 -17.81
N ASP N 439 -13.44 40.01 -17.46
CA ASP N 439 -12.71 39.11 -18.35
C ASP N 439 -13.23 37.68 -18.19
N THR N 440 -13.44 37.02 -19.33
CA THR N 440 -14.00 35.68 -19.35
C THR N 440 -12.93 34.68 -19.81
N PRO N 441 -12.54 33.74 -18.96
CA PRO N 441 -11.55 32.74 -19.38
C PRO N 441 -12.14 31.76 -20.39
N ARG N 442 -11.23 31.07 -21.09
CA ARG N 442 -11.66 30.07 -22.08
C ARG N 442 -12.39 28.92 -21.41
N THR N 443 -11.90 28.46 -20.27
CA THR N 443 -12.48 27.32 -19.56
C THR N 443 -13.29 27.82 -18.37
N TRP N 444 -14.51 27.32 -18.24
CA TRP N 444 -15.42 27.72 -17.19
C TRP N 444 -15.60 26.59 -16.19
N ILE N 445 -15.56 26.93 -14.90
CA ILE N 445 -15.77 25.96 -13.82
C ILE N 445 -17.21 26.10 -13.35
N LEU N 446 -17.93 24.98 -13.32
CA LEU N 446 -19.34 24.97 -12.97
C LEU N 446 -19.51 24.57 -11.51
N TYR N 447 -20.29 25.35 -10.77
CA TYR N 447 -20.50 25.14 -9.35
C TYR N 447 -21.92 24.65 -9.11
N GLU N 448 -22.05 23.57 -8.34
CA GLU N 448 -23.37 23.04 -8.04
C GLU N 448 -24.09 23.97 -7.06
N PRO N 449 -25.42 23.94 -7.05
CA PRO N 449 -26.19 24.89 -6.22
C PRO N 449 -25.94 24.68 -4.74
N MET N 450 -26.30 25.71 -3.97
CA MET N 450 -26.04 25.77 -2.54
C MET N 450 -27.20 25.13 -1.76
N ASP N 451 -27.08 25.16 -0.44
CA ASP N 451 -28.13 24.68 0.45
C ASP N 451 -28.80 25.87 1.15
N ARG N 452 -29.87 25.57 1.89
CA ARG N 452 -30.76 26.64 2.35
C ARG N 452 -30.15 27.44 3.50
N ASN N 453 -29.42 26.78 4.41
CA ASN N 453 -28.91 27.50 5.58
C ASN N 453 -27.83 28.51 5.18
N LYS N 454 -26.88 28.08 4.34
CA LYS N 454 -25.86 29.00 3.87
C LYS N 454 -26.47 30.13 3.06
N SER N 455 -27.44 29.82 2.20
CA SER N 455 -28.09 30.84 1.39
C SER N 455 -28.83 31.85 2.26
N LEU N 456 -29.54 31.37 3.30
CA LEU N 456 -30.25 32.27 4.18
C LEU N 456 -29.31 33.17 4.96
N LEU N 457 -28.24 32.60 5.51
CA LEU N 457 -27.25 33.41 6.22
C LEU N 457 -26.62 34.44 5.30
N LEU N 458 -26.29 34.03 4.07
CA LEU N 458 -25.67 34.92 3.10
C LEU N 458 -26.62 36.06 2.74
N ALA N 459 -27.89 35.76 2.53
CA ALA N 459 -28.86 36.80 2.19
C ALA N 459 -29.03 37.78 3.35
N MET N 460 -29.13 37.27 4.58
CA MET N 460 -29.25 38.15 5.73
C MET N 460 -28.04 39.06 5.86
N THR N 461 -26.83 38.51 5.71
CA THR N 461 -25.63 39.33 5.84
C THR N 461 -25.52 40.34 4.71
N SER N 462 -25.91 39.94 3.49
CA SER N 462 -25.85 40.87 2.37
C SER N 462 -26.82 42.03 2.54
N PHE N 463 -28.03 41.76 3.03
CA PHE N 463 -28.95 42.85 3.28
C PHE N 463 -28.51 43.70 4.47
N PHE N 464 -27.81 43.11 5.45
CA PHE N 464 -27.25 43.92 6.53
C PHE N 464 -26.17 44.85 6.02
N ILE N 465 -25.30 44.35 5.14
CA ILE N 465 -24.15 45.14 4.69
C ILE N 465 -24.61 46.35 3.88
N THR N 466 -25.53 46.13 2.94
CA THR N 466 -25.94 47.21 2.05
C THR N 466 -26.77 48.26 2.79
N LEU N 467 -27.72 47.83 3.61
CA LEU N 467 -28.69 48.72 4.23
C LEU N 467 -28.28 49.15 5.63
N PHE N 468 -27.03 48.91 6.03
CA PHE N 468 -26.57 49.31 7.35
C PHE N 468 -26.60 50.82 7.53
N LEU N 469 -26.15 51.57 6.52
CA LEU N 469 -26.05 53.02 6.64
C LEU N 469 -27.41 53.68 6.75
N LEU N 470 -28.49 52.99 6.36
CA LEU N 470 -29.82 53.57 6.50
C LEU N 470 -30.23 53.70 7.96
N TYR N 471 -29.91 52.69 8.78
CA TYR N 471 -30.35 52.66 10.18
C TYR N 471 -29.24 52.08 11.04
N PRO N 472 -28.18 52.87 11.31
CA PRO N 472 -27.08 52.38 12.14
C PRO N 472 -27.16 52.76 13.61
N SER N 473 -28.26 53.37 14.06
CA SER N 473 -28.35 53.82 15.45
C SER N 473 -28.20 52.70 16.48
N PRO N 474 -28.87 51.54 16.34
CA PRO N 474 -28.76 50.53 17.41
C PRO N 474 -27.33 50.07 17.66
N LEU N 475 -26.53 49.87 16.62
CA LEU N 475 -25.15 49.43 16.82
C LEU N 475 -24.35 50.49 17.55
N PHE N 476 -24.50 51.75 17.15
CA PHE N 476 -23.76 52.83 17.79
C PHE N 476 -24.14 52.96 19.27
N SER N 477 -25.44 52.84 19.57
CA SER N 477 -25.87 52.94 20.96
C SER N 477 -25.40 51.76 21.80
N VAL N 478 -25.48 50.54 21.25
CA VAL N 478 -24.90 49.39 21.95
C VAL N 478 -23.44 49.63 22.25
N THR N 479 -22.69 50.11 21.27
CA THR N 479 -21.26 50.25 21.43
C THR N 479 -20.91 51.35 22.42
N HIS N 480 -21.67 52.45 22.42
CA HIS N 480 -21.44 53.50 23.39
C HIS N 480 -21.75 53.02 24.81
N GLN N 481 -22.82 52.24 24.98
CA GLN N 481 -23.10 51.70 26.30
C GLN N 481 -22.02 50.72 26.74
N MET N 482 -21.53 49.89 25.82
CA MET N 482 -20.50 48.92 26.15
C MET N 482 -19.20 49.59 26.54
N ALA N 483 -18.82 50.66 25.83
CA ALA N 483 -17.57 51.34 26.14
C ALA N 483 -17.61 51.98 27.52
N LEU N 484 -18.74 52.55 27.90
CA LEU N 484 -18.87 53.16 29.21
C LEU N 484 -19.02 52.15 30.34
N SER N 485 -19.52 50.95 30.04
CA SER N 485 -19.73 49.95 31.07
C SER N 485 -18.44 49.35 31.60
N LEU N 486 -17.30 49.65 30.97
CA LEU N 486 -16.02 49.20 31.51
C LEU N 486 -15.72 49.84 32.86
N TYR N 487 -16.35 50.99 33.15
CA TYR N 487 -16.14 51.71 34.39
C TYR N 487 -17.39 51.87 35.23
N LEU N 488 -18.55 52.04 34.60
CA LEU N 488 -19.79 52.30 35.33
C LEU N 488 -21.00 51.81 34.54
N VAL O 1 59.38 -46.64 6.14
CA VAL O 1 60.06 -47.80 6.69
C VAL O 1 59.12 -48.64 7.55
N GLY O 2 59.60 -49.09 8.71
CA GLY O 2 58.78 -49.94 9.56
C GLY O 2 57.53 -49.24 10.06
N HIS O 3 57.67 -47.98 10.49
CA HIS O 3 56.51 -47.22 10.92
C HIS O 3 55.76 -46.67 9.71
N LEU O 4 54.68 -45.92 9.99
CA LEU O 4 53.82 -45.36 8.94
C LEU O 4 53.24 -46.47 8.06
N ALA O 5 52.52 -47.39 8.69
CA ALA O 5 51.86 -48.46 7.95
C ALA O 5 50.44 -48.03 7.57
N ARG O 6 50.25 -47.71 6.30
CA ARG O 6 48.95 -47.26 5.82
C ARG O 6 47.92 -48.39 5.91
N LYS O 7 46.68 -48.01 6.20
CA LYS O 7 45.60 -48.99 6.35
C LYS O 7 44.29 -48.29 6.00
N GLY O 8 43.73 -48.60 4.85
CA GLY O 8 42.46 -48.03 4.42
C GLY O 8 42.59 -46.62 3.89
N THR O 9 41.48 -46.07 3.41
CA THR O 9 41.49 -44.70 2.91
C THR O 9 41.78 -43.71 4.03
N GLY O 10 42.52 -42.66 3.70
CA GLY O 10 42.83 -41.63 4.66
C GLY O 10 41.59 -40.96 5.21
N GLY O 11 41.44 -40.98 6.54
CA GLY O 11 40.24 -40.43 7.14
C GLY O 11 40.26 -40.63 8.64
N ARG O 12 39.08 -40.46 9.24
CA ARG O 12 38.97 -40.52 10.69
C ARG O 12 39.35 -41.91 11.21
N SER O 13 38.79 -42.95 10.61
CA SER O 13 38.95 -44.32 11.07
C SER O 13 40.14 -45.03 10.43
N SER O 14 41.03 -44.29 9.77
CA SER O 14 42.21 -44.89 9.17
C SER O 14 43.23 -45.23 10.25
N VAL O 15 44.31 -45.89 9.83
CA VAL O 15 45.36 -46.33 10.74
C VAL O 15 46.70 -45.84 10.21
N SER O 16 47.56 -45.38 11.11
CA SER O 16 48.92 -44.97 10.77
C SER O 16 49.77 -45.08 12.02
N GLY O 17 50.88 -45.81 11.93
CA GLY O 17 51.72 -46.03 13.10
C GLY O 17 52.56 -44.84 13.48
N ILE O 18 51.90 -43.72 13.81
CA ILE O 18 52.57 -42.47 14.13
C ILE O 18 52.18 -42.09 15.55
N VAL O 19 52.02 -43.08 16.42
CA VAL O 19 51.64 -42.81 17.81
C VAL O 19 52.64 -41.82 18.39
N ALA O 20 52.17 -40.62 18.71
CA ALA O 20 53.03 -39.48 18.96
C ALA O 20 52.75 -38.87 20.32
N THR O 21 53.80 -38.31 20.92
CA THR O 21 53.71 -37.60 22.20
C THR O 21 53.98 -36.13 21.91
N VAL O 22 52.93 -35.40 21.56
CA VAL O 22 53.04 -33.99 21.22
C VAL O 22 53.03 -33.19 22.52
N PHE O 23 54.14 -32.51 22.80
CA PHE O 23 54.25 -31.70 24.00
C PHE O 23 53.79 -30.28 23.72
N GLY O 24 53.09 -29.70 24.68
CA GLY O 24 52.53 -28.36 24.50
C GLY O 24 51.45 -28.31 23.45
N ALA O 25 50.65 -29.37 23.34
CA ALA O 25 49.56 -29.41 22.38
C ALA O 25 48.32 -28.68 22.87
N THR O 26 48.30 -28.21 24.11
CA THR O 26 47.20 -27.41 24.63
C THR O 26 47.34 -25.93 24.28
N GLY O 27 48.35 -25.57 23.49
CA GLY O 27 48.62 -24.19 23.13
C GLY O 27 47.96 -23.78 21.84
N PHE O 28 48.63 -22.91 21.10
CA PHE O 28 48.04 -22.40 19.88
C PHE O 28 48.30 -23.32 18.70
N LEU O 29 49.55 -23.76 18.52
CA LEU O 29 49.86 -24.68 17.43
C LEU O 29 49.34 -26.08 17.69
N GLY O 30 49.10 -26.45 18.95
CA GLY O 30 48.72 -27.82 19.24
C GLY O 30 47.37 -28.22 18.68
N ARG O 31 46.37 -27.33 18.79
CA ARG O 31 45.04 -27.70 18.33
C ARG O 31 44.98 -27.89 16.82
N TYR O 32 45.98 -27.41 16.09
CA TYR O 32 46.08 -27.64 14.66
C TYR O 32 46.98 -28.82 14.32
N LEU O 33 48.11 -28.96 15.02
CA LEU O 33 48.99 -30.10 14.77
C LEU O 33 48.31 -31.42 15.12
N VAL O 34 47.63 -31.47 16.26
CA VAL O 34 46.91 -32.69 16.64
C VAL O 34 45.78 -32.97 15.68
N GLN O 35 45.10 -31.92 15.20
CA GLN O 35 44.05 -32.11 14.22
C GLN O 35 44.60 -32.70 12.92
N GLN O 36 45.75 -32.18 12.48
CA GLN O 36 46.38 -32.73 11.27
C GLN O 36 46.80 -34.18 11.48
N LEU O 37 47.36 -34.49 12.66
CA LEU O 37 47.82 -35.85 12.91
C LEU O 37 46.66 -36.85 12.97
N ALA O 38 45.59 -36.49 13.67
CA ALA O 38 44.47 -37.41 13.86
C ALA O 38 43.51 -37.44 12.69
N LYS O 39 43.57 -36.46 11.79
CA LYS O 39 42.67 -36.46 10.63
C LYS O 39 43.00 -37.61 9.69
N MET O 40 44.26 -38.02 9.64
CA MET O 40 44.67 -39.12 8.77
C MET O 40 44.76 -40.44 9.50
N GLY O 41 44.29 -40.52 10.75
CA GLY O 41 44.15 -41.77 11.46
C GLY O 41 45.23 -42.09 12.47
N SER O 42 46.34 -41.37 12.45
CA SER O 42 47.43 -41.67 13.38
C SER O 42 47.03 -41.37 14.81
N GLN O 43 47.38 -42.28 15.71
CA GLN O 43 47.16 -42.04 17.13
C GLN O 43 48.10 -40.96 17.63
N VAL O 44 47.61 -40.15 18.57
CA VAL O 44 48.40 -39.10 19.19
C VAL O 44 48.15 -39.10 20.69
N LEU O 45 49.23 -38.95 21.46
CA LEU O 45 49.15 -38.83 22.91
C LEU O 45 49.44 -37.38 23.27
N VAL O 46 48.56 -36.80 24.09
CA VAL O 46 48.68 -35.38 24.43
C VAL O 46 48.97 -35.25 25.91
N PRO O 47 50.24 -35.14 26.31
CA PRO O 47 50.57 -34.98 27.74
C PRO O 47 50.40 -33.53 28.16
N PHE O 48 49.61 -33.31 29.21
CA PHE O 48 49.35 -32.00 29.77
C PHE O 48 49.86 -31.93 31.19
N ARG O 49 49.84 -30.71 31.76
CA ARG O 49 50.32 -30.50 33.12
C ARG O 49 49.30 -29.75 33.97
N GLY O 50 48.49 -28.91 33.34
CA GLY O 50 47.57 -28.07 34.07
C GLY O 50 46.30 -28.78 34.49
N SER O 51 45.17 -28.08 34.42
CA SER O 51 43.89 -28.67 34.80
C SER O 51 43.48 -29.70 33.75
N GLU O 52 42.75 -30.72 34.22
CA GLU O 52 42.37 -31.84 33.35
C GLU O 52 41.41 -31.44 32.24
N ASP O 53 40.80 -30.26 32.32
CA ASP O 53 39.89 -29.81 31.27
C ASP O 53 40.59 -29.01 30.18
N SER O 54 41.87 -28.69 30.34
CA SER O 54 42.59 -27.98 29.30
C SER O 54 42.69 -28.76 27.98
N PRO O 55 42.99 -30.05 27.94
CA PRO O 55 43.06 -30.76 26.66
C PRO O 55 41.77 -31.44 26.22
N ARG O 56 40.66 -31.20 26.92
CA ARG O 56 39.41 -31.88 26.58
C ARG O 56 38.88 -31.46 25.21
N HIS O 57 39.35 -30.34 24.67
CA HIS O 57 38.96 -29.92 23.33
C HIS O 57 39.78 -30.60 22.24
N LEU O 58 40.74 -31.45 22.62
CA LEU O 58 41.52 -32.21 21.65
C LEU O 58 40.95 -33.60 21.39
N LYS O 59 40.09 -34.10 22.28
CA LYS O 59 39.55 -35.44 22.11
C LYS O 59 38.63 -35.55 20.90
N LEU O 60 38.14 -34.41 20.39
CA LEU O 60 37.28 -34.43 19.21
C LEU O 60 38.01 -34.87 17.95
N MET O 61 39.35 -34.87 17.97
CA MET O 61 40.11 -35.11 16.75
C MET O 61 40.04 -36.56 16.32
N GLY O 62 40.23 -37.49 17.26
CA GLY O 62 40.40 -38.89 16.94
C GLY O 62 39.12 -39.69 17.06
N ASP O 63 39.30 -41.01 17.10
CA ASP O 63 38.18 -41.97 17.18
C ASP O 63 38.48 -42.96 18.31
N LEU O 64 37.92 -42.68 19.49
CA LEU O 64 37.89 -43.63 20.59
C LEU O 64 39.30 -44.08 20.98
N GLY O 65 40.06 -43.13 21.50
CA GLY O 65 41.39 -43.41 22.01
C GLY O 65 42.51 -43.05 21.06
N GLN O 66 42.23 -42.38 19.95
CA GLN O 66 43.30 -41.87 19.10
C GLN O 66 43.94 -40.63 19.68
N VAL O 67 43.28 -39.97 20.62
CA VAL O 67 43.82 -38.82 21.35
C VAL O 67 43.64 -39.12 22.84
N VAL O 68 44.73 -39.46 23.50
CA VAL O 68 44.70 -39.86 24.91
C VAL O 68 45.46 -38.81 25.71
N PRO O 69 44.75 -37.93 26.40
CA PRO O 69 45.43 -36.95 27.27
C PRO O 69 45.99 -37.61 28.51
N MET O 70 47.21 -37.23 28.87
CA MET O 70 47.89 -37.78 30.04
C MET O 70 48.54 -36.65 30.83
N LYS O 71 48.67 -36.86 32.14
CA LYS O 71 49.25 -35.86 33.01
C LYS O 71 50.71 -36.18 33.31
N PHE O 72 51.56 -35.15 33.32
CA PHE O 72 52.95 -35.32 33.69
C PHE O 72 53.35 -34.14 34.58
N ASP O 73 54.61 -34.18 35.02
CA ASP O 73 55.22 -33.07 35.75
C ASP O 73 56.53 -32.73 35.05
N PRO O 74 56.68 -31.51 34.50
CA PRO O 74 57.95 -31.18 33.83
C PRO O 74 59.15 -31.27 34.75
N ARG O 75 58.98 -30.99 36.04
CA ARG O 75 60.11 -31.06 36.97
C ARG O 75 60.53 -32.50 37.24
N ASP O 76 59.63 -33.46 37.01
CA ASP O 76 59.93 -34.87 37.24
C ASP O 76 60.29 -35.54 35.91
N GLU O 77 61.46 -36.19 35.89
CA GLU O 77 61.92 -36.83 34.66
C GLU O 77 61.20 -38.14 34.39
N ASP O 78 60.84 -38.88 35.45
CA ASP O 78 60.26 -40.21 35.27
C ASP O 78 58.91 -40.13 34.57
N SER O 79 58.07 -39.17 34.94
CA SER O 79 56.74 -39.06 34.35
C SER O 79 56.80 -38.75 32.86
N ILE O 80 57.69 -37.84 32.46
CA ILE O 80 57.77 -37.47 31.05
C ILE O 80 58.34 -38.62 30.23
N LYS O 81 59.08 -39.53 30.87
CA LYS O 81 59.48 -40.76 30.18
C LYS O 81 58.33 -41.75 30.11
N ALA O 82 57.48 -41.79 31.16
CA ALA O 82 56.37 -42.73 31.17
C ALA O 82 55.32 -42.37 30.13
N VAL O 83 55.11 -41.08 29.89
CA VAL O 83 54.07 -40.68 28.95
C VAL O 83 54.45 -41.04 27.52
N MET O 84 55.74 -41.06 27.19
CA MET O 84 56.19 -41.35 25.83
C MET O 84 56.62 -42.81 25.66
N ALA O 85 56.34 -43.67 26.63
CA ALA O 85 56.83 -45.05 26.56
C ALA O 85 56.31 -45.77 25.32
N LYS O 86 55.01 -45.70 25.07
CA LYS O 86 54.41 -46.35 23.90
C LYS O 86 54.31 -45.38 22.72
N ALA O 87 55.43 -44.78 22.34
CA ALA O 87 55.45 -43.81 21.26
C ALA O 87 56.63 -44.10 20.34
N ASN O 88 56.40 -43.89 19.03
CA ASN O 88 57.45 -44.03 18.03
C ASN O 88 57.85 -42.71 17.40
N VAL O 89 57.31 -41.60 17.87
CA VAL O 89 57.63 -40.26 17.36
C VAL O 89 57.23 -39.25 18.41
N VAL O 90 58.07 -38.23 18.59
CA VAL O 90 57.86 -37.22 19.62
C VAL O 90 57.97 -35.84 18.99
N ILE O 91 56.99 -34.99 19.26
CA ILE O 91 56.99 -33.59 18.82
C ILE O 91 56.97 -32.72 20.06
N ASN O 92 57.90 -31.76 20.13
CA ASN O 92 58.01 -30.86 21.27
C ASN O 92 57.68 -29.44 20.83
N LEU O 93 56.69 -28.84 21.49
CA LEU O 93 56.32 -27.45 21.25
C LEU O 93 56.33 -26.64 22.53
N ILE O 94 56.90 -27.16 23.62
CA ILE O 94 56.84 -26.49 24.92
C ILE O 94 57.68 -25.22 24.86
N GLY O 95 57.07 -24.10 25.20
CA GLY O 95 57.76 -22.83 25.23
C GLY O 95 56.88 -21.71 25.70
N ARG O 96 57.43 -20.81 26.52
CA ARG O 96 56.66 -19.71 27.11
C ARG O 96 57.11 -18.40 26.48
N GLU O 97 56.15 -17.57 26.10
CA GLU O 97 56.45 -16.29 25.47
C GLU O 97 57.01 -15.28 26.45
N TYR O 98 56.77 -15.45 27.74
CA TYR O 98 57.09 -14.43 28.73
C TYR O 98 57.65 -15.09 30.00
N GLU O 99 58.15 -14.25 30.89
CA GLU O 99 58.66 -14.73 32.17
C GLU O 99 57.52 -15.24 33.04
N THR O 100 57.84 -16.24 33.87
CA THR O 100 56.92 -16.74 34.88
C THR O 100 57.66 -16.81 36.21
N ARG O 101 56.94 -16.54 37.30
CA ARG O 101 57.58 -16.51 38.60
C ARG O 101 58.10 -17.89 39.02
N ASN O 102 57.64 -18.95 38.36
CA ASN O 102 58.13 -20.29 38.64
C ASN O 102 59.09 -20.79 37.56
N PHE O 103 58.92 -20.35 36.31
CA PHE O 103 59.74 -20.80 35.20
C PHE O 103 60.31 -19.58 34.48
N SER O 104 61.63 -19.54 34.33
CA SER O 104 62.29 -18.47 33.62
C SER O 104 62.34 -18.80 32.13
N PHE O 105 62.92 -17.88 31.34
CA PHE O 105 63.05 -18.12 29.90
C PHE O 105 63.93 -19.32 29.62
N GLU O 106 65.05 -19.43 30.34
CA GLU O 106 65.94 -20.58 30.14
C GLU O 106 65.27 -21.87 30.56
N ASP O 107 64.58 -21.86 31.71
CA ASP O 107 63.96 -23.09 32.20
C ASP O 107 62.80 -23.52 31.31
N ALA O 108 62.01 -22.55 30.82
CA ALA O 108 60.84 -22.89 30.03
C ALA O 108 61.21 -23.54 28.72
N ASN O 109 62.22 -23.01 28.02
CA ASN O 109 62.59 -23.50 26.70
C ASN O 109 63.80 -24.42 26.72
N HIS O 110 64.95 -23.91 27.17
CA HIS O 110 66.21 -24.62 26.99
C HIS O 110 66.26 -25.87 27.86
N HIS O 111 65.95 -25.73 29.15
CA HIS O 111 66.10 -26.86 30.07
C HIS O 111 65.07 -27.93 29.77
N ILE O 112 63.82 -27.54 29.50
CA ILE O 112 62.78 -28.51 29.15
C ILE O 112 63.14 -29.24 27.87
N ALA O 113 63.61 -28.51 26.85
CA ALA O 113 63.97 -29.15 25.60
C ALA O 113 65.13 -30.11 25.79
N GLU O 114 66.14 -29.72 26.58
CA GLU O 114 67.26 -30.62 26.84
C GLU O 114 66.80 -31.88 27.55
N LYS O 115 65.95 -31.73 28.56
CA LYS O 115 65.46 -32.90 29.28
C LYS O 115 64.65 -33.82 28.37
N LEU O 116 63.79 -33.23 27.53
CA LEU O 116 62.98 -34.04 26.63
C LEU O 116 63.86 -34.78 25.62
N ALA O 117 64.87 -34.10 25.07
CA ALA O 117 65.75 -34.75 24.11
C ALA O 117 66.53 -35.89 24.77
N LEU O 118 67.04 -35.66 25.98
CA LEU O 118 67.78 -36.72 26.67
C LEU O 118 66.89 -37.91 26.98
N VAL O 119 65.65 -37.65 27.42
CA VAL O 119 64.72 -38.75 27.71
C VAL O 119 64.39 -39.51 26.45
N ALA O 120 64.17 -38.80 25.34
CA ALA O 120 63.89 -39.48 24.07
C ALA O 120 65.06 -40.33 23.62
N LYS O 121 66.28 -39.82 23.79
CA LYS O 121 67.47 -40.61 23.47
C LYS O 121 67.54 -41.86 24.34
N GLU O 122 67.23 -41.72 25.64
CA GLU O 122 67.26 -42.86 26.54
C GLU O 122 66.24 -43.92 26.15
N HIS O 123 65.04 -43.50 25.72
CA HIS O 123 64.01 -44.44 25.34
C HIS O 123 64.45 -45.30 24.16
N GLY O 124 65.05 -44.67 23.15
CA GLY O 124 65.60 -45.39 22.02
C GLY O 124 64.60 -45.79 20.95
N GLY O 125 63.31 -45.60 21.20
CA GLY O 125 62.29 -45.96 20.22
C GLY O 125 61.74 -44.82 19.40
N ILE O 126 62.22 -43.60 19.58
CA ILE O 126 61.73 -42.45 18.84
C ILE O 126 62.49 -42.39 17.52
N MET O 127 61.83 -42.82 16.44
CA MET O 127 62.49 -42.84 15.14
C MET O 127 62.54 -41.44 14.53
N ARG O 128 61.53 -40.62 14.78
CA ARG O 128 61.50 -39.24 14.32
C ARG O 128 61.27 -38.32 15.50
N TYR O 129 62.10 -37.30 15.63
CA TYR O 129 61.99 -36.30 16.69
C TYR O 129 61.93 -34.91 16.05
N ILE O 130 61.02 -34.07 16.53
CA ILE O 130 60.88 -32.71 16.07
C ILE O 130 60.82 -31.78 17.27
N GLN O 131 61.64 -30.74 17.26
CA GLN O 131 61.59 -29.68 18.25
C GLN O 131 61.43 -28.36 17.52
N VAL O 132 60.47 -27.55 17.94
CA VAL O 132 60.08 -26.34 17.22
C VAL O 132 60.59 -25.12 17.97
N SER O 133 61.35 -24.28 17.27
CA SER O 133 61.82 -23.00 17.77
C SER O 133 61.26 -21.89 16.87
N CYS O 134 61.66 -20.66 17.17
CA CYS O 134 61.21 -19.52 16.38
C CYS O 134 62.22 -19.20 15.27
N LEU O 135 61.79 -18.35 14.33
CA LEU O 135 62.62 -18.02 13.18
C LEU O 135 63.83 -17.19 13.59
N GLY O 136 63.59 -16.02 14.17
CA GLY O 136 64.68 -15.17 14.60
C GLY O 136 65.34 -15.69 15.86
N ALA O 137 65.98 -16.85 15.76
CA ALA O 137 66.57 -17.54 16.91
C ALA O 137 68.08 -17.41 16.96
N SER O 138 68.62 -16.26 16.61
CA SER O 138 70.06 -16.06 16.71
C SER O 138 70.51 -16.01 18.16
N VAL O 139 71.70 -16.55 18.43
CA VAL O 139 72.22 -16.60 19.79
C VAL O 139 72.50 -15.20 20.31
N SER O 140 72.84 -14.25 19.44
CA SER O 140 73.17 -12.90 19.85
C SER O 140 71.98 -11.98 19.90
N SER O 141 70.77 -12.48 19.66
CA SER O 141 69.59 -11.63 19.65
C SER O 141 69.36 -11.02 21.02
N PRO O 142 68.98 -9.75 21.10
CA PRO O 142 68.77 -9.12 22.41
C PRO O 142 67.69 -9.79 23.26
N SER O 143 66.65 -10.32 22.63
CA SER O 143 65.56 -10.93 23.38
C SER O 143 66.03 -12.19 24.10
N ARG O 144 65.57 -12.35 25.34
CA ARG O 144 65.96 -13.52 26.13
C ARG O 144 65.33 -14.79 25.58
N MET O 145 64.08 -14.71 25.11
CA MET O 145 63.37 -15.90 24.66
C MET O 145 64.07 -16.52 23.45
N LEU O 146 64.53 -15.69 22.51
CA LEU O 146 65.18 -16.20 21.31
C LEU O 146 66.50 -16.90 21.63
N ARG O 147 67.25 -16.38 22.61
CA ARG O 147 68.48 -17.05 23.02
C ARG O 147 68.19 -18.43 23.59
N ALA O 148 67.13 -18.55 24.39
CA ALA O 148 66.75 -19.85 24.94
C ALA O 148 66.36 -20.81 23.83
N LYS O 149 65.63 -20.31 22.83
CA LYS O 149 65.27 -21.16 21.69
C LYS O 149 66.52 -21.63 20.94
N ALA O 150 67.49 -20.73 20.75
CA ALA O 150 68.73 -21.12 20.08
C ALA O 150 69.48 -22.19 20.88
N ALA O 151 69.58 -22.00 22.20
CA ALA O 151 70.27 -22.98 23.03
C ALA O 151 69.57 -24.33 22.97
N ALA O 152 68.23 -24.32 23.02
CA ALA O 152 67.48 -25.56 22.96
C ALA O 152 67.68 -26.26 21.61
N GLU O 153 67.60 -25.51 20.52
CA GLU O 153 67.71 -26.11 19.20
C GLU O 153 69.13 -26.53 18.86
N GLU O 154 70.14 -25.99 19.56
CA GLU O 154 71.48 -26.51 19.34
C GLU O 154 71.74 -27.73 20.23
N ALA O 155 71.17 -27.74 21.44
CA ALA O 155 71.35 -28.89 22.33
C ALA O 155 70.61 -30.12 21.81
N VAL O 156 69.47 -29.92 21.16
CA VAL O 156 68.69 -31.06 20.64
C VAL O 156 69.51 -31.82 19.60
N LEU O 157 70.19 -31.09 18.70
CA LEU O 157 70.99 -31.75 17.67
C LEU O 157 72.10 -32.59 18.28
N ASN O 158 72.77 -32.09 19.32
CA ASN O 158 73.77 -32.90 19.99
C ASN O 158 73.15 -34.12 20.66
N ALA O 159 71.99 -33.94 21.30
CA ALA O 159 71.32 -35.07 21.92
C ALA O 159 70.84 -36.08 20.88
N LEU O 160 70.14 -35.61 19.86
CA LEU O 160 69.67 -36.45 18.77
C LEU O 160 70.14 -35.88 17.45
N PRO O 161 71.14 -36.47 16.81
CA PRO O 161 71.60 -35.94 15.51
C PRO O 161 70.53 -35.94 14.44
N GLU O 162 69.66 -36.95 14.44
CA GLU O 162 68.58 -37.04 13.45
C GLU O 162 67.28 -36.46 14.01
N ALA O 163 67.33 -35.19 14.36
CA ALA O 163 66.18 -34.47 14.91
C ALA O 163 65.97 -33.19 14.12
N THR O 164 64.83 -33.10 13.45
CA THR O 164 64.51 -31.92 12.67
C THR O 164 64.14 -30.76 13.57
N ILE O 165 64.37 -29.55 13.08
CA ILE O 165 64.01 -28.33 13.79
C ILE O 165 63.12 -27.49 12.88
N MET O 166 61.96 -27.11 13.38
CA MET O 166 60.99 -26.33 12.64
C MET O 166 60.91 -24.93 13.21
N ARG O 167 61.04 -23.92 12.35
CA ARG O 167 61.19 -22.53 12.78
C ARG O 167 60.13 -21.67 12.12
N PRO O 168 58.90 -21.64 12.67
CA PRO O 168 57.89 -20.72 12.16
C PRO O 168 58.17 -19.27 12.54
N ALA O 169 57.31 -18.36 12.10
CA ALA O 169 57.50 -16.93 12.37
C ALA O 169 56.14 -16.30 12.59
N THR O 170 55.87 -15.91 13.84
CA THR O 170 54.66 -15.20 14.26
C THR O 170 53.41 -15.73 13.55
N MET O 171 53.14 -17.01 13.76
CA MET O 171 51.97 -17.64 13.17
C MET O 171 50.70 -16.92 13.62
N ILE O 172 49.77 -16.74 12.68
CA ILE O 172 48.51 -16.05 12.92
C ILE O 172 47.37 -17.05 12.74
N GLY O 173 46.38 -16.96 13.63
CA GLY O 173 45.26 -17.89 13.59
C GLY O 173 44.08 -17.37 14.39
N THR O 174 43.05 -18.21 14.58
CA THR O 174 41.83 -17.76 15.23
C THR O 174 42.06 -17.32 16.67
N GLU O 175 42.98 -17.97 17.39
CA GLU O 175 43.30 -17.55 18.75
C GLU O 175 44.79 -17.27 18.92
N ASP O 176 45.44 -16.77 17.87
CA ASP O 176 46.84 -16.39 17.94
C ASP O 176 47.10 -15.31 18.99
N ARG O 177 48.38 -15.12 19.30
CA ARG O 177 48.81 -14.21 20.35
C ARG O 177 49.61 -13.01 19.82
N ILE O 178 49.37 -12.59 18.58
CA ILE O 178 49.88 -11.32 18.11
C ILE O 178 48.82 -10.44 17.48
N LEU O 179 47.76 -10.99 16.90
CA LEU O 179 46.68 -10.20 16.30
C LEU O 179 45.47 -10.04 17.20
N ASN O 180 45.11 -11.07 17.97
CA ASN O 180 43.95 -10.97 18.84
C ASN O 180 44.10 -9.88 19.89
N PRO O 181 45.22 -9.77 20.62
CA PRO O 181 45.34 -8.66 21.58
C PRO O 181 45.24 -7.29 20.92
N TRP O 182 45.70 -7.15 19.68
CA TRP O 182 45.58 -5.86 18.99
C TRP O 182 44.13 -5.48 18.79
N SER O 183 43.32 -6.40 18.27
CA SER O 183 41.91 -6.12 18.07
C SER O 183 41.19 -5.89 19.38
N MET O 184 41.51 -6.68 20.40
CA MET O 184 40.92 -6.46 21.73
C MET O 184 41.24 -5.06 22.23
N PHE O 185 42.50 -4.65 22.14
CA PHE O 185 42.94 -3.36 22.65
C PHE O 185 42.27 -2.23 21.86
N VAL O 186 42.10 -2.42 20.56
CA VAL O 186 41.41 -1.43 19.74
C VAL O 186 39.95 -1.32 20.17
N LYS O 187 39.34 -2.44 20.54
CA LYS O 187 37.92 -2.41 20.92
C LYS O 187 37.69 -1.52 22.14
N LYS O 188 38.56 -1.61 23.15
CA LYS O 188 38.38 -0.75 24.32
C LYS O 188 38.76 0.69 24.03
N TYR O 189 39.89 0.92 23.37
CA TYR O 189 40.39 2.28 23.16
C TYR O 189 40.42 2.70 21.70
N GLY O 190 41.11 1.96 20.83
CA GLY O 190 41.06 2.22 19.40
C GLY O 190 42.19 3.06 18.84
N PHE O 191 43.23 3.37 19.62
CA PHE O 191 44.31 4.17 19.07
C PHE O 191 45.42 3.30 18.50
N LEU O 192 45.50 2.03 18.92
CA LEU O 192 46.32 1.01 18.29
C LEU O 192 47.79 1.45 18.26
N PRO O 193 48.47 1.44 19.39
CA PRO O 193 49.86 1.91 19.42
C PRO O 193 50.79 1.01 18.62
N LEU O 194 51.83 1.61 18.06
CA LEU O 194 52.88 0.89 17.35
C LEU O 194 54.20 1.10 18.08
N ILE O 195 54.63 0.07 18.81
CA ILE O 195 55.85 0.19 19.60
C ILE O 195 57.07 0.34 18.69
N GLY O 196 57.16 -0.51 17.66
CA GLY O 196 58.33 -0.46 16.79
C GLY O 196 58.41 0.84 16.00
N GLY O 197 57.26 1.49 15.79
CA GLY O 197 57.20 2.67 14.96
C GLY O 197 57.08 2.39 13.48
N GLY O 198 56.80 1.16 13.10
CA GLY O 198 56.76 0.77 11.70
C GLY O 198 58.15 0.46 11.15
N THR O 199 58.16 0.11 9.86
CA THR O 199 59.39 -0.20 9.14
C THR O 199 60.20 -1.30 9.83
N THR O 200 59.49 -2.20 10.52
CA THR O 200 60.07 -3.38 11.16
C THR O 200 59.45 -4.59 10.47
N LYS O 201 60.04 -4.99 9.36
CA LYS O 201 59.41 -5.98 8.50
C LYS O 201 59.72 -7.40 8.95
N PHE O 202 58.74 -8.28 8.76
CA PHE O 202 58.85 -9.68 9.12
C PHE O 202 57.87 -10.47 8.26
N GLN O 203 57.84 -11.78 8.46
CA GLN O 203 57.04 -12.68 7.62
C GLN O 203 56.05 -13.46 8.46
N PRO O 204 54.81 -12.99 8.59
CA PRO O 204 53.79 -13.79 9.27
C PRO O 204 53.43 -15.01 8.43
N VAL O 205 52.98 -16.06 9.12
CA VAL O 205 52.62 -17.32 8.49
C VAL O 205 51.29 -17.79 9.04
N TYR O 206 50.59 -18.60 8.25
CA TYR O 206 49.33 -19.19 8.68
C TYR O 206 49.60 -20.49 9.43
N VAL O 207 48.94 -20.64 10.59
CA VAL O 207 49.24 -21.76 11.48
C VAL O 207 48.92 -23.09 10.83
N VAL O 208 47.88 -23.15 9.99
CA VAL O 208 47.57 -24.37 9.28
C VAL O 208 48.72 -24.75 8.35
N ASP O 209 49.37 -23.75 7.75
CA ASP O 209 50.53 -24.05 6.92
C ASP O 209 51.67 -24.63 7.75
N VAL O 210 51.86 -24.12 8.97
CA VAL O 210 52.90 -24.66 9.85
C VAL O 210 52.60 -26.11 10.19
N ALA O 211 51.35 -26.40 10.55
CA ALA O 211 50.98 -27.78 10.88
C ALA O 211 51.15 -28.69 9.67
N ALA O 212 50.78 -28.21 8.48
CA ALA O 212 50.96 -29.00 7.27
C ALA O 212 52.43 -29.27 7.02
N ALA O 213 53.29 -28.28 7.23
CA ALA O 213 54.73 -28.49 7.07
C ALA O 213 55.24 -29.53 8.05
N ILE O 214 54.78 -29.47 9.30
CA ILE O 214 55.25 -30.43 10.31
C ILE O 214 54.79 -31.85 9.95
N VAL O 215 53.53 -32.01 9.56
CA VAL O 215 53.04 -33.35 9.24
C VAL O 215 53.71 -33.88 7.98
N ALA O 216 53.98 -33.01 7.00
CA ALA O 216 54.68 -33.43 5.80
C ALA O 216 56.11 -33.86 6.11
N ALA O 217 56.78 -33.14 7.01
CA ALA O 217 58.09 -33.56 7.47
C ALA O 217 58.03 -34.91 8.17
N LEU O 218 56.95 -35.16 8.91
CA LEU O 218 56.76 -36.47 9.52
C LEU O 218 56.55 -37.57 8.48
N LYS O 219 55.86 -37.25 7.39
CA LYS O 219 55.46 -38.25 6.40
C LYS O 219 56.53 -38.51 5.34
N ASP O 220 57.70 -37.88 5.45
CA ASP O 220 58.78 -38.11 4.48
C ASP O 220 60.03 -38.49 5.25
N ASP O 221 60.37 -39.78 5.24
CA ASP O 221 61.62 -40.28 5.82
C ASP O 221 62.72 -40.22 4.77
N GLY O 222 63.05 -38.99 4.38
CA GLY O 222 64.04 -38.76 3.35
C GLY O 222 64.99 -37.63 3.66
N SER O 223 65.12 -36.68 2.75
CA SER O 223 66.04 -35.55 2.91
C SER O 223 65.41 -34.46 3.79
N SER O 224 64.98 -34.87 4.97
CA SER O 224 64.42 -33.97 5.96
C SER O 224 64.98 -34.17 7.35
N MET O 225 65.52 -35.36 7.64
CA MET O 225 66.01 -35.66 8.97
C MET O 225 67.23 -34.81 9.30
N GLY O 226 67.24 -34.24 10.50
CA GLY O 226 68.36 -33.44 10.95
C GLY O 226 68.34 -32.00 10.47
N LYS O 227 67.68 -31.75 9.35
CA LYS O 227 67.64 -30.41 8.78
C LYS O 227 66.85 -29.47 9.68
N THR O 228 67.19 -28.18 9.59
CA THR O 228 66.52 -27.13 10.34
C THR O 228 65.84 -26.19 9.36
N TYR O 229 64.54 -26.40 9.15
CA TYR O 229 63.78 -25.55 8.24
C TYR O 229 63.56 -24.17 8.85
N GLU O 230 63.30 -23.21 7.98
CA GLU O 230 62.98 -21.83 8.36
C GLU O 230 61.63 -21.50 7.73
N LEU O 231 60.58 -21.59 8.54
CA LEU O 231 59.22 -21.46 8.04
C LEU O 231 58.87 -19.98 7.94
N GLY O 232 58.19 -19.60 6.86
CA GLY O 232 57.81 -18.21 6.69
C GLY O 232 56.66 -18.05 5.73
N GLY O 233 56.11 -16.84 5.71
CA GLY O 233 55.01 -16.52 4.83
C GLY O 233 55.47 -16.28 3.41
N PRO O 234 54.49 -16.06 2.52
CA PRO O 234 54.82 -15.83 1.11
C PRO O 234 55.21 -14.38 0.83
N ASP O 235 54.77 -13.47 1.69
CA ASP O 235 54.98 -12.04 1.49
C ASP O 235 55.73 -11.45 2.66
N VAL O 236 56.50 -10.40 2.38
CA VAL O 236 57.31 -9.72 3.40
C VAL O 236 56.50 -8.51 3.87
N PHE O 237 55.79 -8.68 4.98
CA PHE O 237 54.98 -7.63 5.56
C PHE O 237 55.79 -6.84 6.59
N THR O 238 55.25 -5.68 6.98
CA THR O 238 55.72 -4.96 8.15
C THR O 238 54.51 -4.51 8.95
N THR O 239 54.78 -3.98 10.15
CA THR O 239 53.72 -3.77 11.12
C THR O 239 52.67 -2.78 10.63
N HIS O 240 53.01 -1.92 9.66
CA HIS O 240 52.08 -0.88 9.24
C HIS O 240 50.97 -1.45 8.37
N GLU O 241 51.32 -2.02 7.21
CA GLU O 241 50.29 -2.63 6.38
C GLU O 241 49.69 -3.88 6.99
N LEU O 242 50.41 -4.55 7.91
CA LEU O 242 49.76 -5.60 8.70
C LEU O 242 48.65 -5.03 9.56
N ALA O 243 48.90 -3.89 10.19
CA ALA O 243 47.84 -3.22 10.95
C ALA O 243 46.69 -2.80 10.03
N GLU O 244 47.02 -2.32 8.83
CA GLU O 244 45.98 -1.92 7.89
C GLU O 244 45.12 -3.10 7.45
N ILE O 245 45.75 -4.23 7.12
CA ILE O 245 45.01 -5.40 6.67
C ILE O 245 44.24 -6.03 7.83
N MET O 246 44.67 -5.76 9.07
CA MET O 246 43.85 -6.13 10.22
C MET O 246 42.65 -5.20 10.33
N TYR O 247 42.87 -3.90 10.18
CA TYR O 247 41.86 -2.92 10.57
C TYR O 247 40.78 -2.79 9.51
N ASP O 248 41.09 -3.18 8.28
CA ASP O 248 40.13 -2.97 7.19
C ASP O 248 38.81 -3.70 7.45
N MET O 249 38.88 -4.95 7.90
CA MET O 249 37.64 -5.65 8.26
C MET O 249 37.09 -5.17 9.60
N ILE O 250 37.98 -4.82 10.53
CA ILE O 250 37.53 -4.35 11.84
C ILE O 250 36.73 -3.06 11.69
N ARG O 251 37.20 -2.15 10.85
CA ARG O 251 36.58 -0.85 10.50
C ARG O 251 36.27 -0.07 11.78
N GLU O 252 35.13 0.64 11.86
CA GLU O 252 34.90 1.76 12.78
C GLU O 252 35.97 2.80 12.48
N TRP O 253 36.65 3.37 13.48
CA TRP O 253 37.49 4.54 13.32
C TRP O 253 38.96 4.16 13.35
N PRO O 254 39.70 4.33 12.26
CA PRO O 254 41.13 4.00 12.28
C PRO O 254 41.99 5.09 12.90
N ARG O 255 42.78 4.73 13.91
CA ARG O 255 43.66 5.67 14.59
C ARG O 255 45.04 5.04 14.71
N TYR O 256 46.07 5.82 14.39
CA TYR O 256 47.45 5.37 14.45
C TYR O 256 48.26 6.33 15.32
N VAL O 257 49.02 5.78 16.26
CA VAL O 257 49.94 6.55 17.09
C VAL O 257 51.29 5.85 17.09
N LYS O 258 52.36 6.63 16.98
CA LYS O 258 53.71 6.11 16.88
C LYS O 258 54.45 6.36 18.19
N LEU O 259 54.98 5.29 18.78
CA LEU O 259 55.80 5.39 19.98
C LEU O 259 57.25 5.13 19.63
N PRO O 260 58.17 6.00 20.04
CA PRO O 260 59.59 5.74 19.79
C PRO O 260 60.04 4.45 20.44
N PHE O 261 60.89 3.72 19.72
CA PHE O 261 61.32 2.39 20.17
C PHE O 261 62.02 2.40 21.52
N PRO O 262 63.02 3.25 21.77
CA PRO O 262 63.71 3.17 23.07
C PRO O 262 62.86 3.58 24.25
N ILE O 263 62.09 4.67 24.13
CA ILE O 263 61.24 5.08 25.23
C ILE O 263 60.16 4.05 25.49
N ALA O 264 59.66 3.42 24.43
CA ALA O 264 58.64 2.39 24.60
C ALA O 264 59.20 1.17 25.34
N LYS O 265 60.39 0.73 24.96
CA LYS O 265 60.97 -0.41 25.68
C LYS O 265 61.38 -0.04 27.10
N ALA O 266 61.72 1.22 27.34
CA ALA O 266 62.08 1.66 28.68
C ALA O 266 60.86 1.86 29.57
N MET O 267 59.68 2.07 28.97
CA MET O 267 58.47 2.24 29.75
C MET O 267 57.72 0.93 29.97
N ALA O 268 57.73 0.03 28.99
CA ALA O 268 56.95 -1.20 29.11
C ALA O 268 57.45 -2.08 30.24
N ALA O 269 58.77 -2.24 30.36
CA ALA O 269 59.33 -3.17 31.35
C ALA O 269 59.02 -2.80 32.79
N PRO O 270 59.20 -1.55 33.24
CA PRO O 270 58.95 -1.28 34.68
C PRO O 270 57.52 -1.55 35.11
N ARG O 271 56.53 -1.06 34.36
CA ARG O 271 55.14 -1.27 34.74
C ARG O 271 54.78 -2.75 34.68
N ASP O 272 55.28 -3.47 33.68
CA ASP O 272 54.89 -4.87 33.51
C ASP O 272 55.69 -5.80 34.42
N PHE O 273 57.01 -5.88 34.21
CA PHE O 273 57.83 -6.84 34.97
C PHE O 273 59.21 -6.22 35.21
N MET O 274 59.38 -5.56 36.35
CA MET O 274 60.73 -5.31 36.84
C MET O 274 60.91 -5.57 38.34
N VAL O 275 59.88 -5.41 39.17
CA VAL O 275 60.04 -5.60 40.61
C VAL O 275 58.92 -6.43 41.23
N ASN O 276 57.78 -6.61 40.55
CA ASN O 276 56.64 -7.32 41.14
C ASN O 276 56.89 -8.82 41.02
N LYS O 277 57.46 -9.41 42.07
CA LYS O 277 57.76 -10.84 42.07
C LYS O 277 57.24 -11.55 43.32
N VAL O 278 56.43 -10.88 44.14
CA VAL O 278 55.89 -11.50 45.34
C VAL O 278 54.75 -12.45 44.98
N PRO O 279 53.73 -12.04 44.22
CA PRO O 279 52.66 -12.99 43.88
C PRO O 279 53.09 -13.89 42.73
N PHE O 280 53.14 -15.20 42.99
CA PHE O 280 53.49 -16.15 41.94
C PHE O 280 52.62 -16.03 40.70
N PRO O 281 51.28 -15.92 40.78
CA PRO O 281 50.51 -15.79 39.53
C PRO O 281 50.34 -14.34 39.10
N LEU O 282 51.44 -13.73 38.68
CA LEU O 282 51.40 -12.37 38.17
C LEU O 282 50.62 -12.34 36.85
N PRO O 283 49.88 -11.26 36.59
CA PRO O 283 49.06 -11.21 35.38
C PRO O 283 49.90 -11.34 34.11
N SER O 284 49.32 -12.00 33.11
CA SER O 284 50.02 -12.24 31.86
C SER O 284 50.27 -10.93 31.13
N PRO O 285 51.39 -10.80 30.41
CA PRO O 285 51.69 -9.53 29.74
C PRO O 285 50.73 -9.25 28.59
N GLN O 286 50.50 -7.97 28.34
CA GLN O 286 49.80 -7.49 27.17
C GLN O 286 50.80 -7.30 26.03
N ILE O 287 50.42 -6.59 24.98
CA ILE O 287 51.30 -6.34 23.85
C ILE O 287 52.56 -5.58 24.23
N PHE O 288 52.71 -5.18 25.50
CA PHE O 288 53.87 -4.46 25.99
C PHE O 288 54.91 -5.42 26.58
N ASN O 289 54.99 -6.64 26.06
CA ASN O 289 55.95 -7.61 26.56
C ASN O 289 57.38 -7.09 26.38
N LEU O 290 58.19 -7.27 27.42
CA LEU O 290 59.54 -6.70 27.40
C LEU O 290 60.40 -7.30 26.31
N ASP O 291 60.33 -8.63 26.13
CA ASP O 291 61.17 -9.30 25.14
C ASP O 291 60.61 -9.22 23.73
N GLN O 292 59.30 -9.04 23.59
CA GLN O 292 58.74 -8.88 22.25
C GLN O 292 59.22 -7.58 21.62
N ILE O 293 59.52 -6.57 22.43
CA ILE O 293 60.07 -5.33 21.90
C ILE O 293 61.49 -5.55 21.41
N ASN O 294 62.30 -6.27 22.19
CA ASN O 294 63.67 -6.57 21.77
C ASN O 294 63.69 -7.43 20.52
N ALA O 295 62.72 -8.33 20.37
CA ALA O 295 62.65 -9.16 19.18
C ALA O 295 62.35 -8.36 17.93
N LEU O 296 61.82 -7.14 18.07
CA LEU O 296 61.43 -6.31 16.94
C LEU O 296 62.54 -5.36 16.51
N THR O 297 63.72 -5.41 17.14
CA THR O 297 64.78 -4.47 16.82
C THR O 297 65.44 -4.77 15.49
N THR O 298 65.30 -5.99 14.96
CA THR O 298 65.92 -6.37 13.70
C THR O 298 64.90 -7.11 12.84
N ASP O 299 65.12 -7.07 11.54
CA ASP O 299 64.25 -7.79 10.62
C ASP O 299 64.47 -9.29 10.76
N THR O 300 63.37 -10.03 10.79
CA THR O 300 63.39 -11.48 10.98
C THR O 300 63.00 -12.22 9.70
N LEU O 301 63.48 -11.73 8.56
CA LEU O 301 63.21 -12.39 7.29
C LEU O 301 63.94 -13.73 7.22
N VAL O 302 63.41 -14.62 6.38
CA VAL O 302 64.01 -15.94 6.22
C VAL O 302 65.34 -15.81 5.50
N SER O 303 66.29 -16.65 5.88
CA SER O 303 67.59 -16.68 5.20
C SER O 303 67.42 -17.16 3.77
N ASP O 304 68.14 -16.51 2.85
CA ASP O 304 68.03 -16.85 1.44
C ASP O 304 68.60 -18.23 1.13
N ASN O 305 69.62 -18.66 1.88
CA ASN O 305 70.28 -19.93 1.63
C ASN O 305 69.83 -21.03 2.58
N ALA O 306 68.71 -20.86 3.28
CA ALA O 306 68.20 -21.85 4.20
C ALA O 306 66.97 -22.53 3.63
N LEU O 307 66.48 -23.54 4.35
CA LEU O 307 65.35 -24.33 3.88
C LEU O 307 64.05 -23.54 3.95
N LYS O 308 63.14 -23.85 3.03
CA LYS O 308 61.88 -23.12 2.89
C LYS O 308 60.76 -24.10 2.57
N PHE O 309 59.55 -23.56 2.38
CA PHE O 309 58.43 -24.38 1.92
C PHE O 309 58.68 -24.94 0.53
N GLN O 310 59.23 -24.13 -0.38
CA GLN O 310 59.46 -24.62 -1.74
C GLN O 310 60.44 -25.80 -1.76
N ASP O 311 61.31 -25.89 -0.75
CA ASP O 311 62.15 -27.08 -0.62
C ASP O 311 61.34 -28.29 -0.19
N LEU O 312 60.14 -28.07 0.38
CA LEU O 312 59.26 -29.15 0.81
C LEU O 312 57.91 -29.06 0.10
N ASP O 313 57.94 -28.59 -1.15
CA ASP O 313 56.84 -28.59 -2.12
C ASP O 313 55.45 -28.38 -1.50
N LEU O 314 55.33 -27.27 -0.76
CA LEU O 314 54.02 -26.75 -0.39
C LEU O 314 54.06 -25.22 -0.51
N VAL O 315 52.88 -24.64 -0.71
CA VAL O 315 52.76 -23.20 -0.92
C VAL O 315 52.08 -22.57 0.29
N PRO O 316 52.54 -21.41 0.76
CA PRO O 316 51.85 -20.73 1.85
C PRO O 316 50.48 -20.23 1.42
N HIS O 317 49.59 -20.10 2.41
CA HIS O 317 48.31 -19.45 2.15
C HIS O 317 48.49 -17.94 2.08
N LYS O 318 47.65 -17.31 1.25
CA LYS O 318 47.69 -15.87 1.06
C LYS O 318 47.05 -15.20 2.27
N LEU O 319 47.84 -14.40 2.99
CA LEU O 319 47.38 -13.81 4.24
C LEU O 319 46.54 -12.57 3.99
N LYS O 320 45.50 -12.70 3.16
CA LYS O 320 44.59 -11.59 2.88
C LYS O 320 43.12 -11.97 2.92
N GLY O 321 42.78 -13.24 2.73
CA GLY O 321 41.39 -13.66 2.73
C GLY O 321 41.04 -14.59 3.86
N TYR O 322 40.98 -15.89 3.56
CA TYR O 322 40.61 -16.89 4.56
C TYR O 322 41.47 -16.87 5.82
N PRO O 323 42.81 -16.76 5.77
CA PRO O 323 43.58 -16.81 7.02
C PRO O 323 43.20 -15.74 8.02
N VAL O 324 42.80 -14.55 7.56
CA VAL O 324 42.47 -13.46 8.46
C VAL O 324 40.95 -13.30 8.61
N GLU O 325 40.16 -14.17 7.98
CA GLU O 325 38.71 -14.04 7.98
C GLU O 325 38.12 -14.09 9.39
N PHE O 326 38.82 -14.69 10.36
CA PHE O 326 38.29 -14.85 11.71
C PHE O 326 38.04 -13.54 12.43
N LEU O 327 38.35 -12.39 11.83
CA LEU O 327 38.17 -11.11 12.49
C LEU O 327 36.75 -10.56 12.33
N ILE O 328 35.88 -11.26 11.60
CA ILE O 328 34.50 -10.81 11.44
C ILE O 328 33.80 -10.77 12.79
N GLN O 329 34.03 -11.79 13.63
CA GLN O 329 33.45 -11.77 14.97
C GLN O 329 33.97 -10.60 15.80
N TYR O 330 35.16 -10.09 15.50
CA TYR O 330 35.62 -8.87 16.15
C TYR O 330 34.90 -7.65 15.62
N ARG O 331 34.68 -7.60 14.31
CA ARG O 331 34.02 -6.43 13.72
C ARG O 331 32.57 -6.33 14.20
N LYS P 1 27.18 -46.49 -20.36
CA LYS P 1 26.41 -45.80 -21.39
C LYS P 1 25.03 -45.42 -20.89
N ARG P 2 24.53 -44.26 -21.33
CA ARG P 2 23.24 -43.72 -20.91
C ARG P 2 23.17 -43.60 -19.39
N GLY P 3 24.05 -42.75 -18.85
CA GLY P 3 24.13 -42.54 -17.42
C GLY P 3 23.31 -41.35 -16.95
N GLU P 4 22.28 -41.00 -17.71
CA GLU P 4 21.43 -39.87 -17.35
C GLU P 4 20.74 -40.10 -16.00
N ILE P 5 20.22 -41.31 -15.78
CA ILE P 5 19.65 -41.64 -14.49
C ILE P 5 20.72 -41.63 -13.42
N GLY P 6 21.93 -42.07 -13.77
CA GLY P 6 23.04 -41.94 -12.84
C GLY P 6 23.35 -40.48 -12.52
N LYS P 7 23.27 -39.61 -13.52
CA LYS P 7 23.51 -38.18 -13.29
C LYS P 7 22.46 -37.59 -12.36
N VAL P 8 21.19 -37.96 -12.55
CA VAL P 8 20.11 -37.38 -11.74
C VAL P 8 19.91 -38.09 -10.41
N SER P 9 20.59 -39.22 -10.19
CA SER P 9 20.42 -39.93 -8.92
C SER P 9 20.95 -39.12 -7.74
N GLY P 10 21.91 -38.22 -7.99
CA GLY P 10 22.45 -37.38 -6.96
C GLY P 10 23.57 -37.98 -6.13
N ILE P 11 23.88 -39.25 -6.35
CA ILE P 11 24.95 -39.92 -5.60
C ILE P 11 26.29 -39.32 -6.02
N PRO P 12 27.28 -39.29 -5.13
CA PRO P 12 28.61 -38.80 -5.50
C PRO P 12 29.07 -39.31 -6.86
N GLU P 13 29.61 -38.39 -7.66
CA GLU P 13 29.96 -38.71 -9.04
C GLU P 13 31.09 -39.73 -9.12
N GLU P 14 31.99 -39.73 -8.15
CA GLU P 14 33.13 -40.64 -8.19
C GLU P 14 32.70 -42.11 -8.06
N HIS P 15 31.49 -42.37 -7.58
CA HIS P 15 30.99 -43.73 -7.45
C HIS P 15 30.20 -44.19 -8.67
N LEU P 16 30.07 -43.35 -9.69
CA LEU P 16 29.39 -43.75 -10.91
C LEU P 16 30.27 -44.57 -11.84
N SER P 17 31.58 -44.56 -11.64
CA SER P 17 32.51 -45.27 -12.50
C SER P 17 32.94 -46.61 -11.94
N ARG P 18 32.26 -47.09 -10.89
CA ARG P 18 32.62 -48.35 -10.28
C ARG P 18 32.34 -49.53 -11.21
N LYS P 19 33.26 -50.49 -11.23
CA LYS P 19 33.07 -51.74 -11.94
C LYS P 19 32.26 -52.70 -11.07
N VAL P 20 31.21 -53.28 -11.64
CA VAL P 20 30.33 -54.17 -10.91
C VAL P 20 30.23 -55.49 -11.65
N ILE P 21 29.85 -56.53 -10.92
CA ILE P 21 29.70 -57.88 -11.44
C ILE P 21 28.26 -58.31 -11.21
N ILE P 22 27.63 -58.84 -12.26
CA ILE P 22 26.25 -59.32 -12.20
C ILE P 22 26.26 -60.83 -12.31
N TYR P 23 25.66 -61.51 -11.34
CA TYR P 23 25.62 -62.97 -11.35
C TYR P 23 24.41 -63.44 -10.56
N SER P 24 24.10 -64.73 -10.72
CA SER P 24 23.11 -65.40 -9.90
C SER P 24 23.82 -66.31 -8.92
N PRO P 25 23.73 -66.08 -7.61
CA PRO P 25 24.45 -66.93 -6.66
C PRO P 25 23.99 -68.38 -6.76
N ALA P 26 24.94 -69.29 -6.65
CA ALA P 26 24.67 -70.71 -6.78
C ALA P 26 24.22 -71.30 -5.45
N ARG P 27 23.64 -72.50 -5.53
CA ARG P 27 23.21 -73.19 -4.33
C ARG P 27 24.40 -73.59 -3.48
N THR P 28 24.29 -73.40 -2.17
CA THR P 28 25.35 -73.79 -1.26
C THR P 28 25.48 -75.30 -1.21
N ALA P 29 26.73 -75.77 -1.05
CA ALA P 29 26.98 -77.21 -1.01
C ALA P 29 26.48 -77.83 0.29
N THR P 30 26.53 -77.09 1.39
CA THR P 30 26.16 -77.62 2.69
C THR P 30 24.66 -77.89 2.83
N GLN P 31 23.84 -77.40 1.90
CA GLN P 31 22.41 -77.62 1.93
C GLN P 31 21.94 -78.17 0.60
N SER P 32 20.84 -78.93 0.63
CA SER P 32 20.32 -79.57 -0.56
C SER P 32 19.10 -78.87 -1.15
N GLY P 33 18.54 -77.88 -0.45
CA GLY P 33 17.38 -77.18 -0.97
C GLY P 33 17.75 -76.14 -2.01
N SER P 34 16.82 -75.90 -2.92
CA SER P 34 17.00 -74.95 -4.01
C SER P 34 15.99 -73.82 -3.94
N GLY P 35 15.73 -73.34 -2.73
CA GLY P 35 14.84 -72.22 -2.52
C GLY P 35 15.50 -70.86 -2.54
N LYS P 36 16.78 -70.80 -2.89
CA LYS P 36 17.54 -69.56 -2.91
C LYS P 36 18.20 -69.34 -4.27
N LEU P 37 17.55 -69.79 -5.34
CA LEU P 37 18.11 -69.73 -6.67
C LEU P 37 17.20 -68.95 -7.61
N GLY P 38 17.79 -68.50 -8.72
CA GLY P 38 17.05 -67.74 -9.71
C GLY P 38 16.97 -66.26 -9.48
N LYS P 39 17.67 -65.73 -8.47
CA LYS P 39 17.64 -64.31 -8.15
C LYS P 39 19.01 -63.71 -8.43
N TRP P 40 19.03 -62.63 -9.20
CA TRP P 40 20.28 -61.99 -9.63
C TRP P 40 20.59 -60.80 -8.73
N LYS P 41 21.89 -60.58 -8.51
CA LYS P 41 22.36 -59.48 -7.67
C LYS P 41 23.54 -58.81 -8.33
N ILE P 42 23.69 -57.51 -8.07
CA ILE P 42 24.86 -56.75 -8.48
C ILE P 42 25.90 -56.83 -7.37
N ASN P 43 27.14 -57.14 -7.73
CA ASN P 43 28.21 -57.34 -6.77
C ASN P 43 29.23 -56.22 -6.91
N PHE P 44 29.02 -55.15 -6.15
CA PHE P 44 30.07 -54.14 -5.99
C PHE P 44 31.21 -54.76 -5.19
N VAL P 45 32.43 -54.63 -5.71
CA VAL P 45 33.57 -55.27 -5.06
C VAL P 45 34.07 -54.38 -3.93
N SER P 46 33.49 -54.56 -2.74
CA SER P 46 33.89 -53.81 -1.55
C SER P 46 35.06 -54.53 -0.88
N THR P 47 36.22 -54.43 -1.53
CA THR P 47 37.38 -55.21 -1.09
C THR P 47 37.99 -54.61 0.17
N LEU P 48 38.11 -53.29 0.24
CA LEU P 48 38.88 -52.64 1.31
C LEU P 48 38.08 -52.65 2.60
N LYS P 49 38.50 -53.48 3.56
CA LYS P 49 37.92 -53.55 4.90
C LYS P 49 39.05 -53.83 5.88
N TRP P 50 39.58 -52.78 6.50
CA TRP P 50 40.67 -52.95 7.46
C TRP P 50 40.10 -53.24 8.84
N GLU P 51 40.98 -53.26 9.85
CA GLU P 51 40.62 -53.62 11.20
C GLU P 51 40.84 -52.44 12.13
N ASN P 52 39.84 -52.13 12.93
CA ASN P 52 39.91 -51.00 13.87
C ASN P 52 41.00 -51.25 14.89
N PRO P 53 41.96 -50.33 15.07
CA PRO P 53 43.03 -50.57 16.04
C PRO P 53 42.65 -50.18 17.46
N LEU P 54 41.45 -50.54 17.89
CA LEU P 54 41.07 -50.42 19.29
C LEU P 54 40.46 -51.70 19.84
N MET P 55 39.62 -52.38 19.05
CA MET P 55 38.91 -53.55 19.52
C MET P 55 38.85 -54.67 18.49
N GLY P 56 39.52 -54.53 17.34
CA GLY P 56 39.46 -55.54 16.31
C GLY P 56 38.21 -55.52 15.45
N TRP P 57 37.36 -54.51 15.61
CA TRP P 57 36.17 -54.40 14.77
C TRP P 57 36.58 -54.14 13.32
N THR P 58 35.77 -54.64 12.40
CA THR P 58 36.04 -54.50 10.97
C THR P 58 35.49 -53.17 10.49
N SER P 59 36.39 -52.21 10.24
CA SER P 59 36.01 -50.92 9.71
C SER P 59 35.92 -50.97 8.19
N THR P 60 35.28 -49.95 7.62
CA THR P 60 35.17 -49.85 6.18
C THR P 60 34.95 -48.39 5.81
N GLY P 61 35.27 -48.07 4.55
CA GLY P 61 35.08 -46.73 4.03
C GLY P 61 34.32 -46.74 2.73
N ASP P 62 33.91 -47.94 2.30
CA ASP P 62 33.19 -48.09 1.05
C ASP P 62 31.70 -47.99 1.32
N PRO P 63 31.00 -47.01 0.76
CA PRO P 63 29.55 -46.89 1.02
C PRO P 63 28.74 -48.08 0.54
N TYR P 64 29.24 -48.82 -0.45
CA TYR P 64 28.51 -49.96 -1.02
C TYR P 64 28.95 -51.28 -0.42
N ALA P 65 29.29 -51.30 0.86
CA ALA P 65 29.86 -52.50 1.47
C ALA P 65 28.89 -53.68 1.42
N ASN P 66 27.61 -53.44 1.75
CA ASN P 66 26.64 -54.52 1.86
C ASN P 66 25.34 -54.21 1.13
N VAL P 67 25.34 -53.22 0.24
CA VAL P 67 24.12 -52.86 -0.47
C VAL P 67 23.67 -54.02 -1.34
N GLY P 68 24.57 -54.54 -2.16
CA GLY P 68 24.25 -55.61 -3.09
C GLY P 68 23.83 -56.90 -2.45
N ASP P 69 24.10 -57.08 -1.16
CA ASP P 69 23.70 -58.28 -0.43
C ASP P 69 22.43 -58.06 0.37
N SER P 70 22.42 -57.05 1.24
CA SER P 70 21.25 -56.81 2.08
C SER P 70 20.04 -56.39 1.25
N ALA P 71 20.25 -55.56 0.23
CA ALA P 71 19.15 -55.12 -0.61
C ALA P 71 19.50 -55.25 -2.08
N LEU P 72 18.68 -54.65 -2.95
CA LEU P 72 18.97 -54.54 -4.38
C LEU P 72 19.13 -55.93 -5.01
N ALA P 73 18.02 -56.66 -4.99
CA ALA P 73 17.93 -57.99 -5.59
C ALA P 73 16.99 -57.94 -6.78
N PHE P 74 17.39 -58.57 -7.88
CA PHE P 74 16.64 -58.54 -9.14
C PHE P 74 16.10 -59.93 -9.46
N ASP P 75 14.91 -59.97 -10.05
CA ASP P 75 14.27 -61.23 -10.39
C ASP P 75 14.75 -61.81 -11.71
N SER P 76 15.55 -61.07 -12.48
CA SER P 76 16.00 -61.55 -13.78
C SER P 76 17.30 -60.87 -14.14
N GLU P 77 18.04 -61.50 -15.06
CA GLU P 77 19.30 -60.93 -15.53
C GLU P 77 19.08 -59.64 -16.29
N GLU P 78 18.02 -59.59 -17.10
CA GLU P 78 17.76 -58.40 -17.91
C GLU P 78 17.50 -57.18 -17.03
N ALA P 79 16.76 -57.38 -15.93
CA ALA P 79 16.48 -56.26 -15.03
C ALA P 79 17.77 -55.72 -14.41
N ALA P 80 18.65 -56.61 -13.96
CA ALA P 80 19.92 -56.16 -13.36
C ALA P 80 20.80 -55.48 -14.40
N LYS P 81 20.87 -56.01 -15.61
CA LYS P 81 21.66 -55.39 -16.66
C LYS P 81 21.13 -54.00 -16.98
N SER P 82 19.81 -53.87 -17.11
CA SER P 82 19.21 -52.57 -17.38
C SER P 82 19.46 -51.60 -16.23
N PHE P 83 19.42 -52.08 -15.00
CA PHE P 83 19.68 -51.23 -13.84
C PHE P 83 21.10 -50.70 -13.86
N ALA P 84 22.09 -51.59 -14.02
CA ALA P 84 23.47 -51.15 -14.06
C ALA P 84 23.74 -50.23 -15.25
N GLU P 85 23.10 -50.52 -16.38
CA GLU P 85 23.22 -49.66 -17.56
C GLU P 85 22.62 -48.28 -17.32
N ARG P 86 21.48 -48.22 -16.63
CA ARG P 86 20.86 -46.94 -16.31
C ARG P 86 21.72 -46.12 -15.36
N HIS P 87 22.31 -46.76 -14.35
CA HIS P 87 23.16 -46.04 -13.40
C HIS P 87 24.59 -45.89 -13.90
N GLY P 88 24.88 -46.32 -15.12
CA GLY P 88 26.19 -46.09 -15.72
C GLY P 88 27.34 -46.82 -15.07
N TRP P 89 27.13 -48.07 -14.66
CA TRP P 89 28.20 -48.88 -14.10
C TRP P 89 28.75 -49.83 -15.16
N ASP P 90 30.04 -50.10 -15.08
CA ASP P 90 30.71 -50.99 -16.02
C ASP P 90 30.49 -52.43 -15.57
N TYR P 91 29.32 -52.96 -15.91
CA TYR P 91 28.93 -54.28 -15.44
C TYR P 91 29.66 -55.37 -16.22
N LYS P 92 29.65 -56.57 -15.65
CA LYS P 92 30.32 -57.73 -16.25
C LYS P 92 29.51 -58.97 -15.85
N VAL P 93 28.65 -59.43 -16.74
CA VAL P 93 27.71 -60.50 -16.41
C VAL P 93 28.45 -61.82 -16.34
N LYS P 94 28.18 -62.59 -15.30
CA LYS P 94 28.71 -63.95 -15.15
C LYS P 94 27.53 -64.91 -15.14
N LYS P 95 27.45 -65.76 -16.17
CA LYS P 95 26.35 -66.70 -16.27
C LYS P 95 26.48 -67.78 -15.20
N PRO P 96 25.38 -68.18 -14.58
CA PRO P 96 25.44 -69.22 -13.54
C PRO P 96 25.62 -70.60 -14.14
N ASN P 97 26.01 -71.53 -13.28
CA ASN P 97 26.18 -72.93 -13.64
C ASN P 97 24.98 -73.73 -13.17
N THR P 98 24.34 -74.44 -14.09
CA THR P 98 23.14 -75.15 -13.73
C THR P 98 23.37 -76.67 -13.74
N PRO P 99 22.76 -77.40 -12.80
CA PRO P 99 22.92 -78.85 -12.80
C PRO P 99 22.27 -79.49 -14.01
N LEU P 100 22.84 -80.61 -14.44
CA LEU P 100 22.35 -81.37 -15.58
C LEU P 100 21.72 -82.65 -15.06
N LEU P 101 20.40 -82.76 -15.16
CA LEU P 101 19.71 -83.96 -14.72
C LEU P 101 20.03 -85.13 -15.65
N LYS P 102 20.42 -86.26 -15.06
CA LYS P 102 20.77 -87.46 -15.80
C LYS P 102 19.87 -88.61 -15.38
N VAL P 103 19.68 -89.56 -16.29
CA VAL P 103 18.86 -90.73 -16.00
C VAL P 103 19.55 -91.54 -14.91
N LYS P 104 18.93 -91.58 -13.73
CA LYS P 104 19.44 -92.34 -12.60
C LYS P 104 18.36 -93.31 -12.14
N SER P 105 18.74 -94.57 -11.98
CA SER P 105 17.80 -95.61 -11.60
C SER P 105 18.34 -96.39 -10.41
N TYR P 106 17.42 -96.83 -9.54
CA TYR P 106 17.80 -97.61 -8.38
C TYR P 106 18.41 -98.95 -8.77
N SER P 107 17.91 -99.56 -9.85
CA SER P 107 18.38 -100.88 -10.26
C SER P 107 19.83 -100.87 -10.72
N ASP P 108 20.39 -99.70 -11.05
CA ASP P 108 21.78 -99.63 -11.47
C ASP P 108 22.74 -100.00 -10.36
N ASN P 109 22.27 -100.06 -9.11
CA ASN P 109 23.11 -100.53 -8.02
C ASN P 109 23.49 -101.99 -8.21
N PHE P 110 22.60 -102.76 -8.82
CA PHE P 110 22.65 -104.21 -8.80
C PHE P 110 22.79 -104.69 -10.24
N LYS P 111 24.04 -104.75 -10.72
CA LYS P 111 24.35 -105.12 -12.09
C LYS P 111 24.89 -106.55 -12.11
N TRP P 112 24.74 -107.20 -13.26
CA TRP P 112 25.17 -108.58 -13.40
C TRP P 112 26.68 -108.73 -13.18
N LYS P 113 27.43 -107.66 -13.42
CA LYS P 113 28.89 -107.68 -13.30
C LYS P 113 29.50 -108.71 -14.24
N GLY P 114 28.88 -108.89 -15.40
CA GLY P 114 29.44 -109.74 -16.43
C GLY P 114 29.43 -111.22 -16.08
N ASN P 115 30.32 -111.95 -16.75
CA ASN P 115 30.48 -113.39 -16.68
C ASN P 115 31.90 -113.70 -16.27
N PRO P 116 32.10 -114.59 -15.28
CA PRO P 116 33.47 -114.86 -14.81
C PRO P 116 34.32 -115.54 -15.87
N GLN P 117 34.70 -114.77 -16.89
CA GLN P 117 35.57 -115.21 -17.97
C GLN P 117 37.03 -115.15 -17.54
N PRO P 118 37.87 -116.07 -18.03
CA PRO P 118 39.27 -116.09 -17.59
C PRO P 118 40.02 -114.83 -18.03
N GLU P 119 40.82 -114.30 -17.11
CA GLU P 119 41.58 -113.08 -17.37
C GLU P 119 42.79 -112.99 -16.46
N ARG Q 1 39.47 -66.52 44.44
CA ARG Q 1 40.61 -66.59 43.55
C ARG Q 1 40.18 -66.32 42.10
N SER Q 2 41.08 -65.72 41.32
CA SER Q 2 40.80 -65.43 39.93
C SER Q 2 41.97 -65.72 38.99
N LYS Q 3 43.08 -66.25 39.50
CA LYS Q 3 44.22 -66.57 38.63
C LYS Q 3 43.99 -67.86 37.84
N LYS Q 4 42.97 -68.63 38.19
CA LYS Q 4 42.68 -69.88 37.50
C LYS Q 4 41.56 -69.64 36.50
N SER Q 5 41.91 -69.66 35.22
CA SER Q 5 40.90 -69.55 34.18
C SER Q 5 40.06 -70.82 34.16
N PRO Q 6 38.84 -70.75 33.60
CA PRO Q 6 38.00 -71.95 33.55
C PRO Q 6 38.65 -73.11 32.82
N MET Q 7 39.55 -72.82 31.88
CA MET Q 7 40.29 -73.87 31.19
C MET Q 7 40.99 -74.80 32.16
N GLU Q 8 41.77 -74.25 33.09
CA GLU Q 8 42.50 -75.05 34.06
C GLU Q 8 41.76 -75.18 35.38
N LEU Q 9 40.56 -74.62 35.49
CA LEU Q 9 39.77 -74.75 36.71
C LEU Q 9 38.72 -75.85 36.59
N ILE Q 10 38.20 -76.11 35.39
CA ILE Q 10 37.24 -77.19 35.23
C ILE Q 10 37.93 -78.56 35.25
N SER Q 11 39.23 -78.62 34.99
CA SER Q 11 39.95 -79.89 34.99
C SER Q 11 40.25 -80.39 36.39
N GLU Q 12 40.15 -79.54 37.41
CA GLU Q 12 40.40 -79.96 38.78
C GLU Q 12 39.20 -80.60 39.45
N VAL Q 13 38.02 -80.56 38.81
CA VAL Q 13 36.83 -81.22 39.34
C VAL Q 13 36.93 -82.71 39.00
N PRO Q 14 36.86 -83.60 40.00
CA PRO Q 14 36.99 -85.02 39.70
C PRO Q 14 35.83 -85.52 38.87
N PRO Q 15 36.06 -86.52 38.02
CA PRO Q 15 34.97 -87.05 37.20
C PRO Q 15 33.88 -87.69 38.04
N ILE Q 16 32.65 -87.61 37.53
CA ILE Q 16 31.49 -88.14 38.23
C ILE Q 16 31.47 -89.66 38.10
N LYS Q 17 31.02 -90.33 39.16
CA LYS Q 17 30.84 -91.78 39.15
C LYS Q 17 29.36 -92.08 38.95
N VAL Q 18 29.06 -92.90 37.94
CA VAL Q 18 27.68 -93.25 37.62
C VAL Q 18 27.65 -94.64 37.03
N ASP Q 19 26.56 -95.37 37.28
CA ASP Q 19 26.34 -96.68 36.71
C ASP Q 19 25.44 -96.58 35.48
N GLY Q 20 25.66 -97.50 34.54
CA GLY Q 20 24.90 -97.54 33.31
C GLY Q 20 25.74 -97.11 32.11
N ARG Q 21 25.17 -97.36 30.93
CA ARG Q 21 25.87 -97.04 29.70
C ARG Q 21 25.86 -95.55 29.38
N ILE Q 22 24.79 -94.84 29.74
CA ILE Q 22 24.66 -93.42 29.43
C ILE Q 22 24.24 -92.67 30.68
N VAL Q 23 24.49 -91.37 30.67
CA VAL Q 23 24.12 -90.47 31.76
C VAL Q 23 23.62 -89.17 31.17
N ALA Q 24 22.63 -88.57 31.81
CA ALA Q 24 22.02 -87.33 31.36
C ALA Q 24 22.59 -86.17 32.17
N CYS Q 25 23.18 -85.20 31.48
CA CYS Q 25 23.75 -84.01 32.10
C CYS Q 25 22.87 -82.81 31.80
N GLU Q 26 22.48 -82.09 32.85
CA GLU Q 26 21.61 -80.93 32.71
C GLU Q 26 22.26 -79.64 33.19
N GLY Q 27 23.47 -79.70 33.72
CA GLY Q 27 24.12 -78.52 34.23
C GLY Q 27 23.76 -78.26 35.69
N ASP Q 28 22.83 -77.35 35.91
CA ASP Q 28 22.36 -77.05 37.25
C ASP Q 28 21.38 -78.13 37.72
N THR Q 29 21.23 -78.23 39.04
CA THR Q 29 20.28 -79.18 39.60
C THR Q 29 18.84 -78.85 39.20
N ASN Q 30 18.56 -77.59 38.87
CA ASN Q 30 17.27 -77.20 38.32
C ASN Q 30 17.35 -77.29 36.80
N PRO Q 31 16.55 -78.14 36.15
CA PRO Q 31 16.68 -78.29 34.69
C PRO Q 31 16.46 -77.00 33.92
N ALA Q 32 15.56 -76.13 34.38
CA ALA Q 32 15.27 -74.91 33.64
C ALA Q 32 16.43 -73.93 33.67
N LEU Q 33 17.25 -73.98 34.72
CA LEU Q 33 18.35 -73.04 34.88
C LEU Q 33 19.70 -73.58 34.40
N GLY Q 34 19.72 -74.77 33.84
CA GLY Q 34 20.93 -75.35 33.29
C GLY Q 34 20.99 -75.20 31.77
N HIS Q 35 21.71 -76.11 31.15
CA HIS Q 35 21.82 -76.20 29.70
C HIS Q 35 20.90 -77.29 29.17
N PRO Q 36 20.67 -77.36 27.86
CA PRO Q 36 19.87 -78.45 27.32
C PRO Q 36 20.47 -79.80 27.67
N ILE Q 37 19.59 -80.77 27.93
CA ILE Q 37 20.03 -82.06 28.43
C ILE Q 37 20.89 -82.75 27.39
N GLU Q 38 21.94 -83.45 27.85
CA GLU Q 38 22.98 -83.97 26.97
C GLU Q 38 23.31 -85.40 27.42
N PHE Q 39 22.67 -86.38 26.78
CA PHE Q 39 22.97 -87.78 27.05
C PHE Q 39 24.31 -88.13 26.38
N ILE Q 40 25.22 -88.69 27.17
CA ILE Q 40 26.55 -89.07 26.68
C ILE Q 40 26.76 -90.55 26.96
N CYS Q 41 27.25 -91.27 25.95
CA CYS Q 41 27.55 -92.69 26.08
C CYS Q 41 28.96 -92.81 26.64
N LEU Q 42 29.07 -93.17 27.91
CA LEU Q 42 30.36 -93.28 28.58
C LEU Q 42 30.83 -94.74 28.58
N ASP Q 43 31.31 -95.14 27.40
CA ASP Q 43 31.80 -96.50 27.19
C ASP Q 43 33.32 -96.59 27.14
N LEU Q 44 34.00 -95.55 26.66
CA LEU Q 44 35.44 -95.56 26.65
C LEU Q 44 36.00 -95.42 28.06
N ASN Q 45 37.22 -95.93 28.25
CA ASN Q 45 37.85 -95.84 29.56
C ASN Q 45 38.23 -94.41 29.92
N GLU Q 46 38.35 -93.50 28.94
CA GLU Q 46 38.51 -92.10 29.31
C GLU Q 46 37.17 -91.54 29.77
N PRO Q 47 37.18 -90.57 30.68
CA PRO Q 47 35.93 -89.92 31.08
C PRO Q 47 35.30 -89.19 29.89
N ALA Q 48 33.98 -89.24 29.83
CA ALA Q 48 33.24 -88.58 28.77
C ALA Q 48 32.87 -87.17 29.20
N ILE Q 49 33.33 -86.18 28.44
CA ILE Q 49 33.19 -84.77 28.79
C ILE Q 49 31.89 -84.25 28.19
N CYS Q 50 31.05 -83.66 29.04
CA CYS Q 50 29.87 -82.97 28.54
C CYS Q 50 30.30 -81.77 27.72
N LYS Q 51 29.65 -81.58 26.57
CA LYS Q 51 30.06 -80.51 25.67
C LYS Q 51 29.64 -79.13 26.16
N TYR Q 52 28.54 -79.04 26.92
CA TYR Q 52 28.10 -77.77 27.45
C TYR Q 52 28.89 -77.39 28.71
N CYS Q 53 28.76 -78.19 29.76
CA CYS Q 53 29.34 -77.85 31.05
C CYS Q 53 30.85 -78.06 31.06
N GLY Q 54 31.32 -79.13 30.44
CA GLY Q 54 32.70 -79.56 30.61
C GLY Q 54 32.89 -80.58 31.71
N LEU Q 55 31.83 -80.93 32.44
CA LEU Q 55 31.94 -81.96 33.47
C LEU Q 55 32.25 -83.30 32.84
N ARG Q 56 33.08 -84.08 33.53
CA ARG Q 56 33.53 -85.38 33.04
C ARG Q 56 32.81 -86.49 33.80
N TYR Q 57 32.31 -87.46 33.04
CA TYR Q 57 31.60 -88.61 33.61
C TYR Q 57 32.35 -89.87 33.25
N VAL Q 58 32.57 -90.74 34.24
CA VAL Q 58 33.27 -92.00 34.05
C VAL Q 58 32.46 -93.11 34.69
N GLN Q 59 32.64 -94.33 34.17
CA GLN Q 59 31.84 -95.47 34.58
C GLN Q 59 32.50 -96.15 35.78
N ASP Q 60 31.78 -96.21 36.90
CA ASP Q 60 32.34 -96.84 38.10
C ASP Q 60 32.50 -98.34 37.91
N HIS Q 61 31.53 -98.99 37.27
CA HIS Q 61 31.60 -100.43 37.07
C HIS Q 61 32.68 -100.79 36.04
N HIS Q 62 33.03 -102.07 36.02
CA HIS Q 62 34.01 -102.61 35.08
C HIS Q 62 35.36 -101.93 35.23
N ALA R 1 65.00 -70.72 -49.62
CA ALA R 1 66.04 -69.73 -49.39
C ALA R 1 65.66 -68.78 -48.26
N TRP R 2 64.67 -67.92 -48.54
CA TRP R 2 64.22 -66.97 -47.52
C TRP R 2 63.59 -67.68 -46.34
N ARG R 3 62.98 -68.85 -46.56
CA ARG R 3 62.34 -69.60 -45.48
C ARG R 3 63.34 -69.98 -44.40
N GLY R 4 64.55 -70.40 -44.79
CA GLY R 4 65.55 -70.75 -43.80
C GLY R 4 66.00 -69.55 -42.98
N SER R 5 66.06 -68.38 -43.59
CA SER R 5 66.53 -67.17 -42.91
C SER R 5 65.36 -66.36 -42.36
N ILE R 6 64.66 -66.98 -41.40
CA ILE R 6 63.60 -66.32 -40.65
C ILE R 6 63.93 -66.23 -39.17
N SER R 7 64.55 -67.27 -38.61
CA SER R 7 64.90 -67.26 -37.19
C SER R 7 65.82 -66.11 -36.84
N LYS R 8 66.74 -65.77 -37.74
CA LYS R 8 67.64 -64.65 -37.52
C LYS R 8 67.02 -63.31 -37.90
N SER R 9 65.79 -63.30 -38.40
CA SER R 9 65.10 -62.07 -38.76
C SER R 9 64.10 -61.62 -37.70
N MET R 10 63.36 -62.55 -37.10
CA MET R 10 62.38 -62.21 -36.07
C MET R 10 62.31 -63.35 -35.06
N LYS R 11 61.30 -63.28 -34.20
CA LYS R 11 60.99 -64.35 -33.26
C LYS R 11 59.51 -64.23 -32.88
N GLU R 12 58.93 -65.36 -32.49
CA GLU R 12 57.55 -65.40 -31.99
C GLU R 12 56.57 -64.85 -33.03
N LEU R 13 56.47 -65.58 -34.14
CA LEU R 13 55.52 -65.25 -35.20
C LEU R 13 54.15 -65.78 -34.82
N ARG R 14 53.19 -64.89 -34.64
CA ARG R 14 51.84 -65.26 -34.23
C ARG R 14 50.90 -65.23 -35.43
N ILE R 15 49.98 -66.20 -35.47
CA ILE R 15 48.94 -66.25 -36.49
C ILE R 15 47.61 -66.51 -35.80
N LEU R 16 46.61 -65.67 -36.09
CA LEU R 16 45.29 -65.79 -35.50
C LEU R 16 44.28 -66.13 -36.58
N LEU R 17 43.28 -66.95 -36.22
CA LEU R 17 42.30 -67.41 -37.18
C LEU R 17 41.05 -67.88 -36.44
N CYS R 18 39.89 -67.64 -37.03
CA CYS R 18 38.63 -68.02 -36.42
C CYS R 18 38.33 -69.49 -36.64
N GLN R 19 37.44 -70.04 -35.81
CA GLN R 19 37.05 -71.44 -35.94
C GLN R 19 36.09 -71.64 -37.10
N SER R 20 34.94 -70.96 -37.07
CA SER R 20 34.00 -71.03 -38.18
C SER R 20 34.64 -70.51 -39.46
N SER R 21 35.44 -69.45 -39.35
CA SER R 21 36.25 -68.90 -40.43
C SER R 21 35.41 -68.49 -41.64
N PRO R 22 34.50 -67.53 -41.50
CA PRO R 22 33.87 -66.96 -42.70
C PRO R 22 34.88 -66.31 -43.62
N ALA R 23 35.92 -65.70 -43.06
CA ALA R 23 37.02 -65.13 -43.83
C ALA R 23 38.37 -65.67 -43.43
N SER R 24 38.46 -66.45 -42.34
CA SER R 24 39.72 -67.03 -41.90
C SER R 24 40.04 -68.34 -42.60
N ALA R 25 39.13 -68.84 -43.44
CA ALA R 25 39.40 -70.08 -44.18
C ALA R 25 40.66 -70.00 -45.04
N PRO R 26 40.93 -68.92 -45.78
CA PRO R 26 42.23 -68.83 -46.46
C PRO R 26 43.41 -68.92 -45.50
N THR R 27 43.30 -68.31 -44.32
CA THR R 27 44.38 -68.39 -43.34
C THR R 27 44.58 -69.82 -42.84
N ARG R 28 43.47 -70.53 -42.57
CA ARG R 28 43.59 -71.92 -42.14
C ARG R 28 44.20 -72.79 -43.23
N THR R 29 43.78 -72.60 -44.48
CA THR R 29 44.35 -73.37 -45.58
C THR R 29 45.83 -73.06 -45.74
N PHE R 30 46.21 -71.80 -45.55
CA PHE R 30 47.62 -71.44 -45.56
C PHE R 30 48.39 -72.18 -44.48
N VAL R 31 47.91 -72.12 -43.24
CA VAL R 31 48.70 -72.60 -42.12
C VAL R 31 48.77 -74.13 -42.10
N GLU R 32 47.72 -74.82 -42.59
CA GLU R 32 47.73 -76.28 -42.49
C GLU R 32 48.81 -76.91 -43.35
N LYS R 33 48.99 -76.42 -44.57
CA LYS R 33 49.96 -77.00 -45.50
C LYS R 33 51.26 -76.22 -45.57
N ASN R 34 51.41 -75.14 -44.80
CA ASN R 34 52.63 -74.35 -44.83
C ASN R 34 53.12 -74.10 -43.40
N TYR R 35 53.01 -75.12 -42.55
CA TYR R 35 53.57 -75.08 -41.21
C TYR R 35 54.64 -76.15 -40.99
N LYS R 36 54.33 -77.42 -41.29
CA LYS R 36 55.31 -78.48 -41.10
C LYS R 36 56.54 -78.26 -41.96
N ASP R 37 56.33 -77.89 -43.23
CA ASP R 37 57.46 -77.59 -44.11
C ASP R 37 58.27 -76.41 -43.62
N LEU R 38 57.62 -75.41 -43.02
CA LEU R 38 58.31 -74.24 -42.51
C LEU R 38 59.11 -74.54 -41.25
N LYS R 39 58.48 -75.19 -40.26
CA LYS R 39 59.16 -75.46 -39.01
C LYS R 39 60.23 -76.53 -39.18
N SER R 40 60.07 -77.44 -40.15
CA SER R 40 61.07 -78.48 -40.36
C SER R 40 62.41 -77.89 -40.76
N LEU R 41 62.39 -76.89 -41.64
CA LEU R 41 63.61 -76.19 -42.03
C LEU R 41 63.89 -74.98 -41.14
N ASN R 42 63.00 -74.68 -40.19
CA ASN R 42 63.16 -73.54 -39.28
C ASN R 42 63.05 -74.03 -37.85
N PRO R 43 64.08 -74.70 -37.34
CA PRO R 43 64.04 -75.18 -35.95
C PRO R 43 64.22 -74.03 -34.96
N LYS R 44 63.72 -74.27 -33.74
CA LYS R 44 63.88 -73.33 -32.62
C LYS R 44 63.27 -71.97 -32.94
N LEU R 45 62.13 -71.97 -33.61
CA LEU R 45 61.39 -70.74 -33.88
C LEU R 45 59.95 -70.94 -33.42
N PRO R 46 59.46 -70.15 -32.46
CA PRO R 46 58.07 -70.29 -32.01
C PRO R 46 57.13 -69.61 -32.99
N ILE R 47 56.27 -70.41 -33.63
CA ILE R 47 55.25 -69.89 -34.55
C ILE R 47 53.91 -70.20 -33.91
N LEU R 48 53.43 -69.30 -33.07
CA LEU R 48 52.24 -69.59 -32.27
C LEU R 48 50.98 -69.53 -33.13
N ILE R 49 50.04 -70.42 -32.85
CA ILE R 49 48.76 -70.48 -33.53
C ILE R 49 47.68 -70.38 -32.47
N ARG R 50 46.94 -69.27 -32.48
CA ARG R 50 45.89 -69.02 -31.49
C ARG R 50 44.58 -68.80 -32.23
N GLU R 51 43.53 -69.51 -31.82
CA GLU R 51 42.29 -69.52 -32.58
C GLU R 51 41.27 -68.49 -32.08
N CYS R 52 40.79 -68.63 -30.85
CA CYS R 52 39.84 -67.70 -30.24
C CYS R 52 38.67 -67.39 -31.17
N SER R 53 37.84 -68.41 -31.40
CA SER R 53 36.68 -68.31 -32.28
C SER R 53 35.94 -67.00 -32.10
N GLY R 54 35.83 -66.24 -33.19
CA GLY R 54 35.19 -64.93 -33.14
C GLY R 54 36.18 -63.79 -33.14
N VAL R 55 37.33 -63.97 -33.79
CA VAL R 55 38.36 -62.96 -33.85
C VAL R 55 38.81 -62.79 -35.31
N GLN R 56 39.30 -61.60 -35.61
CA GLN R 56 39.78 -61.29 -36.95
C GLN R 56 41.08 -62.04 -37.25
N PRO R 57 41.37 -62.27 -38.52
CA PRO R 57 42.64 -62.93 -38.88
C PRO R 57 43.82 -61.98 -38.94
N GLN R 58 44.50 -61.74 -37.81
CA GLN R 58 45.74 -60.99 -37.83
C GLN R 58 46.92 -61.91 -38.11
N MET R 59 48.12 -61.31 -38.14
CA MET R 59 49.36 -62.07 -38.26
C MET R 59 50.47 -61.18 -37.71
N TRP R 60 51.03 -61.55 -36.57
CA TRP R 60 51.93 -60.67 -35.83
C TRP R 60 53.36 -61.20 -35.89
N ALA R 61 54.29 -60.36 -35.45
CA ALA R 61 55.70 -60.71 -35.42
C ALA R 61 56.41 -59.81 -34.42
N ARG R 62 57.30 -60.40 -33.63
CA ARG R 62 58.05 -59.67 -32.61
C ARG R 62 59.53 -59.70 -32.97
N TYR R 63 60.14 -58.52 -33.08
CA TYR R 63 61.55 -58.41 -33.42
C TYR R 63 62.39 -58.31 -32.14
N ASP R 64 63.66 -57.95 -32.29
CA ASP R 64 64.61 -58.07 -31.19
C ASP R 64 64.21 -57.20 -30.00
N MET R 65 63.78 -55.97 -30.27
CA MET R 65 63.46 -55.02 -29.20
C MET R 65 62.00 -55.14 -28.75
N GLY R 66 61.24 -56.07 -29.34
CA GLY R 66 59.85 -56.22 -29.01
C GLY R 66 58.89 -55.41 -29.87
N VAL R 67 59.39 -54.74 -30.91
CA VAL R 67 58.52 -54.01 -31.81
C VAL R 67 57.63 -54.99 -32.56
N GLU R 68 56.41 -54.55 -32.87
CA GLU R 68 55.36 -55.43 -33.34
C GLU R 68 54.75 -54.85 -34.61
N ARG R 69 54.62 -55.70 -35.64
CA ARG R 69 54.35 -55.26 -37.02
C ARG R 69 53.22 -56.09 -37.64
N CYS R 70 52.09 -56.17 -36.93
CA CYS R 70 50.92 -56.90 -37.40
C CYS R 70 50.64 -56.67 -38.88
N VAL R 71 50.22 -57.74 -39.56
CA VAL R 71 49.83 -57.69 -40.96
C VAL R 71 48.44 -58.30 -41.06
N ASN R 72 47.46 -57.50 -41.47
CA ASN R 72 46.08 -57.97 -41.58
C ASN R 72 45.92 -58.74 -42.88
N LEU R 73 45.45 -59.98 -42.78
CA LEU R 73 45.26 -60.86 -43.94
C LEU R 73 43.82 -61.35 -44.02
N ASP R 74 42.86 -60.45 -43.77
CA ASP R 74 41.46 -60.83 -43.81
C ASP R 74 41.03 -61.24 -45.21
N GLY R 75 41.37 -60.44 -46.21
CA GLY R 75 40.92 -60.71 -47.57
C GLY R 75 42.03 -60.99 -48.55
N LEU R 76 43.03 -61.76 -48.14
CA LEU R 76 44.16 -62.10 -48.99
C LEU R 76 44.03 -63.54 -49.46
N THR R 77 44.97 -63.95 -50.32
CA THR R 77 45.05 -65.31 -50.83
C THR R 77 46.33 -65.96 -50.33
N GLU R 78 46.39 -67.28 -50.44
CA GLU R 78 47.53 -68.04 -49.94
C GLU R 78 48.86 -67.56 -50.52
N PRO R 79 49.03 -67.37 -51.84
CA PRO R 79 50.25 -66.72 -52.31
C PRO R 79 50.42 -65.31 -51.78
N GLN R 80 49.31 -64.58 -51.63
CA GLN R 80 49.39 -63.24 -51.05
C GLN R 80 49.75 -63.29 -49.58
N ILE R 81 49.28 -64.31 -48.86
CA ILE R 81 49.71 -64.50 -47.47
C ILE R 81 51.20 -64.80 -47.41
N LEU R 82 51.69 -65.62 -48.34
CA LEU R 82 53.11 -65.92 -48.38
C LEU R 82 53.94 -64.67 -48.67
N LYS R 83 53.45 -63.82 -49.58
CA LYS R 83 54.15 -62.57 -49.86
C LYS R 83 54.07 -61.59 -48.70
N ALA R 84 52.97 -61.64 -47.94
CA ALA R 84 52.89 -60.85 -46.71
C ALA R 84 53.95 -61.31 -45.71
N LEU R 85 54.12 -62.62 -45.57
CA LEU R 85 55.19 -63.14 -44.74
C LEU R 85 56.56 -62.72 -45.26
N GLU R 86 56.72 -62.74 -46.58
CA GLU R 86 57.93 -62.21 -47.23
C GLU R 86 58.25 -60.80 -46.74
N ASN R 87 57.34 -59.87 -46.99
CA ASN R 87 57.62 -58.47 -46.67
C ASN R 87 57.68 -58.24 -45.16
N LEU R 88 57.09 -59.17 -44.38
CA LEU R 88 57.23 -59.09 -42.94
C LEU R 88 58.62 -59.49 -42.48
N VAL R 89 59.20 -60.51 -43.13
CA VAL R 89 60.54 -60.95 -42.76
C VAL R 89 61.58 -59.90 -43.17
N LYS R 90 61.45 -59.38 -44.40
CA LYS R 90 62.46 -58.44 -44.90
C LYS R 90 62.47 -57.14 -44.11
N SER R 91 61.31 -56.71 -43.61
CA SER R 91 61.28 -55.49 -42.79
C SER R 91 62.04 -55.67 -41.49
N GLY R 92 62.10 -56.90 -40.97
CA GLY R 92 62.84 -57.13 -39.74
C GLY R 92 64.34 -56.97 -39.89
N ALA R 93 64.89 -57.43 -41.00
CA ALA R 93 66.32 -57.34 -41.24
C ALA R 93 66.73 -55.91 -41.60
N ASP S 1 -25.14 70.00 -73.06
CA ASP S 1 -25.50 68.68 -72.56
C ASP S 1 -26.18 67.85 -73.65
N ASP S 2 -25.86 68.16 -74.91
CA ASP S 2 -26.43 67.43 -76.02
C ASP S 2 -25.71 66.10 -76.29
N HIS S 3 -24.52 65.91 -75.73
CA HIS S 3 -23.70 64.72 -75.96
C HIS S 3 -23.52 64.47 -77.46
N LEU S 4 -22.87 65.44 -78.10
CA LEU S 4 -22.65 65.39 -79.53
C LEU S 4 -21.89 64.12 -79.91
N SER S 5 -22.36 63.47 -80.97
CA SER S 5 -21.79 62.19 -81.37
C SER S 5 -20.47 62.39 -82.10
N ARG S 6 -19.83 61.28 -82.45
CA ARG S 6 -18.53 61.33 -83.09
C ARG S 6 -18.60 62.01 -84.45
N GLU S 7 -19.68 61.77 -85.20
CA GLU S 7 -19.84 62.39 -86.52
C GLU S 7 -19.91 63.90 -86.45
N ALA S 8 -20.34 64.46 -85.31
CA ALA S 8 -20.32 65.90 -85.11
C ALA S 8 -18.97 66.41 -84.65
N VAL S 9 -18.01 65.51 -84.42
CA VAL S 9 -16.68 65.89 -83.94
C VAL S 9 -15.60 65.65 -85.00
N VAL S 10 -15.82 64.73 -85.94
CA VAL S 10 -14.81 64.38 -86.93
C VAL S 10 -14.49 65.51 -87.90
N ASP S 11 -15.20 66.64 -87.82
CA ASP S 11 -14.94 67.78 -88.68
C ASP S 11 -14.14 68.88 -87.99
N ARG S 12 -14.52 69.25 -86.77
CA ARG S 12 -13.79 70.29 -86.05
C ARG S 12 -12.40 69.82 -85.65
N VAL S 13 -12.26 68.53 -85.32
CA VAL S 13 -10.95 67.97 -85.03
C VAL S 13 -10.06 68.02 -86.27
N LEU S 14 -10.61 67.66 -87.43
CA LEU S 14 -9.84 67.69 -88.67
C LEU S 14 -9.59 69.11 -89.16
N ASP S 15 -10.37 70.09 -88.68
CA ASP S 15 -10.19 71.46 -89.15
C ASP S 15 -8.82 72.01 -88.78
N VAL S 16 -8.35 71.74 -87.55
CA VAL S 16 -7.09 72.31 -87.12
C VAL S 16 -5.92 71.69 -87.88
N VAL S 17 -5.98 70.39 -88.15
CA VAL S 17 -4.90 69.74 -88.89
C VAL S 17 -4.99 70.04 -90.38
N LYS S 18 -6.17 70.41 -90.89
CA LYS S 18 -6.25 70.91 -92.27
C LYS S 18 -5.69 72.31 -92.37
N SER S 19 -5.94 73.15 -91.36
CA SER S 19 -5.41 74.51 -91.36
C SER S 19 -3.90 74.56 -91.12
N PHE S 20 -3.29 73.45 -90.77
CA PHE S 20 -1.85 73.35 -90.56
C PHE S 20 -1.15 73.31 -91.92
N PRO S 21 -0.50 74.40 -92.34
CA PRO S 21 0.01 74.47 -93.72
C PRO S 21 1.39 73.87 -93.91
N LYS S 22 2.13 73.60 -92.83
CA LYS S 22 3.45 72.99 -92.98
C LYS S 22 3.36 71.64 -93.65
N VAL S 23 2.22 70.97 -93.53
CA VAL S 23 1.93 69.76 -94.27
C VAL S 23 0.74 70.04 -95.18
N ASP S 24 0.69 69.35 -96.31
CA ASP S 24 -0.37 69.57 -97.29
C ASP S 24 -1.72 69.19 -96.69
N PRO S 25 -2.73 70.05 -96.79
CA PRO S 25 -4.09 69.69 -96.32
C PRO S 25 -4.85 68.85 -97.34
N SER S 26 -4.18 67.84 -97.88
CA SER S 26 -4.77 66.97 -98.89
C SER S 26 -4.58 65.49 -98.63
N LYS S 27 -3.61 65.09 -97.80
CA LYS S 27 -3.37 63.69 -97.47
C LYS S 27 -3.66 63.40 -96.00
N VAL S 28 -4.46 64.23 -95.35
CA VAL S 28 -4.76 64.06 -93.94
C VAL S 28 -5.86 63.02 -93.77
N THR S 29 -5.73 62.21 -92.72
CA THR S 29 -6.66 61.12 -92.42
C THR S 29 -7.12 61.27 -90.97
N PRO S 30 -8.36 60.87 -90.68
CA PRO S 30 -8.76 60.78 -89.26
C PRO S 30 -7.85 59.87 -88.45
N GLU S 31 -7.32 58.82 -89.07
CA GLU S 31 -6.30 57.97 -88.44
C GLU S 31 -4.97 58.28 -89.11
N VAL S 32 -4.17 59.12 -88.46
CA VAL S 32 -2.84 59.47 -88.96
C VAL S 32 -1.99 59.90 -87.78
N HIS S 33 -0.68 59.65 -87.88
CA HIS S 33 0.28 60.05 -86.86
C HIS S 33 1.23 61.08 -87.46
N PHE S 34 1.41 62.18 -86.74
CA PHE S 34 2.19 63.30 -87.25
C PHE S 34 3.70 63.07 -87.20
N GLN S 35 4.15 62.01 -86.53
CA GLN S 35 5.58 61.77 -86.39
C GLN S 35 6.20 61.09 -87.60
N ASN S 36 5.44 60.22 -88.29
CA ASN S 36 5.96 59.51 -89.45
C ASN S 36 5.21 59.84 -90.73
N ASP S 37 3.88 59.68 -90.74
CA ASP S 37 3.12 59.81 -91.98
C ASP S 37 3.14 61.24 -92.50
N LEU S 38 2.80 62.21 -91.65
CA LEU S 38 2.75 63.59 -92.07
C LEU S 38 4.07 64.33 -91.86
N GLY S 39 5.04 63.70 -91.21
CA GLY S 39 6.37 64.27 -91.07
C GLY S 39 6.44 65.60 -90.35
N LEU S 40 6.07 65.61 -89.08
CA LEU S 40 6.16 66.82 -88.26
C LEU S 40 7.33 66.71 -87.28
N ASP S 41 7.70 67.87 -86.73
CA ASP S 41 8.75 67.91 -85.72
C ASP S 41 8.21 67.37 -84.39
N SER S 42 9.11 67.28 -83.42
CA SER S 42 8.71 66.86 -82.07
C SER S 42 8.20 68.02 -81.23
N LEU S 43 8.19 69.24 -81.76
CA LEU S 43 7.76 70.41 -81.02
C LEU S 43 6.44 71.00 -81.51
N ASP S 44 6.17 70.98 -82.82
CA ASP S 44 4.94 71.54 -83.34
C ASP S 44 3.72 70.68 -83.08
N THR S 45 3.90 69.44 -82.63
CA THR S 45 2.76 68.56 -82.39
C THR S 45 1.88 69.08 -81.26
N VAL S 46 2.49 69.56 -80.17
CA VAL S 46 1.73 70.07 -79.04
C VAL S 46 0.98 71.35 -79.41
N GLU S 47 1.44 72.06 -80.44
CA GLU S 47 0.73 73.25 -80.89
C GLU S 47 -0.68 72.91 -81.37
N ILE S 48 -0.83 71.80 -82.10
CA ILE S 48 -2.14 71.38 -82.57
C ILE S 48 -3.03 70.96 -81.40
N VAL S 49 -2.45 70.27 -80.41
CA VAL S 49 -3.22 69.87 -79.24
C VAL S 49 -3.72 71.09 -78.48
N MET S 50 -2.86 72.10 -78.32
CA MET S 50 -3.28 73.32 -77.67
C MET S 50 -4.36 74.03 -78.48
N ALA S 51 -4.21 74.06 -79.81
CA ALA S 51 -5.23 74.66 -80.66
C ALA S 51 -6.57 73.97 -80.48
N ILE S 52 -6.56 72.64 -80.37
CA ILE S 52 -7.77 71.90 -80.02
C ILE S 52 -8.29 72.35 -78.65
N GLU S 53 -7.37 72.61 -77.72
CA GLU S 53 -7.77 73.06 -76.39
C GLU S 53 -8.54 74.38 -76.45
N GLU S 54 -8.08 75.33 -77.27
CA GLU S 54 -8.91 76.52 -77.47
C GLU S 54 -10.15 76.20 -78.31
N GLU S 55 -10.06 75.25 -79.23
CA GLU S 55 -11.21 74.92 -80.07
C GLU S 55 -12.34 74.32 -79.23
N PHE S 56 -12.02 73.31 -78.41
CA PHE S 56 -12.97 72.70 -77.50
C PHE S 56 -12.54 73.00 -76.07
N LYS S 57 -13.42 73.63 -75.32
CA LYS S 57 -13.06 74.09 -73.98
C LYS S 57 -12.94 72.92 -73.02
N LEU S 58 -11.71 72.41 -72.85
CA LEU S 58 -11.44 71.29 -71.96
C LEU S 58 -9.95 71.28 -71.65
N GLU S 59 -9.62 71.14 -70.37
CA GLU S 59 -8.23 71.09 -69.93
C GLU S 59 -7.75 69.65 -69.94
N ILE S 60 -6.80 69.33 -70.79
CA ILE S 60 -6.19 68.02 -70.84
C ILE S 60 -4.99 68.02 -69.91
N PRO S 61 -4.90 67.07 -68.97
CA PRO S 61 -3.79 67.09 -68.01
C PRO S 61 -2.44 66.94 -68.69
N ASP S 62 -1.43 67.53 -68.06
CA ASP S 62 -0.07 67.53 -68.61
C ASP S 62 0.51 66.13 -68.73
N LYS S 63 0.00 65.17 -67.97
CA LYS S 63 0.62 63.85 -67.93
C LYS S 63 0.51 63.13 -69.27
N GLU S 64 -0.70 63.06 -69.83
CA GLU S 64 -0.94 62.33 -71.07
C GLU S 64 -1.16 63.25 -72.26
N ALA S 65 -0.90 64.56 -72.12
CA ALA S 65 -1.05 65.47 -73.24
C ALA S 65 -0.04 65.16 -74.34
N ASP S 66 1.21 64.88 -73.96
CA ASP S 66 2.26 64.63 -74.95
C ASP S 66 2.16 63.23 -75.55
N LYS S 67 1.43 62.31 -74.93
CA LYS S 67 1.28 60.97 -75.48
C LYS S 67 0.35 60.94 -76.68
N ILE S 68 -0.39 62.02 -76.93
CA ILE S 68 -1.32 62.09 -78.05
C ILE S 68 -0.58 62.64 -79.26
N ASP S 69 0.08 61.76 -80.01
CA ASP S 69 0.76 62.13 -81.25
C ASP S 69 0.01 61.67 -82.48
N SER S 70 -1.14 61.00 -82.32
CA SER S 70 -1.97 60.58 -83.43
C SER S 70 -3.31 61.30 -83.37
N CYS S 71 -3.84 61.65 -84.55
CA CYS S 71 -5.12 62.35 -84.61
C CYS S 71 -6.26 61.51 -84.04
N SER S 72 -6.14 60.19 -84.07
CA SER S 72 -7.18 59.32 -83.52
C SER S 72 -7.31 59.51 -82.02
N LEU S 73 -6.18 59.69 -81.33
CA LEU S 73 -6.21 59.77 -79.87
C LEU S 73 -6.82 61.08 -79.38
N ALA S 74 -6.66 62.18 -80.13
CA ALA S 74 -7.21 63.45 -79.69
C ALA S 74 -8.73 63.44 -79.70
N ILE S 75 -9.33 63.01 -80.81
CA ILE S 75 -10.78 62.96 -80.90
C ILE S 75 -11.33 61.92 -79.93
N GLU S 76 -10.62 60.80 -79.77
CA GLU S 76 -11.06 59.79 -78.80
C GLU S 76 -11.05 60.35 -77.38
N TYR S 77 -10.02 61.12 -77.03
CA TYR S 77 -9.92 61.67 -75.68
C TYR S 77 -10.98 62.74 -75.44
N VAL S 78 -11.25 63.58 -76.44
CA VAL S 78 -12.28 64.60 -76.26
C VAL S 78 -13.66 63.97 -76.22
N TYR S 79 -13.87 62.87 -76.94
CA TYR S 79 -15.17 62.20 -76.90
C TYR S 79 -15.37 61.41 -75.62
N ASN S 80 -14.29 60.85 -75.06
CA ASN S 80 -14.42 60.01 -73.88
C ASN S 80 -14.85 60.83 -72.66
N HIS S 81 -14.39 62.08 -72.57
CA HIS S 81 -14.81 62.94 -71.48
C HIS S 81 -16.31 63.24 -71.59
N PRO S 82 -17.08 63.10 -70.51
CA PRO S 82 -18.53 63.28 -70.62
C PRO S 82 -18.95 64.73 -70.83
N MET S 83 -18.35 65.65 -70.07
CA MET S 83 -18.74 67.05 -70.08
C MET S 83 -18.09 67.85 -71.20
N SER S 84 -17.56 67.19 -72.22
CA SER S 84 -16.92 67.88 -73.34
C SER S 84 -17.95 68.61 -74.19
N PHE T 1 18.46 10.51 -23.87
CA PHE T 1 19.04 9.25 -24.33
C PHE T 1 20.53 9.17 -23.99
N LEU T 2 21.28 8.42 -24.80
CA LEU T 2 22.70 8.25 -24.60
C LEU T 2 23.42 8.42 -25.94
N ASP T 3 24.61 9.01 -25.89
CA ASP T 3 25.42 9.15 -27.09
C ASP T 3 25.93 7.79 -27.55
N LYS T 4 26.17 7.68 -28.86
CA LYS T 4 26.60 6.40 -29.41
C LYS T 4 28.02 6.03 -28.97
N SER T 5 28.86 7.02 -28.68
CA SER T 5 30.26 6.74 -28.37
C SER T 5 30.39 5.93 -27.08
N GLU T 6 29.76 6.39 -25.99
CA GLU T 6 29.92 5.73 -24.71
C GLU T 6 29.28 4.34 -24.72
N VAL T 7 28.11 4.20 -25.32
CA VAL T 7 27.44 2.90 -25.36
C VAL T 7 28.21 1.93 -26.25
N THR T 8 28.75 2.41 -27.37
CA THR T 8 29.57 1.55 -28.22
C THR T 8 30.83 1.10 -27.48
N ASP T 9 31.46 2.01 -26.74
CA ASP T 9 32.63 1.64 -25.95
C ASP T 9 32.27 0.60 -24.90
N ARG T 10 31.15 0.78 -24.20
CA ARG T 10 30.79 -0.13 -23.13
C ARG T 10 30.36 -1.50 -23.66
N VAL T 11 29.81 -1.56 -24.88
CA VAL T 11 29.43 -2.85 -25.44
C VAL T 11 30.57 -3.55 -26.15
N LEU T 12 31.57 -2.81 -26.64
CA LEU T 12 32.73 -3.43 -27.28
C LEU T 12 33.90 -3.65 -26.34
N SER T 13 33.83 -3.15 -25.10
CA SER T 13 34.90 -3.39 -24.14
C SER T 13 34.62 -4.62 -23.28
N VAL T 14 33.40 -4.76 -22.78
CA VAL T 14 33.04 -5.91 -21.96
C VAL T 14 33.02 -7.20 -22.78
N VAL T 15 32.88 -7.09 -24.11
CA VAL T 15 32.85 -8.26 -24.96
C VAL T 15 34.22 -8.93 -25.11
N LYS T 16 35.27 -8.29 -24.62
CA LYS T 16 36.63 -8.79 -24.77
C LYS T 16 37.04 -9.77 -23.67
N ASN T 17 36.15 -10.10 -22.74
CA ASN T 17 36.47 -10.95 -21.59
C ASN T 17 35.68 -12.25 -21.62
N PHE T 18 35.58 -12.87 -22.80
CA PHE T 18 34.83 -14.12 -22.95
C PHE T 18 35.73 -15.29 -23.32
N GLN T 19 37.03 -15.18 -23.05
CA GLN T 19 38.05 -16.23 -23.17
C GLN T 19 38.11 -16.85 -24.56
N LYS T 20 37.39 -16.31 -25.54
CA LYS T 20 37.45 -16.79 -26.91
C LYS T 20 37.52 -15.68 -27.94
N VAL T 21 37.07 -14.47 -27.63
CA VAL T 21 36.96 -13.41 -28.63
C VAL T 21 38.36 -12.93 -29.04
N ASP T 22 38.43 -12.29 -30.20
CA ASP T 22 39.67 -11.72 -30.72
C ASP T 22 39.49 -10.22 -30.97
N PRO T 23 40.53 -9.42 -30.76
CA PRO T 23 40.39 -7.97 -31.00
C PRO T 23 40.07 -7.63 -32.44
N SER T 24 40.55 -8.41 -33.41
CA SER T 24 40.29 -8.13 -34.80
C SER T 24 38.88 -8.53 -35.24
N LYS T 25 38.14 -9.26 -34.41
CA LYS T 25 36.80 -9.71 -34.78
C LYS T 25 35.69 -8.84 -34.21
N VAL T 26 35.93 -8.13 -33.12
CA VAL T 26 34.89 -7.31 -32.50
C VAL T 26 34.72 -6.02 -33.28
N THR T 27 33.48 -5.71 -33.63
CA THR T 27 33.14 -4.52 -34.39
C THR T 27 31.66 -4.23 -34.19
N PRO T 28 31.21 -2.99 -34.40
CA PRO T 28 29.79 -2.67 -34.21
C PRO T 28 28.80 -3.58 -34.93
N LYS T 29 29.27 -4.33 -35.93
CA LYS T 29 28.40 -5.29 -36.65
C LYS T 29 29.18 -6.59 -36.83
N ALA T 30 29.06 -7.48 -35.84
CA ALA T 30 29.68 -8.80 -35.91
C ALA T 30 28.81 -9.74 -35.08
N ASN T 31 27.94 -10.49 -35.76
CA ASN T 31 26.88 -11.23 -35.10
C ASN T 31 27.46 -12.23 -34.11
N PHE T 32 26.78 -12.40 -32.97
CA PHE T 32 27.28 -13.22 -31.89
C PHE T 32 27.47 -14.68 -32.28
N GLN T 33 26.38 -15.39 -32.55
CA GLN T 33 26.46 -16.83 -32.80
C GLN T 33 26.91 -17.18 -34.21
N ASN T 34 27.12 -16.19 -35.08
CA ASN T 34 27.59 -16.44 -36.43
C ASN T 34 28.98 -15.91 -36.69
N ASP T 35 29.20 -14.61 -36.48
CA ASP T 35 30.53 -14.04 -36.72
C ASP T 35 31.51 -14.43 -35.63
N LEU T 36 31.08 -14.37 -34.37
CA LEU T 36 31.95 -14.71 -33.25
C LEU T 36 32.02 -16.20 -32.97
N GLY T 37 31.15 -17.00 -33.57
CA GLY T 37 31.08 -18.41 -33.22
C GLY T 37 30.66 -18.62 -31.78
N LEU T 38 29.73 -17.81 -31.30
CA LEU T 38 29.33 -17.81 -29.90
C LEU T 38 28.29 -18.88 -29.62
N ASP T 39 28.28 -19.37 -28.39
CA ASP T 39 27.33 -20.37 -27.95
C ASP T 39 26.02 -19.70 -27.51
N SER T 40 24.93 -20.47 -27.54
CA SER T 40 23.66 -19.96 -27.07
C SER T 40 23.73 -19.57 -25.60
N LEU T 41 24.35 -20.44 -24.78
CA LEU T 41 24.62 -20.06 -23.40
C LEU T 41 25.56 -18.87 -23.35
N ASP T 42 26.57 -18.83 -24.22
CA ASP T 42 27.43 -17.66 -24.30
C ASP T 42 26.66 -16.43 -24.80
N SER T 43 25.66 -16.63 -25.67
CA SER T 43 24.88 -15.50 -26.16
C SER T 43 24.03 -14.89 -25.04
N VAL T 44 23.34 -15.74 -24.26
CA VAL T 44 22.59 -15.20 -23.14
C VAL T 44 23.55 -14.65 -22.10
N GLU T 45 24.77 -15.17 -22.04
CA GLU T 45 25.79 -14.61 -21.15
C GLU T 45 26.18 -13.19 -21.59
N VAL T 46 26.30 -12.96 -22.90
CA VAL T 46 26.67 -11.63 -23.39
C VAL T 46 25.54 -10.63 -23.14
N VAL T 47 24.30 -11.01 -23.49
CA VAL T 47 23.19 -10.09 -23.22
C VAL T 47 23.03 -9.90 -21.71
N MET T 48 23.42 -10.91 -20.93
CA MET T 48 23.43 -10.80 -19.48
C MET T 48 24.44 -9.77 -19.01
N ALA T 49 25.64 -9.79 -19.60
CA ALA T 49 26.65 -8.77 -19.28
C ALA T 49 26.19 -7.38 -19.68
N LEU T 50 25.42 -7.28 -20.78
CA LEU T 50 24.86 -6.00 -21.16
C LEU T 50 23.93 -5.45 -20.09
N GLU T 51 23.22 -6.33 -19.40
CA GLU T 51 22.31 -5.95 -18.32
C GLU T 51 22.93 -6.10 -16.94
N GLU T 52 24.21 -6.49 -16.86
CA GLU T 52 24.89 -6.63 -15.58
C GLU T 52 25.70 -5.40 -15.19
N GLU T 53 26.22 -4.66 -16.17
CA GLU T 53 26.97 -3.44 -15.88
C GLU T 53 26.09 -2.32 -15.34
N PHE T 54 24.77 -2.44 -15.48
CA PHE T 54 23.84 -1.45 -14.99
C PHE T 54 22.63 -2.15 -14.37
N GLY T 55 21.83 -1.40 -13.63
CA GLY T 55 20.71 -1.95 -12.91
C GLY T 55 19.47 -2.29 -13.72
N PHE T 56 19.43 -1.93 -15.00
CA PHE T 56 18.25 -2.29 -15.77
C PHE T 56 18.32 -3.75 -16.20
N GLU T 57 17.18 -4.27 -16.65
CA GLU T 57 17.12 -5.64 -17.15
C GLU T 57 16.29 -5.68 -18.42
N ILE T 58 16.63 -6.64 -19.28
CA ILE T 58 15.89 -6.89 -20.52
C ILE T 58 14.89 -8.01 -20.24
N PRO T 59 13.58 -7.78 -20.42
CA PRO T 59 12.58 -8.80 -20.07
C PRO T 59 12.72 -10.08 -20.87
N ASP T 60 11.96 -11.11 -20.47
CA ASP T 60 12.09 -12.42 -21.10
C ASP T 60 11.75 -12.37 -22.58
N ASN T 61 10.67 -11.67 -22.94
CA ASN T 61 10.25 -11.62 -24.34
C ASN T 61 11.22 -10.84 -25.23
N GLU T 62 12.12 -10.04 -24.64
CA GLU T 62 13.09 -9.27 -25.39
C GLU T 62 14.49 -9.89 -25.35
N ALA T 63 14.59 -11.16 -24.95
CA ALA T 63 15.90 -11.78 -24.75
C ALA T 63 16.55 -12.18 -26.08
N ASP T 64 15.88 -13.04 -26.83
CA ASP T 64 16.43 -13.56 -28.09
C ASP T 64 15.96 -12.79 -29.31
N LYS T 65 15.34 -11.63 -29.12
CA LYS T 65 14.85 -10.86 -30.27
C LYS T 65 16.01 -10.44 -31.18
N ILE T 66 17.03 -9.81 -30.62
CA ILE T 66 18.18 -9.37 -31.40
C ILE T 66 19.46 -9.75 -30.68
N GLN T 67 20.11 -10.81 -31.13
CA GLN T 67 21.42 -11.23 -30.62
C GLN T 67 22.57 -10.66 -31.47
N SER T 68 22.50 -9.35 -31.72
CA SER T 68 23.50 -8.64 -32.50
C SER T 68 23.81 -7.31 -31.83
N ILE T 69 25.00 -6.77 -32.13
CA ILE T 69 25.46 -5.57 -31.45
C ILE T 69 24.62 -4.35 -31.85
N ASP T 70 24.20 -4.27 -33.11
CA ASP T 70 23.64 -3.03 -33.64
C ASP T 70 22.37 -2.63 -32.88
N LEU T 71 21.32 -3.44 -32.97
CA LEU T 71 20.06 -3.05 -32.34
C LEU T 71 20.15 -3.17 -30.83
N ALA T 72 21.04 -4.03 -30.30
CA ALA T 72 21.23 -4.07 -28.86
C ALA T 72 21.79 -2.76 -28.33
N VAL T 73 22.79 -2.18 -29.01
CA VAL T 73 23.35 -0.93 -28.54
C VAL T 73 22.39 0.22 -28.84
N ASP T 74 21.57 0.08 -29.88
CA ASP T 74 20.50 1.05 -30.09
C ASP T 74 19.53 1.04 -28.90
N PHE T 75 19.16 -0.15 -28.43
CA PHE T 75 18.33 -0.25 -27.23
C PHE T 75 19.04 0.34 -26.02
N ILE T 76 20.34 0.11 -25.91
CA ILE T 76 21.12 0.64 -24.80
C ILE T 76 21.07 2.17 -24.81
N ALA T 77 21.26 2.78 -25.98
CA ALA T 77 21.19 4.22 -26.17
C ALA T 77 19.77 4.76 -26.11
N SER T 78 18.75 3.90 -26.13
CA SER T 78 17.36 4.34 -25.95
C SER T 78 16.82 3.93 -24.60
N HIS T 79 17.68 3.70 -23.61
CA HIS T 79 17.25 3.34 -22.27
C HIS T 79 17.25 4.57 -21.39
N PRO T 80 16.09 4.99 -20.85
CA PRO T 80 16.07 6.16 -19.96
C PRO T 80 16.90 5.99 -18.71
N GLN T 81 16.97 4.77 -18.15
CA GLN T 81 17.68 4.57 -16.90
C GLN T 81 19.19 4.69 -17.09
N ALA T 82 19.70 4.24 -18.24
CA ALA T 82 21.13 4.30 -18.49
C ALA T 82 21.60 5.74 -18.63
N LYS T 83 22.86 5.98 -18.25
CA LYS T 83 23.45 7.30 -18.38
C LYS T 83 24.89 7.21 -18.89
N ALA U 1 -41.37 -30.18 13.56
CA ALA U 1 -42.18 -28.98 13.41
C ALA U 1 -41.50 -27.77 14.04
N LYS U 2 -40.26 -27.97 14.48
CA LYS U 2 -39.45 -26.92 15.08
C LYS U 2 -38.13 -26.81 14.35
N VAL U 3 -37.50 -25.64 14.47
CA VAL U 3 -36.21 -25.41 13.84
C VAL U 3 -35.15 -26.25 14.53
N LYS U 4 -34.19 -26.74 13.74
CA LYS U 4 -33.16 -27.62 14.29
C LYS U 4 -32.30 -26.89 15.33
N GLN U 5 -31.93 -25.64 15.03
CA GLN U 5 -31.25 -24.69 15.91
C GLN U 5 -29.90 -25.21 16.43
N THR U 6 -29.51 -26.41 16.02
CA THR U 6 -28.19 -26.96 16.30
C THR U 6 -27.93 -28.21 15.46
N THR U 7 -26.78 -28.26 14.80
CA THR U 7 -26.42 -29.44 14.02
C THR U 7 -25.52 -30.41 14.79
N GLY U 8 -24.84 -29.94 15.83
CA GLY U 8 -23.89 -30.75 16.54
C GLY U 8 -22.52 -30.83 15.90
N ILE U 9 -22.35 -30.20 14.74
CA ILE U 9 -21.09 -30.20 14.01
C ILE U 9 -20.66 -28.75 13.79
N VAL U 10 -19.44 -28.43 14.21
CA VAL U 10 -18.97 -27.05 14.08
C VAL U 10 -18.64 -26.78 12.61
N GLY U 11 -18.93 -25.55 12.18
CA GLY U 11 -18.72 -25.17 10.79
C GLY U 11 -19.81 -25.59 9.84
N LEU U 12 -20.83 -26.29 10.32
CA LEU U 12 -21.95 -26.74 9.51
C LEU U 12 -23.22 -26.23 10.19
N ASP U 13 -23.59 -24.99 9.84
CA ASP U 13 -24.73 -24.35 10.48
C ASP U 13 -26.05 -24.92 9.96
N VAL U 14 -27.10 -24.73 10.76
CA VAL U 14 -28.43 -25.17 10.36
C VAL U 14 -28.91 -24.35 9.17
N VAL U 15 -29.73 -24.95 8.34
CA VAL U 15 -30.28 -24.30 7.15
C VAL U 15 -31.80 -24.26 7.28
N PRO U 16 -32.36 -23.12 7.67
CA PRO U 16 -33.82 -23.00 7.70
C PRO U 16 -34.41 -23.15 6.31
N ASN U 17 -35.59 -23.75 6.24
CA ASN U 17 -36.24 -24.08 4.97
C ASN U 17 -35.33 -24.94 4.10
N ALA U 18 -34.79 -26.01 4.71
CA ALA U 18 -33.89 -26.89 4.00
C ALA U 18 -34.60 -27.67 2.90
N ARG U 19 -35.91 -27.90 3.06
CA ARG U 19 -36.65 -28.61 2.03
C ARG U 19 -36.69 -27.82 0.73
N ALA U 20 -36.83 -26.50 0.82
CA ALA U 20 -36.87 -25.68 -0.40
C ALA U 20 -35.56 -25.74 -1.15
N VAL U 21 -34.43 -25.66 -0.45
CA VAL U 21 -33.14 -25.68 -1.12
C VAL U 21 -32.74 -27.08 -1.57
N LEU U 22 -33.34 -28.12 -0.99
CA LEU U 22 -33.04 -29.49 -1.39
C LEU U 22 -33.98 -30.02 -2.46
N ILE U 23 -35.14 -29.39 -2.63
CA ILE U 23 -36.11 -29.86 -3.61
C ILE U 23 -35.81 -29.36 -5.02
N ASP U 24 -35.08 -28.25 -5.15
CA ASP U 24 -34.71 -27.73 -6.46
C ASP U 24 -33.29 -28.11 -6.87
N LEU U 25 -32.40 -28.35 -5.91
CA LEU U 25 -31.07 -28.83 -6.24
C LEU U 25 -31.13 -30.20 -6.91
N TYR U 26 -32.00 -31.08 -6.42
CA TYR U 26 -32.17 -32.38 -7.05
C TYR U 26 -32.71 -32.25 -8.47
N SER U 27 -33.67 -31.34 -8.68
CA SER U 27 -34.19 -31.11 -10.02
C SER U 27 -33.10 -30.58 -10.94
N LYS U 28 -32.26 -29.67 -10.44
CA LYS U 28 -31.15 -29.15 -11.23
C LYS U 28 -30.20 -30.27 -11.61
N THR U 29 -29.88 -31.16 -10.68
CA THR U 29 -29.01 -32.29 -10.99
C THR U 29 -29.66 -33.20 -12.04
N LEU U 30 -30.95 -33.47 -11.90
CA LEU U 30 -31.64 -34.34 -12.85
C LEU U 30 -31.65 -33.74 -14.24
N LYS U 31 -31.88 -32.43 -14.35
CA LYS U 31 -31.90 -31.78 -15.65
C LYS U 31 -30.50 -31.49 -16.19
N GLU U 32 -29.47 -31.57 -15.36
CA GLU U 32 -28.12 -31.25 -15.79
C GLU U 32 -27.38 -32.44 -16.39
N ILE U 33 -27.68 -33.65 -15.92
CA ILE U 33 -26.92 -34.83 -16.33
C ILE U 33 -27.58 -35.53 -17.52
N GLN U 34 -28.51 -34.85 -18.21
CA GLN U 34 -29.08 -35.41 -19.42
C GLN U 34 -28.05 -35.60 -20.52
N ALA U 35 -26.94 -34.85 -20.47
CA ALA U 35 -25.93 -34.96 -21.52
C ALA U 35 -25.10 -36.23 -21.39
N VAL U 36 -25.01 -36.79 -20.20
CA VAL U 36 -24.24 -38.04 -20.01
C VAL U 36 -24.93 -39.16 -20.76
N PRO U 37 -24.19 -40.00 -21.50
CA PRO U 37 -24.82 -41.12 -22.21
C PRO U 37 -25.53 -42.05 -21.25
N GLU U 38 -26.66 -42.60 -21.72
CA GLU U 38 -27.47 -43.45 -20.85
C GLU U 38 -26.79 -44.78 -20.54
N ASP U 39 -25.93 -45.27 -21.44
CA ASP U 39 -25.30 -46.57 -21.24
C ASP U 39 -24.27 -46.57 -20.13
N GLU U 40 -23.87 -45.40 -19.63
CA GLU U 40 -22.87 -45.32 -18.56
C GLU U 40 -23.55 -45.50 -17.20
N GLY U 41 -22.91 -46.31 -16.34
CA GLY U 41 -23.51 -46.65 -15.07
C GLY U 41 -23.63 -45.50 -14.10
N TYR U 42 -22.80 -44.46 -14.24
CA TYR U 42 -22.88 -43.32 -13.34
C TYR U 42 -24.24 -42.63 -13.45
N ARG U 43 -24.71 -42.42 -14.68
CA ARG U 43 -26.00 -41.77 -14.86
C ARG U 43 -27.13 -42.59 -14.27
N LYS U 44 -27.12 -43.91 -14.48
CA LYS U 44 -28.18 -44.74 -13.96
C LYS U 44 -28.25 -44.67 -12.44
N ALA U 45 -27.10 -44.79 -11.77
CA ALA U 45 -27.09 -44.76 -10.31
C ALA U 45 -27.50 -43.40 -9.78
N VAL U 46 -26.98 -42.33 -10.37
CA VAL U 46 -27.29 -40.99 -9.86
C VAL U 46 -28.77 -40.70 -10.05
N GLU U 47 -29.34 -41.05 -11.21
CA GLU U 47 -30.77 -40.87 -11.41
C GLU U 47 -31.58 -41.70 -10.44
N SER U 48 -31.17 -42.96 -10.24
CA SER U 48 -31.94 -43.87 -9.39
C SER U 48 -32.00 -43.37 -7.95
N PHE U 49 -30.90 -42.84 -7.42
CA PHE U 49 -31.00 -42.38 -6.04
C PHE U 49 -31.55 -40.96 -5.96
N THR U 50 -31.28 -40.12 -6.96
CA THR U 50 -31.79 -38.75 -6.94
C THR U 50 -33.31 -38.72 -7.02
N ARG U 51 -33.91 -39.58 -7.85
CA ARG U 51 -35.36 -39.61 -7.94
C ARG U 51 -35.99 -40.02 -6.62
N GLN U 52 -35.44 -41.04 -5.96
CA GLN U 52 -36.00 -41.49 -4.68
C GLN U 52 -35.85 -40.43 -3.61
N ARG U 53 -34.67 -39.78 -3.55
CA ARG U 53 -34.48 -38.73 -2.55
C ARG U 53 -35.41 -37.56 -2.81
N LEU U 54 -35.56 -37.16 -4.08
CA LEU U 54 -36.47 -36.08 -4.43
C LEU U 54 -37.90 -36.43 -4.05
N ASN U 55 -38.34 -37.65 -4.33
CA ASN U 55 -39.68 -38.05 -3.94
C ASN U 55 -39.86 -37.95 -2.43
N VAL U 56 -38.96 -38.60 -1.67
CA VAL U 56 -39.10 -38.61 -0.22
C VAL U 56 -39.15 -37.20 0.33
N CYS U 57 -38.37 -36.30 -0.24
CA CYS U 57 -38.48 -34.89 0.13
C CYS U 57 -39.83 -34.31 -0.29
N LYS U 58 -40.41 -34.82 -1.37
CA LYS U 58 -41.68 -34.26 -1.86
C LYS U 58 -42.84 -34.60 -0.94
N GLU U 59 -43.00 -35.87 -0.55
CA GLU U 59 -44.19 -36.22 0.22
C GLU U 59 -44.20 -35.55 1.60
N GLU U 60 -43.04 -35.46 2.23
CA GLU U 60 -42.95 -34.98 3.61
C GLU U 60 -42.27 -33.62 3.67
N GLU U 61 -42.77 -32.75 4.53
CA GLU U 61 -42.31 -31.38 4.60
C GLU U 61 -41.31 -31.15 5.73
N ASP U 62 -41.69 -31.49 6.97
CA ASP U 62 -40.82 -31.24 8.11
C ASP U 62 -39.58 -32.11 8.05
N TRP U 63 -38.44 -31.54 8.43
CA TRP U 63 -37.15 -32.18 8.19
C TRP U 63 -36.97 -33.45 9.01
N GLU U 64 -37.64 -33.56 10.17
CA GLU U 64 -37.49 -34.75 11.00
C GLU U 64 -37.96 -36.00 10.26
N MET U 65 -39.17 -35.95 9.69
CA MET U 65 -39.67 -37.07 8.91
C MET U 65 -38.83 -37.31 7.66
N ILE U 66 -38.34 -36.24 7.04
CA ILE U 66 -37.52 -36.39 5.84
C ILE U 66 -36.26 -37.18 6.14
N GLU U 67 -35.55 -36.80 7.21
CA GLU U 67 -34.31 -37.48 7.55
C GLU U 67 -34.55 -38.85 8.18
N LYS U 68 -35.71 -39.08 8.80
CA LYS U 68 -35.98 -40.41 9.34
C LYS U 68 -36.33 -41.39 8.22
N ARG U 69 -37.11 -40.96 7.23
CA ARG U 69 -37.43 -41.83 6.11
C ARG U 69 -36.18 -42.20 5.33
N LEU U 70 -35.34 -41.20 5.01
CA LEU U 70 -34.07 -41.49 4.35
C LEU U 70 -33.16 -42.29 5.28
N GLY U 71 -33.07 -41.90 6.55
CA GLY U 71 -32.27 -42.62 7.50
C GLY U 71 -30.78 -42.39 7.40
N CYS U 72 -30.34 -41.44 6.58
CA CYS U 72 -28.92 -41.18 6.36
C CYS U 72 -28.61 -39.72 6.65
N GLY U 73 -27.78 -39.48 7.66
CA GLY U 73 -27.28 -38.15 7.97
C GLY U 73 -28.38 -37.18 8.38
N GLN U 74 -28.07 -35.90 8.20
CA GLN U 74 -29.00 -34.82 8.49
C GLN U 74 -29.29 -34.06 7.19
N VAL U 75 -30.26 -33.14 7.26
CA VAL U 75 -30.69 -32.43 6.06
C VAL U 75 -29.55 -31.59 5.49
N GLU U 76 -28.74 -30.99 6.36
CA GLU U 76 -27.61 -30.20 5.89
C GLU U 76 -26.54 -31.08 5.24
N GLU U 77 -26.31 -32.26 5.81
CA GLU U 77 -25.40 -33.22 5.19
C GLU U 77 -25.91 -33.65 3.82
N LEU U 78 -27.23 -33.86 3.70
CA LEU U 78 -27.81 -34.19 2.41
C LEU U 78 -27.62 -33.05 1.42
N ILE U 79 -27.77 -31.81 1.89
CA ILE U 79 -27.60 -30.64 1.01
C ILE U 79 -26.16 -30.58 0.50
N GLU U 80 -25.20 -30.79 1.40
CA GLU U 80 -23.80 -30.80 1.01
C GLU U 80 -23.52 -31.92 0.02
N GLU U 81 -24.09 -33.09 0.26
CA GLU U 81 -23.93 -34.21 -0.68
C GLU U 81 -24.49 -33.86 -2.05
N ALA U 82 -25.65 -33.21 -2.08
CA ALA U 82 -26.25 -32.82 -3.35
C ALA U 82 -25.39 -31.80 -4.09
N ARG U 83 -24.86 -30.81 -3.38
CA ARG U 83 -23.97 -29.85 -4.03
C ARG U 83 -22.73 -30.52 -4.59
N ASP U 84 -22.13 -31.43 -3.81
CA ASP U 84 -20.94 -32.13 -4.30
C ASP U 84 -21.27 -33.01 -5.49
N GLU U 85 -22.43 -33.66 -5.49
CA GLU U 85 -22.85 -34.47 -6.62
C GLU U 85 -23.04 -33.61 -7.87
N LEU U 86 -23.63 -32.43 -7.71
CA LEU U 86 -23.81 -31.53 -8.86
C LEU U 86 -22.45 -31.08 -9.41
N THR U 87 -21.51 -30.74 -8.52
CA THR U 87 -20.18 -30.35 -8.98
C THR U 87 -19.50 -31.51 -9.70
N LEU U 88 -19.64 -32.72 -9.17
CA LEU U 88 -19.06 -33.89 -9.81
C LEU U 88 -19.70 -34.15 -11.18
N ILE U 89 -21.01 -33.91 -11.30
CA ILE U 89 -21.69 -34.06 -12.58
C ILE U 89 -21.11 -33.08 -13.60
N GLY U 90 -20.93 -31.83 -13.18
CA GLY U 90 -20.32 -30.85 -14.06
C GLY U 90 -18.92 -31.25 -14.49
N LYS U 91 -18.11 -31.71 -13.54
CA LYS U 91 -16.75 -32.12 -13.86
C LYS U 91 -16.74 -33.34 -14.78
N MET U 92 -17.66 -34.28 -14.58
CA MET U 92 -17.78 -35.42 -15.49
C MET U 92 -18.14 -34.96 -16.89
N ILE U 93 -19.06 -34.00 -17.00
CA ILE U 93 -19.47 -33.49 -18.30
C ILE U 93 -18.29 -32.85 -19.02
N GLU U 94 -17.54 -32.00 -18.32
CA GLU U 94 -16.42 -31.33 -18.96
C GLU U 94 -15.25 -32.28 -19.24
N TRP U 95 -15.05 -33.28 -18.40
CA TRP U 95 -13.95 -34.22 -18.63
C TRP U 95 -14.29 -35.18 -19.77
N ASP U 96 -15.54 -35.61 -19.84
CA ASP U 96 -15.99 -36.63 -20.80
C ASP U 96 -15.10 -37.89 -20.75
N PRO U 97 -15.09 -38.60 -19.63
CA PRO U 97 -14.31 -39.85 -19.54
C PRO U 97 -15.06 -41.08 -20.04
N TRP U 98 -16.24 -40.91 -20.63
CA TRP U 98 -17.03 -42.04 -21.08
C TRP U 98 -16.38 -42.73 -22.27
N GLY U 99 -16.70 -44.01 -22.43
CA GLY U 99 -16.15 -44.80 -23.50
C GLY U 99 -15.12 -45.81 -23.01
N VAL U 100 -14.90 -46.84 -23.81
CA VAL U 100 -13.96 -47.91 -23.52
C VAL U 100 -12.91 -47.93 -24.63
N PRO U 101 -11.63 -47.81 -24.32
CA PRO U 101 -10.61 -47.84 -25.37
C PRO U 101 -10.53 -49.21 -26.02
N ASP U 102 -10.06 -49.22 -27.27
CA ASP U 102 -9.92 -50.46 -28.01
C ASP U 102 -8.86 -51.35 -27.36
N ASP U 103 -9.09 -52.66 -27.42
CA ASP U 103 -8.20 -53.65 -26.82
C ASP U 103 -8.02 -53.38 -25.32
N TYR U 104 -9.11 -53.01 -24.66
CA TYR U 104 -9.05 -52.71 -23.23
C TYR U 104 -8.78 -53.97 -22.43
N GLU U 105 -7.93 -53.83 -21.41
CA GLU U 105 -7.61 -54.91 -20.50
C GLU U 105 -7.80 -54.45 -19.05
N CYS U 106 -8.47 -55.27 -18.26
CA CYS U 106 -8.66 -55.01 -16.84
C CYS U 106 -8.24 -56.23 -16.05
N GLU U 107 -7.32 -56.04 -15.11
CA GLU U 107 -6.77 -57.12 -14.31
C GLU U 107 -7.53 -57.16 -12.99
N VAL U 108 -8.24 -58.26 -12.74
CA VAL U 108 -9.09 -58.41 -11.56
C VAL U 108 -8.58 -59.58 -10.74
N ILE U 109 -8.37 -59.35 -9.45
CA ILE U 109 -7.92 -60.36 -8.51
C ILE U 109 -8.96 -60.48 -7.41
N GLU U 110 -9.36 -61.71 -7.10
CA GLU U 110 -10.35 -61.98 -6.06
C GLU U 110 -9.80 -62.97 -5.05
N ASN U 111 -8.55 -62.75 -4.63
CA ASN U 111 -7.96 -63.60 -3.61
C ASN U 111 -8.66 -63.41 -2.27
N ASP U 112 -8.84 -64.51 -1.53
CA ASP U 112 -9.54 -64.51 -0.25
C ASP U 112 -8.66 -65.19 0.78
N ALA U 113 -7.78 -64.43 1.40
CA ALA U 113 -6.97 -64.92 2.50
C ALA U 113 -7.63 -64.51 3.82
N PRO U 114 -8.08 -65.46 4.64
CA PRO U 114 -8.76 -65.08 5.88
C PRO U 114 -7.83 -64.35 6.83
N ILE U 115 -8.40 -63.44 7.61
CA ILE U 115 -7.67 -62.68 8.61
C ILE U 115 -8.32 -62.93 9.97
N PRO U 116 -7.61 -62.79 11.08
CA PRO U 116 -8.20 -63.10 12.38
C PRO U 116 -9.34 -62.17 12.73
N LYS U 117 -10.20 -62.64 13.64
CA LYS U 117 -11.32 -61.84 14.09
C LYS U 117 -10.89 -60.63 14.92
N HIS U 118 -9.66 -60.65 15.44
CA HIS U 118 -9.20 -59.64 16.37
C HIS U 118 -8.33 -58.56 15.73
N VAL U 119 -8.23 -58.54 14.41
CA VAL U 119 -7.53 -57.45 13.74
C VAL U 119 -8.56 -56.39 13.36
N PRO U 120 -8.17 -55.12 13.20
CA PRO U 120 -9.18 -54.09 12.93
C PRO U 120 -9.89 -54.29 11.60
N GLN U 121 -11.18 -54.61 11.66
CA GLN U 121 -12.02 -54.80 10.49
C GLN U 121 -13.12 -53.75 10.51
N HIS U 122 -13.26 -53.00 9.43
CA HIS U 122 -14.28 -51.97 9.34
C HIS U 122 -15.62 -52.63 9.13
N ARG U 123 -16.36 -52.84 10.21
CA ARG U 123 -17.69 -53.43 10.12
C ARG U 123 -18.77 -52.37 10.30
N PRO U 124 -19.53 -52.07 9.25
CA PRO U 124 -20.63 -51.11 9.39
C PRO U 124 -21.96 -51.80 9.63
N GLY U 125 -22.99 -51.03 9.98
CA GLY U 125 -24.32 -51.56 10.14
C GLY U 125 -25.02 -51.74 8.80
N PRO U 126 -26.13 -52.48 8.81
CA PRO U 126 -26.90 -52.66 7.57
C PRO U 126 -27.39 -51.33 7.02
N LEU U 127 -27.37 -51.21 5.70
CA LEU U 127 -27.76 -49.99 5.01
C LEU U 127 -29.26 -49.91 4.82
N PRO U 128 -29.78 -48.72 4.55
CA PRO U 128 -31.14 -48.61 4.04
C PRO U 128 -31.27 -49.28 2.68
N GLU U 129 -32.51 -49.64 2.34
CA GLU U 129 -32.75 -50.52 1.20
C GLU U 129 -32.39 -49.86 -0.13
N GLN U 130 -32.34 -48.53 -0.19
CA GLN U 130 -32.10 -47.86 -1.46
C GLN U 130 -30.69 -48.08 -1.97
N PHE U 131 -29.71 -48.19 -1.07
CA PHE U 131 -28.35 -48.47 -1.51
C PHE U 131 -28.25 -49.81 -2.23
N TYR U 132 -28.94 -50.83 -1.73
CA TYR U 132 -28.96 -52.11 -2.41
C TYR U 132 -29.79 -52.03 -3.69
N LYS U 133 -30.92 -51.31 -3.65
CA LYS U 133 -31.79 -51.22 -4.82
C LYS U 133 -31.08 -50.56 -5.98
N THR U 134 -30.23 -49.56 -5.71
CA THR U 134 -29.44 -48.95 -6.77
C THR U 134 -28.53 -49.97 -7.43
N LEU U 135 -27.89 -50.82 -6.63
CA LEU U 135 -27.00 -51.83 -7.21
C LEU U 135 -27.78 -52.85 -8.02
N GLU U 136 -28.96 -53.25 -7.54
CA GLU U 136 -29.80 -54.16 -8.33
C GLU U 136 -30.21 -53.54 -9.65
N GLY U 137 -30.58 -52.25 -9.63
CA GLY U 137 -30.92 -51.57 -10.87
C GLY U 137 -29.74 -51.48 -11.82
N LEU U 138 -28.55 -51.23 -11.27
CA LEU U 138 -27.35 -51.15 -12.11
C LEU U 138 -27.02 -52.50 -12.74
N ILE U 139 -27.05 -53.57 -11.95
CA ILE U 139 -26.70 -54.88 -12.50
C ILE U 139 -27.76 -55.37 -13.47
N ALA U 140 -29.03 -55.06 -13.21
CA ALA U 140 -30.11 -55.47 -14.10
C ALA U 140 -31.05 -54.30 -14.40
N ILE V 10 5.59 -20.71 -8.74
CA ILE V 10 4.34 -21.39 -8.41
C ILE V 10 4.54 -22.90 -8.44
N GLY V 11 3.55 -23.62 -8.96
CA GLY V 11 3.61 -25.06 -9.00
C GLY V 11 4.65 -25.57 -9.98
N VAL V 12 4.92 -26.86 -9.87
CA VAL V 12 5.91 -27.52 -10.73
C VAL V 12 5.39 -27.54 -12.16
N PRO V 13 6.20 -27.17 -13.16
CA PRO V 13 5.74 -27.27 -14.54
C PRO V 13 5.50 -28.72 -14.91
N PRO V 14 4.52 -28.98 -15.79
CA PRO V 14 4.14 -30.38 -16.08
C PRO V 14 5.27 -31.21 -16.65
N ASN V 15 5.80 -30.81 -17.82
CA ASN V 15 6.84 -31.56 -18.52
C ASN V 15 7.25 -30.74 -19.75
N SER V 16 8.21 -31.29 -20.49
CA SER V 16 8.63 -30.73 -21.77
C SER V 16 8.51 -31.80 -22.84
N ALA V 17 7.68 -31.53 -23.85
CA ALA V 17 7.46 -32.50 -24.92
C ALA V 17 8.65 -32.56 -25.87
N ASN V 18 9.23 -31.41 -26.19
CA ASN V 18 10.33 -31.32 -27.14
C ASN V 18 11.57 -30.71 -26.46
N LEU V 19 12.70 -30.79 -27.17
CA LEU V 19 13.95 -30.26 -26.65
C LEU V 19 14.02 -28.74 -26.69
N THR V 20 13.19 -28.10 -27.52
CA THR V 20 13.16 -26.63 -27.55
C THR V 20 12.65 -26.08 -26.22
N GLU V 21 11.59 -26.69 -25.67
CA GLU V 21 11.12 -26.28 -24.35
C GLU V 21 12.16 -26.55 -23.28
N ALA V 22 12.91 -27.65 -23.42
CA ALA V 22 13.98 -27.93 -22.48
C ALA V 22 15.05 -26.86 -22.52
N ARG V 23 15.44 -26.42 -23.71
CA ARG V 23 16.43 -25.35 -23.83
C ARG V 23 15.88 -24.04 -23.27
N ARG V 24 14.59 -23.77 -23.51
CA ARG V 24 13.97 -22.57 -22.94
C ARG V 24 14.02 -22.60 -21.42
N ARG V 25 13.71 -23.76 -20.83
CA ARG V 25 13.75 -23.88 -19.38
C ARG V 25 15.17 -23.75 -18.85
N VAL V 26 16.15 -24.28 -19.59
CA VAL V 26 17.56 -24.11 -19.20
C VAL V 26 17.91 -22.63 -19.15
N PHE V 27 17.52 -21.89 -20.20
CA PHE V 27 17.83 -20.46 -20.24
C PHE V 27 17.12 -19.71 -19.12
N ASP V 28 15.86 -20.05 -18.85
CA ASP V 28 15.15 -19.39 -17.76
C ASP V 28 15.80 -19.66 -16.42
N PHE V 29 16.22 -20.91 -16.18
CA PHE V 29 16.88 -21.23 -14.92
C PHE V 29 18.19 -20.47 -14.77
N PHE V 30 18.98 -20.40 -15.86
CA PHE V 30 20.24 -19.69 -15.79
C PHE V 30 20.01 -18.20 -15.54
N ARG V 31 19.02 -17.61 -16.21
CA ARG V 31 18.70 -16.20 -15.98
C ARG V 31 18.28 -15.96 -14.54
N ALA V 32 17.41 -16.81 -14.00
CA ALA V 32 16.95 -16.63 -12.62
C ALA V 32 18.11 -16.76 -11.65
N ALA V 33 19.00 -17.73 -11.89
CA ALA V 33 20.18 -17.87 -11.04
C ALA V 33 21.03 -16.62 -11.08
N CYS V 34 21.13 -15.98 -12.24
CA CYS V 34 21.88 -14.72 -12.29
C CYS V 34 21.17 -13.60 -11.54
N ARG V 35 19.86 -13.43 -11.75
CA ARG V 35 19.15 -12.38 -11.02
C ARG V 35 19.20 -12.63 -9.52
N SER V 36 19.50 -13.86 -9.09
CA SER V 36 19.67 -14.14 -7.68
C SER V 36 21.13 -14.11 -7.23
N ILE V 37 22.07 -13.71 -8.08
CA ILE V 37 23.48 -13.73 -7.70
C ILE V 37 23.86 -12.62 -6.71
N PRO V 38 23.24 -11.42 -6.72
CA PRO V 38 23.72 -10.40 -5.76
C PRO V 38 23.21 -10.64 -4.35
N THR V 39 22.01 -11.20 -4.21
CA THR V 39 21.46 -11.44 -2.88
C THR V 39 22.27 -12.49 -2.13
N ILE V 40 22.75 -13.51 -2.84
CA ILE V 40 23.64 -14.48 -2.20
C ILE V 40 25.03 -13.92 -2.01
N MET V 41 25.36 -12.83 -2.72
CA MET V 41 26.63 -12.15 -2.49
C MET V 41 26.60 -11.36 -1.19
N ASP V 42 25.49 -10.68 -0.90
CA ASP V 42 25.40 -9.84 0.28
C ASP V 42 24.62 -10.45 1.43
N ILE V 43 24.22 -11.72 1.33
CA ILE V 43 23.59 -12.36 2.49
C ILE V 43 24.60 -13.22 3.26
N TYR V 44 25.62 -13.75 2.59
CA TYR V 44 26.66 -14.53 3.25
C TYR V 44 27.83 -13.66 3.70
N ASN V 45 27.74 -12.33 3.53
CA ASN V 45 28.76 -11.39 3.96
C ASN V 45 30.11 -11.70 3.29
N LEU V 46 30.08 -11.70 1.97
CA LEU V 46 31.30 -11.88 1.18
C LEU V 46 31.26 -10.94 -0.02
N GLN V 47 32.16 -9.96 -0.03
CA GLN V 47 32.21 -8.97 -1.09
C GLN V 47 33.52 -9.00 -1.87
N ASP V 48 34.66 -8.94 -1.18
CA ASP V 48 35.95 -8.88 -1.85
C ASP V 48 36.60 -10.23 -2.06
N VAL V 49 36.15 -11.27 -1.36
CA VAL V 49 36.78 -12.58 -1.49
C VAL V 49 36.56 -13.16 -2.88
N VAL V 50 35.35 -13.00 -3.41
CA VAL V 50 35.01 -13.48 -4.75
C VAL V 50 34.19 -12.41 -5.46
N ALA V 51 34.56 -12.11 -6.70
CA ALA V 51 33.78 -11.20 -7.51
C ALA V 51 32.58 -11.93 -8.12
N PRO V 52 31.47 -11.22 -8.36
CA PRO V 52 30.29 -11.90 -8.94
C PRO V 52 30.52 -12.46 -10.33
N SER V 53 31.56 -12.02 -11.03
CA SER V 53 31.77 -12.46 -12.41
C SER V 53 32.05 -13.96 -12.50
N GLN V 54 33.00 -14.47 -11.73
CA GLN V 54 33.42 -15.86 -11.82
C GLN V 54 32.33 -16.86 -11.44
N LEU V 55 31.38 -16.48 -10.58
CA LEU V 55 30.27 -17.37 -10.30
C LEU V 55 29.43 -17.63 -11.54
N ARG V 56 29.33 -16.63 -12.42
CA ARG V 56 28.64 -16.83 -13.69
C ARG V 56 29.32 -17.90 -14.53
N TYR V 57 30.65 -17.84 -14.62
CA TYR V 57 31.38 -18.88 -15.37
C TYR V 57 31.23 -20.23 -14.70
N ALA V 58 31.23 -20.27 -13.36
CA ALA V 58 31.06 -21.54 -12.66
C ALA V 58 29.69 -22.15 -12.96
N ILE V 59 28.63 -21.33 -12.92
CA ILE V 59 27.29 -21.82 -13.23
C ILE V 59 27.21 -22.28 -14.69
N SER V 60 27.84 -21.52 -15.59
CA SER V 60 27.85 -21.91 -17.00
C SER V 60 28.54 -23.25 -17.19
N ALA V 61 29.67 -23.46 -16.51
CA ALA V 61 30.38 -24.73 -16.61
C ALA V 61 29.53 -25.88 -16.05
N GLN V 62 28.88 -25.64 -14.91
CA GLN V 62 28.04 -26.69 -14.33
C GLN V 62 26.89 -27.04 -15.26
N ILE V 63 26.28 -26.05 -15.91
CA ILE V 63 25.20 -26.32 -16.85
C ILE V 63 25.73 -27.07 -18.07
N ARG V 64 26.87 -26.64 -18.61
CA ARG V 64 27.44 -27.27 -19.78
C ARG V 64 27.96 -28.68 -19.49
N ASN V 65 28.16 -29.02 -18.22
CA ASN V 65 28.64 -30.35 -17.87
C ASN V 65 27.70 -31.44 -18.41
N ASN V 66 26.40 -31.26 -18.24
CA ASN V 66 25.43 -32.24 -18.72
C ASN V 66 24.96 -31.92 -20.14
N ALA V 67 25.91 -31.73 -21.04
CA ALA V 67 25.58 -31.40 -22.43
C ALA V 67 25.14 -32.60 -23.24
N HIS V 68 25.50 -33.81 -22.82
CA HIS V 68 25.21 -35.03 -23.57
C HIS V 68 23.83 -35.60 -23.26
N ILE V 69 23.05 -34.96 -22.39
CA ILE V 69 21.72 -35.47 -22.07
C ILE V 69 20.80 -35.26 -23.28
N THR V 70 19.98 -36.27 -23.57
CA THR V 70 19.06 -36.23 -24.70
C THR V 70 17.60 -36.29 -24.30
N ASP V 71 17.26 -36.98 -23.20
CA ASP V 71 15.87 -37.14 -22.79
C ASP V 71 15.34 -35.83 -22.23
N PRO V 72 14.22 -35.31 -22.73
CA PRO V 72 13.68 -34.07 -22.15
C PRO V 72 13.29 -34.20 -20.69
N LYS V 73 12.81 -35.37 -20.26
CA LYS V 73 12.43 -35.55 -18.86
C LYS V 73 13.63 -35.44 -17.94
N VAL V 74 14.77 -36.00 -18.35
CA VAL V 74 15.99 -35.88 -17.55
C VAL V 74 16.41 -34.42 -17.45
N ILE V 75 16.30 -33.69 -18.56
CA ILE V 75 16.62 -32.25 -18.54
C ILE V 75 15.71 -31.53 -17.57
N ASP V 76 14.41 -31.83 -17.61
CA ASP V 76 13.45 -31.17 -16.72
C ASP V 76 13.78 -31.45 -15.26
N LEU V 77 14.09 -32.70 -14.93
CA LEU V 77 14.38 -33.03 -13.53
C LEU V 77 15.70 -32.42 -13.08
N LEU V 78 16.69 -32.37 -13.96
CA LEU V 78 17.94 -31.68 -13.64
C LEU V 78 17.70 -30.20 -13.38
N ILE V 79 16.87 -29.57 -14.20
CA ILE V 79 16.58 -28.15 -13.99
C ILE V 79 15.84 -27.95 -12.67
N PHE V 80 14.92 -28.86 -12.34
CA PHE V 80 14.19 -28.77 -11.08
C PHE V 80 15.14 -28.88 -9.89
N LYS V 81 16.10 -29.81 -9.95
CA LYS V 81 17.12 -29.87 -8.93
C LYS V 81 17.93 -28.59 -8.88
N GLY V 82 18.16 -27.96 -10.04
CA GLY V 82 18.85 -26.69 -10.06
C GLY V 82 18.11 -25.60 -9.31
N MET V 83 16.81 -25.48 -9.55
CA MET V 83 16.03 -24.50 -8.79
C MET V 83 16.01 -24.85 -7.31
N GLU V 84 15.93 -26.14 -6.97
CA GLU V 84 15.92 -26.51 -5.57
C GLU V 84 17.21 -26.07 -4.88
N GLU V 85 18.35 -26.33 -5.50
CA GLU V 85 19.63 -25.90 -4.94
C GLU V 85 19.72 -24.39 -4.87
N LEU V 86 19.27 -23.69 -5.92
CA LEU V 86 19.30 -22.24 -5.92
C LEU V 86 18.46 -21.66 -4.79
N THR V 87 17.24 -22.17 -4.61
CA THR V 87 16.36 -21.68 -3.55
C THR V 87 16.95 -21.98 -2.19
N ASP V 88 17.57 -23.16 -2.02
CA ASP V 88 18.22 -23.46 -0.75
C ASP V 88 19.35 -22.47 -0.47
N ILE V 89 20.11 -22.09 -1.51
CA ILE V 89 21.19 -21.12 -1.31
C ILE V 89 20.65 -19.74 -0.99
N VAL V 90 19.53 -19.35 -1.62
CA VAL V 90 18.99 -18.01 -1.40
C VAL V 90 18.65 -17.79 0.06
N ASP V 91 17.95 -18.74 0.67
CA ASP V 91 17.67 -18.66 2.09
C ASP V 91 18.95 -18.83 2.89
N HIS V 92 18.97 -18.25 4.09
CA HIS V 92 20.12 -18.38 4.99
C HIS V 92 20.10 -19.74 5.67
N ALA V 93 20.15 -20.78 4.83
CA ALA V 93 20.04 -22.16 5.27
C ALA V 93 21.30 -22.98 5.05
N LYS V 94 22.00 -22.78 3.94
CA LYS V 94 23.24 -23.50 3.71
C LYS V 94 24.31 -23.02 4.69
N GLN V 95 25.20 -23.93 5.07
CA GLN V 95 26.24 -23.59 6.03
C GLN V 95 27.21 -22.58 5.44
N ARG V 96 27.93 -21.89 6.34
CA ARG V 96 28.76 -20.76 5.92
C ARG V 96 29.84 -21.21 4.95
N HIS V 97 30.01 -20.43 3.89
CA HIS V 97 31.01 -20.64 2.83
C HIS V 97 30.95 -22.06 2.24
N HIS V 98 29.80 -22.71 2.34
CA HIS V 98 29.60 -23.96 1.61
C HIS V 98 29.65 -23.73 0.11
N ILE V 99 29.07 -22.63 -0.36
CA ILE V 99 28.97 -22.38 -1.80
C ILE V 99 30.36 -22.17 -2.40
N ILE V 100 31.23 -21.42 -1.73
CA ILE V 100 32.53 -21.12 -2.32
C ILE V 100 33.40 -22.37 -2.38
N GLY V 101 33.31 -23.23 -1.37
CA GLY V 101 34.01 -24.50 -1.45
C GLY V 101 33.44 -25.42 -2.50
N GLN V 102 32.11 -25.43 -2.64
CA GLN V 102 31.47 -26.30 -3.62
C GLN V 102 31.58 -25.72 -5.03
N TYR V 103 31.53 -24.40 -5.16
CA TYR V 103 31.61 -23.71 -6.45
C TYR V 103 32.93 -22.95 -6.47
N VAL V 104 33.95 -23.55 -7.07
CA VAL V 104 35.25 -22.90 -7.20
C VAL V 104 35.48 -22.49 -8.64
N THR V 121 54.21 -40.76 -14.55
CA THR V 121 52.86 -40.30 -14.88
C THR V 121 51.90 -40.54 -13.71
N ASP V 122 50.60 -40.41 -14.00
CA ASP V 122 49.59 -40.60 -12.96
C ASP V 122 49.60 -42.01 -12.41
N PHE V 123 50.05 -42.99 -13.22
CA PHE V 123 50.05 -44.38 -12.77
C PHE V 123 50.96 -44.56 -11.56
N LEU V 124 52.17 -43.99 -11.61
CA LEU V 124 53.07 -44.10 -10.46
C LEU V 124 52.54 -43.34 -9.26
N LYS V 125 51.89 -42.19 -9.49
CA LYS V 125 51.30 -41.45 -8.40
C LYS V 125 50.24 -42.27 -7.68
N ASN V 126 49.40 -42.98 -8.44
CA ASN V 126 48.40 -43.84 -7.82
C ASN V 126 49.05 -45.07 -7.17
N PHE V 127 50.10 -45.60 -7.80
CA PHE V 127 50.73 -46.82 -7.30
C PHE V 127 51.41 -46.58 -5.96
N TYR V 128 52.05 -45.43 -5.79
CA TYR V 128 52.78 -45.17 -4.55
C TYR V 128 51.85 -44.95 -3.36
N THR V 129 50.57 -44.71 -3.59
CA THR V 129 49.63 -44.44 -2.50
C THR V 129 48.91 -45.70 -2.02
N SER V 130 48.19 -46.36 -2.91
CA SER V 130 47.37 -47.50 -2.51
C SER V 130 47.20 -48.46 -3.68
N ASN V 131 46.78 -49.68 -3.37
CA ASN V 131 46.56 -50.70 -4.37
C ASN V 131 45.28 -50.44 -5.19
N TYR V 132 44.33 -49.70 -4.64
CA TYR V 132 43.05 -49.48 -5.28
C TYR V 132 43.01 -48.24 -6.16
N PHE V 133 44.12 -47.52 -6.25
CA PHE V 133 44.25 -46.34 -7.11
C PHE V 133 43.18 -45.29 -6.81
N ASN W 1 13.62 25.38 90.86
CA ASN W 1 14.87 24.66 90.64
C ASN W 1 15.05 24.16 89.18
N PRO W 2 14.05 23.48 88.61
CA PRO W 2 14.20 23.02 87.22
C PRO W 2 14.32 24.20 86.25
N ILE W 3 15.19 24.03 85.27
CA ILE W 3 15.31 25.04 84.20
C ILE W 3 14.08 24.96 83.30
N PRO W 4 13.49 26.08 82.89
CA PRO W 4 12.30 26.00 82.03
C PRO W 4 12.65 25.51 80.63
N THR W 5 12.95 24.22 80.52
CA THR W 5 13.28 23.62 79.24
C THR W 5 12.00 23.23 78.51
N SER W 6 12.13 22.54 77.39
CA SER W 6 10.95 22.14 76.62
C SER W 6 10.15 21.07 77.34
N ALA W 7 10.85 20.12 77.97
CA ALA W 7 10.16 18.99 78.60
C ALA W 7 9.35 19.42 79.81
N VAL W 8 9.96 20.20 80.72
CA VAL W 8 9.26 20.58 81.94
C VAL W 8 8.04 21.44 81.62
N LEU W 9 8.18 22.38 80.69
CA LEU W 9 7.09 23.29 80.37
C LEU W 9 5.93 22.54 79.73
N THR W 10 6.22 21.65 78.78
CA THR W 10 5.16 20.87 78.17
C THR W 10 4.48 19.95 79.18
N ALA W 11 5.27 19.34 80.08
CA ALA W 11 4.69 18.47 81.10
C ALA W 11 3.77 19.24 82.03
N SER W 12 4.18 20.44 82.44
CA SER W 12 3.41 21.23 83.40
C SER W 12 2.41 22.16 82.75
N ALA W 13 2.29 22.14 81.43
CA ALA W 13 1.30 22.98 80.76
C ALA W 13 -0.12 22.71 81.25
N LYS W 14 -0.41 21.48 81.67
CA LYS W 14 -1.74 21.18 82.19
C LYS W 14 -2.04 22.01 83.43
N HIS W 15 -1.07 22.16 84.33
CA HIS W 15 -1.25 22.99 85.51
C HIS W 15 -1.14 24.47 85.18
N ILE W 16 -0.32 24.83 84.20
CA ILE W 16 -0.21 26.24 83.81
C ILE W 16 -1.52 26.74 83.23
N GLY W 17 -2.24 25.89 82.52
CA GLY W 17 -3.46 26.31 81.85
C GLY W 17 -4.66 26.54 82.77
N MET W 18 -4.51 26.29 84.08
CA MET W 18 -5.59 26.57 85.01
C MET W 18 -5.21 27.54 86.12
N ARG W 19 -3.91 27.84 86.29
CA ARG W 19 -3.46 28.79 87.30
C ARG W 19 -2.85 30.05 86.72
N CYS W 20 -2.41 30.02 85.47
CA CYS W 20 -1.83 31.19 84.81
C CYS W 20 -2.79 31.81 83.81
N MET W 21 -4.07 31.48 83.91
CA MET W 21 -5.04 31.94 82.91
C MET W 21 -5.15 33.46 82.83
N PRO W 22 -5.33 34.20 83.94
CA PRO W 22 -5.47 35.67 83.79
C PRO W 22 -4.24 36.36 83.23
N GLU W 23 -3.04 35.97 83.71
CA GLU W 23 -1.82 36.58 83.19
C GLU W 23 -1.62 36.25 81.71
N ASN W 24 -1.89 35.00 81.32
CA ASN W 24 -1.77 34.62 79.92
C ASN W 24 -2.74 35.39 79.05
N VAL W 25 -3.98 35.55 79.52
CA VAL W 25 -4.96 36.33 78.75
C VAL W 25 -4.52 37.77 78.62
N ALA W 26 -4.00 38.36 79.70
CA ALA W 26 -3.53 39.74 79.64
C ALA W 26 -2.38 39.87 78.64
N PHE W 27 -1.44 38.94 78.66
CA PHE W 27 -0.32 39.00 77.73
C PHE W 27 -0.79 38.83 76.29
N LEU W 28 -1.73 37.92 76.06
CA LEU W 28 -2.25 37.72 74.71
C LEU W 28 -2.98 38.97 74.20
N LYS W 29 -3.77 39.60 75.07
CA LYS W 29 -4.45 40.83 74.66
C LYS W 29 -3.45 41.94 74.37
N CYS W 30 -2.40 42.05 75.20
CA CYS W 30 -1.37 43.06 74.96
C CYS W 30 -0.65 42.81 73.63
N LYS W 31 -0.33 41.55 73.34
CA LYS W 31 0.38 41.23 72.12
C LYS W 31 -0.49 41.42 70.89
N LYS W 32 -1.79 41.13 71.00
CA LYS W 32 -2.69 41.29 69.86
C LYS W 32 -2.78 42.74 69.42
N ASN W 33 -2.86 43.67 70.38
CA ASN W 33 -2.99 45.08 70.03
C ASN W 33 -1.77 45.59 69.30
N ASP W 34 -0.57 45.25 69.79
CA ASP W 34 0.66 45.74 69.21
C ASP W 34 1.70 44.63 69.18
N PRO W 35 2.40 44.42 68.05
CA PRO W 35 3.44 43.39 68.00
C PRO W 35 4.78 43.81 68.58
N ASN W 36 4.89 45.02 69.11
CA ASN W 36 6.15 45.50 69.64
C ASN W 36 6.60 44.67 70.84
N PRO W 37 7.78 44.06 70.79
CA PRO W 37 8.34 43.47 72.03
C PRO W 37 8.58 44.49 73.12
N GLU W 38 8.92 45.73 72.74
CA GLU W 38 9.13 46.78 73.72
C GLU W 38 7.85 47.12 74.48
N LYS W 39 6.73 47.21 73.76
CA LYS W 39 5.47 47.54 74.40
C LYS W 39 4.91 46.36 75.20
N CYS W 40 5.22 45.14 74.79
CA CYS W 40 4.78 43.94 75.51
C CYS W 40 5.78 43.51 76.57
N LEU W 41 6.77 44.35 76.88
CA LEU W 41 7.82 43.96 77.82
C LEU W 41 7.25 43.79 79.24
N ASP W 42 6.49 44.78 79.71
CA ASP W 42 6.04 44.77 81.10
C ASP W 42 5.13 43.58 81.38
N LYS W 43 4.20 43.29 80.47
CA LYS W 43 3.35 42.12 80.62
C LYS W 43 4.10 40.82 80.35
N GLY W 44 5.29 40.88 79.76
CA GLY W 44 6.08 39.69 79.52
C GLY W 44 6.86 39.20 80.71
N ARG W 45 6.82 39.93 81.83
CA ARG W 45 7.47 39.50 83.06
C ARG W 45 6.50 38.94 84.08
N ASP W 46 5.25 39.39 84.06
CA ASP W 46 4.24 38.84 84.98
C ASP W 46 4.02 37.36 84.72
N VAL W 47 3.86 36.99 83.46
CA VAL W 47 3.65 35.59 83.11
C VAL W 47 4.88 34.78 83.45
N THR W 48 6.07 35.32 83.20
CA THR W 48 7.30 34.60 83.53
C THR W 48 7.40 34.33 85.02
N ARG W 49 7.15 35.35 85.84
CA ARG W 49 7.27 35.17 87.29
C ARG W 49 6.20 34.23 87.83
N CYS W 50 4.97 34.31 87.32
CA CYS W 50 3.93 33.41 87.80
C CYS W 50 4.20 31.97 87.39
N VAL W 51 4.68 31.76 86.16
CA VAL W 51 5.01 30.41 85.72
C VAL W 51 6.17 29.84 86.53
N LEU W 52 7.19 30.66 86.79
CA LEU W 52 8.30 30.18 87.61
C LEU W 52 7.84 29.85 89.02
N GLY W 53 6.96 30.66 89.60
CA GLY W 53 6.41 30.32 90.90
C GLY W 53 5.64 29.02 90.89
N LEU W 54 4.86 28.80 89.83
CA LEU W 54 4.13 27.54 89.71
C LEU W 54 5.10 26.36 89.58
N LEU W 55 6.17 26.52 88.82
CA LEU W 55 7.14 25.43 88.69
C LEU W 55 7.82 25.14 90.02
N LYS W 56 8.17 26.19 90.79
CA LYS W 56 8.73 25.98 92.11
C LYS W 56 7.75 25.22 93.00
N ASP W 57 6.49 25.65 93.01
CA ASP W 57 5.49 25.01 93.85
C ASP W 57 5.31 23.54 93.46
N LEU W 58 5.24 23.26 92.17
CA LEU W 58 5.09 21.87 91.72
C LEU W 58 6.31 21.04 92.07
N HIS W 59 7.51 21.61 91.94
CA HIS W 59 8.71 20.87 92.29
C HIS W 59 8.74 20.51 93.77
N GLN W 60 8.34 21.46 94.63
CA GLN W 60 8.37 21.18 96.07
C GLN W 60 7.26 20.22 96.47
N LYS W 61 6.04 20.43 95.98
CA LYS W 61 4.90 19.62 96.41
C LYS W 61 4.95 18.23 95.78
N CYS W 62 5.25 18.15 94.50
CA CYS W 62 5.33 16.88 93.76
C CYS W 62 6.76 16.74 93.27
N GLN W 63 7.63 16.18 94.11
CA GLN W 63 9.05 16.10 93.79
C GLN W 63 9.40 14.85 92.98
N LYS W 64 9.16 13.66 93.57
CA LYS W 64 9.53 12.43 92.89
C LYS W 64 8.62 12.13 91.71
N GLU W 65 7.35 12.50 91.80
CA GLU W 65 6.38 12.18 90.76
C GLU W 65 6.43 13.13 89.57
N MET W 66 7.27 14.16 89.63
CA MET W 66 7.45 15.09 88.51
C MET W 66 8.75 14.89 87.76
N ASP W 67 9.82 14.47 88.45
CA ASP W 67 11.07 14.21 87.77
C ASP W 67 10.93 13.07 86.76
N ASP W 68 10.25 11.99 87.14
CA ASP W 68 10.04 10.89 86.22
C ASP W 68 9.14 11.31 85.05
N TYR W 69 8.13 12.12 85.32
CA TYR W 69 7.27 12.63 84.26
C TYR W 69 8.07 13.42 83.24
N VAL W 70 8.92 14.34 83.71
CA VAL W 70 9.75 15.14 82.81
C VAL W 70 10.73 14.26 82.07
N GLY W 71 11.37 13.31 82.76
CA GLY W 71 12.31 12.43 82.10
C GLY W 71 11.67 11.63 80.99
N CYS W 72 10.47 11.10 81.23
CA CYS W 72 9.81 10.29 80.22
C CYS W 72 9.29 11.15 79.07
N MET W 73 8.83 12.38 79.38
CA MET W 73 8.41 13.28 78.32
C MET W 73 9.57 13.65 77.41
N TYR W 74 10.74 13.92 78.01
CA TYR W 74 11.93 14.19 77.22
C TYR W 74 12.34 12.97 76.41
N TYR W 75 12.23 11.78 77.02
CA TYR W 75 12.60 10.55 76.34
C TYR W 75 11.74 10.32 75.11
N TYR W 76 10.42 10.50 75.24
CA TYR W 76 9.48 10.20 74.17
C TYR W 76 9.12 11.43 73.34
N THR W 77 9.83 12.54 73.54
CA THR W 77 9.63 13.77 72.77
C THR W 77 8.18 14.27 72.88
N ASN W 78 7.75 14.45 74.13
CA ASN W 78 6.52 15.16 74.46
C ASN W 78 5.28 14.54 73.82
N GLU W 79 5.22 13.22 73.77
CA GLU W 79 4.06 12.50 73.23
C GLU W 79 3.25 11.97 74.40
N PHE W 80 2.05 12.51 74.59
CA PHE W 80 1.28 12.21 75.79
C PHE W 80 0.76 10.77 75.79
N ASP W 81 0.19 10.32 74.67
CA ASP W 81 -0.55 9.07 74.65
C ASP W 81 0.33 7.84 74.81
N LEU W 82 1.63 7.97 74.56
CA LEU W 82 2.50 6.80 74.57
C LEU W 82 2.61 6.19 75.96
N CYS W 83 3.13 6.94 76.93
CA CYS W 83 3.39 6.38 78.26
C CYS W 83 2.22 6.63 79.21
N ARG W 84 1.98 7.90 79.53
CA ARG W 84 0.85 8.35 80.35
C ARG W 84 0.93 7.82 81.77
N LYS W 85 1.84 6.87 82.03
CA LYS W 85 1.88 6.22 83.33
C LYS W 85 2.37 7.20 84.40
N GLU W 86 3.57 7.75 84.20
CA GLU W 86 4.03 8.82 85.07
C GLU W 86 3.11 10.03 85.00
N GLN W 87 2.29 10.13 83.95
CA GLN W 87 1.32 11.23 83.89
C GLN W 87 0.30 11.10 85.01
N GLU W 88 -0.48 10.00 85.04
CA GLU W 88 -1.43 9.89 86.15
C GLU W 88 -0.71 9.77 87.49
N ALA W 89 0.51 9.22 87.50
CA ALA W 89 1.29 9.28 88.73
C ALA W 89 1.59 10.71 89.14
N PHE W 90 1.57 11.64 88.18
CA PHE W 90 1.83 13.04 88.49
C PHE W 90 0.58 13.76 88.99
N GLU W 91 -0.57 13.61 88.30
CA GLU W 91 -1.73 14.32 88.87
C GLU W 91 -2.34 13.54 90.03
N LYS W 92 -1.80 12.36 90.36
CA LYS W 92 -2.24 11.68 91.57
C LYS W 92 -1.86 12.48 92.82
N VAL W 93 -0.65 13.02 92.84
CA VAL W 93 -0.18 13.76 94.01
C VAL W 93 -0.43 15.26 93.86
N CYS W 94 -0.26 15.80 92.65
CA CYS W 94 -0.62 17.19 92.39
C CYS W 94 -2.10 17.25 92.02
N PRO W 95 -2.94 17.97 92.77
CA PRO W 95 -4.39 17.82 92.61
C PRO W 95 -4.99 18.62 91.45
N LEU W 96 -4.26 19.59 90.91
CA LEU W 96 -4.74 20.54 89.88
C LEU W 96 -6.26 20.75 89.88
N PRO X 1 1.21 -71.90 34.79
CA PRO X 1 1.55 -72.64 36.00
C PRO X 1 0.35 -72.83 36.92
N LEU X 2 -0.86 -72.75 36.36
CA LEU X 2 -2.12 -72.97 37.07
C LEU X 2 -2.33 -71.97 38.21
N LEU X 3 -1.55 -70.89 38.24
CA LEU X 3 -1.68 -69.84 39.25
C LEU X 3 -1.62 -68.48 38.57
N GLN X 4 -2.41 -68.33 37.51
CA GLN X 4 -2.43 -67.09 36.74
C GLN X 4 -2.95 -65.93 37.58
N ASP X 5 -2.40 -64.75 37.33
CA ASP X 5 -2.90 -63.54 37.96
C ASP X 5 -4.30 -63.23 37.47
N GLY X 6 -5.15 -62.77 38.38
CA GLY X 6 -6.51 -62.42 38.05
C GLY X 6 -7.25 -61.79 39.21
N PRO X 7 -8.50 -61.40 38.97
CA PRO X 7 -9.28 -60.81 40.05
C PRO X 7 -9.60 -61.83 41.13
N PRO X 8 -9.76 -61.40 42.37
CA PRO X 8 -10.15 -62.33 43.43
C PRO X 8 -11.59 -62.79 43.23
N PRO X 9 -12.01 -63.85 43.93
CA PRO X 9 -13.40 -64.29 43.80
C PRO X 9 -14.38 -63.18 44.14
N GLY X 10 -15.46 -63.10 43.36
CA GLY X 10 -16.43 -62.04 43.52
C GLY X 10 -16.10 -60.75 42.80
N GLY X 11 -14.96 -60.69 42.12
CA GLY X 11 -14.58 -59.49 41.39
C GLY X 11 -13.96 -58.44 42.30
N PHE X 12 -13.57 -57.33 41.68
CA PHE X 12 -12.99 -56.22 42.40
C PHE X 12 -14.08 -55.29 42.93
N ALA X 13 -13.69 -54.40 43.84
CA ALA X 13 -14.64 -53.45 44.40
C ALA X 13 -15.06 -52.43 43.34
N PRO X 14 -16.31 -51.98 43.37
CA PRO X 14 -16.76 -50.96 42.43
C PRO X 14 -16.00 -49.65 42.61
N VAL X 15 -15.81 -48.93 41.51
CA VAL X 15 -15.07 -47.68 41.52
C VAL X 15 -15.96 -46.56 41.00
N ARG X 16 -15.56 -45.33 41.30
CA ARG X 16 -16.25 -44.14 40.82
C ARG X 16 -15.43 -43.48 39.73
N TYR X 17 -16.12 -42.93 38.73
CA TYR X 17 -15.45 -42.17 37.68
C TYR X 17 -16.27 -40.95 37.24
N ALA X 18 -17.25 -40.52 38.03
CA ALA X 18 -18.27 -39.59 37.58
C ALA X 18 -18.07 -38.17 38.09
N ARG X 19 -16.85 -37.81 38.47
CA ARG X 19 -16.49 -36.43 38.82
C ARG X 19 -17.36 -35.90 39.96
N ARG X 20 -17.15 -36.51 41.13
CA ARG X 20 -17.78 -35.99 42.33
C ARG X 20 -17.37 -34.55 42.58
N ILE X 21 -18.34 -33.71 42.91
CA ILE X 21 -18.12 -32.28 43.16
C ILE X 21 -18.26 -32.05 44.66
N SER X 22 -17.23 -31.46 45.26
CA SER X 22 -17.24 -31.23 46.70
C SER X 22 -18.19 -30.09 47.07
N ASN X 23 -18.21 -29.02 46.29
CA ASN X 23 -19.06 -27.85 46.54
C ASN X 23 -18.77 -27.26 47.92
N THR X 24 -17.53 -26.79 48.09
CA THR X 24 -17.08 -26.24 49.35
C THR X 24 -17.08 -24.72 49.31
N GLY X 25 -17.28 -24.11 50.47
CA GLY X 25 -17.22 -22.67 50.61
C GLY X 25 -18.59 -22.04 50.76
N PRO X 26 -18.60 -20.76 51.14
CA PRO X 26 -19.88 -20.04 51.24
C PRO X 26 -20.53 -19.87 49.87
N SER X 27 -21.85 -19.79 49.86
CA SER X 27 -22.63 -19.76 48.63
C SER X 27 -23.61 -18.60 48.62
N ALA X 28 -23.94 -18.14 47.41
CA ALA X 28 -25.04 -17.20 47.15
C ALA X 28 -24.69 -15.85 47.79
N MET X 29 -25.58 -15.26 48.60
CA MET X 29 -25.37 -13.89 49.06
C MET X 29 -24.61 -13.85 50.38
N ALA X 30 -24.15 -15.01 50.86
CA ALA X 30 -23.44 -15.08 52.13
C ALA X 30 -22.21 -14.17 52.13
N MET X 31 -21.36 -14.29 51.10
CA MET X 31 -20.17 -13.45 51.03
C MET X 31 -20.52 -11.99 50.87
N PHE X 32 -21.54 -11.67 50.07
CA PHE X 32 -21.91 -10.28 49.86
C PHE X 32 -22.37 -9.64 51.17
N LEU X 33 -23.22 -10.34 51.92
CA LEU X 33 -23.66 -9.82 53.21
C LEU X 33 -22.50 -9.70 54.19
N ALA X 34 -21.64 -10.72 54.24
CA ALA X 34 -20.51 -10.69 55.17
C ALA X 34 -19.55 -9.56 54.85
N VAL X 35 -19.46 -9.17 53.58
CA VAL X 35 -18.59 -8.06 53.19
C VAL X 35 -19.26 -6.72 53.44
N SER X 36 -20.55 -6.59 53.11
CA SER X 36 -21.24 -5.31 53.29
C SER X 36 -21.36 -4.95 54.77
N GLY X 37 -21.75 -5.92 55.60
CA GLY X 37 -21.83 -5.65 57.03
C GLY X 37 -20.50 -5.31 57.63
N ALA X 38 -19.44 -6.03 57.21
CA ALA X 38 -18.10 -5.71 57.67
C ALA X 38 -17.70 -4.31 57.25
N PHE X 39 -18.03 -3.91 56.03
CA PHE X 39 -17.69 -2.57 55.55
C PHE X 39 -18.40 -1.50 56.38
N ALA X 40 -19.69 -1.68 56.64
CA ALA X 40 -20.43 -0.69 57.41
C ALA X 40 -19.90 -0.59 58.84
N TRP X 41 -19.72 -1.73 59.50
CA TRP X 41 -19.25 -1.72 60.89
C TRP X 41 -17.83 -1.16 60.97
N GLY X 42 -16.98 -1.49 59.99
CA GLY X 42 -15.64 -0.96 59.98
C GLY X 42 -15.60 0.53 59.74
N MET X 43 -16.50 1.04 58.89
CA MET X 43 -16.56 2.48 58.70
C MET X 43 -17.01 3.19 59.97
N TYR X 44 -17.97 2.61 60.70
CA TYR X 44 -18.36 3.21 61.97
C TYR X 44 -17.19 3.20 62.96
N GLN X 45 -16.46 2.09 63.02
CA GLN X 45 -15.30 2.01 63.90
C GLN X 45 -14.23 3.02 63.51
N VAL X 46 -14.03 3.21 62.20
CA VAL X 46 -13.05 4.18 61.71
C VAL X 46 -13.46 5.58 62.11
N GLY X 47 -14.75 5.89 62.00
CA GLY X 47 -15.21 7.20 62.44
C GLY X 47 -14.99 7.42 63.92
N GLN X 48 -15.27 6.41 64.74
CA GLN X 48 -15.01 6.54 66.18
C GLN X 48 -13.53 6.73 66.47
N GLY X 49 -12.67 5.97 65.78
CA GLY X 49 -11.24 6.13 65.98
C GLY X 49 -10.74 7.49 65.55
N ASN X 50 -11.29 8.02 64.45
CA ASN X 50 -10.92 9.36 64.01
C ASN X 50 -11.36 10.41 65.01
N LYS X 51 -12.54 10.22 65.62
CA LYS X 51 -12.97 11.12 66.68
C LYS X 51 -12.00 11.08 67.86
N ILE X 52 -11.57 9.88 68.26
CA ILE X 52 -10.62 9.76 69.36
C ILE X 52 -9.30 10.44 69.02
N ARG X 53 -8.80 10.22 67.80
CA ARG X 53 -7.56 10.85 67.39
C ARG X 53 -7.68 12.36 67.33
N ARG X 54 -8.84 12.87 66.89
CA ARG X 54 -9.05 14.31 66.88
C ARG X 54 -9.04 14.86 68.30
N ALA X 55 -9.65 14.15 69.25
CA ALA X 55 -9.60 14.60 70.64
C ALA X 55 -8.17 14.62 71.16
N LEU X 56 -7.39 13.58 70.85
CA LEU X 56 -6.00 13.54 71.28
C LEU X 56 -5.20 14.69 70.69
N LYS X 57 -5.38 14.96 69.39
CA LYS X 57 -4.64 16.04 68.75
C LYS X 57 -5.06 17.40 69.29
N GLU X 58 -6.35 17.59 69.58
CA GLU X 58 -6.77 18.89 70.08
C GLU X 58 -6.30 19.11 71.50
N GLU X 59 -6.21 18.05 72.31
CA GLU X 59 -5.65 18.24 73.64
C GLU X 59 -4.14 18.49 73.58
N LYS X 60 -3.45 17.86 72.63
CA LYS X 60 -2.04 18.18 72.42
C LYS X 60 -1.86 19.65 72.03
N TYR X 61 -2.72 20.15 71.15
CA TYR X 61 -2.65 21.55 70.76
C TYR X 61 -3.03 22.48 71.90
N ALA X 62 -3.99 22.08 72.73
CA ALA X 62 -4.35 22.88 73.90
C ALA X 62 -3.21 22.94 74.89
N ALA X 63 -2.36 21.91 74.94
CA ALA X 63 -1.15 22.00 75.73
C ALA X 63 -0.13 22.97 75.16
N ARG X 64 -0.33 23.45 73.93
CA ARG X 64 0.59 24.39 73.30
C ARG X 64 0.14 25.85 73.37
N ARG X 65 -1.15 26.09 73.57
CA ARG X 65 -1.64 27.47 73.66
C ARG X 65 -1.56 28.01 75.08
N THR X 66 -1.22 27.19 76.07
CA THR X 66 -1.04 27.64 77.45
C THR X 66 0.43 27.66 77.85
N ILE X 67 1.33 27.59 76.87
CA ILE X 67 2.76 27.47 77.15
C ILE X 67 3.52 28.60 76.49
N LEU X 68 2.99 29.13 75.40
CA LEU X 68 3.73 30.09 74.58
C LEU X 68 3.93 31.47 75.20
N PRO X 69 3.06 31.98 76.08
CA PRO X 69 3.32 33.33 76.61
C PRO X 69 4.68 33.47 77.28
N ILE X 70 5.16 32.45 77.98
CA ILE X 70 6.49 32.54 78.57
C ILE X 70 7.57 32.38 77.49
N LEU X 71 7.35 31.48 76.53
CA LEU X 71 8.30 31.35 75.43
C LEU X 71 8.32 32.61 74.58
N GLN X 72 7.15 33.18 74.30
CA GLN X 72 7.11 34.46 73.59
C GLN X 72 7.77 35.56 74.42
N ALA X 73 7.60 35.52 75.74
CA ALA X 73 8.23 36.52 76.60
C ALA X 73 9.74 36.45 76.52
N GLU X 74 10.31 35.24 76.61
CA GLU X 74 11.76 35.11 76.54
C GLU X 74 12.29 35.42 75.15
N GLU X 75 11.52 35.10 74.10
CA GLU X 75 11.91 35.50 72.76
C GLU X 75 11.94 37.01 72.63
N ASP X 76 10.95 37.69 73.22
CA ASP X 76 10.93 39.15 73.21
C ASP X 76 12.12 39.72 73.97
N GLU X 77 12.47 39.11 75.11
CA GLU X 77 13.64 39.55 75.87
C GLU X 77 14.91 39.43 75.02
N ARG X 78 15.10 38.27 74.40
CA ARG X 78 16.29 38.08 73.56
C ARG X 78 16.31 39.07 72.41
N PHE X 79 15.15 39.29 71.78
CA PHE X 79 15.12 40.18 70.63
C PHE X 79 15.38 41.63 71.02
N VAL X 80 14.84 42.09 72.15
CA VAL X 80 15.12 43.46 72.56
C VAL X 80 16.57 43.62 72.95
N SER X 81 17.17 42.59 73.57
CA SER X 81 18.60 42.65 73.87
C SER X 81 19.41 42.81 72.57
N GLU X 82 19.15 41.94 71.59
CA GLU X 82 19.86 42.03 70.32
C GLU X 82 19.58 43.35 69.62
N TRP X 83 18.36 43.88 69.75
CA TRP X 83 17.99 45.10 69.05
C TRP X 83 18.69 46.32 69.64
N LYS X 84 18.77 46.41 70.96
CA LYS X 84 19.53 47.52 71.53
C LYS X 84 21.02 47.38 71.25
N LYS X 85 21.54 46.14 71.22
CA LYS X 85 22.94 45.97 70.83
C LYS X 85 23.17 46.44 69.40
N TYR X 86 22.29 46.08 68.47
CA TYR X 86 22.45 46.51 67.09
C TYR X 86 22.24 48.01 66.94
N LEU X 87 21.34 48.60 67.75
CA LEU X 87 21.13 50.04 67.69
C LEU X 87 22.36 50.80 68.17
N GLU X 88 22.97 50.36 69.27
CA GLU X 88 24.18 51.02 69.73
C GLU X 88 25.34 50.78 68.78
N TYR X 89 25.33 49.65 68.06
CA TYR X 89 26.35 49.44 67.03
C TYR X 89 26.14 50.38 65.85
N GLU X 90 24.88 50.57 65.42
CA GLU X 90 24.61 51.45 64.29
C GLU X 90 24.88 52.91 64.63
N ALA X 91 24.52 53.33 65.84
CA ALA X 91 24.83 54.69 66.25
C ALA X 91 26.33 54.91 66.39
N ASP X 92 27.08 53.84 66.64
CA ASP X 92 28.53 53.98 66.82
C ASP X 92 29.22 54.21 65.47
N VAL X 93 28.83 53.47 64.44
CA VAL X 93 29.49 53.61 63.15
C VAL X 93 29.14 54.95 62.50
N MET X 94 27.89 55.38 62.62
CA MET X 94 27.41 56.57 61.92
C MET X 94 27.45 57.77 62.86
N LYS X 95 28.62 58.42 62.91
CA LYS X 95 28.75 59.73 63.54
C LYS X 95 28.97 60.85 62.52
N ASP X 96 29.45 60.51 61.33
CA ASP X 96 29.60 61.46 60.24
C ASP X 96 28.32 61.48 59.41
N VAL X 97 28.37 62.08 58.22
CA VAL X 97 27.27 62.21 57.26
C VAL X 97 25.98 62.58 57.99
N PRO X 98 25.84 63.82 58.44
CA PRO X 98 24.65 64.22 59.20
C PRO X 98 23.37 64.00 58.42
N GLY X 99 22.31 63.66 59.16
CA GLY X 99 21.03 63.31 58.58
C GLY X 99 20.58 61.89 58.87
N TRP X 100 21.41 61.08 59.52
CA TRP X 100 21.05 59.73 59.90
C TRP X 100 20.26 59.78 61.21
N LYS X 101 19.05 59.21 61.19
CA LYS X 101 18.19 59.18 62.37
C LYS X 101 18.29 57.81 63.08
N VAL X 102 19.47 57.20 63.01
CA VAL X 102 19.79 55.96 63.72
C VAL X 102 18.78 54.89 63.30
N GLY X 103 17.98 54.41 64.26
CA GLY X 103 16.99 53.39 63.99
C GLY X 103 15.60 53.98 63.97
N GLU X 104 14.95 53.87 62.82
CA GLU X 104 13.60 54.37 62.64
C GLU X 104 12.76 53.33 61.92
N ASN X 105 11.45 53.44 62.08
CA ASN X 105 10.53 52.56 61.37
C ASN X 105 10.45 52.98 59.91
N VAL X 106 10.95 52.11 59.01
CA VAL X 106 10.82 52.37 57.59
C VAL X 106 9.38 52.33 57.12
N TYR X 107 8.47 51.88 57.97
CA TYR X 107 7.05 51.80 57.64
C TYR X 107 6.42 53.16 57.94
N ASN X 108 5.93 53.84 56.91
CA ASN X 108 5.35 55.16 57.10
C ASN X 108 4.09 55.14 57.97
N SER X 109 3.43 53.98 58.09
CA SER X 109 2.25 53.88 58.92
C SER X 109 2.56 53.80 60.41
N GLY X 110 3.79 53.43 60.77
CA GLY X 110 4.17 53.29 62.15
C GLY X 110 4.05 51.88 62.71
N ARG X 111 3.37 50.98 62.01
CA ARG X 111 3.30 49.59 62.44
C ARG X 111 4.68 48.95 62.37
N TRP X 112 4.99 48.10 63.34
CA TRP X 112 6.28 47.44 63.43
C TRP X 112 6.17 46.00 62.95
N MET X 113 7.19 45.56 62.23
CA MET X 113 7.35 44.19 61.77
C MET X 113 8.78 43.74 62.05
N PRO X 114 9.00 42.43 62.16
CA PRO X 114 10.35 41.96 62.49
C PRO X 114 11.34 42.37 61.41
N PRO X 115 12.60 42.60 61.79
CA PRO X 115 13.61 42.98 60.79
C PRO X 115 13.73 41.92 59.71
N ALA X 116 13.57 42.37 58.46
CA ALA X 116 13.60 41.46 57.34
C ALA X 116 15.00 40.90 57.11
N THR X 117 15.05 39.70 56.54
CA THR X 117 16.31 39.05 56.19
C THR X 117 16.20 38.52 54.77
N GLY X 118 17.29 38.61 54.01
CA GLY X 118 17.29 38.16 52.64
C GLY X 118 17.39 36.65 52.50
N GLU X 119 16.60 35.93 53.30
CA GLU X 119 16.55 34.47 53.29
C GLU X 119 15.09 34.05 53.23
N LEU X 120 14.61 33.74 52.02
CA LEU X 120 13.23 33.34 51.85
C LEU X 120 13.01 31.93 52.41
N ARG X 121 11.92 31.75 53.15
CA ARG X 121 11.59 30.50 53.83
C ARG X 121 12.75 30.03 54.70
N PRO X 122 13.04 30.71 55.80
CA PRO X 122 14.18 30.29 56.64
C PRO X 122 13.79 29.26 57.70
N ASP X 123 12.49 29.13 57.96
CA ASP X 123 11.99 28.30 59.07
C ASP X 123 11.71 26.86 58.64
N VAL X 124 12.36 26.37 57.59
CA VAL X 124 12.20 24.99 57.17
C VAL X 124 13.49 24.19 57.22
N TRP X 125 14.65 24.84 57.29
CA TRP X 125 15.92 24.12 57.38
C TRP X 125 16.60 24.39 58.72
N LEU Y 1 4.97 -29.81 61.60
CA LEU Y 1 5.36 -31.20 61.46
C LEU Y 1 6.43 -31.35 60.39
N VAL Y 2 6.02 -31.34 59.12
CA VAL Y 2 6.94 -31.50 58.01
C VAL Y 2 7.11 -30.22 57.21
N TRP Y 3 6.16 -29.28 57.28
CA TRP Y 3 6.20 -28.08 56.46
C TRP Y 3 7.05 -26.97 57.05
N LEU Y 4 7.72 -27.22 58.18
CA LEU Y 4 8.55 -26.18 58.79
C LEU Y 4 9.77 -25.83 57.96
N GLU Y 5 10.22 -26.74 57.09
CA GLU Y 5 11.38 -26.44 56.25
C GLU Y 5 11.10 -25.28 55.30
N ALA Y 6 9.87 -25.19 54.80
CA ALA Y 6 9.51 -24.06 53.95
C ALA Y 6 9.43 -22.77 54.74
N MET Y 7 9.11 -22.84 56.03
CA MET Y 7 8.99 -21.65 56.86
C MET Y 7 10.32 -21.17 57.42
N LEU Y 8 11.39 -21.95 57.31
CA LEU Y 8 12.70 -21.48 57.75
C LEU Y 8 13.19 -20.29 56.93
N PRO Y 9 13.17 -20.30 55.59
CA PRO Y 9 13.56 -19.09 54.86
C PRO Y 9 12.67 -17.90 55.14
N LEU Y 10 11.37 -18.13 55.33
CA LEU Y 10 10.47 -17.04 55.72
C LEU Y 10 10.88 -16.47 57.07
N GLY Y 11 11.25 -17.34 58.02
CA GLY Y 11 11.70 -16.86 59.31
C GLY Y 11 13.00 -16.08 59.21
N ILE Y 12 13.92 -16.53 58.35
CA ILE Y 12 15.18 -15.81 58.17
C ILE Y 12 14.93 -14.42 57.62
N ILE Y 13 14.11 -14.32 56.56
CA ILE Y 13 13.86 -13.01 55.96
C ILE Y 13 13.09 -12.12 56.93
N GLY Y 14 12.17 -12.68 57.71
CA GLY Y 14 11.47 -11.87 58.69
C GLY Y 14 12.37 -11.38 59.82
N GLY Y 15 13.26 -12.24 60.30
CA GLY Y 15 14.20 -11.83 61.32
C GLY Y 15 15.14 -10.75 60.83
N MET Y 16 15.60 -10.86 59.59
CA MET Y 16 16.46 -9.80 59.10
C MET Y 16 15.66 -8.54 58.80
N LEU Y 17 14.37 -8.68 58.48
CA LEU Y 17 13.52 -7.50 58.35
C LEU Y 17 13.35 -6.78 59.67
N CYS Y 18 13.24 -7.52 60.78
CA CYS Y 18 13.08 -6.84 62.07
C CYS Y 18 14.40 -6.25 62.54
N ILE Y 19 15.52 -6.93 62.32
CA ILE Y 19 16.80 -6.32 62.68
C ILE Y 19 17.10 -5.14 61.77
N MET Y 20 16.50 -5.09 60.58
CA MET Y 20 16.60 -3.91 59.72
C MET Y 20 16.19 -2.65 60.48
N GLY Y 21 15.01 -2.67 61.09
CA GLY Y 21 14.54 -1.55 61.85
C GLY Y 21 15.30 -1.37 63.15
N ASN Y 22 15.53 -2.48 63.86
CA ASN Y 22 16.20 -2.38 65.16
C ASN Y 22 17.60 -1.81 65.06
N SER Y 23 18.31 -2.07 63.96
CA SER Y 23 19.65 -1.54 63.80
C SER Y 23 19.64 -0.03 63.77
N GLN Y 24 18.83 0.56 62.90
CA GLN Y 24 18.77 2.02 62.82
C GLN Y 24 18.19 2.63 64.09
N TYR Y 25 17.24 1.96 64.75
CA TYR Y 25 16.73 2.47 66.01
C TYR Y 25 17.82 2.54 67.07
N TYR Y 26 18.60 1.47 67.21
CA TYR Y 26 19.65 1.44 68.21
C TYR Y 26 20.80 2.39 67.86
N ILE Y 27 21.06 2.60 66.57
CA ILE Y 27 22.10 3.55 66.19
C ILE Y 27 21.65 4.99 66.48
N HIS Y 28 20.41 5.32 66.14
CA HIS Y 28 19.92 6.67 66.40
C HIS Y 28 19.82 6.94 67.90
N LYS Y 29 19.35 5.96 68.67
CA LYS Y 29 19.26 6.16 70.11
C LYS Y 29 20.64 6.27 70.75
N ALA Y 30 21.64 5.60 70.19
CA ALA Y 30 22.97 5.57 70.81
C ALA Y 30 23.59 6.96 70.85
N TYR Y 31 23.46 7.73 69.78
CA TYR Y 31 24.14 9.02 69.70
C TYR Y 31 23.24 10.19 70.05
N HIS Y 32 22.00 10.20 69.56
CA HIS Y 32 21.07 11.26 69.92
C HIS Y 32 20.51 11.12 71.33
N GLY Y 33 20.44 9.90 71.86
CA GLY Y 33 19.92 9.67 73.18
C GLY Y 33 18.41 9.57 73.27
N ARG Y 34 17.70 9.72 72.16
CA ARG Y 34 16.24 9.65 72.12
C ARG Y 34 15.81 8.93 70.86
N PRO Y 35 14.64 8.29 70.88
CA PRO Y 35 14.07 7.78 69.63
C PRO Y 35 13.54 8.92 68.76
N LYS Y 36 13.21 8.63 67.51
CA LYS Y 36 12.76 9.65 66.58
C LYS Y 36 11.28 9.90 66.77
N HIS Y 37 10.91 11.19 66.76
CA HIS Y 37 9.51 11.56 66.92
C HIS Y 37 8.72 11.28 65.64
N ILE Y 38 7.45 10.89 65.82
CA ILE Y 38 6.59 10.63 64.67
C ILE Y 38 6.32 11.91 63.89
N GLY Y 39 5.92 12.97 64.60
CA GLY Y 39 5.59 14.20 63.92
C GLY Y 39 6.55 15.33 64.21
N HIS Y 40 7.36 15.70 63.22
CA HIS Y 40 8.21 16.89 63.30
C HIS Y 40 7.53 18.00 62.52
N ASP Y 41 6.89 18.91 63.24
CA ASP Y 41 6.34 20.12 62.64
C ASP Y 41 7.24 21.29 63.01
N GLU Y 42 6.86 22.48 62.55
CA GLU Y 42 7.69 23.66 62.77
C GLU Y 42 7.75 23.99 64.26
N TRP Y 43 6.65 23.78 64.98
CA TRP Y 43 6.62 24.01 66.42
C TRP Y 43 7.57 23.06 67.14
N ASP Y 44 7.54 21.77 66.76
CA ASP Y 44 8.42 20.80 67.39
C ASP Y 44 9.88 21.08 67.11
N VAL Y 45 10.21 21.44 65.87
CA VAL Y 45 11.61 21.76 65.57
C VAL Y 45 12.02 23.05 66.28
N ALA Y 46 11.07 23.98 66.46
CA ALA Y 46 11.37 25.21 67.19
C ALA Y 46 11.73 24.92 68.65
N MET Y 47 10.93 24.07 69.32
CA MET Y 47 11.34 23.71 70.68
C MET Y 47 12.60 22.86 70.72
N GLU Y 48 12.84 22.03 69.70
CA GLU Y 48 14.10 21.29 69.71
C GLU Y 48 15.29 22.23 69.64
N ARG Y 49 15.20 23.24 68.77
CA ARG Y 49 16.26 24.23 68.66
C ARG Y 49 16.44 25.00 69.96
N ARG Y 50 15.32 25.45 70.56
CA ARG Y 50 15.40 26.24 71.78
C ARG Y 50 15.93 25.38 72.94
N ASP Y 51 15.52 24.11 73.01
CA ASP Y 51 16.04 23.21 74.03
C ASP Y 51 17.53 22.98 73.87
N LYS Y 52 18.00 22.80 72.63
CA LYS Y 52 19.43 22.66 72.42
C LYS Y 52 20.18 23.91 72.87
N LYS Y 53 19.65 25.08 72.54
CA LYS Y 53 20.31 26.33 72.93
C LYS Y 53 20.34 26.49 74.45
N VAL Y 54 19.22 26.22 75.13
CA VAL Y 54 19.17 26.41 76.57
C VAL Y 54 20.05 25.38 77.29
N VAL Y 55 20.09 24.15 76.77
CA VAL Y 55 20.96 23.13 77.36
C VAL Y 55 22.42 23.53 77.18
N GLU Y 56 22.77 24.05 76.00
CA GLU Y 56 24.14 24.52 75.78
C GLU Y 56 24.49 25.66 76.74
N LYS Y 57 23.54 26.60 76.94
CA LYS Y 57 23.80 27.70 77.87
C LYS Y 57 23.98 27.20 79.29
N ALA Y 58 23.15 26.24 79.71
CA ALA Y 58 23.22 25.71 81.06
C ALA Y 58 24.42 24.78 81.24
N PRO Z 1 -40.49 -3.24 29.36
CA PRO Z 1 -39.95 -2.35 30.40
C PRO Z 1 -38.42 -2.33 30.44
N VAL Z 2 -37.87 -1.45 31.26
CA VAL Z 2 -36.42 -1.26 31.31
C VAL Z 2 -35.75 -2.38 32.11
N MET Z 3 -36.53 -3.12 32.90
CA MET Z 3 -35.94 -4.11 33.80
C MET Z 3 -35.20 -5.19 33.04
N GLU Z 4 -35.76 -5.67 31.93
CA GLU Z 4 -35.12 -6.74 31.17
C GLU Z 4 -33.77 -6.30 30.61
N LYS Z 5 -33.73 -5.12 29.99
CA LYS Z 5 -32.49 -4.62 29.44
C LYS Z 5 -31.46 -4.35 30.53
N LEU Z 6 -31.91 -3.79 31.67
CA LEU Z 6 -31.00 -3.52 32.78
C LEU Z 6 -30.40 -4.82 33.30
N ARG Z 7 -31.23 -5.84 33.48
CA ARG Z 7 -30.74 -7.12 34.00
C ARG Z 7 -29.80 -7.80 33.02
N MET Z 8 -30.11 -7.72 31.72
CA MET Z 8 -29.19 -8.27 30.72
C MET Z 8 -27.86 -7.53 30.72
N PHE Z 9 -27.89 -6.22 30.94
CA PHE Z 9 -26.65 -5.45 31.04
C PHE Z 9 -25.83 -5.86 32.26
N VAL Z 10 -26.50 -6.04 33.40
CA VAL Z 10 -25.80 -6.46 34.61
C VAL Z 10 -25.19 -7.84 34.42
N ALA Z 11 -25.91 -8.74 33.75
CA ALA Z 11 -25.39 -10.09 33.53
C ALA Z 11 -24.13 -10.08 32.69
N GLN Z 12 -24.11 -9.26 31.63
CA GLN Z 12 -22.96 -9.26 30.72
C GLN Z 12 -21.76 -8.51 31.29
N GLU Z 13 -21.99 -7.38 31.97
CA GLU Z 13 -20.92 -6.57 32.55
C GLU Z 13 -21.06 -6.56 34.07
N PRO Z 14 -20.36 -7.45 34.76
CA PRO Z 14 -20.44 -7.44 36.23
C PRO Z 14 -19.66 -6.30 36.87
N VAL Z 15 -18.44 -6.03 36.38
CA VAL Z 15 -17.60 -5.02 37.01
C VAL Z 15 -18.18 -3.62 36.83
N VAL Z 16 -18.70 -3.32 35.64
CA VAL Z 16 -19.28 -2.01 35.41
C VAL Z 16 -20.53 -1.81 36.26
N ALA Z 17 -21.39 -2.83 36.33
CA ALA Z 17 -22.59 -2.72 37.15
C ALA Z 17 -22.24 -2.55 38.63
N ALA Z 18 -21.26 -3.31 39.12
CA ALA Z 18 -20.86 -3.17 40.51
C ALA Z 18 -20.27 -1.79 40.79
N SER Z 19 -19.43 -1.30 39.88
CA SER Z 19 -18.86 0.03 40.05
C SER Z 19 -19.95 1.09 40.08
N CYS Z 20 -20.91 0.99 39.17
CA CYS Z 20 -22.02 1.95 39.15
C CYS Z 20 -22.84 1.86 40.43
N LEU Z 21 -23.06 0.66 40.96
CA LEU Z 21 -23.85 0.51 42.18
C LEU Z 21 -23.14 1.15 43.36
N ILE Z 22 -21.84 0.87 43.53
CA ILE Z 22 -21.11 1.43 44.66
C ILE Z 22 -20.99 2.95 44.52
N GLY Z 23 -20.73 3.44 43.31
CA GLY Z 23 -20.70 4.88 43.10
C GLY Z 23 -22.04 5.55 43.34
N GLY Z 24 -23.13 4.92 42.93
CA GLY Z 24 -24.44 5.45 43.23
C GLY Z 24 -24.74 5.49 44.71
N VAL Z 25 -24.31 4.46 45.45
CA VAL Z 25 -24.47 4.51 46.91
C VAL Z 25 -23.66 5.66 47.49
N GLY Z 26 -22.41 5.81 47.06
CA GLY Z 26 -21.54 6.84 47.59
C GLY Z 26 -21.95 8.25 47.20
N LEU Z 27 -22.73 8.40 46.12
CA LEU Z 27 -23.29 9.69 45.77
C LEU Z 27 -24.67 9.94 46.36
N PHE Z 28 -25.42 8.87 46.64
CA PHE Z 28 -26.75 8.99 47.23
C PHE Z 28 -26.68 9.29 48.72
N LEU Z 29 -25.67 8.75 49.41
CA LEU Z 29 -25.56 9.02 50.85
C LEU Z 29 -25.42 10.50 51.17
N PRO Z 30 -24.53 11.27 50.54
CA PRO Z 30 -24.39 12.69 50.92
C PRO Z 30 -25.42 13.61 50.29
N ALA Z 31 -26.17 13.16 49.29
CA ALA Z 31 -27.16 14.00 48.64
C ALA Z 31 -28.56 13.80 49.17
N VAL Z 32 -28.83 12.69 49.86
CA VAL Z 32 -30.16 12.38 50.38
C VAL Z 32 -30.12 12.13 51.88
N VAL Z 33 -29.23 11.23 52.32
CA VAL Z 33 -29.17 10.89 53.75
C VAL Z 33 -28.62 12.07 54.55
N ARG Z 34 -27.64 12.79 54.01
CA ARG Z 34 -27.03 13.88 54.76
C ARG Z 34 -28.04 14.97 55.15
N PRO Z 35 -28.87 15.50 54.25
CA PRO Z 35 -29.82 16.54 54.69
C PRO Z 35 -30.81 16.07 55.73
N ILE Z 36 -31.23 14.80 55.68
CA ILE Z 36 -32.26 14.33 56.60
C ILE Z 36 -31.70 14.04 57.99
N LEU Z 37 -30.40 13.76 58.11
CA LEU Z 37 -29.79 13.66 59.42
C LEU Z 37 -29.27 15.00 59.91
N ASP Z 38 -29.07 15.96 59.00
CA ASP Z 38 -28.71 17.31 59.42
C ASP Z 38 -29.83 17.92 60.26
N SER Z 39 -31.08 17.76 59.81
CA SER Z 39 -32.25 18.22 60.54
C SER Z 39 -32.64 17.28 61.68
N LEU Z 40 -31.78 16.33 62.02
CA LEU Z 40 -32.03 15.36 63.10
C LEU Z 40 -33.31 14.58 62.86
N GLY AA 1 -29.34 62.49 -58.75
CA GLY AA 1 -29.29 61.75 -57.51
C GLY AA 1 -29.94 60.38 -57.61
N ASP AA 2 -29.12 59.36 -57.90
CA ASP AA 2 -29.64 58.00 -57.98
C ASP AA 2 -30.15 57.53 -56.63
N PHE AA 3 -29.33 57.68 -55.59
CA PHE AA 3 -29.73 57.34 -54.23
C PHE AA 3 -30.43 58.49 -53.52
N ARG AA 4 -30.23 59.72 -53.99
CA ARG AA 4 -30.76 60.89 -53.31
C ARG AA 4 -32.28 60.97 -53.35
N ALA AA 5 -32.94 60.15 -54.16
CA ALA AA 5 -34.39 60.06 -54.15
C ALA AA 5 -34.91 59.22 -53.00
N LYS AA 6 -34.03 58.60 -52.21
CA LYS AA 6 -34.43 57.79 -51.07
C LYS AA 6 -34.41 58.55 -49.75
N VAL AA 7 -33.70 59.67 -49.68
CA VAL AA 7 -33.63 60.44 -48.45
C VAL AA 7 -34.85 61.34 -48.33
N TRP AA 8 -35.19 61.68 -47.08
CA TRP AA 8 -36.38 62.50 -46.85
C TRP AA 8 -36.15 63.95 -47.27
N SER AA 9 -35.00 64.52 -46.92
CA SER AA 9 -34.61 65.87 -47.37
C SER AA 9 -35.66 66.90 -46.96
N MET AA 10 -35.73 67.10 -45.64
CA MET AA 10 -36.75 67.94 -44.99
C MET AA 10 -37.05 69.22 -45.73
N THR AA 11 -36.04 69.87 -46.28
CA THR AA 11 -36.23 71.10 -47.04
C THR AA 11 -36.39 70.86 -48.54
N GLY AA 12 -36.39 69.61 -48.98
CA GLY AA 12 -36.49 69.32 -50.40
C GLY AA 12 -35.25 68.65 -50.95
N GLY AA 13 -35.43 67.64 -51.79
CA GLY AA 13 -34.33 66.88 -52.33
C GLY AA 13 -33.50 67.67 -53.33
N PRO AA 14 -32.78 66.96 -54.20
CA PRO AA 14 -31.99 67.64 -55.23
C PRO AA 14 -32.87 68.49 -56.13
N ASN AA 15 -33.84 67.87 -56.79
CA ASN AA 15 -34.81 68.59 -57.62
C ASN AA 15 -36.17 67.92 -57.39
N CYS AA 16 -36.91 68.42 -56.41
CA CYS AA 16 -38.17 67.79 -56.03
C CYS AA 16 -39.28 68.12 -57.01
N ARG AA 17 -39.67 69.40 -57.10
CA ARG AA 17 -40.78 69.87 -57.92
C ARG AA 17 -41.99 68.95 -57.77
N PRO AA 18 -42.69 69.00 -56.65
CA PRO AA 18 -43.82 68.08 -56.43
C PRO AA 18 -44.94 68.30 -57.44
N LYS AA 19 -45.82 67.32 -57.52
CA LYS AA 19 -46.90 67.35 -58.49
C LYS AA 19 -47.82 68.56 -58.28
N HIS AA 20 -48.15 68.85 -57.03
CA HIS AA 20 -49.03 69.97 -56.68
C HIS AA 20 -48.30 70.84 -55.67
N TRP AA 21 -47.56 71.84 -56.16
CA TRP AA 21 -46.89 72.78 -55.25
C TRP AA 21 -47.59 74.12 -55.17
N ARG AA 22 -48.35 74.50 -56.21
CA ARG AA 22 -49.04 75.78 -56.20
C ARG AA 22 -50.06 75.86 -55.06
N ARG AA 23 -50.80 74.77 -54.84
CA ARG AA 23 -51.74 74.75 -53.71
C ARG AA 23 -51.00 74.82 -52.39
N ASN AA 24 -49.86 74.14 -52.27
CA ASN AA 24 -49.04 74.25 -51.07
C ASN AA 24 -48.52 75.68 -50.90
N THR AA 25 -48.14 76.33 -52.00
CA THR AA 25 -47.71 77.72 -51.93
C THR AA 25 -48.84 78.62 -51.41
N ALA AA 26 -50.05 78.43 -51.95
CA ALA AA 26 -51.18 79.26 -51.53
C ALA AA 26 -51.50 79.04 -50.06
N ILE AA 27 -51.54 77.79 -49.62
CA ILE AA 27 -51.82 77.54 -48.20
C ILE AA 27 -50.69 78.06 -47.33
N ALA AA 28 -49.46 78.07 -47.84
CA ALA AA 28 -48.35 78.65 -47.10
C ALA AA 28 -48.54 80.16 -46.91
N MET AA 29 -48.94 80.86 -47.98
CA MET AA 29 -49.22 82.29 -47.82
C MET AA 29 -50.36 82.53 -46.85
N PHE AA 30 -51.41 81.70 -46.91
CA PHE AA 30 -52.52 81.86 -45.98
C PHE AA 30 -52.06 81.65 -44.54
N GLY AA 31 -51.23 80.64 -44.30
CA GLY AA 31 -50.73 80.40 -42.97
C GLY AA 31 -49.83 81.52 -42.47
N VAL AA 32 -48.97 82.06 -43.35
CA VAL AA 32 -48.13 83.18 -42.95
C VAL AA 32 -48.98 84.39 -42.59
N PHE AA 33 -50.01 84.67 -43.39
CA PHE AA 33 -50.90 85.78 -43.07
C PHE AA 33 -51.58 85.57 -41.72
N LEU AA 34 -52.11 84.37 -41.50
CA LEU AA 34 -52.81 84.07 -40.26
C LEU AA 34 -51.88 84.18 -39.06
N VAL AA 35 -50.63 83.75 -39.20
CA VAL AA 35 -49.70 83.81 -38.08
C VAL AA 35 -49.13 85.21 -37.88
N CYS AA 36 -49.13 86.06 -38.91
CA CYS AA 36 -48.61 87.41 -38.72
C CYS AA 36 -49.69 88.40 -38.27
N ILE AA 37 -50.98 88.02 -38.34
CA ILE AA 37 -52.02 88.85 -37.74
C ILE AA 37 -51.79 89.08 -36.25
N PRO AA 38 -51.57 88.04 -35.41
CA PRO AA 38 -51.31 88.33 -34.00
C PRO AA 38 -50.05 89.13 -33.76
N ILE AA 39 -49.04 88.98 -34.62
CA ILE AA 39 -47.84 89.81 -34.51
C ILE AA 39 -48.20 91.28 -34.69
N ALA AA 40 -49.04 91.58 -35.70
CA ALA AA 40 -49.49 92.95 -35.91
C ALA AA 40 -50.30 93.45 -34.72
N LYS AA 41 -51.18 92.61 -34.19
CA LYS AA 41 -51.97 93.02 -33.03
C LYS AA 41 -51.09 93.35 -31.83
N LEU AA 42 -50.07 92.52 -31.58
CA LEU AA 42 -49.15 92.79 -30.48
C LEU AA 42 -48.34 94.06 -30.75
N SER AA 43 -47.89 94.26 -31.99
CA SER AA 43 -47.10 95.44 -32.31
C SER AA 43 -47.91 96.71 -32.11
N ALA AA 44 -49.18 96.72 -32.53
CA ALA AA 44 -50.03 97.88 -32.30
C ALA AA 44 -50.33 98.06 -30.82
N LYS AA 45 -50.26 96.99 -30.04
CA LYS AA 45 -50.57 97.09 -28.61
C LYS AA 45 -49.42 97.73 -27.84
N LEU AA 46 -48.18 97.47 -28.25
CA LEU AA 46 -47.00 97.99 -27.56
C LEU AA 46 -46.16 98.78 -28.55
N GLU AA 47 -46.30 100.11 -28.50
CA GLU AA 47 -45.47 101.02 -29.28
C GLU AA 47 -45.65 102.42 -28.68
N GLN AA 48 -44.57 102.98 -28.12
CA GLN AA 48 -44.71 104.22 -27.36
C GLN AA 48 -44.85 105.44 -28.27
N ARG AA 49 -43.87 105.67 -29.15
CA ARG AA 49 -43.83 106.87 -29.99
C ARG AA 49 -44.00 108.13 -29.15
N PRO AA 50 -42.96 108.53 -28.40
CA PRO AA 50 -43.11 109.65 -27.47
C PRO AA 50 -43.48 110.97 -28.14
N HIS AA 51 -43.05 111.20 -29.37
CA HIS AA 51 -43.23 112.49 -30.03
C HIS AA 51 -44.37 112.43 -31.05
N MET AA 52 -45.17 113.49 -31.07
CA MET AA 52 -46.25 113.58 -32.03
C MET AA 52 -45.69 113.82 -33.44
N PRO AA 53 -46.30 113.24 -34.47
CA PRO AA 53 -45.80 113.45 -35.83
C PRO AA 53 -46.03 114.87 -36.31
N VAL AA 54 -45.13 115.32 -37.19
CA VAL AA 54 -45.27 116.65 -37.78
C VAL AA 54 -46.46 116.70 -38.73
N ARG AA 55 -46.70 115.63 -39.46
CA ARG AA 55 -47.80 115.49 -40.40
C ARG AA 55 -48.49 114.16 -40.15
N PRO AA 56 -49.78 114.03 -40.50
CA PRO AA 56 -50.48 112.76 -40.24
C PRO AA 56 -49.90 111.60 -41.02
N ILE AA 57 -49.27 110.68 -40.30
CA ILE AA 57 -48.62 109.51 -40.89
C ILE AA 57 -49.64 108.38 -40.97
N PRO AA 58 -49.38 107.33 -41.77
CA PRO AA 58 -50.32 106.19 -41.82
C PRO AA 58 -50.46 105.47 -40.49
N SER AA 59 -49.75 105.92 -39.47
CA SER AA 59 -49.88 105.38 -38.12
C SER AA 59 -51.12 105.97 -37.46
N GLN AA 60 -51.23 105.78 -36.15
CA GLN AA 60 -52.36 106.21 -35.32
C GLN AA 60 -53.71 105.82 -35.93
N ILE AA 61 -53.74 104.78 -36.74
CA ILE AA 61 -54.98 104.21 -37.24
C ILE AA 61 -55.26 102.93 -36.46
N TRP AA 62 -54.18 102.29 -35.99
CA TRP AA 62 -54.26 101.16 -35.10
C TRP AA 62 -53.41 101.33 -33.84
N CYS AA 63 -52.62 102.38 -33.75
CA CYS AA 63 -51.77 102.66 -32.59
C CYS AA 63 -52.38 103.83 -31.82
N LYS AA 64 -52.57 103.65 -30.52
CA LYS AA 64 -53.21 104.65 -29.67
C LYS AA 64 -52.23 105.34 -28.74
N ASN AA 65 -50.98 104.90 -28.70
CA ASN AA 65 -49.97 105.49 -27.82
C ASN AA 65 -49.20 106.55 -28.61
N PHE AA 66 -49.53 107.82 -28.35
CA PHE AA 66 -48.85 108.94 -29.00
C PHE AA 66 -48.70 110.06 -27.99
N GLY AA 67 -47.47 110.51 -27.76
CA GLY AA 67 -47.23 111.54 -26.76
C GLY AA 67 -47.57 111.09 -25.35
N THR AA 68 -47.37 109.81 -25.05
CA THR AA 68 -47.65 109.27 -23.73
C THR AA 68 -46.41 109.17 -22.86
N LYS AA 69 -45.25 109.61 -23.35
CA LYS AA 69 -44.00 109.51 -22.61
C LYS AA 69 -43.34 110.87 -22.40
N ASP AA 70 -44.10 111.96 -22.49
CA ASP AA 70 -43.61 113.29 -22.14
C ASP AA 70 -43.79 113.59 -20.65
N ASP AA 71 -43.92 112.54 -19.84
CA ASP AA 71 -44.14 112.62 -18.40
C ASP AA 71 -43.09 111.80 -17.67
N TYR AA 72 -41.82 112.06 -17.99
CA TYR AA 72 -40.72 111.21 -17.57
C TYR AA 72 -40.34 111.39 -16.10
N GLU AA 73 -41.32 111.30 -15.22
CA GLU AA 73 -41.05 111.35 -13.79
C GLU AA 73 -41.75 110.20 -13.08
N LYS AA 74 -42.91 109.80 -13.59
CA LYS AA 74 -43.66 108.67 -13.04
C LYS AA 74 -43.33 107.38 -13.80
N GLU AA 75 -42.04 107.08 -13.90
CA GLU AA 75 -41.55 105.94 -14.67
C GLU AA 75 -40.94 104.90 -13.74
N HIS AA 76 -41.36 103.65 -13.91
CA HIS AA 76 -40.84 102.56 -13.08
C HIS AA 76 -39.64 101.90 -13.75
N PRO BA 1 -47.14 56.72 6.43
CA PRO BA 1 -45.71 56.48 6.66
C PRO BA 1 -45.41 55.01 6.94
N ILE BA 2 -44.15 54.61 6.73
CA ILE BA 2 -43.76 53.24 7.03
C ILE BA 2 -43.75 53.03 8.54
N SER BA 3 -44.38 51.94 8.97
CA SER BA 3 -44.65 51.70 10.38
C SER BA 3 -43.81 50.54 10.91
N ALA BA 4 -42.59 50.39 10.40
CA ALA BA 4 -41.63 49.36 10.79
C ALA BA 4 -42.14 47.95 10.50
N THR BA 5 -43.31 47.82 9.88
CA THR BA 5 -43.81 46.54 9.40
C THR BA 5 -43.87 46.48 7.88
N MET BA 6 -44.17 47.60 7.23
CA MET BA 6 -44.04 47.68 5.78
C MET BA 6 -42.60 47.62 5.31
N VAL BA 7 -41.64 47.74 6.22
CA VAL BA 7 -40.23 47.55 5.89
C VAL BA 7 -39.72 46.19 6.37
N GLY BA 8 -40.15 45.74 7.54
CA GLY BA 8 -39.72 44.44 8.02
C GLY BA 8 -40.26 43.29 7.18
N ALA BA 9 -41.54 43.35 6.83
CA ALA BA 9 -42.12 42.31 5.98
C ALA BA 9 -41.48 42.33 4.59
N LEU BA 10 -41.23 43.51 4.04
CA LEU BA 10 -40.58 43.60 2.75
C LEU BA 10 -39.16 43.04 2.79
N LEU BA 11 -38.41 43.33 3.86
CA LEU BA 11 -37.08 42.75 3.98
C LEU BA 11 -37.14 41.23 4.15
N GLY BA 12 -38.14 40.73 4.88
CA GLY BA 12 -38.28 39.29 5.02
C GLY BA 12 -38.58 38.61 3.69
N LEU BA 13 -39.52 39.16 2.92
CA LEU BA 13 -39.80 38.62 1.60
C LEU BA 13 -38.58 38.73 0.69
N GLY BA 14 -37.87 39.86 0.76
CA GLY BA 14 -36.69 40.03 -0.06
C GLY BA 14 -35.60 39.03 0.26
N THR BA 15 -35.35 38.77 1.55
CA THR BA 15 -34.32 37.82 1.90
C THR BA 15 -34.76 36.38 1.60
N GLN BA 16 -36.06 36.09 1.68
CA GLN BA 16 -36.53 34.77 1.28
C GLN BA 16 -36.29 34.54 -0.20
N MET BA 17 -36.69 35.49 -1.05
CA MET BA 17 -36.45 35.33 -2.48
C MET BA 17 -34.97 35.41 -2.81
N TYR BA 18 -34.19 36.12 -2.00
CA TYR BA 18 -32.75 36.23 -2.21
C TYR BA 18 -32.07 34.89 -1.96
N SER BA 19 -32.39 34.25 -0.83
CA SER BA 19 -31.88 32.91 -0.56
C SER BA 19 -32.42 31.91 -1.57
N ASN BA 20 -33.64 32.14 -2.07
CA ASN BA 20 -34.23 31.23 -3.03
C ASN BA 20 -33.51 31.31 -4.38
N ALA BA 21 -33.05 32.50 -4.76
CA ALA BA 21 -32.35 32.68 -6.01
C ALA BA 21 -30.91 32.18 -5.96
N LEU BA 22 -30.26 32.25 -4.80
CA LEU BA 22 -28.88 31.79 -4.68
C LEU BA 22 -28.73 30.30 -4.93
N ARG BA 23 -29.80 29.53 -4.74
CA ARG BA 23 -29.80 28.11 -5.04
C ARG BA 23 -30.28 27.82 -6.46
N LYS BA 24 -30.38 28.86 -7.29
CA LYS BA 24 -30.82 28.73 -8.68
C LYS BA 24 -32.22 28.12 -8.76
N LEU BA 25 -33.12 28.61 -7.93
CA LEU BA 25 -34.49 28.15 -7.88
C LEU BA 25 -35.44 29.23 -8.35
N PRO BA 26 -36.65 28.88 -8.77
CA PRO BA 26 -37.66 29.90 -9.04
C PRO BA 26 -37.94 30.73 -7.80
N TYR BA 27 -38.19 32.01 -8.00
CA TYR BA 27 -38.26 32.95 -6.89
C TYR BA 27 -39.33 32.56 -5.89
N MET BA 28 -40.52 32.24 -6.38
CA MET BA 28 -41.61 31.79 -5.52
C MET BA 28 -41.72 30.26 -5.52
N ARG BA 29 -40.64 29.62 -5.06
CA ARG BA 29 -40.65 28.16 -4.96
C ARG BA 29 -41.58 27.68 -3.86
N HIS BA 30 -41.47 28.27 -2.68
CA HIS BA 30 -42.29 27.88 -1.52
C HIS BA 30 -42.89 29.13 -0.88
N PRO BA 31 -44.04 29.58 -1.35
CA PRO BA 31 -44.66 30.78 -0.77
C PRO BA 31 -45.03 30.67 0.70
N TRP BA 32 -45.19 29.46 1.25
CA TRP BA 32 -45.49 29.37 2.68
C TRP BA 32 -44.33 29.91 3.50
N GLU BA 33 -43.10 29.56 3.16
CA GLU BA 33 -41.98 30.18 3.86
C GLU BA 33 -41.77 31.63 3.43
N HIS BA 34 -42.34 32.04 2.30
CA HIS BA 34 -42.37 33.47 1.99
C HIS BA 34 -43.22 34.22 3.02
N VAL BA 35 -44.39 33.69 3.33
CA VAL BA 35 -45.24 34.30 4.36
C VAL BA 35 -44.54 34.23 5.73
N VAL BA 36 -43.89 33.10 6.00
CA VAL BA 36 -43.13 32.96 7.25
C VAL BA 36 -42.04 34.03 7.33
N GLY BA 37 -41.35 34.27 6.22
CA GLY BA 37 -40.31 35.30 6.21
C GLY BA 37 -40.88 36.70 6.38
N MET BA 38 -42.03 36.97 5.78
CA MET BA 38 -42.69 38.26 5.99
C MET BA 38 -43.00 38.47 7.46
N GLY BA 39 -43.61 37.48 8.10
CA GLY BA 39 -43.91 37.59 9.52
C GLY BA 39 -42.68 37.74 10.38
N LEU BA 40 -41.64 36.96 10.08
CA LEU BA 40 -40.40 37.04 10.84
C LEU BA 40 -39.75 38.41 10.68
N GLY BA 41 -39.74 38.95 9.47
CA GLY BA 41 -39.18 40.27 9.26
C GLY BA 41 -39.94 41.35 10.00
N ALA BA 42 -41.27 41.29 9.97
CA ALA BA 42 -42.07 42.27 10.71
C ALA BA 42 -41.78 42.18 12.20
N VAL BA 43 -41.76 40.96 12.75
CA VAL BA 43 -41.49 40.80 14.17
C VAL BA 43 -40.11 41.31 14.53
N PHE BA 44 -39.11 40.97 13.73
CA PHE BA 44 -37.74 41.38 14.01
C PHE BA 44 -37.59 42.89 13.94
N ALA BA 45 -38.24 43.54 12.97
CA ALA BA 45 -38.17 44.99 12.88
C ALA BA 45 -38.83 45.66 14.07
N ASN BA 46 -40.00 45.16 14.49
CA ASN BA 46 -40.65 45.74 15.67
C ASN BA 46 -39.79 45.56 16.91
N GLN BA 47 -39.20 44.38 17.08
CA GLN BA 47 -38.32 44.14 18.22
C GLN BA 47 -37.10 45.05 18.16
N LEU BA 48 -36.56 45.27 16.96
CA LEU BA 48 -35.41 46.15 16.81
C LEU BA 48 -35.76 47.58 17.22
N VAL BA 49 -36.93 48.06 16.82
CA VAL BA 49 -37.32 49.42 17.19
C VAL BA 49 -37.50 49.55 18.70
N LYS BA 50 -38.19 48.57 19.31
CA LYS BA 50 -38.40 48.63 20.75
C LYS BA 50 -37.07 48.56 21.50
N TRP BA 51 -36.19 47.67 21.07
CA TRP BA 51 -34.88 47.54 21.69
C TRP BA 51 -34.06 48.81 21.51
N ASP BA 52 -34.20 49.47 20.35
CA ASP BA 52 -33.51 50.74 20.14
C ASP BA 52 -34.00 51.80 21.11
N VAL BA 53 -35.31 51.86 21.35
CA VAL BA 53 -35.83 52.85 22.31
C VAL BA 53 -35.31 52.57 23.71
N LYS BA 54 -35.41 51.31 24.15
CA LYS BA 54 -34.90 50.95 25.47
C LYS BA 54 -33.41 51.24 25.60
N LEU BA 55 -32.66 50.90 24.56
CA LEU BA 55 -31.22 51.08 24.56
C LEU BA 55 -30.83 52.54 24.61
N LYS BA 56 -31.55 53.39 23.86
CA LYS BA 56 -31.29 54.83 23.90
C LYS BA 56 -31.57 55.41 25.28
N GLU BA 57 -32.68 55.01 25.90
CA GLU BA 57 -32.96 55.57 27.23
C GLU BA 57 -31.93 55.11 28.25
N ASP BA 58 -31.52 53.85 28.18
CA ASP BA 58 -30.49 53.36 29.10
C ASP BA 58 -29.16 54.07 28.86
N LEU BA 59 -28.83 54.32 27.59
CA LEU BA 59 -27.61 55.06 27.27
C LEU BA 59 -27.67 56.48 27.81
N ASP BA 60 -28.84 57.12 27.72
CA ASP BA 60 -28.98 58.45 28.27
C ASP BA 60 -28.75 58.44 29.79
N VAL BA 61 -29.29 57.43 30.47
CA VAL BA 61 -29.05 57.30 31.90
C VAL BA 61 -27.56 57.13 32.18
N MET BA 62 -26.88 56.29 31.40
CA MET BA 62 -25.45 56.06 31.62
C MET BA 62 -24.65 57.33 31.39
N LEU BA 63 -24.96 58.09 30.35
CA LEU BA 63 -24.26 59.35 30.11
C LEU BA 63 -24.52 60.35 31.24
N ALA BA 64 -25.75 60.40 31.74
CA ALA BA 64 -26.04 61.31 32.86
C ALA BA 64 -25.21 60.92 34.07
N LYS BA 65 -25.14 59.62 34.37
CA LYS BA 65 -24.33 59.16 35.51
C LYS BA 65 -22.85 59.49 35.32
N ALA BA 66 -22.33 59.26 34.11
CA ALA BA 66 -20.93 59.53 33.85
C ALA BA 66 -20.62 61.01 33.96
N ARG BA 67 -21.50 61.86 33.44
CA ARG BA 67 -21.30 63.31 33.54
C ARG BA 67 -21.35 63.77 34.99
N ALA BA 68 -22.29 63.24 35.78
CA ALA BA 68 -22.35 63.58 37.19
C ALA BA 68 -21.08 63.16 37.92
N ALA BA 69 -20.58 61.97 37.61
CA ALA BA 69 -19.35 61.50 38.25
C ALA BA 69 -18.16 62.37 37.86
N ASN BA 70 -18.06 62.75 36.59
CA ASN BA 70 -16.93 63.55 36.13
C ASN BA 70 -17.00 64.96 36.69
N GLU BA 71 -18.21 65.49 36.90
CA GLU BA 71 -18.35 66.83 37.44
C GLU BA 71 -17.80 66.94 38.86
N ARG BA 72 -17.74 65.84 39.60
CA ARG BA 72 -17.35 65.89 41.00
C ARG BA 72 -15.91 66.34 41.21
N ARG BA 73 -15.05 66.24 40.20
CA ARG BA 73 -13.67 66.67 40.37
C ARG BA 73 -13.56 68.17 40.60
N TYR BA 74 -14.38 68.95 39.90
CA TYR BA 74 -14.34 70.40 40.05
C TYR BA 74 -14.89 70.83 41.41
N PHE BA 75 -15.96 70.18 41.87
CA PHE BA 75 -16.59 70.53 43.12
C PHE BA 75 -16.33 69.46 44.19
N ALA CA 1 -1.62 40.20 49.12
CA ALA CA 1 -2.80 40.93 48.66
C ALA CA 1 -4.07 40.09 48.82
N SER CA 2 -3.99 38.83 48.40
CA SER CA 2 -5.14 37.94 48.52
C SER CA 2 -5.47 37.66 49.97
N GLY CA 3 -4.46 37.45 50.81
CA GLY CA 3 -4.66 37.20 52.22
C GLY CA 3 -4.56 35.75 52.65
N TRP CA 4 -4.24 34.84 51.73
CA TRP CA 4 -4.05 33.43 52.06
C TRP CA 4 -2.56 33.18 52.23
N GLY CA 5 -2.14 32.91 53.47
CA GLY CA 5 -0.75 32.70 53.74
C GLY CA 5 -0.28 31.31 53.41
N ILE CA 6 1.04 31.18 53.26
CA ILE CA 6 1.63 29.87 52.94
C ILE CA 6 1.49 28.93 54.13
N THR CA 7 1.83 29.41 55.33
CA THR CA 7 1.75 28.57 56.52
C THR CA 7 0.31 28.30 56.95
N GLY CA 8 -0.66 28.99 56.36
CA GLY CA 8 -2.05 28.81 56.71
C GLY CA 8 -2.60 29.80 57.70
N ASN CA 9 -1.84 30.84 58.06
CA ASN CA 9 -2.32 31.83 59.02
C ASN CA 9 -2.83 33.09 58.34
N LYS CA 10 -1.94 33.79 57.61
CA LYS CA 10 -2.30 35.03 56.94
C LYS CA 10 -1.13 35.56 56.13
N GLY CA 11 -1.41 36.33 55.09
CA GLY CA 11 -0.35 37.04 54.38
C GLY CA 11 0.25 38.10 55.29
N ARG CA 12 1.59 38.10 55.39
CA ARG CA 12 2.26 39.09 56.23
C ARG CA 12 2.05 40.50 55.72
N CYS CA 13 1.74 40.65 54.44
CA CYS CA 13 1.50 41.95 53.83
C CYS CA 13 0.02 42.22 53.59
N TYR CA 14 -0.87 41.39 54.14
CA TYR CA 14 -2.29 41.54 53.86
C TYR CA 14 -2.89 42.73 54.61
N ASP CA 15 -2.47 42.95 55.86
CA ASP CA 15 -3.01 44.07 56.62
C ASP CA 15 -2.62 45.41 56.00
N PHE CA 16 -1.37 45.53 55.55
CA PHE CA 16 -0.95 46.77 54.88
C PHE CA 16 -1.73 46.99 53.61
N TRP CA 17 -1.93 45.93 52.82
CA TRP CA 17 -2.71 46.07 51.60
C TRP CA 17 -4.14 46.48 51.88
N MET CA 18 -4.75 45.91 52.92
CA MET CA 18 -6.12 46.29 53.23
C MET CA 18 -6.20 47.72 53.73
N ASP CA 19 -5.22 48.18 54.49
CA ASP CA 19 -5.20 49.59 54.89
C ASP CA 19 -5.10 50.50 53.67
N PHE CA 20 -4.21 50.15 52.73
CA PHE CA 20 -4.08 50.95 51.52
C PHE CA 20 -5.36 50.95 50.70
N SER CA 21 -5.99 49.79 50.54
CA SER CA 21 -7.22 49.70 49.77
C SER CA 21 -8.34 50.47 50.43
N GLU CA 22 -8.44 50.40 51.76
CA GLU CA 22 -9.47 51.14 52.46
C GLU CA 22 -9.26 52.64 52.33
N CYS CA 23 -8.01 53.09 52.36
CA CYS CA 23 -7.75 54.50 52.12
C CYS CA 23 -8.16 54.90 50.71
N MET CA 24 -7.79 54.08 49.72
CA MET CA 24 -8.14 54.40 48.34
C MET CA 24 -9.63 54.27 48.07
N SER CA 25 -10.35 53.51 48.91
CA SER CA 25 -11.79 53.33 48.69
C SER CA 25 -12.58 54.61 48.88
N HIS CA 26 -12.02 55.60 49.56
CA HIS CA 26 -12.69 56.89 49.76
C HIS CA 26 -11.72 58.03 49.54
N CYS CA 27 -10.90 57.92 48.51
CA CYS CA 27 -9.92 58.96 48.17
C CYS CA 27 -9.82 59.01 46.64
N ARG CA 28 -10.51 60.00 46.04
CA ARG CA 28 -10.60 60.06 44.59
C ARG CA 28 -9.27 60.43 43.94
N GLU CA 29 -8.32 60.97 44.69
CA GLU CA 29 -6.99 61.24 44.16
C GLU CA 29 -5.99 60.29 44.82
N PRO CA 30 -5.13 59.64 44.05
CA PRO CA 30 -4.19 58.67 44.66
C PRO CA 30 -3.05 59.31 45.42
N LYS CA 31 -2.81 60.61 45.23
CA LYS CA 31 -1.63 61.23 45.83
C LYS CA 31 -1.78 61.46 47.32
N ASP CA 32 -3.00 61.50 47.84
CA ASP CA 32 -3.19 61.86 49.25
C ASP CA 32 -2.58 60.83 50.20
N CYS CA 33 -2.77 59.54 49.93
CA CYS CA 33 -2.19 58.49 50.75
C CYS CA 33 -1.41 57.51 49.91
N THR CA 34 -0.53 58.05 49.05
CA THR CA 34 0.47 57.21 48.38
C THR CA 34 1.47 56.61 49.38
N LEU CA 35 1.52 57.12 50.61
CA LEU CA 35 2.39 56.55 51.61
C LEU CA 35 2.03 55.10 51.92
N LEU CA 36 0.73 54.82 52.03
CA LEU CA 36 0.30 53.45 52.29
C LEU CA 36 0.65 52.53 51.12
N ARG CA 37 0.53 53.02 49.88
CA ARG CA 37 0.93 52.23 48.74
C ARG CA 37 2.42 51.92 48.77
N GLU CA 38 3.24 52.92 49.12
CA GLU CA 38 4.67 52.68 49.28
C GLU CA 38 4.92 51.66 50.39
N ASP CA 39 4.20 51.77 51.51
CA ASP CA 39 4.38 50.82 52.60
C ASP CA 39 4.05 49.40 52.16
N TYR CA 40 2.95 49.23 51.41
CA TYR CA 40 2.60 47.91 50.92
C TYR CA 40 3.66 47.38 49.95
N LEU CA 41 4.14 48.22 49.04
CA LEU CA 41 5.12 47.75 48.06
C LEU CA 41 6.42 47.34 48.71
N GLU CA 42 6.96 48.17 49.61
CA GLU CA 42 8.21 47.82 50.26
C GLU CA 42 8.01 46.81 51.39
N CYS CA 43 6.77 46.51 51.77
CA CYS CA 43 6.53 45.35 52.64
C CYS CA 43 6.68 44.06 51.85
N LEU CA 44 6.39 44.09 50.55
CA LEU CA 44 6.53 42.90 49.71
C LEU CA 44 8.00 42.53 49.54
N HIS CA 45 8.87 43.52 49.32
CA HIS CA 45 10.25 43.26 48.93
C HIS CA 45 11.28 43.73 49.95
N HIS CA 46 10.90 44.54 50.93
CA HIS CA 46 11.84 45.08 51.92
C HIS CA 46 12.99 45.82 51.24
N SER CA 47 12.64 46.70 50.30
CA SER CA 47 13.66 47.42 49.56
C SER CA 47 14.39 48.44 50.44
N LYS CA 48 13.64 49.24 51.20
CA LYS CA 48 14.25 50.33 51.96
C LYS CA 48 15.16 49.80 53.06
N GLU CA 49 14.74 48.74 53.75
CA GLU CA 49 15.58 48.16 54.80
C GLU CA 49 16.88 47.63 54.20
N PHE CA 50 16.80 46.97 53.06
CA PHE CA 50 18.00 46.44 52.42
C PHE CA 50 18.91 47.57 51.97
N GLN CA 51 18.34 48.67 51.47
CA GLN CA 51 19.15 49.83 51.11
C GLN CA 51 19.86 50.39 52.33
N ARG CA 52 19.17 50.48 53.46
CA ARG CA 52 19.79 51.00 54.68
C ARG CA 52 20.93 50.10 55.14
N ARG CA 53 20.73 48.78 55.11
CA ARG CA 53 21.79 47.88 55.50
C ARG CA 53 22.96 47.94 54.51
N ASN CA 54 22.67 48.17 53.22
CA ASN CA 54 23.74 48.38 52.26
C ASN CA 54 24.54 49.64 52.60
N ARG CA 55 23.86 50.70 53.00
CA ARG CA 55 24.57 51.91 53.41
C ARG CA 55 25.44 51.65 54.63
N ILE CA 56 24.93 50.87 55.58
CA ILE CA 56 25.73 50.52 56.76
C ILE CA 56 26.98 49.76 56.35
N TYR CA 57 26.83 48.78 55.45
CA TYR CA 57 27.99 48.03 55.00
C TYR CA 57 28.96 48.90 54.21
N LYS CA 58 28.45 49.88 53.47
CA LYS CA 58 29.33 50.82 52.77
C LYS CA 58 30.13 51.66 53.76
N GLU CA 59 29.49 52.11 54.85
CA GLU CA 59 30.22 52.82 55.89
C GLU CA 59 31.28 51.94 56.53
N GLU CA 60 30.99 50.66 56.69
CA GLU CA 60 32.02 49.72 57.12
C GLU CA 60 33.16 49.64 56.12
N GLN CA 61 32.83 49.58 54.82
CA GLN CA 61 33.83 49.32 53.80
C GLN CA 61 34.75 50.53 53.59
N ARG CA 62 34.21 51.74 53.69
CA ARG CA 62 35.01 52.93 53.41
C ARG CA 62 36.14 53.12 54.40
N LYS CA 63 36.11 52.42 55.55
CA LYS CA 63 37.16 52.54 56.54
C LYS CA 63 38.49 51.94 56.07
N LEU CA 64 38.48 51.20 54.96
CA LEU CA 64 39.71 50.63 54.41
C LEU CA 64 40.70 51.73 54.03
N MET DA 1 -19.57 27.03 54.11
CA MET DA 1 -19.35 28.10 53.15
C MET DA 1 -20.07 29.38 53.56
N ASN DA 2 -19.54 30.52 53.10
CA ASN DA 2 -20.14 31.82 53.33
C ASN DA 2 -20.71 32.32 52.00
N THR DA 3 -22.04 32.41 51.93
CA THR DA 3 -22.74 32.77 50.71
C THR DA 3 -23.55 34.05 50.95
N ASP DA 4 -23.38 35.03 50.06
CA ASP DA 4 -24.15 36.27 50.10
C ASP DA 4 -24.66 36.56 48.70
N ILE DA 5 -25.97 36.43 48.51
CA ILE DA 5 -26.61 36.67 47.22
C ILE DA 5 -27.13 38.11 47.21
N THR DA 6 -26.27 39.03 46.75
CA THR DA 6 -26.62 40.44 46.66
C THR DA 6 -26.22 40.95 45.29
N ALA DA 7 -27.21 41.31 44.49
CA ALA DA 7 -26.96 41.77 43.13
C ALA DA 7 -26.29 43.14 43.13
N LEU DA 8 -25.40 43.36 42.15
CA LEU DA 8 -24.79 44.68 41.99
C LEU DA 8 -25.83 45.73 41.64
N GLU DA 9 -26.76 45.39 40.74
CA GLU DA 9 -27.86 46.27 40.38
C GLU DA 9 -29.11 45.76 41.07
N LYS DA 10 -29.62 46.52 42.02
CA LYS DA 10 -30.73 46.07 42.85
C LYS DA 10 -32.01 45.95 42.01
N ALA DA 11 -32.96 45.18 42.53
CA ALA DA 11 -34.22 44.97 41.84
C ALA DA 11 -35.02 46.25 41.81
N GLN DA 12 -35.53 46.61 40.63
CA GLN DA 12 -36.35 47.81 40.50
C GLN DA 12 -37.76 47.56 41.01
N TYR DA 13 -38.13 46.32 41.23
CA TYR DA 13 -39.48 45.89 41.55
C TYR DA 13 -39.52 45.28 42.95
N PRO DA 14 -40.71 45.22 43.56
CA PRO DA 14 -40.78 44.69 44.93
C PRO DA 14 -40.23 43.28 45.05
N VAL DA 15 -39.55 43.01 46.15
CA VAL DA 15 -38.83 41.77 46.37
C VAL DA 15 -39.58 40.93 47.38
N VAL DA 16 -39.72 39.64 47.11
CA VAL DA 16 -40.29 38.68 48.03
C VAL DA 16 -39.37 37.47 48.11
N ASP DA 17 -38.98 37.11 49.33
CA ASP DA 17 -38.10 35.96 49.58
C ASP DA 17 -36.78 36.12 48.81
N ARG DA 18 -36.00 37.11 49.25
CA ARG DA 18 -34.77 37.48 48.57
C ARG DA 18 -33.85 36.30 48.28
N ASN DA 19 -34.00 35.20 49.01
CA ASN DA 19 -33.24 33.98 48.77
C ASN DA 19 -34.21 32.82 48.70
N PRO DA 20 -34.86 32.62 47.55
CA PRO DA 20 -35.92 31.61 47.46
C PRO DA 20 -35.36 30.20 47.36
N ALA DA 21 -36.01 29.28 48.06
CA ALA DA 21 -35.63 27.88 48.01
C ALA DA 21 -36.03 27.28 46.67
N PHE DA 22 -35.35 26.19 46.29
CA PHE DA 22 -35.58 25.56 45.00
C PHE DA 22 -37.01 25.06 44.88
N THR DA 23 -37.52 24.43 45.93
CA THR DA 23 -38.86 23.83 45.87
C THR DA 23 -39.92 24.88 45.62
N LYS DA 24 -39.82 26.04 46.27
CA LYS DA 24 -40.85 27.05 46.15
C LYS DA 24 -40.87 27.68 44.75
N VAL DA 25 -39.69 28.02 44.21
CA VAL DA 25 -39.66 28.59 42.88
C VAL DA 25 -40.07 27.57 41.83
N VAL DA 26 -39.81 26.28 42.08
CA VAL DA 26 -40.37 25.26 41.21
C VAL DA 26 -41.90 25.25 41.32
N GLY DA 27 -42.42 25.44 42.53
CA GLY DA 27 -43.85 25.51 42.73
C GLY DA 27 -44.49 26.82 42.34
N ASN DA 28 -43.70 27.82 41.99
CA ASN DA 28 -44.21 29.12 41.57
C ASN DA 28 -44.42 29.22 40.07
N PHE DA 29 -44.20 28.13 39.33
CA PHE DA 29 -44.31 28.18 37.88
C PHE DA 29 -45.72 28.55 37.46
N SER DA 30 -45.84 29.64 36.69
CA SER DA 30 -47.12 30.08 36.19
C SER DA 30 -47.41 29.41 34.85
N THR DA 31 -48.57 29.74 34.27
CA THR DA 31 -48.93 29.14 32.99
C THR DA 31 -47.99 29.55 31.87
N LEU DA 32 -47.45 30.77 31.94
CA LEU DA 32 -46.48 31.21 30.93
C LEU DA 32 -45.20 30.40 31.01
N ASP DA 33 -44.73 30.12 32.23
CA ASP DA 33 -43.53 29.31 32.38
C ASP DA 33 -43.73 27.90 31.85
N TYR DA 34 -44.88 27.30 32.14
CA TYR DA 34 -45.17 25.98 31.61
C TYR DA 34 -45.29 26.01 30.09
N LEU DA 35 -45.87 27.06 29.54
CA LEU DA 35 -46.00 27.17 28.09
C LEU DA 35 -44.65 27.28 27.42
N ARG DA 36 -43.74 28.10 27.96
CA ARG DA 36 -42.43 28.24 27.35
C ARG DA 36 -41.60 26.97 27.54
N PHE DA 37 -41.71 26.32 28.70
CA PHE DA 37 -41.08 25.01 28.89
C PHE DA 37 -41.56 24.03 27.83
N SER DA 38 -42.87 23.96 27.62
CA SER DA 38 -43.43 23.01 26.67
C SER DA 38 -43.00 23.32 25.26
N THR DA 39 -42.98 24.60 24.87
CA THR DA 39 -42.61 24.93 23.50
C THR DA 39 -41.13 24.66 23.26
N ILE DA 40 -40.28 24.93 24.25
CA ILE DA 40 -38.86 24.63 24.10
C ILE DA 40 -38.64 23.13 23.95
N THR DA 41 -39.29 22.34 24.82
CA THR DA 41 -39.15 20.89 24.74
C THR DA 41 -39.66 20.35 23.41
N GLY DA 42 -40.81 20.86 22.94
CA GLY DA 42 -41.35 20.40 21.68
C GLY DA 42 -40.46 20.75 20.50
N ILE DA 43 -39.92 21.97 20.48
CA ILE DA 43 -39.01 22.36 19.41
C ILE DA 43 -37.78 21.46 19.42
N SER DA 44 -37.23 21.19 20.60
CA SER DA 44 -36.05 20.34 20.68
C SER DA 44 -36.35 18.93 20.20
N VAL DA 45 -37.50 18.37 20.59
CA VAL DA 45 -37.86 17.02 20.15
C VAL DA 45 -38.05 16.98 18.65
N THR DA 46 -38.71 17.99 18.09
CA THR DA 46 -38.92 18.03 16.64
C THR DA 46 -37.60 18.13 15.89
N VAL DA 47 -36.68 18.97 16.38
CA VAL DA 47 -35.38 19.08 15.73
C VAL DA 47 -34.62 17.77 15.84
N GLY DA 48 -34.68 17.11 16.99
CA GLY DA 48 -34.02 15.83 17.14
C GLY DA 48 -34.54 14.78 16.18
N TYR DA 49 -35.86 14.71 16.03
CA TYR DA 49 -36.45 13.77 15.08
C TYR DA 49 -36.04 14.11 13.65
N LEU DA 50 -36.20 15.38 13.26
CA LEU DA 50 -35.97 15.76 11.87
C LEU DA 50 -34.52 15.58 11.47
N SER DA 51 -33.59 15.95 12.35
CA SER DA 51 -32.18 15.84 12.01
C SER DA 51 -31.74 14.39 11.90
N GLY DA 52 -32.22 13.52 12.78
CA GLY DA 52 -31.77 12.14 12.81
C GLY DA 52 -32.60 11.19 11.98
N ILE DA 53 -32.77 11.50 10.70
CA ILE DA 53 -33.44 10.57 9.80
C ILE DA 53 -32.45 10.13 8.72
N LYS DA 54 -31.54 11.02 8.35
CA LYS DA 54 -30.48 10.64 7.42
C LYS DA 54 -29.55 9.59 8.00
N PRO DA 55 -29.03 9.72 9.23
CA PRO DA 55 -28.24 8.62 9.79
C PRO DA 55 -29.07 7.38 10.08
N GLY DA 56 -30.38 7.52 10.23
CA GLY DA 56 -31.25 6.40 10.52
C GLY DA 56 -31.64 6.27 11.98
N ILE DA 57 -30.94 6.93 12.88
CA ILE DA 57 -31.29 6.91 14.30
C ILE DA 57 -32.41 7.92 14.56
N LYS DA 58 -33.64 7.44 14.48
CA LYS DA 58 -34.81 8.31 14.52
C LYS DA 58 -35.37 8.46 15.94
N GLY DA 59 -35.25 7.41 16.76
CA GLY DA 59 -35.73 7.44 18.12
C GLY DA 59 -34.72 7.95 19.13
N PRO DA 60 -33.50 7.40 19.09
CA PRO DA 60 -32.45 7.92 19.99
C PRO DA 60 -32.20 9.41 19.82
N SER DA 61 -32.24 9.92 18.59
CA SER DA 61 -32.12 11.36 18.39
C SER DA 61 -33.27 12.10 19.03
N MET DA 62 -34.48 11.54 18.95
CA MET DA 62 -35.62 12.13 19.64
C MET DA 62 -35.38 12.21 21.14
N VAL DA 63 -34.85 11.13 21.72
CA VAL DA 63 -34.63 11.11 23.16
C VAL DA 63 -33.56 12.12 23.57
N THR DA 64 -32.49 12.21 22.79
CA THR DA 64 -31.43 13.18 23.08
C THR DA 64 -31.95 14.61 22.99
N GLY DA 65 -32.69 14.91 21.92
CA GLY DA 65 -33.29 16.23 21.81
C GLY DA 65 -34.26 16.53 22.93
N GLY DA 66 -35.02 15.51 23.35
CA GLY DA 66 -35.94 15.69 24.46
C GLY DA 66 -35.23 16.00 25.76
N LEU DA 67 -34.12 15.30 26.03
CA LEU DA 67 -33.34 15.59 27.23
C LEU DA 67 -32.79 17.01 27.19
N ILE DA 68 -32.22 17.40 26.05
CA ILE DA 68 -31.67 18.75 25.93
C ILE DA 68 -32.75 19.80 26.12
N GLY DA 69 -33.91 19.60 25.47
CA GLY DA 69 -34.99 20.55 25.59
C GLY DA 69 -35.57 20.61 26.99
N LEU DA 70 -35.70 19.46 27.65
CA LEU DA 70 -36.19 19.46 29.03
C LEU DA 70 -35.26 20.26 29.93
N MET DA 71 -33.95 20.01 29.81
CA MET DA 71 -33.00 20.75 30.64
C MET DA 71 -33.06 22.25 30.35
N GLY DA 72 -33.04 22.62 29.07
CA GLY DA 72 -33.05 24.03 28.72
C GLY DA 72 -34.33 24.74 29.14
N GLY DA 73 -35.47 24.11 28.88
CA GLY DA 73 -36.74 24.72 29.28
C GLY DA 73 -36.88 24.83 30.79
N PHE DA 74 -36.43 23.80 31.52
CA PHE DA 74 -36.49 23.88 32.97
C PHE DA 74 -35.58 24.98 33.50
N MET DA 75 -34.38 25.12 32.93
CA MET DA 75 -33.50 26.20 33.33
C MET DA 75 -34.12 27.56 33.05
N TYR DA 76 -34.74 27.72 31.88
CA TYR DA 76 -35.36 28.99 31.53
C TYR DA 76 -36.53 29.31 32.45
N ALA DA 77 -37.39 28.33 32.71
CA ALA DA 77 -38.53 28.55 33.60
C ALA DA 77 -38.07 28.86 35.01
N TYR DA 78 -37.06 28.14 35.51
CA TYR DA 78 -36.53 28.42 36.84
C TYR DA 78 -35.94 29.80 36.91
N GLN DA 79 -35.19 30.22 35.88
CA GLN DA 79 -34.60 31.55 35.88
C GLN DA 79 -35.68 32.62 35.91
N ASN DA 80 -36.74 32.45 35.11
CA ASN DA 80 -37.82 33.43 35.09
C ASN DA 80 -38.52 33.48 36.44
N SER DA 81 -38.83 32.33 37.01
CA SER DA 81 -39.51 32.29 38.30
C SER DA 81 -38.66 32.93 39.40
N ALA DA 82 -37.36 32.61 39.42
CA ALA DA 82 -36.47 33.21 40.42
C ALA DA 82 -36.41 34.72 40.26
N GLY DA 83 -36.13 35.19 39.04
CA GLY DA 83 -36.08 36.62 38.80
C GLY DA 83 -37.38 37.31 39.15
N ARG DA 84 -38.50 36.59 39.06
CA ARG DA 84 -39.76 37.14 39.54
C ARG DA 84 -39.77 37.26 41.05
N LEU DA 85 -39.37 36.21 41.77
CA LEU DA 85 -39.34 36.29 43.22
C LEU DA 85 -38.24 37.23 43.70
N MET DA 86 -37.05 37.15 43.11
CA MET DA 86 -35.98 38.08 43.50
C MET DA 86 -36.35 39.53 43.22
N GLY DA 87 -37.33 39.78 42.35
CA GLY DA 87 -37.76 41.13 42.06
C GLY DA 87 -37.17 41.73 40.80
N PHE DA 88 -36.37 40.98 40.05
CA PHE DA 88 -35.78 41.51 38.83
C PHE DA 88 -36.77 41.56 37.67
N PHE DA 89 -37.87 40.83 37.77
CA PHE DA 89 -38.85 40.67 36.71
C PHE DA 89 -40.18 41.29 37.12
N PRO DA 90 -41.09 41.51 36.17
CA PRO DA 90 -42.31 42.28 36.51
C PRO DA 90 -43.13 41.71 37.65
N ASN DA 91 -43.14 40.38 37.82
CA ASN DA 91 -43.70 39.66 38.96
C ASN DA 91 -44.95 40.27 39.57
N ASP DA 92 -45.92 40.65 38.73
CA ASP DA 92 -47.14 41.27 39.24
C ASP DA 92 -48.07 40.26 39.91
N GLY DA 93 -47.84 38.97 39.73
CA GLY DA 93 -48.72 37.97 40.30
C GLY DA 93 -48.43 37.61 41.75
N GLU DA 94 -47.22 37.14 42.02
CA GLU DA 94 -46.91 36.71 43.38
C GLU DA 94 -46.68 37.87 44.34
N VAL DA 95 -46.53 39.10 43.83
CA VAL DA 95 -46.54 40.25 44.73
C VAL DA 95 -47.94 40.43 45.33
N ALA DA 96 -48.97 40.17 44.53
CA ALA DA 96 -50.33 40.15 45.06
C ALA DA 96 -50.58 38.91 45.89
N SER DA 97 -50.00 37.77 45.49
CA SER DA 97 -50.14 36.55 46.27
C SER DA 97 -49.50 36.69 47.65
N TYR DA 98 -48.42 37.48 47.75
CA TYR DA 98 -47.75 37.66 49.03
C TYR DA 98 -48.66 38.37 50.03
N GLN DA 99 -49.40 39.39 49.57
CA GLN DA 99 -50.24 40.17 50.47
C GLN DA 99 -51.30 39.31 51.12
N LYS DA 100 -51.91 38.40 50.36
CA LYS DA 100 -52.93 37.51 50.90
C LYS DA 100 -52.32 36.16 51.29
N TRP EA 1 -44.49 76.66 -62.93
CA TRP EA 1 -45.40 77.77 -63.21
C TRP EA 1 -46.72 77.25 -63.77
N ALA EA 2 -46.94 77.45 -65.07
CA ALA EA 2 -48.14 76.94 -65.71
C ALA EA 2 -48.20 75.42 -65.68
N THR EA 3 -47.06 74.76 -65.90
CA THR EA 3 -47.03 73.30 -65.87
C THR EA 3 -47.23 72.81 -64.43
N PRO EA 4 -47.93 71.69 -64.24
CA PRO EA 4 -48.12 71.20 -62.87
C PRO EA 4 -46.87 70.56 -62.28
N GLY EA 5 -46.17 69.74 -63.06
CA GLY EA 5 -44.94 69.14 -62.57
C GLY EA 5 -44.94 67.63 -62.56
N HIS EA 6 -44.15 67.04 -61.67
CA HIS EA 6 -44.00 65.59 -61.57
C HIS EA 6 -43.72 65.26 -60.11
N GLU EA 7 -43.24 64.03 -59.86
CA GLU EA 7 -42.88 63.57 -58.52
C GLU EA 7 -44.07 63.69 -57.56
N GLU EA 8 -45.08 62.88 -57.85
CA GLU EA 8 -46.37 62.89 -57.15
C GLU EA 8 -46.24 63.00 -55.64
N ARG EA 9 -45.23 62.36 -55.07
CA ARG EA 9 -44.98 62.40 -53.64
C ARG EA 9 -43.53 62.79 -53.39
N PRO EA 10 -43.26 63.58 -52.35
CA PRO EA 10 -41.87 63.94 -52.04
C PRO EA 10 -41.02 62.72 -51.79
N LYS EA 11 -39.77 62.79 -52.24
CA LYS EA 11 -38.87 61.65 -52.14
C LYS EA 11 -38.55 61.34 -50.67
N GLY EA 12 -38.24 60.07 -50.41
CA GLY EA 12 -37.86 59.64 -49.09
C GLY EA 12 -39.06 59.36 -48.20
N TYR EA 13 -38.76 58.72 -47.07
CA TYR EA 13 -39.77 58.37 -46.07
C TYR EA 13 -39.43 59.07 -44.76
N PHE EA 14 -40.43 59.71 -44.16
CA PHE EA 14 -40.23 60.37 -42.88
C PHE EA 14 -39.85 59.35 -41.82
N MET EA 15 -38.80 59.65 -41.05
CA MET EA 15 -38.29 58.81 -39.98
C MET EA 15 -37.83 57.44 -40.45
N ASN EA 16 -37.68 57.27 -41.77
CA ASN EA 16 -37.22 56.03 -42.38
C ASN EA 16 -38.19 54.87 -42.14
N ARG EA 17 -39.33 55.14 -41.52
CA ARG EA 17 -40.32 54.10 -41.29
C ARG EA 17 -41.14 53.90 -42.55
N THR EA 18 -41.12 52.68 -43.07
CA THR EA 18 -41.86 52.39 -44.30
C THR EA 18 -43.35 52.56 -44.05
N PRO EA 19 -44.08 53.19 -44.97
CA PRO EA 19 -45.52 53.38 -44.77
C PRO EA 19 -46.24 52.05 -44.71
N PRO EA 20 -47.19 51.91 -43.79
CA PRO EA 20 -47.96 50.66 -43.71
C PRO EA 20 -48.98 50.58 -44.83
N ALA EA 21 -49.51 49.37 -45.01
CA ALA EA 21 -50.51 49.14 -46.04
C ALA EA 21 -51.78 49.95 -45.72
N PRO EA 22 -52.53 50.36 -46.74
CA PRO EA 22 -53.74 51.15 -46.48
C PRO EA 22 -54.74 50.37 -45.64
N GLY EA 23 -55.43 51.09 -44.75
CA GLY EA 23 -56.39 50.48 -43.86
C GLY EA 23 -55.84 50.01 -42.53
N GLN EA 24 -54.52 50.04 -42.35
CA GLN EA 24 -53.89 49.67 -41.10
C GLN EA 24 -53.26 50.90 -40.46
N SER EA 25 -53.29 50.95 -39.14
CA SER EA 25 -52.67 52.05 -38.41
C SER EA 25 -51.15 51.95 -38.52
N ARG EA 26 -50.45 52.90 -37.90
CA ARG EA 26 -49.00 52.92 -37.96
C ARG EA 26 -48.35 51.92 -37.02
N LYS EA 27 -49.13 51.22 -36.21
CA LYS EA 27 -48.62 50.26 -35.22
C LYS EA 27 -47.64 50.96 -34.27
N TRP EA 28 -48.22 51.85 -33.47
CA TRP EA 28 -47.45 52.68 -32.56
C TRP EA 28 -46.47 51.85 -31.74
N GLU EA 29 -45.31 52.44 -31.46
CA GLU EA 29 -44.23 51.74 -30.81
C GLU EA 29 -44.58 51.49 -29.34
N ASP EA 30 -43.91 50.50 -28.74
CA ASP EA 30 -44.28 50.08 -27.38
C ASP EA 30 -44.04 51.19 -26.36
N TRP EA 31 -43.07 52.08 -26.59
CA TRP EA 31 -42.84 53.23 -25.74
C TRP EA 31 -43.55 54.47 -26.27
N GLU EA 32 -44.22 54.39 -27.41
CA GLU EA 32 -44.74 55.58 -28.07
C GLU EA 32 -45.75 56.29 -27.18
N LEU EA 33 -46.75 55.55 -26.69
CA LEU EA 33 -47.74 56.15 -25.80
C LEU EA 33 -47.13 56.60 -24.47
N PRO EA 34 -46.35 55.79 -23.75
CA PRO EA 34 -45.83 56.25 -22.45
C PRO EA 34 -44.96 57.49 -22.55
N CYS EA 35 -44.26 57.71 -23.66
CA CYS EA 35 -43.41 58.89 -23.80
C CYS EA 35 -44.15 60.08 -24.40
N TYR EA 36 -45.08 59.84 -25.32
CA TYR EA 36 -45.90 60.93 -25.84
C TYR EA 36 -46.79 61.52 -24.75
N ILE EA 37 -47.37 60.67 -23.90
CA ILE EA 37 -48.18 61.18 -22.79
C ILE EA 37 -47.30 61.95 -21.82
N THR EA 38 -46.07 61.49 -21.62
CA THR EA 38 -45.13 62.22 -20.78
C THR EA 38 -44.86 63.62 -21.35
N SER EA 39 -44.61 63.69 -22.65
CA SER EA 39 -44.37 64.99 -23.28
C SER EA 39 -45.59 65.89 -23.16
N PHE EA 40 -46.79 65.33 -23.37
CA PHE EA 40 -48.01 66.11 -23.28
C PHE EA 40 -48.20 66.69 -21.87
N LEU EA 41 -48.02 65.84 -20.85
CA LEU EA 41 -48.13 66.32 -19.47
C LEU EA 41 -47.07 67.38 -19.16
N THR EA 42 -45.83 67.17 -19.59
CA THR EA 42 -44.80 68.17 -19.31
C THR EA 42 -45.14 69.51 -19.95
N ILE EA 43 -45.56 69.49 -21.22
CA ILE EA 43 -45.90 70.74 -21.90
C ILE EA 43 -47.04 71.45 -21.20
N VAL EA 44 -48.10 70.70 -20.85
CA VAL EA 44 -49.25 71.38 -20.25
C VAL EA 44 -48.90 71.89 -18.85
N ILE EA 45 -48.16 71.11 -18.06
CA ILE EA 45 -47.88 71.54 -16.69
C ILE EA 45 -46.92 72.72 -16.68
N LEU EA 46 -46.02 72.81 -17.66
CA LEU EA 46 -45.19 74.00 -17.75
C LEU EA 46 -45.99 75.20 -18.25
N GLY EA 47 -46.90 74.98 -19.19
CA GLY EA 47 -47.70 76.09 -19.71
C GLY EA 47 -48.61 76.69 -18.67
N VAL EA 48 -49.30 75.86 -17.90
CA VAL EA 48 -50.29 76.35 -16.94
C VAL EA 48 -49.70 76.50 -15.54
N GLY EA 49 -48.53 75.94 -15.29
CA GLY EA 49 -47.93 76.01 -13.97
C GLY EA 49 -47.01 77.20 -13.78
N LEU EA 50 -46.14 77.45 -14.75
CA LEU EA 50 -45.20 78.56 -14.65
C LEU EA 50 -45.89 79.90 -14.80
N ASN EA 51 -47.12 79.93 -15.30
CA ASN EA 51 -47.86 81.18 -15.49
C ASN EA 51 -48.91 81.41 -14.42
N ALA EA 52 -49.58 80.36 -13.94
CA ALA EA 52 -50.54 80.50 -12.86
C ALA EA 52 -49.87 80.58 -11.49
N LYS EA 53 -48.58 80.30 -11.41
CA LYS EA 53 -47.87 80.46 -10.15
C LYS EA 53 -47.74 81.95 -9.83
N PRO EA 54 -47.84 82.34 -8.55
CA PRO EA 54 -47.72 83.75 -8.21
C PRO EA 54 -46.36 84.30 -8.56
N ASP EA 55 -46.33 85.56 -9.00
CA ASP EA 55 -45.08 86.20 -9.39
C ASP EA 55 -44.34 86.72 -8.17
N LEU EA 56 -44.13 85.84 -7.18
CA LEU EA 56 -43.39 86.20 -5.98
C LEU EA 56 -41.90 85.95 -6.21
N SER EA 57 -41.10 86.95 -5.88
CA SER EA 57 -39.65 86.92 -6.10
C SER EA 57 -39.05 88.09 -5.34
N ILE EA 58 -37.75 88.32 -5.53
CA ILE EA 58 -37.11 89.47 -4.91
C ILE EA 58 -37.02 90.65 -5.86
N GLU EA 59 -37.16 90.44 -7.17
CA GLU EA 59 -37.18 91.57 -8.10
C GLU EA 59 -38.44 92.41 -7.92
N THR EA 60 -39.61 91.78 -7.88
CA THR EA 60 -40.86 92.52 -7.78
C THR EA 60 -41.02 93.14 -6.39
N TRP EA 61 -40.63 92.41 -5.35
CA TRP EA 61 -40.69 92.95 -4.00
C TRP EA 61 -39.78 94.17 -3.87
N ALA EA 62 -38.56 94.08 -4.40
CA ALA EA 62 -37.66 95.22 -4.40
C ALA EA 62 -38.22 96.36 -5.24
N HIS EA 63 -38.92 96.04 -6.33
CA HIS EA 63 -39.53 97.08 -7.15
C HIS EA 63 -40.58 97.85 -6.36
N GLN EA 64 -41.48 97.13 -5.69
CA GLN EA 64 -42.51 97.79 -4.89
C GLN EA 64 -41.89 98.61 -3.77
N LYS EA 65 -40.89 98.06 -3.08
CA LYS EA 65 -40.30 98.78 -1.96
C LYS EA 65 -39.45 99.96 -2.42
N ALA EA 66 -38.93 99.91 -3.65
CA ALA EA 66 -38.19 101.06 -4.17
C ALA EA 66 -39.13 102.17 -4.62
N LEU EA 67 -40.28 101.81 -5.21
CA LEU EA 67 -41.29 102.82 -5.52
C LEU EA 67 -41.81 103.48 -4.25
N GLU EA 68 -42.07 102.68 -3.20
CA GLU EA 68 -42.65 103.27 -1.99
C GLU EA 68 -41.64 104.12 -1.24
N ARG EA 69 -40.35 103.79 -1.36
CA ARG EA 69 -39.33 104.47 -0.55
C ARG EA 69 -38.74 105.70 -1.23
N LEU EA 70 -38.71 105.70 -2.57
CA LEU EA 70 -38.09 106.82 -3.28
C LEU EA 70 -38.90 108.11 -3.12
N GLU EA 71 -40.19 108.01 -2.81
CA GLU EA 71 -41.02 109.20 -2.72
C GLU EA 71 -40.61 110.09 -1.54
N MET EA 72 -40.18 109.52 -0.43
CA MET EA 72 -39.73 110.30 0.70
C MET EA 72 -38.36 110.91 0.42
N GLY FA 1 -65.56 76.82 -14.45
CA GLY FA 1 -64.80 77.98 -14.88
C GLY FA 1 -63.83 77.68 -16.00
N PHE FA 2 -62.67 78.34 -15.98
CA PHE FA 2 -61.63 78.14 -16.98
C PHE FA 2 -60.38 77.64 -16.25
N ILE FA 3 -59.33 77.33 -17.00
CA ILE FA 3 -58.22 76.57 -16.45
C ILE FA 3 -57.43 77.39 -15.43
N MET FA 4 -57.08 78.64 -15.79
CA MET FA 4 -56.14 79.38 -14.95
C MET FA 4 -56.74 79.79 -13.62
N GLU FA 5 -58.04 80.10 -13.57
CA GLU FA 5 -58.65 80.48 -12.30
C GLU FA 5 -58.58 79.36 -11.27
N PHE FA 6 -58.44 78.12 -11.71
CA PHE FA 6 -58.30 76.98 -10.82
C PHE FA 6 -56.85 76.59 -10.60
N ALA FA 7 -56.02 76.66 -11.64
CA ALA FA 7 -54.61 76.35 -11.48
C ALA FA 7 -53.93 77.33 -10.54
N GLU FA 8 -54.37 78.59 -10.55
CA GLU FA 8 -53.78 79.58 -9.65
C GLU FA 8 -53.90 79.14 -8.19
N ASN FA 9 -55.13 79.03 -7.69
CA ASN FA 9 -55.29 78.66 -6.29
C ASN FA 9 -54.83 77.22 -6.03
N LEU FA 10 -54.80 76.36 -7.06
CA LEU FA 10 -54.20 75.05 -6.86
C LEU FA 10 -52.72 75.16 -6.50
N VAL FA 11 -51.98 75.97 -7.26
CA VAL FA 11 -50.57 76.19 -6.95
C VAL FA 11 -50.42 76.87 -5.60
N LEU FA 12 -51.32 77.80 -5.28
CA LEU FA 12 -51.25 78.47 -3.99
C LEU FA 12 -51.45 77.51 -2.83
N ARG FA 13 -52.39 76.56 -2.96
CA ARG FA 13 -52.51 75.50 -1.96
C ARG FA 13 -51.27 74.63 -1.91
N LEU FA 14 -50.68 74.34 -3.07
CA LEU FA 14 -49.50 73.50 -3.12
C LEU FA 14 -48.33 74.12 -2.36
N MET FA 15 -48.17 75.44 -2.50
CA MET FA 15 -47.10 76.12 -1.77
C MET FA 15 -47.43 76.20 -0.28
N GLU FA 16 -46.37 76.35 0.52
CA GLU FA 16 -46.45 76.20 1.97
C GLU FA 16 -46.41 77.57 2.66
N ASN FA 17 -46.53 77.52 3.98
CA ASN FA 17 -46.44 78.74 4.78
C ASN FA 17 -44.98 79.13 4.97
N PRO FA 18 -44.58 80.31 4.50
CA PRO FA 18 -43.18 80.73 4.72
C PRO FA 18 -42.89 81.11 6.16
N GLU FA 19 -43.87 81.68 6.87
CA GLU FA 19 -43.67 82.00 8.28
C GLU FA 19 -43.36 80.74 9.09
N GLU FA 20 -44.07 79.65 8.81
CA GLU FA 20 -43.76 78.37 9.44
C GLU FA 20 -42.35 77.92 9.06
N ARG FA 21 -41.97 78.10 7.79
CA ARG FA 21 -40.64 77.69 7.35
C ARG FA 21 -39.55 78.48 8.06
N ASP FA 22 -39.72 79.81 8.18
CA ASP FA 22 -38.73 80.63 8.86
C ASP FA 22 -38.64 80.27 10.34
N ARG FA 23 -39.80 80.09 11.00
CA ARG FA 23 -39.79 79.70 12.41
C ARG FA 23 -39.09 78.36 12.59
N LYS FA 24 -39.40 77.38 11.74
CA LYS FA 24 -38.76 76.07 11.85
C LYS FA 24 -37.26 76.17 11.59
N ALA FA 25 -36.85 77.03 10.65
CA ALA FA 25 -35.43 77.18 10.37
C ALA FA 25 -34.68 77.74 11.57
N ARG FA 26 -35.18 78.84 12.14
CA ARG FA 26 -34.50 79.43 13.30
C ARG FA 26 -34.52 78.47 14.48
N GLU FA 27 -35.63 77.79 14.70
CA GLU FA 27 -35.70 76.78 15.75
C GLU FA 27 -34.62 75.71 15.52
N HIS FA 28 -34.69 75.02 14.38
CA HIS FA 28 -33.74 73.95 14.08
C HIS FA 28 -32.31 74.41 14.28
N ILE FA 29 -31.99 75.63 13.87
CA ILE FA 29 -30.65 76.16 14.13
C ILE FA 29 -30.38 76.23 15.63
N TYR FA 30 -31.34 76.73 16.41
CA TYR FA 30 -31.12 76.88 17.85
C TYR FA 30 -30.86 75.53 18.53
N GLU FA 31 -31.76 74.56 18.35
CA GLU FA 31 -31.53 73.27 19.00
C GLU FA 31 -30.35 72.52 18.40
N MET FA 32 -30.06 72.67 17.10
CA MET FA 32 -28.89 72.02 16.56
C MET FA 32 -27.61 72.56 17.17
N HIS FA 33 -27.53 73.88 17.38
CA HIS FA 33 -26.33 74.44 17.99
C HIS FA 33 -26.22 74.04 19.47
N GLU FA 34 -27.35 74.01 20.17
CA GLU FA 34 -27.32 73.56 21.57
C GLU FA 34 -26.86 72.11 21.68
N ARG FA 35 -27.39 71.25 20.81
CA ARG FA 35 -26.97 69.84 20.80
C ARG FA 35 -25.52 69.70 20.38
N CYS FA 36 -25.04 70.57 19.48
CA CYS FA 36 -23.64 70.57 19.10
C CYS FA 36 -22.75 70.87 20.30
N LYS FA 37 -23.13 71.87 21.09
CA LYS FA 37 -22.38 72.18 22.31
C LYS FA 37 -22.42 71.00 23.28
N LYS FA 38 -23.59 70.34 23.39
CA LYS FA 38 -23.70 69.18 24.27
C LYS FA 38 -22.77 68.06 23.85
N ILE FA 39 -22.71 67.76 22.56
CA ILE FA 39 -21.83 66.69 22.08
C ILE FA 39 -20.37 67.08 22.24
N LYS FA 40 -20.05 68.37 22.04
CA LYS FA 40 -18.68 68.81 22.28
C LYS FA 40 -18.29 68.61 23.74
N GLU FA 41 -19.19 68.90 24.66
CA GLU FA 41 -18.93 68.62 26.07
C GLU FA 41 -18.76 67.13 26.31
N MET FA 42 -19.60 66.31 25.69
CA MET FA 42 -19.56 64.86 25.92
C MET FA 42 -18.24 64.27 25.45
N TRP FA 43 -17.73 64.73 24.31
CA TRP FA 43 -16.46 64.20 23.82
C TRP FA 43 -15.28 64.57 24.71
N ALA FA 44 -15.45 65.50 25.64
CA ALA FA 44 -14.37 65.91 26.53
C ALA FA 44 -14.19 64.97 27.72
N LEU FA 45 -15.11 64.04 27.95
CA LEU FA 45 -15.01 63.15 29.09
C LEU FA 45 -13.81 62.23 28.95
N PRO FA 46 -12.95 62.11 29.96
CA PRO FA 46 -11.84 61.17 29.89
C PRO FA 46 -12.32 59.72 29.92
N ILE FA 47 -11.48 58.83 29.40
CA ILE FA 47 -11.82 57.41 29.41
C ILE FA 47 -11.91 56.89 30.84
N ARG FA 48 -11.04 57.36 31.73
CA ARG FA 48 -11.07 56.90 33.11
C ARG FA 48 -11.72 57.95 33.99
N PRO FA 49 -12.88 57.66 34.57
CA PRO FA 49 -13.55 58.67 35.40
C PRO FA 49 -12.73 59.01 36.63
N TYR FA 50 -13.01 60.19 37.20
CA TYR FA 50 -12.23 60.68 38.33
C TYR FA 50 -12.36 59.75 39.53
N GLY FA 51 -13.57 59.27 39.82
CA GLY FA 51 -13.75 58.36 40.93
C GLY FA 51 -13.13 56.99 40.69
N PHE FA 52 -13.67 56.26 39.71
CA PHE FA 52 -13.16 54.94 39.32
C PHE FA 52 -13.21 54.03 40.53
N TRP FA 53 -12.11 53.80 41.24
CA TRP FA 53 -12.08 52.84 42.33
C TRP FA 53 -13.08 53.19 43.43
N THR FA 54 -13.43 54.47 43.55
CA THR FA 54 -14.41 54.91 44.54
C THR FA 54 -15.76 54.28 44.29
N PHE FA 55 -16.04 53.92 43.04
CA PHE FA 55 -17.32 53.30 42.70
C PHE FA 55 -17.50 51.98 43.43
N GLU FA 56 -18.73 51.72 43.86
CA GLU FA 56 -18.99 50.54 44.68
C GLU FA 56 -18.75 49.25 43.91
N ARG FA 57 -18.99 49.27 42.59
CA ARG FA 57 -18.75 48.08 41.79
C ARG FA 57 -17.27 47.79 41.58
N HIS FA 58 -16.39 48.76 41.87
CA HIS FA 58 -14.96 48.61 41.65
C HIS FA 58 -14.20 48.34 42.94
N ASN FA 59 -14.88 47.93 44.01
CA ASN FA 59 -14.21 47.52 45.23
C ASN FA 59 -14.32 46.02 45.46
N ALA FA 60 -15.54 45.49 45.58
CA ALA FA 60 -15.81 44.07 45.48
C ALA FA 60 -15.06 43.23 46.52
N GLN FA 61 -14.29 43.88 47.39
CA GLN FA 61 -13.48 43.18 48.37
C GLN FA 61 -13.54 43.78 49.76
N LEU FA 62 -13.89 45.06 49.90
CA LEU FA 62 -14.01 45.64 51.23
C LEU FA 62 -15.23 45.12 51.97
N ARG FA 63 -16.22 44.58 51.27
CA ARG FA 63 -17.40 43.99 51.90
C ARG FA 63 -17.48 42.48 51.69
N TRP FA 64 -16.44 41.87 51.13
CA TRP FA 64 -16.35 40.43 51.02
C TRP FA 64 -15.35 39.82 51.99
N ASP FA 65 -14.18 40.44 52.13
CA ASP FA 65 -13.18 39.94 53.07
C ASP FA 65 -13.65 39.93 54.52
N PRO FA 66 -14.34 40.97 55.04
CA PRO FA 66 -14.72 40.94 56.47
C PRO FA 66 -15.51 39.70 56.87
N GLN FA 67 -16.34 39.16 55.97
CA GLN FA 67 -17.07 37.94 56.25
C GLN FA 67 -16.26 36.69 55.93
N ILE FA 68 -15.01 36.85 55.49
CA ILE FA 68 -14.13 35.72 55.23
C ILE FA 68 -12.97 35.65 56.22
N SER FA 69 -12.65 36.75 56.91
CA SER FA 69 -11.50 36.79 57.80
C SER FA 69 -11.68 35.91 59.03
N GLN FA 70 -12.79 35.17 59.11
CA GLN FA 70 -13.02 34.23 60.19
C GLN FA 70 -12.77 32.79 59.80
N VAL FA 71 -12.64 32.49 58.51
CA VAL FA 71 -12.45 31.11 58.08
C VAL FA 71 -11.00 30.70 58.30
N ALA FA 72 -10.79 29.39 58.38
CA ALA FA 72 -9.45 28.86 58.58
C ALA FA 72 -8.59 29.13 57.34
N GLY FA 73 -7.34 29.51 57.58
CA GLY FA 73 -6.44 29.88 56.51
C GLY FA 73 -6.30 31.36 56.27
N ARG FA 74 -6.98 32.20 57.06
CA ARG FA 74 -6.89 33.64 56.90
C ARG FA 74 -6.82 34.38 58.23
N ARG FA 75 -6.77 33.67 59.35
CA ARG FA 75 -6.89 34.30 60.67
C ARG FA 75 -5.53 34.76 61.18
N ASP FA 76 -5.52 35.93 61.81
CA ASP FA 76 -4.34 36.39 62.52
C ASP FA 76 -3.98 35.37 63.60
N PRO FA 77 -2.71 34.94 63.69
CA PRO FA 77 -2.33 33.95 64.70
C PRO FA 77 -2.89 34.20 66.09
N TYR FA 78 -3.00 35.47 66.49
CA TYR FA 78 -3.60 35.80 67.78
C TYR FA 78 -5.11 35.95 67.69
N ASP FA 79 -5.78 34.94 67.13
CA ASP FA 79 -7.24 34.92 67.13
C ASP FA 79 -7.75 33.62 67.75
N ASP FA 80 -7.11 32.50 67.40
CA ASP FA 80 -7.53 31.21 67.96
C ASP FA 80 -7.03 31.00 69.38
N LEU FA 81 -6.01 31.75 69.80
CA LEU FA 81 -5.42 31.54 71.12
C LEU FA 81 -6.33 32.04 72.23
N LEU FA 82 -6.92 33.22 72.07
CA LEU FA 82 -7.76 33.82 73.09
C LEU FA 82 -9.25 33.73 72.77
N GLU FA 83 -9.62 32.97 71.75
CA GLU FA 83 -11.03 32.75 71.44
C GLU FA 83 -11.68 31.73 72.35
N ASP FA 84 -10.88 30.90 73.02
CA ASP FA 84 -11.44 29.87 73.90
C ASP FA 84 -12.26 30.47 75.03
N ASN FA 85 -11.82 31.61 75.57
CA ASN FA 85 -12.55 32.29 76.62
C ASN FA 85 -12.93 33.71 76.19
N GLY GA 1 -28.69 82.75 -84.41
CA GLY GA 1 -28.81 83.59 -85.59
C GLY GA 1 -28.06 83.06 -86.79
N ILE GA 2 -26.94 83.70 -87.13
CA ILE GA 2 -26.11 83.30 -88.26
C ILE GA 2 -24.71 83.01 -87.75
N THR GA 3 -23.96 82.23 -88.54
CA THR GA 3 -22.61 81.82 -88.19
C THR GA 3 -21.63 82.41 -89.18
N TYR GA 4 -20.45 82.80 -88.69
CA TYR GA 4 -19.41 83.34 -89.56
C TYR GA 4 -18.65 82.22 -90.25
N LYS GA 5 -17.95 81.38 -89.47
CA LYS GA 5 -17.35 80.16 -90.00
C LYS GA 5 -17.39 79.03 -88.99
N GLY GA 6 -18.38 79.03 -88.10
CA GLY GA 6 -18.48 77.98 -87.11
C GLY GA 6 -18.95 78.47 -85.75
N VAL GA 7 -19.16 79.78 -85.62
CA VAL GA 7 -19.68 80.38 -84.39
C VAL GA 7 -20.93 81.18 -84.74
N THR GA 8 -22.03 80.87 -84.05
CA THR GA 8 -23.29 81.56 -84.27
C THR GA 8 -23.81 82.08 -82.94
N VAL GA 9 -24.35 83.29 -82.95
CA VAL GA 9 -24.82 83.95 -81.74
C VAL GA 9 -26.29 84.33 -81.94
N HIS GA 10 -27.08 84.14 -80.88
CA HIS GA 10 -28.48 84.56 -80.92
C HIS GA 10 -28.58 86.07 -81.01
N THR GA 11 -29.56 86.53 -81.76
CA THR GA 11 -29.76 87.98 -81.90
C THR GA 11 -30.15 88.58 -80.56
N PRO GA 12 -29.53 89.68 -80.14
CA PRO GA 12 -29.93 90.33 -78.89
C PRO GA 12 -31.40 90.75 -78.94
N LYS GA 13 -32.08 90.62 -77.81
CA LYS GA 13 -33.51 90.85 -77.75
C LYS GA 13 -33.83 92.33 -77.97
N THR GA 14 -34.97 92.57 -78.63
CA THR GA 14 -35.38 93.94 -78.93
C THR GA 14 -35.67 94.71 -77.65
N TRP GA 15 -36.33 94.07 -76.69
CA TRP GA 15 -36.67 94.70 -75.42
C TRP GA 15 -35.46 94.92 -74.51
N HIS GA 16 -34.26 94.55 -74.95
CA HIS GA 16 -33.07 94.83 -74.16
C HIS GA 16 -32.26 96.00 -74.73
N THR GA 17 -31.94 95.94 -76.02
CA THR GA 17 -31.16 97.00 -76.65
C THR GA 17 -31.90 98.34 -76.64
N VAL GA 18 -33.21 98.31 -76.86
CA VAL GA 18 -34.00 99.55 -76.88
C VAL GA 18 -33.96 100.23 -75.51
N THR GA 19 -34.21 99.47 -74.45
CA THR GA 19 -34.17 100.04 -73.10
C THR GA 19 -32.76 100.50 -72.75
N GLY GA 20 -31.74 99.74 -73.13
CA GLY GA 20 -30.38 100.16 -72.85
C GLY GA 20 -30.05 101.50 -73.49
N LYS GA 21 -30.39 101.63 -74.78
CA LYS GA 21 -30.12 102.88 -75.49
C LYS GA 21 -30.91 104.04 -74.89
N GLY GA 22 -32.20 103.83 -74.65
CA GLY GA 22 -33.02 104.91 -74.11
C GLY GA 22 -32.60 105.33 -72.72
N LEU GA 23 -32.25 104.37 -71.86
CA LEU GA 23 -31.84 104.70 -70.51
C LEU GA 23 -30.48 105.38 -70.49
N CYS GA 24 -29.57 104.96 -71.37
CA CYS GA 24 -28.31 105.68 -71.50
C CYS GA 24 -28.55 107.11 -71.96
N ALA GA 25 -29.47 107.30 -72.90
CA ALA GA 25 -29.79 108.65 -73.37
C ALA GA 25 -30.36 109.50 -72.25
N VAL GA 26 -31.27 108.93 -71.43
CA VAL GA 26 -31.89 109.73 -70.39
C VAL GA 26 -30.90 110.06 -69.27
N MET GA 27 -29.98 109.13 -68.95
CA MET GA 27 -28.99 109.49 -67.93
C MET GA 27 -27.99 110.51 -68.46
N TRP GA 28 -27.65 110.44 -69.75
CA TRP GA 28 -26.82 111.49 -70.35
C TRP GA 28 -27.53 112.84 -70.28
N PHE GA 29 -28.83 112.86 -70.59
CA PHE GA 29 -29.60 114.10 -70.49
C PHE GA 29 -29.62 114.62 -69.06
N TRP GA 30 -29.81 113.74 -68.09
CA TRP GA 30 -29.83 114.17 -66.69
C TRP GA 30 -28.48 114.74 -66.27
N ILE GA 31 -27.39 114.10 -66.70
CA ILE GA 31 -26.05 114.58 -66.37
C ILE GA 31 -25.84 115.97 -66.97
N LEU GA 32 -26.20 116.13 -68.24
CA LEU GA 32 -25.99 117.42 -68.90
C LEU GA 32 -26.87 118.52 -68.30
N TYR GA 33 -28.11 118.17 -67.93
CA TYR GA 33 -28.98 119.15 -67.28
C TYR GA 33 -28.44 119.55 -65.92
N ARG GA 34 -27.92 118.59 -65.15
CA ARG GA 34 -27.33 118.92 -63.86
C ARG GA 34 -26.10 119.80 -64.06
N ALA GA 35 -25.33 119.54 -65.11
CA ALA GA 35 -24.20 120.41 -65.44
C ALA GA 35 -24.65 121.82 -65.78
N LYS GA 36 -25.78 121.95 -66.49
CA LYS GA 36 -26.27 123.28 -66.86
C LYS GA 36 -26.71 124.08 -65.64
N GLN GA 37 -27.34 123.41 -64.66
CA GLN GA 37 -27.94 124.13 -63.54
C GLN GA 37 -26.91 124.53 -62.49
N ASP GA 38 -26.25 123.55 -61.88
CA ASP GA 38 -25.35 123.79 -60.76
C ASP GA 38 -23.89 123.54 -61.12
N GLY GA 39 -23.55 123.61 -62.40
CA GLY GA 39 -22.18 123.47 -62.83
C GLY GA 39 -21.23 124.52 -62.28
N PRO GA 40 -21.61 125.80 -62.39
CA PRO GA 40 -20.77 126.85 -61.80
C PRO GA 40 -20.68 126.80 -60.29
N VAL GA 41 -21.60 126.10 -59.62
CA VAL GA 41 -21.59 126.06 -58.16
C VAL GA 41 -20.40 125.24 -57.66
N VAL GA 42 -20.14 124.10 -58.29
CA VAL GA 42 -19.10 123.19 -57.81
C VAL GA 42 -17.75 123.53 -58.42
N MET GA 43 -17.74 124.38 -59.44
CA MET GA 43 -16.48 124.81 -60.05
C MET GA 43 -16.06 126.21 -59.61
N GLY GA 44 -16.74 126.82 -58.65
CA GLY GA 44 -16.35 128.12 -58.17
C GLY GA 44 -16.62 129.26 -59.11
N TRP GA 45 -17.27 129.01 -60.24
CA TRP GA 45 -17.58 130.09 -61.18
C TRP GA 45 -18.56 131.08 -60.57
N ARG GA 46 -19.55 130.57 -59.83
CA ARG GA 46 -20.47 131.43 -59.11
C ARG GA 46 -21.03 130.67 -57.91
N HIS GA 47 -21.18 131.38 -56.81
CA HIS GA 47 -21.69 130.86 -55.55
C HIS GA 47 -23.20 130.87 -55.53
N PRO GA 48 -23.83 129.96 -54.78
CA PRO GA 48 -25.29 129.88 -54.79
C PRO GA 48 -25.97 131.01 -54.04
N TRP GA 49 -25.70 132.25 -54.45
CA TRP GA 49 -26.29 133.45 -53.85
C TRP GA 49 -26.21 133.39 -52.33
N ASP GA 50 -24.97 133.37 -51.82
CA ASP GA 50 -24.73 133.34 -50.38
C ASP GA 50 -23.62 134.29 -49.97
N GLY GA 51 -23.29 135.26 -50.81
CA GLY GA 51 -22.24 136.21 -50.50
C GLY GA 51 -22.18 137.38 -51.46
N PRO HA 1 1.89 87.03 -86.88
CA PRO HA 1 2.35 87.07 -88.27
C PRO HA 1 3.31 85.94 -88.58
N LEU HA 2 4.39 86.27 -89.30
CA LEU HA 2 5.40 85.27 -89.60
C LEU HA 2 6.12 84.84 -88.33
N GLY HA 3 6.57 83.59 -88.32
CA GLY HA 3 7.17 83.01 -87.13
C GLY HA 3 6.80 81.56 -86.94
N THR HA 4 5.99 81.03 -87.87
CA THR HA 4 5.61 79.62 -87.98
C THR HA 4 4.59 79.21 -86.92
N THR HA 5 4.27 80.07 -85.97
CA THR HA 5 3.15 79.79 -85.07
C THR HA 5 2.16 80.94 -84.90
N GLY HA 6 2.58 82.20 -85.09
CA GLY HA 6 1.63 83.29 -85.03
C GLY HA 6 0.59 83.22 -86.13
N GLU HA 7 1.04 82.95 -87.36
CA GLU HA 7 0.10 82.78 -88.47
C GLU HA 7 -0.82 81.60 -88.23
N PHE HA 8 -0.30 80.53 -87.63
CA PHE HA 8 -1.12 79.35 -87.37
C PHE HA 8 -2.29 79.69 -86.45
N PHE HA 9 -2.02 80.47 -85.40
CA PHE HA 9 -3.10 80.90 -84.52
C PHE HA 9 -4.10 81.79 -85.25
N ARG HA 10 -3.60 82.73 -86.06
CA ARG HA 10 -4.46 83.67 -86.75
C ARG HA 10 -5.41 82.97 -87.71
N ARG HA 11 -4.92 81.97 -88.44
CA ARG HA 11 -5.70 81.34 -89.48
C ARG HA 11 -6.95 80.66 -88.92
N ARG HA 12 -6.81 79.95 -87.81
CA ARG HA 12 -7.94 79.18 -87.29
C ARG HA 12 -9.00 80.08 -86.65
N ASP HA 13 -8.58 81.16 -85.98
CA ASP HA 13 -9.50 82.03 -85.28
C ASP HA 13 -9.85 83.29 -86.07
N GLU HA 14 -9.96 83.17 -87.39
CA GLU HA 14 -10.44 84.31 -88.18
C GLU HA 14 -11.89 84.64 -87.87
N TRP HA 15 -12.63 83.71 -87.24
CA TRP HA 15 -13.97 83.99 -86.76
C TRP HA 15 -13.98 84.99 -85.62
N ARG HA 16 -12.82 85.29 -85.02
CA ARG HA 16 -12.77 86.27 -83.93
C ARG HA 16 -13.28 87.62 -84.39
N LYS HA 17 -13.20 87.91 -85.69
CA LYS HA 17 -13.71 89.18 -86.20
C LYS HA 17 -15.20 89.30 -85.96
N HIS HA 18 -16.00 88.48 -86.66
CA HIS HA 18 -17.46 88.55 -86.62
C HIS HA 18 -17.86 90.02 -86.74
N PRO HA 19 -17.77 90.62 -87.94
CA PRO HA 19 -17.79 92.08 -88.09
C PRO HA 19 -18.68 92.86 -87.14
N MET HA 20 -19.83 92.29 -86.77
CA MET HA 20 -20.71 92.95 -85.81
C MET HA 20 -20.02 93.18 -84.46
N LEU HA 21 -18.98 92.41 -84.15
CA LEU HA 21 -18.29 92.52 -82.88
C LEU HA 21 -16.77 92.57 -83.02
N SER HA 22 -16.27 92.82 -84.24
CA SER HA 22 -14.82 92.92 -84.43
C SER HA 22 -14.25 94.14 -83.71
N ASN HA 23 -14.99 95.25 -83.71
CA ASN HA 23 -14.53 96.48 -83.06
C ASN HA 23 -15.76 97.21 -82.49
N GLN HA 24 -16.04 96.96 -81.21
CA GLN HA 24 -17.14 97.63 -80.54
C GLN HA 24 -16.72 98.98 -80.00
N MET HA 25 -16.11 99.80 -80.85
CA MET HA 25 -15.66 101.13 -80.47
C MET HA 25 -16.68 102.22 -80.79
N ARG HA 26 -17.60 101.96 -81.71
CA ARG HA 26 -18.67 102.92 -82.00
C ARG HA 26 -19.67 103.00 -80.87
N HIS HA 27 -19.84 101.91 -80.11
CA HIS HA 27 -20.87 101.81 -79.09
C HIS HA 27 -20.29 101.89 -77.67
N ALA HA 28 -19.24 102.69 -77.48
CA ALA HA 28 -18.72 102.91 -76.14
C ALA HA 28 -19.75 103.60 -75.26
N LEU HA 29 -20.46 104.59 -75.80
CA LEU HA 29 -21.54 105.29 -75.12
C LEU HA 29 -22.77 105.21 -76.02
N PRO HA 30 -23.55 104.12 -75.94
CA PRO HA 30 -24.65 103.93 -76.89
C PRO HA 30 -25.72 105.01 -76.83
N GLY HA 31 -25.97 105.59 -75.66
CA GLY HA 31 -27.01 106.60 -75.52
C GLY HA 31 -26.58 108.01 -75.82
N ILE HA 32 -25.34 108.24 -76.24
CA ILE HA 32 -24.89 109.60 -76.56
C ILE HA 32 -25.34 110.06 -77.93
N GLY HA 33 -25.78 109.14 -78.80
CA GLY HA 33 -26.32 109.55 -80.08
C GLY HA 33 -27.68 110.20 -79.97
N ILE HA 34 -28.48 109.83 -78.98
CA ILE HA 34 -29.79 110.40 -78.76
C ILE HA 34 -29.82 111.32 -77.54
N GLY HA 35 -28.99 111.06 -76.53
CA GLY HA 35 -29.04 111.86 -75.32
C GLY HA 35 -28.65 113.31 -75.57
N VAL HA 36 -27.55 113.53 -76.31
CA VAL HA 36 -27.13 114.89 -76.58
C VAL HA 36 -28.14 115.60 -77.47
N GLY HA 37 -28.77 114.87 -78.40
CA GLY HA 37 -29.79 115.49 -79.23
C GLY HA 37 -31.00 115.92 -78.41
N ALA HA 38 -31.46 115.06 -77.51
CA ALA HA 38 -32.57 115.43 -76.63
C ALA HA 38 -32.20 116.62 -75.76
N PHE HA 39 -30.97 116.62 -75.21
CA PHE HA 39 -30.54 117.72 -74.35
C PHE HA 39 -30.49 119.03 -75.12
N CYS HA 40 -29.96 119.01 -76.35
CA CYS HA 40 -29.86 120.26 -77.11
C CYS HA 40 -31.23 120.73 -77.57
N VAL HA 41 -32.12 119.80 -77.93
CA VAL HA 41 -33.48 120.19 -78.31
C VAL HA 41 -34.20 120.84 -77.14
N TYR HA 42 -34.06 120.25 -75.94
CA TYR HA 42 -34.64 120.89 -74.76
C TYR HA 42 -34.00 122.23 -74.46
N LEU HA 43 -32.68 122.34 -74.69
CA LEU HA 43 -31.99 123.60 -74.44
C LEU HA 43 -32.52 124.70 -75.36
N VAL HA 44 -32.74 124.40 -76.64
CA VAL HA 44 -33.26 125.38 -77.57
C VAL HA 44 -34.79 125.47 -77.53
N GLY HA 45 -35.46 124.51 -76.90
CA GLY HA 45 -36.91 124.51 -76.83
C GLY HA 45 -37.46 125.30 -75.67
N GLU HA 46 -36.83 125.17 -74.50
CA GLU HA 46 -37.27 125.93 -73.33
C GLU HA 46 -37.01 127.42 -73.51
N GLN HA 47 -35.92 127.77 -74.19
CA GLN HA 47 -35.60 129.17 -74.43
C GLN HA 47 -36.36 129.71 -75.65
N TYR IA 1 10.09 83.15 -46.11
CA TYR IA 1 10.89 84.14 -45.39
C TYR IA 1 10.99 85.43 -46.18
N GLU IA 2 11.09 85.30 -47.51
CA GLU IA 2 11.14 86.49 -48.36
C GLU IA 2 9.85 87.29 -48.27
N ALA IA 3 8.71 86.60 -48.18
CA ALA IA 3 7.42 87.28 -48.08
C ALA IA 3 7.29 88.04 -46.77
N LEU IA 4 7.98 87.59 -45.71
CA LEU IA 4 7.91 88.28 -44.43
C LEU IA 4 8.44 89.70 -44.52
N ALA IA 5 9.57 89.88 -45.22
CA ALA IA 5 10.19 91.20 -45.30
C ALA IA 5 9.28 92.21 -45.99
N TRP IA 6 8.42 91.76 -46.89
CA TRP IA 6 7.49 92.67 -47.55
C TRP IA 6 6.49 93.25 -46.56
N LEU IA 7 6.01 92.43 -45.61
CA LEU IA 7 5.10 92.94 -44.59
C LEU IA 7 5.79 93.98 -43.72
N SER IA 8 7.02 93.69 -43.27
CA SER IA 8 7.78 94.70 -42.54
C SER IA 8 8.13 95.89 -43.44
N GLY IA 9 8.56 95.61 -44.67
CA GLY IA 9 8.88 96.68 -45.59
C GLY IA 9 7.66 97.50 -45.99
N GLY IA 10 6.54 96.83 -46.25
CA GLY IA 10 5.32 97.54 -46.58
C GLY IA 10 4.84 98.43 -45.45
N LEU IA 11 4.83 97.88 -44.23
CA LEU IA 11 4.50 98.70 -43.07
C LEU IA 11 5.55 99.78 -42.84
N GLY IA 12 6.80 99.51 -43.21
CA GLY IA 12 7.83 100.52 -43.12
C GLY IA 12 7.57 101.70 -44.04
N PHE IA 13 6.99 101.44 -45.21
CA PHE IA 13 6.59 102.53 -46.10
C PHE IA 13 5.54 103.41 -45.46
N PHE IA 14 4.59 102.80 -44.75
CA PHE IA 14 3.49 103.57 -44.16
C PHE IA 14 3.97 104.39 -42.97
N VAL IA 15 4.77 103.80 -42.08
CA VAL IA 15 5.31 104.57 -40.98
C VAL IA 15 6.32 105.60 -41.49
N GLY IA 16 7.06 105.25 -42.54
CA GLY IA 16 7.89 106.25 -43.20
C GLY IA 16 7.07 107.37 -43.79
N LEU IA 17 5.94 107.03 -44.43
CA LEU IA 17 4.98 108.05 -44.84
C LEU IA 17 4.32 108.68 -43.63
N GLY IA 18 4.07 107.89 -42.58
CA GLY IA 18 3.55 108.46 -41.34
C GLY IA 18 4.54 109.40 -40.68
N LEU IA 19 5.84 109.09 -40.78
CA LEU IA 19 6.86 110.00 -40.28
C LEU IA 19 6.87 111.30 -41.08
N LEU IA 20 6.63 111.20 -42.39
CA LEU IA 20 6.59 112.39 -43.23
C LEU IA 20 5.46 113.31 -42.80
N ALA IA 21 4.29 112.75 -42.46
CA ALA IA 21 3.18 113.56 -41.98
C ALA IA 21 3.53 114.24 -40.65
N VAL IA 22 4.31 113.56 -39.79
CA VAL IA 22 4.76 114.18 -38.55
C VAL IA 22 5.68 115.35 -38.86
N LEU IA 23 6.61 115.17 -39.79
CA LEU IA 23 7.54 116.23 -40.15
C LEU IA 23 6.86 117.38 -40.89
N ASN IA 24 5.71 117.13 -41.51
CA ASN IA 24 5.05 118.18 -42.28
C ASN IA 24 4.33 119.17 -41.39
N ASP IA 25 3.81 118.72 -40.24
CA ASP IA 25 3.13 119.57 -39.27
C ASP IA 25 1.94 120.30 -39.92
N LYS IA 26 0.96 119.49 -40.36
CA LYS IA 26 -0.26 120.04 -40.94
C LYS IA 26 -1.12 120.77 -39.92
N ALA IA 27 -0.95 120.48 -38.63
CA ALA IA 27 -1.88 120.98 -37.62
C ALA IA 27 -1.79 122.48 -37.44
N SER IA 28 -0.58 123.04 -37.49
CA SER IA 28 -0.34 124.43 -37.11
C SER IA 28 -0.55 125.43 -38.24
N LYS IA 29 -0.93 124.97 -39.43
CA LYS IA 29 -1.09 125.84 -40.58
C LYS IA 29 -2.56 126.03 -40.95
N VAL IA 30 -3.42 126.09 -39.95
CA VAL IA 30 -4.86 126.27 -40.23
C VAL IA 30 -5.11 127.68 -40.73
N PRO IA 31 -5.93 127.88 -41.78
CA PRO IA 31 -6.28 129.22 -42.21
C PRO IA 31 -7.46 129.83 -41.47
N PHE IA 32 -7.88 129.25 -40.35
CA PHE IA 32 -9.08 129.67 -39.65
C PHE IA 32 -8.84 129.72 -38.15
N THR IA 33 -9.59 130.59 -37.48
CA THR IA 33 -9.58 130.64 -36.03
C THR IA 33 -10.48 129.52 -35.48
N PRO IA 34 -10.27 129.12 -34.21
CA PRO IA 34 -11.18 128.16 -33.60
C PRO IA 34 -12.59 128.70 -33.52
N ARG IA 35 -13.56 127.80 -33.63
CA ARG IA 35 -14.96 128.18 -33.72
C ARG IA 35 -15.42 128.86 -32.44
N VAL IA 36 -16.28 129.87 -32.60
CA VAL IA 36 -16.88 130.59 -31.50
C VAL IA 36 -18.39 130.41 -31.59
N TYR IA 37 -19.01 130.11 -30.45
CA TYR IA 37 -20.45 129.89 -30.36
C TYR IA 37 -21.02 130.71 -29.21
N PRO IA 38 -22.28 131.11 -29.31
CA PRO IA 38 -22.88 131.91 -28.23
C PRO IA 38 -23.08 131.09 -26.96
N TYR IA 39 -23.44 131.79 -25.89
CA TYR IA 39 -23.70 131.18 -24.59
C TYR IA 39 -22.47 130.42 -24.08
N ASP IA 40 -21.33 131.11 -24.08
CA ASP IA 40 -20.06 130.57 -23.57
C ASP IA 40 -19.70 129.26 -24.28
N ASN IA 41 -19.77 129.28 -25.61
CA ASN IA 41 -19.49 128.11 -26.43
C ASN IA 41 -20.39 126.93 -26.05
N LEU IA 42 -21.66 127.24 -25.76
CA LEU IA 42 -22.65 126.24 -25.37
C LEU IA 42 -22.22 125.50 -24.10
N ARG IA 43 -21.97 126.27 -23.04
CA ARG IA 43 -21.60 125.66 -21.76
C ARG IA 43 -22.81 125.01 -21.09
N VAL IA 44 -23.97 125.68 -21.13
CA VAL IA 44 -25.17 125.09 -20.57
C VAL IA 44 -25.63 123.91 -21.43
N GLU IA 45 -25.38 123.95 -22.73
CA GLU IA 45 -25.70 122.83 -23.61
C GLU IA 45 -24.76 121.65 -23.42
N LEU IA 46 -23.69 121.81 -22.67
CA LEU IA 46 -22.74 120.71 -22.44
C LEU IA 46 -22.60 120.42 -20.95
N MET JA 1 -23.74 47.09 -42.61
CA MET JA 1 -23.77 48.52 -42.34
C MET JA 1 -22.43 48.98 -41.76
N GLU JA 2 -21.72 48.06 -41.12
CA GLU JA 2 -20.42 48.36 -40.54
C GLU JA 2 -19.42 48.71 -41.65
N THR JA 3 -18.55 49.68 -41.37
CA THR JA 3 -17.63 50.17 -42.37
C THR JA 3 -16.58 49.12 -42.72
N ASN JA 4 -15.98 49.27 -43.90
CA ASN JA 4 -14.93 48.35 -44.33
C ASN JA 4 -13.74 48.40 -43.38
N LYS JA 5 -13.37 49.60 -42.92
CA LYS JA 5 -12.27 49.80 -41.97
C LYS JA 5 -10.97 49.23 -42.53
N ASN JA 6 -10.49 49.89 -43.58
CA ASN JA 6 -9.27 49.46 -44.26
C ASN JA 6 -8.08 49.52 -43.32
N LYS JA 7 -7.10 48.64 -43.58
CA LYS JA 7 -6.03 48.36 -42.63
C LYS JA 7 -5.09 49.54 -42.42
N PHE JA 8 -4.99 50.47 -43.36
CA PHE JA 8 -4.01 51.55 -43.28
C PHE JA 8 -4.46 52.72 -42.39
N ILE JA 9 -5.47 52.52 -41.54
CA ILE JA 9 -5.99 53.58 -40.68
C ILE JA 9 -5.87 53.23 -39.20
N GLU JA 10 -6.19 52.00 -38.82
CA GLU JA 10 -6.19 51.62 -37.42
C GLU JA 10 -4.79 51.67 -36.84
N ASP JA 11 -3.77 51.41 -37.66
CA ASP JA 11 -2.40 51.50 -37.16
C ASP JA 11 -2.06 52.91 -36.72
N TRP JA 12 -2.38 53.90 -37.56
CA TRP JA 12 -2.14 55.29 -37.17
C TRP JA 12 -3.03 55.71 -36.02
N GLY JA 13 -4.28 55.21 -35.98
CA GLY JA 13 -5.15 55.52 -34.87
C GLY JA 13 -4.62 55.01 -33.54
N SER JA 14 -4.08 53.79 -33.54
CA SER JA 14 -3.49 53.25 -32.32
C SER JA 14 -2.18 53.94 -31.98
N ALA JA 15 -1.40 54.34 -32.99
CA ALA JA 15 -0.19 55.11 -32.73
C ALA JA 15 -0.51 56.43 -32.05
N ARG JA 16 -1.58 57.10 -32.50
CA ARG JA 16 -2.06 58.29 -31.79
C ARG JA 16 -2.59 57.93 -30.41
N GLU JA 17 -3.23 56.75 -30.27
CA GLU JA 17 -3.73 56.33 -28.96
C GLU JA 17 -2.60 55.87 -28.05
N ASN JA 18 -1.62 55.15 -28.60
CA ASN JA 18 -0.56 54.54 -27.81
C ASN JA 18 0.74 55.32 -27.91
N LEU JA 19 0.68 56.65 -27.93
CA LEU JA 19 1.88 57.47 -27.98
C LEU JA 19 2.68 57.43 -26.69
N GLU JA 20 2.13 56.82 -25.63
CA GLU JA 20 2.78 56.80 -24.32
C GLU JA 20 4.09 56.01 -24.31
N HIS JA 21 4.35 55.21 -25.34
CA HIS JA 21 5.57 54.42 -25.42
C HIS JA 21 6.74 55.19 -26.03
N ASN JA 22 6.52 56.40 -26.53
CA ASN JA 22 7.56 57.21 -27.14
C ASN JA 22 7.78 58.47 -26.30
N PHE JA 23 8.62 58.34 -25.27
CA PHE JA 23 9.01 59.47 -24.44
C PHE JA 23 10.29 59.09 -23.73
N ARG JA 24 11.38 59.85 -23.97
CA ARG JA 24 12.68 59.51 -23.40
C ARG JA 24 13.38 60.73 -22.81
N TRP JA 25 12.61 61.76 -22.43
CA TRP JA 25 13.14 62.91 -21.69
C TRP JA 25 14.29 63.59 -22.43
N THR JA 26 14.10 63.82 -23.73
CA THR JA 26 15.11 64.54 -24.50
C THR JA 26 15.22 65.98 -24.02
N ARG JA 27 16.44 66.52 -24.10
CA ARG JA 27 16.72 67.80 -23.45
C ARG JA 27 15.90 68.94 -24.06
N ARG JA 28 15.80 68.99 -25.39
CA ARG JA 28 14.97 70.01 -26.02
C ARG JA 28 13.51 69.86 -25.61
N ASN JA 29 13.01 68.63 -25.63
CA ASN JA 29 11.64 68.40 -25.17
C ASN JA 29 11.51 68.56 -23.67
N PHE JA 30 12.60 68.34 -22.92
CA PHE JA 30 12.56 68.62 -21.48
C PHE JA 30 12.38 70.11 -21.22
N ALA JA 31 13.11 70.96 -21.95
CA ALA JA 31 12.89 72.39 -21.83
C ALA JA 31 11.48 72.76 -22.29
N LEU JA 32 11.00 72.13 -23.37
CA LEU JA 32 9.66 72.42 -23.87
C LEU JA 32 8.59 72.07 -22.84
N ILE JA 33 8.72 70.92 -22.18
CA ILE JA 33 7.75 70.56 -21.16
C ILE JA 33 7.88 71.46 -19.94
N GLY JA 34 9.11 71.79 -19.55
CA GLY JA 34 9.31 72.61 -18.37
C GLY JA 34 8.73 74.00 -18.51
N ILE JA 35 8.93 74.64 -19.67
CA ILE JA 35 8.46 76.01 -19.83
C ILE JA 35 6.94 76.08 -19.73
N PHE JA 36 6.24 75.25 -20.52
CA PHE JA 36 4.78 75.27 -20.49
C PHE JA 36 4.20 74.61 -19.25
N GLY JA 37 5.01 73.90 -18.46
CA GLY JA 37 4.49 73.34 -17.23
C GLY JA 37 4.64 74.26 -16.04
N ILE JA 38 5.67 75.11 -16.03
CA ILE JA 38 5.93 75.96 -14.87
C ILE JA 38 5.90 77.43 -15.25
N ALA JA 39 6.70 77.83 -16.23
CA ALA JA 39 6.95 79.26 -16.46
C ALA JA 39 5.67 79.99 -16.83
N LEU JA 40 4.95 79.48 -17.84
CA LEU JA 40 3.70 80.13 -18.23
C LEU JA 40 2.69 80.19 -17.09
N PRO JA 41 2.46 79.13 -16.30
CA PRO JA 41 1.66 79.32 -15.08
C PRO JA 41 2.23 80.37 -14.15
N ILE JA 42 3.55 80.42 -13.97
CA ILE JA 42 4.13 81.46 -13.12
C ILE JA 42 3.90 82.84 -13.72
N ILE JA 43 4.12 82.99 -15.02
CA ILE JA 43 3.95 84.31 -15.66
C ILE JA 43 2.52 84.79 -15.51
N VAL JA 44 1.56 83.91 -15.79
CA VAL JA 44 0.16 84.30 -15.68
C VAL JA 44 -0.21 84.57 -14.22
N TYR JA 45 0.35 83.80 -13.28
CA TYR JA 45 0.06 84.02 -11.87
C TYR JA 45 0.53 85.42 -11.46
N LYS JA 46 1.74 85.79 -11.87
CA LYS JA 46 2.20 87.16 -11.63
C LYS JA 46 1.28 88.16 -12.30
N GLY JA 47 0.78 87.86 -13.49
CA GLY JA 47 -0.12 88.78 -14.16
C GLY JA 47 -1.37 89.08 -13.35
N ILE JA 48 -2.08 88.03 -12.93
CA ILE JA 48 -3.29 88.26 -12.12
C ILE JA 48 -2.96 88.89 -10.77
N VAL JA 49 -1.90 88.44 -10.08
CA VAL JA 49 -1.64 88.98 -8.75
C VAL JA 49 -1.28 90.46 -8.84
N LYS JA 50 -0.49 90.84 -9.85
CA LYS JA 50 -0.16 92.26 -10.01
C LYS JA 50 -1.36 93.06 -10.50
N ASP JA 51 -2.26 92.46 -11.27
CA ASP JA 51 -3.49 93.15 -11.64
C ASP JA 51 -4.32 93.47 -10.39
N PHE JA 52 -4.44 92.50 -9.49
CA PHE JA 52 -5.12 92.76 -8.22
C PHE JA 52 -4.39 93.83 -7.41
N HIS JA 53 -3.06 93.77 -7.37
CA HIS JA 53 -2.31 94.74 -6.58
C HIS JA 53 -2.48 96.15 -7.12
N MET JA 54 -2.43 96.31 -8.44
CA MET JA 54 -2.63 97.64 -9.04
C MET JA 54 -4.06 98.12 -8.87
N GLN JA 55 -5.04 97.22 -8.93
CA GLN JA 55 -6.42 97.62 -8.66
C GLN JA 55 -6.58 98.11 -7.23
N ASP JA 56 -5.94 97.41 -6.28
CA ASP JA 56 -6.07 97.80 -4.88
C ASP JA 56 -5.27 99.07 -4.57
N GLU JA 57 -4.21 99.33 -5.33
CA GLU JA 57 -3.39 100.52 -5.08
C GLU JA 57 -4.19 101.80 -5.32
N ASP JA 58 -4.98 101.84 -6.40
CA ASP JA 58 -5.74 103.04 -6.71
C ASP JA 58 -6.80 103.32 -5.65
N ALA JA 59 -7.47 102.27 -5.17
CA ALA JA 59 -8.48 102.46 -4.14
C ALA JA 59 -7.86 102.84 -2.80
N GLY JA 60 -6.57 102.57 -2.61
CA GLY JA 60 -5.87 102.91 -1.39
C GLY JA 60 -5.92 101.85 -0.31
N ARG JA 61 -6.69 100.78 -0.50
CA ARG JA 61 -6.77 99.73 0.49
C ARG JA 61 -5.45 98.94 0.53
N PRO JA 62 -5.06 98.44 1.71
CA PRO JA 62 -3.86 97.62 1.79
C PRO JA 62 -4.00 96.33 1.00
N HIS JA 63 -2.88 95.85 0.48
CA HIS JA 63 -2.88 94.66 -0.36
C HIS JA 63 -3.13 93.41 0.46
N ARG JA 64 -3.98 92.52 -0.05
CA ARG JA 64 -4.16 91.22 0.56
C ARG JA 64 -2.89 90.38 0.41
N LYS JA 65 -2.65 89.49 1.38
CA LYS JA 65 -1.44 88.69 1.35
C LYS JA 65 -1.40 87.76 0.14
N PHE JA 66 -2.53 87.13 -0.19
CA PHE JA 66 -2.66 86.30 -1.39
C PHE JA 66 -1.61 85.19 -1.41
N LEU JA 67 -1.69 84.31 -0.42
CA LEU JA 67 -0.75 83.19 -0.34
C LEU JA 67 -1.13 82.11 -1.34
N ALA KA 1 26.27 52.79 -76.59
CA ALA KA 1 25.05 53.56 -76.39
C ALA KA 1 23.87 52.90 -77.09
N ALA KA 2 23.24 53.66 -77.99
CA ALA KA 2 22.08 53.20 -78.75
C ALA KA 2 20.95 52.75 -77.82
N TYR KA 3 20.74 53.51 -76.75
CA TYR KA 3 19.65 53.28 -75.81
C TYR KA 3 18.78 54.53 -75.79
N PHE KA 4 17.55 54.40 -76.29
CA PHE KA 4 16.63 55.54 -76.32
C PHE KA 4 16.11 55.92 -74.95
N ALA KA 5 16.34 55.10 -73.92
CA ALA KA 5 15.88 55.45 -72.58
C ALA KA 5 16.58 56.70 -72.07
N ARG KA 6 17.89 56.82 -72.30
CA ARG KA 6 18.60 58.02 -71.89
C ARG KA 6 18.20 59.21 -72.76
N ARG KA 7 18.01 59.00 -74.06
CA ARG KA 7 17.56 60.06 -74.95
C ARG KA 7 16.07 60.37 -74.74
N ALA KA 8 15.35 59.51 -74.02
CA ALA KA 8 13.92 59.73 -73.84
C ALA KA 8 13.64 61.02 -73.07
N ALA KA 9 14.13 61.11 -71.84
CA ALA KA 9 13.69 62.17 -70.92
C ALA KA 9 13.89 63.55 -71.53
N GLN KA 10 14.90 63.71 -72.39
CA GLN KA 10 15.11 64.98 -73.08
C GLN KA 10 13.88 65.36 -73.90
N LYS KA 11 13.34 64.41 -74.68
CA LYS KA 11 12.26 64.71 -75.60
C LYS KA 11 10.98 65.10 -74.87
N GLU KA 12 10.53 64.26 -73.92
CA GLU KA 12 9.33 64.60 -73.17
C GLU KA 12 9.53 65.84 -72.32
N ARG KA 13 10.72 66.01 -71.74
CA ARG KA 13 10.98 67.22 -70.96
C ARG KA 13 10.84 68.47 -71.81
N VAL KA 14 11.44 68.48 -73.01
CA VAL KA 14 11.37 69.69 -73.84
C VAL KA 14 9.96 69.90 -74.37
N ARG KA 15 9.24 68.83 -74.70
CA ARG KA 15 7.87 68.99 -75.19
C ARG KA 15 6.95 69.53 -74.11
N ILE KA 16 7.04 68.97 -72.90
CA ILE KA 16 6.23 69.47 -71.79
C ILE KA 16 6.61 70.89 -71.44
N LEU KA 17 7.90 71.22 -71.51
CA LEU KA 17 8.34 72.59 -71.27
C LEU KA 17 7.75 73.53 -72.31
N TYR KA 18 7.70 73.12 -73.57
CA TYR KA 18 7.06 73.93 -74.60
C TYR KA 18 5.60 74.15 -74.28
N ARG KA 19 4.90 73.09 -73.87
CA ARG KA 19 3.48 73.21 -73.55
C ARG KA 19 3.25 74.20 -72.40
N ARG KA 20 4.00 74.05 -71.31
CA ARG KA 20 3.78 74.92 -70.15
C ARG KA 20 4.24 76.35 -70.43
N ALA KA 21 5.30 76.52 -71.23
CA ALA KA 21 5.71 77.87 -71.61
C ALA KA 21 4.65 78.54 -72.47
N LEU KA 22 4.03 77.78 -73.38
CA LEU KA 22 2.93 78.33 -74.17
C LEU KA 22 1.77 78.73 -73.28
N LYS KA 23 1.43 77.89 -72.30
CA LYS KA 23 0.35 78.24 -71.38
C LYS KA 23 0.69 79.50 -70.59
N ASP KA 24 1.92 79.61 -70.09
CA ASP KA 24 2.28 80.77 -69.28
C ASP KA 24 2.37 82.04 -70.11
N THR KA 25 2.82 81.95 -71.36
CA THR KA 25 2.85 83.15 -72.20
C THR KA 25 1.46 83.55 -72.68
N LEU KA 26 0.55 82.58 -72.81
CA LEU KA 26 -0.86 82.92 -73.03
C LEU KA 26 -1.42 83.63 -71.80
N ASN KA 27 -1.03 83.19 -70.61
CA ASN KA 27 -1.40 83.90 -69.39
C ASN KA 27 -0.84 85.32 -69.40
N TRP KA 28 0.42 85.48 -69.83
CA TRP KA 28 1.02 86.80 -69.89
C TRP KA 28 0.36 87.66 -70.96
N ALA KA 29 0.07 87.09 -72.12
CA ALA KA 29 -0.50 87.83 -73.25
C ALA KA 29 -2.02 87.72 -73.18
N VAL KA 30 -2.65 88.72 -72.55
CA VAL KA 30 -4.10 88.76 -72.50
C VAL KA 30 -4.68 88.91 -73.90
N HIS KA 31 -4.10 89.81 -74.69
CA HIS KA 31 -4.56 90.04 -76.06
C HIS KA 31 -3.87 89.06 -77.00
N ARG KA 32 -4.66 88.42 -77.87
CA ARG KA 32 -4.09 87.46 -78.81
C ARG KA 32 -3.31 88.15 -79.94
N HIS KA 33 -3.60 89.42 -80.22
CA HIS KA 33 -2.86 90.13 -81.25
C HIS KA 33 -1.39 90.26 -80.90
N ILE KA 34 -1.09 90.59 -79.63
CA ILE KA 34 0.30 90.63 -79.19
C ILE KA 34 0.83 89.27 -78.80
N PHE KA 35 -0.05 88.27 -78.69
CA PHE KA 35 0.39 86.91 -78.36
C PHE KA 35 1.07 86.23 -79.55
N TYR KA 36 0.79 86.68 -80.77
CA TYR KA 36 1.34 86.02 -81.95
C TYR KA 36 2.86 86.13 -82.00
N ARG KA 37 3.38 87.36 -81.86
CA ARG KA 37 4.82 87.55 -81.89
C ARG KA 37 5.50 86.91 -80.69
N ASP KA 38 4.85 86.95 -79.53
CA ASP KA 38 5.40 86.30 -78.34
C ASP KA 38 5.53 84.80 -78.56
N ALA KA 39 4.50 84.17 -79.12
CA ALA KA 39 4.56 82.74 -79.39
C ALA KA 39 5.61 82.42 -80.46
N SER KA 40 5.74 83.28 -81.47
CA SER KA 40 6.75 83.08 -82.50
C SER KA 40 8.15 83.11 -81.89
N ASP KA 41 8.41 84.10 -81.03
CA ASP KA 41 9.70 84.18 -80.37
C ASP KA 41 9.93 82.99 -79.43
N LEU KA 42 8.86 82.54 -78.75
CA LEU KA 42 8.98 81.40 -77.85
C LEU KA 42 9.36 80.14 -78.61
N ARG KA 43 8.71 79.89 -79.76
CA ARG KA 43 9.04 78.70 -80.52
C ARG KA 43 10.41 78.82 -81.20
N GLU KA 44 10.81 80.05 -81.55
CA GLU KA 44 12.15 80.24 -82.08
C GLU KA 44 13.20 79.94 -81.02
N LYS KA 45 12.94 80.34 -79.77
CA LYS KA 45 13.90 80.10 -78.69
C LYS KA 45 14.16 78.61 -78.50
N PHE KA 46 13.10 77.80 -78.56
CA PHE KA 46 13.27 76.35 -78.44
C PHE KA 46 13.88 75.75 -79.70
N ASN KA 47 13.86 76.48 -80.82
CA ASN KA 47 14.45 76.04 -82.06
C ASN KA 47 15.80 76.71 -82.34
N VAL KA 48 16.37 77.44 -81.37
CA VAL KA 48 17.63 78.12 -81.60
C VAL KA 48 18.73 77.11 -81.88
N ASN KA 49 18.90 76.13 -80.99
CA ASN KA 49 19.90 75.09 -81.22
C ASN KA 49 19.34 73.98 -82.08
N GLN KA 50 18.34 73.25 -81.56
CA GLN KA 50 17.60 72.21 -82.25
C GLN KA 50 18.51 71.16 -82.90
N ASP KA 51 19.79 71.14 -82.51
CA ASP KA 51 20.75 70.27 -83.17
C ASP KA 51 21.75 69.63 -82.18
N VAL KA 52 21.37 69.47 -80.92
CA VAL KA 52 22.30 68.90 -79.94
C VAL KA 52 22.45 67.41 -80.17
N GLU KA 53 23.69 66.92 -80.09
CA GLU KA 53 23.97 65.49 -80.15
C GLU KA 53 24.66 64.95 -78.91
N ASP KA 54 25.58 65.73 -78.32
CA ASP KA 54 26.39 65.23 -77.22
C ASP KA 54 25.56 65.06 -75.96
N VAL KA 55 26.04 64.18 -75.07
CA VAL KA 55 25.38 63.95 -73.79
C VAL KA 55 25.76 64.99 -72.75
N ASP KA 56 26.73 65.86 -73.04
CA ASP KA 56 27.07 66.94 -72.12
C ASP KA 56 26.20 68.16 -72.32
N ARG KA 57 25.74 68.40 -73.55
CA ARG KA 57 24.97 69.59 -73.91
C ARG KA 57 23.47 69.32 -73.96
N ILE KA 58 22.98 68.44 -73.09
CA ILE KA 58 21.56 68.10 -73.03
C ILE KA 58 20.98 68.36 -71.64
N ASP KA 59 21.66 67.86 -70.60
CA ASP KA 59 21.12 68.01 -69.23
C ASP KA 59 21.29 69.44 -68.74
N LYS KA 60 22.43 70.07 -69.00
CA LYS KA 60 22.64 71.44 -68.57
C LYS KA 60 21.66 72.39 -69.25
N LEU KA 61 21.41 72.18 -70.55
CA LEU KA 61 20.50 73.05 -71.29
C LEU KA 61 19.08 72.97 -70.72
N ILE KA 62 18.58 71.76 -70.49
CA ILE KA 62 17.22 71.60 -69.98
C ILE KA 62 17.14 72.10 -68.54
N ALA KA 63 18.19 71.87 -67.74
CA ALA KA 63 18.19 72.38 -66.38
C ALA KA 63 18.14 73.91 -66.37
N HIS KA 64 18.92 74.55 -67.24
CA HIS KA 64 18.90 76.01 -67.33
C HIS KA 64 17.54 76.51 -67.78
N GLY KA 65 16.93 75.83 -68.76
CA GLY KA 65 15.61 76.24 -69.21
C GLY KA 65 14.56 76.11 -68.13
N GLU KA 66 14.59 74.99 -67.38
CA GLU KA 66 13.63 74.80 -66.30
C GLU KA 66 13.86 75.82 -65.18
N ALA KA 67 15.11 76.11 -64.86
CA ALA KA 67 15.40 77.11 -63.82
C ALA KA 67 14.91 78.49 -64.23
N GLU KA 68 15.11 78.87 -65.50
CA GLU KA 68 14.60 80.15 -65.96
C GLU KA 68 13.08 80.17 -65.99
N TYR KA 69 12.47 79.02 -66.29
CA TYR KA 69 11.02 78.92 -66.23
C TYR KA 69 10.52 79.05 -64.80
N ASN KA 70 11.32 78.63 -63.82
CA ASN KA 70 10.92 78.75 -62.42
C ASN KA 70 10.79 80.20 -62.01
N LYS KA 71 11.50 81.11 -62.67
CA LYS KA 71 11.42 82.53 -62.37
C LYS KA 71 10.16 83.18 -62.95
N TRP KA 72 9.51 82.55 -63.92
CA TRP KA 72 8.27 83.06 -64.53
C TRP KA 72 7.18 82.02 -64.35
N ARG KA 73 6.32 82.22 -63.34
CA ARG KA 73 5.20 81.32 -63.10
C ARG KA 73 3.84 81.97 -63.32
N HIS KA 74 3.77 83.30 -63.37
CA HIS KA 74 2.50 84.03 -63.49
C HIS KA 74 1.54 83.55 -62.40
N PRO KA 75 1.73 84.01 -61.14
CA PRO KA 75 1.02 83.45 -59.98
C PRO KA 75 -0.43 83.02 -60.20
N ASP KA 76 -1.16 83.73 -61.06
CA ASP KA 76 -2.53 83.32 -61.36
C ASP KA 76 -2.66 82.83 -62.79
N PRO KA 77 -2.31 81.57 -63.07
CA PRO KA 77 -2.53 81.04 -64.42
C PRO KA 77 -4.00 80.73 -64.66
N TYR KA 78 -4.38 80.73 -65.94
CA TYR KA 78 -5.74 80.40 -66.31
C TYR KA 78 -6.02 78.92 -66.09
N ILE KA 79 -7.16 78.63 -65.48
CA ILE KA 79 -7.61 77.26 -65.26
C ILE KA 79 -9.06 77.14 -65.70
N VAL KA 80 -9.37 76.07 -66.43
CA VAL KA 80 -10.75 75.82 -66.86
C VAL KA 80 -11.62 75.65 -65.63
N PRO KA 81 -12.81 76.26 -65.57
CA PRO KA 81 -13.60 76.24 -64.31
C PRO KA 81 -13.91 74.84 -63.80
N TRP KA 82 -14.24 73.89 -64.66
CA TRP KA 82 -14.52 72.54 -64.21
C TRP KA 82 -13.28 71.66 -64.15
N ALA KA 83 -12.13 72.18 -64.57
CA ALA KA 83 -10.88 71.45 -64.44
C ALA KA 83 -10.45 71.39 -62.97
N PRO KA 84 -9.56 70.46 -62.62
CA PRO KA 84 -9.16 70.34 -61.21
C PRO KA 84 -8.33 71.52 -60.74
N GLY KA 85 -9.02 72.60 -60.36
CA GLY KA 85 -8.38 73.82 -59.94
C GLY KA 85 -9.13 75.05 -60.40
N GLY KA 86 -10.24 74.84 -61.11
CA GLY KA 86 -11.04 75.92 -61.63
C GLY KA 86 -12.13 76.36 -60.66
N SER KA 87 -13.03 77.19 -61.18
CA SER KA 87 -14.09 77.80 -60.37
C SER KA 87 -15.37 76.98 -60.35
N LYS KA 88 -15.47 75.91 -61.14
CA LYS KA 88 -16.67 75.09 -61.17
C LYS KA 88 -16.42 73.59 -61.04
N PHE KA 89 -15.18 73.15 -60.84
CA PHE KA 89 -14.94 71.75 -60.49
C PHE KA 89 -15.57 71.43 -59.14
N CYS KA 90 -16.24 70.28 -59.06
CA CYS KA 90 -16.92 69.86 -57.84
C CYS KA 90 -17.93 70.92 -57.37
N ARG KA 91 -18.70 71.44 -58.33
CA ARG KA 91 -19.77 72.37 -57.98
C ARG KA 91 -21.06 71.62 -57.67
N ASN KA 92 -21.58 70.89 -58.65
CA ASN KA 92 -22.73 70.00 -58.46
C ASN KA 92 -22.33 68.62 -58.99
N PRO KA 93 -21.40 67.95 -58.31
CA PRO KA 93 -20.86 66.70 -58.85
C PRO KA 93 -21.92 65.61 -58.91
N THR KA 94 -21.74 64.71 -59.87
CA THR KA 94 -22.66 63.59 -60.01
C THR KA 94 -22.60 62.71 -58.76
N PRO KA 95 -23.72 62.14 -58.33
CA PRO KA 95 -23.69 61.29 -57.15
C PRO KA 95 -22.84 60.06 -57.40
N PRO KA 96 -22.23 59.51 -56.35
CA PRO KA 96 -21.39 58.32 -56.53
C PRO KA 96 -22.17 57.14 -57.10
N ALA KA 97 -21.42 56.12 -57.51
CA ALA KA 97 -21.99 54.99 -58.24
C ALA KA 97 -23.03 54.23 -57.44
N GLY KA 98 -22.61 53.56 -56.36
CA GLY KA 98 -23.54 52.70 -55.65
C GLY KA 98 -23.54 52.78 -54.14
N ILE KA 99 -24.68 53.18 -53.58
CA ILE KA 99 -24.95 53.09 -52.15
C ILE KA 99 -26.43 52.85 -51.95
N GLU KA 100 -26.77 52.11 -50.90
CA GLU KA 100 -28.16 51.83 -50.56
C GLU KA 100 -28.44 52.35 -49.15
N ILE KA 101 -29.69 52.74 -48.92
CA ILE KA 101 -30.12 53.28 -47.65
C ILE KA 101 -31.29 52.44 -47.16
N VAL KA 102 -31.11 51.77 -46.01
CA VAL KA 102 -32.15 50.93 -45.45
C VAL KA 102 -33.20 51.81 -44.78
N TYR KA 103 -34.36 51.21 -44.47
CA TYR KA 103 -35.47 51.95 -43.89
C TYR KA 103 -35.76 51.54 -42.46
N ASN KA 104 -36.02 50.26 -42.21
CA ASN KA 104 -36.42 49.79 -40.89
C ASN KA 104 -35.17 49.47 -40.09
N TYR KA 105 -34.86 50.32 -39.11
CA TYR KA 105 -33.72 50.14 -38.24
C TYR KA 105 -34.14 50.50 -36.82
N GLY KA 106 -33.55 49.82 -35.85
CA GLY KA 106 -33.89 50.06 -34.45
C GLY KA 106 -35.31 49.70 -34.09
N LEU KA 107 -35.84 48.62 -34.67
CA LEU KA 107 -37.18 48.16 -34.37
C LEU KA 107 -37.12 47.19 -33.18
N GLU KA 108 -38.23 46.50 -32.92
CA GLU KA 108 -38.31 45.58 -31.79
C GLU KA 108 -38.10 44.15 -32.25
N ASP KA 109 -37.13 43.48 -31.63
CA ASP KA 109 -36.91 42.05 -31.83
C ASP KA 109 -36.64 41.71 -33.30
N LYS LA 1 -20.88 140.31 -35.73
CA LYS LA 1 -22.30 140.09 -35.51
C LYS LA 1 -22.53 139.28 -34.24
N LYS LA 2 -23.78 139.29 -33.75
CA LYS LA 2 -24.10 138.67 -32.47
C LYS LA 2 -25.45 137.97 -32.59
N MET LA 3 -26.01 137.58 -31.46
CA MET LA 3 -27.29 136.90 -31.40
C MET LA 3 -28.45 137.88 -31.51
N ILE LA 4 -29.57 137.38 -32.04
CA ILE LA 4 -30.82 138.15 -32.05
C ILE LA 4 -31.96 137.34 -31.41
N ALA LA 5 -32.06 136.06 -31.77
CA ALA LA 5 -33.17 135.23 -31.30
C ALA LA 5 -32.62 133.83 -30.96
N THR LA 6 -32.33 133.62 -29.67
CA THR LA 6 -31.76 132.36 -29.21
C THR LA 6 -32.49 131.83 -27.98
N GLN LA 7 -31.91 130.83 -27.33
CA GLN LA 7 -32.38 130.26 -26.06
C GLN LA 7 -33.69 129.52 -26.32
N GLU LA 8 -34.80 129.89 -25.67
CA GLU LA 8 -36.00 129.06 -25.73
C GLU LA 8 -36.55 128.97 -27.15
N GLU LA 9 -36.47 130.06 -27.92
CA GLU LA 9 -36.86 130.00 -29.32
C GLU LA 9 -35.97 129.05 -30.10
N MET LA 10 -34.66 129.09 -29.83
CA MET LA 10 -33.75 128.12 -30.42
C MET LA 10 -34.00 126.72 -29.90
N SER LA 11 -34.34 126.59 -28.62
CA SER LA 11 -34.53 125.28 -28.01
C SER LA 11 -35.76 124.57 -28.58
N ALA LA 12 -36.78 125.34 -28.99
CA ALA LA 12 -38.02 124.74 -29.47
C ALA LA 12 -37.77 123.85 -30.69
N ALA LA 13 -36.94 124.32 -31.63
CA ALA LA 13 -36.56 123.51 -32.77
C ALA LA 13 -35.41 122.58 -32.40
N LYS LA 14 -35.47 121.36 -32.92
CA LYS LA 14 -34.44 120.37 -32.64
C LYS LA 14 -33.21 120.69 -33.48
N ILE LA 15 -32.51 121.75 -33.08
CA ILE LA 15 -31.33 122.21 -33.79
C ILE LA 15 -30.13 121.38 -33.34
N ALA LA 16 -29.37 120.87 -34.30
CA ALA LA 16 -28.21 120.05 -33.99
C ALA LA 16 -27.18 120.86 -33.21
N LEU LA 17 -26.58 120.22 -32.21
CA LEU LA 17 -25.53 120.87 -31.43
C LEU LA 17 -24.29 121.05 -32.30
N GLY LA 18 -23.75 122.27 -32.30
CA GLY LA 18 -22.73 122.67 -33.24
C GLY LA 18 -23.30 123.45 -34.42
N SER LA 19 -24.57 123.24 -34.74
CA SER LA 19 -25.28 124.03 -35.75
C SER LA 19 -26.02 125.21 -35.14
N ARG LA 20 -25.48 125.77 -34.05
CA ARG LA 20 -26.12 126.84 -33.30
C ARG LA 20 -25.24 128.07 -33.32
N ASP LA 21 -24.72 128.44 -34.49
CA ASP LA 21 -23.72 129.49 -34.61
C ASP LA 21 -24.35 130.86 -34.38
N MET LA 22 -23.56 131.92 -34.65
CA MET LA 22 -23.97 133.27 -34.28
C MET LA 22 -25.23 133.69 -35.04
N CYS LA 23 -25.32 133.38 -36.33
CA CYS LA 23 -26.46 133.75 -37.15
C CYS LA 23 -27.38 132.56 -37.41
N ALA LA 24 -27.53 131.67 -36.43
CA ALA LA 24 -28.44 130.54 -36.51
C ALA LA 24 -29.90 130.94 -36.30
N HIS LA 25 -30.20 132.24 -36.21
CA HIS LA 25 -31.56 132.68 -35.96
C HIS LA 25 -32.50 132.29 -37.09
N LEU LA 26 -32.07 132.45 -38.34
CA LEU LA 26 -32.91 132.12 -39.47
C LEU LA 26 -32.97 130.63 -39.75
N LEU LA 27 -32.15 129.82 -39.06
CA LEU LA 27 -32.17 128.39 -39.27
C LEU LA 27 -33.48 127.75 -38.82
N ILE LA 28 -34.20 128.38 -37.89
CA ILE LA 28 -35.41 127.79 -37.34
C ILE LA 28 -36.55 127.82 -38.35
N PRO LA 29 -36.84 128.96 -39.00
CA PRO LA 29 -37.81 128.91 -40.11
C PRO LA 29 -37.39 127.95 -41.21
N LEU LA 30 -36.08 127.87 -41.47
CA LEU LA 30 -35.58 126.93 -42.46
C LEU LA 30 -35.92 125.49 -42.06
N ASN LA 31 -35.77 125.16 -40.77
CA ASN LA 31 -36.00 123.77 -40.37
C ASN LA 31 -37.48 123.45 -40.29
N LYS LA 32 -38.35 124.44 -40.03
CA LYS LA 32 -39.77 124.15 -40.26
C LYS LA 32 -40.04 123.95 -41.74
N CYS LA 33 -39.35 124.71 -42.62
CA CYS LA 33 -39.55 124.53 -44.05
C CYS LA 33 -39.14 123.14 -44.51
N ARG LA 34 -38.02 122.62 -43.98
CA ARG LA 34 -37.61 121.27 -44.33
C ARG LA 34 -38.64 120.25 -43.85
N GLN LA 35 -39.13 120.41 -42.62
CA GLN LA 35 -40.17 119.50 -42.13
C GLN LA 35 -41.48 119.69 -42.87
N ALA LA 36 -41.77 120.91 -43.32
CA ALA LA 36 -43.00 121.16 -44.08
C ALA LA 36 -42.96 120.41 -45.41
N GLU LA 37 -41.87 120.55 -46.16
CA GLU LA 37 -41.70 119.79 -47.39
C GLU LA 37 -41.22 118.38 -47.06
N PHE LA 38 -41.19 117.53 -48.09
CA PHE LA 38 -40.62 116.20 -47.93
C PHE LA 38 -39.14 116.17 -48.31
N TYR LA 39 -38.39 117.13 -47.74
CA TYR LA 39 -36.94 117.19 -47.86
C TYR LA 39 -36.49 117.18 -49.32
N LEU LA 40 -37.19 117.94 -50.16
CA LEU LA 40 -36.89 117.98 -51.58
C LEU LA 40 -35.67 118.85 -51.84
N PRO LA 41 -34.64 118.35 -52.54
CA PRO LA 41 -33.47 119.19 -52.82
C PRO LA 41 -33.77 120.42 -53.68
N TRP LA 42 -34.81 120.36 -54.52
CA TRP LA 42 -35.07 121.42 -55.49
C TRP LA 42 -36.29 122.27 -55.18
N LYS LA 43 -37.20 121.80 -54.31
CA LYS LA 43 -38.41 122.57 -54.05
C LYS LA 43 -38.11 123.86 -53.29
N CYS LA 44 -37.31 123.77 -52.24
CA CYS LA 44 -37.01 124.91 -51.37
C CYS LA 44 -35.58 125.37 -51.64
N GLU LA 45 -35.44 126.56 -52.21
CA GLU LA 45 -34.12 127.12 -52.49
C GLU LA 45 -33.91 128.47 -51.82
N ASP LA 46 -34.90 129.35 -51.83
CA ASP LA 46 -34.71 130.72 -51.36
C ASP LA 46 -34.29 130.73 -49.89
N GLU LA 47 -34.90 129.88 -49.07
CA GLU LA 47 -34.60 129.86 -47.65
C GLU LA 47 -33.25 129.23 -47.34
N ARG LA 48 -32.73 128.37 -48.21
CA ARG LA 48 -31.43 127.77 -47.97
C ARG LA 48 -30.27 128.73 -48.26
N HIS LA 49 -30.43 129.61 -49.25
CA HIS LA 49 -29.33 130.47 -49.64
C HIS LA 49 -29.00 131.48 -48.55
N VAL LA 50 -30.00 131.95 -47.79
CA VAL LA 50 -29.70 132.87 -46.71
C VAL LA 50 -28.90 132.19 -45.60
N TYR LA 51 -29.18 130.90 -45.33
CA TYR LA 51 -28.39 130.19 -44.34
C TYR LA 51 -26.97 129.93 -44.84
N GLU LA 52 -26.82 129.58 -46.11
CA GLU LA 52 -25.47 129.49 -46.66
C GLU LA 52 -24.79 130.84 -46.65
N LYS LA 53 -25.55 131.94 -46.71
CA LYS LA 53 -24.97 133.27 -46.57
C LYS LA 53 -24.46 133.51 -45.16
N CYS LA 54 -25.28 133.19 -44.16
CA CYS LA 54 -24.85 133.15 -42.77
C CYS LA 54 -23.51 132.43 -42.61
N GLU LA 55 -23.48 131.16 -43.01
CA GLU LA 55 -22.28 130.35 -42.83
C GLU LA 55 -21.10 130.91 -43.60
N TYR LA 56 -21.34 131.38 -44.83
CA TYR LA 56 -20.27 131.88 -45.69
C TYR LA 56 -19.65 133.15 -45.11
N GLU LA 57 -20.48 134.09 -44.65
CA GLU LA 57 -19.97 135.30 -44.02
C GLU LA 57 -19.20 134.97 -42.75
N LEU LA 58 -19.71 134.02 -41.95
CA LEU LA 58 -18.97 133.59 -40.77
C LEU LA 58 -17.60 133.03 -41.16
N VAL LA 59 -17.55 132.29 -42.27
CA VAL LA 59 -16.30 131.65 -42.67
C VAL LA 59 -15.29 132.70 -43.14
N MET LA 60 -15.74 133.72 -43.87
CA MET LA 60 -14.81 134.80 -44.20
C MET LA 60 -14.35 135.53 -42.95
N GLU LA 61 -15.25 135.77 -41.99
CA GLU LA 61 -14.84 136.45 -40.77
C GLU LA 61 -13.73 135.68 -40.08
N ARG LA 62 -13.90 134.35 -39.95
CA ARG LA 62 -12.89 133.53 -39.31
C ARG LA 62 -11.58 133.53 -40.10
N MET LA 63 -11.65 133.40 -41.44
CA MET LA 63 -10.40 133.35 -42.21
C MET LA 63 -9.68 134.68 -42.18
N LEU LA 64 -10.40 135.80 -42.20
CA LEU LA 64 -9.74 137.10 -42.15
C LEU LA 64 -9.14 137.36 -40.78
N ALA LA 65 -9.81 136.90 -39.72
CA ALA LA 65 -9.23 137.01 -38.39
C ALA LA 65 -7.95 136.19 -38.29
N MET LA 66 -7.93 134.98 -38.86
CA MET LA 66 -6.72 134.19 -38.79
C MET LA 66 -5.63 134.72 -39.71
N LYS LA 67 -6.00 135.30 -40.85
CA LYS LA 67 -5.00 135.96 -41.70
C LYS LA 67 -4.37 137.14 -40.97
N LYS LA 68 -5.18 137.91 -40.24
CA LYS LA 68 -4.66 138.97 -39.40
C LYS LA 68 -3.68 138.41 -38.36
N ILE LA 69 -4.09 137.39 -37.61
CA ILE LA 69 -3.21 136.86 -36.56
C ILE LA 69 -1.94 136.29 -37.18
N ARG LA 70 -2.02 135.72 -38.39
CA ARG LA 70 -0.82 135.28 -39.09
C ARG LA 70 0.02 136.47 -39.50
N GLU LA 71 -0.61 137.61 -39.77
CA GLU LA 71 0.16 138.81 -40.11
C GLU LA 71 0.99 139.28 -38.93
N GLU LA 72 0.43 139.29 -37.71
CA GLU LA 72 1.29 139.60 -36.57
C GLU LA 72 2.30 138.49 -36.28
N GLU LA 73 1.92 137.22 -36.50
CA GLU LA 73 2.88 136.13 -36.30
C GLU LA 73 4.06 136.23 -37.26
N ALA LA 74 3.84 136.82 -38.44
CA ALA LA 74 4.94 137.03 -39.37
C ALA LA 74 5.97 138.01 -38.81
N LEU LA 75 5.53 138.98 -38.01
CA LEU LA 75 6.47 139.88 -37.36
C LEU LA 75 7.24 139.17 -36.26
N ALA LA 76 6.69 138.09 -35.71
CA ALA LA 76 7.36 137.38 -34.63
C ALA LA 76 8.61 136.66 -35.11
N LYS LA 77 8.62 136.20 -36.36
CA LYS LA 77 9.78 135.49 -36.91
C LYS LA 77 10.77 136.45 -37.55
N GLN LA 78 11.16 137.47 -36.80
CA GLN LA 78 12.12 138.48 -37.25
C GLN LA 78 13.25 138.57 -36.23
N ASN LA 79 14.41 138.03 -36.56
CA ASN LA 79 15.59 138.11 -35.70
C ASN LA 79 16.50 139.25 -36.15
N LYS LA 80 15.99 140.46 -36.02
CA LYS LA 80 16.71 141.67 -36.39
C LYS LA 80 17.17 141.65 -37.85
N GLY MA 1 -50.76 76.85 3.09
CA GLY MA 1 -51.28 78.21 3.03
C GLY MA 1 -50.34 79.20 2.35
N ARG MA 2 -50.90 80.29 1.86
CA ARG MA 2 -50.16 81.33 1.17
C ARG MA 2 -50.92 82.65 1.30
N LYS MA 3 -50.19 83.77 1.23
CA LYS MA 3 -50.85 85.07 1.25
C LYS MA 3 -51.26 85.50 -0.15
N LYS MA 4 -51.00 84.65 -1.16
CA LYS MA 4 -51.39 84.88 -2.55
C LYS MA 4 -51.15 86.33 -2.98
N GLY MA 5 -49.99 86.88 -2.59
CA GLY MA 5 -49.65 88.23 -2.93
C GLY MA 5 -48.15 88.44 -2.86
N LEU MA 6 -47.76 89.70 -2.72
CA LEU MA 6 -46.36 90.02 -2.55
C LEU MA 6 -45.85 89.40 -1.26
N PRO MA 7 -44.62 88.88 -1.24
CA PRO MA 7 -44.09 88.29 -0.01
C PRO MA 7 -43.66 89.33 1.01
N GLU MA 8 -44.59 89.77 1.86
CA GLU MA 8 -44.27 90.77 2.87
C GLU MA 8 -43.14 90.28 3.77
N PHE MA 9 -42.17 91.17 4.01
CA PHE MA 9 -41.03 90.87 4.86
C PHE MA 9 -40.87 92.00 5.88
N GLU MA 10 -40.26 91.66 7.02
CA GLU MA 10 -40.09 92.62 8.10
C GLU MA 10 -39.02 93.64 7.72
N GLU MA 11 -39.42 94.92 7.65
CA GLU MA 11 -38.45 95.97 7.36
C GLU MA 11 -37.52 96.21 8.53
N SER MA 12 -37.96 95.92 9.75
CA SER MA 12 -37.15 96.17 10.94
C SER MA 12 -35.89 95.32 10.92
N ALA MA 13 -34.76 95.95 11.23
CA ALA MA 13 -33.52 95.22 11.33
C ALA MA 13 -33.58 94.25 12.51
N PRO MA 14 -33.08 93.03 12.35
CA PRO MA 14 -33.17 92.05 13.45
C PRO MA 14 -32.36 92.48 14.66
N ASP MA 15 -32.87 92.14 15.84
CA ASP MA 15 -32.25 92.51 17.10
C ASP MA 15 -31.28 91.42 17.56
N GLY MA 16 -30.46 91.76 18.54
CA GLY MA 16 -29.49 90.84 19.10
C GLY MA 16 -28.24 90.66 18.27
N PHE MA 17 -27.97 91.56 17.33
CA PHE MA 17 -26.81 91.45 16.45
C PHE MA 17 -25.77 92.48 16.84
N ASP MA 18 -24.52 92.05 16.97
CA ASP MA 18 -23.42 92.91 17.33
C ASP MA 18 -22.33 92.82 16.26
N PRO MA 19 -21.94 93.94 15.64
CA PRO MA 19 -20.91 93.88 14.61
C PRO MA 19 -19.56 93.40 15.12
N GLU MA 20 -19.26 93.63 16.40
CA GLU MA 20 -17.96 93.23 16.93
C GLU MA 20 -17.85 91.71 17.06
N ASN MA 21 -18.94 91.04 17.39
CA ASN MA 21 -18.97 89.59 17.55
C ASN MA 21 -20.17 89.01 16.82
N PRO MA 22 -20.18 89.06 15.48
CA PRO MA 22 -21.32 88.51 14.75
C PRO MA 22 -21.49 87.01 14.94
N TYR MA 23 -20.38 86.26 14.98
CA TYR MA 23 -20.44 84.81 15.05
C TYR MA 23 -20.87 84.30 16.42
N LYS MA 24 -20.96 85.17 17.43
CA LYS MA 24 -21.39 84.74 18.76
C LYS MA 24 -22.82 84.22 18.72
N ASP MA 25 -23.71 84.92 18.00
CA ASP MA 25 -25.12 84.57 17.95
C ASP MA 25 -25.45 83.97 16.60
N PRO MA 26 -25.62 82.66 16.49
CA PRO MA 26 -25.90 82.04 15.18
C PRO MA 26 -27.34 82.21 14.74
N VAL MA 27 -28.27 82.16 15.70
CA VAL MA 27 -29.69 82.22 15.36
C VAL MA 27 -30.08 83.56 14.74
N ALA MA 28 -29.33 84.63 15.04
CA ALA MA 28 -29.61 85.94 14.47
C ALA MA 28 -28.83 86.22 13.19
N MET MA 29 -27.95 85.29 12.78
CA MET MA 29 -27.09 85.54 11.63
C MET MA 29 -27.87 85.55 10.33
N VAL MA 30 -28.75 84.55 10.14
CA VAL MA 30 -29.36 84.33 8.84
C VAL MA 30 -30.33 85.46 8.50
N GLU MA 31 -31.11 85.93 9.48
CA GLU MA 31 -32.05 87.01 9.19
C GLU MA 31 -31.33 88.33 8.95
N MET MA 32 -30.21 88.58 9.64
CA MET MA 32 -29.41 89.75 9.30
C MET MA 32 -28.86 89.65 7.88
N ARG MA 33 -28.39 88.46 7.49
CA ARG MA 33 -27.92 88.29 6.11
C ARG MA 33 -29.05 88.54 5.11
N GLU MA 34 -30.24 88.01 5.39
CA GLU MA 34 -31.38 88.23 4.51
C GLU MA 34 -31.74 89.71 4.42
N HIS MA 35 -31.73 90.40 5.56
CA HIS MA 35 -32.02 91.83 5.58
C HIS MA 35 -31.00 92.62 4.77
N ILE MA 36 -29.72 92.28 4.91
CA ILE MA 36 -28.68 92.98 4.17
C ILE MA 36 -28.88 92.77 2.67
N VAL MA 37 -29.13 91.52 2.25
CA VAL MA 37 -29.31 91.26 0.83
C VAL MA 37 -30.57 91.95 0.31
N ARG MA 38 -31.63 91.99 1.11
CA ARG MA 38 -32.85 92.68 0.68
C ARG MA 38 -32.59 94.17 0.49
N GLU MA 39 -31.86 94.79 1.42
CA GLU MA 39 -31.54 96.21 1.27
C GLU MA 39 -30.65 96.46 0.06
N LYS MA 40 -29.69 95.57 -0.19
CA LYS MA 40 -28.88 95.69 -1.39
C LYS MA 40 -29.73 95.63 -2.65
N TRP MA 41 -30.70 94.72 -2.69
CA TRP MA 41 -31.59 94.64 -3.83
C TRP MA 41 -32.48 95.87 -3.95
N ILE MA 42 -32.84 96.48 -2.81
CA ILE MA 42 -33.58 97.74 -2.86
C ILE MA 42 -32.75 98.82 -3.55
N GLN MA 43 -31.47 98.90 -3.19
CA GLN MA 43 -30.59 99.85 -3.86
C GLN MA 43 -30.46 99.53 -5.35
N ILE MA 44 -30.37 98.24 -5.69
CA ILE MA 44 -30.25 97.84 -7.08
C ILE MA 44 -31.48 98.29 -7.86
N GLU MA 45 -32.67 98.09 -7.30
CA GLU MA 45 -33.89 98.50 -7.98
C GLU MA 45 -34.02 100.01 -8.05
N LYS MA 46 -33.54 100.74 -7.05
CA LYS MA 46 -33.50 102.20 -7.15
C LYS MA 46 -32.63 102.65 -8.31
N ALA MA 47 -31.45 102.02 -8.46
CA ALA MA 47 -30.59 102.33 -9.59
C ALA MA 47 -31.27 101.98 -10.90
N LYS MA 48 -31.98 100.86 -10.95
CA LYS MA 48 -32.71 100.48 -12.17
C LYS MA 48 -33.82 101.47 -12.49
N ILE MA 49 -34.49 101.99 -11.46
CA ILE MA 49 -35.55 102.99 -11.68
C ILE MA 49 -34.95 104.27 -12.24
N LEU MA 50 -33.80 104.70 -11.70
CA LEU MA 50 -33.14 105.88 -12.25
C LEU MA 50 -32.69 105.64 -13.69
N ARG MA 51 -32.22 104.43 -13.97
CA ARG MA 51 -31.85 104.08 -15.34
C ARG MA 51 -33.06 104.13 -16.28
N GLU MA 52 -34.21 103.66 -15.80
CA GLU MA 52 -35.43 103.76 -16.61
C GLU MA 52 -35.84 105.21 -16.83
N LYS MA 53 -35.69 106.05 -15.80
CA LYS MA 53 -36.03 107.45 -15.96
C LYS MA 53 -35.15 108.13 -17.00
N VAL MA 54 -33.84 107.87 -16.96
CA VAL MA 54 -32.97 108.46 -17.99
C VAL MA 54 -33.22 107.82 -19.35
N LYS MA 55 -33.60 106.53 -19.36
CA LYS MA 55 -34.04 105.87 -20.58
C LYS MA 55 -35.15 106.64 -21.27
N TRP MA 56 -36.19 106.99 -20.50
CA TRP MA 56 -37.30 107.74 -21.06
C TRP MA 56 -36.96 109.21 -21.28
N CYS MA 57 -35.93 109.72 -20.58
CA CYS MA 57 -35.44 111.07 -20.86
C CYS MA 57 -34.87 111.16 -22.26
N TYR MA 58 -33.94 110.27 -22.58
CA TYR MA 58 -33.13 110.44 -23.80
C TYR MA 58 -33.97 110.51 -25.06
N ARG MA 59 -35.13 109.85 -25.06
CA ARG MA 59 -36.01 109.91 -26.23
C ARG MA 59 -36.66 111.27 -26.38
N VAL MA 60 -37.21 111.80 -25.28
CA VAL MA 60 -37.88 113.11 -25.32
C VAL MA 60 -36.89 114.26 -25.35
N GLU MA 61 -35.67 114.03 -24.84
CA GLU MA 61 -34.70 115.11 -24.72
C GLU MA 61 -34.36 115.71 -26.08
N GLY MA 62 -34.16 114.87 -27.08
CA GLY MA 62 -33.81 115.36 -28.40
C GLY MA 62 -32.32 115.62 -28.55
N VAL MA 63 -31.96 116.62 -29.34
CA VAL MA 63 -30.55 116.92 -29.59
C VAL MA 63 -29.89 117.43 -28.31
N ASN MA 64 -30.52 118.39 -27.64
CA ASN MA 64 -29.94 119.01 -26.44
C ASN MA 64 -30.41 118.26 -25.20
N HIS MA 65 -29.90 117.04 -25.04
CA HIS MA 65 -30.26 116.24 -23.88
C HIS MA 65 -29.56 116.72 -22.62
N TYR MA 66 -28.38 117.34 -22.76
CA TYR MA 66 -27.62 117.75 -21.58
C TYR MA 66 -28.36 118.80 -20.77
N GLN MA 67 -29.15 119.66 -21.42
CA GLN MA 67 -29.65 120.87 -20.79
C GLN MA 67 -30.60 120.58 -19.63
N LYS MA 68 -31.63 119.76 -19.87
CA LYS MA 68 -32.71 119.64 -18.91
C LYS MA 68 -32.77 118.30 -18.20
N CYS MA 69 -31.78 117.43 -18.36
CA CYS MA 69 -31.72 116.17 -17.62
C CYS MA 69 -30.40 115.98 -16.90
N ARG MA 70 -29.57 117.03 -16.83
CA ARG MA 70 -28.27 116.89 -16.19
C ARG MA 70 -28.43 116.56 -14.71
N HIS MA 71 -29.46 117.11 -14.06
CA HIS MA 71 -29.67 116.85 -12.64
C HIS MA 71 -29.92 115.38 -12.37
N LEU MA 72 -30.68 114.72 -13.24
CA LEU MA 72 -30.99 113.31 -13.04
C LEU MA 72 -29.77 112.42 -13.30
N VAL MA 73 -28.83 112.89 -14.13
CA VAL MA 73 -27.64 112.09 -14.42
C VAL MA 73 -26.83 111.87 -13.17
N GLN MA 74 -26.62 112.92 -12.38
CA GLN MA 74 -25.88 112.77 -11.13
C GLN MA 74 -26.62 111.84 -10.18
N GLN MA 75 -27.95 111.96 -10.13
CA GLN MA 75 -28.74 111.08 -9.27
C GLN MA 75 -28.57 109.62 -9.67
N TYR MA 76 -28.54 109.34 -10.97
CA TYR MA 76 -28.36 107.96 -11.41
C TYR MA 76 -26.95 107.46 -11.12
N LEU MA 77 -25.93 108.31 -11.34
CA LEU MA 77 -24.55 107.88 -11.12
C LEU MA 77 -24.25 107.64 -9.64
N ASP MA 78 -24.78 108.48 -8.74
CA ASP MA 78 -24.49 108.25 -7.33
C ASP MA 78 -25.09 106.92 -6.86
N SER MA 79 -26.25 106.56 -7.40
CA SER MA 79 -26.80 105.23 -7.13
C SER MA 79 -25.89 104.14 -7.66
N THR MA 80 -25.33 104.34 -8.86
CA THR MA 80 -24.43 103.34 -9.43
C THR MA 80 -23.09 103.28 -8.72
N ARG MA 81 -22.81 104.23 -7.83
CA ARG MA 81 -21.54 104.21 -7.11
C ARG MA 81 -21.55 103.16 -6.00
N GLY MA 82 -22.71 102.96 -5.37
CA GLY MA 82 -22.83 102.01 -4.29
C GLY MA 82 -23.64 100.77 -4.65
N VAL MA 83 -23.39 100.22 -5.83
CA VAL MA 83 -24.21 99.14 -6.36
C VAL MA 83 -23.74 97.80 -5.80
N GLY MA 84 -24.61 97.16 -5.03
CA GLY MA 84 -24.60 95.72 -4.80
C GLY MA 84 -23.25 95.03 -4.73
N TRP MA 85 -23.05 94.04 -5.60
CA TRP MA 85 -21.82 93.27 -5.68
C TRP MA 85 -21.26 93.51 -7.08
N GLY MA 86 -20.48 94.58 -7.23
CA GLY MA 86 -20.03 94.98 -8.54
C GLY MA 86 -18.52 95.08 -8.70
N LYS MA 87 -18.06 96.26 -9.08
CA LYS MA 87 -16.64 96.50 -9.35
C LYS MA 87 -15.90 96.70 -8.02
N ASP MA 88 -14.66 97.19 -8.10
CA ASP MA 88 -13.82 97.30 -6.92
C ASP MA 88 -14.41 98.22 -5.85
N HIS MA 89 -15.29 99.15 -6.24
CA HIS MA 89 -15.93 100.03 -5.27
C HIS MA 89 -16.99 99.26 -4.49
N ARG MA 90 -16.61 98.74 -3.32
CA ARG MA 90 -17.55 98.03 -2.47
C ARG MA 90 -18.18 99.00 -1.49
N PRO MA 91 -19.51 99.14 -1.47
CA PRO MA 91 -20.14 100.05 -0.51
C PRO MA 91 -19.97 99.55 0.91
N ILE MA 92 -19.99 100.50 1.84
CA ILE MA 92 -19.93 100.20 3.27
C ILE MA 92 -21.28 100.55 3.86
N SER MA 93 -22.16 99.57 3.94
CA SER MA 93 -23.52 99.78 4.45
C SER MA 93 -23.57 99.60 5.96
N GLY NA 1 14.13 -44.08 64.19
CA GLY NA 1 14.40 -45.36 63.56
C GLY NA 1 13.49 -46.46 64.05
N ALA NA 2 12.51 -46.84 63.23
CA ALA NA 2 11.56 -47.87 63.63
C ALA NA 2 12.25 -49.22 63.80
N THR NA 3 13.12 -49.59 62.85
CA THR NA 3 13.77 -50.89 62.88
C THR NA 3 15.11 -50.79 62.16
N LEU NA 4 16.10 -51.51 62.67
CA LEU NA 4 17.41 -51.64 62.04
C LEU NA 4 17.52 -53.08 61.53
N VAL NA 5 17.74 -53.21 60.23
CA VAL NA 5 17.76 -54.51 59.57
C VAL NA 5 19.17 -54.77 59.06
N GLY NA 6 19.96 -55.50 59.84
CA GLY NA 6 21.25 -55.98 59.37
C GLY NA 6 22.30 -54.89 59.25
N VAL NA 7 23.50 -55.33 58.88
CA VAL NA 7 24.64 -54.46 58.63
C VAL NA 7 25.39 -54.99 57.41
N ASP NA 8 26.49 -54.33 57.06
CA ASP NA 8 27.26 -54.67 55.88
C ASP NA 8 28.74 -54.79 56.24
N LYS NA 9 29.46 -55.57 55.43
CA LYS NA 9 30.90 -55.72 55.62
C LYS NA 9 31.64 -54.42 55.38
N PHE NA 10 31.08 -53.50 54.59
CA PHE NA 10 31.68 -52.19 54.38
C PHE NA 10 31.40 -51.22 55.53
N GLY NA 11 30.44 -51.53 56.40
CA GLY NA 11 30.11 -50.70 57.52
C GLY NA 11 28.82 -49.92 57.37
N ASN NA 12 28.27 -49.82 56.16
CA ASN NA 12 27.01 -49.11 55.97
C ASN NA 12 25.86 -49.93 56.54
N LYS NA 13 24.99 -49.26 57.28
CA LYS NA 13 23.92 -49.91 58.02
C LYS NA 13 22.58 -49.66 57.33
N TYR NA 14 21.68 -50.63 57.46
CA TYR NA 14 20.43 -50.67 56.71
C TYR NA 14 19.25 -50.60 57.67
N TYR NA 15 18.34 -49.67 57.41
CA TYR NA 15 17.17 -49.45 58.26
C TYR NA 15 15.90 -49.79 57.50
N GLN NA 16 14.77 -49.76 58.21
CA GLN NA 16 13.49 -50.08 57.62
C GLN NA 16 12.37 -49.47 58.44
N LYS NA 17 11.41 -48.84 57.77
CA LYS NA 17 10.19 -48.35 58.38
C LYS NA 17 8.99 -48.89 57.59
N LEU NA 18 7.93 -49.25 58.31
CA LEU NA 18 6.73 -49.80 57.69
C LEU NA 18 5.62 -48.76 57.70
N GLY NA 19 5.10 -48.45 56.52
CA GLY NA 19 3.98 -47.53 56.40
C GLY NA 19 2.65 -48.23 56.55
N ASP NA 20 1.57 -47.47 56.32
CA ASP NA 20 0.22 -48.00 56.44
C ASP NA 20 -0.40 -48.33 55.09
N THR NA 21 -0.53 -47.33 54.21
CA THR NA 21 -1.11 -47.56 52.89
C THR NA 21 -0.40 -46.83 51.76
N GLN NA 22 0.46 -45.85 52.03
CA GLN NA 22 1.12 -45.07 51.00
C GLN NA 22 2.63 -45.23 51.13
N TYR NA 23 3.29 -45.30 49.98
CA TYR NA 23 4.73 -45.54 49.95
C TYR NA 23 5.49 -44.30 50.45
N GLY NA 24 6.72 -44.54 50.88
CA GLY NA 24 7.57 -43.46 51.35
C GLY NA 24 8.32 -43.81 52.63
N ARG NA 25 9.65 -43.62 52.60
CA ARG NA 25 10.52 -43.88 53.75
C ARG NA 25 10.37 -45.31 54.25
N HIS NA 26 10.53 -46.27 53.33
CA HIS NA 26 10.43 -47.67 53.67
C HIS NA 26 11.77 -48.25 54.13
N ARG NA 27 12.81 -48.09 53.32
CA ARG NA 27 14.11 -48.63 53.65
C ARG NA 27 15.18 -47.79 52.98
N TRP NA 28 16.28 -47.53 53.69
CA TRP NA 28 17.34 -46.67 53.21
C TRP NA 28 18.68 -47.17 53.75
N VAL NA 29 19.73 -46.39 53.53
CA VAL NA 29 21.10 -46.76 53.89
C VAL NA 29 21.73 -45.62 54.67
N GLU NA 30 22.59 -45.96 55.62
CA GLU NA 30 23.48 -45.01 56.29
C GLU NA 30 24.91 -45.42 55.94
N TYR NA 31 25.50 -44.72 54.98
CA TYR NA 31 26.84 -45.08 54.51
C TYR NA 31 27.87 -44.85 55.61
N ALA NA 32 28.82 -45.78 55.69
CA ALA NA 32 29.86 -45.68 56.73
C ALA NA 32 30.83 -44.54 56.45
N SER NA 33 31.22 -44.36 55.20
CA SER NA 33 32.20 -43.35 54.84
C SER NA 33 31.52 -42.00 54.62
N LYS NA 34 32.34 -40.98 54.36
CA LYS NA 34 31.84 -39.63 54.11
C LYS NA 34 32.49 -38.92 52.93
N ASP NA 35 33.50 -39.51 52.29
CA ASP NA 35 34.18 -38.86 51.17
C ASP NA 35 33.35 -39.05 49.89
N ARG NA 36 32.16 -38.47 49.93
CA ARG NA 36 31.20 -38.45 48.82
C ARG NA 36 30.63 -39.83 48.51
N TYR NA 37 31.17 -40.87 49.15
CA TYR NA 37 30.54 -42.19 49.26
C TYR NA 37 30.18 -42.83 47.91
N ASN NA 38 30.48 -42.14 46.81
CA ASN NA 38 30.39 -42.68 45.45
C ASN NA 38 29.00 -43.16 45.06
N ALA NA 39 28.03 -43.03 45.98
CA ALA NA 39 26.63 -43.37 45.73
C ALA NA 39 26.43 -44.83 45.35
N SER NA 40 27.50 -45.62 45.31
CA SER NA 40 27.42 -47.04 44.94
C SER NA 40 28.36 -47.82 45.87
N GLN NA 41 27.83 -48.26 47.00
CA GLN NA 41 28.57 -49.12 47.92
C GLN NA 41 27.79 -50.35 48.34
N VAL NA 42 26.48 -50.41 48.09
CA VAL NA 42 25.69 -51.58 48.46
C VAL NA 42 26.18 -52.80 47.68
N PRO NA 43 26.46 -53.92 48.33
CA PRO NA 43 26.88 -55.11 47.60
C PRO NA 43 25.72 -55.75 46.85
N ALA NA 44 26.01 -56.83 46.11
CA ALA NA 44 24.96 -57.47 45.32
C ALA NA 44 23.87 -58.06 46.21
N GLU NA 45 24.26 -58.64 47.36
CA GLU NA 45 23.28 -59.27 48.23
C GLU NA 45 22.29 -58.25 48.79
N TRP NA 46 22.76 -57.07 49.15
CA TRP NA 46 21.89 -56.03 49.70
C TRP NA 46 21.28 -55.13 48.63
N HIS NA 47 21.73 -55.24 47.37
CA HIS NA 47 21.18 -54.39 46.32
C HIS NA 47 19.74 -54.75 46.01
N GLY NA 48 19.41 -56.04 46.00
CA GLY NA 48 18.05 -56.45 45.73
C GLY NA 48 17.08 -56.03 46.82
N TRP NA 49 17.49 -56.16 48.08
CA TRP NA 49 16.63 -55.79 49.19
C TRP NA 49 16.32 -54.29 49.17
N LEU NA 50 17.34 -53.47 48.86
CA LEU NA 50 17.17 -52.02 48.91
C LEU NA 50 16.17 -51.54 47.86
N HIS NA 51 16.21 -52.13 46.66
CA HIS NA 51 15.36 -51.71 45.55
C HIS NA 51 14.02 -52.44 45.52
N PHE NA 52 13.64 -53.11 46.60
CA PHE NA 52 12.40 -53.86 46.70
C PHE NA 52 12.31 -54.98 45.68
N ILE NA 53 13.44 -55.43 45.14
CA ILE NA 53 13.43 -56.54 44.20
C ILE NA 53 13.06 -57.84 44.91
N THR NA 54 13.69 -58.09 46.06
CA THR NA 54 13.44 -59.29 46.85
C THR NA 54 13.15 -58.92 48.29
N ASP NA 55 12.32 -59.72 48.95
CA ASP NA 55 12.01 -59.51 50.35
C ASP NA 55 13.07 -60.07 51.29
N HIS NA 56 14.03 -60.83 50.77
CA HIS NA 56 15.12 -61.34 51.60
C HIS NA 56 15.99 -60.20 52.09
N THR NA 57 16.45 -60.31 53.34
CA THR NA 57 17.22 -59.23 53.94
C THR NA 57 18.52 -58.99 53.20
N GLY NA 58 19.22 -60.05 52.82
CA GLY NA 58 20.52 -59.92 52.19
C GLY NA 58 21.57 -60.72 52.94
N ASP NA 59 21.50 -60.67 54.27
CA ASP NA 59 22.26 -61.63 55.06
C ASP NA 59 21.72 -63.04 54.85
N GLU NA 60 20.41 -63.17 54.74
CA GLU NA 60 19.80 -64.45 54.39
C GLU NA 60 20.11 -64.82 52.93
N LEU NA 61 20.27 -63.82 52.06
CA LEU NA 61 20.61 -64.09 50.67
C LEU NA 61 22.02 -64.65 50.53
N LEU NA 62 22.91 -64.36 51.47
CA LEU NA 62 24.24 -64.92 51.44
C LEU NA 62 24.23 -66.42 51.75
N SER NA 63 23.18 -66.89 52.41
CA SER NA 63 23.06 -68.31 52.73
C SER NA 63 22.02 -68.98 51.84
N PRO OA 1 -6.46 -68.17 -0.22
CA PRO OA 1 -5.50 -69.28 -0.38
C PRO OA 1 -5.19 -69.55 -1.84
N PRO OA 2 -6.23 -69.63 -2.69
CA PRO OA 2 -6.09 -69.87 -4.13
C PRO OA 2 -5.33 -68.76 -4.84
N ILE OA 3 -5.61 -67.51 -4.46
CA ILE OA 3 -4.95 -66.34 -5.05
C ILE OA 3 -5.11 -66.28 -6.57
N ARG OA 4 -6.32 -66.60 -7.05
CA ARG OA 4 -6.62 -66.61 -8.47
C ARG OA 4 -6.70 -65.21 -9.07
N ARG OA 5 -6.64 -65.16 -10.40
CA ARG OA 5 -6.72 -63.90 -11.13
C ARG OA 5 -7.25 -64.11 -12.55
N TYR OA 6 -8.25 -63.31 -12.93
CA TYR OA 6 -8.83 -63.41 -14.26
C TYR OA 6 -8.77 -62.07 -14.98
N VAL OA 7 -8.20 -62.07 -16.18
CA VAL OA 7 -8.07 -60.83 -16.95
C VAL OA 7 -9.36 -60.58 -17.71
N LEU OA 8 -9.73 -59.31 -17.84
CA LEU OA 8 -10.96 -58.91 -18.50
C LEU OA 8 -10.64 -58.23 -19.83
N THR OA 9 -11.36 -58.61 -20.88
CA THR OA 9 -11.21 -58.02 -22.20
C THR OA 9 -12.24 -56.91 -22.40
N LYS OA 10 -12.18 -56.26 -23.57
CA LYS OA 10 -13.15 -55.22 -23.88
C LYS OA 10 -14.56 -55.78 -23.96
N UNK PA 1 31.27 11.26 27.24
CA UNK PA 1 31.05 12.69 27.37
C UNK PA 1 30.84 13.08 28.84
N UNK PA 2 31.09 12.13 29.74
CA UNK PA 2 30.95 12.41 31.17
C UNK PA 2 31.94 13.48 31.62
N UNK PA 3 33.17 13.42 31.12
CA UNK PA 3 34.15 14.44 31.46
C UNK PA 3 33.73 15.80 30.94
N UNK PA 4 33.19 15.86 29.73
CA UNK PA 4 32.71 17.13 29.19
C UNK PA 4 31.56 17.67 30.01
N UNK PA 5 30.63 16.81 30.42
CA UNK PA 5 29.51 17.26 31.25
C UNK PA 5 29.99 17.78 32.60
N UNK PA 6 30.95 17.08 33.22
CA UNK PA 6 31.47 17.54 34.50
C UNK PA 6 32.20 18.87 34.36
N UNK PA 7 32.97 19.04 33.27
CA UNK PA 7 33.65 20.30 33.04
C UNK PA 7 32.65 21.43 32.81
N UNK PA 8 31.58 21.17 32.07
CA UNK PA 8 30.55 22.18 31.86
C UNK PA 8 29.87 22.53 33.17
N UNK PA 9 29.61 21.54 34.02
CA UNK PA 9 29.00 21.81 35.32
C UNK PA 9 29.92 22.66 36.19
N UNK PA 10 31.22 22.35 36.18
CA UNK PA 10 32.17 23.16 36.94
C UNK PA 10 32.23 24.59 36.41
N UNK PA 11 32.23 24.76 35.08
CA UNK PA 11 32.23 26.09 34.50
C UNK PA 11 30.96 26.85 34.86
N UNK PA 12 29.82 26.17 34.87
CA UNK PA 12 28.57 26.81 35.25
C UNK PA 12 28.57 27.23 36.72
N UNK PA 13 29.14 26.39 37.59
CA UNK PA 13 29.27 26.76 38.99
C UNK PA 13 30.16 27.98 39.15
N UNK PA 14 31.27 28.02 38.41
CA UNK PA 14 32.14 29.19 38.44
C UNK PA 14 31.41 30.43 37.95
N UNK PA 15 30.61 30.30 36.89
CA UNK PA 15 29.86 31.43 36.37
C UNK PA 15 28.82 31.90 37.39
N UNK PA 16 28.17 30.98 38.09
CA UNK PA 16 27.23 31.36 39.14
C UNK PA 16 27.92 32.11 40.27
N UNK PA 17 29.10 31.62 40.67
CA UNK PA 17 29.86 32.33 41.70
C UNK PA 17 30.27 33.71 41.23
N UNK PA 18 30.69 33.83 39.97
CA UNK PA 18 31.07 35.13 39.42
C UNK PA 18 29.89 36.09 39.39
N UNK PA 19 28.70 35.59 39.01
CA UNK PA 19 27.51 36.43 39.00
C UNK PA 19 27.14 36.87 40.42
N UNK PA 20 27.26 35.95 41.38
CA UNK PA 20 26.99 36.31 42.77
C UNK PA 20 27.95 37.39 43.27
N UNK PA 21 29.24 37.28 42.91
CA UNK PA 21 30.19 38.31 43.27
C UNK PA 21 29.89 39.63 42.59
N UNK PA 22 29.48 39.58 41.32
CA UNK PA 22 29.16 40.80 40.58
C UNK PA 22 27.96 41.51 41.17
N UNK PA 23 26.95 40.76 41.61
CA UNK PA 23 25.78 41.36 42.21
C UNK PA 23 26.06 41.99 43.58
N UNK PA 24 27.22 41.71 44.16
CA UNK PA 24 27.56 42.21 45.49
C UNK PA 24 28.71 43.21 45.48
N UNK PA 25 29.36 43.43 44.34
CA UNK PA 25 30.47 44.37 44.26
C UNK PA 25 30.42 45.31 43.07
N UNK PA 26 29.59 45.05 42.07
CA UNK PA 26 29.49 45.89 40.89
C UNK PA 26 28.11 46.47 40.67
N UNK PA 27 27.06 45.68 40.87
CA UNK PA 27 25.69 46.12 40.67
C UNK PA 27 25.00 46.29 42.02
N UNK PA 28 24.36 47.44 42.22
CA UNK PA 28 23.64 47.76 43.44
C UNK PA 28 24.54 47.72 44.67
N UNK PA 29 25.84 47.88 44.47
CA UNK PA 29 26.83 47.84 45.54
C UNK PA 29 28.13 48.42 45.00
N UNK PA 30 29.19 48.34 45.79
CA UNK PA 30 30.50 48.83 45.40
C UNK PA 30 31.60 48.15 46.20
N PRO QA 1 -56.35 0.66 7.27
CA PRO QA 1 -56.14 2.08 6.99
C PRO QA 1 -56.83 2.98 8.01
N LYS QA 2 -56.54 2.77 9.29
CA LYS QA 2 -57.13 3.56 10.36
C LYS QA 2 -56.12 4.06 11.39
N VAL QA 3 -54.95 3.45 11.51
CA VAL QA 3 -53.93 3.84 12.47
C VAL QA 3 -52.59 3.94 11.77
N SER QA 4 -51.78 4.91 12.23
CA SER QA 4 -50.50 5.17 11.58
C SER QA 4 -49.52 4.01 11.73
N GLU QA 5 -49.61 3.27 12.84
CA GLU QA 5 -48.81 2.08 13.16
C GLU QA 5 -47.34 2.40 13.41
N ASP QA 6 -46.93 3.66 13.30
CA ASP QA 6 -45.55 4.07 13.58
C ASP QA 6 -45.58 4.85 14.90
N LYS QA 7 -45.39 4.14 16.00
CA LYS QA 7 -45.50 4.74 17.33
C LYS QA 7 -44.37 5.72 17.63
N ASN QA 8 -43.32 5.76 16.81
CA ASN QA 8 -42.21 6.68 17.01
C ASN QA 8 -42.44 8.01 16.32
N ARG QA 9 -42.90 7.98 15.06
CA ARG QA 9 -43.22 9.23 14.35
C ARG QA 9 -44.42 9.94 14.96
N ASN QA 10 -45.35 9.22 15.58
CA ASN QA 10 -46.50 9.86 16.20
C ASN QA 10 -46.08 10.79 17.32
N TYR QA 11 -45.09 10.36 18.13
CA TYR QA 11 -44.61 11.21 19.20
C TYR QA 11 -43.99 12.49 18.66
N ALA QA 12 -43.28 12.40 17.53
CA ALA QA 12 -42.72 13.60 16.92
C ALA QA 12 -43.82 14.55 16.47
N VAL QA 13 -44.89 14.02 15.87
CA VAL QA 13 -45.97 14.87 15.40
C VAL QA 13 -46.67 15.55 16.57
N VAL QA 14 -46.96 14.81 17.64
CA VAL QA 14 -47.62 15.43 18.79
C VAL QA 14 -46.70 16.44 19.46
N ALA QA 15 -45.39 16.17 19.49
CA ALA QA 15 -44.44 17.12 20.05
C ALA QA 15 -44.40 18.40 19.21
N GLY QA 16 -44.43 18.28 17.89
CA GLY QA 16 -44.47 19.45 17.05
C GLY QA 16 -45.74 20.26 17.24
N VAL QA 17 -46.87 19.57 17.38
CA VAL QA 17 -48.13 20.28 17.65
C VAL QA 17 -48.05 21.01 18.98
N VAL QA 18 -47.50 20.37 20.01
CA VAL QA 18 -47.33 21.02 21.31
C VAL QA 18 -46.42 22.22 21.18
N ALA QA 19 -45.35 22.10 20.38
CA ALA QA 19 -44.44 23.23 20.19
C ALA QA 19 -45.14 24.41 19.53
N ILE QA 20 -45.94 24.15 18.50
CA ILE QA 20 -46.66 25.22 17.82
C ILE QA 20 -47.67 25.87 18.76
N VAL QA 21 -48.41 25.06 19.52
CA VAL QA 21 -49.39 25.61 20.46
C VAL QA 21 -48.70 26.44 21.53
N GLY QA 22 -47.56 25.95 22.04
CA GLY QA 22 -46.83 26.70 23.04
C GLY QA 22 -46.29 28.01 22.50
N SER QA 23 -45.80 28.01 21.26
CA SER QA 23 -45.33 29.25 20.66
C SER QA 23 -46.47 30.25 20.50
N ILE QA 24 -47.64 29.77 20.06
CA ILE QA 24 -48.79 30.67 19.91
C ILE QA 24 -49.20 31.25 21.26
N GLY QA 25 -49.28 30.38 22.29
CA GLY QA 25 -49.64 30.86 23.61
C GLY QA 25 -48.62 31.83 24.17
N TRP QA 26 -47.34 31.59 23.91
CA TRP QA 26 -46.29 32.52 24.31
C TRP QA 26 -46.49 33.87 23.64
N TYR QA 27 -46.82 33.88 22.34
CA TYR QA 27 -47.04 35.13 21.64
C TYR QA 27 -48.25 35.87 22.20
N LEU QA 28 -49.32 35.13 22.53
CA LEU QA 28 -50.55 35.78 22.99
C LEU QA 28 -50.51 36.11 24.48
N LYS QA 29 -50.19 35.11 25.32
CA LYS QA 29 -50.24 35.33 26.76
C LYS QA 29 -49.20 36.35 27.23
N ALA QA 30 -48.14 36.55 26.45
CA ALA QA 30 -47.11 37.50 26.81
C ALA QA 30 -47.07 38.68 25.85
N PRO RA 1 -31.80 -22.70 -38.99
CA PRO RA 1 -32.74 -21.72 -38.43
C PRO RA 1 -33.42 -22.23 -37.16
N LYS RA 2 -34.03 -21.31 -36.41
CA LYS RA 2 -34.75 -21.66 -35.19
C LYS RA 2 -36.26 -21.42 -35.33
N SER RA 3 -36.65 -20.19 -35.64
CA SER RA 3 -38.06 -19.82 -35.81
C SER RA 3 -38.89 -20.22 -34.59
N GLN RA 4 -38.31 -20.04 -33.41
CA GLN RA 4 -38.94 -20.43 -32.16
C GLN RA 4 -39.03 -19.22 -31.25
N VAL RA 5 -40.24 -18.90 -30.80
CA VAL RA 5 -40.49 -17.77 -29.91
C VAL RA 5 -41.32 -18.27 -28.74
N THR RA 6 -40.88 -17.94 -27.52
CA THR RA 6 -41.55 -18.40 -26.30
C THR RA 6 -42.28 -17.24 -25.64
N PRO RA 7 -43.61 -17.18 -25.74
CA PRO RA 7 -44.34 -16.12 -25.05
C PRO RA 7 -44.22 -16.27 -23.54
N SER RA 8 -44.25 -15.13 -22.85
CA SER RA 8 -44.09 -15.11 -21.41
C SER RA 8 -45.37 -14.63 -20.73
N PRO RA 9 -45.84 -15.33 -19.70
CA PRO RA 9 -47.05 -14.88 -18.98
C PRO RA 9 -46.82 -13.65 -18.12
N ASP RA 10 -45.57 -13.33 -17.79
CA ASP RA 10 -45.25 -12.16 -16.99
C ASP RA 10 -44.87 -10.95 -17.84
N ARG RA 11 -45.19 -10.97 -19.13
CA ARG RA 11 -44.87 -9.85 -20.00
C ARG RA 11 -45.56 -8.58 -19.52
N VAL RA 12 -44.85 -7.46 -19.59
CA VAL RA 12 -45.36 -6.19 -19.11
C VAL RA 12 -46.07 -5.48 -20.26
N LYS RA 13 -47.34 -5.16 -20.06
CA LYS RA 13 -48.12 -4.41 -21.03
C LYS RA 13 -48.75 -3.22 -20.32
N TRP RA 14 -48.62 -2.03 -20.94
CA TRP RA 14 -49.17 -0.79 -20.39
C TRP RA 14 -48.63 -0.53 -18.98
N ASP RA 15 -47.33 -0.24 -18.94
CA ASP RA 15 -46.71 0.17 -17.69
C ASP RA 15 -47.36 1.46 -17.20
N TYR RA 16 -48.12 1.37 -16.11
CA TYR RA 16 -48.81 2.55 -15.59
C TYR RA 16 -47.83 3.62 -15.11
N ARG RA 17 -46.63 3.22 -14.69
CA ARG RA 17 -45.62 4.18 -14.28
C ARG RA 17 -45.13 5.04 -15.44
N GLY RA 18 -45.42 4.68 -16.68
CA GLY RA 18 -45.00 5.47 -17.81
C GLY RA 18 -43.68 5.03 -18.39
N GLN RA 19 -42.63 5.79 -18.11
CA GLN RA 19 -41.31 5.51 -18.66
C GLN RA 19 -40.19 5.55 -17.62
N ARG RA 20 -40.36 6.28 -16.51
CA ARG RA 20 -39.29 6.55 -15.55
C ARG RA 20 -38.13 7.27 -16.23
N GLN RA 21 -38.42 8.51 -16.61
CA GLN RA 21 -37.50 9.39 -17.33
C GLN RA 21 -36.04 9.23 -16.91
N ILE RA 22 -35.78 9.22 -15.60
CA ILE RA 22 -34.44 9.05 -15.09
C ILE RA 22 -34.19 7.55 -14.88
N ILE RA 23 -33.19 7.02 -15.58
CA ILE RA 23 -32.85 5.60 -15.47
C ILE RA 23 -31.41 5.47 -14.97
N PRO RA 24 -31.21 5.10 -13.70
CA PRO RA 24 -29.85 4.91 -13.19
C PRO RA 24 -29.33 3.51 -13.45
N LEU RA 25 -28.01 3.42 -13.57
CA LEU RA 25 -27.31 2.15 -13.75
C LEU RA 25 -26.33 2.00 -12.59
N GLY RA 26 -26.81 1.45 -11.49
CA GLY RA 26 -25.99 1.32 -10.30
C GLY RA 26 -25.62 2.71 -9.77
N GLN RA 27 -24.32 2.95 -9.63
CA GLN RA 27 -23.86 4.29 -9.24
C GLN RA 27 -24.15 5.33 -10.30
N TRP RA 28 -24.33 4.90 -11.56
CA TRP RA 28 -24.45 5.83 -12.68
C TRP RA 28 -25.87 6.40 -12.69
N LEU RA 29 -26.13 7.29 -11.74
CA LEU RA 29 -27.39 8.01 -11.69
C LEU RA 29 -27.28 9.27 -12.51
N PRO RA 30 -28.16 9.49 -13.48
CA PRO RA 30 -28.10 10.73 -14.28
C PRO RA 30 -28.33 11.97 -13.42
N LYS RA 31 -27.32 12.81 -13.29
CA LYS RA 31 -27.44 14.03 -12.53
C LYS RA 31 -27.87 15.17 -13.46
N VAL RA 32 -28.86 15.94 -13.02
CA VAL RA 32 -29.35 17.09 -13.76
C VAL RA 32 -29.40 18.28 -12.82
N ALA RA 33 -28.85 19.40 -13.26
CA ALA RA 33 -28.85 20.60 -12.43
C ALA RA 33 -30.23 21.24 -12.43
N VAL RA 34 -30.52 21.98 -11.36
CA VAL RA 34 -31.74 22.76 -11.32
C VAL RA 34 -31.60 23.96 -12.26
N ASP RA 35 -32.74 24.44 -12.77
CA ASP RA 35 -32.77 25.35 -13.92
C ASP RA 35 -32.16 24.69 -15.16
N ALA RA 36 -32.49 23.42 -15.36
CA ALA RA 36 -32.22 22.72 -16.61
C ALA RA 36 -33.52 22.06 -17.05
N TYR RA 37 -34.11 22.56 -18.12
CA TYR RA 37 -35.43 22.12 -18.57
C TYR RA 37 -35.27 20.83 -19.36
N VAL RA 38 -35.76 19.74 -18.79
CA VAL RA 38 -35.74 18.42 -19.45
C VAL RA 38 -37.18 17.97 -19.59
N ALA RA 39 -37.62 17.76 -20.83
CA ALA RA 39 -39.00 17.39 -21.10
C ALA RA 39 -39.27 15.98 -20.58
N PRO RA 40 -40.53 15.69 -20.22
CA PRO RA 40 -40.85 14.34 -19.70
C PRO RA 40 -40.54 13.21 -20.66
N ASN RA 41 -40.69 13.43 -21.97
CA ASN RA 41 -40.40 12.38 -22.94
C ASN RA 41 -38.93 12.00 -22.98
N VAL RA 42 -38.05 12.85 -22.44
CA VAL RA 42 -36.63 12.60 -22.53
C VAL RA 42 -36.28 11.38 -21.69
N VAL RA 43 -35.49 10.48 -22.27
CA VAL RA 43 -35.01 9.29 -21.60
C VAL RA 43 -33.55 9.51 -21.23
N LEU RA 44 -33.26 9.53 -19.93
CA LEU RA 44 -31.91 9.75 -19.41
C LEU RA 44 -31.45 8.46 -18.76
N ALA RA 45 -30.40 7.86 -19.31
CA ALA RA 45 -29.86 6.61 -18.80
C ALA RA 45 -28.35 6.73 -18.67
N GLY RA 46 -27.78 5.90 -17.80
CA GLY RA 46 -26.34 5.90 -17.60
C GLY RA 46 -25.85 7.10 -16.81
N GLN RA 47 -24.66 7.59 -17.16
CA GLN RA 47 -23.99 8.67 -16.43
C GLN RA 47 -24.10 10.00 -17.18
N VAL RA 48 -25.24 10.24 -17.82
CA VAL RA 48 -25.46 11.53 -18.47
C VAL RA 48 -25.58 12.63 -17.41
N THR RA 49 -24.91 13.75 -17.66
CA THR RA 49 -24.92 14.89 -16.76
C THR RA 49 -25.37 16.14 -17.52
N VAL RA 50 -26.36 16.82 -16.98
CA VAL RA 50 -26.89 18.06 -17.58
C VAL RA 50 -26.65 19.18 -16.58
N TRP RA 51 -25.96 20.22 -17.02
CA TRP RA 51 -25.61 21.34 -16.16
C TRP RA 51 -26.70 22.41 -16.19
N ASP RA 52 -26.51 23.46 -15.39
CA ASP RA 52 -27.49 24.51 -15.27
C ASP RA 52 -27.60 25.32 -16.56
N GLY RA 53 -28.76 25.94 -16.75
CA GLY RA 53 -29.04 26.72 -17.94
C GLY RA 53 -29.26 25.90 -19.20
N SER RA 54 -28.90 24.62 -19.19
CA SER RA 54 -29.11 23.76 -20.34
C SER RA 54 -30.59 23.47 -20.52
N SER RA 55 -30.93 22.84 -21.64
CA SER RA 55 -32.30 22.45 -21.92
C SER RA 55 -32.30 21.25 -22.85
N VAL RA 56 -33.16 20.30 -22.55
CA VAL RA 56 -33.34 19.10 -23.38
C VAL RA 56 -34.82 18.96 -23.69
N TRP RA 57 -35.16 18.88 -24.97
CA TRP RA 57 -36.54 18.83 -25.41
C TRP RA 57 -36.98 17.39 -25.66
N ASN RA 58 -38.29 17.22 -25.80
CA ASN RA 58 -38.89 15.90 -25.83
C ASN RA 58 -38.41 15.08 -27.03
N GLY RA 59 -38.33 13.77 -26.85
CA GLY RA 59 -37.83 12.87 -27.85
C GLY RA 59 -36.37 12.50 -27.71
N ALA RA 60 -35.62 13.26 -26.93
CA ALA RA 60 -34.20 12.95 -26.75
C ALA RA 60 -34.03 11.71 -25.89
N VAL RA 61 -33.04 10.90 -26.23
CA VAL RA 61 -32.84 9.60 -25.60
C VAL RA 61 -31.45 9.49 -24.99
N LEU RA 62 -30.92 10.61 -24.49
CA LEU RA 62 -29.56 10.66 -23.95
C LEU RA 62 -29.26 9.51 -23.00
N ARG RA 63 -28.32 8.64 -23.37
CA ARG RA 63 -27.91 7.55 -22.52
C ARG RA 63 -26.38 7.46 -22.53
N GLY RA 64 -25.80 7.33 -21.34
CA GLY RA 64 -24.35 7.26 -21.21
C GLY RA 64 -23.89 5.95 -20.65
N ASP RA 65 -24.52 4.85 -21.10
CA ASP RA 65 -24.17 3.53 -20.59
C ASP RA 65 -22.75 3.13 -20.90
N LEU RA 66 -22.13 3.71 -21.94
CA LEU RA 66 -20.74 3.42 -22.26
C LEU RA 66 -19.79 4.47 -21.69
N ASN RA 67 -20.00 5.73 -22.02
CA ASN RA 67 -19.21 6.83 -21.50
C ASN RA 67 -20.14 7.97 -21.08
N LYS RA 68 -19.65 8.81 -20.18
CA LYS RA 68 -20.47 9.89 -19.64
C LYS RA 68 -20.83 10.90 -20.72
N ILE RA 69 -22.01 11.50 -20.57
CA ILE RA 69 -22.52 12.51 -21.49
C ILE RA 69 -22.53 13.83 -20.75
N THR RA 70 -21.93 14.86 -21.35
CA THR RA 70 -21.80 16.17 -20.73
C THR RA 70 -22.49 17.22 -21.57
N VAL RA 71 -23.34 18.02 -20.94
CA VAL RA 71 -24.00 19.15 -21.58
C VAL RA 71 -23.59 20.40 -20.81
N GLY RA 72 -23.01 21.37 -21.51
CA GLY RA 72 -22.45 22.54 -20.88
C GLY RA 72 -23.50 23.55 -20.47
N PHE RA 73 -23.02 24.62 -19.85
CA PHE RA 73 -23.90 25.69 -19.39
C PHE RA 73 -24.53 26.40 -20.57
N CYS RA 74 -25.83 26.65 -20.49
CA CYS RA 74 -26.59 27.35 -21.53
C CYS RA 74 -26.40 26.68 -22.88
N SER RA 75 -26.45 25.35 -22.89
CA SER RA 75 -26.35 24.55 -24.11
C SER RA 75 -27.61 23.71 -24.23
N ASN RA 76 -28.28 23.80 -25.37
CA ASN RA 76 -29.56 23.14 -25.58
C ASN RA 76 -29.43 22.01 -26.59
N VAL RA 77 -30.05 20.88 -26.27
CA VAL RA 77 -30.19 19.76 -27.19
C VAL RA 77 -31.65 19.67 -27.59
N GLN RA 78 -31.93 19.85 -28.87
CA GLN RA 78 -33.29 20.04 -29.35
C GLN RA 78 -34.05 18.72 -29.32
N GLU RA 79 -35.27 18.73 -29.86
CA GLU RA 79 -36.17 17.59 -29.76
C GLU RA 79 -35.76 16.46 -30.71
N ARG RA 80 -36.09 15.24 -30.30
CA ARG RA 80 -35.86 14.01 -31.07
C ARG RA 80 -34.39 13.76 -31.36
N CYS RA 81 -33.49 14.35 -30.58
CA CYS RA 81 -32.07 14.08 -30.74
C CYS RA 81 -31.73 12.72 -30.17
N VAL RA 82 -30.65 12.13 -30.70
CA VAL RA 82 -30.11 10.87 -30.18
C VAL RA 82 -28.62 11.08 -29.97
N VAL RA 83 -28.16 10.91 -28.73
CA VAL RA 83 -26.75 11.05 -28.41
C VAL RA 83 -26.28 9.77 -27.75
N HIS RA 84 -24.98 9.51 -27.85
CA HIS RA 84 -24.39 8.30 -27.31
C HIS RA 84 -22.89 8.49 -27.24
N ALA RA 85 -22.21 7.50 -26.66
CA ALA RA 85 -20.76 7.47 -26.61
C ALA RA 85 -20.29 6.03 -26.76
N ALA RA 86 -19.05 5.86 -27.21
CA ALA RA 86 -18.47 4.54 -27.43
C ALA RA 86 -17.34 4.30 -26.44
N TRP RA 87 -16.96 3.02 -26.30
CA TRP RA 87 -15.82 2.68 -25.46
C TRP RA 87 -14.53 3.26 -26.01
N SER RA 88 -14.34 3.19 -27.32
CA SER RA 88 -13.11 3.65 -27.96
C SER RA 88 -13.46 4.40 -29.23
N SER RA 89 -12.53 5.26 -29.66
CA SER RA 89 -12.69 6.07 -30.86
C SER RA 89 -11.54 5.83 -31.83
N PRO RA 90 -11.78 5.97 -33.14
CA PRO RA 90 -10.67 5.77 -34.10
C PRO RA 90 -9.57 6.81 -33.98
N THR RA 91 -9.87 7.99 -33.45
CA THR RA 91 -8.86 9.04 -33.34
C THR RA 91 -7.86 8.79 -32.22
N GLY RA 92 -8.18 7.91 -31.28
CA GLY RA 92 -7.32 7.65 -30.14
C GLY RA 92 -7.65 8.47 -28.90
N LEU RA 93 -8.37 9.57 -29.06
CA LEU RA 93 -8.78 10.37 -27.92
C LEU RA 93 -9.88 9.63 -27.14
N PRO RA 94 -10.10 10.01 -25.88
CA PRO RA 94 -11.19 9.39 -25.11
C PRO RA 94 -12.53 9.56 -25.82
N ALA RA 95 -13.29 8.47 -25.87
CA ALA RA 95 -14.53 8.42 -26.65
C ALA RA 95 -15.71 8.76 -25.74
N GLN RA 96 -15.81 10.06 -25.43
CA GLN RA 96 -16.93 10.59 -24.67
C GLN RA 96 -17.46 11.82 -25.39
N THR RA 97 -18.78 11.94 -25.47
CA THR RA 97 -19.39 13.09 -26.11
C THR RA 97 -19.61 14.18 -25.08
N LEU RA 98 -19.04 15.36 -25.32
CA LEU RA 98 -19.17 16.50 -24.43
C LEU RA 98 -19.60 17.70 -25.25
N ILE RA 99 -20.60 18.41 -24.76
CA ILE RA 99 -21.13 19.59 -25.42
C ILE RA 99 -20.85 20.80 -24.53
N ASP RA 100 -20.05 21.73 -25.04
CA ASP RA 100 -19.60 22.86 -24.25
C ASP RA 100 -20.69 23.93 -24.20
N ARG RA 101 -20.35 25.11 -23.70
CA ARG RA 101 -21.32 26.17 -23.50
C ARG RA 101 -21.79 26.75 -24.82
N TYR RA 102 -23.05 27.20 -24.84
CA TYR RA 102 -23.62 27.95 -25.95
C TYR RA 102 -23.60 27.15 -27.25
N VAL RA 103 -24.21 25.96 -27.21
CA VAL RA 103 -24.26 25.07 -28.37
C VAL RA 103 -25.71 24.69 -28.63
N THR RA 104 -26.21 25.00 -29.82
CA THR RA 104 -27.52 24.57 -30.27
C THR RA 104 -27.33 23.39 -31.22
N VAL RA 105 -27.99 22.27 -30.91
CA VAL RA 105 -27.66 21.01 -31.57
C VAL RA 105 -28.67 20.69 -32.66
N GLY RA 106 -29.89 21.18 -32.51
CA GLY RA 106 -30.89 21.02 -33.55
C GLY RA 106 -31.56 19.65 -33.57
N ALA RA 107 -32.80 19.60 -34.08
CA ALA RA 107 -33.58 18.38 -34.06
C ALA RA 107 -32.97 17.30 -34.95
N TYR RA 108 -33.20 16.04 -34.55
CA TYR RA 108 -32.62 14.87 -35.23
C TYR RA 108 -31.12 15.00 -35.41
N SER RA 109 -30.44 15.38 -34.33
CA SER RA 109 -28.99 15.38 -34.30
C SER RA 109 -28.51 14.03 -33.79
N LEU RA 110 -27.84 13.27 -34.66
CA LEU RA 110 -27.38 11.93 -34.30
C LEU RA 110 -25.94 11.99 -33.80
N LEU RA 111 -25.81 12.53 -32.59
CA LEU RA 111 -24.51 12.61 -31.94
C LEU RA 111 -24.10 11.25 -31.40
N ARG RA 112 -22.80 10.95 -31.47
CA ARG RA 112 -22.29 9.73 -30.85
C ARG RA 112 -20.78 9.85 -30.68
N SER RA 113 -20.32 9.91 -29.44
CA SER RA 113 -18.89 9.91 -29.11
C SER RA 113 -18.16 11.06 -29.82
N CYS RA 114 -18.80 12.22 -29.87
CA CYS RA 114 -18.27 13.38 -30.56
C CYS RA 114 -17.58 14.30 -29.56
N THR RA 115 -17.21 15.50 -30.01
CA THR RA 115 -16.61 16.51 -29.14
C THR RA 115 -16.93 17.88 -29.74
N ILE RA 116 -17.84 18.61 -29.11
CA ILE RA 116 -18.33 19.88 -29.61
C ILE RA 116 -17.85 20.99 -28.70
N GLU RA 117 -17.19 21.98 -29.31
CA GLU RA 117 -16.64 23.13 -28.59
C GLU RA 117 -17.70 24.22 -28.47
N PRO RA 118 -17.42 25.29 -27.73
CA PRO RA 118 -18.42 26.36 -27.57
C PRO RA 118 -18.76 27.06 -28.87
N GLU RA 119 -19.99 27.57 -28.94
CA GLU RA 119 -20.52 28.31 -30.09
C GLU RA 119 -20.39 27.50 -31.37
N CYS RA 120 -21.06 26.35 -31.39
CA CYS RA 120 -20.96 25.39 -32.48
C CYS RA 120 -22.36 24.91 -32.89
N ILE RA 121 -23.24 25.87 -33.18
CA ILE RA 121 -24.60 25.59 -33.64
C ILE RA 121 -24.63 24.47 -34.67
N ILE RA 122 -25.57 23.55 -34.52
CA ILE RA 122 -25.66 22.35 -35.34
C ILE RA 122 -27.03 22.31 -36.01
N GLY RA 123 -27.05 22.07 -37.32
CA GLY RA 123 -28.30 22.00 -38.05
C GLY RA 123 -29.02 20.68 -37.87
N GLN RA 124 -30.25 20.63 -38.38
CA GLN RA 124 -31.09 19.45 -38.25
C GLN RA 124 -30.57 18.33 -39.15
N HIS RA 125 -30.96 17.10 -38.79
CA HIS RA 125 -30.50 15.89 -39.47
C HIS RA 125 -28.97 15.85 -39.57
N SER RA 126 -28.32 16.15 -38.45
CA SER RA 126 -26.88 16.08 -38.34
C SER RA 126 -26.50 14.70 -37.80
N ILE RA 127 -25.53 14.07 -38.45
CA ILE RA 127 -25.27 12.64 -38.27
C ILE RA 127 -23.83 12.49 -37.80
N LEU RA 128 -23.38 13.38 -36.92
CA LEU RA 128 -22.03 13.36 -36.40
C LEU RA 128 -21.60 11.97 -35.95
N MET RA 129 -20.50 11.48 -36.53
CA MET RA 129 -19.88 10.21 -36.18
C MET RA 129 -18.90 10.36 -35.01
N GLU RA 130 -18.33 9.23 -34.60
CA GLU RA 130 -17.43 9.18 -33.46
C GLU RA 130 -16.08 9.77 -33.80
N GLY RA 131 -15.50 10.49 -32.83
CA GLY RA 131 -14.19 11.09 -33.02
C GLY RA 131 -14.19 12.43 -33.72
N SER RA 132 -15.35 12.92 -34.16
CA SER RA 132 -15.43 14.21 -34.82
C SER RA 132 -15.16 15.34 -33.81
N LEU RA 133 -14.45 16.36 -34.27
CA LEU RA 133 -14.10 17.51 -33.43
C LEU RA 133 -14.55 18.78 -34.14
N VAL RA 134 -15.68 19.33 -33.69
CA VAL RA 134 -16.22 20.56 -34.25
C VAL RA 134 -15.61 21.71 -33.46
N GLU RA 135 -14.51 22.26 -33.98
CA GLU RA 135 -13.75 23.27 -33.27
C GLU RA 135 -14.61 24.51 -32.99
N THR RA 136 -14.11 25.36 -32.10
CA THR RA 136 -14.89 26.48 -31.59
C THR RA 136 -15.34 27.40 -32.72
N ARG RA 137 -16.51 27.99 -32.53
CA ARG RA 137 -17.06 29.00 -33.44
C ARG RA 137 -17.20 28.44 -34.86
N SER RA 138 -18.06 27.43 -34.99
CA SER RA 138 -18.34 26.79 -36.26
C SER RA 138 -19.83 26.58 -36.41
N ILE RA 139 -20.28 26.47 -37.65
CA ILE RA 139 -21.68 26.27 -37.99
C ILE RA 139 -21.79 25.02 -38.85
N LEU RA 140 -22.77 24.17 -38.56
CA LEU RA 140 -22.99 22.94 -39.31
C LEU RA 140 -24.37 22.99 -39.93
N GLU RA 141 -24.43 23.04 -41.26
CA GLU RA 141 -25.69 23.19 -41.95
C GLU RA 141 -26.53 21.91 -41.85
N ALA RA 142 -27.84 22.07 -42.06
CA ALA RA 142 -28.76 20.95 -41.94
C ALA RA 142 -28.40 19.84 -42.91
N GLY RA 143 -28.50 18.60 -42.44
CA GLY RA 143 -28.20 17.44 -43.25
C GLY RA 143 -26.73 17.06 -43.31
N SER RA 144 -25.86 17.81 -42.64
CA SER RA 144 -24.42 17.53 -42.71
C SER RA 144 -24.11 16.24 -41.97
N VAL RA 145 -23.30 15.38 -42.61
CA VAL RA 145 -22.87 14.11 -42.03
C VAL RA 145 -21.34 14.09 -42.10
N LEU RA 146 -20.70 14.22 -40.95
CA LEU RA 146 -19.27 14.17 -41.25
C LEU RA 146 -18.69 12.81 -40.87
N PRO RA 147 -17.72 12.33 -41.65
CA PRO RA 147 -17.13 11.02 -41.39
C PRO RA 147 -16.34 11.02 -40.09
N PRO RA 148 -16.14 9.86 -39.47
CA PRO RA 148 -15.37 9.81 -38.23
C PRO RA 148 -13.96 10.35 -38.43
N GLY RA 149 -13.48 11.08 -37.43
CA GLY RA 149 -12.14 11.64 -37.45
C GLY RA 149 -12.01 13.00 -38.09
N ARG RA 150 -13.01 13.43 -38.86
CA ARG RA 150 -12.95 14.72 -39.52
C ARG RA 150 -13.23 15.86 -38.53
N ARG RA 151 -12.53 16.96 -38.72
CA ARG RA 151 -12.66 18.13 -37.86
C ARG RA 151 -13.10 19.34 -38.67
N ILE RA 152 -13.78 20.26 -38.01
CA ILE RA 152 -14.31 21.48 -38.61
C ILE RA 152 -13.43 22.65 -38.15
N PRO RA 153 -12.73 23.34 -39.06
CA PRO RA 153 -11.91 24.48 -38.64
C PRO RA 153 -12.78 25.60 -38.08
N SER RA 154 -12.18 26.38 -37.18
CA SER RA 154 -12.89 27.47 -36.53
C SER RA 154 -13.29 28.54 -37.53
N GLY RA 155 -14.50 29.07 -37.38
CA GLY RA 155 -14.98 30.14 -38.23
C GLY RA 155 -15.40 29.72 -39.61
N GLU RA 156 -15.66 28.42 -39.83
CA GLU RA 156 -16.03 27.91 -41.14
C GLU RA 156 -17.31 27.11 -41.00
N LEU RA 157 -18.30 27.40 -41.85
CA LEU RA 157 -19.56 26.69 -41.85
C LEU RA 157 -19.58 25.65 -42.96
N TRP RA 158 -20.04 24.45 -42.64
CA TRP RA 158 -19.99 23.33 -43.55
C TRP RA 158 -21.39 22.78 -43.79
N GLY RA 159 -21.58 22.18 -44.97
CA GLY RA 159 -22.87 21.63 -45.34
C GLY RA 159 -22.77 20.45 -46.27
N GLY RA 160 -23.91 20.04 -46.85
CA GLY RA 160 -23.94 18.91 -47.75
C GLY RA 160 -23.94 17.58 -47.01
N ASN RA 161 -24.13 16.51 -47.77
CA ASN RA 161 -24.13 15.18 -47.18
C ASN RA 161 -22.78 14.86 -46.53
N PRO RA 162 -21.63 15.02 -47.19
CA PRO RA 162 -20.36 14.82 -46.49
C PRO RA 162 -19.87 16.12 -45.88
N ALA RA 163 -18.77 16.02 -45.15
CA ALA RA 163 -18.14 17.18 -44.53
C ALA RA 163 -17.51 18.03 -45.61
N ARG RA 164 -18.21 19.09 -46.04
CA ARG RA 164 -17.77 19.91 -47.15
C ARG RA 164 -17.72 21.37 -46.73
N PHE RA 165 -16.56 22.00 -46.91
CA PHE RA 165 -16.42 23.43 -46.65
C PHE RA 165 -17.33 24.22 -47.59
N ILE RA 166 -18.06 25.18 -47.03
CA ILE RA 166 -18.99 26.02 -47.79
C ILE RA 166 -18.48 27.46 -47.92
N ARG RA 167 -18.34 28.16 -46.79
CA ARG RA 167 -17.89 29.55 -46.82
C ARG RA 167 -17.34 29.93 -45.46
N THR RA 168 -16.73 31.10 -45.41
CA THR RA 168 -16.17 31.66 -44.19
C THR RA 168 -17.23 32.40 -43.38
N LEU RA 169 -16.86 32.82 -42.18
CA LEU RA 169 -17.74 33.54 -41.29
C LEU RA 169 -17.18 34.91 -40.95
N THR RA 170 -18.09 35.85 -40.72
CA THR RA 170 -17.77 37.20 -40.28
C THR RA 170 -18.10 37.34 -38.80
N ASN RA 171 -17.57 38.40 -38.19
CA ASN RA 171 -17.77 38.60 -36.76
C ASN RA 171 -19.24 38.77 -36.40
N GLU RA 172 -19.98 39.52 -37.23
CA GLU RA 172 -21.39 39.75 -36.94
C GLU RA 172 -22.19 38.45 -36.96
N GLU RA 173 -21.91 37.58 -37.94
CA GLU RA 173 -22.57 36.28 -37.97
C GLU RA 173 -22.11 35.39 -36.83
N THR RA 174 -20.83 35.46 -36.47
CA THR RA 174 -20.30 34.62 -35.41
C THR RA 174 -20.92 34.96 -34.05
N LEU RA 175 -21.09 36.24 -33.76
CA LEU RA 175 -21.55 36.67 -32.45
C LEU RA 175 -23.01 36.32 -32.18
N GLU RA 176 -23.78 35.91 -33.19
CA GLU RA 176 -25.19 35.61 -32.99
C GLU RA 176 -25.43 34.26 -32.36
N ILE RA 177 -24.43 33.37 -32.36
CA ILE RA 177 -24.63 32.04 -31.76
C ILE RA 177 -24.92 32.11 -30.27
N PRO RA 178 -24.17 32.85 -29.45
CA PRO RA 178 -24.56 32.98 -28.03
C PRO RA 178 -25.93 33.61 -27.85
N LYS RA 179 -26.30 34.55 -28.71
CA LYS RA 179 -27.64 35.12 -28.63
C LYS RA 179 -28.71 34.07 -28.88
N LEU RA 180 -28.48 33.18 -29.86
CA LEU RA 180 -29.40 32.09 -30.10
C LEU RA 180 -29.47 31.15 -28.90
N ALA RA 181 -28.31 30.84 -28.32
CA ALA RA 181 -28.30 29.95 -27.16
C ALA RA 181 -29.09 30.54 -26.00
N VAL RA 182 -28.89 31.83 -25.72
CA VAL RA 182 -29.62 32.44 -24.60
C VAL RA 182 -31.10 32.60 -24.93
N ALA RA 183 -31.45 32.77 -26.21
CA ALA RA 183 -32.86 32.81 -26.57
C ALA RA 183 -33.54 31.46 -26.33
N ILE RA 184 -32.86 30.37 -26.72
CA ILE RA 184 -33.40 29.05 -26.43
C ILE RA 184 -33.47 28.82 -24.93
N ASN RA 185 -32.49 29.34 -24.19
CA ASN RA 185 -32.53 29.25 -22.73
C ASN RA 185 -33.74 29.98 -22.16
N HIS RA 186 -34.05 31.16 -22.71
CA HIS RA 186 -35.23 31.91 -22.25
C HIS RA 186 -36.51 31.14 -22.55
N LEU RA 187 -36.60 30.55 -23.74
CA LEU RA 187 -37.78 29.75 -24.07
C LEU RA 187 -37.91 28.56 -23.13
N SER RA 188 -36.79 27.89 -22.83
CA SER RA 188 -36.83 26.75 -21.91
C SER RA 188 -37.21 27.20 -20.50
N GLY RA 189 -36.79 28.40 -20.11
CA GLY RA 189 -37.21 28.93 -18.83
C GLY RA 189 -38.69 29.22 -18.78
N ASP RA 190 -39.25 29.72 -19.89
CA ASP RA 190 -40.69 29.88 -19.97
C ASP RA 190 -41.41 28.54 -19.87
N TYR RA 191 -40.87 27.52 -20.54
CA TYR RA 191 -41.51 26.20 -20.53
C TYR RA 191 -41.38 25.52 -19.16
N PHE RA 192 -40.29 25.81 -18.43
CA PHE RA 192 -40.04 25.13 -17.16
C PHE RA 192 -41.12 25.45 -16.13
N SER RA 193 -41.59 26.70 -16.09
CA SER RA 193 -42.59 27.09 -15.10
C SER RA 193 -43.95 26.45 -15.35
N GLU RA 194 -44.16 25.81 -16.49
CA GLU RA 194 -45.46 25.23 -16.79
C GLU RA 194 -45.81 24.11 -15.81
N PHE RA 195 -44.85 23.22 -15.54
CA PHE RA 195 -45.09 22.11 -14.62
C PHE RA 195 -44.26 22.29 -13.36
N LEU RA 196 -44.92 22.17 -12.22
CA LEU RA 196 -44.30 22.24 -10.90
C LEU RA 196 -43.72 20.89 -10.53
N PRO RA 197 -42.86 20.83 -9.50
CA PRO RA 197 -42.38 19.55 -9.01
C PRO RA 197 -43.54 18.66 -8.56
N TYR RA 198 -43.30 17.34 -8.45
CA TYR RA 198 -44.15 16.41 -7.68
C TYR RA 198 -45.60 16.42 -8.19
N SER RA 199 -45.75 15.95 -9.42
CA SER RA 199 -47.03 15.98 -10.11
C SER RA 199 -48.08 15.21 -9.34
N THR RA 200 -49.33 15.69 -9.43
CA THR RA 200 -50.46 15.14 -8.70
C THR RA 200 -51.08 13.91 -9.37
N ILE RA 201 -50.35 13.27 -10.30
CA ILE RA 201 -50.90 12.11 -10.99
C ILE RA 201 -51.16 10.95 -10.03
N TYR RA 202 -50.47 10.94 -8.88
CA TYR RA 202 -50.62 9.84 -7.94
C TYR RA 202 -52.04 9.76 -7.39
N LEU RA 203 -52.79 10.86 -7.41
CA LEU RA 203 -54.19 10.81 -7.01
C LEU RA 203 -54.99 9.92 -7.95
N GLU RA 204 -54.75 10.03 -9.26
CA GLU RA 204 -55.46 9.20 -10.22
C GLU RA 204 -55.13 7.72 -10.01
N VAL RA 205 -53.86 7.41 -9.75
CA VAL RA 205 -53.47 6.04 -9.48
C VAL RA 205 -54.14 5.51 -8.22
N GLU RA 206 -54.18 6.34 -7.17
CA GLU RA 206 -54.82 5.90 -5.93
C GLU RA 206 -56.32 5.69 -6.11
N LYS RA 207 -56.97 6.56 -6.87
CA LYS RA 207 -58.39 6.37 -7.16
C LYS RA 207 -58.62 5.08 -7.95
N PHE RA 208 -57.76 4.81 -8.95
CA PHE RA 208 -57.89 3.60 -9.74
C PHE RA 208 -57.69 2.37 -8.87
N LYS RA 209 -56.71 2.41 -7.96
CA LYS RA 209 -56.49 1.31 -7.02
C LYS RA 209 -57.67 1.12 -6.08
N LYS RA 210 -58.27 2.22 -5.62
CA LYS RA 210 -59.42 2.12 -4.73
C LYS RA 210 -60.64 1.55 -5.45
N SER RA 211 -60.76 1.84 -6.75
CA SER RA 211 -61.89 1.34 -7.53
C SER RA 211 -61.89 -0.18 -7.67
N LEU RA 212 -60.78 -0.85 -7.40
CA LEU RA 212 -60.71 -2.30 -7.52
C LEU RA 212 -59.71 -2.83 -6.48
N GLY RA 213 -60.22 -3.63 -5.55
CA GLY RA 213 -59.37 -4.11 -4.46
C GLY RA 213 -58.82 -2.97 -3.64
N ILE RA 214 -57.53 -3.05 -3.33
CA ILE RA 214 -56.86 -2.00 -2.57
C ILE RA 214 -55.36 -1.99 -2.89
N GLY SA 1 -52.59 3.15 18.19
CA GLY SA 1 -53.66 3.21 19.15
C GLY SA 1 -54.55 4.41 18.99
N THR SA 2 -55.00 4.98 20.12
CA THR SA 2 -55.84 6.17 20.06
C THR SA 2 -55.09 7.35 19.46
N LEU SA 3 -53.81 7.51 19.83
CA LEU SA 3 -53.00 8.57 19.25
C LEU SA 3 -52.82 8.37 17.75
N GLY SA 4 -52.60 7.12 17.32
CA GLY SA 4 -52.49 6.85 15.91
C GLY SA 4 -53.76 7.15 15.15
N ARG SA 5 -54.92 6.81 15.73
CA ARG SA 5 -56.19 7.10 15.09
C ARG SA 5 -56.43 8.62 15.01
N ALA SA 6 -56.10 9.34 16.07
CA ALA SA 6 -56.27 10.79 16.04
C ALA SA 6 -55.36 11.43 14.99
N ILE SA 7 -54.13 10.95 14.88
CA ILE SA 7 -53.20 11.49 13.88
C ILE SA 7 -53.66 11.13 12.47
N TYR SA 8 -54.20 9.93 12.29
CA TYR SA 8 -54.80 9.59 10.99
C TYR SA 8 -55.95 10.52 10.65
N THR SA 9 -56.79 10.83 11.64
CA THR SA 9 -57.92 11.73 11.41
C THR SA 9 -57.44 13.12 11.02
N VAL SA 10 -56.47 13.67 11.75
CA VAL SA 10 -56.01 15.01 11.42
C VAL SA 10 -55.29 15.02 10.07
N GLY SA 11 -54.60 13.93 9.73
CA GLY SA 11 -54.02 13.82 8.41
C GLY SA 11 -55.07 13.81 7.32
N ASN SA 12 -56.19 13.12 7.56
CA ASN SA 12 -57.28 13.12 6.59
C ASN SA 12 -57.88 14.51 6.44
N TRP SA 13 -58.05 15.22 7.55
CA TRP SA 13 -58.53 16.61 7.48
C TRP SA 13 -57.57 17.48 6.67
N ILE SA 14 -56.27 17.35 6.92
CA ILE SA 14 -55.29 18.15 6.19
C ILE SA 14 -55.30 17.80 4.71
N ARG SA 15 -55.42 16.51 4.38
CA ARG SA 15 -55.48 16.09 2.99
C ARG SA 15 -56.70 16.67 2.29
N GLY SA 16 -57.86 16.63 2.95
CA GLY SA 16 -59.06 17.19 2.35
C GLY SA 16 -58.94 18.69 2.14
N THR SA 17 -58.39 19.39 3.13
CA THR SA 17 -58.17 20.84 2.98
C THR SA 17 -57.22 21.12 1.83
N GLY SA 18 -56.16 20.33 1.70
CA GLY SA 18 -55.23 20.52 0.61
C GLY SA 18 -55.86 20.28 -0.75
N GLN SA 19 -56.71 19.24 -0.84
CA GLN SA 19 -57.40 18.98 -2.10
C GLN SA 19 -58.34 20.12 -2.47
N ALA SA 20 -59.10 20.62 -1.49
CA ALA SA 20 -59.99 21.74 -1.76
C ALA SA 20 -59.21 22.98 -2.19
N LEU SA 21 -58.09 23.26 -1.50
CA LEU SA 21 -57.29 24.43 -1.84
C LEU SA 21 -56.66 24.29 -3.23
N ASP SA 22 -56.21 23.09 -3.58
CA ASP SA 22 -55.68 22.85 -4.92
C ASP SA 22 -56.75 23.03 -5.98
N ARG SA 23 -57.96 22.55 -5.71
CA ARG SA 23 -59.06 22.75 -6.66
C ARG SA 23 -59.37 24.23 -6.83
N VAL SA 24 -59.39 24.98 -5.74
CA VAL SA 24 -59.65 26.42 -5.82
C VAL SA 24 -58.56 27.11 -6.62
N GLY SA 25 -57.30 26.74 -6.38
CA GLY SA 25 -56.21 27.34 -7.14
C GLY SA 25 -56.29 27.04 -8.63
N SER SA 26 -56.63 25.79 -8.97
CA SER SA 26 -56.81 25.44 -10.37
C SER SA 26 -57.97 26.21 -10.99
N LEU SA 27 -59.04 26.41 -10.22
CA LEU SA 27 -60.16 27.21 -10.71
C LEU SA 27 -59.75 28.65 -10.98
N LEU SA 28 -58.93 29.22 -10.09
CA LEU SA 28 -58.49 30.61 -10.27
C LEU SA 28 -57.68 30.79 -11.53
N GLN SA 29 -57.04 29.73 -12.03
CA GLN SA 29 -56.23 29.83 -13.25
C GLN SA 29 -57.06 30.06 -14.51
N GLY SA 30 -58.37 29.84 -14.45
CA GLY SA 30 -59.19 29.89 -15.65
C GLY SA 30 -59.22 28.61 -16.45
N SER SA 31 -58.78 27.49 -15.86
CA SER SA 31 -58.77 26.19 -16.53
C SER SA 31 -57.96 26.24 -17.84
N HIS SA 32 -56.87 27.00 -17.83
CA HIS SA 32 -56.01 27.10 -18.99
C HIS SA 32 -54.92 26.04 -19.02
N ARG SA 33 -54.79 25.22 -17.98
CA ARG SA 33 -53.81 24.15 -17.93
C ARG SA 33 -54.51 22.80 -18.04
N ILE SA 34 -53.97 21.94 -18.90
CA ILE SA 34 -54.51 20.59 -19.06
C ILE SA 34 -53.95 19.71 -17.96
N GLU SA 35 -54.83 19.15 -17.14
CA GLU SA 35 -54.40 18.29 -16.05
C GLU SA 35 -53.83 16.98 -16.61
N GLU SA 36 -52.89 16.41 -15.85
CA GLU SA 36 -52.16 15.24 -16.31
C GLU SA 36 -52.95 13.97 -16.04
N HIS SA 37 -53.02 13.09 -17.04
CA HIS SA 37 -53.64 11.79 -16.91
C HIS SA 37 -52.58 10.72 -16.71
N LEU SA 38 -53.02 9.53 -16.32
CA LEU SA 38 -52.09 8.51 -15.84
C LEU SA 38 -51.23 7.94 -16.98
N SER SA 39 -51.85 7.22 -17.91
CA SER SA 39 -51.10 6.62 -19.00
C SER SA 39 -52.03 6.13 -20.11
N ARG SA 40 -51.90 6.71 -21.31
CA ARG SA 40 -52.61 6.21 -22.46
C ARG SA 40 -51.73 5.39 -23.39
N HIS SA 41 -50.44 5.25 -23.07
CA HIS SA 41 -49.50 4.54 -23.93
C HIS SA 41 -49.36 3.08 -23.51
N ARG SA 42 -49.34 2.20 -24.49
CA ARG SA 42 -49.14 0.78 -24.28
C ARG SA 42 -47.85 0.36 -24.98
N THR SA 43 -46.98 -0.33 -24.26
CA THR SA 43 -45.66 -0.66 -24.80
C THR SA 43 -45.77 -1.59 -26.01
N LEU SA 44 -46.77 -2.46 -26.03
CA LEU SA 44 -47.02 -3.31 -27.18
C LEU SA 44 -48.48 -3.73 -27.14
N MET SA 45 -49.16 -3.60 -28.29
CA MET SA 45 -50.61 -3.79 -28.33
C MET SA 45 -51.02 -4.29 -29.70
N ASN SA 46 -52.11 -5.06 -29.71
CA ASN SA 46 -52.65 -5.59 -30.95
C ASN SA 46 -53.27 -4.49 -31.80
N VAL SA 47 -53.31 -4.72 -33.12
CA VAL SA 47 -53.79 -3.73 -34.08
C VAL SA 47 -55.22 -4.03 -34.55
N PHE SA 48 -55.44 -5.19 -35.17
CA PHE SA 48 -56.77 -5.56 -35.65
C PHE SA 48 -57.31 -6.80 -34.94
N ASP SA 49 -56.61 -7.93 -35.04
CA ASP SA 49 -57.02 -9.15 -34.37
C ASP SA 49 -55.87 -9.97 -33.82
N LYS SA 50 -54.63 -9.49 -33.93
CA LYS SA 50 -53.46 -10.27 -33.58
C LYS SA 50 -52.50 -9.43 -32.73
N SER SA 51 -52.00 -10.03 -31.66
CA SER SA 51 -51.04 -9.49 -30.71
C SER SA 51 -49.63 -9.87 -31.12
N PRO SA 52 -48.62 -9.06 -30.77
CA PRO SA 52 -47.26 -9.40 -31.14
C PRO SA 52 -46.75 -10.62 -30.41
N LEU SA 53 -45.88 -11.38 -31.07
CA LEU SA 53 -45.29 -12.59 -30.52
C LEU SA 53 -43.90 -12.24 -29.98
N VAL SA 54 -43.89 -11.61 -28.81
CA VAL SA 54 -42.65 -11.20 -28.18
C VAL SA 54 -42.10 -12.34 -27.33
N ASP SA 55 -40.82 -12.64 -27.52
CA ASP SA 55 -40.19 -13.70 -26.75
C ASP SA 55 -40.00 -13.28 -25.30
N LYS SA 56 -39.83 -14.27 -24.43
CA LYS SA 56 -39.64 -14.01 -23.00
C LYS SA 56 -38.33 -13.25 -22.77
N ASP SA 57 -37.30 -13.56 -23.55
CA ASP SA 57 -35.96 -13.02 -23.35
C ASP SA 57 -35.76 -11.68 -24.05
N VAL SA 58 -36.83 -10.93 -24.30
CA VAL SA 58 -36.77 -9.69 -25.06
C VAL SA 58 -36.89 -8.51 -24.10
N PHE SA 59 -36.00 -7.52 -24.28
CA PHE SA 59 -36.14 -6.24 -23.62
C PHE SA 59 -36.93 -5.31 -24.53
N VAL SA 60 -38.10 -4.87 -24.05
CA VAL SA 60 -38.91 -3.88 -24.75
C VAL SA 60 -39.00 -2.64 -23.86
N ALA SA 61 -38.64 -1.50 -24.42
CA ALA SA 61 -38.72 -0.25 -23.67
C ALA SA 61 -40.18 0.16 -23.51
N PRO SA 62 -40.59 0.59 -22.32
CA PRO SA 62 -41.98 1.07 -22.16
C PRO SA 62 -42.33 2.22 -23.09
N SER SA 63 -41.36 3.08 -23.42
CA SER SA 63 -41.61 4.12 -24.41
C SER SA 63 -41.85 3.52 -25.79
N ALA SA 64 -41.12 2.46 -26.14
CA ALA SA 64 -41.29 1.83 -27.44
C ALA SA 64 -42.69 1.25 -27.60
N SER SA 65 -43.21 1.31 -28.81
CA SER SA 65 -44.55 0.84 -29.13
C SER SA 65 -44.44 -0.22 -30.23
N VAL SA 66 -44.29 -1.49 -29.81
CA VAL SA 66 -44.20 -2.61 -30.74
C VAL SA 66 -45.64 -3.10 -30.94
N ILE SA 67 -46.35 -2.48 -31.87
CA ILE SA 67 -47.77 -2.73 -32.05
C ILE SA 67 -47.98 -3.80 -33.12
N GLY SA 68 -49.16 -4.41 -33.08
CA GLY SA 68 -49.58 -5.30 -34.16
C GLY SA 68 -48.86 -6.64 -34.16
N ASP SA 69 -48.78 -7.24 -35.35
CA ASP SA 69 -48.19 -8.56 -35.53
C ASP SA 69 -46.70 -8.41 -35.79
N VAL SA 70 -45.94 -8.36 -34.70
CA VAL SA 70 -44.49 -8.27 -34.75
C VAL SA 70 -43.91 -9.41 -33.93
N GLN SA 71 -43.03 -10.20 -34.53
CA GLN SA 71 -42.41 -11.34 -33.89
C GLN SA 71 -40.97 -11.00 -33.54
N ILE SA 72 -40.58 -11.23 -32.29
CA ILE SA 72 -39.26 -10.87 -31.78
C ILE SA 72 -38.57 -12.14 -31.31
N GLY SA 73 -37.32 -12.33 -31.74
CA GLY SA 73 -36.56 -13.52 -31.38
C GLY SA 73 -35.91 -13.41 -30.01
N LYS SA 74 -35.19 -14.47 -29.65
CA LYS SA 74 -34.54 -14.54 -28.36
C LYS SA 74 -33.36 -13.58 -28.28
N GLY SA 75 -33.19 -12.96 -27.11
CA GLY SA 75 -32.07 -12.06 -26.87
C GLY SA 75 -32.17 -10.71 -27.54
N SER SA 76 -32.97 -10.58 -28.60
CA SER SA 76 -33.13 -9.30 -29.26
C SER SA 76 -33.90 -8.32 -28.36
N SER SA 77 -33.60 -7.04 -28.51
CA SER SA 77 -34.16 -6.01 -27.65
C SER SA 77 -34.59 -4.81 -28.48
N ILE SA 78 -35.58 -4.08 -27.97
CA ILE SA 78 -36.05 -2.84 -28.56
C ILE SA 78 -35.75 -1.71 -27.58
N TRP SA 79 -35.10 -0.66 -28.07
CA TRP SA 79 -34.63 0.42 -27.23
C TRP SA 79 -35.71 1.50 -27.10
N TYR SA 80 -35.34 2.62 -26.48
CA TYR SA 80 -36.33 3.64 -26.13
C TYR SA 80 -36.73 4.45 -27.36
N GLY SA 81 -38.03 4.74 -27.45
CA GLY SA 81 -38.54 5.57 -28.53
C GLY SA 81 -38.63 4.89 -29.88
N CYS SA 82 -38.43 3.57 -29.92
CA CYS SA 82 -38.46 2.84 -31.19
C CYS SA 82 -39.88 2.34 -31.48
N VAL SA 83 -40.29 2.48 -32.73
CA VAL SA 83 -41.66 2.16 -33.15
C VAL SA 83 -41.61 1.00 -34.13
N LEU SA 84 -42.19 -0.13 -33.72
CA LEU SA 84 -42.40 -1.28 -34.60
C LEU SA 84 -43.85 -1.27 -35.05
N ARG SA 85 -44.16 -0.37 -35.99
CA ARG SA 85 -45.54 -0.20 -36.47
C ARG SA 85 -45.82 -1.24 -37.54
N GLY SA 86 -46.10 -2.46 -37.09
CA GLY SA 86 -46.50 -3.52 -38.00
C GLY SA 86 -47.98 -3.83 -37.90
N ASP SA 87 -48.74 -3.40 -38.89
CA ASP SA 87 -50.20 -3.49 -38.85
C ASP SA 87 -50.81 -4.28 -39.99
N VAL SA 88 -50.11 -4.50 -41.10
CA VAL SA 88 -50.64 -5.23 -42.24
C VAL SA 88 -49.91 -6.54 -42.48
N ASN SA 89 -48.60 -6.56 -42.26
CA ASN SA 89 -47.81 -7.77 -42.46
C ASN SA 89 -46.88 -7.98 -41.27
N ASN SA 90 -46.48 -9.22 -41.08
CA ASN SA 90 -45.65 -9.58 -39.94
C ASN SA 90 -44.27 -8.94 -40.04
N ILE SA 91 -43.67 -8.67 -38.89
CA ILE SA 91 -42.31 -8.16 -38.79
C ILE SA 91 -41.50 -9.23 -38.06
N SER SA 92 -40.87 -10.12 -38.82
CA SER SA 92 -40.08 -11.20 -38.24
C SER SA 92 -38.71 -10.64 -37.85
N VAL SA 93 -38.43 -10.61 -36.55
CA VAL SA 93 -37.17 -10.10 -36.04
C VAL SA 93 -36.34 -11.27 -35.53
N GLY SA 94 -35.08 -11.32 -35.94
CA GLY SA 94 -34.21 -12.41 -35.58
C GLY SA 94 -33.88 -12.43 -34.10
N SER SA 95 -32.88 -13.26 -33.78
CA SER SA 95 -32.45 -13.46 -32.39
C SER SA 95 -31.17 -12.70 -32.13
N GLY SA 96 -31.13 -12.01 -30.99
CA GLY SA 96 -29.96 -11.25 -30.59
C GLY SA 96 -29.80 -9.92 -31.28
N THR SA 97 -30.83 -9.43 -31.96
CA THR SA 97 -30.74 -8.17 -32.69
C THR SA 97 -31.03 -7.00 -31.76
N ASN SA 98 -31.07 -5.80 -32.31
CA ASN SA 98 -31.36 -4.60 -31.51
C ASN SA 98 -31.80 -3.47 -32.44
N ILE SA 99 -33.07 -3.10 -32.35
CA ILE SA 99 -33.58 -1.93 -33.07
C ILE SA 99 -33.47 -0.76 -32.11
N GLN SA 100 -32.56 0.17 -32.41
CA GLN SA 100 -32.05 1.11 -31.41
C GLN SA 100 -33.03 2.25 -31.18
N ASP SA 101 -32.54 3.29 -30.49
CA ASP SA 101 -33.39 4.37 -30.03
C ASP SA 101 -33.99 5.16 -31.19
N ASN SA 102 -35.24 5.58 -31.00
CA ASN SA 102 -35.96 6.44 -31.95
C ASN SA 102 -36.07 5.82 -33.34
N THR SA 103 -35.93 4.51 -33.44
CA THR SA 103 -35.94 3.83 -34.74
C THR SA 103 -37.36 3.48 -35.16
N LEU SA 104 -37.60 3.48 -36.46
CA LEU SA 104 -38.88 3.12 -37.04
C LEU SA 104 -38.70 1.97 -38.00
N VAL SA 105 -39.54 0.94 -37.85
CA VAL SA 105 -39.63 -0.16 -38.79
C VAL SA 105 -41.10 -0.32 -39.17
N HIS SA 106 -41.42 -0.05 -40.43
CA HIS SA 106 -42.80 -0.06 -40.89
C HIS SA 106 -42.92 -0.93 -42.14
N VAL SA 107 -44.10 -1.51 -42.32
CA VAL SA 107 -44.39 -2.38 -43.44
C VAL SA 107 -45.37 -1.68 -44.36
N ALA SA 108 -45.10 -1.73 -45.66
CA ALA SA 108 -46.01 -1.16 -46.64
C ALA SA 108 -47.32 -1.93 -46.65
N LYS SA 109 -48.38 -1.26 -47.12
CA LYS SA 109 -49.72 -1.84 -47.06
C LYS SA 109 -49.96 -2.81 -48.21
N THR SA 110 -49.01 -3.73 -48.42
CA THR SA 110 -49.14 -4.86 -49.34
C THR SA 110 -49.25 -4.44 -50.80
N ASN SA 111 -49.35 -3.13 -51.07
CA ASN SA 111 -49.54 -2.66 -52.43
C ASN SA 111 -48.79 -1.36 -52.71
N ILE SA 112 -47.65 -1.13 -52.04
CA ILE SA 112 -46.87 0.08 -52.34
C ILE SA 112 -46.31 0.00 -53.75
N SER SA 113 -46.03 -1.21 -54.24
CA SER SA 113 -45.62 -1.43 -55.61
C SER SA 113 -46.35 -2.58 -56.29
N GLY SA 114 -47.13 -3.36 -55.55
CA GLY SA 114 -47.89 -4.45 -56.13
C GLY SA 114 -47.49 -5.82 -55.60
N LYS SA 115 -46.19 -6.05 -55.45
CA LYS SA 115 -45.68 -7.33 -54.99
C LYS SA 115 -44.94 -7.17 -53.66
N VAL SA 116 -45.57 -6.45 -52.72
CA VAL SA 116 -44.93 -6.14 -51.46
C VAL SA 116 -44.76 -7.40 -50.62
N LEU SA 117 -43.57 -7.57 -50.04
CA LEU SA 117 -43.28 -8.64 -49.12
C LEU SA 117 -43.09 -8.09 -47.71
N PRO SA 118 -43.40 -8.87 -46.68
CA PRO SA 118 -43.31 -8.35 -45.30
C PRO SA 118 -41.88 -8.00 -44.91
N THR SA 119 -41.78 -7.04 -44.00
CA THR SA 119 -40.49 -6.56 -43.52
C THR SA 119 -39.86 -7.65 -42.66
N LEU SA 120 -38.89 -8.37 -43.22
CA LEU SA 120 -38.20 -9.44 -42.52
C LEU SA 120 -36.88 -8.91 -41.97
N ILE SA 121 -36.59 -9.23 -40.71
CA ILE SA 121 -35.37 -8.81 -40.04
C ILE SA 121 -34.56 -10.05 -39.69
N GLY SA 122 -33.29 -10.05 -40.08
CA GLY SA 122 -32.41 -11.17 -39.79
C GLY SA 122 -32.03 -11.21 -38.33
N ASP SA 123 -31.16 -12.17 -38.01
CA ASP SA 123 -30.65 -12.36 -36.67
C ASP SA 123 -29.20 -11.89 -36.57
N ASN SA 124 -28.81 -11.48 -35.37
CA ASN SA 124 -27.49 -10.89 -35.13
C ASN SA 124 -27.23 -9.70 -36.05
N VAL SA 125 -28.24 -8.84 -36.19
CA VAL SA 125 -28.15 -7.66 -37.03
C VAL SA 125 -28.55 -6.45 -36.21
N THR SA 126 -27.92 -5.32 -36.49
CA THR SA 126 -28.16 -4.08 -35.78
C THR SA 126 -28.67 -3.00 -36.74
N VAL SA 127 -29.58 -2.16 -36.24
CA VAL SA 127 -30.22 -1.14 -37.07
C VAL SA 127 -29.52 0.19 -36.86
N GLY SA 128 -29.52 0.69 -35.63
CA GLY SA 128 -28.67 1.80 -35.29
C GLY SA 128 -29.29 3.18 -35.25
N HIS SA 129 -29.60 3.65 -34.03
CA HIS SA 129 -29.86 5.05 -33.73
C HIS SA 129 -30.82 5.73 -34.69
N SER SA 130 -32.09 5.33 -34.67
CA SER SA 130 -33.16 6.04 -35.37
C SER SA 130 -33.01 5.94 -36.89
N ALA SA 131 -32.76 4.73 -37.38
CA ALA SA 131 -32.83 4.49 -38.81
C ALA SA 131 -34.28 4.33 -39.24
N VAL SA 132 -34.50 4.36 -40.55
CA VAL SA 132 -35.83 4.23 -41.12
C VAL SA 132 -35.87 2.95 -41.93
N ILE SA 133 -36.79 2.04 -41.57
CA ILE SA 133 -36.97 0.77 -42.26
C ILE SA 133 -38.40 0.71 -42.75
N HIS SA 134 -38.59 0.59 -44.07
CA HIS SA 134 -39.90 0.55 -44.71
C HIS SA 134 -39.85 -0.54 -45.78
N GLY SA 135 -40.29 -1.74 -45.43
CA GLY SA 135 -40.30 -2.84 -46.36
C GLY SA 135 -38.96 -3.50 -46.59
N CYS SA 136 -37.96 -3.22 -45.75
CA CYS SA 136 -36.65 -3.82 -45.91
C CYS SA 136 -36.68 -5.29 -45.54
N THR SA 137 -35.67 -6.01 -46.00
CA THR SA 137 -35.53 -7.46 -45.79
C THR SA 137 -34.14 -7.81 -45.33
N VAL SA 138 -33.66 -7.09 -44.30
CA VAL SA 138 -32.31 -7.30 -43.80
C VAL SA 138 -32.10 -8.76 -43.39
N GLU SA 139 -30.91 -9.28 -43.70
CA GLU SA 139 -30.52 -10.63 -43.34
C GLU SA 139 -29.54 -10.59 -42.16
N ASP SA 140 -28.97 -11.74 -41.84
CA ASP SA 140 -28.08 -11.86 -40.70
C ASP SA 140 -26.76 -11.13 -40.95
N ASP SA 141 -26.13 -10.71 -39.85
CA ASP SA 141 -24.77 -10.15 -39.87
C ASP SA 141 -24.67 -8.97 -40.82
N ALA SA 142 -25.41 -7.90 -40.51
CA ALA SA 142 -25.37 -6.67 -41.27
C ALA SA 142 -25.39 -5.48 -40.34
N PHE SA 143 -24.92 -4.34 -40.85
CA PHE SA 143 -24.97 -3.08 -40.12
C PHE SA 143 -25.75 -2.07 -40.94
N VAL SA 144 -26.63 -1.32 -40.27
CA VAL SA 144 -27.41 -0.26 -40.88
C VAL SA 144 -26.93 1.06 -40.31
N GLY SA 145 -26.79 2.06 -41.18
CA GLY SA 145 -26.24 3.33 -40.74
C GLY SA 145 -27.18 4.08 -39.81
N MET SA 146 -26.60 4.97 -39.02
CA MET SA 146 -27.38 5.83 -38.14
C MET SA 146 -28.28 6.74 -38.98
N GLY SA 147 -29.58 6.70 -38.68
CA GLY SA 147 -30.53 7.51 -39.42
C GLY SA 147 -30.74 7.09 -40.86
N ALA SA 148 -30.38 5.87 -41.22
CA ALA SA 148 -30.53 5.40 -42.59
C ALA SA 148 -32.01 5.26 -42.94
N THR SA 149 -32.29 5.31 -44.24
CA THR SA 149 -33.65 5.32 -44.76
C THR SA 149 -33.82 4.21 -45.80
N LEU SA 150 -33.43 2.99 -45.43
CA LEU SA 150 -33.62 1.84 -46.29
C LEU SA 150 -35.09 1.69 -46.66
N LEU SA 151 -35.40 1.85 -47.96
CA LEU SA 151 -36.77 1.94 -48.42
C LEU SA 151 -37.30 0.57 -48.83
N ASP SA 152 -38.45 0.55 -49.51
CA ASP SA 152 -39.09 -0.70 -49.90
C ASP SA 152 -38.31 -1.39 -51.00
N GLY SA 153 -38.21 -2.72 -50.90
CA GLY SA 153 -37.50 -3.52 -51.85
C GLY SA 153 -36.02 -3.68 -51.58
N VAL SA 154 -35.47 -2.98 -50.59
CA VAL SA 154 -34.05 -3.08 -50.30
C VAL SA 154 -33.77 -4.42 -49.65
N VAL SA 155 -32.87 -5.19 -50.26
CA VAL SA 155 -32.49 -6.51 -49.76
C VAL SA 155 -31.00 -6.45 -49.46
N VAL SA 156 -30.67 -6.15 -48.22
CA VAL SA 156 -29.27 -6.07 -47.79
C VAL SA 156 -28.86 -7.43 -47.22
N GLU SA 157 -27.81 -8.02 -47.80
CA GLU SA 157 -27.39 -9.37 -47.45
C GLU SA 157 -26.48 -9.32 -46.23
N LYS SA 158 -25.81 -10.44 -45.94
CA LYS SA 158 -24.88 -10.48 -44.82
C LYS SA 158 -23.62 -9.70 -45.15
N HIS SA 159 -23.06 -9.05 -44.13
CA HIS SA 159 -21.87 -8.21 -44.26
C HIS SA 159 -22.08 -7.15 -45.33
N ALA SA 160 -23.10 -6.32 -45.09
CA ALA SA 160 -23.58 -5.33 -46.05
C ALA SA 160 -23.77 -3.98 -45.37
N MET SA 161 -22.73 -3.53 -44.67
CA MET SA 161 -22.81 -2.29 -43.90
C MET SA 161 -23.26 -1.12 -44.77
N VAL SA 162 -24.21 -0.35 -44.24
CA VAL SA 162 -24.73 0.83 -44.89
C VAL SA 162 -24.19 2.05 -44.15
N ALA SA 163 -23.62 3.00 -44.88
CA ALA SA 163 -23.10 4.21 -44.27
C ALA SA 163 -24.22 5.03 -43.66
N ALA SA 164 -23.89 5.75 -42.59
CA ALA SA 164 -24.89 6.53 -41.87
C ALA SA 164 -25.46 7.64 -42.75
N GLY SA 165 -26.77 7.86 -42.63
CA GLY SA 165 -27.44 8.87 -43.42
C GLY SA 165 -27.73 8.49 -44.85
N SER SA 166 -27.54 7.22 -45.21
CA SER SA 166 -27.77 6.80 -46.58
C SER SA 166 -29.27 6.78 -46.90
N LEU SA 167 -29.57 6.80 -48.20
CA LEU SA 167 -30.93 6.86 -48.72
C LEU SA 167 -31.12 5.84 -49.84
N VAL SA 168 -30.74 4.59 -49.56
CA VAL SA 168 -30.89 3.48 -50.51
C VAL SA 168 -32.29 3.48 -51.09
N LYS SA 169 -32.39 3.47 -52.42
CA LYS SA 169 -33.66 3.68 -53.11
C LYS SA 169 -34.43 2.36 -53.23
N GLN SA 170 -35.49 2.36 -54.04
CA GLN SA 170 -36.38 1.22 -54.13
C GLN SA 170 -35.67 0.02 -54.76
N ASN SA 171 -35.93 -1.15 -54.20
CA ASN SA 171 -35.53 -2.44 -54.78
C ASN SA 171 -34.05 -2.48 -55.13
N THR SA 172 -33.22 -2.10 -54.16
CA THR SA 172 -31.78 -2.09 -54.32
C THR SA 172 -31.15 -3.16 -53.44
N ARG SA 173 -30.36 -4.03 -54.04
CA ARG SA 173 -29.68 -5.11 -53.33
C ARG SA 173 -28.19 -4.86 -53.34
N ILE SA 174 -27.58 -4.86 -52.17
CA ILE SA 174 -26.15 -4.62 -52.01
C ILE SA 174 -25.45 -5.98 -51.87
N PRO SA 175 -24.40 -6.24 -52.65
CA PRO SA 175 -23.63 -7.47 -52.46
C PRO SA 175 -22.96 -7.49 -51.09
N SER SA 176 -22.64 -8.69 -50.64
CA SER SA 176 -21.93 -8.85 -49.38
C SER SA 176 -20.55 -8.21 -49.45
N GLY SA 177 -20.20 -7.49 -48.39
CA GLY SA 177 -18.88 -6.89 -48.30
C GLY SA 177 -18.75 -5.49 -48.88
N GLU SA 178 -19.85 -4.75 -49.03
CA GLU SA 178 -19.81 -3.40 -49.57
C GLU SA 178 -20.28 -2.40 -48.52
N VAL SA 179 -19.86 -1.15 -48.69
CA VAL SA 179 -20.09 -0.09 -47.72
C VAL SA 179 -20.86 1.03 -48.41
N TRP SA 180 -21.78 0.66 -49.31
CA TRP SA 180 -22.64 1.60 -50.02
C TRP SA 180 -23.17 2.68 -49.09
N GLY SA 181 -23.01 3.94 -49.50
CA GLY SA 181 -23.43 5.06 -48.68
C GLY SA 181 -23.73 6.28 -49.52
N GLY SA 182 -24.13 7.35 -48.82
CA GLY SA 182 -24.50 8.59 -49.46
C GLY SA 182 -25.97 8.68 -49.76
N ASN SA 183 -26.37 9.85 -50.27
CA ASN SA 183 -27.78 10.04 -50.64
C ASN SA 183 -28.23 9.08 -51.74
N PRO SA 184 -27.47 8.85 -52.82
CA PRO SA 184 -27.81 7.73 -53.72
C PRO SA 184 -27.27 6.42 -53.17
N ALA SA 185 -27.37 5.34 -53.96
CA ALA SA 185 -26.72 4.10 -53.57
C ALA SA 185 -25.21 4.31 -53.43
N LYS SA 186 -24.54 4.62 -54.53
CA LYS SA 186 -23.23 5.28 -54.54
C LYS SA 186 -22.21 4.51 -53.69
N PHE SA 187 -21.86 3.33 -54.21
CA PHE SA 187 -20.84 2.48 -53.61
C PHE SA 187 -19.58 3.25 -53.22
N MET SA 188 -19.20 3.13 -51.95
CA MET SA 188 -18.01 3.78 -51.39
C MET SA 188 -16.81 2.85 -51.25
N ARG SA 189 -16.94 1.75 -50.52
CA ARG SA 189 -15.77 0.95 -50.18
C ARG SA 189 -16.20 -0.48 -49.93
N LYS SA 190 -15.22 -1.35 -49.72
CA LYS SA 190 -15.43 -2.77 -49.46
C LYS SA 190 -15.27 -3.03 -47.96
N LEU SA 191 -16.09 -3.93 -47.43
CA LEU SA 191 -16.05 -4.28 -46.02
C LEU SA 191 -14.81 -5.13 -45.73
N THR SA 192 -13.88 -4.57 -44.97
CA THR SA 192 -12.68 -5.31 -44.60
C THR SA 192 -12.99 -6.30 -43.47
N ASP SA 193 -12.02 -7.19 -43.21
CA ASP SA 193 -12.22 -8.20 -42.18
C ASP SA 193 -12.34 -7.58 -40.80
N GLU SA 194 -11.49 -6.60 -40.49
CA GLU SA 194 -11.53 -5.97 -39.17
C GLU SA 194 -12.85 -5.25 -38.93
N GLU SA 195 -13.39 -4.62 -39.98
CA GLU SA 195 -14.67 -3.93 -39.85
C GLU SA 195 -15.81 -4.93 -39.63
N ILE SA 196 -15.71 -6.10 -40.26
CA ILE SA 196 -16.68 -7.16 -40.01
C ILE SA 196 -16.59 -7.63 -38.55
N VAL SA 197 -15.36 -7.80 -38.05
CA VAL SA 197 -15.19 -8.20 -36.66
C VAL SA 197 -15.75 -7.15 -35.72
N TYR SA 198 -15.58 -5.86 -36.07
CA TYR SA 198 -16.14 -4.79 -35.26
C TYR SA 198 -17.68 -4.85 -35.24
N ILE SA 199 -18.29 -5.11 -36.40
CA ILE SA 199 -19.74 -5.23 -36.46
C ILE SA 199 -20.21 -6.40 -35.58
N SER SA 200 -19.53 -7.53 -35.69
CA SER SA 200 -19.90 -8.70 -34.89
C SER SA 200 -19.72 -8.42 -33.41
N GLN SA 201 -18.63 -7.73 -33.04
CA GLN SA 201 -18.39 -7.42 -31.64
C GLN SA 201 -19.46 -6.49 -31.09
N SER SA 202 -19.87 -5.48 -31.86
CA SER SA 202 -20.94 -4.60 -31.41
C SER SA 202 -22.25 -5.36 -31.23
N ALA SA 203 -22.57 -6.23 -32.19
CA ALA SA 203 -23.81 -7.01 -32.10
C ALA SA 203 -23.79 -7.92 -30.88
N LYS SA 204 -22.64 -8.53 -30.59
CA LYS SA 204 -22.55 -9.40 -29.42
C LYS SA 204 -22.57 -8.62 -28.12
N ASN SA 205 -21.95 -7.42 -28.10
CA ASN SA 205 -21.84 -6.65 -26.87
C ASN SA 205 -23.16 -6.03 -26.46
N TYR SA 206 -23.93 -5.51 -27.42
CA TYR SA 206 -25.20 -4.91 -27.03
C TYR SA 206 -26.17 -5.93 -26.48
N ILE SA 207 -25.97 -7.22 -26.79
CA ILE SA 207 -26.82 -8.27 -26.22
C ILE SA 207 -26.69 -8.31 -24.70
N ASN SA 208 -25.45 -8.31 -24.20
CA ASN SA 208 -25.25 -8.28 -22.75
C ASN SA 208 -25.42 -6.88 -22.19
N LEU SA 209 -25.39 -5.86 -23.04
CA LEU SA 209 -25.70 -4.51 -22.59
C LEU SA 209 -27.19 -4.36 -22.27
N ALA SA 210 -28.06 -5.04 -23.02
CA ALA SA 210 -29.49 -4.88 -22.83
C ALA SA 210 -29.99 -5.47 -21.51
N GLN SA 211 -29.22 -6.37 -20.88
CA GLN SA 211 -29.71 -7.05 -19.69
C GLN SA 211 -29.85 -6.10 -18.52
N ILE SA 212 -28.93 -5.14 -18.37
CA ILE SA 212 -29.03 -4.20 -17.25
C ILE SA 212 -30.23 -3.28 -17.44
N HIS SA 213 -30.48 -2.84 -18.67
CA HIS SA 213 -31.68 -2.04 -18.94
C HIS SA 213 -32.94 -2.84 -18.67
N ALA SA 214 -32.93 -4.13 -19.03
CA ALA SA 214 -34.09 -4.98 -18.73
C ALA SA 214 -34.32 -5.11 -17.23
N SER SA 215 -33.25 -5.33 -16.47
CA SER SA 215 -33.36 -5.49 -15.03
C SER SA 215 -33.56 -4.17 -14.31
N GLU SA 216 -33.42 -3.03 -15.00
CA GLU SA 216 -33.63 -1.72 -14.39
C GLU SA 216 -35.01 -1.16 -14.69
N ASN SA 217 -35.45 -1.21 -15.94
CA ASN SA 217 -36.76 -0.69 -16.31
C ASN SA 217 -37.90 -1.50 -15.70
N SER SA 218 -37.64 -2.75 -15.31
CA SER SA 218 -38.66 -3.63 -14.76
C SER SA 218 -38.70 -3.62 -13.24
N LYS SA 219 -37.91 -2.77 -12.59
CA LYS SA 219 -37.88 -2.73 -11.14
C LYS SA 219 -39.21 -2.25 -10.58
N SER SA 220 -39.65 -2.88 -9.50
CA SER SA 220 -40.85 -2.45 -8.80
C SER SA 220 -40.56 -1.20 -7.97
N PHE SA 221 -41.63 -0.50 -7.60
CA PHE SA 221 -41.48 0.73 -6.82
C PHE SA 221 -40.82 0.48 -5.48
N GLU SA 222 -41.20 -0.60 -4.80
CA GLU SA 222 -40.58 -0.91 -3.51
C GLU SA 222 -39.09 -1.16 -3.67
N GLN SA 223 -38.68 -1.79 -4.77
CA GLN SA 223 -37.27 -1.96 -5.04
C GLN SA 223 -36.60 -0.63 -5.37
N ILE SA 224 -37.34 0.30 -5.99
CA ILE SA 224 -36.77 1.58 -6.38
C ILE SA 224 -36.45 2.43 -5.15
N GLU SA 225 -37.31 2.38 -4.12
CA GLU SA 225 -37.02 3.09 -2.88
C GLU SA 225 -35.72 2.61 -2.26
N VAL SA 226 -35.54 1.29 -2.14
CA VAL SA 226 -34.32 0.74 -1.59
C VAL SA 226 -33.13 1.14 -2.45
N GLU SA 227 -33.30 1.09 -3.77
CA GLU SA 227 -32.21 1.43 -4.68
C GLU SA 227 -31.78 2.89 -4.51
N ARG SA 228 -32.74 3.81 -4.44
CA ARG SA 228 -32.39 5.22 -4.28
C ARG SA 228 -31.76 5.48 -2.91
N ALA SA 229 -32.29 4.84 -1.86
CA ALA SA 229 -31.70 5.02 -0.53
C ALA SA 229 -30.26 4.52 -0.51
N LEU SA 230 -30.00 3.36 -1.09
CA LEU SA 230 -28.64 2.83 -1.13
C LEU SA 230 -27.72 3.71 -1.98
N ARG SA 231 -28.23 4.20 -3.12
CA ARG SA 231 -27.42 5.05 -3.99
C ARG SA 231 -27.03 6.35 -3.30
N LYS SA 232 -27.97 6.98 -2.60
CA LYS SA 232 -27.66 8.21 -1.88
C LYS SA 232 -26.76 7.94 -0.69
N LYS SA 233 -26.96 6.80 0.01
CA LYS SA 233 -26.17 6.51 1.20
C LYS SA 233 -24.70 6.29 0.86
N TYR SA 234 -24.41 5.63 -0.26
CA TYR SA 234 -23.05 5.27 -0.64
C TYR SA 234 -22.51 6.14 -1.76
N ALA SA 235 -23.02 7.37 -1.88
CA ALA SA 235 -22.55 8.26 -2.94
C ALA SA 235 -21.08 8.61 -2.78
N ARG SA 236 -20.65 8.90 -1.55
CA ARG SA 236 -19.27 9.28 -1.27
C ARG SA 236 -18.76 8.52 -0.06
N LYS SA 237 -17.45 8.31 -0.02
CA LYS SA 237 -16.80 7.52 1.01
C LYS SA 237 -15.84 8.38 1.83
N ASP SA 238 -15.39 7.81 2.95
CA ASP SA 238 -14.41 8.45 3.82
C ASP SA 238 -13.55 7.35 4.44
N GLU SA 239 -12.31 7.23 3.98
CA GLU SA 239 -11.41 6.22 4.53
C GLU SA 239 -11.05 6.52 5.97
N ASP SA 240 -10.98 7.80 6.34
CA ASP SA 240 -10.54 8.18 7.68
C ASP SA 240 -11.49 7.64 8.75
N TYR SA 241 -12.75 8.08 8.71
CA TYR SA 241 -13.69 7.72 9.77
C TYR SA 241 -14.00 6.23 9.73
N ASP SA 242 -14.12 5.66 8.53
CA ASP SA 242 -14.41 4.23 8.42
C ASP SA 242 -13.27 3.40 9.01
N SER SA 243 -12.02 3.76 8.69
CA SER SA 243 -10.90 3.05 9.29
C SER SA 243 -10.86 3.24 10.80
N MET SA 244 -11.13 4.47 11.26
CA MET SA 244 -11.14 4.74 12.70
C MET SA 244 -12.16 3.86 13.42
N LEU SA 245 -13.34 3.69 12.83
CA LEU SA 245 -14.33 2.80 13.41
C LEU SA 245 -13.99 1.32 13.20
N GLY SA 246 -12.97 1.03 12.40
CA GLY SA 246 -12.60 -0.34 12.13
C GLY SA 246 -13.44 -1.06 11.10
N ILE SA 247 -14.30 -0.33 10.40
CA ILE SA 247 -15.21 -0.93 9.43
C ILE SA 247 -14.82 -0.50 8.02
N THR SA 248 -15.24 -1.29 7.05
CA THR SA 248 -15.08 -0.97 5.64
C THR SA 248 -16.46 -0.99 4.98
N ARG SA 249 -16.77 0.08 4.26
CA ARG SA 249 -18.07 0.22 3.61
C ARG SA 249 -17.95 -0.27 2.17
N GLU SA 250 -18.45 -1.47 1.91
CA GLU SA 250 -18.44 -2.05 0.57
C GLU SA 250 -19.74 -1.71 -0.15
N THR SA 251 -19.65 -1.59 -1.46
CA THR SA 251 -20.85 -1.34 -2.25
C THR SA 251 -21.79 -2.54 -2.17
N PRO SA 252 -23.10 -2.30 -2.06
CA PRO SA 252 -24.04 -3.41 -1.97
C PRO SA 252 -24.07 -4.20 -3.27
N PRO SA 253 -24.41 -5.49 -3.22
CA PRO SA 253 -24.47 -6.28 -4.45
C PRO SA 253 -25.46 -5.74 -5.47
N GLU SA 254 -26.56 -5.13 -5.02
CA GLU SA 254 -27.51 -4.52 -5.94
C GLU SA 254 -26.91 -3.33 -6.68
N LEU SA 255 -25.81 -2.78 -6.19
CA LEU SA 255 -25.15 -1.61 -6.79
C LEU SA 255 -23.91 -2.01 -7.58
N ILE SA 256 -23.84 -3.24 -8.08
CA ILE SA 256 -22.70 -3.71 -8.83
C ILE SA 256 -23.16 -4.03 -10.26
N LEU SA 257 -22.64 -3.29 -11.23
CA LEU SA 257 -22.92 -3.60 -12.61
C LEU SA 257 -22.09 -4.82 -13.04
N PRO SA 258 -22.64 -5.65 -13.93
CA PRO SA 258 -21.87 -6.81 -14.41
C PRO SA 258 -20.63 -6.37 -15.17
N ASP SA 259 -19.59 -7.20 -15.09
CA ASP SA 259 -18.30 -6.83 -15.66
C ASP SA 259 -18.32 -6.75 -17.18
N ASN SA 260 -19.31 -7.37 -17.84
CA ASN SA 260 -19.34 -7.37 -19.29
C ASN SA 260 -19.74 -6.04 -19.91
N VAL SA 261 -20.31 -5.12 -19.12
CA VAL SA 261 -20.65 -3.79 -19.62
C VAL SA 261 -19.63 -2.74 -19.22
N LEU SA 262 -18.55 -3.13 -18.57
CA LEU SA 262 -17.48 -2.21 -18.18
C LEU SA 262 -16.66 -1.82 -19.39
N PRO SA 263 -15.83 -0.76 -19.28
CA PRO SA 263 -15.04 -0.30 -20.43
C PRO SA 263 -14.03 -1.32 -20.97
N GLY SA 264 -14.06 -2.54 -20.46
CA GLY SA 264 -13.12 -3.56 -20.88
C GLY SA 264 -12.68 -4.46 -19.73
N GLY SA 265 -13.28 -4.25 -18.57
CA GLY SA 265 -13.07 -5.12 -17.43
C GLY SA 265 -12.24 -4.50 -16.33
N LYS SA 266 -12.91 -3.99 -15.31
CA LYS SA 266 -12.28 -3.39 -14.14
C LYS SA 266 -12.94 -3.93 -12.88
N PRO SA 267 -12.68 -5.19 -12.54
CA PRO SA 267 -13.32 -5.76 -11.34
C PRO SA 267 -12.93 -5.06 -10.06
N VAL SA 268 -11.78 -4.39 -10.03
CA VAL SA 268 -11.33 -3.67 -8.85
C VAL SA 268 -11.61 -2.18 -8.98
N GLY TA 1 -52.41 38.35 -22.01
CA GLY TA 1 -52.37 39.60 -21.27
C GLY TA 1 -51.61 39.50 -19.97
N THR TA 2 -51.09 40.64 -19.51
CA THR TA 2 -50.34 40.65 -18.26
C THR TA 2 -51.24 40.30 -17.07
N LEU TA 3 -52.49 40.78 -17.10
CA LEU TA 3 -53.42 40.46 -16.03
C LEU TA 3 -53.68 38.95 -15.94
N GLY TA 4 -53.79 38.29 -17.10
CA GLY TA 4 -53.96 36.85 -17.10
C GLY TA 4 -52.74 36.13 -16.58
N ARG TA 5 -51.54 36.62 -16.88
CA ARG TA 5 -50.32 35.98 -16.42
C ARG TA 5 -50.21 36.04 -14.90
N ALA TA 6 -50.61 37.16 -14.29
CA ALA TA 6 -50.58 37.26 -12.84
C ALA TA 6 -51.51 36.25 -12.19
N PHE TA 7 -52.72 36.10 -12.75
CA PHE TA 7 -53.65 35.10 -12.24
C PHE TA 7 -53.09 33.70 -12.42
N TYR TA 8 -52.42 33.45 -13.55
CA TYR TA 8 -51.84 32.13 -13.81
C TYR TA 8 -50.73 31.82 -12.81
N SER TA 9 -49.89 32.80 -12.49
CA SER TA 9 -48.83 32.60 -11.51
C SER TA 9 -49.41 32.39 -10.10
N VAL TA 10 -50.44 33.16 -9.74
CA VAL TA 10 -51.08 32.93 -8.45
C VAL TA 10 -51.71 31.55 -8.42
N GLY TA 11 -52.22 31.08 -9.54
CA GLY TA 11 -52.72 29.72 -9.61
C GLY TA 11 -51.63 28.68 -9.40
N PHE TA 12 -50.46 28.89 -10.00
CA PHE TA 12 -49.30 28.06 -9.68
C PHE TA 12 -49.05 28.04 -8.17
N TRP TA 13 -49.00 29.21 -7.54
CA TRP TA 13 -48.66 29.27 -6.13
C TRP TA 13 -49.69 28.51 -5.29
N ILE TA 14 -50.97 28.74 -5.54
CA ILE TA 14 -52.01 28.10 -4.75
C ILE TA 14 -52.03 26.60 -5.01
N ARG TA 15 -51.84 26.19 -6.27
CA ARG TA 15 -51.86 24.77 -6.61
C ARG TA 15 -50.70 24.03 -5.95
N GLU TA 16 -49.50 24.60 -5.99
CA GLU TA 16 -48.37 23.95 -5.35
C GLU TA 16 -48.51 23.94 -3.84
N THR TA 17 -49.10 24.99 -3.25
CA THR TA 17 -49.37 24.97 -1.82
C THR TA 17 -50.36 23.88 -1.46
N GLY TA 18 -51.39 23.71 -2.28
CA GLY TA 18 -52.35 22.63 -2.04
C GLY TA 18 -51.71 21.26 -2.14
N GLN TA 19 -50.86 21.06 -3.15
CA GLN TA 19 -50.18 19.78 -3.27
C GLN TA 19 -49.23 19.53 -2.12
N ALA TA 20 -48.56 20.58 -1.65
CA ALA TA 20 -47.68 20.44 -0.49
C ALA TA 20 -48.49 20.06 0.76
N LEU TA 21 -49.65 20.69 0.95
CA LEU TA 21 -50.51 20.32 2.07
C LEU TA 21 -50.98 18.88 1.96
N ASP TA 22 -51.35 18.45 0.74
CA ASP TA 22 -51.76 17.07 0.54
C ASP TA 22 -50.64 16.11 0.84
N ARG TA 23 -49.41 16.44 0.42
CA ARG TA 23 -48.26 15.59 0.69
C ARG TA 23 -47.96 15.53 2.18
N LEU TA 24 -48.10 16.65 2.88
CA LEU TA 24 -47.90 16.65 4.32
C LEU TA 24 -48.94 15.78 5.01
N GLY TA 25 -50.20 15.89 4.61
CA GLY TA 25 -51.23 15.06 5.21
C GLY TA 25 -51.05 13.58 4.92
N CYS TA 26 -50.74 13.25 3.67
CA CYS TA 26 -50.51 11.86 3.29
C CYS TA 26 -49.31 11.27 4.03
N ARG TA 27 -48.21 12.02 4.07
CA ARG TA 27 -47.01 11.56 4.75
C ARG TA 27 -47.23 11.45 6.26
N LEU TA 28 -48.00 12.37 6.83
CA LEU TA 28 -48.33 12.30 8.25
C LEU TA 28 -49.16 11.07 8.60
N GLN TA 29 -49.92 10.53 7.65
CA GLN TA 29 -50.71 9.34 7.90
C GLN TA 29 -49.90 8.05 7.79
N GLY TA 30 -48.70 8.11 7.23
CA GLY TA 30 -47.87 6.91 7.12
C GLY TA 30 -48.00 6.20 5.80
N LYS TA 31 -47.91 6.93 4.70
CA LYS TA 31 -47.94 6.33 3.37
C LYS TA 31 -47.25 7.27 2.40
N ASN TA 32 -46.34 6.73 1.59
CA ASN TA 32 -45.54 7.51 0.65
C ASN TA 32 -45.69 6.92 -0.75
N TYR TA 33 -46.73 7.35 -1.45
CA TYR TA 33 -46.89 7.02 -2.87
C TYR TA 33 -46.71 8.22 -3.78
N PHE TA 34 -46.67 9.44 -3.23
CA PHE TA 34 -46.35 10.61 -4.03
C PHE TA 34 -44.91 10.60 -4.53
N ARG TA 35 -44.05 9.79 -3.90
CA ARG TA 35 -42.66 9.68 -4.32
C ARG TA 35 -42.48 8.92 -5.62
N GLU TA 36 -43.56 8.45 -6.23
CA GLU TA 36 -43.48 7.66 -7.45
C GLU TA 36 -42.89 8.48 -8.59
N GLN TA 37 -42.31 7.77 -9.55
CA GLN TA 37 -41.65 8.37 -10.71
C GLN TA 37 -42.50 8.25 -11.97
N LEU TA 38 -43.81 8.43 -11.85
CA LEU TA 38 -44.70 8.38 -13.00
C LEU TA 38 -44.26 9.38 -14.07
N SER TA 39 -44.29 8.92 -15.32
CA SER TA 39 -43.93 9.79 -16.44
C SER TA 39 -44.96 10.89 -16.56
N ARG TA 40 -44.56 12.12 -16.21
CA ARG TA 40 -45.47 13.26 -16.19
C ARG TA 40 -45.51 13.92 -17.57
N HIS TA 41 -46.04 13.17 -18.52
CA HIS TA 41 -46.18 13.63 -19.90
C HIS TA 41 -47.65 13.83 -20.24
N ARG TA 42 -47.92 14.90 -20.98
CA ARG TA 42 -49.23 15.16 -21.57
C ARG TA 42 -49.09 15.26 -23.08
N THR TA 43 -50.06 14.73 -23.80
CA THR TA 43 -50.07 14.82 -25.26
C THR TA 43 -50.60 16.14 -25.76
N LEU TA 44 -51.07 17.02 -24.87
CA LEU TA 44 -51.69 18.29 -25.23
C LEU TA 44 -51.12 19.41 -24.38
N MET TA 45 -49.79 19.50 -24.32
CA MET TA 45 -49.12 20.53 -23.53
C MET TA 45 -49.55 21.92 -24.01
N ASN TA 46 -49.84 22.79 -23.05
CA ASN TA 46 -50.32 24.13 -23.32
C ASN TA 46 -49.52 25.15 -22.52
N VAL TA 47 -49.39 26.36 -23.05
CA VAL TA 47 -48.75 27.47 -22.35
C VAL TA 47 -49.66 28.68 -22.45
N PHE TA 48 -50.02 29.24 -21.28
CA PHE TA 48 -50.86 30.44 -21.17
C PHE TA 48 -52.14 30.21 -21.96
N ASP TA 49 -52.48 31.08 -22.92
CA ASP TA 49 -53.69 30.94 -23.72
C ASP TA 49 -53.46 30.17 -25.01
N LYS TA 50 -52.36 29.44 -25.11
CA LYS TA 50 -52.02 28.69 -26.32
C LYS TA 50 -52.45 27.23 -26.23
N ALA TA 51 -53.59 26.94 -25.61
CA ALA TA 51 -54.04 25.56 -25.48
C ALA TA 51 -54.30 24.96 -26.86
N PRO TA 52 -53.93 23.71 -27.09
CA PRO TA 52 -54.20 23.08 -28.39
C PRO TA 52 -55.66 22.75 -28.57
N ILE TA 53 -56.10 22.72 -29.83
CA ILE TA 53 -57.46 22.36 -30.20
C ILE TA 53 -57.39 21.15 -31.12
N VAL TA 54 -58.06 20.06 -30.72
CA VAL TA 54 -58.09 18.82 -31.47
C VAL TA 54 -59.55 18.48 -31.76
N ASP TA 55 -59.86 18.20 -33.02
CA ASP TA 55 -61.22 17.85 -33.39
C ASP TA 55 -61.62 16.52 -32.75
N LYS TA 56 -62.94 16.32 -32.64
CA LYS TA 56 -63.44 15.14 -31.94
C LYS TA 56 -63.05 13.85 -32.65
N GLU TA 57 -63.08 13.85 -33.97
CA GLU TA 57 -62.78 12.65 -34.75
C GLU TA 57 -61.31 12.49 -35.06
N ALA TA 58 -60.48 13.48 -34.75
CA ALA TA 58 -59.05 13.37 -35.03
C ALA TA 58 -58.41 12.31 -34.14
N PHE TA 59 -57.43 11.59 -34.68
CA PHE TA 59 -56.71 10.56 -33.96
C PHE TA 59 -55.36 11.10 -33.54
N VAL TA 60 -55.11 11.10 -32.23
CA VAL TA 60 -53.84 11.53 -31.65
C VAL TA 60 -53.22 10.35 -30.92
N ALA TA 61 -51.95 10.08 -31.22
CA ALA TA 61 -51.28 8.95 -30.62
C ALA TA 61 -50.99 9.23 -29.15
N PRO TA 62 -51.01 8.19 -28.31
CA PRO TA 62 -50.62 8.38 -26.90
C PRO TA 62 -49.20 8.89 -26.74
N SER TA 63 -48.28 8.46 -27.61
CA SER TA 63 -46.91 8.94 -27.58
C SER TA 63 -46.72 10.25 -28.32
N ALA TA 64 -47.74 10.74 -29.01
CA ALA TA 64 -47.64 12.02 -29.70
C ALA TA 64 -47.55 13.16 -28.70
N SER TA 65 -46.71 14.13 -29.01
CA SER TA 65 -46.48 15.29 -28.14
C SER TA 65 -46.90 16.56 -28.90
N VAL TA 66 -48.16 16.94 -28.76
CA VAL TA 66 -48.69 18.15 -29.34
C VAL TA 66 -48.51 19.26 -28.32
N ILE TA 67 -47.62 20.20 -28.61
CA ILE TA 67 -47.30 21.30 -27.70
C ILE TA 67 -47.67 22.61 -28.38
N GLY TA 68 -48.48 23.41 -27.69
CA GLY TA 68 -48.85 24.71 -28.22
C GLY TA 68 -50.29 24.79 -28.66
N ASP TA 69 -50.57 25.64 -29.64
CA ASP TA 69 -51.93 25.94 -30.08
C ASP TA 69 -52.22 25.32 -31.44
N VAL TA 70 -51.77 24.08 -31.65
CA VAL TA 70 -51.95 23.40 -32.92
C VAL TA 70 -53.43 23.16 -33.15
N HIS TA 71 -53.93 23.59 -34.31
CA HIS TA 71 -55.30 23.31 -34.74
C HIS TA 71 -55.29 22.05 -35.58
N ILE TA 72 -56.11 21.07 -35.21
CA ILE TA 72 -56.18 19.79 -35.90
C ILE TA 72 -57.59 19.60 -36.44
N GLY TA 73 -57.69 19.28 -37.72
CA GLY TA 73 -58.98 19.13 -38.38
C GLY TA 73 -59.60 17.76 -38.14
N ARG TA 74 -60.72 17.54 -38.83
CA ARG TA 74 -61.48 16.31 -38.68
C ARG TA 74 -60.90 15.22 -39.58
N GLY TA 75 -60.68 14.04 -39.00
CA GLY TA 75 -60.20 12.90 -39.76
C GLY TA 75 -58.72 12.86 -40.00
N SER TA 76 -57.97 13.87 -39.58
CA SER TA 76 -56.52 13.84 -39.71
C SER TA 76 -55.90 13.10 -38.54
N SER TA 77 -54.83 12.36 -38.83
CA SER TA 77 -54.20 11.48 -37.86
C SER TA 77 -52.94 12.13 -37.30
N ILE TA 78 -52.70 11.88 -36.01
CA ILE TA 78 -51.54 12.39 -35.29
C ILE TA 78 -50.81 11.16 -34.75
N TRP TA 79 -49.81 10.69 -35.49
CA TRP TA 79 -49.31 9.33 -35.33
C TRP TA 79 -48.29 9.25 -34.19
N TYR TA 80 -47.68 8.07 -34.05
CA TYR TA 80 -46.80 7.80 -32.92
C TYR TA 80 -45.53 8.65 -33.01
N GLY TA 81 -45.15 9.22 -31.87
CA GLY TA 81 -43.86 9.88 -31.74
C GLY TA 81 -43.75 11.23 -32.41
N CYS TA 82 -44.80 11.73 -33.05
CA CYS TA 82 -44.72 13.02 -33.69
C CYS TA 82 -44.67 14.14 -32.65
N VAL TA 83 -44.00 15.23 -33.00
CA VAL TA 83 -43.61 16.26 -32.05
C VAL TA 83 -44.20 17.60 -32.48
N LEU TA 84 -45.43 17.56 -32.98
CA LEU TA 84 -46.18 18.77 -33.31
C LEU TA 84 -46.00 19.82 -32.21
N ARG TA 85 -45.40 20.96 -32.57
CA ARG TA 85 -44.97 21.94 -31.58
C ARG TA 85 -45.09 23.33 -32.17
N GLY TA 86 -46.07 24.10 -31.70
CA GLY TA 86 -46.15 25.50 -32.06
C GLY TA 86 -46.24 26.42 -30.87
N ASP TA 87 -45.21 27.21 -30.62
CA ASP TA 87 -45.16 28.10 -29.46
C ASP TA 87 -45.12 29.57 -29.83
N VAL TA 88 -44.16 29.98 -30.66
CA VAL TA 88 -44.09 31.39 -31.06
C VAL TA 88 -45.18 31.75 -32.05
N ASN TA 89 -45.73 30.79 -32.78
CA ASN TA 89 -46.81 31.04 -33.72
C ASN TA 89 -47.63 29.75 -33.86
N THR TA 90 -48.77 29.87 -34.52
CA THR TA 90 -49.72 28.77 -34.61
C THR TA 90 -49.24 27.71 -35.59
N VAL TA 91 -49.79 26.52 -35.46
CA VAL TA 91 -49.57 25.41 -36.38
C VAL TA 91 -50.94 24.99 -36.89
N SER TA 92 -51.15 25.08 -38.20
CA SER TA 92 -52.41 24.74 -38.81
C SER TA 92 -52.33 23.35 -39.43
N VAL TA 93 -53.22 22.46 -39.01
CA VAL TA 93 -53.30 21.10 -39.56
C VAL TA 93 -54.70 20.93 -40.15
N GLY TA 94 -54.76 20.54 -41.42
CA GLY TA 94 -56.03 20.40 -42.10
C GLY TA 94 -56.81 19.17 -41.69
N SER TA 95 -57.74 18.76 -42.56
CA SER TA 95 -58.61 17.62 -42.30
C SER TA 95 -58.27 16.49 -43.27
N GLY TA 96 -58.06 15.30 -42.73
CA GLY TA 96 -57.76 14.13 -43.53
C GLY TA 96 -56.29 13.89 -43.80
N THR TA 97 -55.40 14.81 -43.42
CA THR TA 97 -53.98 14.59 -43.60
C THR TA 97 -53.46 13.57 -42.58
N ASN TA 98 -52.17 13.26 -42.67
CA ASN TA 98 -51.58 12.25 -41.80
C ASN TA 98 -50.14 12.62 -41.49
N ILE TA 99 -49.91 13.14 -40.28
CA ILE TA 99 -48.56 13.36 -39.78
C ILE TA 99 -48.05 12.00 -39.30
N GLN TA 100 -47.11 11.42 -40.05
CA GLN TA 100 -46.75 10.02 -39.85
C GLN TA 100 -45.82 9.85 -38.63
N ASP TA 101 -45.32 8.63 -38.48
CA ASP TA 101 -44.51 8.28 -37.32
C ASP TA 101 -43.21 9.08 -37.29
N ASN TA 102 -42.77 9.41 -36.07
CA ASN TA 102 -41.47 10.04 -35.84
C ASN TA 102 -41.31 11.35 -36.58
N SER TA 103 -42.40 12.10 -36.74
CA SER TA 103 -42.35 13.39 -37.41
C SER TA 103 -42.25 14.52 -36.40
N LEU TA 104 -42.16 15.74 -36.89
CA LEU TA 104 -42.20 16.94 -36.06
C LEU TA 104 -42.37 18.15 -36.96
N VAL TA 105 -43.05 19.16 -36.43
CA VAL TA 105 -43.26 20.42 -37.13
C VAL TA 105 -42.70 21.54 -36.26
N HIS TA 106 -41.75 22.29 -36.81
CA HIS TA 106 -41.14 23.41 -36.12
C HIS TA 106 -41.86 24.71 -36.47
N VAL TA 107 -41.61 25.74 -35.66
CA VAL TA 107 -42.12 27.07 -35.93
C VAL TA 107 -40.94 28.04 -35.79
N ALA TA 108 -39.73 27.49 -35.79
CA ALA TA 108 -38.50 28.26 -35.57
C ALA TA 108 -38.57 28.98 -34.21
N LYS TA 109 -38.57 28.16 -33.17
CA LYS TA 109 -38.83 28.57 -31.79
C LYS TA 109 -38.12 29.85 -31.37
N SER TA 110 -36.98 30.15 -31.99
CA SER TA 110 -36.20 31.31 -31.61
C SER TA 110 -36.84 32.58 -32.15
N ASN TA 111 -36.16 33.71 -31.95
CA ASN TA 111 -36.61 35.02 -32.43
C ASN TA 111 -35.65 35.63 -33.44
N LEU TA 112 -34.36 35.32 -33.34
CA LEU TA 112 -33.36 35.87 -34.25
C LEU TA 112 -33.59 35.35 -35.67
N SER TA 113 -32.80 35.89 -36.60
CA SER TA 113 -32.86 35.52 -38.02
C SER TA 113 -34.25 35.73 -38.60
N GLY TA 114 -34.90 36.83 -38.21
CA GLY TA 114 -36.16 37.21 -38.79
C GLY TA 114 -37.37 36.71 -38.03
N LYS TA 115 -38.53 37.03 -38.59
CA LYS TA 115 -39.81 36.65 -37.98
C LYS TA 115 -40.04 35.14 -38.10
N VAL TA 116 -40.99 34.65 -37.31
CA VAL TA 116 -41.35 33.24 -37.29
C VAL TA 116 -42.56 33.02 -38.18
N HIS TA 117 -42.50 32.00 -39.02
CA HIS TA 117 -43.56 31.74 -39.97
C HIS TA 117 -44.44 30.59 -39.49
N PRO TA 118 -45.76 30.77 -39.47
CA PRO TA 118 -46.65 29.68 -39.07
C PRO TA 118 -46.67 28.58 -40.12
N THR TA 119 -47.00 27.38 -39.66
CA THR TA 119 -47.05 26.20 -40.52
C THR TA 119 -48.50 25.87 -40.85
N ILE TA 120 -48.79 25.76 -42.14
CA ILE TA 120 -50.11 25.40 -42.64
C ILE TA 120 -50.01 24.01 -43.24
N ILE TA 121 -50.95 23.14 -42.86
CA ILE TA 121 -51.05 21.80 -43.41
C ILE TA 121 -52.43 21.65 -44.03
N GLY TA 122 -52.47 21.26 -45.31
CA GLY TA 122 -53.70 21.17 -46.05
C GLY TA 122 -54.42 19.85 -45.84
N ASP TA 123 -55.49 19.67 -46.61
CA ASP TA 123 -56.30 18.46 -46.54
C ASP TA 123 -55.69 17.37 -47.43
N ASN TA 124 -55.81 16.12 -46.96
CA ASN TA 124 -55.32 14.96 -47.71
C ASN TA 124 -53.85 15.10 -48.08
N VAL TA 125 -53.06 15.63 -47.16
CA VAL TA 125 -51.63 15.83 -47.36
C VAL TA 125 -50.90 14.67 -46.70
N THR TA 126 -50.10 13.96 -47.48
CA THR TA 126 -49.37 12.79 -46.99
C THR TA 126 -47.99 13.24 -46.53
N ILE TA 127 -47.78 13.21 -45.22
CA ILE TA 127 -46.50 13.57 -44.63
C ILE TA 127 -45.71 12.30 -44.38
N GLY TA 128 -44.48 12.26 -44.90
CA GLY TA 128 -43.63 11.09 -44.74
C GLY TA 128 -43.08 10.97 -43.32
N HIS TA 129 -42.53 9.80 -43.05
CA HIS TA 129 -41.92 9.55 -41.75
C HIS TA 129 -40.66 10.40 -41.59
N SER TA 130 -40.35 10.75 -40.34
CA SER TA 130 -39.19 11.56 -39.99
C SER TA 130 -39.21 12.89 -40.75
N ALA TA 131 -40.30 13.63 -40.56
CA ALA TA 131 -40.49 14.92 -41.21
C ALA TA 131 -40.19 16.04 -40.21
N VAL TA 132 -39.46 17.04 -40.67
CA VAL TA 132 -39.03 18.15 -39.81
C VAL TA 132 -39.49 19.48 -40.39
N LEU TA 133 -40.68 19.51 -41.00
CA LEU TA 133 -41.21 20.71 -41.63
C LEU TA 133 -41.01 21.93 -40.73
N HIS TA 134 -40.24 22.90 -41.22
CA HIS TA 134 -39.67 23.96 -40.39
C HIS TA 134 -40.20 25.30 -40.86
N GLY TA 135 -41.37 25.66 -40.34
CA GLY TA 135 -41.98 26.93 -40.67
C GLY TA 135 -42.29 27.10 -42.15
N CYS TA 136 -42.84 26.05 -42.77
CA CYS TA 136 -43.16 26.05 -44.19
C CYS TA 136 -44.65 25.86 -44.39
N THR TA 137 -45.19 26.52 -45.41
CA THR TA 137 -46.61 26.49 -45.70
C THR TA 137 -46.90 25.45 -46.79
N VAL TA 138 -47.73 24.47 -46.46
CA VAL TA 138 -48.07 23.39 -47.38
C VAL TA 138 -49.59 23.24 -47.39
N GLU TA 139 -50.21 23.43 -48.55
CA GLU TA 139 -51.66 23.34 -48.66
C GLU TA 139 -52.05 21.93 -49.07
N ASP TA 140 -53.34 21.75 -49.41
CA ASP TA 140 -53.91 20.43 -49.61
C ASP TA 140 -53.31 19.71 -50.82
N GLU TA 141 -53.45 18.38 -50.80
CA GLU TA 141 -53.17 17.51 -51.95
C GLU TA 141 -51.71 17.62 -52.40
N THR TA 142 -50.83 17.15 -51.51
CA THR TA 142 -49.42 17.01 -51.86
C THR TA 142 -48.82 15.90 -51.02
N PHE TA 143 -47.64 15.44 -51.44
CA PHE TA 143 -46.91 14.36 -50.79
C PHE TA 143 -45.54 14.85 -50.35
N ILE TA 144 -45.13 14.43 -49.16
CA ILE TA 144 -43.82 14.76 -48.60
C ILE TA 144 -43.03 13.48 -48.43
N GLY TA 145 -41.77 13.49 -48.86
CA GLY TA 145 -40.98 12.28 -48.91
C GLY TA 145 -40.64 11.72 -47.55
N MET TA 146 -39.97 10.58 -47.59
CA MET TA 146 -39.61 9.83 -46.39
C MET TA 146 -38.30 10.40 -45.84
N GLY TA 147 -38.39 11.24 -44.81
CA GLY TA 147 -37.22 11.87 -44.24
C GLY TA 147 -36.85 13.21 -44.84
N ALA TA 148 -37.80 13.92 -45.42
CA ALA TA 148 -37.52 15.24 -45.97
C ALA TA 148 -37.18 16.23 -44.86
N THR TA 149 -36.37 17.23 -45.21
CA THR TA 149 -35.82 18.19 -44.25
C THR TA 149 -36.12 19.62 -44.69
N LEU TA 150 -37.39 19.89 -45.00
CA LEU TA 150 -37.80 21.21 -45.47
C LEU TA 150 -37.45 22.29 -44.44
N LEU TA 151 -36.94 23.42 -44.92
CA LEU TA 151 -36.61 24.56 -44.10
C LEU TA 151 -37.69 25.62 -44.23
N ASP TA 152 -37.44 26.80 -43.67
CA ASP TA 152 -38.42 27.88 -43.73
C ASP TA 152 -38.41 28.56 -45.08
N GLY TA 153 -39.50 29.28 -45.36
CA GLY TA 153 -39.65 29.94 -46.64
C GLY TA 153 -39.99 29.02 -47.79
N VAL TA 154 -40.30 27.76 -47.52
CA VAL TA 154 -40.58 26.77 -48.56
C VAL TA 154 -42.08 26.70 -48.76
N VAL TA 155 -42.52 27.02 -49.97
CA VAL TA 155 -43.93 26.92 -50.36
C VAL TA 155 -44.02 25.83 -51.42
N VAL TA 156 -44.69 24.73 -51.09
CA VAL TA 156 -44.88 23.61 -51.99
C VAL TA 156 -46.32 23.65 -52.45
N GLU TA 157 -46.54 24.02 -53.72
CA GLU TA 157 -47.89 24.17 -54.23
C GLU TA 157 -48.44 22.81 -54.62
N LYS TA 158 -49.62 22.83 -55.26
CA LYS TA 158 -50.48 21.65 -55.33
C LYS TA 158 -49.80 20.48 -56.03
N HIS TA 159 -50.05 19.28 -55.51
CA HIS TA 159 -49.57 18.02 -56.07
C HIS TA 159 -48.04 17.93 -56.08
N GLY TA 160 -47.38 18.75 -55.28
CA GLY TA 160 -45.94 18.84 -55.29
C GLY TA 160 -45.25 17.77 -54.46
N MET TA 161 -45.13 16.56 -55.02
CA MET TA 161 -44.37 15.51 -54.36
C MET TA 161 -42.97 15.98 -54.00
N VAL TA 162 -42.50 15.54 -52.83
CA VAL TA 162 -41.12 15.75 -52.39
C VAL TA 162 -40.47 14.37 -52.30
N ALA TA 163 -39.28 14.23 -52.87
CA ALA TA 163 -38.59 12.96 -52.79
C ALA TA 163 -38.12 12.69 -51.37
N ALA TA 164 -37.92 11.41 -51.07
CA ALA TA 164 -37.44 11.03 -49.75
C ALA TA 164 -36.05 11.58 -49.51
N GLY TA 165 -35.78 11.94 -48.26
CA GLY TA 165 -34.47 12.44 -47.89
C GLY TA 165 -34.07 13.74 -48.55
N ALA TA 166 -35.03 14.54 -48.99
CA ALA TA 166 -34.71 15.81 -49.63
C ALA TA 166 -34.26 16.84 -48.59
N LEU TA 167 -33.48 17.81 -49.06
CA LEU TA 167 -32.98 18.90 -48.23
C LEU TA 167 -33.35 20.24 -48.84
N VAL TA 168 -34.64 20.40 -49.15
CA VAL TA 168 -35.18 21.64 -49.70
C VAL TA 168 -34.72 22.82 -48.84
N ARG TA 169 -34.06 23.79 -49.47
CA ARG TA 169 -33.40 24.87 -48.75
C ARG TA 169 -34.36 26.03 -48.52
N GLN TA 170 -33.84 27.06 -47.86
CA GLN TA 170 -34.66 28.20 -47.46
C GLN TA 170 -35.11 29.00 -48.68
N ASN TA 171 -36.31 29.58 -48.57
CA ASN TA 171 -36.87 30.48 -49.60
C ASN TA 171 -36.89 29.81 -50.97
N THR TA 172 -37.27 28.54 -51.00
CA THR TA 172 -37.34 27.76 -52.22
C THR TA 172 -38.79 27.39 -52.50
N ARG TA 173 -39.24 27.65 -53.72
CA ARG TA 173 -40.61 27.38 -54.14
C ARG TA 173 -40.63 26.16 -55.05
N ILE TA 174 -41.51 25.21 -54.75
CA ILE TA 174 -41.65 23.98 -55.51
C ILE TA 174 -42.89 24.09 -56.39
N PRO TA 175 -42.75 24.09 -57.71
CA PRO TA 175 -43.91 24.24 -58.59
C PRO TA 175 -44.85 23.04 -58.50
N SER TA 176 -45.97 23.16 -59.20
CA SER TA 176 -47.07 22.21 -59.07
C SER TA 176 -46.73 20.85 -59.66
N GLY TA 177 -47.12 19.79 -58.94
CA GLY TA 177 -47.15 18.44 -59.49
C GLY TA 177 -45.83 17.89 -59.95
N GLU TA 178 -44.75 18.13 -59.20
CA GLU TA 178 -43.43 17.64 -59.58
C GLU TA 178 -42.62 17.31 -58.34
N VAL TA 179 -41.66 16.39 -58.50
CA VAL TA 179 -40.82 15.93 -57.41
C VAL TA 179 -39.60 16.84 -57.29
N TRP TA 180 -39.02 16.90 -56.09
CA TRP TA 180 -37.92 17.81 -55.78
C TRP TA 180 -37.07 17.14 -54.69
N GLY TA 181 -36.02 16.44 -55.11
CA GLY TA 181 -35.20 15.68 -54.19
C GLY TA 181 -33.71 15.88 -54.41
N GLY TA 182 -32.93 15.37 -53.47
CA GLY TA 182 -31.49 15.45 -53.50
C GLY TA 182 -30.93 16.28 -52.36
N ASN TA 183 -29.61 16.38 -52.34
CA ASN TA 183 -28.89 17.14 -51.32
C ASN TA 183 -27.88 18.07 -51.99
N PRO TA 184 -28.26 19.32 -52.24
CA PRO TA 184 -29.59 19.91 -51.98
C PRO TA 184 -30.64 19.43 -52.97
N ALA TA 185 -31.91 19.74 -52.70
CA ALA TA 185 -32.99 19.24 -53.53
C ALA TA 185 -32.85 19.73 -54.97
N ARG TA 186 -33.00 18.80 -55.91
CA ARG TA 186 -32.91 19.10 -57.33
C ARG TA 186 -34.08 18.46 -58.05
N PHE TA 187 -34.52 19.11 -59.12
CA PHE TA 187 -35.66 18.60 -59.89
C PHE TA 187 -35.33 17.25 -60.51
N LEU TA 188 -36.22 16.28 -60.29
CA LEU TA 188 -36.03 14.92 -60.81
C LEU TA 188 -36.87 14.66 -62.05
N ARG TA 189 -38.20 14.80 -61.94
CA ARG TA 189 -39.10 14.46 -63.03
C ARG TA 189 -40.47 15.08 -62.74
N LYS TA 190 -41.44 14.73 -63.59
CA LYS TA 190 -42.81 15.22 -63.48
C LYS TA 190 -43.69 14.12 -62.90
N LEU TA 191 -44.66 14.52 -62.08
CA LEU TA 191 -45.57 13.56 -61.46
C LEU TA 191 -46.62 13.10 -62.47
N THR TA 192 -46.78 11.79 -62.60
CA THR TA 192 -47.74 11.21 -63.54
C THR TA 192 -49.12 11.14 -62.90
N ASP TA 193 -50.09 10.64 -63.67
CA ASP TA 193 -51.48 10.59 -63.20
C ASP TA 193 -51.69 9.49 -62.18
N GLU TA 194 -51.08 8.32 -62.39
CA GLU TA 194 -51.28 7.21 -61.45
C GLU TA 194 -50.69 7.53 -60.09
N GLU TA 195 -49.60 8.30 -60.06
CA GLU TA 195 -49.06 8.74 -58.78
C GLU TA 195 -49.99 9.73 -58.09
N ILE TA 196 -50.66 10.59 -58.85
CA ILE TA 196 -51.66 11.48 -58.25
C ILE TA 196 -52.81 10.67 -57.66
N ALA TA 197 -53.26 9.64 -58.38
CA ALA TA 197 -54.30 8.77 -57.84
C ALA TA 197 -53.82 8.05 -56.59
N PHE TA 198 -52.56 7.62 -56.57
CA PHE TA 198 -52.00 6.98 -55.39
C PHE TA 198 -51.99 7.95 -54.21
N ILE TA 199 -51.64 9.22 -54.47
CA ILE TA 199 -51.72 10.25 -53.44
C ILE TA 199 -53.14 10.33 -52.89
N SER TA 200 -54.13 10.33 -53.79
CA SER TA 200 -55.51 10.47 -53.36
C SER TA 200 -55.95 9.29 -52.49
N GLN TA 201 -55.58 8.07 -52.88
CA GLN TA 201 -56.00 6.90 -52.11
C GLN TA 201 -55.22 6.74 -50.82
N SER TA 202 -53.97 7.19 -50.78
CA SER TA 202 -53.12 6.95 -49.61
C SER TA 202 -53.65 7.67 -48.38
N ALA TA 203 -54.09 8.92 -48.54
CA ALA TA 203 -54.63 9.67 -47.42
C ALA TA 203 -55.86 8.98 -46.85
N THR TA 204 -56.77 8.53 -47.73
CA THR TA 204 -57.97 7.85 -47.25
C THR TA 204 -57.64 6.55 -46.55
N ASN TA 205 -56.70 5.77 -47.11
CA ASN TA 205 -56.33 4.51 -46.47
C ASN TA 205 -55.70 4.73 -45.11
N TYR TA 206 -54.78 5.69 -45.01
CA TYR TA 206 -54.13 5.96 -43.74
C TYR TA 206 -55.12 6.50 -42.72
N SER TA 207 -56.06 7.36 -43.16
CA SER TA 207 -57.08 7.86 -42.25
C SER TA 207 -57.97 6.73 -41.73
N ASN TA 208 -58.36 5.82 -42.63
CA ASN TA 208 -59.19 4.69 -42.21
C ASN TA 208 -58.45 3.81 -41.20
N LEU TA 209 -57.17 3.54 -41.46
CA LEU TA 209 -56.37 2.81 -40.48
C LEU TA 209 -56.24 3.59 -39.18
N ALA TA 210 -56.25 4.92 -39.27
CA ALA TA 210 -56.16 5.77 -38.08
C ALA TA 210 -57.40 5.62 -37.20
N GLN TA 211 -58.59 5.69 -37.79
CA GLN TA 211 -59.77 5.45 -36.95
C GLN TA 211 -59.84 3.99 -36.50
N ALA TA 212 -59.27 3.07 -37.29
CA ALA TA 212 -59.19 1.68 -36.83
C ALA TA 212 -58.38 1.57 -35.55
N HIS TA 213 -57.24 2.27 -35.48
CA HIS TA 213 -56.48 2.35 -34.25
C HIS TA 213 -57.27 3.06 -33.15
N ALA TA 214 -57.92 4.18 -33.48
CA ALA TA 214 -58.54 5.03 -32.47
C ALA TA 214 -59.73 4.34 -31.81
N ALA TA 215 -60.45 3.50 -32.54
CA ALA TA 215 -61.61 2.83 -31.96
C ALA TA 215 -61.19 1.95 -30.79
N GLU TA 216 -60.08 1.24 -30.92
CA GLU TA 216 -59.57 0.38 -29.86
C GLU TA 216 -58.52 1.06 -28.99
N ASN TA 217 -58.19 2.32 -29.26
CA ASN TA 217 -57.20 3.03 -28.48
C ASN TA 217 -57.78 3.63 -27.20
N ALA TA 218 -59.08 3.93 -27.19
CA ALA TA 218 -59.76 4.46 -26.01
C ALA TA 218 -60.40 3.37 -25.16
N LYS TA 219 -59.94 2.13 -25.30
CA LYS TA 219 -60.49 1.02 -24.54
C LYS TA 219 -60.09 1.12 -23.07
N PRO TA 220 -60.80 0.41 -22.18
CA PRO TA 220 -60.34 0.31 -20.79
C PRO TA 220 -58.94 -0.28 -20.74
N LEU TA 221 -58.18 0.14 -19.72
CA LEU TA 221 -56.73 0.00 -19.72
C LEU TA 221 -56.26 -1.37 -19.26
N ASN TA 222 -57.09 -2.41 -19.35
CA ASN TA 222 -56.69 -3.79 -19.06
C ASN TA 222 -56.14 -3.91 -17.63
N VAL TA 223 -57.07 -3.73 -16.68
CA VAL TA 223 -56.78 -3.64 -15.25
C VAL TA 223 -55.98 -4.83 -14.74
N ILE TA 224 -55.96 -5.93 -15.51
CA ILE TA 224 -55.20 -7.10 -15.09
C ILE TA 224 -53.71 -6.79 -15.07
N GLU TA 225 -53.23 -6.03 -16.06
CA GLU TA 225 -51.83 -5.60 -16.05
C GLU TA 225 -51.53 -4.70 -14.87
N PHE TA 226 -52.46 -3.80 -14.54
CA PHE TA 226 -52.28 -2.94 -13.39
C PHE TA 226 -52.19 -3.75 -12.10
N GLU TA 227 -53.04 -4.77 -11.96
CA GLU TA 227 -52.95 -5.63 -10.80
C GLU TA 227 -51.65 -6.44 -10.78
N LYS TA 228 -51.15 -6.82 -11.95
CA LYS TA 228 -49.92 -7.60 -12.01
C LYS TA 228 -48.71 -6.78 -11.61
N VAL TA 229 -48.63 -5.54 -12.09
CA VAL TA 229 -47.44 -4.73 -11.82
C VAL TA 229 -47.35 -4.36 -10.34
N LEU TA 230 -48.49 -4.27 -9.65
CA LEU TA 230 -48.46 -3.99 -8.21
C LEU TA 230 -47.80 -5.13 -7.45
N ARG TA 231 -48.15 -6.38 -7.77
CA ARG TA 231 -47.58 -7.54 -7.09
C ARG TA 231 -46.41 -8.09 -7.90
N LYS TA 232 -45.34 -7.32 -7.93
CA LYS TA 232 -44.11 -7.68 -8.63
C LYS TA 232 -43.05 -8.01 -7.60
N LYS TA 233 -42.46 -9.20 -7.71
CA LYS TA 233 -41.43 -9.63 -6.78
C LYS TA 233 -40.14 -9.97 -7.50
FE1 SF4 UA . 18.15 -43.02 22.04
FE2 SF4 UA . 17.22 -42.29 24.51
FE3 SF4 UA . 16.95 -44.87 23.64
FE4 SF4 UA . 15.47 -42.88 22.50
S1 SF4 UA . 15.37 -43.60 24.65
S2 SF4 UA . 16.58 -44.54 21.42
S3 SF4 UA . 16.95 -41.15 22.55
S4 SF4 UA . 18.89 -43.77 24.06
FE1 FES VA . 13.62 -120.32 25.24
FE2 FES VA . 11.98 -121.47 23.44
S1 FES VA . 12.11 -121.88 25.61
S2 FES VA . 13.21 -119.65 23.18
N1 FMN WA . 9.30 -116.51 5.01
C2 FMN WA . 9.76 -117.72 5.46
O2 FMN WA . 9.46 -118.75 4.87
N3 FMN WA . 10.56 -117.78 6.59
C4 FMN WA . 10.89 -116.63 7.25
O4 FMN WA . 11.60 -116.67 8.25
C4A FMN WA . 10.43 -115.41 6.80
N5 FMN WA . 10.77 -114.26 7.47
C5A FMN WA . 10.31 -113.04 7.03
C6 FMN WA . 10.66 -111.88 7.72
C7 FMN WA . 10.20 -110.66 7.27
C7M FMN WA . 10.58 -109.41 8.01
C8 FMN WA . 9.39 -110.58 6.14
C8M FMN WA . 8.89 -109.25 5.65
C9 FMN WA . 9.05 -111.75 5.45
C9A FMN WA . 9.51 -112.97 5.90
N10 FMN WA . 9.17 -114.12 5.22
C10 FMN WA . 9.63 -115.35 5.68
C1' FMN WA . 8.29 -114.03 4.00
C2' FMN WA . 9.12 -114.04 2.73
O2' FMN WA . 8.74 -112.97 1.91
C3' FMN WA . 8.91 -115.36 1.99
O3' FMN WA . 9.80 -116.32 2.49
C4' FMN WA . 9.12 -115.21 0.49
O4' FMN WA . 8.45 -114.06 0.03
C5' FMN WA . 8.59 -116.43 -0.25
O5' FMN WA . 7.20 -116.54 -0.05
P FMN WA . 6.35 -117.66 -0.81
O1P FMN WA . 6.59 -118.99 -0.15
O2P FMN WA . 4.87 -117.33 -0.72
O3P FMN WA . 6.77 -117.73 -2.25
FE1 SF4 XA . 13.42 -100.91 7.33
FE2 SF4 XA . 12.93 -102.36 9.58
FE3 SF4 XA . 15.09 -102.96 8.02
FE4 SF4 XA . 12.57 -103.49 7.13
S1 SF4 XA . 13.59 -104.44 8.92
S2 SF4 XA . 14.26 -102.53 5.95
S3 SF4 XA . 11.42 -101.74 8.00
S4 SF4 XA . 14.73 -101.04 9.18
FE1 FES YA . 15.49 -90.78 1.63
FE2 FES YA . 14.34 -90.58 -0.79
S1 FES YA . 14.04 -92.15 0.71
S2 FES YA . 15.47 -89.02 0.30
FE1 SF4 ZA . 21.21 -79.88 12.88
FE2 SF4 ZA . 21.37 -81.69 14.92
FE3 SF4 ZA . 20.78 -79.08 15.46
FE4 SF4 ZA . 23.29 -79.77 14.65
S1 SF4 ZA . 22.26 -80.41 16.58
S2 SF4 ZA . 22.04 -78.02 13.90
S3 SF4 ZA . 22.83 -81.45 13.19
S4 SF4 ZA . 19.52 -80.54 14.25
FE1 SF4 AB . 27.22 -90.44 7.13
FE2 SF4 AB . 25.65 -89.99 9.32
FE3 SF4 AB . 24.71 -89.41 6.81
FE4 SF4 AB . 26.68 -87.88 7.91
S1 SF4 AB . 24.54 -88.10 8.66
S2 SF4 AB . 26.61 -88.70 5.79
S3 SF4 AB . 27.85 -89.45 9.08
S4 SF4 AB . 25.26 -91.47 7.63
C28 UQ9 BB . 24.85 -9.08 58.18
C27 UQ9 BB . 25.38 -9.38 56.74
C26 UQ9 BB . 24.49 -8.66 55.71
C24 UQ9 BB . 24.61 -9.36 54.31
C25 UQ9 BB . 23.80 -10.64 54.04
C23 UQ9 BB . 25.40 -8.85 53.38
C22 UQ9 BB . 25.54 -9.52 51.99
C21 UQ9 BB . 24.94 -8.59 50.93
C19 UQ9 BB . 25.39 -9.02 49.50
C20 UQ9 BB . 26.79 -8.64 49.00
C18 UQ9 BB . 24.57 -9.72 48.71
C17 UQ9 BB . 25.02 -10.14 47.28
C16 UQ9 BB . 25.34 -11.65 47.21
C14 UQ9 BB . 24.03 -12.51 47.23
C15 UQ9 BB . 23.48 -13.03 48.56
C13 UQ9 BB . 23.42 -12.80 46.08
C12 UQ9 BB . 22.11 -13.66 46.11
C11 UQ9 BB . 21.30 -13.46 44.78
C9 UQ9 BB . 21.27 -14.82 44.01
C10 UQ9 BB . 21.47 -16.12 44.78
C8 UQ9 BB . 21.07 -14.84 42.68
C7 UQ9 BB . 21.06 -16.21 41.92
C6 UQ9 BB . 20.06 -16.24 40.73
C1 UQ9 BB . 20.27 -15.36 39.49
C1M UQ9 BB . 21.47 -14.41 39.36
C2 UQ9 BB . 19.27 -15.43 38.33
O2 UQ9 BB . 19.43 -14.76 37.37
C3 UQ9 BB . 18.07 -16.36 38.41
O3 UQ9 BB . 17.15 -16.42 37.35
C3M UQ9 BB . 16.11 -15.50 37.44
C4 UQ9 BB . 17.86 -17.24 39.66
O4 UQ9 BB . 16.76 -18.10 39.73
C4M UQ9 BB . 15.68 -17.59 40.45
C5 UQ9 BB . 18.86 -17.17 40.81
O5 UQ9 BB . 18.71 -17.84 41.77
FE1 SF4 CB . 21.14 -57.39 24.24
FE2 SF4 CB . 21.57 -54.70 24.01
FE3 SF4 CB . 19.27 -55.81 23.03
FE4 SF4 CB . 21.65 -56.29 21.79
S1 SF4 CB . 20.61 -54.28 21.99
S2 SF4 CB . 20.03 -57.82 22.29
S3 SF4 CB . 23.07 -56.37 23.58
S4 SF4 CB . 19.93 -55.72 25.21
FE1 SF4 DB . 24.73 -66.81 25.27
FE2 SF4 DB . 27.34 -67.08 24.54
FE3 SF4 DB . 25.72 -65.33 23.19
FE4 SF4 DB . 25.37 -68.03 22.90
S1 SF4 DB . 27.19 -66.81 22.28
S2 SF4 DB . 23.74 -66.46 23.24
S3 SF4 DB . 25.87 -68.76 25.00
S4 SF4 DB . 26.34 -65.22 25.38
C1 PTY EB . -12.69 -9.41 38.91
C2 PTY EB . -14.78 -8.51 32.32
C3 PTY EB . -15.08 -9.94 32.76
O4 PTY EB . -11.77 -9.21 39.95
C5 PTY EB . -12.92 -9.70 36.44
C6 PTY EB . -11.92 -9.62 37.59
O7 PTY EB . -11.20 -10.81 37.66
C8 PTY EB . -9.82 -10.65 37.78
O10 PTY EB . -9.34 -9.57 37.68
C11 PTY EB . -8.93 -11.86 38.04
C12 PTY EB . -7.65 -11.41 38.73
C13 PTY EB . -7.11 -12.57 39.57
C14 PTY EB . -5.58 -12.58 39.50
C15 PTY EB . -5.00 -12.68 40.91
C16 PTY EB . -5.69 -13.83 41.63
C17 PTY EB . -5.52 -13.64 43.15
C18 PTY EB . -6.72 -14.26 43.85
C19 PTY EB . -6.43 -14.38 45.34
C20 PTY EB . -6.07 -13.01 45.91
C21 PTY EB . -6.54 -12.93 47.35
C22 PTY EB . -6.00 -11.66 48.00
C23 PTY EB . -6.77 -11.40 49.29
C24 PTY EB . -6.21 -10.17 49.99
C25 PTY EB . -4.87 -10.52 50.63
C26 PTY EB . -4.96 -10.40 52.15
C27 PTY EB . -5.78 -11.55 52.73
C28 PTY EB . -6.08 -11.26 54.20
C29 PTY EB . -7.23 -12.17 54.66
C30 PTY EB . -12.22 -8.33 40.93
C31 PTY EB . -11.46 -8.20 42.25
O30 PTY EB . -13.20 -7.69 40.75
C32 PTY EB . -11.92 -6.94 42.99
C33 PTY EB . -13.02 -7.29 43.98
C34 PTY EB . -14.23 -6.38 43.73
C35 PTY EB . -15.10 -6.31 44.98
C36 PTY EB . -15.97 -7.57 45.05
C37 PTY EB . -17.15 -7.39 46.00
C38 PTY EB . -17.68 -5.95 45.89
C39 PTY EB . -18.78 -5.70 46.91
C40 PTY EB . -18.61 -4.34 47.58
C41 PTY EB . -19.28 -4.37 48.95
C42 PTY EB . -19.20 -2.99 49.59
C43 PTY EB . -20.29 -2.09 49.01
C44 PTY EB . -20.55 -0.93 49.96
P1 PTY EB . -13.50 -11.22 34.41
O11 PTY EB . -14.64 -10.09 34.09
O12 PTY EB . -14.11 -12.60 34.27
O13 PTY EB . -12.36 -11.09 33.42
O14 PTY EB . -12.93 -10.99 35.93
N1 PTY EB . -13.99 -8.53 31.10
C48 PC7 FB . -28.70 78.62 -31.18
C47 PC7 FB . -29.48 78.56 -32.48
C46 PC7 FB . -30.08 79.93 -32.79
C45 PC7 FB . -30.94 79.86 -34.04
C44 PC7 FB . -30.08 79.50 -35.25
C43 PC7 FB . -30.97 79.15 -36.43
C42 PC7 FB . -30.13 79.16 -37.71
C41 PC7 FB . -30.61 78.02 -38.62
C40 PC7 FB . -30.07 76.69 -38.11
C39 PC7 FB . -30.17 75.63 -39.20
C38 PC7 FB . -29.60 76.15 -40.51
C37 PC7 FB . -29.68 75.07 -41.57
C36 PC7 FB . -28.48 74.14 -41.45
C35 PC7 FB . -28.95 72.69 -41.62
C34 PC7 FB . -27.76 71.82 -42.04
C33 PC7 FB . -27.24 72.31 -43.39
C32 PC7 FB . -27.11 71.15 -44.36
C31 PC7 FB . -28.41 70.34 -44.36
O31 PC7 FB . -28.42 69.25 -43.89
O2 PC7 FB . -29.59 70.88 -44.90
C2 PC7 FB . -30.69 70.04 -44.78
C1 PC7 FB . -30.91 69.32 -46.11
O3P PC7 FB . -30.63 70.19 -47.16
P PC7 FB . -31.09 69.74 -48.67
O1P PC7 FB . -32.35 68.90 -48.57
O2P PC7 FB . -31.34 70.95 -49.53
O4P PC7 FB . -29.91 68.81 -49.35
C4 PC7 FB . -30.25 67.50 -49.70
C5 PC7 FB . -29.11 66.57 -49.26
N PC7 FB . -28.74 65.72 -50.38
C7 PC7 FB . -29.90 64.96 -50.81
C8 PC7 FB . -28.26 66.54 -51.48
C6 PC7 FB . -27.70 64.81 -49.96
C3 PC7 FB . -31.93 70.84 -44.41
O3 PC7 FB . -31.87 72.10 -45.02
C11 PC7 FB . -32.19 73.16 -44.17
O11 PC7 FB . -31.44 74.07 -44.06
C12 PC7 FB . -33.50 73.13 -43.39
C13 PC7 FB . -33.24 73.57 -41.95
C14 PC7 FB . -34.02 74.86 -41.66
C15 PC7 FB . -33.31 76.04 -42.34
C16 PC7 FB . -34.06 77.33 -42.05
C17 PC7 FB . -34.02 77.63 -40.55
C18 PC7 FB . -35.19 78.54 -40.19
C19 PC7 FB . -35.52 78.38 -38.71
C20 PC7 FB . -34.37 78.93 -37.88
C21 PC7 FB . -34.53 80.45 -37.70
C22 PC7 FB . -35.95 80.77 -37.26
C23 PC7 FB . -36.02 82.24 -36.84
C24 PC7 FB . -35.41 82.41 -35.46
C25 PC7 FB . -36.20 81.58 -34.45
C26 PC7 FB . -36.35 82.38 -33.15
C1 PTY GB . -43.76 80.75 -19.95
C2 PTY GB . -46.32 84.79 -15.10
C3 PTY GB . -45.53 84.48 -16.37
O4 PTY GB . -43.48 79.51 -19.36
C5 PTY GB . -43.16 82.47 -18.26
C6 PTY GB . -42.70 81.76 -19.53
O7 PTY GB . -42.54 82.71 -20.55
C8 PTY GB . -41.28 82.65 -21.18
O10 PTY GB . -40.45 83.45 -20.90
C11 PTY GB . -40.99 81.58 -22.23
C12 PTY GB . -41.17 82.18 -23.62
C13 PTY GB . -40.35 81.40 -24.63
C14 PTY GB . -40.70 79.91 -24.55
C15 PTY GB . -40.04 79.17 -25.70
C16 PTY GB . -40.41 77.68 -25.63
C17 PTY GB . -39.92 76.98 -26.88
C18 PTY GB . -40.87 77.29 -28.05
C19 PTY GB . -40.17 76.97 -29.37
C20 PTY GB . -41.09 77.32 -30.54
C21 PTY GB . -41.87 76.08 -30.98
C22 PTY GB . -43.30 76.16 -30.45
C23 PTY GB . -43.94 74.77 -30.49
C24 PTY GB . -43.67 74.06 -29.17
C25 PTY GB . -42.65 72.95 -29.38
C26 PTY GB . -43.15 72.00 -30.48
C27 PTY GB . -41.97 71.24 -31.08
C28 PTY GB . -42.45 70.45 -32.30
C29 PTY GB . -41.25 70.00 -33.12
C30 PTY GB . -43.91 78.42 -20.12
C31 PTY GB . -43.01 77.85 -21.22
O30 PTY GB . -44.97 77.93 -19.93
C32 PTY GB . -43.45 76.41 -21.52
C33 PTY GB . -42.45 75.77 -22.48
C34 PTY GB . -42.47 74.26 -22.31
C35 PTY GB . -41.23 73.66 -22.97
C36 PTY GB . -40.90 72.33 -22.30
C37 PTY GB . -39.40 72.04 -22.48
C38 PTY GB . -38.96 70.95 -21.50
C39 PTY GB . -37.44 70.80 -21.58
C40 PTY GB . -36.92 70.33 -20.23
C41 PTY GB . -35.41 70.56 -20.17
C42 PTY GB . -34.97 70.73 -18.71
C43 PTY GB . -33.56 71.30 -18.66
C44 PTY GB . -33.33 71.95 -17.29
P1 PTY GB . -43.01 84.77 -17.00
O11 PTY GB . -44.20 84.18 -16.04
O12 PTY GB . -43.34 86.19 -17.41
O13 PTY GB . -41.70 84.77 -16.24
O14 PTY GB . -42.85 83.83 -18.35
N1 PTY GB . -47.53 85.51 -15.45
C1 LMN HB . -37.78 56.03 13.47
O1 LMN HB . -37.46 55.30 12.40
C2 LMN HB . -36.80 57.23 13.60
O2 LMN HB . -37.56 58.42 13.80
C3 LMN HB . -35.84 57.08 14.75
O3 LMN HB . -35.02 55.89 14.51
C4 LMN HB . -36.51 56.94 16.03
O4 LMN HB . -36.96 58.29 16.52
C5 LMN HB . -37.67 56.02 15.98
O5 LMN HB . -37.66 55.19 14.75
C6 LMN HB . -37.64 55.11 17.19
O6 LMN HB . -37.81 55.87 18.36
CAA LMN HB . -32.02 48.04 8.13
CAB LMN HB . -35.81 42.27 9.89
OAI LMN HB . -35.07 56.94 21.86
OAJ LMN HB . -41.73 52.07 21.45
OAL LMN HB . -42.40 55.95 15.76
OAN LMN HB . -44.50 52.78 13.57
OAP LMN HB . -42.64 54.59 12.49
OAQ LMN HB . -34.52 59.93 21.11
OAR LMN HB . -44.50 54.63 21.15
OAS LMN HB . -34.79 61.57 18.65
OAT LMN HB . -45.58 55.77 18.85
OAU LMN HB . -37.92 60.03 18.44
OAV LMN HB . -45.65 53.35 16.80
CAW LMN HB . -32.49 48.89 6.92
CAX LMN HB . -35.23 43.60 9.36
CAY LMN HB . -33.35 50.10 7.43
CAZ LMN HB . -34.22 44.17 10.40
CBA LMN HB . -34.10 50.75 6.23
CBB LMN HB . -34.09 45.71 10.20
CBC LMN HB . -35.30 51.56 6.75
CBD LMN HB . -35.53 46.33 10.13
CBE LMN HB . -34.91 53.06 6.89
CBF LMN HB . -35.49 47.69 9.38
CBG LMN HB . -36.22 53.94 6.89
CBH LMN HB . -35.36 48.85 10.41
CBI LMN HB . -36.29 54.77 8.25
CBJ LMN HB . -36.72 49.57 10.53
CBK LMN HB . -37.50 54.27 9.13
CBL LMN HB . -36.60 50.78 11.57
CBM LMN HB . -34.76 57.13 20.52
CBN LMN HB . -41.92 53.04 20.45
CBP LMN HB . -41.24 55.33 15.30
CBQ LMN HB . -36.96 53.20 10.17
CBR LMN HB . -38.00 51.45 11.75
CBS LMN HB . -37.34 53.85 12.66
CBT LMN HB . -39.43 53.56 11.05
OBV LMN HB . -40.10 54.08 12.24
OBX LMN HB . -40.41 53.18 14.40
OBY LMN HB . -36.18 57.68 18.62
OBZ LMN HB . -43.27 52.28 18.57
OCB LMN HB . -43.27 52.55 16.26
CCC LMN HB . -35.67 58.18 19.92
CCD LMN HB . -43.33 52.93 19.90
CCF LMN HB . -41.39 53.83 15.36
CCH LMN HB . -43.08 52.70 13.89
CCJ LMN HB . -40.80 53.10 12.98
CCL LMN HB . -42.29 53.22 12.73
CCM LMN HB . -37.93 53.02 11.39
CCN LMN HB . -34.91 59.49 19.79
CCO LMN HB . -43.95 54.33 19.85
CCQ LMN HB . -42.84 53.44 15.14
CCR LMN HB . -36.13 58.69 17.53
CCS LMN HB . -43.32 53.24 17.44
CCT LMN HB . -35.71 60.56 19.15
CCU LMN HB . -45.04 54.41 18.85
CCV LMN HB . -36.55 60.08 18.02
CCW LMN HB . -44.59 54.08 17.46
C1 PTY IB . -33.13 25.01 6.79
C2 PTY IB . -30.86 21.77 3.85
C3 PTY IB . -31.98 20.79 4.24
O4 PTY IB . -32.07 25.44 7.60
C5 PTY IB . -34.06 22.68 6.55
C6 PTY IB . -33.87 23.87 7.51
O7 PTY IB . -35.12 24.29 8.00
C8 PTY IB . -35.85 25.19 7.21
O10 PTY IB . -36.27 24.86 6.15
C11 PTY IB . -36.14 26.61 7.72
C12 PTY IB . -36.79 27.41 6.60
C13 PTY IB . -37.26 28.75 7.15
C14 PTY IB . -37.25 29.80 6.04
C15 PTY IB . -38.05 31.02 6.48
C16 PTY IB . -37.79 32.16 5.51
C17 PTY IB . -36.52 32.91 5.90
C18 PTY IB . -36.90 34.31 6.38
C19 PTY IB . -35.78 34.88 7.25
C20 PTY IB . -36.09 36.34 7.58
C21 PTY IB . -35.10 36.86 8.62
C22 PTY IB . -35.50 38.27 9.03
C23 PTY IB . -35.15 39.25 7.93
C24 PTY IB . -33.63 39.44 7.88
C25 PTY IB . -33.32 40.90 7.53
C26 PTY IB . -31.84 41.04 7.21
C27 PTY IB . -31.49 42.53 7.06
C28 PTY IB . -31.29 43.15 8.44
C29 PTY IB . -30.23 42.37 9.21
C30 PTY IB . -32.28 26.69 8.19
C31 PTY IB . -31.71 26.99 9.57
O30 PTY IB . -32.89 27.53 7.62
C32 PTY IB . -30.34 27.64 9.43
C33 PTY IB . -30.50 29.15 9.30
C34 PTY IB . -29.19 29.83 9.68
C35 PTY IB . -29.49 31.03 10.59
C36 PTY IB . -28.33 31.22 11.58
C37 PTY IB . -28.80 32.12 12.73
C38 PTY IB . -27.67 32.24 13.75
C39 PTY IB . -26.65 33.28 13.28
C40 PTY IB . -27.36 34.60 12.99
C41 PTY IB . -26.38 35.55 12.30
C42 PTY IB . -25.32 36.00 13.29
C43 PTY IB . -24.36 36.96 12.60
C44 PTY IB . -23.47 37.64 13.64
P1 PTY IB . -34.19 22.19 3.98
O11 PTY IB . -33.12 21.05 3.48
O12 PTY IB . -34.46 23.16 2.87
O13 PTY IB . -35.49 21.51 4.39
O14 PTY IB . -33.57 22.99 5.28
N1 PTY IB . -29.81 21.71 4.86
PA NDP JB . 51.72 -21.27 23.74
O1A NDP JB . 52.11 -19.93 24.30
O2A NDP JB . 50.42 -21.45 23.01
O5B NDP JB . 51.84 -22.40 24.93
C5B NDP JB . 52.28 -23.53 24.26
C4B NDP JB . 52.30 -24.69 25.22
O4B NDP JB . 53.44 -24.62 26.03
C3B NDP JB . 51.05 -24.57 26.12
O3B NDP JB . 50.21 -25.67 25.91
C2B NDP JB . 51.63 -24.67 27.56
O2B NDP JB . 50.97 -25.52 28.34
C1B NDP JB . 53.07 -25.21 27.26
N9A NDP JB . 54.03 -24.79 28.28
C8A NDP JB . 54.51 -23.50 28.54
N7A NDP JB . 55.38 -23.45 29.55
C5A NDP JB . 55.48 -24.78 29.98
C6A NDP JB . 56.23 -25.40 30.98
N6A NDP JB . 57.06 -24.65 31.78
N1A NDP JB . 56.16 -26.75 31.21
C2A NDP JB . 55.31 -27.43 30.37
N3A NDP JB . 54.53 -26.99 29.37
C4A NDP JB . 54.64 -25.63 29.18
O3 NDP JB . 52.91 -21.53 22.65
PN NDP JB . 52.59 -20.70 21.35
O1N NDP JB . 51.58 -21.45 20.57
O2N NDP JB . 52.59 -19.20 21.54
O5D NDP JB . 53.96 -20.88 20.26
C5D NDP JB . 54.23 -22.21 20.28
C4D NDP JB . 55.74 -22.40 20.30
O4D NDP JB . 56.28 -22.23 18.99
C3D NDP JB . 56.31 -21.27 21.18
O3D NDP JB . 56.49 -21.78 22.45
C2D NDP JB . 57.64 -20.95 20.52
O2D NDP JB . 58.69 -21.74 20.99
C1D NDP JB . 57.40 -21.34 19.03
N1N NDP JB . 57.06 -20.14 18.26
C2N NDP JB . 55.77 -19.94 17.85
C3N NDP JB . 55.36 -18.71 17.45
C7N NDP JB . 53.98 -18.59 17.03
O7N NDP JB . 53.32 -17.55 17.06
N7N NDP JB . 53.37 -19.74 16.55
C4N NDP JB . 56.28 -17.54 17.44
C5N NDP JB . 57.70 -17.96 17.54
C6N NDP JB . 58.04 -19.20 17.93
P2B NDP JB . 49.96 -24.64 29.57
O1X NDP JB . 49.11 -23.89 28.60
O2X NDP JB . 49.30 -25.77 30.37
O3X NDP JB . 51.07 -23.88 30.25
ZN ZN KB . 26.30 -80.85 31.04
O4 8Q1 LB . 22.72 -29.69 -14.98
C16 8Q1 LB . 24.96 -20.11 -6.72
O3 8Q1 LB . 22.94 -24.12 -28.06
C15 8Q1 LB . 24.37 -20.94 -7.87
C14 8Q1 LB . 23.02 -21.51 -7.45
C13 8Q1 LB . 22.60 -22.60 -8.43
O2 8Q1 LB . 24.96 -25.19 -28.98
C12 8Q1 LB . 23.74 -23.60 -8.60
C11 8Q1 LB . 23.35 -24.66 -9.63
C10 8Q1 LB . 24.60 -25.31 -10.19
C9 8Q1 LB . 24.20 -26.41 -11.19
C8 8Q1 LB . 23.28 -25.82 -12.25
C7 8Q1 LB . 22.32 -26.90 -12.75
C6 8Q1 LB . 23.13 -28.04 -13.37
C1 8Q1 LB . 22.28 -28.75 -14.42
C28 8Q1 LB . 23.63 -25.09 -25.43
C29 8Q1 LB . 23.36 -26.20 -24.41
C30 8Q1 LB . 24.65 -26.51 -23.65
C31 8Q1 LB . 22.31 -25.71 -23.42
C32 8Q1 LB . 22.86 -27.45 -25.14
C34 8Q1 LB . 22.00 -28.31 -24.21
C37 8Q1 LB . 21.81 -29.82 -22.19
C38 8Q1 LB . 20.97 -28.89 -21.30
C39 8Q1 LB . 21.34 -29.13 -19.83
C42 8Q1 LB . 20.81 -28.95 -17.39
C43 8Q1 LB . 20.48 -27.72 -16.55
N36 8Q1 LB . 22.60 -29.00 -23.09
N41 8Q1 LB . 20.44 -28.71 -18.78
O27 8Q1 LB . 24.37 -25.60 -26.50
O33 8Q1 LB . 23.95 -28.20 -25.58
O35 8Q1 LB . 20.83 -28.40 -24.42
O40 8Q1 LB . 22.36 -29.67 -19.55
P24 8Q1 LB . 23.80 -25.36 -28.03
S44 8Q1 LB . 20.61 -28.14 -14.79
O1 8Q1 LB . 22.97 -26.56 -28.45
C48 PC7 MB . -31.55 11.44 33.35
C47 PC7 MB . -30.19 12.14 33.34
C46 PC7 MB . -29.65 12.19 31.92
C45 PC7 MB . -29.48 10.77 31.40
C44 PC7 MB . -28.87 10.81 29.99
C43 PC7 MB . -27.52 11.51 30.03
C42 PC7 MB . -26.59 10.91 28.97
C41 PC7 MB . -27.03 11.37 27.58
C40 PC7 MB . -27.52 10.17 26.76
C39 PC7 MB . -28.41 10.67 25.63
C38 PC7 MB . -28.58 9.57 24.58
C37 PC7 MB . -29.59 8.54 25.07
C36 PC7 MB . -30.38 8.01 23.88
C35 PC7 MB . -30.85 6.59 24.15
C34 PC7 MB . -32.06 6.62 25.10
C33 PC7 MB . -32.99 5.46 24.77
C32 PC7 MB . -33.32 5.46 23.28
C31 PC7 MB . -34.81 5.16 23.09
O31 PC7 MB . -35.56 5.26 24.00
O2 PC7 MB . -35.29 4.77 21.83
C2 PC7 MB . -35.77 3.47 21.78
C1 PC7 MB . -35.35 2.82 20.46
O3P PC7 MB . -36.37 2.99 19.52
P PC7 MB . -36.02 2.66 17.95
O1P PC7 MB . -35.51 3.92 17.28
O2P PC7 MB . -34.96 1.60 17.89
O4P PC7 MB . -37.37 2.15 17.17
C4 PC7 MB . -37.26 1.19 16.16
C5 PC7 MB . -36.31 1.69 15.06
N PC7 MB . -36.47 0.91 13.85
C7 PC7 MB . -37.81 1.12 13.30
C8 PC7 MB . -35.49 1.33 12.88
C6 PC7 MB . -36.28 -0.50 14.15
C3 PC7 MB . -37.29 3.49 21.87
O3 PC7 MB . -37.71 4.81 22.05
C11 PC7 MB . -39.04 5.05 21.69
O11 PC7 MB . -39.61 4.28 20.98
C12 PC7 MB . -39.76 6.29 22.21
C13 PC7 MB . -38.72 7.24 22.82
C14 PC7 MB . -38.99 8.66 22.35
C15 PC7 MB . -40.37 9.09 22.83
C16 PC7 MB . -40.22 10.09 23.97
C17 PC7 MB . -39.53 11.35 23.46
C18 PC7 MB . -38.84 12.07 24.61
C19 PC7 MB . -39.86 12.94 25.35
C20 PC7 MB . -39.17 13.81 26.41
C21 PC7 MB . -37.92 13.13 26.96
C22 PC7 MB . -38.25 12.48 28.31
C23 PC7 MB . -38.66 13.56 29.31
C24 PC7 MB . -37.42 14.31 29.80
C25 PC7 MB . -36.59 13.38 30.69
C26 PC7 MB . -37.40 12.98 31.92
O4 8Q1 NB . 15.80 76.75 -74.76
C16 8Q1 NB . 11.91 85.63 -66.06
O3 8Q1 NB . 14.08 67.27 -78.68
C15 8Q1 NB . 12.72 84.44 -66.57
C14 8Q1 NB . 13.59 84.89 -67.75
C13 8Q1 NB . 13.03 84.34 -69.05
O2 8Q1 NB . 11.66 66.77 -78.73
C12 8Q1 NB . 12.90 82.82 -68.97
C11 8Q1 NB . 12.86 82.23 -70.38
C10 8Q1 NB . 12.99 80.72 -70.32
C9 8Q1 NB . 13.62 80.21 -71.62
C8 8Q1 NB . 13.72 78.68 -71.58
C7 8Q1 NB . 14.51 78.19 -72.79
C6 8Q1 NB . 14.74 76.69 -72.66
C1 8Q1 NB . 15.15 76.10 -74.02
C28 8Q1 NB . 13.92 67.36 -81.83
C29 8Q1 NB . 14.73 66.24 -82.49
C30 8Q1 NB . 14.33 64.89 -81.92
C31 8Q1 NB . 14.44 66.25 -83.99
C32 8Q1 NB . 16.22 66.48 -82.26
C34 8Q1 NB . 16.47 66.96 -80.83
C37 8Q1 NB . 16.95 68.82 -79.21
C38 8Q1 NB . 16.84 70.33 -79.14
C39 8Q1 NB . 16.49 70.76 -77.71
C42 8Q1 NB . 15.77 72.54 -76.09
C43 8Q1 NB . 15.35 74.00 -76.09
N36 8Q1 NB . 16.71 68.37 -80.56
N41 8Q1 NB . 16.10 72.14 -77.45
O27 8Q1 NB . 12.96 66.81 -80.97
O33 8Q1 NB . 16.69 67.46 -83.15
O35 8Q1 NB . 16.48 66.19 -79.94
O40 8Q1 NB . 16.54 69.97 -76.84
P24 8Q1 NB . 12.79 67.47 -79.46
S44 8Q1 NB . 14.63 74.43 -74.48
O1 8Q1 NB . 12.49 68.94 -79.58
ZN ZN OB . -45.30 4.12 -43.81
C42 PGT PB . -35.45 26.39 11.87
C41 PGT PB . -35.45 24.93 11.33
C40 PGT PB . -35.83 23.95 12.49
C39 PGT PB . -36.04 22.52 11.91
C38 PGT PB . -34.71 22.01 11.29
C37 PGT PB . -34.77 20.47 11.13
C36 PGT PB . -33.38 19.95 10.64
C35 PGT PB . -33.55 19.25 9.27
C34 PGT PB . -32.16 19.13 8.57
C33 PGT PB . -32.14 17.88 7.65
C32 PGT PB . -30.78 17.83 6.91
C31 PGT PB . -30.57 16.43 6.28
O31 PGT PB . -30.30 15.51 6.97
O2 PGT PB . -30.70 16.25 4.88
C2 PGT PB . -31.99 15.83 4.48
C1 PGT PB . -31.88 14.86 3.30
O3P PGT PB . -32.46 15.45 2.14
P PGT PB . -32.68 14.50 0.78
O1P PGT PB . -31.63 13.42 0.78
O2P PGT PB . -34.05 13.86 0.83
O4P PGT PB . -32.54 15.42 -0.58
C4 PGT PB . -33.11 14.93 -1.77
C5 PGT PB . -34.26 15.84 -2.20
O5 PGT PB . -35.47 15.14 -2.13
C6 PGT PB . -34.02 16.31 -3.62
O6 PGT PB . -34.71 17.50 -3.84
C3 PGT PB . -32.81 17.04 4.06
O3 PGT PB . -33.87 17.22 4.97
C11 PGT PB . -35.07 17.65 4.35
O11 PGT PB . -35.28 17.37 3.22
C12 PGT PB . -36.11 18.45 5.16
C13 PGT PB . -35.95 18.15 6.65
C14 PGT PB . -37.02 18.94 7.44
C15 PGT PB . -36.92 20.43 7.10
C16 PGT PB . -38.31 21.09 7.07
C17 PGT PB . -39.31 20.29 7.93
C18 PGT PB . -39.99 21.23 8.96
C19 PGT PB . -38.95 22.09 9.67
C20 PGT PB . -39.42 23.57 9.68
C21 PGT PB . -39.82 23.98 11.11
C22 PGT PB . -41.30 23.64 11.36
O2 PSF QB . -38.54 20.12 2.91
O1 PSF QB . -39.71 18.57 1.06
P PSF QB . -38.34 18.81 1.93
O4 PSF QB . -38.06 17.59 2.76
O3 PSF QB . -37.18 19.06 1.00
C2 PSF QB . -39.18 21.25 2.38
C3 PSF QB . -40.40 21.58 3.21
O11 PSF QB . -39.99 22.15 4.43
O12 PSF QB . -39.03 24.10 3.87
C1 PSF QB . -39.92 23.54 4.42
C4 PSF QB . -41.20 20.31 3.49
C5 PSF QB . -43.40 20.99 3.94
O51 PSF QB . -43.63 20.83 2.79
O52 PSF QB . -42.17 20.57 4.46
C6 PSF QB . -44.42 21.66 4.84
C7 PSF QB . -45.56 22.22 3.99
C13 PSF QB . -41.00 24.36 5.12
C14 PSF QB . -40.42 24.94 6.41
C15 PSF QB . -41.42 25.93 7.03
N PSF QB . -41.00 18.32 -1.13
CA PSF QB . -41.19 17.20 -0.22
CB PSF QB . -40.19 17.26 0.94
C PSF QB . -42.62 17.19 0.32
OT1 PSF QB . -42.92 16.44 1.29
OT2 PSF QB . -43.48 17.94 -0.20
C8 PSF QB . -46.49 23.05 4.88
C9 PSF QB . -47.42 23.87 4.01
C10 PSF QB . -48.22 24.84 4.89
C16 PSF QB . -42.71 25.20 7.39
C17 PSF QB . -43.73 26.20 7.91
C1 T7X RB . -40.18 14.02 6.81
O1 T7X RB . -40.90 12.82 6.71
P1 T7X RB . -41.63 12.22 8.06
C2 T7X RB . -40.49 14.92 5.61
O2 T7X RB . -40.63 14.14 4.45
C3 T7X RB . -39.41 15.98 5.38
O3 T7X RB . -39.38 16.82 6.50
C4 T7X RB . -38.01 15.37 5.16
O4 T7X RB . -37.75 15.36 3.77
C5 T7X RB . -37.86 13.94 5.69
O5 T7X RB . -36.49 13.72 5.99
C6 T7X RB . -38.68 13.69 6.96
O6 T7X RB . -38.14 14.49 7.99
C7 T7X RB . -43.66 13.71 8.75
C8 T7X RB . -44.11 14.83 9.70
C9 T7X RB . -43.05 15.06 10.78
C10 T7X RB . -43.29 16.85 8.70
C11 T7X RB . -42.80 16.64 12.50
O11 T7X RB . -40.60 11.52 8.91
C12 T7X RB . -43.22 18.26 9.30
O12 T7X RB . -42.70 11.24 7.66
C13 T7X RB . -44.00 19.25 8.44
O13 T7X RB . -42.30 13.45 8.92
C14 T7X RB . -43.54 20.67 8.73
C15 T7X RB . -44.61 21.44 9.50
C16 T7X RB . -45.71 21.83 8.89
O16 T7X RB . -44.38 16.01 8.99
C17 T7X RB . -46.79 22.60 9.64
O17 T7X RB . -42.44 16.50 7.96
C18 T7X RB . -48.06 22.59 8.79
O18 T7X RB . -43.64 15.71 11.86
C19 T7X RB . -49.26 22.56 9.34
O19 T7X RB . -41.64 16.64 12.27
C20 T7X RB . -50.48 22.54 8.44
C21 T7X RB . -51.62 23.38 9.01
C22 T7X RB . -52.75 23.44 8.33
C23 T7X RB . -53.93 24.26 8.85
C24 T7X RB . -54.97 24.40 7.72
C25 T7X RB . -55.55 25.56 7.51
C26 T7X RB . -56.58 25.71 6.40
C27 T7X RB . -56.61 27.17 5.93
C31 T7X RB . -43.39 17.66 13.46
C32 T7X RB . -44.88 17.83 13.18
C33 T7X RB . -45.14 19.25 12.67
C34 T7X RB . -46.38 19.26 11.78
C35 T7X RB . -47.61 18.87 12.61
C36 T7X RB . -48.77 19.78 12.22
C37 T7X RB . -50.09 19.11 12.64
C38 T7X RB . -51.14 20.19 12.92
C39 T7X RB . -52.54 19.60 12.80
C40 T7X RB . -53.57 20.72 12.76
C41 T7X RB . -54.89 20.20 12.22
C28 T7X RB . -57.96 27.49 5.27
C29 T7X RB . -58.09 26.71 3.96
C30 T7X RB . -59.37 27.13 3.25
C42 T7X RB . -55.66 21.33 11.54
C43 T7X RB . -56.86 20.77 10.78
C44 T7X RB . -57.06 21.56 9.49
C45 T7X RB . -58.18 20.93 8.67
C46 T7X RB . -59.52 21.41 9.19
C47 T7X RB . -60.61 21.07 8.18
#